data_6OCZ
#
_entry.id   6OCZ
#
_cell.length_a   120.768
_cell.length_b   198.062
_cell.length_c   167.919
_cell.angle_alpha   90.000
_cell.angle_beta   103.720
_cell.angle_gamma   90.000
#
_symmetry.space_group_name_H-M   'P 1 21 1'
#
loop_
_entity.id
_entity.type
_entity.pdbx_description
1 polymer 'Proteasome subunit alpha'
2 polymer 'Proteasome subunit beta'
3 non-polymer DIMETHYLFORMAMIDE
4 non-polymer 'N-{(2S)-1-({(2S)-1-[(2,4-difluorobenzyl)amino]-1-oxopropan-2-yl}amino)-1,4-dioxo-4-[(2R)-2-phenylpyrrolidin-1-yl]butan-2-yl}-5-methyl-1,2-oxazole-3-carboxamide (non-preferred name)'
5 non-polymer 'CITRIC ACID'
6 water water
#
loop_
_entity_poly.entity_id
_entity_poly.type
_entity_poly.pdbx_seq_one_letter_code
_entity_poly.pdbx_strand_id
1 'polypeptide(L)'
;MEQAMRERSELARKGIARAKSVVALAYAGGVLFVAENPSRSLQKISELYDRVGFAAAGKFNEFDNLRRGGIQFADTRGYA
YDRRDVTGRQLANVYAQTLGTIFTEQAKPYEVELCVAEVAHYGETKRPELYRITYDGSIADEPHFVVMGGTTEPIANALK
ESYAENASLTDALRIAVAALRAGSADTSGGDQPTLGVASLEVAVLDANRPRRAFRRITGSALQALLVDQESPQSDGESSG
;
A,B,C,D,E,F,G,O,P,Q,R,S,T,U
2 'polypeptide(L)'
;TTIVALKYPGGVVMAGDRRSTQGNMISGRDVRKVYITDDYTATGIAGTAAVAVEFARLYAVELEHYEKLEGVPLTFAGKI
NRLAIMVRGNLAAAMQGLLALPLLAGYDIHASDPQSAGRIVSFDAAGGWNIEEEGYQAVGSGSLFAKSSMKKLYSQVTDG
DSGLRVAVEALYDAADDDSATGGPDLVRGIFPTAVIIDADGAVDVPESRIAELARAIIESRSGADTFGSDGGEK
;
H,I,J,K,L,M,N,V,W,X,Y,Z,a,b
#
loop_
_chem_comp.id
_chem_comp.type
_chem_comp.name
_chem_comp.formula
CIT non-polymer 'CITRIC ACID' 'C6 H8 O7'
DMF non-polymer DIMETHYLFORMAMIDE 'C3 H7 N O'
M6Y peptide-like 'N-{(2S)-1-({(2S)-1-[(2,4-difluorobenzyl)amino]-1-oxopropan-2-yl}amino)-1,4-dioxo-4-[(2R)-2-phenylpyrrolidin-1-yl]butan-2-yl}-5-methyl-1,2-oxazole-3-carboxamide (non-preferred name)' 'C29 H31 F2 N5 O5'
#
# COMPACT_ATOMS: atom_id res chain seq x y z
N MET A 1 -54.78 44.06 -14.53
CA MET A 1 -54.41 43.70 -13.16
C MET A 1 -55.66 43.57 -12.28
N GLU A 2 -56.37 44.69 -12.11
CA GLU A 2 -57.62 44.66 -11.36
C GLU A 2 -58.66 43.80 -12.06
N GLN A 3 -58.78 43.96 -13.38
CA GLN A 3 -59.69 43.10 -14.14
C GLN A 3 -59.31 41.64 -14.02
N ALA A 4 -58.00 41.34 -14.10
CA ALA A 4 -57.56 39.94 -14.05
C ALA A 4 -57.90 39.30 -12.71
N MET A 5 -57.49 39.94 -11.61
CA MET A 5 -57.77 39.37 -10.29
C MET A 5 -59.27 39.29 -10.03
N ARG A 6 -60.02 40.31 -10.46
CA ARG A 6 -61.47 40.23 -10.35
C ARG A 6 -62.00 39.01 -11.08
N GLU A 7 -61.41 38.69 -12.24
CA GLU A 7 -61.88 37.55 -13.02
C GLU A 7 -61.52 36.23 -12.35
N ARG A 8 -60.34 36.15 -11.75
CA ARG A 8 -59.96 34.93 -11.04
C ARG A 8 -60.88 34.70 -9.83
N SER A 9 -61.05 35.75 -9.02
CA SER A 9 -61.99 35.66 -7.91
C SER A 9 -63.37 35.24 -8.37
N GLU A 10 -63.82 35.78 -9.51
CA GLU A 10 -65.13 35.41 -10.03
C GLU A 10 -65.18 33.95 -10.43
N LEU A 11 -64.15 33.46 -11.12
CA LEU A 11 -64.14 32.07 -11.55
C LEU A 11 -64.16 31.13 -10.36
N ALA A 12 -63.32 31.40 -9.35
CA ALA A 12 -63.25 30.52 -8.18
C ALA A 12 -64.56 30.54 -7.40
N ARG A 13 -65.08 31.73 -7.11
CA ARG A 13 -66.34 31.81 -6.39
C ARG A 13 -67.46 31.10 -7.15
N LYS A 14 -67.52 31.30 -8.47
CA LYS A 14 -68.47 30.56 -9.30
C LYS A 14 -68.34 29.06 -9.08
N GLY A 15 -67.14 28.53 -9.28
CA GLY A 15 -66.95 27.09 -9.16
C GLY A 15 -67.30 26.54 -7.79
N ILE A 16 -67.06 27.32 -6.74
CA ILE A 16 -67.36 26.85 -5.39
C ILE A 16 -68.87 26.87 -5.13
N ALA A 17 -69.53 27.97 -5.51
CA ALA A 17 -70.97 28.04 -5.31
C ALA A 17 -71.73 26.99 -6.11
N ARG A 18 -71.11 26.42 -7.14
CA ARG A 18 -71.74 25.36 -7.91
C ARG A 18 -71.58 23.98 -7.28
N ALA A 19 -70.80 23.85 -6.22
CA ALA A 19 -70.46 22.57 -5.65
C ALA A 19 -71.29 22.27 -4.40
N LYS A 20 -71.32 20.98 -4.04
CA LYS A 20 -72.03 20.54 -2.85
C LYS A 20 -71.43 21.21 -1.60
N SER A 21 -72.20 21.17 -0.51
CA SER A 21 -71.86 21.92 0.70
C SER A 21 -71.27 21.00 1.77
N VAL A 22 -70.48 21.62 2.64
CA VAL A 22 -69.78 20.95 3.73
C VAL A 22 -69.88 21.83 4.96
N VAL A 23 -70.12 21.21 6.12
CA VAL A 23 -70.13 21.92 7.38
C VAL A 23 -69.28 21.16 8.39
N ALA A 24 -68.58 21.91 9.25
CA ALA A 24 -67.87 21.34 10.38
C ALA A 24 -68.27 22.13 11.62
N LEU A 25 -68.41 21.46 12.76
CA LEU A 25 -68.74 22.21 13.96
C LEU A 25 -68.11 21.54 15.17
N ALA A 26 -67.97 22.32 16.24
CA ALA A 26 -67.38 21.86 17.49
C ALA A 26 -68.48 21.35 18.42
N TYR A 27 -68.27 20.16 18.97
CA TYR A 27 -69.25 19.56 19.87
C TYR A 27 -68.53 18.96 21.07
N ALA A 28 -69.32 18.47 22.03
CA ALA A 28 -68.79 18.00 23.30
C ALA A 28 -67.59 17.08 23.11
N GLY A 29 -67.67 16.16 22.13
CA GLY A 29 -66.63 15.16 21.96
C GLY A 29 -65.49 15.53 21.03
N GLY A 30 -65.56 16.68 20.37
CA GLY A 30 -64.51 17.07 19.46
C GLY A 30 -65.01 17.88 18.28
N VAL A 31 -64.69 17.45 17.06
CA VAL A 31 -65.13 18.14 15.86
C VAL A 31 -65.92 17.19 14.98
N LEU A 32 -66.97 17.70 14.35
CA LEU A 32 -67.82 16.92 13.44
C LEU A 32 -67.76 17.51 12.04
N PHE A 33 -67.39 16.67 11.07
CA PHE A 33 -67.42 17.00 9.66
C PHE A 33 -68.59 16.26 9.01
N VAL A 34 -69.49 17.03 8.39
CA VAL A 34 -70.59 16.47 7.61
C VAL A 34 -70.59 17.13 6.25
N ALA A 35 -70.43 16.31 5.20
CA ALA A 35 -70.38 16.80 3.83
C ALA A 35 -71.44 16.09 3.00
N GLU A 36 -72.09 16.85 2.13
CA GLU A 36 -73.03 16.28 1.17
C GLU A 36 -72.23 15.57 0.08
N ASN A 37 -72.32 14.26 0.03
CA ASN A 37 -71.45 13.52 -0.88
C ASN A 37 -72.07 12.19 -1.27
N PRO A 38 -72.56 12.05 -2.51
CA PRO A 38 -73.17 10.78 -2.93
C PRO A 38 -72.17 9.67 -3.16
N SER A 39 -70.90 10.00 -3.41
CA SER A 39 -69.92 9.00 -3.80
C SER A 39 -69.64 8.01 -2.68
N ARG A 40 -69.46 6.75 -3.05
CA ARG A 40 -69.09 5.72 -2.09
C ARG A 40 -67.59 5.55 -1.95
N SER A 41 -66.79 6.14 -2.84
CA SER A 41 -65.34 5.97 -2.82
C SER A 41 -64.57 7.27 -2.68
N LEU A 42 -65.06 8.37 -3.24
CA LEU A 42 -64.33 9.63 -3.27
C LEU A 42 -64.66 10.47 -2.05
N GLN A 43 -63.65 11.09 -1.46
CA GLN A 43 -63.79 11.69 -0.15
C GLN A 43 -63.35 13.15 -0.15
N LYS A 44 -64.10 13.97 0.60
CA LYS A 44 -63.80 15.38 0.80
C LYS A 44 -63.39 15.72 2.23
N ILE A 45 -63.51 14.76 3.15
CA ILE A 45 -63.10 14.90 4.54
C ILE A 45 -61.96 13.93 4.79
N SER A 46 -60.90 14.40 5.44
CA SER A 46 -59.72 13.56 5.56
C SER A 46 -58.98 13.86 6.86
N GLU A 47 -58.33 12.82 7.36
CA GLU A 47 -57.34 12.99 8.43
C GLU A 47 -56.09 13.65 7.86
N LEU A 48 -55.54 14.61 8.63
CA LEU A 48 -54.25 15.20 8.31
C LEU A 48 -53.17 14.74 9.27
N TYR A 49 -53.36 14.94 10.58
CA TYR A 49 -52.41 14.50 11.57
C TYR A 49 -53.17 14.01 12.80
N ASP A 50 -52.42 13.53 13.80
CA ASP A 50 -53.00 12.87 14.96
C ASP A 50 -54.29 13.53 15.44
N ARG A 51 -54.25 14.86 15.62
CA ARG A 51 -55.41 15.59 16.13
C ARG A 51 -55.93 16.63 15.14
N VAL A 52 -55.52 16.56 13.88
CA VAL A 52 -55.87 17.58 12.90
C VAL A 52 -56.58 16.92 11.73
N GLY A 53 -57.72 17.51 11.33
CA GLY A 53 -58.51 16.99 10.23
C GLY A 53 -58.77 18.07 9.18
N PHE A 54 -59.34 17.62 8.07
CA PHE A 54 -59.41 18.39 6.84
C PHE A 54 -60.78 18.16 6.18
N ALA A 55 -61.38 19.25 5.69
CA ALA A 55 -62.59 19.15 4.89
C ALA A 55 -62.56 20.22 3.82
N ALA A 56 -63.14 19.93 2.66
CA ALA A 56 -63.03 20.89 1.56
C ALA A 56 -64.30 20.85 0.71
N ALA A 57 -64.46 21.91 -0.08
CA ALA A 57 -65.51 21.98 -1.08
C ALA A 57 -64.91 22.56 -2.36
N GLY A 58 -65.55 22.25 -3.49
CA GLY A 58 -65.09 22.73 -4.79
C GLY A 58 -64.67 21.57 -5.69
N LYS A 59 -63.67 21.84 -6.52
CA LYS A 59 -63.24 20.87 -7.51
C LYS A 59 -62.40 19.77 -6.85
N PHE A 60 -62.80 18.51 -7.05
CA PHE A 60 -62.16 17.41 -6.34
C PHE A 60 -60.65 17.39 -6.57
N ASN A 61 -60.22 17.22 -7.83
CA ASN A 61 -58.79 17.05 -8.09
C ASN A 61 -57.96 18.13 -7.40
N GLU A 62 -58.49 19.35 -7.33
CA GLU A 62 -57.73 20.45 -6.76
C GLU A 62 -57.64 20.35 -5.24
N PHE A 63 -58.77 20.21 -4.55
CA PHE A 63 -58.64 20.12 -3.10
C PHE A 63 -58.04 18.79 -2.66
N ASP A 64 -57.97 17.80 -3.56
CA ASP A 64 -57.23 16.57 -3.27
C ASP A 64 -55.73 16.78 -3.40
N ASN A 65 -55.32 17.56 -4.42
CA ASN A 65 -53.94 18.03 -4.43
C ASN A 65 -53.60 18.70 -3.11
N LEU A 66 -54.41 19.67 -2.69
CA LEU A 66 -54.14 20.38 -1.44
C LEU A 66 -54.13 19.43 -0.25
N ARG A 67 -55.04 18.46 -0.24
CA ARG A 67 -55.05 17.47 0.84
C ARG A 67 -53.73 16.74 0.93
N ARG A 68 -53.28 16.16 -0.19
CA ARG A 68 -52.01 15.44 -0.21
C ARG A 68 -50.85 16.34 0.20
N GLY A 69 -50.82 17.57 -0.31
CA GLY A 69 -49.75 18.48 0.07
C GLY A 69 -49.72 18.76 1.56
N GLY A 70 -50.89 18.90 2.17
CA GLY A 70 -50.94 19.13 3.61
C GLY A 70 -50.47 17.92 4.40
N ILE A 71 -50.86 16.72 3.96
CA ILE A 71 -50.34 15.51 4.60
C ILE A 71 -48.81 15.48 4.51
N GLN A 72 -48.27 15.85 3.35
CA GLN A 72 -46.82 15.88 3.18
C GLN A 72 -46.18 16.86 4.15
N PHE A 73 -46.71 18.08 4.22
CA PHE A 73 -46.17 19.07 5.16
C PHE A 73 -46.22 18.55 6.59
N ALA A 74 -47.36 17.99 7.00
CA ALA A 74 -47.52 17.52 8.37
C ALA A 74 -46.51 16.43 8.69
N ASP A 75 -46.51 15.35 7.91
CA ASP A 75 -45.60 14.25 8.19
C ASP A 75 -44.15 14.72 8.19
N THR A 76 -43.78 15.57 7.23
CA THR A 76 -42.42 16.07 7.17
C THR A 76 -42.06 16.83 8.44
N ARG A 77 -42.95 17.72 8.91
CA ARG A 77 -42.63 18.53 10.07
C ARG A 77 -42.57 17.68 11.34
N GLY A 78 -43.52 16.76 11.50
CA GLY A 78 -43.48 15.88 12.66
C GLY A 78 -42.21 15.06 12.70
N TYR A 79 -41.73 14.60 11.53
CA TYR A 79 -40.51 13.80 11.53
C TYR A 79 -39.28 14.66 11.77
N ALA A 80 -39.24 15.87 11.20
CA ALA A 80 -38.07 16.72 11.38
C ALA A 80 -37.95 17.22 12.80
N TYR A 81 -39.08 17.41 13.49
CA TYR A 81 -39.08 17.89 14.86
C TYR A 81 -39.67 16.80 15.73
N ASP A 82 -40.94 16.92 16.13
CA ASP A 82 -41.62 15.88 16.87
C ASP A 82 -43.11 15.95 16.57
N ARG A 83 -43.79 14.82 16.75
CA ARG A 83 -45.21 14.74 16.41
C ARG A 83 -45.99 15.89 17.03
N ARG A 84 -45.75 16.18 18.31
CA ARG A 84 -46.56 17.18 18.98
C ARG A 84 -46.16 18.62 18.64
N ASP A 85 -45.23 18.81 17.71
CA ASP A 85 -44.93 20.15 17.20
C ASP A 85 -45.84 20.56 16.05
N VAL A 86 -46.61 19.63 15.51
CA VAL A 86 -47.54 19.92 14.42
C VAL A 86 -48.86 20.39 15.02
N THR A 87 -49.38 21.49 14.48
CA THR A 87 -50.59 22.10 14.99
C THR A 87 -51.53 22.44 13.84
N GLY A 88 -52.83 22.46 14.14
CA GLY A 88 -53.80 22.88 13.14
C GLY A 88 -53.51 24.28 12.64
N ARG A 89 -53.12 25.19 13.55
CA ARG A 89 -52.77 26.54 13.15
C ARG A 89 -51.68 26.54 12.08
N GLN A 90 -50.65 25.70 12.24
CA GLN A 90 -49.59 25.61 11.25
C GLN A 90 -50.14 25.23 9.87
N LEU A 91 -50.90 24.13 9.82
CA LEU A 91 -51.43 23.68 8.54
C LEU A 91 -52.31 24.73 7.90
N ALA A 92 -53.12 25.43 8.70
CA ALA A 92 -53.94 26.51 8.15
C ALA A 92 -53.08 27.63 7.60
N ASN A 93 -51.96 27.93 8.26
CA ASN A 93 -51.06 28.97 7.78
C ASN A 93 -50.43 28.58 6.44
N VAL A 94 -49.99 27.32 6.31
CA VAL A 94 -49.36 26.91 5.06
C VAL A 94 -50.39 26.77 3.95
N TYR A 95 -51.65 26.47 4.29
CA TYR A 95 -52.70 26.50 3.28
C TYR A 95 -52.99 27.92 2.83
N ALA A 96 -52.95 28.89 3.76
CA ALA A 96 -53.13 30.28 3.37
C ALA A 96 -52.03 30.71 2.40
N GLN A 97 -50.77 30.51 2.80
CA GLN A 97 -49.66 30.79 1.90
C GLN A 97 -49.86 30.12 0.53
N THR A 98 -50.15 28.82 0.55
CA THR A 98 -50.25 28.06 -0.69
C THR A 98 -51.36 28.60 -1.59
N LEU A 99 -52.59 28.64 -1.09
CA LEU A 99 -53.70 29.12 -1.90
C LEU A 99 -53.50 30.56 -2.34
N GLY A 100 -52.75 31.35 -1.56
CA GLY A 100 -52.38 32.67 -2.05
C GLY A 100 -51.52 32.59 -3.30
N THR A 101 -50.46 31.77 -3.24
CA THR A 101 -49.60 31.59 -4.41
C THR A 101 -50.41 31.07 -5.60
N ILE A 102 -51.21 30.03 -5.38
CA ILE A 102 -52.01 29.47 -6.47
C ILE A 102 -52.92 30.54 -7.07
N PHE A 103 -53.60 31.29 -6.21
CA PHE A 103 -54.55 32.28 -6.70
C PHE A 103 -53.85 33.32 -7.57
N THR A 104 -52.68 33.82 -7.14
CA THR A 104 -52.08 34.91 -7.89
C THR A 104 -51.26 34.44 -9.09
N GLU A 105 -50.65 33.25 -9.04
CA GLU A 105 -49.62 32.90 -10.01
C GLU A 105 -49.98 31.77 -10.96
N GLN A 106 -50.89 30.87 -10.59
CA GLN A 106 -51.11 29.69 -11.42
C GLN A 106 -52.07 29.97 -12.57
N ALA A 107 -52.06 29.07 -13.56
CA ALA A 107 -52.83 29.27 -14.78
C ALA A 107 -54.30 29.52 -14.47
N LYS A 108 -54.90 28.66 -13.66
CA LYS A 108 -56.27 28.84 -13.20
C LYS A 108 -56.28 28.78 -11.68
N PRO A 109 -57.00 29.68 -11.02
CA PRO A 109 -57.09 29.61 -9.57
C PRO A 109 -57.88 28.39 -9.14
N TYR A 110 -57.47 27.79 -8.03
CA TYR A 110 -58.19 26.63 -7.54
C TYR A 110 -59.59 27.02 -7.08
N GLU A 111 -60.56 26.19 -7.42
CA GLU A 111 -61.94 26.40 -6.99
C GLU A 111 -62.23 25.55 -5.75
N VAL A 112 -61.63 25.98 -4.64
CA VAL A 112 -61.65 25.21 -3.40
C VAL A 112 -61.90 26.15 -2.23
N GLU A 113 -62.62 25.62 -1.24
CA GLU A 113 -62.66 26.19 0.11
C GLU A 113 -62.20 25.10 1.08
N LEU A 114 -61.40 25.50 2.07
CA LEU A 114 -60.73 24.56 2.96
C LEU A 114 -61.09 24.83 4.41
N CYS A 115 -61.14 23.75 5.19
CA CYS A 115 -61.28 23.80 6.63
C CYS A 115 -60.26 22.87 7.25
N VAL A 116 -59.49 23.38 8.20
CA VAL A 116 -58.60 22.59 9.04
C VAL A 116 -59.11 22.68 10.46
N ALA A 117 -59.24 21.53 11.13
CA ALA A 117 -59.75 21.49 12.48
C ALA A 117 -58.76 20.81 13.41
N GLU A 118 -58.63 21.33 14.63
CA GLU A 118 -57.80 20.69 15.64
C GLU A 118 -58.59 20.47 16.93
N VAL A 119 -58.43 19.29 17.51
CA VAL A 119 -58.94 18.97 18.83
C VAL A 119 -57.76 18.79 19.77
N ALA A 120 -58.04 18.85 21.06
CA ALA A 120 -57.00 18.72 22.06
C ALA A 120 -56.40 17.33 22.04
N HIS A 121 -55.14 17.24 22.47
CA HIS A 121 -54.54 15.93 22.65
C HIS A 121 -55.25 15.16 23.77
N TYR A 122 -54.98 13.87 23.84
CA TYR A 122 -55.63 13.03 24.84
C TYR A 122 -55.31 13.52 26.24
N GLY A 123 -56.34 13.61 27.09
CA GLY A 123 -56.18 13.99 28.47
C GLY A 123 -55.94 15.46 28.72
N GLU A 124 -55.72 16.26 27.69
CA GLU A 124 -55.51 17.69 27.86
C GLU A 124 -56.82 18.44 27.58
N THR A 125 -56.88 19.67 28.03
CA THR A 125 -58.11 20.47 28.01
C THR A 125 -57.88 21.67 27.08
N LYS A 126 -58.27 21.52 25.81
CA LYS A 126 -58.14 22.58 24.83
C LYS A 126 -59.38 22.57 23.95
N ARG A 127 -60.04 23.70 23.85
CA ARG A 127 -61.23 23.77 23.02
C ARG A 127 -60.86 23.63 21.54
N PRO A 128 -61.70 22.97 20.75
CA PRO A 128 -61.40 22.84 19.31
C PRO A 128 -61.03 24.15 18.67
N GLU A 129 -60.37 24.08 17.52
CA GLU A 129 -60.11 25.26 16.71
C GLU A 129 -60.51 24.93 15.28
N LEU A 130 -61.32 25.79 14.68
CA LEU A 130 -61.67 25.66 13.27
C LEU A 130 -60.98 26.76 12.48
N TYR A 131 -60.50 26.42 11.29
CA TYR A 131 -59.88 27.38 10.39
C TYR A 131 -60.51 27.21 9.02
N ARG A 132 -60.91 28.32 8.43
CA ARG A 132 -61.37 28.34 7.04
C ARG A 132 -60.37 29.13 6.21
N ILE A 133 -59.89 28.50 5.14
CA ILE A 133 -59.03 29.15 4.17
C ILE A 133 -59.78 29.18 2.84
N THR A 134 -59.92 30.37 2.26
CA THR A 134 -60.67 30.55 1.03
C THR A 134 -59.72 30.58 -0.17
N TYR A 135 -60.32 30.60 -1.37
CA TYR A 135 -59.56 30.37 -2.59
C TYR A 135 -58.41 31.35 -2.77
N ASP A 136 -58.54 32.56 -2.24
CA ASP A 136 -57.46 33.54 -2.36
C ASP A 136 -56.51 33.52 -1.16
N GLY A 137 -56.63 32.51 -0.30
CA GLY A 137 -55.73 32.38 0.83
C GLY A 137 -56.11 33.16 2.07
N SER A 138 -57.25 33.82 2.08
CA SER A 138 -57.73 34.46 3.30
C SER A 138 -58.07 33.38 4.33
N ILE A 139 -57.81 33.68 5.60
CA ILE A 139 -57.85 32.69 6.66
C ILE A 139 -58.67 33.24 7.82
N ALA A 140 -59.45 32.36 8.45
CA ALA A 140 -60.39 32.75 9.49
C ALA A 140 -60.40 31.73 10.61
N ASP A 141 -60.29 32.21 11.84
CA ASP A 141 -60.42 31.41 13.05
C ASP A 141 -61.88 31.38 13.46
N GLU A 142 -62.45 30.17 13.59
CA GLU A 142 -63.85 30.03 13.95
C GLU A 142 -63.98 29.09 15.15
N PRO A 143 -64.79 29.46 16.15
CA PRO A 143 -64.89 28.66 17.38
C PRO A 143 -66.05 27.68 17.40
N HIS A 144 -67.07 27.91 16.57
CA HIS A 144 -68.27 27.08 16.61
C HIS A 144 -68.45 26.23 15.37
N PHE A 145 -68.52 26.83 14.18
CA PHE A 145 -68.80 26.05 12.98
C PHE A 145 -68.26 26.79 11.76
N VAL A 146 -68.05 26.02 10.70
CA VAL A 146 -67.58 26.49 9.40
C VAL A 146 -68.48 25.91 8.33
N VAL A 147 -68.93 26.75 7.40
CA VAL A 147 -69.75 26.34 6.27
C VAL A 147 -69.01 26.65 4.99
N MET A 148 -69.09 25.72 4.03
CA MET A 148 -68.29 25.78 2.81
C MET A 148 -69.09 25.25 1.64
N GLY A 149 -68.92 25.90 0.48
CA GLY A 149 -69.43 25.35 -0.77
C GLY A 149 -70.89 25.57 -1.07
N GLY A 150 -71.20 25.82 -2.34
CA GLY A 150 -72.58 26.01 -2.75
C GLY A 150 -73.14 27.34 -2.28
N THR A 151 -74.44 27.33 -2.00
CA THR A 151 -75.12 28.51 -1.45
C THR A 151 -75.13 28.36 0.06
N THR A 152 -74.23 29.09 0.73
CA THR A 152 -73.94 28.87 2.15
C THR A 152 -74.81 29.69 3.09
N GLU A 153 -75.23 30.90 2.67
CA GLU A 153 -75.98 31.78 3.56
C GLU A 153 -77.15 31.09 4.26
N PRO A 154 -78.02 30.36 3.56
CA PRO A 154 -79.05 29.58 4.27
C PRO A 154 -78.47 28.69 5.35
N ILE A 155 -77.42 27.94 5.03
CA ILE A 155 -76.84 26.99 5.97
C ILE A 155 -76.28 27.74 7.18
N ALA A 156 -75.48 28.77 6.94
CA ALA A 156 -74.93 29.55 8.05
C ALA A 156 -76.05 30.10 8.94
N ASN A 157 -77.18 30.47 8.34
CA ASN A 157 -78.31 30.94 9.15
C ASN A 157 -78.86 29.80 10.01
N ALA A 158 -79.28 28.71 9.38
CA ALA A 158 -79.78 27.56 10.11
C ALA A 158 -78.91 27.22 11.30
N LEU A 159 -77.60 27.11 11.06
CA LEU A 159 -76.68 26.81 12.16
C LEU A 159 -76.67 27.92 13.19
N LYS A 160 -76.69 29.18 12.75
CA LYS A 160 -76.67 30.29 13.71
C LYS A 160 -77.86 30.24 14.66
N GLU A 161 -78.98 29.65 14.21
CA GLU A 161 -80.11 29.52 15.13
C GLU A 161 -80.08 28.23 15.93
N SER A 162 -79.77 27.10 15.29
CA SER A 162 -79.88 25.80 15.94
C SER A 162 -78.63 25.38 16.70
N TYR A 163 -77.50 26.07 16.52
CA TYR A 163 -76.25 25.60 17.10
C TYR A 163 -76.17 25.93 18.59
N ALA A 164 -75.64 24.97 19.36
CA ALA A 164 -75.36 25.16 20.77
C ALA A 164 -74.00 24.56 21.08
N GLU A 165 -73.32 25.13 22.07
CA GLU A 165 -72.00 24.62 22.47
C GLU A 165 -72.12 23.28 23.18
N ASN A 166 -71.09 22.45 23.02
CA ASN A 166 -70.95 21.20 23.77
C ASN A 166 -72.13 20.27 23.59
N ALA A 167 -72.77 20.30 22.43
CA ALA A 167 -73.84 19.37 22.15
C ALA A 167 -73.28 17.96 21.96
N SER A 168 -74.15 16.97 22.05
CA SER A 168 -73.75 15.58 21.90
C SER A 168 -73.55 15.25 20.42
N LEU A 169 -73.08 14.03 20.14
CA LEU A 169 -72.82 13.65 18.76
C LEU A 169 -74.11 13.62 17.94
N THR A 170 -75.14 12.94 18.45
CA THR A 170 -76.37 12.80 17.66
C THR A 170 -77.06 14.15 17.46
N ASP A 171 -76.99 15.03 18.46
CA ASP A 171 -77.61 16.35 18.31
C ASP A 171 -76.85 17.21 17.31
N ALA A 172 -75.51 17.20 17.39
CA ALA A 172 -74.71 17.95 16.43
C ALA A 172 -74.92 17.44 15.01
N LEU A 173 -74.96 16.12 14.83
CA LEU A 173 -75.24 15.56 13.53
C LEU A 173 -76.62 15.99 13.04
N ARG A 174 -77.61 15.97 13.94
CA ARG A 174 -78.96 16.41 13.57
C ARG A 174 -78.95 17.83 13.03
N ILE A 175 -78.41 18.77 13.81
CA ILE A 175 -78.48 20.16 13.37
C ILE A 175 -77.64 20.38 12.11
N ALA A 176 -76.55 19.62 11.95
CA ALA A 176 -75.74 19.77 10.76
C ALA A 176 -76.48 19.30 9.52
N VAL A 177 -77.16 18.15 9.61
CA VAL A 177 -77.94 17.66 8.48
C VAL A 177 -79.09 18.61 8.17
N ALA A 178 -79.72 19.19 9.19
CA ALA A 178 -80.78 20.16 8.95
C ALA A 178 -80.25 21.39 8.22
N ALA A 179 -79.17 21.99 8.74
CA ALA A 179 -78.60 23.17 8.10
C ALA A 179 -78.17 22.88 6.67
N LEU A 180 -77.67 21.67 6.40
CA LEU A 180 -77.34 21.30 5.03
C LEU A 180 -78.59 21.26 4.16
N ARG A 181 -79.65 20.60 4.66
CA ARG A 181 -80.88 20.52 3.88
C ARG A 181 -81.46 21.90 3.59
N ALA A 182 -81.26 22.86 4.51
CA ALA A 182 -81.75 24.22 4.28
C ALA A 182 -81.01 24.94 3.16
N GLY A 183 -80.04 24.30 2.51
CA GLY A 183 -79.33 24.89 1.40
C GLY A 183 -79.43 24.06 0.14
N SER A 184 -80.37 23.12 0.12
CA SER A 184 -80.59 22.23 -1.02
C SER A 184 -79.29 21.59 -1.50
N THR A 194 -84.18 13.61 3.14
CA THR A 194 -83.62 13.14 1.88
C THR A 194 -82.18 12.67 2.06
N LEU A 195 -81.45 13.35 2.94
CA LEU A 195 -80.02 13.09 3.14
C LEU A 195 -79.85 11.96 4.15
N GLY A 196 -79.59 10.75 3.64
CA GLY A 196 -79.27 9.61 4.46
C GLY A 196 -77.83 9.18 4.31
N VAL A 197 -77.58 7.90 4.62
CA VAL A 197 -76.23 7.37 4.53
C VAL A 197 -75.72 7.43 3.10
N ALA A 198 -76.60 7.17 2.13
CA ALA A 198 -76.19 7.08 0.72
C ALA A 198 -75.75 8.40 0.12
N SER A 199 -75.98 9.53 0.82
CA SER A 199 -75.65 10.84 0.27
C SER A 199 -74.84 11.70 1.23
N LEU A 200 -74.23 11.10 2.25
CA LEU A 200 -73.46 11.84 3.23
C LEU A 200 -72.08 11.22 3.41
N GLU A 201 -71.11 12.08 3.74
CA GLU A 201 -69.82 11.67 4.28
C GLU A 201 -69.66 12.33 5.64
N VAL A 202 -69.49 11.52 6.68
CA VAL A 202 -69.45 12.02 8.05
C VAL A 202 -68.20 11.47 8.74
N ALA A 203 -67.51 12.35 9.47
CA ALA A 203 -66.38 11.91 10.29
C ALA A 203 -66.27 12.84 11.48
N VAL A 204 -65.46 12.44 12.46
CA VAL A 204 -65.21 13.25 13.63
C VAL A 204 -63.71 13.24 13.92
N LEU A 205 -63.24 14.33 14.51
CA LEU A 205 -62.01 14.36 15.29
C LEU A 205 -62.42 14.15 16.74
N ASP A 206 -62.23 12.93 17.22
CA ASP A 206 -62.75 12.46 18.50
C ASP A 206 -61.70 12.67 19.57
N ALA A 207 -61.92 13.67 20.44
CA ALA A 207 -60.91 14.04 21.42
C ALA A 207 -60.67 12.98 22.50
N ASN A 208 -61.37 11.85 22.45
CA ASN A 208 -61.18 10.78 23.42
C ASN A 208 -60.24 9.69 22.93
N ARG A 209 -59.68 9.83 21.73
CA ARG A 209 -58.82 8.71 21.35
C ARG A 209 -57.35 9.02 21.63
N PRO A 210 -56.58 8.01 22.00
CA PRO A 210 -55.22 8.27 22.49
C PRO A 210 -54.34 9.05 21.52
N ARG A 211 -54.28 8.65 20.25
CA ARG A 211 -53.42 9.38 19.33
C ARG A 211 -54.17 9.85 18.08
N ARG A 212 -54.57 8.92 17.21
CA ARG A 212 -55.21 9.30 15.95
C ARG A 212 -56.69 9.56 16.20
N ALA A 213 -57.06 10.84 16.26
CA ALA A 213 -58.41 11.24 16.61
C ALA A 213 -59.40 11.12 15.45
N PHE A 214 -58.93 11.09 14.21
CA PHE A 214 -59.83 11.07 13.07
C PHE A 214 -60.52 9.72 12.97
N ARG A 215 -61.84 9.73 12.81
CA ARG A 215 -62.65 8.52 12.78
C ARG A 215 -63.84 8.73 11.86
N ARG A 216 -64.12 7.75 11.02
CA ARG A 216 -65.23 7.84 10.08
C ARG A 216 -66.48 7.14 10.64
N ILE A 217 -67.63 7.66 10.26
CA ILE A 217 -68.93 7.16 10.70
C ILE A 217 -69.72 6.81 9.45
N THR A 218 -69.87 5.52 9.16
CA THR A 218 -70.46 5.09 7.91
C THR A 218 -71.45 3.96 8.15
N GLY A 219 -72.34 3.78 7.17
CA GLY A 219 -73.16 2.57 7.11
C GLY A 219 -74.06 2.41 8.31
N SER A 220 -73.99 1.22 8.93
CA SER A 220 -74.83 0.90 10.06
C SER A 220 -74.74 1.97 11.16
N ALA A 221 -73.51 2.34 11.52
CA ALA A 221 -73.32 3.32 12.59
C ALA A 221 -73.96 4.66 12.25
N LEU A 222 -73.62 5.22 11.10
CA LEU A 222 -74.23 6.50 10.68
C LEU A 222 -75.74 6.40 10.68
N GLN A 223 -76.27 5.27 10.20
CA GLN A 223 -77.72 5.06 10.22
C GLN A 223 -78.26 5.20 11.64
N ALA A 224 -77.72 4.42 12.57
CA ALA A 224 -78.20 4.49 13.95
C ALA A 224 -78.08 5.90 14.53
N LEU A 225 -77.07 6.67 14.09
CA LEU A 225 -76.92 8.02 14.62
C LEU A 225 -77.97 8.96 14.05
N LEU A 226 -78.30 8.82 12.76
CA LEU A 226 -79.32 9.69 12.17
C LEU A 226 -80.69 9.47 12.77
N VAL A 227 -80.93 8.32 13.39
CA VAL A 227 -82.21 8.01 14.00
C VAL A 227 -82.12 8.11 15.52
N MET B 1 -47.17 51.12 -19.01
CA MET B 1 -46.20 51.03 -17.93
C MET B 1 -46.71 51.76 -16.69
N GLU B 2 -46.80 53.09 -16.76
CA GLU B 2 -47.36 53.84 -15.64
C GLU B 2 -48.80 53.44 -15.36
N GLN B 3 -49.52 52.94 -16.36
CA GLN B 3 -50.88 52.45 -16.11
C GLN B 3 -50.85 51.14 -15.34
N ALA B 4 -50.03 50.18 -15.80
CA ALA B 4 -49.88 48.94 -15.04
C ALA B 4 -49.43 49.21 -13.61
N MET B 5 -48.46 50.13 -13.45
CA MET B 5 -47.93 50.40 -12.12
C MET B 5 -48.92 51.14 -11.24
N ARG B 6 -49.77 52.00 -11.81
CA ARG B 6 -50.76 52.67 -10.98
C ARG B 6 -51.98 51.81 -10.72
N GLU B 7 -52.23 50.79 -11.54
CA GLU B 7 -53.24 49.80 -11.20
C GLU B 7 -52.73 48.90 -10.08
N ARG B 8 -51.46 48.51 -10.13
CA ARG B 8 -50.85 47.84 -8.98
C ARG B 8 -50.96 48.69 -7.72
N SER B 9 -50.50 49.95 -7.81
CA SER B 9 -50.57 50.85 -6.67
C SER B 9 -52.00 50.95 -6.13
N GLU B 10 -52.98 51.06 -7.03
CA GLU B 10 -54.37 51.16 -6.59
C GLU B 10 -54.82 49.90 -5.88
N LEU B 11 -54.54 48.73 -6.47
CA LEU B 11 -54.93 47.47 -5.82
C LEU B 11 -54.35 47.38 -4.42
N ALA B 12 -53.08 47.75 -4.26
CA ALA B 12 -52.46 47.73 -2.95
C ALA B 12 -53.16 48.69 -1.99
N ARG B 13 -53.33 49.95 -2.41
CA ARG B 13 -53.90 50.95 -1.51
C ARG B 13 -55.30 50.55 -1.06
N LYS B 14 -56.17 50.16 -1.99
CA LYS B 14 -57.51 49.72 -1.62
C LYS B 14 -57.44 48.51 -0.69
N GLY B 15 -56.62 47.52 -1.05
CA GLY B 15 -56.51 46.32 -0.23
C GLY B 15 -56.10 46.63 1.20
N ILE B 16 -55.21 47.62 1.38
CA ILE B 16 -54.82 48.01 2.73
C ILE B 16 -55.94 48.76 3.42
N ALA B 17 -56.64 49.62 2.69
CA ALA B 17 -57.71 50.42 3.31
C ALA B 17 -58.81 49.54 3.89
N ARG B 18 -59.06 48.38 3.29
CA ARG B 18 -60.11 47.48 3.77
C ARG B 18 -59.74 46.72 5.03
N ALA B 19 -58.49 46.79 5.47
CA ALA B 19 -58.00 45.99 6.58
C ALA B 19 -57.97 46.80 7.87
N LYS B 20 -57.92 46.07 8.99
CA LYS B 20 -57.89 46.69 10.31
C LYS B 20 -56.66 47.61 10.43
N SER B 21 -56.64 48.40 11.51
CA SER B 21 -55.61 49.41 11.70
C SER B 21 -54.68 49.04 12.84
N VAL B 22 -53.45 49.55 12.74
CA VAL B 22 -52.39 49.29 13.71
C VAL B 22 -51.70 50.62 14.02
N VAL B 23 -51.18 50.73 15.23
CA VAL B 23 -50.47 51.92 15.68
C VAL B 23 -49.24 51.48 16.46
N ALA B 24 -48.14 52.22 16.28
CA ALA B 24 -46.89 52.01 17.01
C ALA B 24 -46.45 53.34 17.60
N LEU B 25 -46.18 53.35 18.90
CA LEU B 25 -45.86 54.58 19.63
C LEU B 25 -44.62 54.41 20.47
N ALA B 26 -43.77 55.44 20.48
CA ALA B 26 -42.60 55.46 21.35
C ALA B 26 -42.98 56.01 22.72
N TYR B 27 -42.65 55.26 23.78
CA TYR B 27 -43.00 55.68 25.12
C TYR B 27 -41.82 55.47 26.06
N ALA B 28 -41.98 55.95 27.29
CA ALA B 28 -40.88 55.98 28.25
C ALA B 28 -40.19 54.63 28.37
N GLY B 29 -40.94 53.54 28.43
CA GLY B 29 -40.38 52.23 28.61
C GLY B 29 -39.99 51.49 27.35
N GLY B 30 -40.10 52.11 26.17
CA GLY B 30 -39.77 51.43 24.94
C GLY B 30 -40.72 51.73 23.80
N VAL B 31 -41.27 50.70 23.16
CA VAL B 31 -42.20 50.90 22.06
C VAL B 31 -43.46 50.06 22.29
N LEU B 32 -44.58 50.60 21.84
CA LEU B 32 -45.90 50.01 22.04
C LEU B 32 -46.55 49.73 20.70
N PHE B 33 -46.94 48.47 20.51
CA PHE B 33 -47.68 48.02 19.33
C PHE B 33 -49.11 47.71 19.75
N VAL B 34 -50.07 48.44 19.20
CA VAL B 34 -51.48 48.22 19.47
C VAL B 34 -52.20 48.08 18.13
N ALA B 35 -52.82 46.91 17.91
CA ALA B 35 -53.49 46.62 16.65
C ALA B 35 -54.87 46.04 16.90
N GLU B 36 -55.80 46.39 16.01
CA GLU B 36 -57.13 45.79 16.02
C GLU B 36 -57.04 44.39 15.42
N ASN B 37 -57.29 43.38 16.23
CA ASN B 37 -57.21 42.00 15.76
C ASN B 37 -58.18 41.12 16.57
N PRO B 38 -59.25 40.63 15.95
CA PRO B 38 -60.23 39.84 16.69
C PRO B 38 -59.83 38.40 16.91
N SER B 39 -58.90 37.87 16.13
CA SER B 39 -58.64 36.44 16.13
C SER B 39 -57.95 35.99 17.41
N ARG B 40 -58.14 34.71 17.73
CA ARG B 40 -57.51 34.10 18.90
C ARG B 40 -56.05 33.73 18.65
N SER B 41 -55.64 33.55 17.38
CA SER B 41 -54.32 32.99 17.10
C SER B 41 -53.77 33.41 15.74
N LEU B 42 -54.14 34.59 15.25
CA LEU B 42 -53.56 35.15 14.03
C LEU B 42 -52.95 36.49 14.39
N GLN B 43 -51.62 36.57 14.38
CA GLN B 43 -50.90 37.72 14.91
C GLN B 43 -50.45 38.65 13.79
N LYS B 44 -50.66 39.95 14.03
CA LYS B 44 -50.14 41.00 13.15
C LYS B 44 -48.87 41.63 13.71
N ILE B 45 -48.63 41.52 15.01
CA ILE B 45 -47.42 42.00 15.66
C ILE B 45 -46.51 40.81 15.93
N SER B 46 -45.21 41.02 15.81
CA SER B 46 -44.28 39.91 15.98
C SER B 46 -42.93 40.43 16.46
N GLU B 47 -42.20 39.53 17.11
CA GLU B 47 -40.79 39.76 17.40
C GLU B 47 -39.96 39.48 16.16
N LEU B 48 -38.93 40.29 15.93
CA LEU B 48 -37.94 40.03 14.90
C LEU B 48 -36.61 39.63 15.50
N TYR B 49 -36.04 40.46 16.38
CA TYR B 49 -34.76 40.18 16.99
C TYR B 49 -34.75 40.75 18.40
N ASP B 50 -33.66 40.48 19.13
CA ASP B 50 -33.48 40.89 20.52
C ASP B 50 -34.18 42.21 20.83
N ARG B 51 -33.85 43.26 20.09
CA ARG B 51 -34.37 44.59 20.35
C ARG B 51 -35.15 45.15 19.16
N VAL B 52 -35.68 44.29 18.29
CA VAL B 52 -36.34 44.75 17.08
C VAL B 52 -37.68 44.04 16.92
N GLY B 53 -38.76 44.83 16.85
CA GLY B 53 -40.11 44.31 16.69
C GLY B 53 -40.77 44.71 15.38
N PHE B 54 -41.81 43.97 15.03
CA PHE B 54 -42.45 44.01 13.71
C PHE B 54 -43.96 44.17 13.88
N ALA B 55 -44.57 44.97 13.00
CA ALA B 55 -46.02 45.14 13.01
C ALA B 55 -46.49 45.38 11.59
N ALA B 56 -47.67 44.85 11.25
CA ALA B 56 -48.09 44.86 9.86
C ALA B 56 -49.60 45.03 9.75
N ALA B 57 -50.01 45.68 8.66
CA ALA B 57 -51.42 45.78 8.30
C ALA B 57 -51.62 45.31 6.87
N GLY B 58 -52.78 44.70 6.62
CA GLY B 58 -53.14 44.27 5.28
C GLY B 58 -53.50 42.80 5.23
N LYS B 59 -53.14 42.16 4.11
CA LYS B 59 -53.48 40.76 3.88
C LYS B 59 -52.58 39.86 4.69
N PHE B 60 -53.19 38.93 5.44
CA PHE B 60 -52.43 38.16 6.43
C PHE B 60 -51.30 37.38 5.78
N ASN B 61 -51.62 36.50 4.83
CA ASN B 61 -50.60 35.58 4.32
C ASN B 61 -49.39 36.33 3.78
N GLU B 62 -49.59 37.54 3.26
CA GLU B 62 -48.49 38.28 2.63
C GLU B 62 -47.57 38.91 3.67
N PHE B 63 -48.13 39.61 4.67
CA PHE B 63 -47.26 40.17 5.69
C PHE B 63 -46.77 39.11 6.67
N ASP B 64 -47.33 37.90 6.64
CA ASP B 64 -46.76 36.78 7.37
C ASP B 64 -45.57 36.19 6.61
N ASN B 65 -45.68 36.10 5.28
CA ASN B 65 -44.51 35.76 4.49
C ASN B 65 -43.39 36.77 4.70
N LEU B 66 -43.74 38.06 4.80
CA LEU B 66 -42.72 39.09 5.05
C LEU B 66 -42.16 38.99 6.46
N ARG B 67 -43.02 38.76 7.45
CA ARG B 67 -42.55 38.53 8.82
C ARG B 67 -41.52 37.40 8.85
N ARG B 68 -41.84 36.28 8.21
CA ARG B 68 -40.94 35.14 8.23
C ARG B 68 -39.63 35.45 7.52
N GLY B 69 -39.71 36.01 6.31
CA GLY B 69 -38.47 36.39 5.63
C GLY B 69 -37.61 37.32 6.46
N GLY B 70 -38.24 38.21 7.24
CA GLY B 70 -37.49 39.09 8.10
C GLY B 70 -36.82 38.36 9.25
N ILE B 71 -37.54 37.45 9.91
CA ILE B 71 -36.91 36.64 10.95
C ILE B 71 -35.72 35.88 10.38
N GLN B 72 -35.90 35.28 9.20
CA GLN B 72 -34.80 34.61 8.51
C GLN B 72 -33.60 35.54 8.35
N PHE B 73 -33.82 36.72 7.76
CA PHE B 73 -32.73 37.67 7.58
C PHE B 73 -32.01 37.97 8.89
N ALA B 74 -32.78 38.32 9.93
CA ALA B 74 -32.17 38.75 11.18
C ALA B 74 -31.31 37.63 11.77
N ASP B 75 -31.88 36.43 11.91
CA ASP B 75 -31.12 35.35 12.52
C ASP B 75 -29.89 35.00 11.70
N THR B 76 -30.02 34.99 10.38
CA THR B 76 -28.87 34.69 9.52
C THR B 76 -27.77 35.72 9.71
N ARG B 77 -28.12 37.02 9.72
CA ARG B 77 -27.11 38.05 9.88
C ARG B 77 -26.44 37.95 11.24
N GLY B 78 -27.24 37.78 12.30
CA GLY B 78 -26.67 37.64 13.63
C GLY B 78 -25.74 36.45 13.76
N TYR B 79 -26.03 35.35 13.05
CA TYR B 79 -25.17 34.18 13.13
C TYR B 79 -23.89 34.38 12.31
N ALA B 80 -24.01 35.00 11.14
CA ALA B 80 -22.83 35.24 10.31
C ALA B 80 -21.89 36.28 10.89
N TYR B 81 -22.39 37.15 11.76
CA TYR B 81 -21.56 38.15 12.42
C TYR B 81 -21.76 38.06 13.93
N ASP B 82 -22.43 39.04 14.53
CA ASP B 82 -22.78 38.99 15.93
C ASP B 82 -24.20 39.51 16.12
N ARG B 83 -24.87 39.02 17.17
CA ARG B 83 -26.24 39.44 17.43
C ARG B 83 -26.38 40.95 17.39
N ARG B 84 -25.43 41.67 17.97
CA ARG B 84 -25.60 43.12 18.09
C ARG B 84 -25.37 43.87 16.80
N ASP B 85 -24.94 43.18 15.74
CA ASP B 85 -24.85 43.81 14.43
C ASP B 85 -26.19 43.90 13.72
N VAL B 86 -27.22 43.24 14.23
CA VAL B 86 -28.56 43.31 13.68
C VAL B 86 -29.28 44.52 14.27
N THR B 87 -29.87 45.35 13.41
CA THR B 87 -30.51 46.58 13.84
C THR B 87 -31.81 46.78 13.07
N GLY B 88 -32.67 47.65 13.61
CA GLY B 88 -33.93 47.92 12.97
C GLY B 88 -33.77 48.66 11.65
N ARG B 89 -32.79 49.55 11.56
CA ARG B 89 -32.58 50.29 10.32
C ARG B 89 -32.33 49.34 9.15
N GLN B 90 -31.55 48.28 9.36
CA GLN B 90 -31.22 47.41 8.24
C GLN B 90 -32.33 46.40 7.94
N LEU B 91 -33.08 45.97 8.95
CA LEU B 91 -34.28 45.20 8.66
C LEU B 91 -35.27 46.02 7.85
N ALA B 92 -35.35 47.32 8.14
CA ALA B 92 -36.20 48.21 7.36
C ALA B 92 -35.67 48.37 5.94
N ASN B 93 -34.36 48.57 5.80
CA ASN B 93 -33.75 48.64 4.48
C ASN B 93 -34.12 47.41 3.64
N VAL B 94 -33.90 46.23 4.21
CA VAL B 94 -34.16 45.01 3.44
C VAL B 94 -35.65 44.83 3.16
N TYR B 95 -36.51 45.25 4.10
CA TYR B 95 -37.95 45.21 3.82
C TYR B 95 -38.30 46.14 2.66
N ALA B 96 -37.70 47.32 2.61
CA ALA B 96 -37.93 48.23 1.49
C ALA B 96 -37.52 47.60 0.18
N GLN B 97 -36.32 47.02 0.14
CA GLN B 97 -35.85 46.37 -1.10
C GLN B 97 -36.78 45.24 -1.52
N THR B 98 -37.15 44.38 -0.58
CA THR B 98 -37.99 43.23 -0.90
C THR B 98 -39.36 43.67 -1.41
N LEU B 99 -39.98 44.65 -0.73
CA LEU B 99 -41.29 45.11 -1.19
C LEU B 99 -41.21 45.84 -2.52
N GLY B 100 -40.07 46.48 -2.82
CA GLY B 100 -39.88 47.01 -4.16
C GLY B 100 -39.90 45.92 -5.22
N THR B 101 -39.09 44.88 -5.02
CA THR B 101 -39.09 43.77 -5.96
C THR B 101 -40.48 43.17 -6.11
N ILE B 102 -41.15 42.88 -4.99
CA ILE B 102 -42.50 42.32 -5.03
C ILE B 102 -43.42 43.22 -5.83
N PHE B 103 -43.40 44.52 -5.54
CA PHE B 103 -44.34 45.45 -6.16
C PHE B 103 -44.15 45.52 -7.66
N THR B 104 -42.91 45.52 -8.13
CA THR B 104 -42.70 45.67 -9.56
C THR B 104 -42.76 44.37 -10.35
N GLU B 105 -42.51 43.22 -9.71
CA GLU B 105 -42.30 41.99 -10.47
C GLU B 105 -43.27 40.86 -10.17
N GLN B 106 -43.88 40.81 -9.00
CA GLN B 106 -44.71 39.65 -8.66
C GLN B 106 -46.04 39.69 -9.40
N ALA B 107 -46.70 38.53 -9.44
CA ALA B 107 -48.00 38.41 -10.09
C ALA B 107 -48.95 39.50 -9.60
N LYS B 108 -49.05 39.65 -8.28
CA LYS B 108 -49.90 40.65 -7.66
C LYS B 108 -49.10 41.35 -6.56
N PRO B 109 -49.14 42.68 -6.49
CA PRO B 109 -48.41 43.36 -5.40
C PRO B 109 -49.00 42.98 -4.05
N TYR B 110 -48.14 43.02 -3.04
CA TYR B 110 -48.57 42.68 -1.69
C TYR B 110 -49.39 43.83 -1.09
N GLU B 111 -50.53 43.50 -0.49
CA GLU B 111 -51.39 44.48 0.14
C GLU B 111 -51.03 44.58 1.62
N VAL B 112 -49.87 45.19 1.87
CA VAL B 112 -49.26 45.21 3.19
C VAL B 112 -48.64 46.57 3.47
N GLU B 113 -48.53 46.86 4.77
CA GLU B 113 -47.78 48.00 5.27
C GLU B 113 -47.05 47.53 6.52
N LEU B 114 -45.77 47.83 6.61
CA LEU B 114 -44.91 47.32 7.66
C LEU B 114 -44.38 48.45 8.53
N CYS B 115 -44.17 48.13 9.80
CA CYS B 115 -43.49 49.00 10.74
C CYS B 115 -42.45 48.17 11.49
N VAL B 116 -41.20 48.59 11.42
CA VAL B 116 -40.11 47.96 12.17
C VAL B 116 -39.65 48.94 13.22
N ALA B 117 -39.53 48.48 14.46
CA ALA B 117 -39.19 49.35 15.58
C ALA B 117 -38.01 48.76 16.36
N GLU B 118 -37.18 49.66 16.89
CA GLU B 118 -36.00 49.23 17.65
C GLU B 118 -35.88 50.05 18.93
N VAL B 119 -35.72 49.36 20.05
CA VAL B 119 -35.49 50.02 21.33
C VAL B 119 -34.02 49.83 21.72
N ALA B 120 -33.61 50.51 22.78
CA ALA B 120 -32.22 50.48 23.20
C ALA B 120 -31.87 49.15 23.84
N HIS B 121 -30.60 48.77 23.72
CA HIS B 121 -30.10 47.59 24.42
C HIS B 121 -30.14 47.85 25.93
N TYR B 122 -30.15 46.76 26.70
CA TYR B 122 -30.29 46.87 28.14
C TYR B 122 -29.26 47.83 28.71
N GLY B 123 -29.72 48.76 29.54
CA GLY B 123 -28.86 49.71 30.20
C GLY B 123 -28.37 50.85 29.33
N GLU B 124 -28.55 50.79 28.03
CA GLU B 124 -28.12 51.87 27.15
C GLU B 124 -29.20 52.94 27.06
N THR B 125 -28.83 54.08 26.50
CA THR B 125 -29.71 55.24 26.38
C THR B 125 -29.78 55.64 24.91
N LYS B 126 -30.90 55.36 24.26
CA LYS B 126 -31.09 55.66 22.85
C LYS B 126 -32.57 55.81 22.58
N ARG B 127 -32.95 56.90 21.92
CA ARG B 127 -34.35 57.11 21.61
C ARG B 127 -34.82 56.03 20.63
N PRO B 128 -35.96 55.39 20.90
CA PRO B 128 -36.45 54.34 19.98
C PRO B 128 -36.46 54.78 18.53
N GLU B 129 -36.50 53.81 17.62
CA GLU B 129 -36.56 54.06 16.18
C GLU B 129 -37.81 53.41 15.62
N LEU B 130 -38.49 54.13 14.73
CA LEU B 130 -39.69 53.65 14.08
C LEU B 130 -39.56 53.83 12.58
N TYR B 131 -39.81 52.77 11.83
CA TYR B 131 -39.73 52.79 10.37
C TYR B 131 -41.03 52.27 9.78
N ARG B 132 -41.49 52.93 8.73
CA ARG B 132 -42.66 52.50 7.96
C ARG B 132 -42.22 52.15 6.55
N ILE B 133 -42.60 50.96 6.08
CA ILE B 133 -42.35 50.52 4.71
C ILE B 133 -43.70 50.23 4.07
N THR B 134 -44.00 50.90 2.97
CA THR B 134 -45.29 50.74 2.30
C THR B 134 -45.19 49.72 1.17
N TYR B 135 -46.32 49.51 0.49
CA TYR B 135 -46.43 48.42 -0.48
C TYR B 135 -45.45 48.55 -1.63
N ASP B 136 -44.96 49.75 -1.93
CA ASP B 136 -44.05 49.96 -3.05
C ASP B 136 -42.59 50.02 -2.62
N GLY B 137 -42.30 49.70 -1.36
CA GLY B 137 -40.94 49.75 -0.87
C GLY B 137 -40.48 51.10 -0.36
N SER B 138 -41.37 52.09 -0.31
CA SER B 138 -41.03 53.39 0.25
C SER B 138 -40.84 53.27 1.75
N ILE B 139 -39.87 54.00 2.28
CA ILE B 139 -39.46 53.86 3.67
C ILE B 139 -39.41 55.23 4.33
N ALA B 140 -39.89 55.30 5.57
CA ALA B 140 -40.00 56.55 6.31
C ALA B 140 -39.52 56.36 7.73
N ASP B 141 -38.67 57.28 8.19
CA ASP B 141 -38.22 57.36 9.57
C ASP B 141 -39.20 58.24 10.36
N GLU B 142 -39.67 57.72 11.49
CA GLU B 142 -40.65 58.42 12.32
C GLU B 142 -40.16 58.49 13.76
N PRO B 143 -40.37 59.63 14.43
CA PRO B 143 -39.84 59.79 15.79
C PRO B 143 -40.84 59.49 16.89
N HIS B 144 -42.14 59.51 16.58
CA HIS B 144 -43.13 59.42 17.64
C HIS B 144 -44.13 58.28 17.45
N PHE B 145 -44.71 58.15 16.26
CA PHE B 145 -45.70 57.11 16.04
C PHE B 145 -45.81 56.82 14.55
N VAL B 146 -46.31 55.62 14.24
CA VAL B 146 -46.69 55.23 12.90
C VAL B 146 -48.09 54.63 12.95
N VAL B 147 -48.88 54.91 11.92
CA VAL B 147 -50.24 54.42 11.78
C VAL B 147 -50.33 53.66 10.46
N MET B 148 -50.91 52.45 10.49
CA MET B 148 -50.95 51.60 9.32
C MET B 148 -52.33 50.97 9.15
N GLY B 149 -52.76 50.85 7.90
CA GLY B 149 -53.96 50.10 7.59
C GLY B 149 -55.26 50.87 7.69
N GLY B 150 -56.15 50.66 6.72
CA GLY B 150 -57.45 51.30 6.75
C GLY B 150 -57.36 52.80 6.51
N THR B 151 -58.35 53.52 7.04
CA THR B 151 -58.38 54.97 6.96
C THR B 151 -57.56 55.54 8.11
N THR B 152 -56.35 56.00 7.79
CA THR B 152 -55.36 56.34 8.79
C THR B 152 -55.49 57.77 9.32
N GLU B 153 -55.97 58.69 8.49
CA GLU B 153 -55.90 60.11 8.85
C GLU B 153 -56.58 60.43 10.19
N PRO B 154 -57.76 59.88 10.51
CA PRO B 154 -58.32 60.12 11.86
C PRO B 154 -57.38 59.70 12.98
N ILE B 155 -56.77 58.52 12.84
CA ILE B 155 -55.86 58.02 13.88
C ILE B 155 -54.63 58.91 13.99
N ALA B 156 -54.05 59.26 12.84
CA ALA B 156 -52.87 60.12 12.83
C ALA B 156 -53.14 61.45 13.52
N ASN B 157 -54.28 62.09 13.18
CA ASN B 157 -54.60 63.38 13.79
C ASN B 157 -54.86 63.23 15.28
N ALA B 158 -55.69 62.24 15.65
CA ALA B 158 -55.90 61.95 17.07
C ALA B 158 -54.58 61.86 17.83
N LEU B 159 -53.59 61.21 17.23
CA LEU B 159 -52.28 61.10 17.88
C LEU B 159 -51.56 62.44 17.92
N LYS B 160 -51.54 63.16 16.79
CA LYS B 160 -50.89 64.46 16.76
C LYS B 160 -51.44 65.38 17.86
N GLU B 161 -52.70 65.16 18.27
CA GLU B 161 -53.30 65.99 19.30
C GLU B 161 -53.14 65.41 20.71
N SER B 162 -53.04 64.09 20.84
CA SER B 162 -53.05 63.46 22.16
C SER B 162 -51.72 62.84 22.55
N TYR B 163 -50.69 62.93 21.70
CA TYR B 163 -49.44 62.22 21.94
C TYR B 163 -48.51 63.04 22.83
N ALA B 164 -47.97 62.39 23.86
CA ALA B 164 -47.00 62.98 24.77
C ALA B 164 -45.77 62.10 24.84
N GLU B 165 -44.60 62.70 24.62
CA GLU B 165 -43.35 61.95 24.70
C GLU B 165 -43.16 61.37 26.10
N ASN B 166 -42.44 60.25 26.16
CA ASN B 166 -42.09 59.61 27.44
C ASN B 166 -43.32 59.29 28.27
N ALA B 167 -44.46 59.09 27.60
CA ALA B 167 -45.66 58.67 28.30
C ALA B 167 -45.42 57.31 28.95
N SER B 168 -46.22 57.03 29.98
CA SER B 168 -46.10 55.76 30.68
C SER B 168 -46.80 54.65 29.87
N LEU B 169 -46.75 53.43 30.39
CA LEU B 169 -47.38 52.32 29.69
C LEU B 169 -48.90 52.53 29.61
N THR B 170 -49.53 52.78 30.74
CA THR B 170 -50.98 52.94 30.76
C THR B 170 -51.43 54.15 29.94
N ASP B 171 -50.77 55.29 30.14
CA ASP B 171 -51.17 56.51 29.42
C ASP B 171 -51.04 56.32 27.91
N ALA B 172 -49.91 55.77 27.46
CA ALA B 172 -49.70 55.58 26.03
C ALA B 172 -50.68 54.56 25.46
N LEU B 173 -50.91 53.46 26.17
CA LEU B 173 -51.95 52.52 25.75
C LEU B 173 -53.29 53.23 25.60
N ARG B 174 -53.62 54.09 26.56
CA ARG B 174 -54.88 54.81 26.55
C ARG B 174 -55.02 55.65 25.29
N ILE B 175 -54.04 56.52 25.02
CA ILE B 175 -54.14 57.35 23.82
C ILE B 175 -54.05 56.51 22.55
N ALA B 176 -53.50 55.29 22.65
CA ALA B 176 -53.44 54.41 21.49
C ALA B 176 -54.83 53.89 21.14
N VAL B 177 -55.54 53.31 22.11
CA VAL B 177 -56.91 52.89 21.85
C VAL B 177 -57.77 54.08 21.46
N ALA B 178 -57.53 55.23 22.09
CA ALA B 178 -58.28 56.44 21.74
C ALA B 178 -58.13 56.76 20.25
N ALA B 179 -56.88 56.89 19.78
CA ALA B 179 -56.66 57.16 18.37
C ALA B 179 -57.27 56.07 17.50
N LEU B 180 -57.23 54.82 17.96
CA LEU B 180 -57.83 53.73 17.19
C LEU B 180 -59.33 53.93 17.03
N ARG B 181 -60.01 54.41 18.07
CA ARG B 181 -61.46 54.56 18.00
C ARG B 181 -61.89 55.68 17.07
N ALA B 182 -61.02 56.63 16.77
CA ALA B 182 -61.34 57.69 15.83
C ALA B 182 -61.38 57.14 14.40
N LEU B 195 -63.45 48.81 21.69
CA LEU B 195 -62.19 48.09 21.56
C LEU B 195 -61.67 47.64 22.93
N GLY B 196 -61.72 46.33 23.16
CA GLY B 196 -61.26 45.75 24.41
C GLY B 196 -60.39 44.53 24.21
N VAL B 197 -60.16 43.76 25.28
CA VAL B 197 -59.24 42.63 25.20
C VAL B 197 -59.65 41.66 24.10
N ALA B 198 -60.95 41.39 23.98
CA ALA B 198 -61.42 40.40 23.02
C ALA B 198 -61.17 40.81 21.57
N SER B 199 -60.74 42.06 21.33
CA SER B 199 -60.54 42.52 19.96
C SER B 199 -59.26 43.32 19.78
N LEU B 200 -58.26 43.13 20.65
CA LEU B 200 -57.01 43.87 20.56
C LEU B 200 -55.82 42.92 20.65
N GLU B 201 -54.78 43.24 19.90
CA GLU B 201 -53.48 42.59 20.00
C GLU B 201 -52.45 43.66 20.34
N VAL B 202 -51.83 43.54 21.50
CA VAL B 202 -50.88 44.54 21.98
C VAL B 202 -49.61 43.85 22.43
N ALA B 203 -48.46 44.45 22.12
CA ALA B 203 -47.18 43.97 22.61
C ALA B 203 -46.26 45.17 22.76
N VAL B 204 -45.15 44.97 23.45
CA VAL B 204 -44.21 46.06 23.67
C VAL B 204 -42.79 45.56 23.44
N LEU B 205 -41.95 46.45 22.90
CA LEU B 205 -40.52 46.32 22.96
C LEU B 205 -40.07 47.02 24.24
N ASP B 206 -39.71 46.23 25.24
CA ASP B 206 -39.46 46.70 26.60
C ASP B 206 -37.96 46.89 26.81
N ALA B 207 -37.51 48.14 26.73
CA ALA B 207 -36.08 48.42 26.85
C ALA B 207 -35.50 48.01 28.20
N ASN B 208 -36.34 47.62 29.16
CA ASN B 208 -35.87 47.27 30.49
C ASN B 208 -35.57 45.79 30.65
N ARG B 209 -35.84 44.97 29.63
CA ARG B 209 -35.51 43.56 29.70
C ARG B 209 -34.05 43.34 29.29
N PRO B 210 -33.39 42.34 29.88
CA PRO B 210 -31.95 42.17 29.61
C PRO B 210 -31.63 41.93 28.14
N ARG B 211 -32.36 41.02 27.46
CA ARG B 211 -32.01 40.72 26.08
C ARG B 211 -33.20 40.79 25.12
N ARG B 212 -34.19 39.92 25.30
CA ARG B 212 -35.32 39.83 24.36
C ARG B 212 -36.41 40.78 24.83
N ALA B 213 -36.48 41.96 24.21
CA ALA B 213 -37.39 43.00 24.67
C ALA B 213 -38.85 42.73 24.35
N PHE B 214 -39.15 41.94 23.32
CA PHE B 214 -40.52 41.76 22.89
C PHE B 214 -41.31 40.99 23.94
N ARG B 215 -42.40 41.61 24.43
CA ARG B 215 -43.26 40.99 25.42
C ARG B 215 -44.71 41.26 25.05
N ARG B 216 -45.51 40.19 25.00
CA ARG B 216 -46.92 40.32 24.72
C ARG B 216 -47.69 40.63 26.00
N ILE B 217 -48.78 41.37 25.85
CA ILE B 217 -49.65 41.75 26.96
C ILE B 217 -51.04 41.20 26.64
N THR B 218 -51.38 40.06 27.24
CA THR B 218 -52.61 39.36 26.91
C THR B 218 -53.47 39.16 28.15
N GLY B 219 -54.78 39.06 27.92
CA GLY B 219 -55.75 38.66 28.92
C GLY B 219 -55.76 39.44 30.22
N SER B 220 -55.46 38.74 31.32
CA SER B 220 -55.55 39.34 32.65
C SER B 220 -54.75 40.65 32.73
N ALA B 221 -53.49 40.60 32.27
CA ALA B 221 -52.66 41.81 32.31
C ALA B 221 -53.19 42.86 31.35
N LEU B 222 -53.62 42.45 30.16
CA LEU B 222 -54.12 43.40 29.16
C LEU B 222 -55.27 44.23 29.73
N GLN B 223 -56.37 43.56 30.09
CA GLN B 223 -57.49 44.31 30.68
C GLN B 223 -57.07 44.98 31.98
N ALA B 224 -56.11 44.39 32.71
CA ALA B 224 -55.60 45.02 33.90
C ALA B 224 -55.11 46.44 33.62
N LEU B 225 -54.42 46.63 32.49
CA LEU B 225 -53.96 47.96 32.11
C LEU B 225 -55.03 48.78 31.41
N LEU B 226 -56.25 48.26 31.28
CA LEU B 226 -57.35 48.99 30.64
C LEU B 226 -58.34 49.50 31.68
N VAL B 227 -57.85 50.17 32.72
CA VAL B 227 -58.69 50.72 33.76
C VAL B 227 -58.27 52.15 34.09
N MET C 1 -43.07 48.56 -28.74
CA MET C 1 -41.70 49.01 -28.60
C MET C 1 -41.61 50.46 -28.14
N GLU C 2 -41.78 51.39 -29.09
CA GLU C 2 -41.55 52.81 -28.80
C GLU C 2 -42.39 53.28 -27.62
N GLN C 3 -43.66 52.88 -27.58
CA GLN C 3 -44.53 53.33 -26.49
C GLN C 3 -44.07 52.75 -25.15
N ALA C 4 -43.54 51.51 -25.16
CA ALA C 4 -43.01 50.94 -23.94
C ALA C 4 -41.81 51.74 -23.43
N MET C 5 -40.89 52.09 -24.34
CA MET C 5 -39.66 52.75 -23.93
C MET C 5 -39.92 54.19 -23.49
N ARG C 6 -40.75 54.94 -24.22
CA ARG C 6 -41.04 56.29 -23.75
C ARG C 6 -41.99 56.29 -22.56
N GLU C 7 -42.79 55.25 -22.38
CA GLU C 7 -43.52 55.09 -21.13
C GLU C 7 -42.55 54.96 -19.97
N ARG C 8 -41.55 54.10 -20.10
CA ARG C 8 -40.53 53.97 -19.06
C ARG C 8 -39.81 55.29 -18.84
N SER C 9 -39.44 55.98 -19.92
CA SER C 9 -38.76 57.27 -19.79
C SER C 9 -39.61 58.27 -19.04
N GLU C 10 -40.92 58.26 -19.28
CA GLU C 10 -41.80 59.20 -18.58
C GLU C 10 -41.94 58.84 -17.11
N LEU C 11 -42.23 57.57 -16.82
CA LEU C 11 -42.32 57.14 -15.43
C LEU C 11 -41.07 57.53 -14.65
N ALA C 12 -39.90 57.14 -15.15
CA ALA C 12 -38.67 57.53 -14.50
C ALA C 12 -38.56 59.04 -14.35
N ARG C 13 -38.71 59.77 -15.45
CA ARG C 13 -38.55 61.22 -15.43
C ARG C 13 -39.40 61.87 -14.33
N LYS C 14 -40.70 61.61 -14.36
CA LYS C 14 -41.60 62.19 -13.37
C LYS C 14 -41.24 61.74 -11.96
N GLY C 15 -40.93 60.46 -11.79
CA GLY C 15 -40.53 59.97 -10.48
C GLY C 15 -39.36 60.74 -9.91
N ILE C 16 -38.36 61.06 -10.75
CA ILE C 16 -37.22 61.81 -10.26
C ILE C 16 -37.59 63.27 -10.03
N ALA C 17 -38.52 63.80 -10.82
CA ALA C 17 -38.99 65.16 -10.57
C ALA C 17 -39.64 65.28 -9.20
N ARG C 18 -40.38 64.24 -8.78
CA ARG C 18 -41.11 64.31 -7.52
C ARG C 18 -40.18 64.38 -6.32
N ALA C 19 -38.99 63.79 -6.42
CA ALA C 19 -38.15 63.57 -5.25
C ALA C 19 -37.27 64.78 -4.95
N LYS C 20 -36.70 64.77 -3.75
CA LYS C 20 -35.89 65.87 -3.23
C LYS C 20 -34.61 66.03 -4.05
N SER C 21 -33.93 67.16 -3.83
CA SER C 21 -32.83 67.58 -4.67
C SER C 21 -31.48 67.31 -4.01
N VAL C 22 -30.46 67.15 -4.86
CA VAL C 22 -29.10 66.81 -4.44
C VAL C 22 -28.13 67.66 -5.24
N VAL C 23 -27.15 68.23 -4.55
CA VAL C 23 -26.12 69.05 -5.18
C VAL C 23 -24.75 68.49 -4.82
N ALA C 24 -23.84 68.52 -5.78
CA ALA C 24 -22.44 68.20 -5.54
C ALA C 24 -21.57 69.20 -6.29
N LEU C 25 -20.54 69.72 -5.64
CA LEU C 25 -19.69 70.70 -6.30
C LEU C 25 -18.27 70.54 -5.82
N ALA C 26 -17.32 70.88 -6.70
CA ALA C 26 -15.91 70.78 -6.38
C ALA C 26 -15.44 72.07 -5.72
N TYR C 27 -14.70 71.93 -4.62
CA TYR C 27 -14.16 73.09 -3.91
C TYR C 27 -12.68 72.86 -3.64
N ALA C 28 -12.03 73.88 -3.09
CA ALA C 28 -10.58 73.83 -2.89
C ALA C 28 -10.16 72.60 -2.09
N GLY C 29 -11.00 72.14 -1.17
CA GLY C 29 -10.68 70.99 -0.34
C GLY C 29 -11.08 69.65 -0.90
N GLY C 30 -11.77 69.61 -2.03
CA GLY C 30 -12.20 68.34 -2.60
C GLY C 30 -13.56 68.42 -3.26
N VAL C 31 -14.50 67.60 -2.79
CA VAL C 31 -15.86 67.60 -3.33
C VAL C 31 -16.85 67.69 -2.18
N LEU C 32 -17.96 68.40 -2.42
CA LEU C 32 -19.00 68.61 -1.43
C LEU C 32 -20.33 68.04 -1.92
N PHE C 33 -20.96 67.24 -1.08
CA PHE C 33 -22.29 66.70 -1.30
C PHE C 33 -23.25 67.34 -0.29
N VAL C 34 -24.32 67.95 -0.79
CA VAL C 34 -25.35 68.53 0.05
C VAL C 34 -26.71 68.13 -0.54
N ALA C 35 -27.49 67.38 0.23
CA ALA C 35 -28.79 66.91 -0.21
C ALA C 35 -29.85 67.27 0.81
N GLU C 36 -31.07 67.53 0.32
CA GLU C 36 -32.20 67.80 1.21
C GLU C 36 -32.69 66.47 1.76
N ASN C 37 -32.55 66.27 3.07
CA ASN C 37 -32.84 64.99 3.67
C ASN C 37 -33.23 65.14 5.14
N PRO C 38 -34.52 64.98 5.48
CA PRO C 38 -34.91 65.08 6.89
C PRO C 38 -34.60 63.85 7.71
N SER C 39 -34.45 62.68 7.08
CA SER C 39 -34.29 61.44 7.83
C SER C 39 -33.08 61.53 8.76
N ARG C 40 -33.21 60.90 9.92
CA ARG C 40 -32.11 60.75 10.85
C ARG C 40 -31.28 59.51 10.57
N SER C 41 -31.76 58.61 9.70
CA SER C 41 -31.13 57.30 9.54
C SER C 41 -31.00 56.84 8.09
N LEU C 42 -31.70 57.44 7.14
CA LEU C 42 -31.63 57.02 5.74
C LEU C 42 -30.77 58.00 4.97
N GLN C 43 -29.78 57.48 4.24
CA GLN C 43 -28.72 58.30 3.67
C GLN C 43 -28.74 58.22 2.14
N LYS C 44 -28.53 59.38 1.51
CA LYS C 44 -28.48 59.51 0.06
C LYS C 44 -27.07 59.77 -0.46
N ILE C 45 -26.14 60.10 0.42
CA ILE C 45 -24.75 60.37 0.06
C ILE C 45 -23.90 59.29 0.72
N SER C 46 -22.96 58.72 -0.03
CA SER C 46 -22.27 57.54 0.46
C SER C 46 -20.83 57.53 -0.02
N GLU C 47 -19.99 56.80 0.72
CA GLU C 47 -18.65 56.47 0.27
C GLU C 47 -18.69 55.27 -0.65
N LEU C 48 -17.92 55.33 -1.72
CA LEU C 48 -17.71 54.19 -2.61
C LEU C 48 -16.35 53.56 -2.38
N TYR C 49 -15.28 54.31 -2.64
CA TYR C 49 -13.93 53.82 -2.42
C TYR C 49 -13.09 54.95 -1.84
N ASP C 50 -11.80 54.65 -1.61
CA ASP C 50 -10.91 55.57 -0.90
C ASP C 50 -11.17 57.02 -1.27
N ARG C 51 -11.15 57.33 -2.56
CA ARG C 51 -11.28 58.69 -3.04
C ARG C 51 -12.54 58.89 -3.87
N VAL C 52 -13.48 57.94 -3.85
CA VAL C 52 -14.65 57.98 -4.71
C VAL C 52 -15.91 57.99 -3.84
N GLY C 53 -16.80 58.93 -4.12
CA GLY C 53 -18.04 59.06 -3.38
C GLY C 53 -19.23 59.10 -4.31
N PHE C 54 -20.41 58.90 -3.71
CA PHE C 54 -21.63 58.58 -4.45
C PHE C 54 -22.79 59.38 -3.88
N ALA C 55 -23.61 59.93 -4.77
CA ALA C 55 -24.83 60.62 -4.39
C ALA C 55 -25.94 60.21 -5.34
N ALA C 56 -27.18 60.25 -4.85
CA ALA C 56 -28.31 59.87 -5.70
C ALA C 56 -29.55 60.65 -5.30
N ALA C 57 -30.46 60.77 -6.26
CA ALA C 57 -31.80 61.29 -6.01
C ALA C 57 -32.80 60.34 -6.66
N GLY C 58 -34.03 60.36 -6.13
CA GLY C 58 -35.09 59.52 -6.63
C GLY C 58 -35.58 58.54 -5.57
N LYS C 59 -35.85 57.31 -5.99
CA LYS C 59 -36.45 56.31 -5.12
C LYS C 59 -35.36 55.62 -4.29
N PHE C 60 -35.55 55.62 -2.96
CA PHE C 60 -34.48 55.21 -2.06
C PHE C 60 -34.04 53.77 -2.31
N ASN C 61 -34.98 52.82 -2.31
CA ASN C 61 -34.58 51.43 -2.43
C ASN C 61 -33.79 51.17 -3.70
N GLU C 62 -34.04 51.95 -4.75
CA GLU C 62 -33.40 51.71 -6.03
C GLU C 62 -31.98 52.29 -6.10
N PHE C 63 -31.80 53.54 -5.65
CA PHE C 63 -30.43 54.05 -5.64
C PHE C 63 -29.61 53.50 -4.48
N ASP C 64 -30.26 52.87 -3.49
CA ASP C 64 -29.52 52.12 -2.48
C ASP C 64 -29.10 50.76 -3.01
N ASN C 65 -29.98 50.11 -3.78
CA ASN C 65 -29.54 48.94 -4.54
C ASN C 65 -28.32 49.28 -5.38
N LEU C 66 -28.39 50.37 -6.14
CA LEU C 66 -27.26 50.76 -6.99
C LEU C 66 -26.04 51.10 -6.15
N ARG C 67 -26.22 51.78 -5.02
CA ARG C 67 -25.09 52.10 -4.15
C ARG C 67 -24.39 50.82 -3.70
N ARG C 68 -25.14 49.86 -3.17
CA ARG C 68 -24.55 48.60 -2.76
C ARG C 68 -23.83 47.92 -3.92
N GLY C 69 -24.45 47.91 -5.10
CA GLY C 69 -23.78 47.32 -6.26
C GLY C 69 -22.47 48.01 -6.57
N GLY C 70 -22.42 49.33 -6.42
CA GLY C 70 -21.18 50.04 -6.62
C GLY C 70 -20.11 49.66 -5.62
N ILE C 71 -20.49 49.51 -4.35
CA ILE C 71 -19.52 49.08 -3.35
C ILE C 71 -19.02 47.67 -3.67
N GLN C 72 -19.93 46.79 -4.10
CA GLN C 72 -19.53 45.45 -4.53
C GLN C 72 -18.50 45.54 -5.66
N PHE C 73 -18.79 46.34 -6.68
CA PHE C 73 -17.86 46.47 -7.81
C PHE C 73 -16.52 47.00 -7.36
N ALA C 74 -16.53 48.09 -6.58
CA ALA C 74 -15.27 48.73 -6.20
C ALA C 74 -14.42 47.81 -5.34
N ASP C 75 -15.02 47.15 -4.35
CA ASP C 75 -14.21 46.28 -3.49
C ASP C 75 -13.75 45.04 -4.25
N THR C 76 -14.62 44.48 -5.10
CA THR C 76 -14.21 43.33 -5.91
C THR C 76 -12.99 43.67 -6.76
N ARG C 77 -13.10 44.74 -7.56
CA ARG C 77 -12.00 45.09 -8.45
C ARG C 77 -10.76 45.52 -7.67
N GLY C 78 -10.95 46.23 -6.56
CA GLY C 78 -9.83 46.56 -5.72
C GLY C 78 -9.07 45.33 -5.25
N TYR C 79 -9.80 44.27 -4.89
CA TYR C 79 -9.14 43.06 -4.43
C TYR C 79 -8.51 42.28 -5.58
N ALA C 80 -9.20 42.16 -6.72
CA ALA C 80 -8.69 41.36 -7.81
C ALA C 80 -7.43 41.96 -8.42
N TYR C 81 -7.28 43.29 -8.34
CA TYR C 81 -6.10 43.97 -8.87
C TYR C 81 -5.42 44.74 -7.74
N ASP C 82 -5.52 46.07 -7.74
CA ASP C 82 -5.07 46.85 -6.61
C ASP C 82 -6.03 48.01 -6.39
N ARG C 83 -6.00 48.56 -5.18
CA ARG C 83 -6.86 49.69 -4.83
C ARG C 83 -6.74 50.81 -5.85
N ARG C 84 -5.51 51.20 -6.19
CA ARG C 84 -5.29 52.33 -7.10
C ARG C 84 -5.88 52.10 -8.49
N ASP C 85 -6.28 50.87 -8.83
CA ASP C 85 -6.90 50.63 -10.13
C ASP C 85 -8.38 50.97 -10.15
N VAL C 86 -8.98 51.25 -8.98
CA VAL C 86 -10.39 51.64 -8.90
C VAL C 86 -10.49 53.14 -9.11
N THR C 87 -11.23 53.55 -10.14
CA THR C 87 -11.35 54.96 -10.50
C THR C 87 -12.81 55.36 -10.57
N GLY C 88 -13.07 56.66 -10.34
CA GLY C 88 -14.41 57.18 -10.49
C GLY C 88 -14.94 57.00 -11.91
N ARG C 89 -14.06 57.09 -12.90
CA ARG C 89 -14.48 56.86 -14.27
C ARG C 89 -15.00 55.44 -14.45
N GLN C 90 -14.29 54.46 -13.87
CA GLN C 90 -14.75 53.08 -13.92
C GLN C 90 -16.15 52.94 -13.31
N LEU C 91 -16.35 53.48 -12.11
CA LEU C 91 -17.64 53.34 -11.44
C LEU C 91 -18.75 54.01 -12.24
N ALA C 92 -18.49 55.20 -12.78
CA ALA C 92 -19.50 55.86 -13.60
C ALA C 92 -19.83 55.04 -14.85
N ASN C 93 -18.82 54.44 -15.46
CA ASN C 93 -19.04 53.62 -16.65
C ASN C 93 -19.89 52.39 -16.33
N VAL C 94 -19.56 51.70 -15.23
CA VAL C 94 -20.33 50.51 -14.85
C VAL C 94 -21.75 50.90 -14.48
N TYR C 95 -21.92 52.06 -13.85
CA TYR C 95 -23.27 52.55 -13.56
C TYR C 95 -24.03 52.83 -14.85
N ALA C 96 -23.35 53.37 -15.86
CA ALA C 96 -24.00 53.59 -17.14
C ALA C 96 -24.50 52.28 -17.73
N GLN C 97 -23.60 51.30 -17.88
CA GLN C 97 -24.01 50.00 -18.41
C GLN C 97 -25.17 49.41 -17.61
N THR C 98 -25.08 49.49 -16.28
CA THR C 98 -26.08 48.85 -15.43
C THR C 98 -27.44 49.53 -15.55
N LEU C 99 -27.47 50.86 -15.53
CA LEU C 99 -28.74 51.56 -15.65
C LEU C 99 -29.33 51.45 -17.06
N GLY C 100 -28.48 51.27 -18.08
CA GLY C 100 -28.99 50.95 -19.40
C GLY C 100 -29.72 49.61 -19.40
N THR C 101 -29.09 48.59 -18.80
CA THR C 101 -29.74 47.29 -18.71
C THR C 101 -31.03 47.36 -17.89
N ILE C 102 -30.97 48.01 -16.72
CA ILE C 102 -32.17 48.16 -15.88
C ILE C 102 -33.28 48.83 -16.68
N PHE C 103 -32.96 49.97 -17.29
CA PHE C 103 -33.98 50.76 -17.97
C PHE C 103 -34.63 49.97 -19.11
N THR C 104 -33.84 49.23 -19.87
CA THR C 104 -34.44 48.53 -21.01
C THR C 104 -35.03 47.18 -20.65
N GLU C 105 -34.65 46.59 -19.52
CA GLU C 105 -35.03 45.21 -19.23
C GLU C 105 -35.72 44.96 -17.89
N GLN C 106 -35.56 45.83 -16.90
CA GLN C 106 -36.19 45.57 -15.62
C GLN C 106 -37.70 45.77 -15.70
N ALA C 107 -38.41 45.10 -14.80
CA ALA C 107 -39.88 45.16 -14.82
C ALA C 107 -40.37 46.60 -14.77
N LYS C 108 -39.71 47.45 -13.98
CA LYS C 108 -40.04 48.86 -13.89
C LYS C 108 -38.70 49.61 -13.86
N PRO C 109 -38.54 50.64 -14.67
CA PRO C 109 -37.26 51.37 -14.69
C PRO C 109 -36.96 51.98 -13.34
N TYR C 110 -35.68 52.09 -13.03
CA TYR C 110 -35.25 52.70 -11.79
C TYR C 110 -35.47 54.21 -11.86
N GLU C 111 -36.16 54.75 -10.85
CA GLU C 111 -36.40 56.20 -10.76
C GLU C 111 -35.29 56.83 -9.93
N VAL C 112 -34.11 56.93 -10.54
CA VAL C 112 -32.91 57.38 -9.84
C VAL C 112 -32.03 58.23 -10.75
N GLU C 113 -31.19 59.03 -10.11
CA GLU C 113 -30.17 59.83 -10.77
C GLU C 113 -28.94 59.78 -9.90
N LEU C 114 -27.81 59.39 -10.49
CA LEU C 114 -26.58 59.13 -9.75
C LEU C 114 -25.50 60.16 -10.10
N CYS C 115 -24.68 60.47 -9.10
CA CYS C 115 -23.44 61.21 -9.28
C CYS C 115 -22.32 60.42 -8.64
N VAL C 116 -21.28 60.13 -9.43
CA VAL C 116 -20.04 59.53 -8.93
C VAL C 116 -18.97 60.59 -9.01
N ALA C 117 -18.25 60.81 -7.91
CA ALA C 117 -17.23 61.84 -7.85
C ALA C 117 -15.92 61.27 -7.32
N GLU C 118 -14.80 61.76 -7.84
CA GLU C 118 -13.48 61.31 -7.40
C GLU C 118 -12.58 62.52 -7.15
N VAL C 119 -11.90 62.52 -6.01
CA VAL C 119 -10.90 63.53 -5.72
C VAL C 119 -9.52 62.89 -5.83
N ALA C 120 -8.48 63.71 -5.73
CA ALA C 120 -7.12 63.25 -5.95
C ALA C 120 -6.63 62.42 -4.76
N HIS C 121 -5.69 61.52 -5.04
CA HIS C 121 -5.04 60.78 -3.97
C HIS C 121 -4.16 61.72 -3.15
N TYR C 122 -3.91 61.33 -1.90
CA TYR C 122 -3.21 62.21 -0.97
C TYR C 122 -1.89 62.70 -1.55
N GLY C 123 -1.70 64.01 -1.52
CA GLY C 123 -0.46 64.62 -1.95
C GLY C 123 -0.35 64.88 -3.43
N GLU C 124 -1.33 64.48 -4.23
CA GLU C 124 -1.28 64.66 -5.68
C GLU C 124 -2.11 65.86 -6.10
N THR C 125 -1.79 66.37 -7.30
CA THR C 125 -2.46 67.52 -7.89
C THR C 125 -3.32 67.01 -9.05
N LYS C 126 -4.63 66.92 -8.82
CA LYS C 126 -5.55 66.39 -9.83
C LYS C 126 -6.91 67.03 -9.60
N ARG C 127 -7.42 67.73 -10.61
CA ARG C 127 -8.72 68.37 -10.48
C ARG C 127 -9.80 67.33 -10.22
N PRO C 128 -10.73 67.58 -9.29
CA PRO C 128 -11.80 66.61 -9.04
C PRO C 128 -12.57 66.24 -10.30
N GLU C 129 -13.22 65.08 -10.26
CA GLU C 129 -14.01 64.59 -11.38
C GLU C 129 -15.44 64.34 -10.91
N LEU C 130 -16.41 64.79 -11.69
CA LEU C 130 -17.82 64.64 -11.38
C LEU C 130 -18.53 64.03 -12.56
N TYR C 131 -19.24 62.93 -12.31
CA TYR C 131 -20.00 62.20 -13.31
C TYR C 131 -21.47 62.14 -12.90
N ARG C 132 -22.34 62.40 -13.87
CA ARG C 132 -23.79 62.24 -13.74
C ARG C 132 -24.24 61.09 -14.62
N ILE C 133 -25.03 60.18 -14.05
CA ILE C 133 -25.59 59.04 -14.76
C ILE C 133 -27.09 59.05 -14.53
N THR C 134 -27.87 59.14 -15.62
CA THR C 134 -29.32 59.27 -15.55
C THR C 134 -30.00 57.91 -15.70
N TYR C 135 -31.33 57.91 -15.61
CA TYR C 135 -32.08 56.67 -15.46
C TYR C 135 -31.96 55.75 -16.66
N ASP C 136 -31.58 56.26 -17.83
CA ASP C 136 -31.54 55.47 -19.05
C ASP C 136 -30.13 55.03 -19.42
N GLY C 137 -29.15 55.28 -18.55
CA GLY C 137 -27.77 54.95 -18.84
C GLY C 137 -26.97 56.07 -19.46
N SER C 138 -27.58 57.21 -19.74
CA SER C 138 -26.84 58.35 -20.26
C SER C 138 -25.85 58.82 -19.21
N ILE C 139 -24.67 59.22 -19.66
CA ILE C 139 -23.56 59.55 -18.77
C ILE C 139 -22.87 60.80 -19.28
N ALA C 140 -22.62 61.74 -18.39
CA ALA C 140 -21.90 62.96 -18.75
C ALA C 140 -20.98 63.34 -17.60
N ASP C 141 -19.80 63.81 -17.92
CA ASP C 141 -18.89 64.37 -16.93
C ASP C 141 -18.99 65.88 -16.96
N GLU C 142 -19.01 66.50 -15.80
CA GLU C 142 -19.06 67.95 -15.73
C GLU C 142 -17.97 68.45 -14.80
N PRO C 143 -17.46 69.65 -15.07
CA PRO C 143 -16.23 70.10 -14.38
C PRO C 143 -16.44 70.77 -13.04
N HIS C 144 -17.66 71.26 -12.76
CA HIS C 144 -17.85 72.13 -11.61
C HIS C 144 -18.90 71.61 -10.64
N PHE C 145 -20.14 71.41 -11.09
CA PHE C 145 -21.19 70.96 -10.18
C PHE C 145 -22.12 69.98 -10.90
N VAL C 146 -22.92 69.30 -10.09
CA VAL C 146 -23.96 68.39 -10.55
C VAL C 146 -25.18 68.60 -9.66
N VAL C 147 -26.36 68.64 -10.29
CA VAL C 147 -27.63 68.74 -9.59
C VAL C 147 -28.50 67.58 -10.01
N MET C 148 -29.32 67.09 -9.09
CA MET C 148 -30.18 65.95 -9.37
C MET C 148 -31.46 66.07 -8.57
N GLY C 149 -32.55 65.56 -9.15
CA GLY C 149 -33.81 65.45 -8.42
C GLY C 149 -34.57 66.75 -8.27
N GLY C 150 -35.90 66.66 -8.38
CA GLY C 150 -36.71 67.85 -8.23
C GLY C 150 -36.69 68.70 -9.49
N THR C 151 -36.65 70.01 -9.27
CA THR C 151 -36.64 71.00 -10.36
C THR C 151 -35.21 71.51 -10.51
N THR C 152 -34.50 71.01 -11.53
CA THR C 152 -33.06 71.24 -11.63
C THR C 152 -32.69 72.55 -12.28
N GLU C 153 -33.61 73.19 -13.02
CA GLU C 153 -33.24 74.44 -13.68
C GLU C 153 -32.96 75.57 -12.69
N PRO C 154 -33.79 75.80 -11.67
CA PRO C 154 -33.48 76.89 -10.73
C PRO C 154 -32.17 76.69 -9.97
N ILE C 155 -31.89 75.47 -9.53
CA ILE C 155 -30.66 75.22 -8.78
C ILE C 155 -29.45 75.33 -9.69
N ALA C 156 -29.51 74.66 -10.85
CA ALA C 156 -28.43 74.77 -11.82
C ALA C 156 -28.19 76.22 -12.22
N ASN C 157 -29.23 77.05 -12.23
CA ASN C 157 -29.07 78.46 -12.54
C ASN C 157 -28.35 79.19 -11.40
N ALA C 158 -28.89 79.06 -10.19
CA ALA C 158 -28.26 79.69 -9.02
C ALA C 158 -26.77 79.39 -8.98
N LEU C 159 -26.39 78.13 -9.19
CA LEU C 159 -24.97 77.81 -9.22
C LEU C 159 -24.30 78.38 -10.46
N LYS C 160 -24.97 78.33 -11.61
CA LYS C 160 -24.41 78.88 -12.84
C LYS C 160 -23.92 80.31 -12.64
N GLU C 161 -24.64 81.09 -11.84
CA GLU C 161 -24.21 82.46 -11.59
C GLU C 161 -23.33 82.59 -10.37
N SER C 162 -23.47 81.70 -9.39
CA SER C 162 -22.83 81.89 -8.09
C SER C 162 -21.61 81.01 -7.86
N TYR C 163 -21.34 80.04 -8.75
CA TYR C 163 -20.22 79.13 -8.53
C TYR C 163 -18.89 79.83 -8.79
N ALA C 164 -17.93 79.59 -7.91
CA ALA C 164 -16.58 80.09 -8.07
C ALA C 164 -15.59 78.97 -7.73
N GLU C 165 -14.63 78.73 -8.62
CA GLU C 165 -13.69 77.64 -8.42
C GLU C 165 -12.83 77.88 -7.18
N ASN C 166 -12.46 76.79 -6.51
CA ASN C 166 -11.59 76.83 -5.35
C ASN C 166 -12.23 77.56 -4.17
N ALA C 167 -13.56 77.55 -4.11
CA ALA C 167 -14.24 78.19 -3.00
C ALA C 167 -13.85 77.56 -1.68
N SER C 168 -14.09 78.30 -0.59
CA SER C 168 -13.87 77.78 0.75
C SER C 168 -14.87 76.65 1.05
N LEU C 169 -14.60 75.92 2.13
CA LEU C 169 -15.55 74.91 2.58
C LEU C 169 -16.87 75.55 2.97
N THR C 170 -16.81 76.62 3.78
CA THR C 170 -18.02 77.30 4.21
C THR C 170 -18.64 78.11 3.08
N ASP C 171 -17.83 78.64 2.17
CA ASP C 171 -18.36 79.29 0.98
C ASP C 171 -19.10 78.29 0.11
N ALA C 172 -18.48 77.14 -0.14
CA ALA C 172 -19.13 76.09 -0.93
C ALA C 172 -20.45 75.68 -0.28
N LEU C 173 -20.43 75.38 1.02
CA LEU C 173 -21.66 74.99 1.69
C LEU C 173 -22.70 76.08 1.60
N ARG C 174 -22.30 77.34 1.80
CA ARG C 174 -23.26 78.44 1.78
C ARG C 174 -23.91 78.59 0.41
N ILE C 175 -23.11 78.50 -0.65
CA ILE C 175 -23.68 78.58 -1.99
C ILE C 175 -24.49 77.34 -2.34
N ALA C 176 -24.21 76.22 -1.66
CA ALA C 176 -24.98 75.00 -1.90
C ALA C 176 -26.35 75.08 -1.27
N VAL C 177 -26.42 75.48 0.00
CA VAL C 177 -27.71 75.73 0.64
C VAL C 177 -28.45 76.84 -0.11
N ALA C 178 -27.72 77.86 -0.55
CA ALA C 178 -28.33 78.95 -1.30
C ALA C 178 -28.99 78.43 -2.57
N ALA C 179 -28.24 77.72 -3.41
CA ALA C 179 -28.80 77.20 -4.65
C ALA C 179 -29.95 76.23 -4.38
N LEU C 180 -29.82 75.42 -3.32
CA LEU C 180 -30.87 74.45 -3.02
C LEU C 180 -32.16 75.14 -2.56
N ARG C 181 -32.06 76.26 -1.85
CA ARG C 181 -33.26 76.98 -1.43
C ARG C 181 -34.08 77.43 -2.63
N ALA C 182 -33.41 77.76 -3.75
CA ALA C 182 -34.14 78.19 -4.94
C ALA C 182 -35.11 77.12 -5.43
N GLY C 183 -34.85 75.85 -5.08
CA GLY C 183 -35.73 74.77 -5.47
C GLY C 183 -37.10 74.86 -4.82
N LEU C 195 -33.87 76.11 5.67
CA LEU C 195 -33.19 74.82 5.70
C LEU C 195 -32.09 74.79 6.77
N GLY C 196 -32.24 73.89 7.74
CA GLY C 196 -31.31 73.76 8.82
C GLY C 196 -30.57 72.44 8.82
N VAL C 197 -29.95 72.13 9.96
CA VAL C 197 -29.23 70.86 10.08
C VAL C 197 -30.20 69.68 10.01
N ALA C 198 -31.37 69.81 10.63
CA ALA C 198 -32.34 68.72 10.66
C ALA C 198 -32.94 68.42 9.30
N SER C 199 -32.63 69.21 8.27
CA SER C 199 -33.21 69.02 6.94
C SER C 199 -32.19 68.66 5.88
N LEU C 200 -30.90 68.54 6.24
CA LEU C 200 -29.84 68.36 5.25
C LEU C 200 -28.99 67.15 5.58
N GLU C 201 -28.40 66.58 4.53
CA GLU C 201 -27.34 65.58 4.62
C GLU C 201 -26.13 66.13 3.90
N VAL C 202 -25.01 66.25 4.62
CA VAL C 202 -23.82 66.92 4.10
C VAL C 202 -22.62 66.00 4.28
N ALA C 203 -21.78 65.92 3.26
CA ALA C 203 -20.54 65.15 3.36
C ALA C 203 -19.56 65.66 2.32
N VAL C 204 -18.30 65.28 2.48
CA VAL C 204 -17.25 65.73 1.58
C VAL C 204 -16.34 64.56 1.22
N LEU C 205 -15.77 64.64 0.02
CA LEU C 205 -14.56 63.90 -0.32
C LEU C 205 -13.40 64.86 -0.06
N ASP C 206 -12.70 64.64 1.05
CA ASP C 206 -11.63 65.52 1.52
C ASP C 206 -10.30 65.05 0.95
N ALA C 207 -9.78 65.80 -0.02
CA ALA C 207 -8.54 65.43 -0.69
C ALA C 207 -7.33 65.43 0.24
N ASN C 208 -7.47 65.92 1.48
CA ASN C 208 -6.34 65.98 2.39
C ASN C 208 -6.34 64.87 3.43
N ARG C 209 -7.39 64.05 3.48
CA ARG C 209 -7.34 62.86 4.32
C ARG C 209 -6.35 61.86 3.73
N PRO C 210 -5.57 61.18 4.59
CA PRO C 210 -4.53 60.29 4.05
C PRO C 210 -5.07 59.13 3.22
N ARG C 211 -6.10 58.44 3.73
CA ARG C 211 -6.60 57.24 3.07
C ARG C 211 -8.04 57.42 2.61
N ARG C 212 -9.01 57.41 3.51
CA ARG C 212 -10.42 57.44 3.15
C ARG C 212 -10.92 58.88 3.11
N ALA C 213 -11.16 59.38 1.91
CA ALA C 213 -11.48 60.79 1.72
C ALA C 213 -12.91 61.15 2.16
N PHE C 214 -13.79 60.16 2.30
CA PHE C 214 -15.19 60.44 2.59
C PHE C 214 -15.38 60.79 4.06
N ARG C 215 -16.07 61.90 4.32
CA ARG C 215 -16.24 62.40 5.68
C ARG C 215 -17.60 63.09 5.78
N ARG C 216 -18.44 62.62 6.70
CA ARG C 216 -19.74 63.25 6.91
C ARG C 216 -19.60 64.50 7.76
N ILE C 217 -20.51 65.45 7.54
CA ILE C 217 -20.59 66.67 8.35
C ILE C 217 -21.95 66.69 9.00
N THR C 218 -22.00 66.48 10.32
CA THR C 218 -23.26 66.31 11.03
C THR C 218 -23.25 67.05 12.35
N GLY C 219 -24.44 67.44 12.80
CA GLY C 219 -24.62 67.91 14.17
C GLY C 219 -23.96 69.24 14.44
N SER C 220 -23.36 69.35 15.63
CA SER C 220 -22.73 70.59 16.05
C SER C 220 -21.74 71.11 15.02
N ALA C 221 -20.86 70.24 14.54
CA ALA C 221 -19.87 70.65 13.55
C ALA C 221 -20.52 71.30 12.34
N LEU C 222 -21.55 70.64 11.78
CA LEU C 222 -22.26 71.22 10.65
C LEU C 222 -22.88 72.56 11.02
N GLN C 223 -23.46 72.65 12.21
CA GLN C 223 -24.01 73.92 12.69
C GLN C 223 -22.97 75.03 12.57
N ALA C 224 -21.79 74.81 13.14
CA ALA C 224 -20.71 75.78 13.00
C ALA C 224 -20.43 76.08 11.53
N LEU C 225 -20.29 75.03 10.71
CA LEU C 225 -19.95 75.24 9.31
C LEU C 225 -20.95 76.14 8.60
N LEU C 226 -22.21 76.12 9.01
CA LEU C 226 -23.22 76.91 8.33
C LEU C 226 -23.01 78.40 8.55
N VAL C 227 -22.85 78.83 9.80
CA VAL C 227 -22.83 80.23 10.16
C VAL C 227 -21.49 80.65 10.77
N ASP C 228 -20.86 79.78 11.55
CA ASP C 228 -19.57 80.08 12.18
C ASP C 228 -18.48 80.33 11.14
N MET D 1 -45.38 42.01 -36.48
CA MET D 1 -44.14 41.48 -37.05
C MET D 1 -43.40 42.53 -37.88
N GLU D 2 -43.96 42.85 -39.05
CA GLU D 2 -43.33 43.87 -39.89
C GLU D 2 -43.39 45.24 -39.23
N GLN D 3 -44.47 45.52 -38.50
CA GLN D 3 -44.57 46.80 -37.80
C GLN D 3 -43.61 46.87 -36.61
N ALA D 4 -43.37 45.74 -35.95
CA ALA D 4 -42.38 45.73 -34.87
C ALA D 4 -40.98 46.01 -35.41
N MET D 5 -40.62 45.39 -36.54
CA MET D 5 -39.32 45.66 -37.14
C MET D 5 -39.22 47.09 -37.65
N ARG D 6 -40.33 47.66 -38.12
CA ARG D 6 -40.31 49.07 -38.51
C ARG D 6 -40.12 49.97 -37.29
N GLU D 7 -40.76 49.62 -36.17
CA GLU D 7 -40.62 50.42 -34.95
C GLU D 7 -39.20 50.35 -34.41
N ARG D 8 -38.61 49.15 -34.35
CA ARG D 8 -37.22 49.04 -33.92
C ARG D 8 -36.29 49.79 -34.84
N SER D 9 -36.47 49.60 -36.16
CA SER D 9 -35.63 50.33 -37.11
C SER D 9 -35.72 51.83 -36.90
N GLU D 10 -36.92 52.34 -36.64
CA GLU D 10 -37.08 53.79 -36.47
C GLU D 10 -36.48 54.27 -35.15
N LEU D 11 -36.68 53.52 -34.07
CA LEU D 11 -36.07 53.91 -32.80
C LEU D 11 -34.55 53.97 -32.93
N ALA D 12 -33.96 53.01 -33.63
CA ALA D 12 -32.51 53.04 -33.83
C ALA D 12 -32.09 54.19 -34.72
N ARG D 13 -32.78 54.37 -35.86
CA ARG D 13 -32.41 55.44 -36.78
C ARG D 13 -32.48 56.81 -36.10
N LYS D 14 -33.57 57.07 -35.37
CA LYS D 14 -33.68 58.32 -34.64
C LYS D 14 -32.60 58.44 -33.58
N GLY D 15 -32.35 57.36 -32.84
CA GLY D 15 -31.28 57.39 -31.86
C GLY D 15 -29.95 57.83 -32.46
N ILE D 16 -29.59 57.26 -33.61
CA ILE D 16 -28.32 57.56 -34.23
C ILE D 16 -28.31 58.99 -34.80
N ALA D 17 -29.44 59.40 -35.39
CA ALA D 17 -29.52 60.75 -35.96
C ALA D 17 -29.42 61.82 -34.88
N ARG D 18 -29.75 61.50 -33.63
CA ARG D 18 -29.77 62.47 -32.55
C ARG D 18 -28.43 62.60 -31.84
N ALA D 19 -27.37 62.00 -32.38
CA ALA D 19 -26.09 61.95 -31.68
C ALA D 19 -24.99 62.62 -32.50
N LYS D 20 -23.91 62.98 -31.82
CA LYS D 20 -22.77 63.62 -32.46
C LYS D 20 -22.19 62.71 -33.56
N SER D 21 -21.47 63.34 -34.48
CA SER D 21 -20.96 62.66 -35.67
C SER D 21 -19.52 62.21 -35.48
N VAL D 22 -19.15 61.18 -36.26
CA VAL D 22 -17.80 60.63 -36.25
C VAL D 22 -17.39 60.40 -37.70
N VAL D 23 -16.12 60.64 -37.99
CA VAL D 23 -15.56 60.46 -39.32
C VAL D 23 -14.31 59.61 -39.19
N ALA D 24 -14.08 58.74 -40.18
CA ALA D 24 -12.85 57.97 -40.25
C ALA D 24 -12.43 57.94 -41.71
N LEU D 25 -11.16 58.23 -41.98
CA LEU D 25 -10.74 58.24 -43.37
C LEU D 25 -9.28 57.81 -43.49
N ALA D 26 -8.97 57.16 -44.62
CA ALA D 26 -7.63 56.65 -44.86
C ALA D 26 -6.74 57.76 -45.39
N TYR D 27 -5.53 57.86 -44.84
CA TYR D 27 -4.57 58.86 -45.28
C TYR D 27 -3.20 58.19 -45.39
N ALA D 28 -2.22 58.98 -45.85
CA ALA D 28 -0.90 58.42 -46.18
C ALA D 28 -0.33 57.59 -45.04
N GLY D 29 -0.53 58.03 -43.80
CA GLY D 29 0.05 57.36 -42.65
C GLY D 29 -0.78 56.27 -42.03
N GLY D 30 -1.97 55.98 -42.58
CA GLY D 30 -2.82 54.96 -42.01
C GLY D 30 -4.29 55.34 -42.02
N VAL D 31 -4.92 55.35 -40.84
CA VAL D 31 -6.32 55.73 -40.73
C VAL D 31 -6.47 56.82 -39.67
N LEU D 32 -7.36 57.77 -39.92
CA LEU D 32 -7.61 58.89 -39.02
C LEU D 32 -9.05 58.83 -38.52
N PHE D 33 -9.20 58.90 -37.19
CA PHE D 33 -10.48 58.94 -36.49
C PHE D 33 -10.66 60.32 -35.90
N VAL D 34 -11.78 60.97 -36.25
CA VAL D 34 -12.11 62.31 -35.77
C VAL D 34 -13.58 62.33 -35.38
N ALA D 35 -13.86 62.50 -34.09
CA ALA D 35 -15.23 62.46 -33.60
C ALA D 35 -15.53 63.67 -32.71
N GLU D 36 -16.71 64.25 -32.91
CA GLU D 36 -17.21 65.27 -32.00
C GLU D 36 -17.38 64.69 -30.60
N ASN D 37 -16.68 65.27 -29.63
CA ASN D 37 -16.76 64.74 -28.26
C ASN D 37 -16.45 65.84 -27.25
N PRO D 38 -17.46 66.36 -26.56
CA PRO D 38 -17.21 67.41 -25.56
C PRO D 38 -16.70 66.91 -24.22
N SER D 39 -16.56 65.60 -24.05
CA SER D 39 -16.08 65.03 -22.79
C SER D 39 -14.57 65.02 -22.73
N ARG D 40 -14.04 64.80 -21.53
CA ARG D 40 -12.61 64.71 -21.28
C ARG D 40 -12.11 63.30 -21.05
N SER D 41 -12.99 62.37 -20.67
CA SER D 41 -12.59 61.02 -20.30
C SER D 41 -13.42 59.91 -20.93
N LEU D 42 -14.63 60.20 -21.40
CA LEU D 42 -15.47 59.19 -22.04
C LEU D 42 -15.20 59.19 -23.54
N GLN D 43 -14.84 58.02 -24.07
CA GLN D 43 -14.23 57.91 -25.39
C GLN D 43 -15.17 57.21 -26.37
N LYS D 44 -15.20 57.74 -27.60
CA LYS D 44 -15.94 57.14 -28.71
C LYS D 44 -15.03 56.39 -29.67
N ILE D 45 -13.72 56.61 -29.60
CA ILE D 45 -12.74 55.95 -30.45
C ILE D 45 -11.88 55.05 -29.58
N SER D 46 -11.45 53.92 -30.14
CA SER D 46 -10.75 52.95 -29.32
C SER D 46 -9.85 52.07 -30.16
N GLU D 47 -8.92 51.42 -29.48
CA GLU D 47 -8.11 50.36 -30.05
C GLU D 47 -8.79 49.02 -29.83
N LEU D 48 -8.78 48.18 -30.86
CA LEU D 48 -9.25 46.80 -30.74
C LEU D 48 -8.11 45.79 -30.76
N TYR D 49 -7.14 45.95 -31.66
CA TYR D 49 -6.01 45.04 -31.69
C TYR D 49 -4.83 45.77 -32.35
N ASP D 50 -3.71 45.06 -32.43
CA ASP D 50 -2.43 45.62 -32.88
C ASP D 50 -2.62 46.68 -33.97
N ARG D 51 -3.23 46.29 -35.09
CA ARG D 51 -3.41 47.18 -36.22
C ARG D 51 -4.86 47.55 -36.46
N VAL D 52 -5.78 47.18 -35.57
CA VAL D 52 -7.21 47.32 -35.81
C VAL D 52 -7.80 48.28 -34.80
N GLY D 53 -8.59 49.24 -35.30
CA GLY D 53 -9.18 50.27 -34.47
C GLY D 53 -10.69 50.36 -34.65
N PHE D 54 -11.30 51.18 -33.80
CA PHE D 54 -12.74 51.16 -33.56
C PHE D 54 -13.24 52.57 -33.32
N ALA D 55 -14.35 52.93 -33.98
CA ALA D 55 -15.02 54.20 -33.73
C ALA D 55 -16.51 53.97 -33.75
N ALA D 56 -17.25 54.72 -32.92
CA ALA D 56 -18.68 54.48 -32.81
C ALA D 56 -19.43 55.78 -32.59
N ALA D 57 -20.69 55.80 -33.01
CA ALA D 57 -21.60 56.90 -32.74
C ALA D 57 -22.90 56.33 -32.18
N GLY D 58 -23.57 57.12 -31.33
CA GLY D 58 -24.84 56.73 -30.77
C GLY D 58 -24.81 56.74 -29.25
N LYS D 59 -25.60 55.86 -28.65
CA LYS D 59 -25.72 55.80 -27.20
C LYS D 59 -24.47 55.19 -26.61
N PHE D 60 -23.79 55.95 -25.73
CA PHE D 60 -22.47 55.56 -25.25
C PHE D 60 -22.45 54.14 -24.70
N ASN D 61 -23.26 53.87 -23.67
CA ASN D 61 -23.16 52.60 -22.97
C ASN D 61 -23.29 51.41 -23.91
N GLU D 62 -24.04 51.57 -25.00
CA GLU D 62 -24.28 50.46 -25.90
C GLU D 62 -23.08 50.19 -26.82
N PHE D 63 -22.50 51.22 -27.42
CA PHE D 63 -21.31 50.98 -28.22
C PHE D 63 -20.06 50.79 -27.35
N ASP D 64 -20.14 51.10 -26.05
CA ASP D 64 -19.07 50.73 -25.13
C ASP D 64 -19.16 49.25 -24.78
N ASN D 65 -20.37 48.74 -24.56
CA ASN D 65 -20.54 47.29 -24.48
C ASN D 65 -19.99 46.62 -25.73
N LEU D 66 -20.43 47.05 -26.91
CA LEU D 66 -19.95 46.43 -28.14
C LEU D 66 -18.43 46.55 -28.26
N ARG D 67 -17.86 47.68 -27.86
CA ARG D 67 -16.42 47.85 -27.90
C ARG D 67 -15.72 46.81 -27.03
N ARG D 68 -16.18 46.67 -25.78
CA ARG D 68 -15.59 45.68 -24.88
C ARG D 68 -15.72 44.27 -25.44
N GLY D 69 -16.88 43.96 -26.05
CA GLY D 69 -17.05 42.66 -26.65
C GLY D 69 -16.08 42.41 -27.79
N GLY D 70 -15.84 43.45 -28.60
CA GLY D 70 -14.87 43.31 -29.68
C GLY D 70 -13.47 43.07 -29.19
N ILE D 71 -13.06 43.80 -28.15
CA ILE D 71 -11.72 43.57 -27.59
C ILE D 71 -11.62 42.16 -27.01
N GLN D 72 -12.68 41.71 -26.33
CA GLN D 72 -12.72 40.33 -25.85
C GLN D 72 -12.51 39.34 -26.99
N PHE D 73 -13.28 39.50 -28.07
CA PHE D 73 -13.12 38.66 -29.24
C PHE D 73 -11.68 38.66 -29.74
N ALA D 74 -11.14 39.86 -30.03
CA ALA D 74 -9.79 39.96 -30.58
C ALA D 74 -8.77 39.26 -29.70
N ASP D 75 -8.73 39.60 -28.41
CA ASP D 75 -7.74 38.99 -27.53
C ASP D 75 -7.91 37.47 -27.47
N THR D 76 -9.15 37.00 -27.42
CA THR D 76 -9.39 35.55 -27.38
C THR D 76 -8.85 34.87 -28.64
N ARG D 77 -9.17 35.41 -29.82
CA ARG D 77 -8.72 34.78 -31.06
C ARG D 77 -7.20 34.84 -31.18
N GLY D 78 -6.61 35.99 -30.89
CA GLY D 78 -5.16 36.08 -30.88
C GLY D 78 -4.50 35.08 -29.96
N TYR D 79 -5.14 34.79 -28.82
CA TYR D 79 -4.57 33.80 -27.90
C TYR D 79 -4.74 32.39 -28.44
N ALA D 80 -5.94 32.03 -28.90
CA ALA D 80 -6.21 30.68 -29.36
C ALA D 80 -5.43 30.35 -30.63
N TYR D 81 -5.07 31.36 -31.41
CA TYR D 81 -4.31 31.12 -32.62
C TYR D 81 -3.00 31.90 -32.56
N ASP D 82 -2.86 32.95 -33.37
CA ASP D 82 -1.70 33.82 -33.28
C ASP D 82 -2.15 35.25 -33.51
N ARG D 83 -1.40 36.20 -32.95
CA ARG D 83 -1.81 37.60 -33.04
C ARG D 83 -2.16 37.98 -34.48
N ARG D 84 -1.30 37.60 -35.43
CA ARG D 84 -1.49 38.09 -36.80
C ARG D 84 -2.70 37.47 -37.50
N ASP D 85 -3.35 36.46 -36.90
CA ASP D 85 -4.60 35.95 -37.44
C ASP D 85 -5.79 36.85 -37.16
N VAL D 86 -5.63 37.84 -36.27
CA VAL D 86 -6.70 38.77 -35.93
C VAL D 86 -6.75 39.86 -37.00
N THR D 87 -7.87 39.94 -37.71
CA THR D 87 -8.02 40.85 -38.84
C THR D 87 -9.26 41.72 -38.70
N GLY D 88 -9.18 42.92 -39.28
CA GLY D 88 -10.32 43.81 -39.25
C GLY D 88 -11.57 43.20 -39.87
N ARG D 89 -11.39 42.44 -40.95
CA ARG D 89 -12.53 41.75 -41.55
C ARG D 89 -13.22 40.86 -40.52
N GLN D 90 -12.44 40.04 -39.81
CA GLN D 90 -12.99 39.21 -38.76
C GLN D 90 -13.89 40.02 -37.82
N LEU D 91 -13.36 41.11 -37.28
CA LEU D 91 -14.08 41.85 -36.26
C LEU D 91 -15.33 42.51 -36.83
N ALA D 92 -15.24 43.12 -38.01
CA ALA D 92 -16.44 43.65 -38.65
C ALA D 92 -17.48 42.56 -38.85
N ASN D 93 -17.05 41.36 -39.26
CA ASN D 93 -17.96 40.24 -39.43
C ASN D 93 -18.69 39.92 -38.12
N VAL D 94 -17.94 39.79 -37.03
CA VAL D 94 -18.56 39.40 -35.77
C VAL D 94 -19.45 40.51 -35.24
N TYR D 95 -19.12 41.78 -35.53
CA TYR D 95 -20.03 42.87 -35.19
C TYR D 95 -21.31 42.80 -36.02
N ALA D 96 -21.21 42.40 -37.28
CA ALA D 96 -22.41 42.18 -38.07
C ALA D 96 -23.31 41.13 -37.43
N GLN D 97 -22.74 39.99 -37.08
CA GLN D 97 -23.53 38.94 -36.42
C GLN D 97 -24.15 39.46 -35.13
N THR D 98 -23.33 40.08 -34.28
CA THR D 98 -23.80 40.53 -32.98
C THR D 98 -24.93 41.54 -33.11
N LEU D 99 -24.74 42.58 -33.94
CA LEU D 99 -25.77 43.60 -34.08
C LEU D 99 -27.02 43.06 -34.75
N GLY D 100 -26.88 42.08 -35.64
CA GLY D 100 -28.06 41.38 -36.12
C GLY D 100 -28.86 40.77 -34.98
N THR D 101 -28.18 39.97 -34.14
CA THR D 101 -28.89 39.31 -33.06
C THR D 101 -29.50 40.31 -32.08
N ILE D 102 -28.78 41.41 -31.78
CA ILE D 102 -29.33 42.43 -30.90
C ILE D 102 -30.59 43.03 -31.52
N PHE D 103 -30.48 43.50 -32.76
CA PHE D 103 -31.60 44.18 -33.41
C PHE D 103 -32.85 43.31 -33.43
N THR D 104 -32.70 42.01 -33.71
CA THR D 104 -33.88 41.18 -33.84
C THR D 104 -34.36 40.58 -32.52
N GLU D 105 -33.51 40.52 -31.49
CA GLU D 105 -33.86 39.79 -30.27
C GLU D 105 -33.74 40.61 -28.99
N GLN D 106 -32.97 41.69 -28.97
CA GLN D 106 -32.82 42.47 -27.76
C GLN D 106 -34.11 43.19 -27.42
N ALA D 107 -34.31 43.45 -26.11
CA ALA D 107 -35.50 44.16 -25.66
C ALA D 107 -35.63 45.52 -26.35
N LYS D 108 -34.50 46.20 -26.57
CA LYS D 108 -34.47 47.43 -27.34
C LYS D 108 -33.24 47.31 -28.24
N PRO D 109 -33.38 47.58 -29.54
CA PRO D 109 -32.20 47.59 -30.40
C PRO D 109 -31.17 48.60 -29.91
N TYR D 110 -29.92 48.37 -30.32
CA TYR D 110 -28.84 49.28 -29.96
C TYR D 110 -28.84 50.49 -30.89
N GLU D 111 -28.91 51.68 -30.31
CA GLU D 111 -28.83 52.93 -31.07
C GLU D 111 -27.36 53.28 -31.31
N VAL D 112 -26.72 52.50 -32.19
CA VAL D 112 -25.30 52.66 -32.43
C VAL D 112 -24.96 52.41 -33.89
N GLU D 113 -23.85 53.02 -34.32
CA GLU D 113 -23.24 52.81 -35.62
C GLU D 113 -21.75 52.64 -35.40
N LEU D 114 -21.16 51.64 -36.06
CA LEU D 114 -19.81 51.18 -35.76
C LEU D 114 -18.91 51.25 -36.99
N CYS D 115 -17.62 51.49 -36.73
CA CYS D 115 -16.59 51.49 -37.75
C CYS D 115 -15.39 50.72 -37.24
N VAL D 116 -14.92 49.77 -38.06
CA VAL D 116 -13.73 48.98 -37.78
C VAL D 116 -12.72 49.23 -38.87
N ALA D 117 -11.51 49.63 -38.49
CA ALA D 117 -10.46 49.97 -39.46
C ALA D 117 -9.22 49.13 -39.22
N GLU D 118 -8.46 48.90 -40.28
CA GLU D 118 -7.20 48.16 -40.17
C GLU D 118 -6.16 48.75 -41.11
N VAL D 119 -4.95 48.97 -40.59
CA VAL D 119 -3.82 49.40 -41.40
C VAL D 119 -2.84 48.23 -41.52
N ALA D 120 -1.87 48.39 -42.42
CA ALA D 120 -0.92 47.33 -42.67
C ALA D 120 -0.02 47.11 -41.46
N HIS D 121 0.66 45.95 -41.46
CA HIS D 121 1.67 45.66 -40.47
C HIS D 121 2.98 46.38 -40.82
N TYR D 122 3.81 46.59 -39.81
CA TYR D 122 5.03 47.37 -40.02
C TYR D 122 5.85 46.81 -41.17
N GLY D 123 6.09 47.65 -42.17
CA GLY D 123 6.90 47.27 -43.31
C GLY D 123 6.13 46.66 -44.46
N GLU D 124 4.84 46.40 -44.30
CA GLU D 124 4.02 45.83 -45.36
C GLU D 124 3.34 46.94 -46.15
N THR D 125 3.04 46.64 -47.41
CA THR D 125 2.29 47.55 -48.28
C THR D 125 0.88 47.00 -48.43
N LYS D 126 -0.07 47.64 -47.77
CA LYS D 126 -1.46 47.17 -47.75
C LYS D 126 -2.35 48.39 -47.58
N ARG D 127 -3.30 48.56 -48.50
CA ARG D 127 -4.22 49.68 -48.41
C ARG D 127 -5.08 49.54 -47.16
N PRO D 128 -5.31 50.62 -46.43
CA PRO D 128 -6.17 50.55 -45.24
C PRO D 128 -7.54 49.96 -45.60
N GLU D 129 -8.18 49.35 -44.61
CA GLU D 129 -9.53 48.83 -44.77
C GLU D 129 -10.46 49.50 -43.77
N LEU D 130 -11.63 49.92 -44.27
CA LEU D 130 -12.62 50.62 -43.48
C LEU D 130 -13.95 49.91 -43.64
N TYR D 131 -14.47 49.36 -42.54
CA TYR D 131 -15.76 48.71 -42.52
C TYR D 131 -16.73 49.51 -41.65
N ARG D 132 -18.00 49.53 -42.06
CA ARG D 132 -19.06 50.16 -41.30
C ARG D 132 -20.15 49.14 -41.01
N ILE D 133 -20.66 49.14 -39.77
CA ILE D 133 -21.71 48.23 -39.37
C ILE D 133 -22.84 49.05 -38.74
N THR D 134 -24.06 48.87 -39.24
CA THR D 134 -25.21 49.64 -38.79
C THR D 134 -25.98 48.90 -37.71
N TYR D 135 -27.03 49.55 -37.21
CA TYR D 135 -27.75 49.05 -36.05
C TYR D 135 -28.45 47.72 -36.31
N ASP D 136 -28.72 47.38 -37.57
CA ASP D 136 -29.37 46.11 -37.88
C ASP D 136 -28.37 45.06 -38.36
N GLY D 137 -27.08 45.27 -38.12
CA GLY D 137 -26.07 44.32 -38.55
C GLY D 137 -25.70 44.39 -40.01
N SER D 138 -26.21 45.37 -40.75
CA SER D 138 -25.76 45.56 -42.13
C SER D 138 -24.32 46.06 -42.13
N ILE D 139 -23.55 45.57 -43.08
CA ILE D 139 -22.11 45.79 -43.12
C ILE D 139 -21.72 46.30 -44.50
N ALA D 140 -20.84 47.29 -44.54
CA ALA D 140 -20.41 47.94 -45.78
C ALA D 140 -18.89 48.10 -45.80
N ASP D 141 -18.34 47.86 -46.98
CA ASP D 141 -16.91 47.99 -47.26
C ASP D 141 -16.67 49.34 -47.93
N GLU D 142 -15.80 50.16 -47.33
CA GLU D 142 -15.57 51.51 -47.86
C GLU D 142 -14.08 51.73 -48.09
N PRO D 143 -13.70 52.28 -49.25
CA PRO D 143 -12.29 52.42 -49.60
C PRO D 143 -11.63 53.72 -49.19
N HIS D 144 -12.42 54.74 -48.83
CA HIS D 144 -11.85 56.06 -48.60
C HIS D 144 -12.23 56.63 -47.24
N PHE D 145 -13.52 56.57 -46.88
CA PHE D 145 -13.94 57.17 -45.63
C PHE D 145 -15.27 56.58 -45.19
N VAL D 146 -15.62 56.88 -43.94
CA VAL D 146 -16.84 56.43 -43.28
C VAL D 146 -17.33 57.57 -42.42
N VAL D 147 -18.64 57.84 -42.49
CA VAL D 147 -19.30 58.87 -41.71
C VAL D 147 -20.42 58.21 -40.91
N MET D 148 -20.52 58.55 -39.64
CA MET D 148 -21.50 57.93 -38.77
C MET D 148 -22.11 58.95 -37.82
N GLY D 149 -23.37 58.76 -37.50
CA GLY D 149 -24.04 59.58 -36.50
C GLY D 149 -24.61 60.88 -37.02
N GLY D 150 -25.67 61.35 -36.39
CA GLY D 150 -26.23 62.65 -36.74
C GLY D 150 -26.66 62.70 -38.18
N THR D 151 -26.54 63.88 -38.79
CA THR D 151 -26.85 64.10 -40.19
C THR D 151 -25.61 63.74 -41.01
N THR D 152 -25.60 62.53 -41.57
CA THR D 152 -24.40 62.01 -42.22
C THR D 152 -24.27 62.49 -43.66
N GLU D 153 -25.37 62.80 -44.32
CA GLU D 153 -25.32 63.10 -45.75
C GLU D 153 -24.48 64.34 -46.07
N PRO D 154 -24.72 65.49 -45.45
CA PRO D 154 -23.86 66.65 -45.74
C PRO D 154 -22.38 66.37 -45.54
N ILE D 155 -22.02 65.74 -44.42
CA ILE D 155 -20.62 65.41 -44.17
C ILE D 155 -20.08 64.52 -45.28
N ALA D 156 -20.85 63.51 -45.68
CA ALA D 156 -20.42 62.61 -46.74
C ALA D 156 -20.17 63.36 -48.04
N ASN D 157 -21.00 64.36 -48.33
CA ASN D 157 -20.80 65.13 -49.56
C ASN D 157 -19.54 65.99 -49.46
N ALA D 158 -19.40 66.75 -48.37
CA ALA D 158 -18.18 67.55 -48.18
C ALA D 158 -16.93 66.69 -48.35
N LEU D 159 -16.95 65.47 -47.79
CA LEU D 159 -15.79 64.59 -47.96
C LEU D 159 -15.66 64.12 -49.41
N LYS D 160 -16.79 63.80 -50.06
CA LYS D 160 -16.73 63.44 -51.47
C LYS D 160 -16.04 64.52 -52.29
N GLU D 161 -16.17 65.77 -51.89
CA GLU D 161 -15.48 66.85 -52.60
C GLU D 161 -14.02 66.96 -52.18
N SER D 162 -13.77 67.15 -50.88
CA SER D 162 -12.46 67.58 -50.40
C SER D 162 -11.46 66.45 -50.25
N TYR D 163 -11.87 65.19 -50.33
CA TYR D 163 -10.98 64.08 -50.01
C TYR D 163 -10.12 63.69 -51.19
N ALA D 164 -8.85 63.38 -50.91
CA ALA D 164 -7.92 62.86 -51.91
C ALA D 164 -7.07 61.78 -51.27
N GLU D 165 -6.66 60.81 -52.09
CA GLU D 165 -5.88 59.69 -51.58
C GLU D 165 -4.53 60.13 -51.05
N ASN D 166 -4.04 59.39 -50.06
CA ASN D 166 -2.67 59.56 -49.54
C ASN D 166 -2.39 61.00 -49.15
N ALA D 167 -3.40 61.67 -48.61
CA ALA D 167 -3.20 63.00 -48.06
C ALA D 167 -2.29 62.92 -46.83
N SER D 168 -1.71 64.07 -46.47
CA SER D 168 -0.92 64.15 -45.26
C SER D 168 -1.83 64.05 -44.03
N LEU D 169 -1.21 63.93 -42.87
CA LEU D 169 -1.99 63.91 -41.63
C LEU D 169 -2.73 65.22 -41.44
N THR D 170 -2.05 66.35 -41.66
CA THR D 170 -2.67 67.65 -41.46
C THR D 170 -3.80 67.88 -42.46
N ASP D 171 -3.53 67.67 -43.75
CA ASP D 171 -4.58 67.79 -44.75
C ASP D 171 -5.79 66.95 -44.39
N ALA D 172 -5.55 65.69 -44.00
CA ALA D 172 -6.65 64.78 -43.69
C ALA D 172 -7.44 65.28 -42.49
N LEU D 173 -6.75 65.76 -41.45
CA LEU D 173 -7.45 66.23 -40.26
C LEU D 173 -8.30 67.45 -40.57
N ARG D 174 -7.73 68.42 -41.30
CA ARG D 174 -8.47 69.64 -41.61
C ARG D 174 -9.65 69.34 -42.53
N ILE D 175 -9.44 68.51 -43.55
CA ILE D 175 -10.54 68.06 -44.40
C ILE D 175 -11.64 67.42 -43.56
N ALA D 176 -11.24 66.56 -42.61
CA ALA D 176 -12.21 65.86 -41.79
C ALA D 176 -13.01 66.82 -40.91
N VAL D 177 -12.34 67.79 -40.29
CA VAL D 177 -13.03 68.73 -39.43
C VAL D 177 -13.93 69.64 -40.25
N ALA D 178 -13.51 69.98 -41.47
CA ALA D 178 -14.40 70.69 -42.39
C ALA D 178 -15.68 69.90 -42.60
N ALA D 179 -15.54 68.63 -43.03
CA ALA D 179 -16.71 67.79 -43.24
C ALA D 179 -17.60 67.74 -42.01
N LEU D 180 -16.99 67.61 -40.83
CA LEU D 180 -17.78 67.58 -39.59
C LEU D 180 -18.51 68.91 -39.38
N ARG D 181 -17.86 70.03 -39.73
CA ARG D 181 -18.50 71.32 -39.58
C ARG D 181 -19.72 71.44 -40.49
N ALA D 182 -19.62 70.94 -41.72
CA ALA D 182 -20.75 71.01 -42.64
C ALA D 182 -21.84 70.01 -42.28
N GLY D 183 -22.13 69.86 -40.99
CA GLY D 183 -23.13 68.90 -40.56
C GLY D 183 -23.77 69.21 -39.21
N SER D 184 -23.48 70.37 -38.65
CA SER D 184 -24.05 70.75 -37.36
C SER D 184 -24.32 72.25 -37.29
N LEU D 195 -15.07 72.00 -33.85
CA LEU D 195 -14.60 73.38 -33.65
C LEU D 195 -13.61 73.47 -32.47
N GLY D 196 -12.51 72.72 -32.53
CA GLY D 196 -11.42 72.90 -31.60
C GLY D 196 -11.16 71.68 -30.74
N VAL D 197 -10.11 71.80 -29.93
CA VAL D 197 -9.58 70.66 -29.18
C VAL D 197 -10.54 70.22 -28.08
N ALA D 198 -11.11 71.17 -27.34
CA ALA D 198 -11.94 70.82 -26.19
C ALA D 198 -13.23 70.10 -26.58
N SER D 199 -13.58 70.09 -27.86
CA SER D 199 -14.79 69.42 -28.34
C SER D 199 -14.48 68.33 -29.35
N LEU D 200 -13.25 67.83 -29.38
CA LEU D 200 -12.82 66.85 -30.37
C LEU D 200 -12.11 65.69 -29.71
N GLU D 201 -12.33 64.49 -30.26
CA GLU D 201 -11.54 63.30 -29.97
C GLU D 201 -10.89 62.86 -31.26
N VAL D 202 -9.56 62.75 -31.25
CA VAL D 202 -8.78 62.46 -32.45
C VAL D 202 -7.81 61.32 -32.13
N ALA D 203 -7.73 60.35 -33.03
CA ALA D 203 -6.74 59.29 -32.88
C ALA D 203 -6.42 58.73 -34.25
N VAL D 204 -5.33 57.97 -34.34
CA VAL D 204 -4.92 57.41 -35.61
C VAL D 204 -4.50 55.96 -35.44
N LEU D 205 -4.75 55.18 -36.49
CA LEU D 205 -4.04 53.92 -36.70
C LEU D 205 -2.82 54.25 -37.55
N ASP D 206 -1.66 54.25 -36.90
CA ASP D 206 -0.41 54.74 -37.48
C ASP D 206 0.37 53.53 -38.01
N ALA D 207 0.31 53.32 -39.32
CA ALA D 207 0.97 52.18 -39.94
C ALA D 207 2.49 52.22 -39.79
N ASN D 208 3.06 53.35 -39.35
CA ASN D 208 4.50 53.43 -39.16
C ASN D 208 4.94 52.99 -37.78
N ARG D 209 4.00 52.75 -36.86
CA ARG D 209 4.36 52.20 -35.57
C ARG D 209 4.78 50.74 -35.72
N PRO D 210 5.71 50.27 -34.89
CA PRO D 210 6.19 48.89 -35.05
C PRO D 210 5.17 47.83 -34.64
N ARG D 211 4.44 48.04 -33.55
CA ARG D 211 3.48 47.02 -33.11
C ARG D 211 2.07 47.59 -32.98
N ARG D 212 1.81 48.33 -31.92
CA ARG D 212 0.47 48.88 -31.66
C ARG D 212 0.32 50.18 -32.44
N ALA D 213 -0.51 50.16 -33.48
CA ALA D 213 -0.64 51.31 -34.36
C ALA D 213 -1.52 52.41 -33.75
N PHE D 214 -2.53 52.03 -32.96
CA PHE D 214 -3.42 53.01 -32.37
C PHE D 214 -2.63 53.97 -31.48
N ARG D 215 -2.81 55.26 -31.71
CA ARG D 215 -2.29 56.26 -30.80
C ARG D 215 -3.19 57.49 -30.87
N ARG D 216 -3.39 58.12 -29.71
CA ARG D 216 -4.23 59.30 -29.63
C ARG D 216 -3.41 60.56 -29.90
N ILE D 217 -4.10 61.61 -30.31
CA ILE D 217 -3.52 62.92 -30.53
C ILE D 217 -4.37 63.90 -29.72
N THR D 218 -3.78 64.49 -28.68
CA THR D 218 -4.54 65.26 -27.72
C THR D 218 -3.77 66.51 -27.33
N GLY D 219 -4.50 67.49 -26.81
CA GLY D 219 -3.89 68.64 -26.16
C GLY D 219 -3.01 69.44 -27.10
N SER D 220 -1.78 69.70 -26.64
CA SER D 220 -0.86 70.52 -27.43
C SER D 220 -0.65 69.94 -28.82
N ALA D 221 -0.40 68.64 -28.89
CA ALA D 221 -0.14 68.00 -30.19
C ALA D 221 -1.32 68.19 -31.14
N LEU D 222 -2.54 68.01 -30.64
CA LEU D 222 -3.72 68.18 -31.48
C LEU D 222 -3.88 69.63 -31.93
N GLN D 223 -3.77 70.57 -30.98
CA GLN D 223 -3.93 71.98 -31.29
C GLN D 223 -3.04 72.39 -32.47
N ALA D 224 -1.85 71.81 -32.56
CA ALA D 224 -0.88 72.20 -33.59
C ALA D 224 -1.21 71.55 -34.93
N LEU D 225 -2.49 71.41 -35.26
CA LEU D 225 -2.88 70.78 -36.51
C LEU D 225 -4.10 71.46 -37.14
N MET E 1 -52.10 33.39 -36.30
CA MET E 1 -51.06 32.45 -36.67
C MET E 1 -50.82 32.47 -38.18
N GLU E 2 -51.90 32.30 -38.94
CA GLU E 2 -51.79 32.32 -40.40
C GLU E 2 -51.31 33.68 -40.90
N GLN E 3 -51.88 34.76 -40.36
CA GLN E 3 -51.47 36.10 -40.78
C GLN E 3 -50.03 36.37 -40.38
N ALA E 4 -49.59 35.86 -39.22
CA ALA E 4 -48.20 36.01 -38.82
C ALA E 4 -47.27 35.37 -39.84
N MET E 5 -47.53 34.11 -40.18
CA MET E 5 -46.71 33.42 -41.18
C MET E 5 -46.70 34.19 -42.50
N ARG E 6 -47.86 34.74 -42.90
CA ARG E 6 -47.88 35.54 -44.12
C ARG E 6 -46.98 36.76 -43.99
N GLU E 7 -46.95 37.39 -42.81
CA GLU E 7 -46.07 38.54 -42.60
C GLU E 7 -44.61 38.14 -42.69
N ARG E 8 -44.24 37.00 -42.10
CA ARG E 8 -42.86 36.53 -42.21
C ARG E 8 -42.49 36.26 -43.66
N SER E 9 -43.39 35.63 -44.41
CA SER E 9 -43.14 35.37 -45.82
C SER E 9 -42.92 36.66 -46.60
N GLU E 10 -43.74 37.67 -46.31
CA GLU E 10 -43.59 38.95 -47.01
C GLU E 10 -42.28 39.63 -46.66
N LEU E 11 -41.94 39.66 -45.37
CA LEU E 11 -40.68 40.27 -44.96
C LEU E 11 -39.51 39.59 -45.66
N ALA E 12 -39.48 38.26 -45.65
CA ALA E 12 -38.41 37.53 -46.32
C ALA E 12 -38.36 37.87 -47.81
N ARG E 13 -39.52 37.84 -48.47
CA ARG E 13 -39.54 38.09 -49.91
C ARG E 13 -38.99 39.48 -50.23
N LYS E 14 -39.48 40.51 -49.54
CA LYS E 14 -39.05 41.87 -49.83
C LYS E 14 -37.56 42.05 -49.52
N GLY E 15 -37.09 41.47 -48.41
CA GLY E 15 -35.67 41.53 -48.12
C GLY E 15 -34.82 40.95 -49.22
N ILE E 16 -35.18 39.75 -49.70
CA ILE E 16 -34.40 39.11 -50.75
C ILE E 16 -34.49 39.90 -52.05
N ALA E 17 -35.66 40.46 -52.35
CA ALA E 17 -35.82 41.22 -53.58
C ALA E 17 -35.05 42.54 -53.55
N ARG E 18 -34.76 43.08 -52.35
CA ARG E 18 -33.92 44.27 -52.27
C ARG E 18 -32.44 43.98 -52.48
N ALA E 19 -32.02 42.71 -52.44
CA ALA E 19 -30.61 42.37 -52.50
C ALA E 19 -30.17 42.16 -53.95
N LYS E 20 -28.85 42.24 -54.16
CA LYS E 20 -28.28 42.02 -55.48
C LYS E 20 -28.24 40.53 -55.79
N SER E 21 -28.08 40.23 -57.08
CA SER E 21 -28.40 38.90 -57.61
C SER E 21 -27.17 38.02 -57.76
N VAL E 22 -27.42 36.71 -57.81
CA VAL E 22 -26.41 35.68 -57.91
C VAL E 22 -26.90 34.61 -58.87
N VAL E 23 -26.00 34.09 -59.69
CA VAL E 23 -26.29 33.03 -60.62
C VAL E 23 -25.25 31.93 -60.46
N ALA E 24 -25.71 30.68 -60.62
CA ALA E 24 -24.83 29.51 -60.62
C ALA E 24 -25.27 28.59 -61.73
N LEU E 25 -24.36 28.22 -62.63
CA LEU E 25 -24.74 27.38 -63.75
C LEU E 25 -23.68 26.34 -64.04
N ALA E 26 -24.14 25.17 -64.48
CA ALA E 26 -23.23 24.09 -64.84
C ALA E 26 -22.58 24.37 -66.19
N TYR E 27 -21.30 24.05 -66.28
CA TYR E 27 -20.57 24.20 -67.53
C TYR E 27 -19.64 23.00 -67.71
N ALA E 28 -19.01 22.92 -68.89
CA ALA E 28 -18.27 21.73 -69.26
C ALA E 28 -17.21 21.35 -68.23
N GLY E 29 -16.72 22.32 -67.47
CA GLY E 29 -15.67 22.07 -66.50
C GLY E 29 -16.10 22.03 -65.05
N GLY E 30 -17.41 22.01 -64.78
CA GLY E 30 -17.89 21.98 -63.40
C GLY E 30 -19.08 22.90 -63.17
N VAL E 31 -19.00 23.74 -62.14
CA VAL E 31 -20.07 24.68 -61.81
C VAL E 31 -19.49 26.08 -61.68
N LEU E 32 -20.27 27.07 -62.08
CA LEU E 32 -19.82 28.46 -62.08
C LEU E 32 -20.72 29.30 -61.18
N PHE E 33 -20.11 30.05 -60.27
CA PHE E 33 -20.78 31.01 -59.41
C PHE E 33 -20.38 32.41 -59.81
N VAL E 34 -21.35 33.22 -60.22
CA VAL E 34 -21.13 34.63 -60.51
C VAL E 34 -22.18 35.43 -59.73
N ALA E 35 -21.71 36.38 -58.92
CA ALA E 35 -22.61 37.19 -58.12
C ALA E 35 -22.17 38.64 -58.15
N GLU E 36 -23.14 39.55 -58.27
CA GLU E 36 -22.85 40.98 -58.21
C GLU E 36 -22.43 41.36 -56.80
N ASN E 37 -21.19 41.83 -56.65
CA ASN E 37 -20.68 42.17 -55.33
C ASN E 37 -19.58 43.22 -55.44
N PRO E 38 -19.83 44.43 -54.92
CA PRO E 38 -18.81 45.49 -55.02
C PRO E 38 -17.67 45.36 -54.02
N SER E 39 -17.85 44.59 -52.94
CA SER E 39 -16.87 44.59 -51.87
C SER E 39 -15.61 43.81 -52.25
N ARG E 40 -14.50 44.21 -51.64
CA ARG E 40 -13.23 43.53 -51.84
C ARG E 40 -13.09 42.30 -50.96
N SER E 41 -13.77 42.27 -49.81
CA SER E 41 -13.47 41.26 -48.80
C SER E 41 -14.67 40.59 -48.17
N LEU E 42 -15.90 40.98 -48.52
CA LEU E 42 -17.11 40.33 -48.00
C LEU E 42 -17.69 39.46 -49.11
N GLN E 43 -17.85 38.16 -48.82
CA GLN E 43 -18.05 37.16 -49.86
C GLN E 43 -19.44 36.54 -49.79
N LYS E 44 -20.03 36.32 -50.97
CA LYS E 44 -21.32 35.67 -51.11
C LYS E 44 -21.22 34.24 -51.64
N ILE E 45 -20.09 33.85 -52.22
CA ILE E 45 -19.85 32.49 -52.67
C ILE E 45 -18.80 31.88 -51.76
N SER E 46 -18.89 30.57 -51.55
CA SER E 46 -17.99 29.96 -50.59
C SER E 46 -17.88 28.47 -50.85
N GLU E 47 -16.72 27.93 -50.46
CA GLU E 47 -16.51 26.50 -50.42
C GLU E 47 -17.24 25.91 -49.21
N LEU E 48 -17.88 24.76 -49.43
CA LEU E 48 -18.40 23.96 -48.32
C LEU E 48 -17.55 22.72 -48.06
N TYR E 49 -17.22 21.96 -49.10
CA TYR E 49 -16.43 20.76 -48.91
C TYR E 49 -15.73 20.44 -50.23
N ASP E 50 -14.97 19.34 -50.22
CA ASP E 50 -14.10 18.97 -51.35
C ASP E 50 -14.71 19.32 -52.70
N ARG E 51 -15.94 18.87 -52.95
CA ARG E 51 -16.59 19.08 -54.23
C ARG E 51 -17.91 19.83 -54.10
N VAL E 52 -18.14 20.50 -52.96
CA VAL E 52 -19.43 21.13 -52.68
C VAL E 52 -19.21 22.62 -52.44
N GLY E 53 -19.97 23.44 -53.19
CA GLY E 53 -19.89 24.88 -53.09
C GLY E 53 -21.24 25.49 -52.72
N PHE E 54 -21.19 26.77 -52.36
CA PHE E 54 -22.28 27.48 -51.69
C PHE E 54 -22.39 28.88 -52.25
N ALA E 55 -23.61 29.40 -52.35
CA ALA E 55 -23.80 30.78 -52.74
C ALA E 55 -25.13 31.28 -52.19
N ALA E 56 -25.18 32.56 -51.83
CA ALA E 56 -26.34 33.08 -51.12
C ALA E 56 -26.69 34.48 -51.61
N ALA E 57 -27.96 34.84 -51.44
CA ALA E 57 -28.45 36.18 -51.70
C ALA E 57 -29.27 36.65 -50.50
N GLY E 58 -29.20 37.95 -50.19
CA GLY E 58 -29.95 38.52 -49.11
C GLY E 58 -29.05 39.20 -48.10
N LYS E 59 -29.48 39.18 -46.84
CA LYS E 59 -28.77 39.89 -45.78
C LYS E 59 -27.50 39.14 -45.41
N PHE E 60 -26.38 39.87 -45.34
CA PHE E 60 -25.07 39.23 -45.22
C PHE E 60 -24.96 38.40 -43.94
N ASN E 61 -25.12 39.05 -42.78
CA ASN E 61 -24.89 38.34 -41.52
C ASN E 61 -25.68 37.03 -41.45
N GLU E 62 -26.86 36.99 -42.07
CA GLU E 62 -27.72 35.81 -41.96
C GLU E 62 -27.21 34.67 -42.84
N PHE E 63 -26.98 34.92 -44.13
CA PHE E 63 -26.46 33.82 -44.95
C PHE E 63 -25.02 33.50 -44.62
N ASP E 64 -24.31 34.38 -43.92
CA ASP E 64 -22.98 34.02 -43.43
C ASP E 64 -23.10 33.08 -42.23
N ASN E 65 -24.01 33.38 -41.31
CA ASN E 65 -24.34 32.41 -40.27
C ASN E 65 -24.62 31.05 -40.89
N LEU E 66 -25.49 31.02 -41.91
CA LEU E 66 -25.84 29.75 -42.53
C LEU E 66 -24.63 29.09 -43.19
N ARG E 67 -23.79 29.89 -43.86
CA ARG E 67 -22.61 29.35 -44.51
C ARG E 67 -21.68 28.69 -43.49
N ARG E 68 -21.44 29.37 -42.36
CA ARG E 68 -20.62 28.80 -41.31
C ARG E 68 -21.23 27.52 -40.75
N GLY E 69 -22.54 27.54 -40.48
CA GLY E 69 -23.19 26.34 -39.98
C GLY E 69 -23.04 25.17 -40.94
N GLY E 70 -23.12 25.46 -42.24
CA GLY E 70 -22.93 24.40 -43.23
C GLY E 70 -21.52 23.85 -43.24
N ILE E 71 -20.52 24.73 -43.15
CA ILE E 71 -19.14 24.24 -43.05
C ILE E 71 -18.96 23.39 -41.81
N GLN E 72 -19.55 23.82 -40.68
CA GLN E 72 -19.53 23.03 -39.45
C GLN E 72 -20.09 21.64 -39.69
N PHE E 73 -21.28 21.57 -40.30
CA PHE E 73 -21.92 20.29 -40.55
C PHE E 73 -21.04 19.40 -41.43
N ALA E 74 -20.58 19.93 -42.57
CA ALA E 74 -19.82 19.12 -43.50
C ALA E 74 -18.54 18.60 -42.86
N ASP E 75 -17.80 19.47 -42.18
CA ASP E 75 -16.55 19.03 -41.57
C ASP E 75 -16.81 17.98 -40.49
N THR E 76 -17.86 18.17 -39.69
CA THR E 76 -18.17 17.17 -38.66
C THR E 76 -18.52 15.83 -39.30
N ARG E 77 -19.38 15.82 -40.32
CA ARG E 77 -19.75 14.56 -40.95
C ARG E 77 -18.54 13.88 -41.59
N GLY E 78 -17.75 14.64 -42.35
CA GLY E 78 -16.55 14.07 -42.94
C GLY E 78 -15.63 13.46 -41.92
N TYR E 79 -15.49 14.11 -40.75
CA TYR E 79 -14.62 13.56 -39.73
C TYR E 79 -15.23 12.31 -39.08
N ALA E 80 -16.54 12.34 -38.83
CA ALA E 80 -17.19 11.24 -38.12
C ALA E 80 -17.32 9.99 -38.99
N TYR E 81 -17.24 10.14 -40.31
CA TYR E 81 -17.35 9.01 -41.22
C TYR E 81 -16.16 9.02 -42.18
N ASP E 82 -16.35 9.53 -43.39
CA ASP E 82 -15.25 9.75 -44.32
C ASP E 82 -15.59 10.91 -45.23
N ARG E 83 -14.56 11.48 -45.85
CA ARG E 83 -14.77 12.66 -46.69
C ARG E 83 -15.76 12.39 -47.82
N ARG E 84 -15.65 11.21 -48.46
CA ARG E 84 -16.52 10.94 -49.59
C ARG E 84 -17.97 10.74 -49.20
N ASP E 85 -18.27 10.64 -47.89
CA ASP E 85 -19.65 10.50 -47.46
C ASP E 85 -20.39 11.82 -47.43
N VAL E 86 -19.67 12.94 -47.50
CA VAL E 86 -20.29 14.26 -47.57
C VAL E 86 -20.76 14.51 -48.99
N THR E 87 -22.05 14.83 -49.15
CA THR E 87 -22.61 15.11 -50.46
C THR E 87 -23.35 16.45 -50.43
N GLY E 88 -23.50 17.04 -51.61
CA GLY E 88 -24.27 18.27 -51.72
C GLY E 88 -25.74 18.07 -51.40
N ARG E 89 -26.27 16.88 -51.70
CA ARG E 89 -27.64 16.57 -51.31
C ARG E 89 -27.82 16.67 -49.81
N GLN E 90 -26.85 16.13 -49.05
CA GLN E 90 -26.93 16.20 -47.59
C GLN E 90 -27.02 17.65 -47.12
N LEU E 91 -26.09 18.49 -47.58
CA LEU E 91 -26.06 19.87 -47.12
C LEU E 91 -27.31 20.64 -47.56
N ALA E 92 -27.83 20.34 -48.76
CA ALA E 92 -29.09 20.95 -49.16
C ALA E 92 -30.22 20.55 -48.21
N ASN E 93 -30.25 19.27 -47.82
CA ASN E 93 -31.29 18.80 -46.90
C ASN E 93 -31.18 19.53 -45.56
N VAL E 94 -29.98 19.59 -44.99
CA VAL E 94 -29.83 20.20 -43.68
C VAL E 94 -30.09 21.70 -43.76
N TYR E 95 -29.84 22.34 -44.91
CA TYR E 95 -30.22 23.74 -45.07
C TYR E 95 -31.73 23.89 -45.15
N ALA E 96 -32.41 22.92 -45.78
CA ALA E 96 -33.87 22.97 -45.83
C ALA E 96 -34.46 22.87 -44.43
N GLN E 97 -34.01 21.89 -43.64
CA GLN E 97 -34.48 21.78 -42.26
C GLN E 97 -34.16 23.05 -41.47
N THR E 98 -32.91 23.50 -41.54
CA THR E 98 -32.49 24.66 -40.75
C THR E 98 -33.31 25.89 -41.09
N LEU E 99 -33.59 26.11 -42.37
CA LEU E 99 -34.36 27.29 -42.75
C LEU E 99 -35.85 27.14 -42.47
N GLY E 100 -36.36 25.90 -42.46
CA GLY E 100 -37.71 25.71 -41.95
C GLY E 100 -37.83 26.14 -40.51
N THR E 101 -36.94 25.64 -39.66
CA THR E 101 -36.94 26.02 -38.26
C THR E 101 -36.77 27.54 -38.11
N ILE E 102 -35.79 28.11 -38.80
CA ILE E 102 -35.56 29.55 -38.70
C ILE E 102 -36.81 30.31 -39.09
N PHE E 103 -37.45 29.90 -40.19
CA PHE E 103 -38.59 30.64 -40.72
C PHE E 103 -39.77 30.61 -39.77
N THR E 104 -39.96 29.50 -39.06
CA THR E 104 -41.14 29.40 -38.20
C THR E 104 -40.88 29.72 -36.73
N GLU E 105 -39.63 29.83 -36.31
CA GLU E 105 -39.34 29.92 -34.87
C GLU E 105 -38.57 31.15 -34.45
N GLN E 106 -37.73 31.72 -35.30
CA GLN E 106 -36.89 32.80 -34.81
C GLN E 106 -37.67 34.12 -34.73
N ALA E 107 -37.08 35.08 -34.03
CA ALA E 107 -37.71 36.39 -33.88
C ALA E 107 -38.05 37.00 -35.23
N LYS E 108 -37.11 36.95 -36.18
CA LYS E 108 -37.34 37.36 -37.55
C LYS E 108 -36.82 36.29 -38.49
N PRO E 109 -37.58 35.95 -39.53
CA PRO E 109 -37.07 35.00 -40.52
C PRO E 109 -35.82 35.55 -41.17
N TYR E 110 -34.99 34.63 -41.68
CA TYR E 110 -33.81 35.01 -42.42
C TYR E 110 -34.21 35.48 -43.82
N GLU E 111 -33.70 36.64 -44.22
CA GLU E 111 -33.92 37.15 -45.58
C GLU E 111 -32.78 36.65 -46.47
N VAL E 112 -32.77 35.34 -46.72
CA VAL E 112 -31.70 34.71 -47.48
C VAL E 112 -32.27 33.72 -48.47
N GLU E 113 -31.46 33.42 -49.49
CA GLU E 113 -31.75 32.40 -50.48
C GLU E 113 -30.44 31.69 -50.80
N LEU E 114 -30.46 30.37 -50.74
CA LEU E 114 -29.24 29.56 -50.78
C LEU E 114 -29.20 28.69 -52.03
N CYS E 115 -27.99 28.45 -52.50
CA CYS E 115 -27.69 27.49 -53.55
C CYS E 115 -26.55 26.61 -53.10
N VAL E 116 -26.74 25.30 -53.21
CA VAL E 116 -25.69 24.32 -52.93
C VAL E 116 -25.43 23.55 -54.21
N ALA E 117 -24.16 23.45 -54.59
CA ALA E 117 -23.78 22.80 -55.83
C ALA E 117 -22.72 21.74 -55.57
N GLU E 118 -22.70 20.71 -56.42
CA GLU E 118 -21.73 19.64 -56.29
C GLU E 118 -21.23 19.22 -57.67
N VAL E 119 -19.92 19.08 -57.80
CA VAL E 119 -19.31 18.56 -59.02
C VAL E 119 -18.72 17.18 -58.72
N ALA E 120 -18.37 16.46 -59.79
CA ALA E 120 -17.91 15.09 -59.66
C ALA E 120 -16.53 15.02 -59.02
N HIS E 121 -16.25 13.89 -58.39
CA HIS E 121 -14.91 13.63 -57.87
C HIS E 121 -13.94 13.34 -59.00
N TYR E 122 -12.66 13.64 -58.77
CA TYR E 122 -11.68 13.61 -59.85
C TYR E 122 -11.69 12.27 -60.58
N GLY E 123 -11.71 12.34 -61.91
CA GLY E 123 -11.71 11.15 -62.74
C GLY E 123 -13.07 10.54 -62.99
N GLU E 124 -14.10 10.94 -62.23
CA GLU E 124 -15.43 10.38 -62.37
C GLU E 124 -16.29 11.27 -63.26
N THR E 125 -17.33 10.65 -63.83
CA THR E 125 -18.22 11.30 -64.78
C THR E 125 -19.62 11.34 -64.19
N LYS E 126 -20.00 12.49 -63.61
CA LYS E 126 -21.33 12.69 -63.05
C LYS E 126 -21.74 14.12 -63.35
N ARG E 127 -22.96 14.31 -63.82
CA ARG E 127 -23.43 15.65 -64.11
C ARG E 127 -23.45 16.48 -62.83
N PRO E 128 -23.07 17.75 -62.88
CA PRO E 128 -23.14 18.60 -61.68
C PRO E 128 -24.55 18.58 -61.13
N GLU E 129 -24.65 18.84 -59.83
CA GLU E 129 -25.93 18.90 -59.15
C GLU E 129 -26.13 20.28 -58.54
N LEU E 130 -27.33 20.82 -58.71
CA LEU E 130 -27.69 22.14 -58.24
C LEU E 130 -28.95 22.04 -57.39
N TYR E 131 -28.89 22.64 -56.19
CA TYR E 131 -30.04 22.71 -55.29
C TYR E 131 -30.25 24.15 -54.87
N ARG E 132 -31.52 24.54 -54.78
CA ARG E 132 -31.94 25.84 -54.32
C ARG E 132 -32.75 25.67 -53.05
N ILE E 133 -32.44 26.47 -52.02
CA ILE E 133 -33.17 26.46 -50.76
C ILE E 133 -33.66 27.88 -50.50
N THR E 134 -34.96 28.03 -50.28
CA THR E 134 -35.56 29.34 -50.10
C THR E 134 -35.79 29.64 -48.62
N TYR E 135 -36.11 30.91 -48.35
CA TYR E 135 -36.13 31.40 -46.98
C TYR E 135 -37.00 30.58 -46.05
N ASP E 136 -37.94 29.79 -46.58
CA ASP E 136 -38.85 29.02 -45.74
C ASP E 136 -38.51 27.54 -45.71
N GLY E 137 -37.41 27.12 -46.33
CA GLY E 137 -36.98 25.73 -46.31
C GLY E 137 -37.32 24.93 -47.55
N SER E 138 -38.13 25.48 -48.46
CA SER E 138 -38.42 24.78 -49.70
C SER E 138 -37.13 24.57 -50.49
N ILE E 139 -37.07 23.45 -51.19
CA ILE E 139 -35.84 22.99 -51.81
C ILE E 139 -36.14 22.46 -53.20
N ALA E 140 -35.51 23.04 -54.22
CA ALA E 140 -35.69 22.64 -55.61
C ALA E 140 -34.41 22.02 -56.15
N ASP E 141 -34.56 20.93 -56.90
CA ASP E 141 -33.46 20.28 -57.59
C ASP E 141 -33.43 20.83 -59.02
N GLU E 142 -32.41 21.65 -59.34
CA GLU E 142 -32.35 22.30 -60.65
C GLU E 142 -31.20 21.75 -61.48
N PRO E 143 -31.40 21.53 -62.79
CA PRO E 143 -30.41 20.78 -63.57
C PRO E 143 -29.39 21.63 -64.31
N HIS E 144 -29.70 22.90 -64.57
CA HIS E 144 -28.86 23.73 -65.42
C HIS E 144 -28.35 24.98 -64.74
N PHE E 145 -29.23 25.73 -64.06
CA PHE E 145 -28.80 26.95 -63.40
C PHE E 145 -29.73 27.28 -62.25
N VAL E 146 -29.25 28.18 -61.38
CA VAL E 146 -30.01 28.73 -60.26
C VAL E 146 -29.78 30.23 -60.24
N VAL E 147 -30.86 30.99 -60.10
CA VAL E 147 -30.83 32.44 -59.99
C VAL E 147 -31.42 32.82 -58.64
N MET E 148 -30.81 33.79 -57.97
CA MET E 148 -31.22 34.14 -56.62
C MET E 148 -31.05 35.64 -56.40
N GLY E 149 -31.99 36.23 -55.67
CA GLY E 149 -31.86 37.62 -55.25
C GLY E 149 -32.35 38.63 -56.27
N GLY E 150 -32.95 39.71 -55.79
CA GLY E 150 -33.40 40.77 -56.68
C GLY E 150 -34.57 40.32 -57.52
N THR E 151 -34.61 40.80 -58.76
CA THR E 151 -35.64 40.42 -59.73
C THR E 151 -35.08 39.29 -60.57
N THR E 152 -35.59 38.08 -60.35
CA THR E 152 -35.05 36.88 -60.97
C THR E 152 -35.71 36.53 -62.31
N GLU E 153 -36.82 37.20 -62.67
CA GLU E 153 -37.47 36.89 -63.94
C GLU E 153 -36.59 37.28 -65.12
N PRO E 154 -36.15 38.54 -65.24
CA PRO E 154 -35.24 38.90 -66.35
C PRO E 154 -34.05 37.96 -66.47
N ILE E 155 -33.33 37.71 -65.38
CA ILE E 155 -32.11 36.91 -65.43
C ILE E 155 -32.45 35.46 -65.80
N ALA E 156 -33.44 34.89 -65.14
CA ALA E 156 -33.84 33.52 -65.44
C ALA E 156 -34.25 33.35 -66.89
N ASN E 157 -34.80 34.40 -67.51
CA ASN E 157 -35.19 34.31 -68.91
C ASN E 157 -33.97 34.43 -69.84
N ALA E 158 -33.15 35.46 -69.62
CA ALA E 158 -31.93 35.60 -70.42
C ALA E 158 -31.11 34.31 -70.39
N LEU E 159 -30.97 33.71 -69.21
CA LEU E 159 -30.32 32.41 -69.13
C LEU E 159 -31.16 31.34 -69.81
N LYS E 160 -32.49 31.44 -69.73
CA LYS E 160 -33.35 30.43 -70.32
C LYS E 160 -33.24 30.36 -71.83
N GLU E 161 -32.78 31.45 -72.48
CA GLU E 161 -32.57 31.42 -73.92
C GLU E 161 -31.12 31.65 -74.33
N SER E 162 -30.19 31.73 -73.38
CA SER E 162 -28.77 31.84 -73.70
C SER E 162 -27.92 30.71 -73.13
N TYR E 163 -28.52 29.80 -72.37
CA TYR E 163 -27.76 28.73 -71.72
C TYR E 163 -27.72 27.48 -72.59
N ALA E 164 -26.53 26.90 -72.73
CA ALA E 164 -26.37 25.60 -73.37
C ALA E 164 -25.48 24.73 -72.49
N GLU E 165 -25.72 23.42 -72.54
CA GLU E 165 -24.94 22.49 -71.75
C GLU E 165 -23.51 22.39 -72.25
N ASN E 166 -22.57 22.28 -71.32
CA ASN E 166 -21.17 22.01 -71.63
C ASN E 166 -20.50 23.15 -72.40
N ALA E 167 -20.94 24.39 -72.14
CA ALA E 167 -20.24 25.55 -72.67
C ALA E 167 -18.84 25.61 -72.10
N SER E 168 -18.04 26.57 -72.53
CA SER E 168 -16.71 26.75 -71.97
C SER E 168 -16.79 27.62 -70.71
N LEU E 169 -15.66 27.77 -70.03
CA LEU E 169 -15.62 28.68 -68.89
C LEU E 169 -15.94 30.10 -69.33
N THR E 170 -15.20 30.62 -70.31
CA THR E 170 -15.42 31.99 -70.76
C THR E 170 -16.83 32.18 -71.32
N ASP E 171 -17.34 31.17 -72.03
CA ASP E 171 -18.69 31.27 -72.55
C ASP E 171 -19.72 31.35 -71.43
N ALA E 172 -19.60 30.44 -70.45
CA ALA E 172 -20.54 30.45 -69.33
C ALA E 172 -20.45 31.76 -68.54
N LEU E 173 -19.25 32.31 -68.41
CA LEU E 173 -19.09 33.58 -67.70
C LEU E 173 -19.74 34.72 -68.48
N ARG E 174 -19.57 34.75 -69.82
CA ARG E 174 -20.21 35.78 -70.62
C ARG E 174 -21.73 35.67 -70.50
N ILE E 175 -22.28 34.46 -70.69
CA ILE E 175 -23.70 34.23 -70.48
C ILE E 175 -24.13 34.79 -69.13
N ALA E 176 -23.37 34.45 -68.08
CA ALA E 176 -23.75 34.85 -66.72
C ALA E 176 -23.79 36.36 -66.58
N VAL E 177 -22.68 37.04 -66.93
CA VAL E 177 -22.60 38.48 -66.76
C VAL E 177 -23.71 39.16 -67.56
N ALA E 178 -23.99 38.68 -68.76
CA ALA E 178 -25.06 39.28 -69.56
C ALA E 178 -26.41 39.10 -68.88
N ALA E 179 -26.73 37.87 -68.47
CA ALA E 179 -28.02 37.62 -67.83
C ALA E 179 -28.19 38.45 -66.57
N LEU E 180 -27.12 38.59 -65.78
CA LEU E 180 -27.19 39.40 -64.57
C LEU E 180 -27.41 40.87 -64.89
N ARG E 181 -26.55 41.42 -65.77
CA ARG E 181 -26.68 42.82 -66.16
C ARG E 181 -28.04 43.11 -66.78
N ALA E 182 -28.74 42.08 -67.26
CA ALA E 182 -30.10 42.27 -67.77
C ALA E 182 -31.06 42.68 -66.67
N GLY E 183 -31.23 41.82 -65.67
CA GLY E 183 -32.21 42.06 -64.62
C GLY E 183 -31.75 43.00 -63.51
N SER E 184 -30.77 43.86 -63.81
CA SER E 184 -30.34 44.87 -62.86
C SER E 184 -30.59 46.27 -63.42
N LEU E 195 -21.01 45.99 -65.50
CA LEU E 195 -20.44 44.92 -64.68
C LEU E 195 -19.01 44.59 -65.11
N GLY E 196 -18.13 44.45 -64.13
CA GLY E 196 -16.76 44.12 -64.40
C GLY E 196 -16.09 43.56 -63.15
N VAL E 197 -14.77 43.46 -63.22
CA VAL E 197 -14.00 42.88 -62.12
C VAL E 197 -14.28 43.63 -60.82
N ALA E 198 -14.29 44.96 -60.87
CA ALA E 198 -14.44 45.77 -59.66
C ALA E 198 -15.76 45.55 -58.95
N SER E 199 -16.75 44.91 -59.60
CA SER E 199 -18.07 44.75 -59.00
C SER E 199 -18.60 43.34 -59.17
N LEU E 200 -17.71 42.35 -59.32
CA LEU E 200 -18.13 40.97 -59.50
C LEU E 200 -17.36 40.04 -58.59
N GLU E 201 -18.06 39.07 -58.03
CA GLU E 201 -17.47 37.92 -57.36
C GLU E 201 -17.69 36.69 -58.21
N VAL E 202 -16.61 35.99 -58.52
CA VAL E 202 -16.65 34.83 -59.40
C VAL E 202 -15.83 33.71 -58.78
N ALA E 203 -16.44 32.54 -58.67
CA ALA E 203 -15.75 31.33 -58.24
C ALA E 203 -16.26 30.15 -59.05
N VAL E 204 -15.51 29.06 -59.00
CA VAL E 204 -15.84 27.88 -59.78
C VAL E 204 -15.62 26.63 -58.94
N LEU E 205 -16.46 25.63 -59.19
CA LEU E 205 -16.22 24.26 -58.74
C LEU E 205 -15.65 23.52 -59.95
N ASP E 206 -14.33 23.38 -59.95
CA ASP E 206 -13.58 22.87 -61.11
C ASP E 206 -13.44 21.36 -60.98
N ALA E 207 -14.32 20.61 -61.65
CA ALA E 207 -14.34 19.16 -61.53
C ALA E 207 -13.04 18.50 -61.97
N ASN E 208 -12.11 19.25 -62.57
CA ASN E 208 -10.83 18.69 -62.97
C ASN E 208 -9.78 18.80 -61.86
N ARG E 209 -10.10 19.45 -60.74
CA ARG E 209 -9.18 19.57 -59.63
C ARG E 209 -9.06 18.24 -58.87
N PRO E 210 -7.87 17.94 -58.36
CA PRO E 210 -7.70 16.64 -57.68
C PRO E 210 -8.55 16.46 -56.44
N ARG E 211 -8.54 17.42 -55.52
CA ARG E 211 -9.33 17.27 -54.30
C ARG E 211 -10.28 18.45 -54.08
N ARG E 212 -9.76 19.57 -53.61
CA ARG E 212 -10.60 20.74 -53.37
C ARG E 212 -10.90 21.42 -54.71
N ALA E 213 -12.16 21.37 -55.13
CA ALA E 213 -12.56 21.87 -56.43
C ALA E 213 -12.92 23.34 -56.45
N PHE E 214 -13.09 23.98 -55.29
CA PHE E 214 -13.46 25.38 -55.23
C PHE E 214 -12.26 26.25 -55.54
N ARG E 215 -12.41 27.16 -56.50
CA ARG E 215 -11.33 28.05 -56.93
C ARG E 215 -11.92 29.38 -57.35
N ARG E 216 -11.51 30.45 -56.69
CA ARG E 216 -11.97 31.79 -57.03
C ARG E 216 -11.25 32.30 -58.29
N ILE E 217 -11.93 33.16 -59.03
CA ILE E 217 -11.37 33.82 -60.20
C ILE E 217 -11.34 35.31 -59.89
N THR E 218 -10.14 35.86 -59.77
CA THR E 218 -9.97 37.22 -59.26
C THR E 218 -8.97 38.00 -60.08
N GLY E 219 -9.24 39.29 -60.27
CA GLY E 219 -8.25 40.20 -60.81
C GLY E 219 -7.84 39.87 -62.23
N SER E 220 -6.53 39.80 -62.44
CA SER E 220 -5.99 39.64 -63.79
C SER E 220 -6.62 38.45 -64.51
N ALA E 221 -6.82 37.34 -63.79
CA ALA E 221 -7.42 36.16 -64.41
C ALA E 221 -8.85 36.45 -64.85
N LEU E 222 -9.64 37.09 -63.98
CA LEU E 222 -11.03 37.39 -64.31
C LEU E 222 -11.11 38.31 -65.52
N GLN E 223 -10.37 39.42 -65.50
CA GLN E 223 -10.31 40.29 -66.66
C GLN E 223 -9.93 39.50 -67.91
N ALA E 224 -8.95 38.59 -67.77
CA ALA E 224 -8.52 37.80 -68.91
C ALA E 224 -9.62 36.88 -69.42
N LEU E 225 -10.56 36.52 -68.55
CA LEU E 225 -11.69 35.69 -68.96
C LEU E 225 -12.90 36.49 -69.43
N LEU E 226 -12.92 37.80 -69.18
CA LEU E 226 -14.06 38.63 -69.54
C LEU E 226 -14.00 39.13 -70.99
N VAL E 227 -12.79 39.41 -71.49
CA VAL E 227 -12.63 39.91 -72.84
C VAL E 227 -12.91 38.80 -73.85
N MET F 1 -59.34 30.22 -29.26
CA MET F 1 -59.03 28.79 -29.13
C MET F 1 -59.59 28.00 -30.32
N GLU F 2 -60.91 27.88 -30.41
CA GLU F 2 -61.51 27.06 -31.46
C GLU F 2 -61.11 27.54 -32.84
N GLN F 3 -61.01 28.86 -33.04
CA GLN F 3 -60.62 29.39 -34.34
C GLN F 3 -59.11 29.46 -34.53
N ALA F 4 -58.33 29.38 -33.45
CA ALA F 4 -56.90 29.16 -33.62
C ALA F 4 -56.64 27.76 -34.15
N MET F 5 -57.42 26.78 -33.70
CA MET F 5 -57.27 25.40 -34.18
C MET F 5 -57.88 25.25 -35.57
N ARG F 6 -59.00 25.93 -35.84
CA ARG F 6 -59.49 26.01 -37.21
C ARG F 6 -58.45 26.65 -38.13
N GLU F 7 -57.75 27.66 -37.62
CA GLU F 7 -56.72 28.34 -38.40
C GLU F 7 -55.56 27.41 -38.72
N ARG F 8 -55.06 26.70 -37.70
CA ARG F 8 -53.98 25.74 -37.92
C ARG F 8 -54.42 24.64 -38.89
N SER F 9 -55.63 24.10 -38.67
CA SER F 9 -56.14 23.06 -39.56
C SER F 9 -56.21 23.56 -40.99
N GLU F 10 -56.58 24.83 -41.18
CA GLU F 10 -56.66 25.38 -42.53
C GLU F 10 -55.28 25.55 -43.15
N LEU F 11 -54.33 26.10 -42.38
CA LEU F 11 -52.97 26.26 -42.89
C LEU F 11 -52.42 24.92 -43.35
N ALA F 12 -52.58 23.88 -42.52
CA ALA F 12 -52.09 22.55 -42.89
C ALA F 12 -52.84 22.01 -44.11
N ARG F 13 -54.17 22.10 -44.11
CA ARG F 13 -54.96 21.55 -45.20
C ARG F 13 -54.57 22.17 -46.53
N LYS F 14 -54.50 23.51 -46.57
CA LYS F 14 -54.03 24.19 -47.77
C LYS F 14 -52.64 23.73 -48.15
N GLY F 15 -51.72 23.69 -47.18
CA GLY F 15 -50.38 23.22 -47.46
C GLY F 15 -50.36 21.90 -48.19
N ILE F 16 -51.21 20.95 -47.75
CA ILE F 16 -51.21 19.63 -48.37
C ILE F 16 -51.94 19.65 -49.71
N ALA F 17 -52.97 20.48 -49.86
CA ALA F 17 -53.71 20.53 -51.11
C ALA F 17 -52.83 21.05 -52.24
N ARG F 18 -51.96 22.02 -51.94
CA ARG F 18 -51.08 22.60 -52.96
C ARG F 18 -49.96 21.67 -53.38
N ALA F 19 -49.85 20.48 -52.80
CA ALA F 19 -48.72 19.59 -53.02
C ALA F 19 -49.09 18.44 -53.94
N LYS F 20 -48.06 17.84 -54.55
CA LYS F 20 -48.26 16.72 -55.45
C LYS F 20 -48.79 15.50 -54.67
N SER F 21 -49.34 14.54 -55.41
CA SER F 21 -50.07 13.44 -54.81
C SER F 21 -49.23 12.17 -54.79
N VAL F 22 -49.71 11.20 -54.01
CA VAL F 22 -49.03 9.93 -53.79
C VAL F 22 -50.06 8.89 -53.39
N VAL F 23 -49.87 7.67 -53.86
CA VAL F 23 -50.79 6.57 -53.61
C VAL F 23 -50.00 5.35 -53.15
N ALA F 24 -50.59 4.58 -52.24
CA ALA F 24 -50.04 3.31 -51.78
C ALA F 24 -51.16 2.28 -51.81
N LEU F 25 -50.87 1.09 -52.33
CA LEU F 25 -51.94 0.11 -52.49
C LEU F 25 -51.39 -1.30 -52.33
N ALA F 26 -52.23 -2.20 -51.81
CA ALA F 26 -51.84 -3.58 -51.59
C ALA F 26 -52.05 -4.39 -52.87
N TYR F 27 -51.11 -5.30 -53.15
CA TYR F 27 -51.21 -6.14 -54.33
C TYR F 27 -50.62 -7.51 -54.01
N ALA F 28 -50.68 -8.39 -55.01
CA ALA F 28 -50.37 -9.81 -54.81
C ALA F 28 -48.99 -10.02 -54.17
N GLY F 29 -48.03 -9.16 -54.49
CA GLY F 29 -46.69 -9.29 -53.99
C GLY F 29 -46.34 -8.45 -52.77
N GLY F 30 -47.27 -7.66 -52.26
CA GLY F 30 -46.98 -6.82 -51.12
C GLY F 30 -47.65 -5.46 -51.17
N VAL F 31 -46.87 -4.39 -51.12
CA VAL F 31 -47.40 -3.04 -51.17
C VAL F 31 -46.66 -2.23 -52.22
N LEU F 32 -47.40 -1.36 -52.92
CA LEU F 32 -46.90 -0.55 -54.01
C LEU F 32 -47.02 0.93 -53.65
N PHE F 33 -45.90 1.64 -53.70
CA PHE F 33 -45.82 3.08 -53.49
C PHE F 33 -45.56 3.75 -54.82
N VAL F 34 -46.46 4.64 -55.22
CA VAL F 34 -46.33 5.40 -56.46
C VAL F 34 -46.62 6.86 -56.16
N ALA F 35 -45.63 7.72 -56.34
CA ALA F 35 -45.77 9.14 -56.05
C ALA F 35 -45.30 9.97 -57.24
N GLU F 36 -46.02 11.04 -57.52
CA GLU F 36 -45.61 12.00 -58.54
C GLU F 36 -44.44 12.81 -58.02
N ASN F 37 -43.28 12.65 -58.65
CA ASN F 37 -42.10 13.39 -58.20
C ASN F 37 -41.16 13.68 -59.37
N PRO F 38 -41.02 14.96 -59.76
CA PRO F 38 -40.07 15.29 -60.84
C PRO F 38 -38.62 15.23 -60.43
N SER F 39 -38.32 15.28 -59.13
CA SER F 39 -36.93 15.39 -58.69
C SER F 39 -36.19 14.07 -58.86
N ARG F 40 -34.92 14.16 -59.20
CA ARG F 40 -34.07 12.99 -59.31
C ARG F 40 -33.38 12.62 -58.01
N SER F 41 -33.37 13.52 -57.02
CA SER F 41 -32.61 13.30 -55.79
C SER F 41 -33.41 13.39 -54.51
N LEU F 42 -34.58 14.05 -54.52
CA LEU F 42 -35.36 14.27 -53.31
C LEU F 42 -36.51 13.27 -53.26
N GLN F 43 -36.55 12.48 -52.20
CA GLN F 43 -37.43 11.31 -52.13
C GLN F 43 -38.61 11.55 -51.20
N LYS F 44 -39.75 10.95 -51.57
CA LYS F 44 -40.99 11.01 -50.80
C LYS F 44 -41.41 9.66 -50.25
N ILE F 45 -40.98 8.57 -50.86
CA ILE F 45 -41.15 7.23 -50.32
C ILE F 45 -39.83 6.80 -49.72
N SER F 46 -39.90 5.98 -48.68
CA SER F 46 -38.67 5.61 -47.99
C SER F 46 -38.89 4.31 -47.24
N GLU F 47 -37.78 3.66 -46.93
CA GLU F 47 -37.78 2.49 -46.06
C GLU F 47 -37.75 2.93 -44.61
N LEU F 48 -38.51 2.22 -43.78
CA LEU F 48 -38.42 2.39 -42.33
C LEU F 48 -37.75 1.20 -41.68
N TYR F 49 -38.28 0.00 -41.90
CA TYR F 49 -37.71 -1.18 -41.27
C TYR F 49 -37.93 -2.38 -42.20
N ASP F 50 -37.43 -3.53 -41.79
CA ASP F 50 -37.43 -4.75 -42.60
C ASP F 50 -38.67 -4.83 -43.49
N ARG F 51 -39.85 -4.85 -42.88
CA ARG F 51 -41.10 -5.01 -43.61
C ARG F 51 -42.01 -3.80 -43.47
N VAL F 52 -41.43 -2.62 -43.24
CA VAL F 52 -42.22 -1.41 -42.99
C VAL F 52 -41.72 -0.27 -43.87
N GLY F 53 -42.63 0.35 -44.61
CA GLY F 53 -42.33 1.43 -45.53
C GLY F 53 -43.13 2.69 -45.28
N PHE F 54 -42.61 3.81 -45.80
CA PHE F 54 -43.07 5.17 -45.48
C PHE F 54 -43.32 5.94 -46.76
N ALA F 55 -44.46 6.63 -46.83
CA ALA F 55 -44.75 7.54 -47.92
C ALA F 55 -45.34 8.81 -47.34
N ALA F 56 -45.14 9.94 -48.04
CA ALA F 56 -45.51 11.22 -47.44
C ALA F 56 -45.93 12.21 -48.51
N ALA F 57 -46.85 13.10 -48.13
CA ALA F 57 -47.26 14.23 -48.96
C ALA F 57 -47.14 15.51 -48.16
N GLY F 58 -46.77 16.59 -48.85
CA GLY F 58 -46.72 17.90 -48.24
C GLY F 58 -45.34 18.53 -48.37
N LYS F 59 -44.98 19.31 -47.35
CA LYS F 59 -43.72 20.06 -47.34
C LYS F 59 -42.56 19.11 -47.05
N PHE F 60 -41.55 19.14 -47.93
CA PHE F 60 -40.49 18.14 -47.87
C PHE F 60 -39.77 18.14 -46.52
N ASN F 61 -39.32 19.32 -46.07
CA ASN F 61 -38.51 19.34 -44.86
C ASN F 61 -39.28 18.78 -43.67
N GLU F 62 -40.59 18.98 -43.62
CA GLU F 62 -41.36 18.54 -42.47
C GLU F 62 -41.56 17.02 -42.48
N PHE F 63 -42.08 16.46 -43.58
CA PHE F 63 -42.25 15.02 -43.59
C PHE F 63 -40.92 14.28 -43.67
N ASP F 64 -39.84 14.98 -44.05
CA ASP F 64 -38.51 14.38 -43.97
C ASP F 64 -38.05 14.31 -42.51
N ASN F 65 -38.22 15.40 -41.76
CA ASN F 65 -38.02 15.34 -40.32
C ASN F 65 -38.75 14.14 -39.74
N LEU F 66 -40.03 13.97 -40.10
CA LEU F 66 -40.80 12.85 -39.55
C LEU F 66 -40.24 11.51 -40.02
N ARG F 67 -39.83 11.42 -41.28
CA ARG F 67 -39.23 10.19 -41.79
C ARG F 67 -38.02 9.78 -40.95
N ARG F 68 -37.07 10.70 -40.78
CA ARG F 68 -35.89 10.42 -39.98
C ARG F 68 -36.26 10.04 -38.55
N GLY F 69 -37.19 10.79 -37.94
CA GLY F 69 -37.63 10.44 -36.61
C GLY F 69 -38.14 9.02 -36.51
N GLY F 70 -38.86 8.57 -37.54
CA GLY F 70 -39.38 7.21 -37.54
C GLY F 70 -38.30 6.17 -37.71
N ILE F 71 -37.30 6.46 -38.55
CA ILE F 71 -36.17 5.54 -38.67
C ILE F 71 -35.43 5.44 -37.34
N GLN F 72 -35.27 6.56 -36.64
CA GLN F 72 -34.64 6.55 -35.33
C GLN F 72 -35.43 5.70 -34.34
N PHE F 73 -36.74 5.94 -34.26
CA PHE F 73 -37.58 5.16 -33.33
C PHE F 73 -37.52 3.67 -33.66
N ALA F 74 -37.56 3.33 -34.95
CA ALA F 74 -37.59 1.92 -35.34
C ALA F 74 -36.26 1.23 -35.02
N ASP F 75 -35.14 1.88 -35.36
CA ASP F 75 -33.85 1.24 -35.10
C ASP F 75 -33.57 1.16 -33.59
N THR F 76 -33.96 2.20 -32.84
CA THR F 76 -33.82 2.16 -31.39
C THR F 76 -34.62 0.99 -30.81
N ARG F 77 -35.89 0.87 -31.20
CA ARG F 77 -36.71 -0.21 -30.66
C ARG F 77 -36.16 -1.58 -31.05
N GLY F 78 -35.82 -1.75 -32.32
CA GLY F 78 -35.28 -3.02 -32.77
C GLY F 78 -34.02 -3.41 -32.03
N TYR F 79 -33.16 -2.43 -31.73
CA TYR F 79 -31.94 -2.74 -31.00
C TYR F 79 -32.21 -3.01 -29.52
N ALA F 80 -33.22 -2.36 -28.93
CA ALA F 80 -33.49 -2.56 -27.51
C ALA F 80 -34.30 -3.83 -27.22
N TYR F 81 -35.03 -4.34 -28.21
CA TYR F 81 -35.82 -5.55 -28.02
C TYR F 81 -35.35 -6.57 -29.06
N ASP F 82 -36.05 -6.69 -30.18
CA ASP F 82 -35.57 -7.47 -31.31
C ASP F 82 -36.20 -6.91 -32.57
N ARG F 83 -35.62 -7.28 -33.72
CA ARG F 83 -36.13 -6.80 -35.00
C ARG F 83 -37.63 -7.01 -35.10
N ARG F 84 -38.09 -8.22 -34.77
CA ARG F 84 -39.49 -8.59 -34.98
C ARG F 84 -40.47 -7.82 -34.10
N ASP F 85 -40.00 -7.23 -33.00
CA ASP F 85 -40.91 -6.46 -32.17
C ASP F 85 -41.31 -5.13 -32.80
N VAL F 86 -40.65 -4.72 -33.88
CA VAL F 86 -41.00 -3.52 -34.61
C VAL F 86 -42.15 -3.84 -35.58
N THR F 87 -43.23 -3.05 -35.50
CA THR F 87 -44.39 -3.29 -36.34
C THR F 87 -44.88 -1.97 -36.93
N GLY F 88 -45.60 -2.09 -38.04
CA GLY F 88 -46.17 -0.90 -38.67
C GLY F 88 -47.17 -0.18 -37.80
N ARG F 89 -47.94 -0.92 -37.00
CA ARG F 89 -48.88 -0.27 -36.10
C ARG F 89 -48.15 0.52 -35.01
N GLN F 90 -47.01 0.01 -34.55
CA GLN F 90 -46.20 0.76 -33.59
C GLN F 90 -45.79 2.10 -34.17
N LEU F 91 -45.21 2.08 -35.38
CA LEU F 91 -44.74 3.33 -35.98
C LEU F 91 -45.89 4.26 -36.31
N ALA F 92 -47.01 3.72 -36.80
CA ALA F 92 -48.18 4.55 -37.04
C ALA F 92 -48.62 5.25 -35.76
N ASN F 93 -48.72 4.49 -34.67
CA ASN F 93 -49.11 5.05 -33.39
C ASN F 93 -48.16 6.18 -32.97
N VAL F 94 -46.85 5.93 -33.04
CA VAL F 94 -45.89 6.97 -32.64
C VAL F 94 -46.02 8.19 -33.54
N TYR F 95 -46.33 7.98 -34.81
CA TYR F 95 -46.52 9.12 -35.71
C TYR F 95 -47.77 9.91 -35.34
N ALA F 96 -48.84 9.21 -34.94
CA ALA F 96 -50.04 9.92 -34.48
C ALA F 96 -49.72 10.79 -33.29
N GLN F 97 -49.01 10.23 -32.29
CA GLN F 97 -48.63 11.04 -31.13
C GLN F 97 -47.77 12.23 -31.54
N THR F 98 -46.76 11.98 -32.38
CA THR F 98 -45.85 13.06 -32.78
C THR F 98 -46.60 14.18 -33.48
N LEU F 99 -47.38 13.83 -34.50
CA LEU F 99 -48.08 14.85 -35.26
C LEU F 99 -49.13 15.57 -34.41
N GLY F 100 -49.75 14.89 -33.44
CA GLY F 100 -50.61 15.60 -32.50
C GLY F 100 -49.86 16.67 -31.74
N THR F 101 -48.72 16.28 -31.14
CA THR F 101 -47.90 17.26 -30.42
C THR F 101 -47.51 18.43 -31.33
N ILE F 102 -47.03 18.11 -32.54
CA ILE F 102 -46.64 19.16 -33.48
C ILE F 102 -47.81 20.07 -33.79
N PHE F 103 -48.99 19.48 -34.00
CA PHE F 103 -50.14 20.25 -34.44
C PHE F 103 -50.61 21.23 -33.38
N THR F 104 -50.55 20.84 -32.10
CA THR F 104 -51.02 21.76 -31.09
C THR F 104 -49.95 22.69 -30.53
N GLU F 105 -48.68 22.26 -30.51
CA GLU F 105 -47.67 23.00 -29.77
C GLU F 105 -46.65 23.72 -30.63
N GLN F 106 -46.33 23.21 -31.82
CA GLN F 106 -45.35 23.86 -32.68
C GLN F 106 -45.81 25.26 -33.09
N ALA F 107 -44.85 26.10 -33.46
CA ALA F 107 -45.17 27.46 -33.88
C ALA F 107 -46.01 27.48 -35.14
N LYS F 108 -45.74 26.54 -36.07
CA LYS F 108 -46.57 26.33 -37.24
C LYS F 108 -46.82 24.84 -37.37
N PRO F 109 -48.06 24.42 -37.61
CA PRO F 109 -48.33 23.00 -37.80
C PRO F 109 -47.57 22.45 -39.00
N TYR F 110 -47.29 21.15 -38.95
CA TYR F 110 -46.66 20.48 -40.08
C TYR F 110 -47.68 20.26 -41.19
N GLU F 111 -47.32 20.63 -42.42
CA GLU F 111 -48.19 20.45 -43.57
C GLU F 111 -47.85 19.14 -44.26
N VAL F 112 -48.26 18.04 -43.62
CA VAL F 112 -47.86 16.71 -44.07
C VAL F 112 -49.00 15.72 -43.89
N GLU F 113 -48.93 14.63 -44.67
CA GLU F 113 -49.81 13.49 -44.59
C GLU F 113 -48.95 12.25 -44.76
N LEU F 114 -49.06 11.30 -43.82
CA LEU F 114 -48.13 10.18 -43.75
C LEU F 114 -48.85 8.86 -43.99
N CYS F 115 -48.16 7.93 -44.65
CA CYS F 115 -48.61 6.56 -44.80
C CYS F 115 -47.51 5.62 -44.32
N VAL F 116 -47.89 4.73 -43.41
CA VAL F 116 -47.02 3.64 -42.95
C VAL F 116 -47.64 2.34 -43.40
N ALA F 117 -46.87 1.52 -44.13
CA ALA F 117 -47.39 0.25 -44.62
C ALA F 117 -46.48 -0.88 -44.17
N GLU F 118 -47.07 -2.03 -43.88
CA GLU F 118 -46.33 -3.20 -43.43
C GLU F 118 -46.78 -4.43 -44.19
N VAL F 119 -45.81 -5.24 -44.63
CA VAL F 119 -46.10 -6.49 -45.31
C VAL F 119 -45.64 -7.63 -44.41
N ALA F 120 -45.95 -8.86 -44.83
CA ALA F 120 -45.63 -10.02 -44.02
C ALA F 120 -44.13 -10.34 -44.07
N HIS F 121 -43.68 -11.12 -43.10
CA HIS F 121 -42.32 -11.62 -43.09
C HIS F 121 -42.20 -12.79 -44.05
N TYR F 122 -40.98 -13.01 -44.55
CA TYR F 122 -40.77 -13.99 -45.61
C TYR F 122 -41.41 -15.32 -45.29
N GLY F 123 -42.23 -15.83 -46.22
CA GLY F 123 -42.85 -17.12 -46.09
C GLY F 123 -44.08 -17.17 -45.20
N GLU F 124 -44.49 -16.03 -44.62
CA GLU F 124 -45.65 -15.99 -43.76
C GLU F 124 -46.83 -15.35 -44.49
N THR F 125 -48.04 -15.66 -44.01
CA THR F 125 -49.27 -15.25 -44.67
C THR F 125 -50.00 -14.25 -43.77
N LYS F 126 -49.86 -12.97 -44.09
CA LYS F 126 -50.56 -11.90 -43.40
C LYS F 126 -50.91 -10.83 -44.41
N ARG F 127 -52.15 -10.36 -44.37
CA ARG F 127 -52.55 -9.31 -45.30
C ARG F 127 -51.79 -8.03 -45.00
N PRO F 128 -51.32 -7.31 -46.02
CA PRO F 128 -50.63 -6.05 -45.78
C PRO F 128 -51.44 -5.10 -44.92
N GLU F 129 -50.80 -4.11 -44.32
CA GLU F 129 -51.46 -3.10 -43.53
C GLU F 129 -51.07 -1.72 -44.04
N LEU F 130 -52.04 -0.82 -44.08
CA LEU F 130 -51.81 0.56 -44.49
C LEU F 130 -52.41 1.48 -43.45
N TYR F 131 -51.64 2.50 -43.06
CA TYR F 131 -52.04 3.46 -42.05
C TYR F 131 -51.85 4.87 -42.59
N ARG F 132 -52.88 5.69 -42.46
CA ARG F 132 -52.84 7.10 -42.80
C ARG F 132 -52.80 7.90 -41.50
N ILE F 133 -51.81 8.78 -41.37
CA ILE F 133 -51.73 9.70 -40.25
C ILE F 133 -51.81 11.10 -40.82
N THR F 134 -52.84 11.85 -40.41
CA THR F 134 -53.07 13.19 -40.95
C THR F 134 -52.39 14.25 -40.08
N TYR F 135 -52.51 15.50 -40.50
CA TYR F 135 -51.69 16.58 -39.94
C TYR F 135 -51.98 16.88 -38.48
N ASP F 136 -53.16 16.51 -37.99
CA ASP F 136 -53.52 16.79 -36.60
C ASP F 136 -53.35 15.57 -35.69
N GLY F 137 -52.70 14.52 -36.18
CA GLY F 137 -52.51 13.31 -35.41
C GLY F 137 -53.57 12.25 -35.61
N SER F 138 -54.63 12.55 -36.34
CA SER F 138 -55.65 11.53 -36.61
C SER F 138 -55.03 10.37 -37.37
N ILE F 139 -55.58 9.18 -37.16
CA ILE F 139 -54.99 7.95 -37.68
C ILE F 139 -56.10 7.07 -38.23
N ALA F 140 -55.80 6.40 -39.34
CA ALA F 140 -56.78 5.65 -40.10
C ALA F 140 -56.18 4.34 -40.57
N ASP F 141 -56.95 3.27 -40.42
CA ASP F 141 -56.56 1.92 -40.81
C ASP F 141 -57.23 1.62 -42.15
N GLU F 142 -56.44 1.53 -43.22
CA GLU F 142 -57.02 1.31 -44.54
C GLU F 142 -56.71 -0.09 -45.05
N PRO F 143 -57.67 -0.75 -45.69
CA PRO F 143 -57.49 -2.16 -46.06
C PRO F 143 -56.90 -2.37 -47.45
N HIS F 144 -57.06 -1.40 -48.36
CA HIS F 144 -56.69 -1.64 -49.74
C HIS F 144 -55.76 -0.57 -50.31
N PHE F 145 -56.12 0.70 -50.14
CA PHE F 145 -55.32 1.78 -50.73
C PHE F 145 -55.38 3.02 -49.85
N VAL F 146 -54.40 3.90 -50.06
CA VAL F 146 -54.26 5.16 -49.34
C VAL F 146 -53.85 6.22 -50.34
N VAL F 147 -54.55 7.35 -50.34
CA VAL F 147 -54.25 8.47 -51.22
C VAL F 147 -53.92 9.68 -50.36
N MET F 148 -52.90 10.44 -50.76
CA MET F 148 -52.49 11.61 -50.00
C MET F 148 -52.00 12.68 -50.95
N GLY F 149 -52.27 13.94 -50.59
CA GLY F 149 -51.73 15.06 -51.34
C GLY F 149 -52.63 15.58 -52.45
N GLY F 150 -52.76 16.91 -52.52
CA GLY F 150 -53.53 17.55 -53.55
C GLY F 150 -55.01 17.21 -53.49
N THR F 151 -55.65 17.22 -54.65
CA THR F 151 -57.05 16.85 -54.79
C THR F 151 -57.13 15.33 -54.80
N THR F 152 -57.57 14.75 -53.69
CA THR F 152 -57.51 13.30 -53.51
C THR F 152 -58.79 12.60 -53.92
N GLU F 153 -59.94 13.24 -53.77
CA GLU F 153 -61.23 12.61 -54.06
C GLU F 153 -61.26 11.94 -55.43
N PRO F 154 -60.93 12.61 -56.54
CA PRO F 154 -60.97 11.93 -57.84
C PRO F 154 -60.09 10.69 -57.90
N ILE F 155 -58.92 10.71 -57.25
CA ILE F 155 -58.05 9.54 -57.26
C ILE F 155 -58.66 8.42 -56.43
N ALA F 156 -59.22 8.77 -55.26
CA ALA F 156 -59.90 7.77 -54.44
C ALA F 156 -61.07 7.13 -55.18
N ASN F 157 -61.70 7.88 -56.09
CA ASN F 157 -62.74 7.29 -56.93
C ASN F 157 -62.15 6.36 -57.98
N ALA F 158 -61.22 6.87 -58.78
CA ALA F 158 -60.56 6.07 -59.80
C ALA F 158 -60.14 4.72 -59.24
N LEU F 159 -59.48 4.71 -58.08
CA LEU F 159 -59.10 3.45 -57.46
C LEU F 159 -60.29 2.74 -56.83
N LYS F 160 -61.29 3.49 -56.38
CA LYS F 160 -62.47 2.88 -55.79
C LYS F 160 -63.24 2.04 -56.80
N GLU F 161 -63.06 2.30 -58.10
CA GLU F 161 -63.70 1.48 -59.12
C GLU F 161 -62.74 0.61 -59.92
N SER F 162 -61.44 0.93 -59.92
CA SER F 162 -60.48 0.18 -60.72
C SER F 162 -59.56 -0.73 -59.89
N TYR F 163 -59.68 -0.70 -58.57
CA TYR F 163 -58.82 -1.54 -57.74
C TYR F 163 -59.36 -2.97 -57.66
N ALA F 164 -58.45 -3.93 -57.77
CA ALA F 164 -58.78 -5.34 -57.59
C ALA F 164 -57.75 -5.97 -56.67
N GLU F 165 -58.22 -6.63 -55.62
CA GLU F 165 -57.33 -7.32 -54.70
C GLU F 165 -56.41 -8.28 -55.45
N ASN F 166 -55.14 -8.29 -55.07
CA ASN F 166 -54.14 -9.24 -55.55
C ASN F 166 -53.80 -9.08 -57.03
N ALA F 167 -54.01 -7.89 -57.59
CA ALA F 167 -53.55 -7.63 -58.95
C ALA F 167 -52.03 -7.80 -59.01
N SER F 168 -51.53 -8.09 -60.20
CA SER F 168 -50.10 -8.26 -60.38
C SER F 168 -49.38 -6.92 -60.18
N LEU F 169 -48.05 -6.97 -60.21
CA LEU F 169 -47.26 -5.75 -60.03
C LEU F 169 -47.52 -4.76 -61.16
N THR F 170 -47.49 -5.24 -62.41
CA THR F 170 -47.70 -4.36 -63.55
C THR F 170 -49.13 -3.79 -63.55
N ASP F 171 -50.12 -4.67 -63.35
CA ASP F 171 -51.50 -4.22 -63.34
C ASP F 171 -51.72 -3.17 -62.24
N ALA F 172 -51.35 -3.49 -61.01
CA ALA F 172 -51.53 -2.54 -59.92
C ALA F 172 -50.80 -1.23 -60.20
N LEU F 173 -49.58 -1.32 -60.74
CA LEU F 173 -48.83 -0.11 -61.06
C LEU F 173 -49.59 0.77 -62.04
N ARG F 174 -50.07 0.18 -63.14
CA ARG F 174 -50.77 0.98 -64.14
C ARG F 174 -52.08 1.55 -63.59
N ILE F 175 -52.82 0.76 -62.81
CA ILE F 175 -54.03 1.29 -62.19
C ILE F 175 -53.69 2.49 -61.33
N ALA F 176 -52.62 2.39 -60.55
CA ALA F 176 -52.19 3.51 -59.71
C ALA F 176 -51.91 4.75 -60.55
N VAL F 177 -51.00 4.61 -61.53
CA VAL F 177 -50.66 5.76 -62.38
C VAL F 177 -51.92 6.34 -63.01
N ALA F 178 -52.87 5.49 -63.35
CA ALA F 178 -54.13 5.98 -63.94
C ALA F 178 -54.90 6.84 -62.95
N ALA F 179 -55.02 6.36 -61.70
CA ALA F 179 -55.74 7.15 -60.69
C ALA F 179 -55.03 8.46 -60.42
N LEU F 180 -53.69 8.45 -60.36
CA LEU F 180 -52.95 9.69 -60.15
C LEU F 180 -53.17 10.67 -61.29
N ARG F 181 -53.16 10.19 -62.53
CA ARG F 181 -53.40 11.05 -63.68
C ARG F 181 -54.81 11.62 -63.65
N ALA F 182 -55.76 10.91 -63.04
CA ALA F 182 -57.11 11.42 -62.85
C ALA F 182 -57.21 12.44 -61.72
N GLY F 183 -56.07 12.83 -61.14
CA GLY F 183 -56.06 13.81 -60.06
C GLY F 183 -55.82 15.23 -60.55
N SER F 184 -54.99 15.39 -61.57
CA SER F 184 -54.72 16.70 -62.13
C SER F 184 -54.73 16.65 -63.66
N LEU F 195 -46.51 11.70 -66.66
CA LEU F 195 -46.46 10.47 -65.89
C LEU F 195 -45.50 9.47 -66.50
N GLY F 196 -44.20 9.77 -66.40
CA GLY F 196 -43.17 8.89 -66.94
C GLY F 196 -42.05 8.64 -65.95
N VAL F 197 -40.96 8.03 -66.42
CA VAL F 197 -39.85 7.69 -65.53
C VAL F 197 -39.19 8.94 -64.96
N ALA F 198 -39.22 10.05 -65.71
CA ALA F 198 -38.55 11.27 -65.27
C ALA F 198 -39.42 12.15 -64.38
N SER F 199 -40.64 11.72 -64.07
CA SER F 199 -41.52 12.48 -63.18
C SER F 199 -42.20 11.62 -62.13
N LEU F 200 -41.75 10.37 -61.94
CA LEU F 200 -42.34 9.46 -60.98
C LEU F 200 -41.29 8.94 -60.01
N GLU F 201 -41.77 8.57 -58.82
CA GLU F 201 -40.99 7.81 -57.85
C GLU F 201 -41.81 6.61 -57.45
N VAL F 202 -41.25 5.41 -57.62
CA VAL F 202 -41.99 4.18 -57.40
C VAL F 202 -41.13 3.20 -56.61
N ALA F 203 -41.71 2.59 -55.59
CA ALA F 203 -41.04 1.57 -54.79
C ALA F 203 -42.10 0.59 -54.31
N VAL F 204 -41.63 -0.51 -53.71
CA VAL F 204 -42.55 -1.52 -53.20
C VAL F 204 -41.97 -2.16 -51.95
N LEU F 205 -42.87 -2.57 -51.06
CA LEU F 205 -42.56 -3.52 -50.01
C LEU F 205 -42.87 -4.90 -50.60
N ASP F 206 -41.81 -5.62 -50.98
CA ASP F 206 -41.91 -6.88 -51.69
C ASP F 206 -41.89 -8.01 -50.67
N ALA F 207 -43.09 -8.51 -50.31
CA ALA F 207 -43.19 -9.55 -49.30
C ALA F 207 -42.34 -10.77 -49.60
N ASN F 208 -41.77 -10.89 -50.80
CA ASN F 208 -41.03 -12.08 -51.18
C ASN F 208 -39.53 -11.99 -50.91
N ARG F 209 -39.00 -10.79 -50.65
CA ARG F 209 -37.60 -10.70 -50.30
C ARG F 209 -37.39 -11.21 -48.88
N PRO F 210 -36.31 -11.88 -48.61
CA PRO F 210 -36.12 -12.47 -47.30
C PRO F 210 -36.02 -11.59 -46.08
N ARG F 211 -35.25 -10.50 -46.15
CA ARG F 211 -35.10 -9.62 -44.99
C ARG F 211 -35.71 -8.25 -45.23
N ARG F 212 -34.93 -7.35 -45.81
CA ARG F 212 -35.42 -6.04 -46.10
C ARG F 212 -36.33 -6.15 -47.27
N ALA F 213 -37.56 -5.73 -47.12
CA ALA F 213 -38.60 -5.86 -48.13
C ALA F 213 -38.72 -4.64 -49.04
N PHE F 214 -38.08 -3.54 -48.71
CA PHE F 214 -38.23 -2.30 -49.46
C PHE F 214 -37.28 -2.29 -50.65
N ARG F 215 -37.82 -2.03 -51.85
CA ARG F 215 -36.98 -1.90 -53.03
C ARG F 215 -37.62 -0.94 -54.02
N ARG F 216 -36.81 -0.06 -54.60
CA ARG F 216 -37.29 0.89 -55.57
C ARG F 216 -37.44 0.24 -56.94
N ILE F 217 -37.99 1.01 -57.88
CA ILE F 217 -38.15 0.55 -59.27
C ILE F 217 -37.81 1.74 -60.15
N THR F 218 -36.66 1.70 -60.82
CA THR F 218 -36.09 2.87 -61.44
C THR F 218 -35.61 2.57 -62.87
N GLY F 219 -35.58 3.61 -63.69
CA GLY F 219 -34.83 3.56 -64.94
C GLY F 219 -35.44 2.59 -65.94
N SER F 220 -34.57 1.80 -66.56
CA SER F 220 -35.01 0.90 -67.62
C SER F 220 -35.99 -0.14 -67.12
N ALA F 221 -35.86 -0.58 -65.87
CA ALA F 221 -36.79 -1.57 -65.33
C ALA F 221 -38.18 -0.96 -65.17
N LEU F 222 -38.28 0.16 -64.46
CA LEU F 222 -39.56 0.87 -64.36
C LEU F 222 -40.14 1.18 -65.74
N GLN F 223 -39.27 1.47 -66.71
CA GLN F 223 -39.72 1.69 -68.08
C GLN F 223 -40.39 0.43 -68.64
N ALA F 224 -39.71 -0.71 -68.53
CA ALA F 224 -40.28 -1.97 -69.01
C ALA F 224 -41.61 -2.25 -68.32
N LEU F 225 -41.75 -1.88 -67.05
CA LEU F 225 -43.03 -2.06 -66.37
C LEU F 225 -44.12 -1.17 -66.96
N LEU F 226 -43.75 -0.14 -67.71
CA LEU F 226 -44.73 0.73 -68.36
C LEU F 226 -44.50 0.79 -69.87
N MET G 1 -59.27 34.84 -19.07
CA MET G 1 -59.41 33.92 -17.95
C MET G 1 -60.71 33.13 -18.06
N GLU G 2 -61.83 33.76 -17.69
CA GLU G 2 -63.11 33.09 -17.76
C GLU G 2 -63.48 32.74 -19.19
N GLN G 3 -63.29 33.68 -20.12
CA GLN G 3 -63.52 33.39 -21.54
C GLN G 3 -62.64 32.23 -22.01
N ALA G 4 -61.35 32.30 -21.70
CA ALA G 4 -60.43 31.24 -22.11
C ALA G 4 -60.93 29.88 -21.65
N MET G 5 -61.35 29.77 -20.39
CA MET G 5 -61.80 28.49 -19.87
C MET G 5 -63.10 28.06 -20.52
N ARG G 6 -63.99 29.00 -20.81
CA ARG G 6 -65.19 28.65 -21.57
C ARG G 6 -64.84 28.08 -22.94
N GLU G 7 -63.86 28.67 -23.61
CA GLU G 7 -63.49 28.21 -24.94
C GLU G 7 -62.85 26.84 -24.89
N ARG G 8 -61.98 26.59 -23.89
CA ARG G 8 -61.41 25.26 -23.73
C ARG G 8 -62.50 24.23 -23.46
N SER G 9 -63.40 24.55 -22.52
CA SER G 9 -64.49 23.62 -22.19
C SER G 9 -65.31 23.29 -23.43
N GLU G 10 -65.66 24.31 -24.23
CA GLU G 10 -66.46 24.05 -25.42
C GLU G 10 -65.68 23.25 -26.45
N LEU G 11 -64.39 23.54 -26.62
CA LEU G 11 -63.58 22.78 -27.57
C LEU G 11 -63.55 21.30 -27.19
N ALA G 12 -63.35 21.00 -25.91
CA ALA G 12 -63.35 19.61 -25.46
C ALA G 12 -64.73 18.99 -25.65
N ARG G 13 -65.79 19.68 -25.20
CA ARG G 13 -67.14 19.13 -25.33
C ARG G 13 -67.44 18.78 -26.78
N LYS G 14 -67.22 19.72 -27.70
CA LYS G 14 -67.48 19.46 -29.11
C LYS G 14 -66.66 18.30 -29.62
N GLY G 15 -65.36 18.27 -29.28
CA GLY G 15 -64.53 17.14 -29.68
C GLY G 15 -65.13 15.81 -29.29
N ILE G 16 -65.53 15.66 -28.03
CA ILE G 16 -66.08 14.39 -27.57
C ILE G 16 -67.45 14.14 -28.18
N ALA G 17 -68.18 15.20 -28.56
CA ALA G 17 -69.49 15.02 -29.15
C ALA G 17 -69.40 14.36 -30.52
N ARG G 18 -68.36 14.69 -31.28
CA ARG G 18 -68.25 14.18 -32.65
C ARG G 18 -67.65 12.78 -32.72
N ALA G 19 -67.21 12.21 -31.60
CA ALA G 19 -66.55 10.91 -31.61
C ALA G 19 -67.55 9.80 -31.31
N LYS G 20 -67.12 8.57 -31.58
CA LYS G 20 -67.99 7.42 -31.40
C LYS G 20 -68.11 7.07 -29.92
N SER G 21 -69.15 6.31 -29.59
CA SER G 21 -69.57 6.12 -28.22
C SER G 21 -69.05 4.82 -27.63
N VAL G 22 -68.81 4.85 -26.32
CA VAL G 22 -68.31 3.73 -25.54
C VAL G 22 -69.20 3.55 -24.32
N VAL G 23 -69.39 2.30 -23.92
CA VAL G 23 -70.23 1.96 -22.78
C VAL G 23 -69.52 0.92 -21.93
N ALA G 24 -69.68 1.02 -20.61
CA ALA G 24 -69.18 0.04 -19.68
C ALA G 24 -70.27 -0.30 -18.66
N LEU G 25 -70.40 -1.59 -18.35
CA LEU G 25 -71.49 -2.08 -17.50
C LEU G 25 -70.99 -3.02 -16.44
N ALA G 26 -71.44 -2.84 -15.22
CA ALA G 26 -71.29 -3.88 -14.20
C ALA G 26 -72.27 -5.00 -14.49
N TYR G 27 -71.80 -6.24 -14.45
CA TYR G 27 -72.66 -7.39 -14.64
C TYR G 27 -72.22 -8.52 -13.71
N ALA G 28 -73.04 -9.58 -13.68
CA ALA G 28 -72.84 -10.66 -12.72
C ALA G 28 -71.41 -11.19 -12.74
N GLY G 29 -70.80 -11.26 -13.92
CA GLY G 29 -69.48 -11.83 -14.07
C GLY G 29 -68.32 -10.86 -13.98
N GLY G 30 -68.58 -9.57 -13.84
CA GLY G 30 -67.50 -8.59 -13.78
C GLY G 30 -67.90 -7.27 -14.40
N VAL G 31 -67.07 -6.76 -15.31
CA VAL G 31 -67.41 -5.52 -16.01
C VAL G 31 -67.26 -5.75 -17.51
N LEU G 32 -68.10 -5.08 -18.28
CA LEU G 32 -68.20 -5.26 -19.73
C LEU G 32 -67.91 -3.94 -20.42
N PHE G 33 -67.01 -3.97 -21.40
CA PHE G 33 -66.69 -2.82 -22.24
C PHE G 33 -67.18 -3.09 -23.66
N VAL G 34 -68.02 -2.20 -24.17
CA VAL G 34 -68.54 -2.28 -25.54
C VAL G 34 -68.38 -0.92 -26.19
N ALA G 35 -67.64 -0.86 -27.29
CA ALA G 35 -67.36 0.40 -27.97
C ALA G 35 -67.57 0.25 -29.47
N GLU G 36 -67.96 1.35 -30.10
CA GLU G 36 -67.96 1.47 -31.55
C GLU G 36 -66.52 1.63 -32.03
N ASN G 37 -66.04 0.69 -32.82
CA ASN G 37 -64.66 0.73 -33.32
C ASN G 37 -64.57 0.00 -34.65
N PRO G 38 -64.48 0.74 -35.76
CA PRO G 38 -64.29 0.09 -37.06
C PRO G 38 -62.88 -0.40 -37.29
N SER G 39 -61.90 0.09 -36.53
CA SER G 39 -60.50 -0.26 -36.77
C SER G 39 -60.25 -1.74 -36.49
N ARG G 40 -59.20 -2.25 -37.11
CA ARG G 40 -58.78 -3.63 -36.89
C ARG G 40 -57.68 -3.74 -35.85
N SER G 41 -56.89 -2.67 -35.66
CA SER G 41 -55.77 -2.69 -34.73
C SER G 41 -55.79 -1.57 -33.69
N LEU G 42 -56.46 -0.45 -33.95
CA LEU G 42 -56.46 0.69 -33.04
C LEU G 42 -57.58 0.51 -32.01
N GLN G 43 -57.22 0.48 -30.73
CA GLN G 43 -58.10 0.01 -29.67
C GLN G 43 -58.50 1.16 -28.74
N LYS G 44 -59.75 1.10 -28.26
CA LYS G 44 -60.27 2.06 -27.30
C LYS G 44 -60.38 1.50 -25.89
N ILE G 45 -60.45 0.18 -25.76
CA ILE G 45 -60.53 -0.49 -24.47
C ILE G 45 -59.21 -1.20 -24.22
N SER G 46 -58.69 -1.11 -23.00
CA SER G 46 -57.36 -1.62 -22.72
C SER G 46 -57.30 -2.13 -21.29
N GLU G 47 -56.30 -2.98 -21.04
CA GLU G 47 -55.98 -3.42 -19.68
C GLU G 47 -55.08 -2.40 -18.99
N LEU G 48 -55.34 -2.17 -17.71
CA LEU G 48 -54.47 -1.34 -16.89
C LEU G 48 -53.71 -2.18 -15.87
N TYR G 49 -54.42 -2.93 -15.02
CA TYR G 49 -53.75 -3.77 -14.04
C TYR G 49 -54.55 -5.04 -13.85
N ASP G 50 -54.03 -5.92 -13.00
CA ASP G 50 -54.61 -7.24 -12.76
C ASP G 50 -56.13 -7.23 -12.85
N ARG G 51 -56.77 -6.36 -12.05
CA ARG G 51 -58.23 -6.30 -11.98
C ARG G 51 -58.76 -4.93 -12.38
N VAL G 52 -58.02 -4.17 -13.18
CA VAL G 52 -58.37 -2.79 -13.50
C VAL G 52 -58.31 -2.58 -15.00
N GLY G 53 -59.39 -2.01 -15.56
CA GLY G 53 -59.49 -1.80 -16.98
C GLY G 53 -59.80 -0.34 -17.31
N PHE G 54 -59.66 -0.03 -18.59
CA PHE G 54 -59.64 1.32 -19.12
C PHE G 54 -60.47 1.37 -20.39
N ALA G 55 -61.25 2.44 -20.56
CA ALA G 55 -61.94 2.66 -21.81
C ALA G 55 -62.07 4.16 -22.02
N ALA G 56 -61.98 4.60 -23.27
CA ALA G 56 -61.92 6.03 -23.55
C ALA G 56 -62.70 6.36 -24.83
N ALA G 57 -63.14 7.62 -24.89
CA ALA G 57 -63.77 8.17 -26.08
C ALA G 57 -63.11 9.49 -26.42
N GLY G 58 -63.17 9.86 -27.70
CA GLY G 58 -62.57 11.10 -28.14
C GLY G 58 -61.42 10.92 -29.10
N LYS G 59 -60.35 11.70 -28.91
CA LYS G 59 -59.24 11.74 -29.87
C LYS G 59 -58.23 10.65 -29.51
N PHE G 60 -57.94 9.77 -30.47
CA PHE G 60 -57.20 8.56 -30.16
C PHE G 60 -55.82 8.84 -29.61
N ASN G 61 -55.07 9.75 -30.25
CA ASN G 61 -53.71 9.99 -29.78
C ASN G 61 -53.70 10.47 -28.33
N GLU G 62 -54.71 11.24 -27.93
CA GLU G 62 -54.73 11.80 -26.59
C GLU G 62 -55.07 10.76 -25.54
N PHE G 63 -56.16 10.00 -25.73
CA PHE G 63 -56.47 9.00 -24.70
C PHE G 63 -55.52 7.81 -24.76
N ASP G 64 -54.83 7.60 -25.87
CA ASP G 64 -53.76 6.60 -25.87
C ASP G 64 -52.57 7.09 -25.06
N ASN G 65 -52.23 8.39 -25.20
CA ASN G 65 -51.24 8.98 -24.31
C ASN G 65 -51.63 8.76 -22.86
N LEU G 66 -52.90 9.00 -22.51
CA LEU G 66 -53.33 8.81 -21.12
C LEU G 66 -53.30 7.35 -20.71
N ARG G 67 -53.66 6.45 -21.63
CA ARG G 67 -53.62 5.02 -21.36
C ARG G 67 -52.20 4.59 -20.96
N ARG G 68 -51.23 4.97 -21.77
CA ARG G 68 -49.84 4.69 -21.43
C ARG G 68 -49.45 5.34 -20.10
N GLY G 69 -49.80 6.61 -19.96
C GLY G 69 -50.22 6.52 -17.14
N GLY G 70 -51.26 5.78 -17.52
CA GLY G 70 -51.96 4.93 -16.56
C GLY G 70 -51.26 3.60 -16.34
N ILE G 71 -50.84 2.95 -17.42
CA ILE G 71 -50.07 1.72 -17.29
C ILE G 71 -48.72 1.99 -16.60
N GLN G 72 -48.07 3.09 -16.96
CA GLN G 72 -46.84 3.47 -16.29
C GLN G 72 -47.07 3.64 -14.78
N PHE G 73 -48.09 4.42 -14.42
CA PHE G 73 -48.38 4.65 -13.01
C PHE G 73 -48.66 3.34 -12.27
N ALA G 74 -49.52 2.50 -12.85
CA ALA G 74 -49.89 1.27 -12.15
C ALA G 74 -48.71 0.33 -11.97
N ASP G 75 -47.90 0.15 -13.02
CA ASP G 75 -46.75 -0.74 -12.88
C ASP G 75 -45.73 -0.19 -11.90
N THR G 76 -45.47 1.12 -11.95
CA THR G 76 -44.56 1.71 -10.97
C THR G 76 -45.07 1.48 -9.55
N ARG G 77 -46.34 1.80 -9.30
CA ARG G 77 -46.88 1.66 -7.94
C ARG G 77 -46.86 0.22 -7.47
N GLY G 78 -47.29 -0.71 -8.33
CA GLY G 78 -47.27 -2.12 -7.96
C GLY G 78 -45.88 -2.59 -7.62
N TYR G 79 -44.88 -2.12 -8.37
CA TYR G 79 -43.50 -2.55 -8.11
C TYR G 79 -42.96 -1.92 -6.82
N ALA G 80 -43.28 -0.65 -6.57
CA ALA G 80 -42.75 0.03 -5.40
C ALA G 80 -43.42 -0.42 -4.10
N TYR G 81 -44.63 -1.00 -4.17
CA TYR G 81 -45.32 -1.47 -2.99
C TYR G 81 -45.65 -2.92 -3.20
N ASP G 82 -46.88 -3.26 -3.59
CA ASP G 82 -47.21 -4.61 -4.03
C ASP G 82 -48.36 -4.53 -5.03
N ARG G 83 -48.53 -5.61 -5.79
CA ARG G 83 -49.56 -5.63 -6.82
C ARG G 83 -50.93 -5.30 -6.24
N ARG G 84 -51.25 -5.85 -5.06
CA ARG G 84 -52.58 -5.68 -4.49
C ARG G 84 -52.78 -4.34 -3.80
N ASP G 85 -51.82 -3.42 -3.91
CA ASP G 85 -52.03 -2.06 -3.46
C ASP G 85 -52.59 -1.16 -4.55
N VAL G 86 -52.46 -1.58 -5.82
CA VAL G 86 -52.93 -0.79 -6.95
C VAL G 86 -54.43 -0.98 -7.11
N THR G 87 -55.18 0.13 -7.15
CA THR G 87 -56.63 0.08 -7.14
C THR G 87 -57.20 0.89 -8.29
N GLY G 88 -58.45 0.57 -8.66
CA GLY G 88 -59.14 1.37 -9.66
C GLY G 88 -59.39 2.79 -9.18
N ARG G 89 -59.70 2.96 -7.89
CA ARG G 89 -59.90 4.30 -7.36
C ARG G 89 -58.65 5.15 -7.51
N GLN G 90 -57.47 4.56 -7.30
CA GLN G 90 -56.22 5.28 -7.50
C GLN G 90 -56.07 5.73 -8.95
N LEU G 91 -56.15 4.78 -9.89
CA LEU G 91 -56.03 5.14 -11.30
C LEU G 91 -57.00 6.25 -11.67
N ALA G 92 -58.25 6.15 -11.21
CA ALA G 92 -59.22 7.22 -11.47
C ALA G 92 -58.73 8.54 -10.91
N ASN G 93 -58.24 8.54 -9.67
CA ASN G 93 -57.78 9.77 -9.04
C ASN G 93 -56.65 10.41 -9.82
N VAL G 94 -55.64 9.62 -10.17
CA VAL G 94 -54.49 10.14 -10.91
C VAL G 94 -54.96 10.67 -12.26
N TYR G 95 -55.92 9.99 -12.89
CA TYR G 95 -56.47 10.50 -14.15
C TYR G 95 -57.14 11.85 -13.95
N ALA G 96 -57.84 12.03 -12.83
CA ALA G 96 -58.48 13.32 -12.57
C ALA G 96 -57.45 14.42 -12.39
N GLN G 97 -56.42 14.17 -11.57
CA GLN G 97 -55.36 15.17 -11.40
C GLN G 97 -54.69 15.50 -12.73
N THR G 98 -54.42 14.47 -13.54
CA THR G 98 -53.71 14.66 -14.80
C THR G 98 -54.54 15.46 -15.79
N LEU G 99 -55.80 15.06 -15.99
CA LEU G 99 -56.67 15.79 -16.92
C LEU G 99 -56.96 17.20 -16.43
N GLY G 100 -57.02 17.41 -15.11
CA GLY G 100 -57.12 18.77 -14.61
C GLY G 100 -55.94 19.61 -15.05
N THR G 101 -54.72 19.13 -14.76
CA THR G 101 -53.52 19.83 -15.21
C THR G 101 -53.58 20.11 -16.70
N ILE G 102 -53.79 19.05 -17.51
CA ILE G 102 -53.85 19.20 -18.96
C ILE G 102 -54.83 20.31 -19.34
N PHE G 103 -56.07 20.18 -18.86
CA PHE G 103 -57.13 21.11 -19.27
C PHE G 103 -56.75 22.55 -18.96
N THR G 104 -56.10 22.81 -17.82
CA THR G 104 -55.83 24.20 -17.48
C THR G 104 -54.51 24.73 -18.02
N GLU G 105 -53.55 23.87 -18.37
CA GLU G 105 -52.21 24.36 -18.69
C GLU G 105 -51.66 23.93 -20.04
N GLN G 106 -52.18 22.88 -20.66
CA GLN G 106 -51.68 22.49 -21.96
C GLN G 106 -52.21 23.42 -23.06
N ALA G 107 -51.48 23.46 -24.17
CA ALA G 107 -51.82 24.38 -25.26
C ALA G 107 -53.26 24.18 -25.70
N LYS G 108 -53.66 22.93 -25.96
CA LYS G 108 -55.04 22.60 -26.27
C LYS G 108 -55.48 21.49 -25.31
N PRO G 109 -56.66 21.61 -24.71
CA PRO G 109 -57.15 20.55 -23.83
C PRO G 109 -57.31 19.24 -24.60
N TYR G 110 -57.26 18.13 -23.85
CA TYR G 110 -57.50 16.82 -24.41
C TYR G 110 -59.00 16.64 -24.63
N GLU G 111 -59.39 16.33 -25.87
CA GLU G 111 -60.78 16.01 -26.18
C GLU G 111 -60.98 14.50 -25.97
N VAL G 112 -60.98 14.12 -24.68
CA VAL G 112 -61.07 12.72 -24.29
C VAL G 112 -62.06 12.60 -23.13
N GLU G 113 -62.54 11.37 -22.92
CA GLU G 113 -63.39 11.04 -21.79
C GLU G 113 -63.05 9.62 -21.34
N LEU G 114 -62.76 9.47 -20.05
CA LEU G 114 -62.15 8.25 -19.54
C LEU G 114 -63.08 7.49 -18.61
N CYS G 115 -62.90 6.18 -18.58
CA CYS G 115 -63.57 5.28 -17.65
C CYS G 115 -62.54 4.28 -17.12
N VAL G 116 -62.45 4.20 -15.79
CA VAL G 116 -61.62 3.22 -15.09
C VAL G 116 -62.54 2.27 -14.33
N ALA G 117 -62.38 0.97 -14.57
CA ALA G 117 -63.24 -0.01 -13.91
C ALA G 117 -62.40 -1.02 -13.14
N GLU G 118 -62.92 -1.51 -12.02
CA GLU G 118 -62.22 -2.51 -11.23
C GLU G 118 -63.19 -3.54 -10.71
N VAL G 119 -62.75 -4.80 -10.72
CA VAL G 119 -63.54 -5.92 -10.24
C VAL G 119 -62.79 -6.59 -9.08
N ALA G 120 -63.49 -7.46 -8.37
CA ALA G 120 -62.90 -8.12 -7.23
C ALA G 120 -61.73 -9.00 -7.66
N HIS G 121 -60.81 -9.23 -6.73
CA HIS G 121 -59.79 -10.24 -6.92
C HIS G 121 -60.41 -11.63 -6.92
N TYR G 122 -59.69 -12.60 -7.49
CA TYR G 122 -60.21 -13.94 -7.61
C TYR G 122 -60.63 -14.48 -6.26
N GLY G 123 -61.90 -14.88 -6.14
CA GLY G 123 -62.40 -15.51 -4.93
C GLY G 123 -62.96 -14.58 -3.88
N GLU G 124 -62.91 -13.28 -4.08
CA GLU G 124 -63.50 -12.32 -3.16
C GLU G 124 -64.88 -11.91 -3.65
N THR G 125 -65.64 -11.28 -2.74
CA THR G 125 -66.93 -10.69 -3.06
C THR G 125 -66.83 -9.19 -2.86
N LYS G 126 -66.98 -8.44 -3.95
CA LYS G 126 -66.79 -6.99 -3.91
C LYS G 126 -67.48 -6.40 -5.13
N ARG G 127 -68.45 -5.53 -4.91
CA ARG G 127 -69.16 -4.91 -6.02
C ARG G 127 -68.17 -4.25 -6.98
N PRO G 128 -68.36 -4.37 -8.29
CA PRO G 128 -67.48 -3.67 -9.23
C PRO G 128 -67.54 -2.17 -9.03
N GLU G 129 -66.47 -1.49 -9.44
CA GLU G 129 -66.37 -0.04 -9.37
C GLU G 129 -66.18 0.52 -10.77
N LEU G 130 -66.95 1.55 -11.11
CA LEU G 130 -66.82 2.25 -12.38
C LEU G 130 -66.61 3.72 -12.10
N TYR G 131 -65.58 4.29 -12.72
CA TYR G 131 -65.27 5.70 -12.60
C TYR G 131 -65.28 6.34 -13.99
N ARG G 132 -65.86 7.53 -14.07
CA ARG G 132 -65.76 8.39 -15.24
C ARG G 132 -64.96 9.63 -14.87
N ILE G 133 -64.06 10.03 -15.77
CA ILE G 133 -63.25 11.22 -15.62
C ILE G 133 -63.38 12.02 -16.91
N THR G 134 -63.85 13.26 -16.81
CA THR G 134 -64.11 14.09 -17.98
C THR G 134 -62.91 14.97 -18.31
N TYR G 135 -63.05 15.75 -19.39
CA TYR G 135 -61.92 16.45 -19.97
C TYR G 135 -61.30 17.48 -19.03
N ASP G 136 -62.05 17.97 -18.04
CA ASP G 136 -61.52 18.99 -17.13
C ASP G 136 -61.03 18.41 -15.81
N GLY G 137 -61.05 17.09 -15.66
CA GLY G 137 -60.61 16.46 -14.44
C GLY G 137 -61.72 16.13 -13.47
N SER G 138 -62.97 16.39 -13.82
CA SER G 138 -64.08 15.97 -12.98
C SER G 138 -64.14 14.44 -12.95
N ILE G 139 -64.43 13.91 -11.77
CA ILE G 139 -64.46 12.47 -11.57
C ILE G 139 -65.75 12.11 -10.84
N ALA G 140 -66.26 10.92 -11.14
CA ALA G 140 -67.47 10.45 -10.49
C ALA G 140 -67.56 8.94 -10.67
N ASP G 141 -67.97 8.24 -9.62
CA ASP G 141 -68.14 6.80 -9.68
C ASP G 141 -69.62 6.45 -9.83
N GLU G 142 -69.91 5.53 -10.75
CA GLU G 142 -71.21 5.04 -11.15
C GLU G 142 -71.40 3.60 -10.70
N PRO G 143 -72.59 3.24 -10.22
CA PRO G 143 -72.80 1.91 -9.67
C PRO G 143 -73.12 0.87 -10.74
N HIS G 144 -73.69 1.30 -11.86
CA HIS G 144 -74.24 0.38 -12.85
C HIS G 144 -73.60 0.49 -14.21
N PHE G 145 -73.45 1.69 -14.75
CA PHE G 145 -72.90 1.81 -16.10
C PHE G 145 -72.36 3.21 -16.34
N VAL G 146 -71.44 3.29 -17.28
CA VAL G 146 -70.86 4.55 -17.74
C VAL G 146 -71.04 4.62 -19.26
N VAL G 147 -71.28 5.83 -19.76
CA VAL G 147 -71.45 6.09 -21.17
C VAL G 147 -70.60 7.31 -21.54
N MET G 148 -69.82 7.19 -22.61
CA MET G 148 -68.89 8.24 -23.00
C MET G 148 -68.92 8.44 -24.51
N GLY G 149 -68.68 9.66 -24.95
CA GLY G 149 -68.50 9.95 -26.35
C GLY G 149 -69.78 10.12 -27.16
N GLY G 150 -69.79 11.09 -28.07
CA GLY G 150 -70.95 11.33 -28.90
C GLY G 150 -72.12 11.87 -28.10
N THR G 151 -73.32 11.69 -28.67
CA THR G 151 -74.57 12.07 -28.02
C THR G 151 -74.96 10.97 -27.05
N THR G 152 -74.82 11.24 -25.75
CA THR G 152 -75.00 10.19 -24.75
C THR G 152 -76.42 10.06 -24.24
N GLU G 153 -77.21 11.14 -24.26
CA GLU G 153 -78.54 11.14 -23.64
C GLU G 153 -79.34 9.89 -24.03
N PRO G 154 -79.57 9.65 -25.32
CA PRO G 154 -80.34 8.44 -25.70
C PRO G 154 -79.74 7.15 -25.18
N ILE G 155 -78.41 7.00 -25.20
CA ILE G 155 -77.79 5.76 -24.75
C ILE G 155 -78.02 5.56 -23.26
N ALA G 156 -77.83 6.62 -22.46
CA ALA G 156 -77.99 6.53 -21.01
C ALA G 156 -79.45 6.34 -20.61
N ASN G 157 -80.39 6.90 -21.38
CA ASN G 157 -81.80 6.64 -21.12
C ASN G 157 -82.16 5.20 -21.45
N ALA G 158 -81.70 4.70 -22.60
CA ALA G 158 -81.95 3.32 -22.96
C ALA G 158 -81.43 2.38 -21.88
N LEU G 159 -80.20 2.59 -21.42
CA LEU G 159 -79.67 1.74 -20.36
C LEU G 159 -80.43 1.95 -19.05
N LYS G 160 -80.83 3.19 -18.77
CA LYS G 160 -81.60 3.47 -17.56
C LYS G 160 -82.88 2.66 -17.53
N GLU G 161 -83.49 2.43 -18.70
CA GLU G 161 -84.73 1.67 -18.77
C GLU G 161 -84.48 0.16 -18.89
N SER G 162 -83.33 -0.26 -19.43
CA SER G 162 -83.10 -1.66 -19.72
C SER G 162 -82.09 -2.33 -18.80
N TYR G 163 -81.30 -1.58 -18.05
CA TYR G 163 -80.25 -2.19 -17.24
C TYR G 163 -80.85 -2.97 -16.07
N ALA G 164 -80.17 -4.06 -15.71
CA ALA G 164 -80.51 -4.82 -14.51
C ALA G 164 -79.24 -5.40 -13.92
N GLU G 165 -79.13 -5.32 -12.60
CA GLU G 165 -77.97 -5.87 -11.91
C GLU G 165 -77.92 -7.38 -12.08
N ASN G 166 -76.70 -7.90 -12.21
CA ASN G 166 -76.42 -9.34 -12.25
C ASN G 166 -76.90 -10.01 -13.53
N ALA G 167 -77.00 -9.26 -14.62
CA ALA G 167 -77.31 -9.89 -15.90
C ALA G 167 -76.19 -10.84 -16.30
N SER G 168 -76.52 -11.76 -17.21
CA SER G 168 -75.49 -12.62 -17.79
C SER G 168 -74.65 -11.81 -18.77
N LEU G 169 -73.55 -12.43 -19.23
CA LEU G 169 -72.72 -11.77 -20.23
C LEU G 169 -73.51 -11.49 -21.50
N THR G 170 -74.31 -12.47 -21.94
CA THR G 170 -75.06 -12.30 -23.17
C THR G 170 -76.13 -11.21 -23.04
N ASP G 171 -76.75 -11.10 -21.86
CA ASP G 171 -77.79 -10.10 -21.68
C ASP G 171 -77.19 -8.69 -21.59
N ALA G 172 -76.10 -8.54 -20.83
CA ALA G 172 -75.43 -7.25 -20.77
C ALA G 172 -74.93 -6.83 -22.14
N LEU G 173 -74.41 -7.78 -22.92
CA LEU G 173 -73.99 -7.45 -24.27
C LEU G 173 -75.17 -7.02 -25.13
N ARG G 174 -76.30 -7.73 -25.03
CA ARG G 174 -77.48 -7.37 -25.79
C ARG G 174 -77.90 -5.94 -25.47
N ILE G 175 -78.10 -5.61 -24.18
CA ILE G 175 -78.59 -4.29 -23.84
C ILE G 175 -77.55 -3.21 -24.16
N ALA G 176 -76.26 -3.56 -24.08
CA ALA G 176 -75.23 -2.57 -24.37
C ALA G 176 -75.18 -2.24 -25.86
N VAL G 177 -75.23 -3.26 -26.72
CA VAL G 177 -75.22 -3.01 -28.15
C VAL G 177 -76.53 -2.35 -28.58
N ALA G 178 -77.63 -2.70 -27.94
CA ALA G 178 -78.91 -2.07 -28.27
C ALA G 178 -78.92 -0.59 -27.89
N ALA G 179 -78.41 -0.28 -26.70
CA ALA G 179 -78.33 1.12 -26.28
C ALA G 179 -77.40 1.91 -27.18
N LEU G 180 -76.23 1.34 -27.51
CA LEU G 180 -75.34 2.00 -28.46
C LEU G 180 -76.03 2.23 -29.78
N ARG G 181 -76.81 1.25 -30.25
CA ARG G 181 -77.53 1.38 -31.52
C ARG G 181 -78.59 2.48 -31.44
N ALA G 182 -79.16 2.70 -30.26
CA ALA G 182 -80.17 3.74 -30.08
C ALA G 182 -79.55 5.13 -30.04
N GLY G 183 -78.30 5.26 -30.48
CA GLY G 183 -77.62 6.53 -30.38
C GLY G 183 -76.71 6.88 -31.55
N SER G 184 -76.98 6.29 -32.71
CA SER G 184 -76.17 6.57 -33.90
C SER G 184 -77.06 6.80 -35.12
N GLY G 196 -72.38 -4.26 -36.23
CA GLY G 196 -71.99 -5.67 -36.25
C GLY G 196 -70.67 -5.95 -35.58
N VAL G 197 -70.19 -7.19 -35.72
CA VAL G 197 -68.92 -7.57 -35.11
C VAL G 197 -67.77 -6.76 -35.69
N ALA G 198 -67.80 -6.53 -37.01
CA ALA G 198 -66.69 -5.83 -37.67
C ALA G 198 -66.55 -4.38 -37.21
N SER G 199 -67.51 -3.86 -36.44
CA SER G 199 -67.52 -2.47 -36.03
C SER G 199 -67.57 -2.30 -34.52
N LEU G 200 -67.35 -3.38 -33.76
CA LEU G 200 -67.42 -3.36 -32.31
C LEU G 200 -66.09 -3.80 -31.71
N GLU G 201 -65.68 -3.11 -30.65
CA GLU G 201 -64.61 -3.57 -29.77
C GLU G 201 -65.26 -3.97 -28.45
N VAL G 202 -65.08 -5.21 -28.05
CA VAL G 202 -65.69 -5.74 -26.84
C VAL G 202 -64.61 -6.38 -25.99
N ALA G 203 -64.57 -6.01 -24.70
CA ALA G 203 -63.65 -6.63 -23.76
C ALA G 203 -64.35 -6.74 -22.42
N VAL G 204 -63.72 -7.43 -21.48
CA VAL G 204 -64.34 -7.72 -20.20
C VAL G 204 -63.28 -7.80 -19.12
N LEU G 205 -63.64 -7.32 -17.92
CA LEU G 205 -62.92 -7.62 -16.68
C LEU G 205 -63.66 -8.78 -16.05
N ASP G 206 -63.11 -9.99 -16.24
CA ASP G 206 -63.74 -11.24 -15.86
C ASP G 206 -63.31 -11.60 -14.44
N ALA G 207 -64.21 -11.39 -13.48
CA ALA G 207 -63.91 -11.55 -12.07
C ALA G 207 -63.60 -12.99 -11.69
N ASN G 208 -63.70 -13.93 -12.63
CA ASN G 208 -63.42 -15.33 -12.34
C ASN G 208 -62.03 -15.76 -12.81
N ARG G 209 -61.27 -14.86 -13.40
CA ARG G 209 -59.93 -15.21 -13.86
C ARG G 209 -58.95 -15.21 -12.68
N PRO G 210 -57.96 -16.10 -12.70
CA PRO G 210 -57.08 -16.22 -11.51
C PRO G 210 -56.33 -14.93 -11.18
N ARG G 211 -55.75 -14.25 -12.17
CA ARG G 211 -55.00 -13.05 -11.88
C ARG G 211 -55.38 -11.90 -12.82
N ARG G 212 -54.96 -11.98 -14.09
CA ARG G 212 -55.27 -10.93 -15.04
C ARG G 212 -56.71 -11.09 -15.53
N ALA G 213 -57.55 -10.11 -15.21
CA ALA G 213 -58.99 -10.20 -15.46
C ALA G 213 -59.40 -9.72 -16.85
N PHE G 214 -58.52 -9.04 -17.58
CA PHE G 214 -58.90 -8.47 -18.86
C PHE G 214 -58.92 -9.55 -19.95
N ARG G 215 -59.99 -9.57 -20.75
CA ARG G 215 -60.13 -10.50 -21.86
C ARG G 215 -60.85 -9.82 -23.02
N ARG G 216 -60.33 -10.00 -24.23
CA ARG G 216 -61.04 -9.55 -25.41
C ARG G 216 -61.97 -10.64 -25.92
N ILE G 217 -63.03 -10.22 -26.58
CA ILE G 217 -64.02 -11.12 -27.16
C ILE G 217 -64.12 -10.76 -28.64
N THR G 218 -63.51 -11.59 -29.49
CA THR G 218 -63.26 -11.23 -30.87
C THR G 218 -63.74 -12.32 -31.82
N GLY G 219 -64.24 -11.89 -32.98
CA GLY G 219 -64.52 -12.82 -34.06
C GLY G 219 -65.64 -13.79 -33.73
N SER G 220 -65.34 -15.09 -33.89
CA SER G 220 -66.37 -16.12 -33.80
C SER G 220 -67.02 -16.14 -32.41
N ALA G 221 -66.23 -15.96 -31.36
CA ALA G 221 -66.79 -15.96 -30.01
C ALA G 221 -67.75 -14.79 -29.82
N LEU G 222 -67.40 -13.62 -30.35
CA LEU G 222 -68.28 -12.46 -30.22
C LEU G 222 -69.58 -12.67 -31.01
N GLN G 223 -69.46 -13.12 -32.27
CA GLN G 223 -70.66 -13.38 -33.06
C GLN G 223 -71.56 -14.38 -32.37
N ALA G 224 -70.98 -15.44 -31.81
CA ALA G 224 -71.79 -16.39 -31.04
C ALA G 224 -72.43 -15.72 -29.84
N LEU G 225 -71.71 -14.78 -29.21
CA LEU G 225 -72.25 -14.08 -28.05
C LEU G 225 -73.47 -13.25 -28.42
N LEU G 226 -73.46 -12.66 -29.61
CA LEU G 226 -74.55 -11.77 -30.02
C LEU G 226 -75.77 -12.56 -30.46
N VAL G 227 -75.59 -13.58 -31.30
CA VAL G 227 -76.71 -14.30 -31.88
C VAL G 227 -77.26 -15.34 -30.91
N THR H 1 -27.28 -6.89 21.58
CA THR H 1 -28.69 -6.87 21.26
C THR H 1 -29.22 -8.25 20.90
N THR H 2 -30.45 -8.53 21.31
CA THR H 2 -31.19 -9.68 20.80
C THR H 2 -32.66 -9.28 20.65
N ILE H 3 -33.25 -9.66 19.52
CA ILE H 3 -34.67 -9.46 19.26
C ILE H 3 -35.26 -10.81 18.86
N VAL H 4 -36.42 -11.16 19.43
CA VAL H 4 -37.08 -12.42 19.18
C VAL H 4 -38.52 -12.16 18.75
N ALA H 5 -39.00 -12.98 17.81
CA ALA H 5 -40.39 -12.94 17.36
C ALA H 5 -40.84 -14.36 17.09
N LEU H 6 -42.08 -14.67 17.46
CA LEU H 6 -42.61 -16.02 17.32
C LEU H 6 -44.12 -15.97 17.13
N LYS H 7 -44.63 -16.91 16.34
CA LYS H 7 -46.06 -17.02 16.06
C LYS H 7 -46.69 -17.95 17.08
N TYR H 8 -47.91 -17.62 17.50
CA TYR H 8 -48.74 -18.48 18.33
C TYR H 8 -50.15 -18.52 17.75
N PRO H 9 -50.96 -19.48 18.18
CA PRO H 9 -52.33 -19.59 17.65
C PRO H 9 -53.14 -18.32 17.85
N GLY H 10 -53.30 -17.55 16.78
CA GLY H 10 -54.08 -16.33 16.81
C GLY H 10 -53.27 -15.06 16.72
N GLY H 11 -51.95 -15.15 16.73
CA GLY H 11 -51.15 -13.94 16.64
C GLY H 11 -49.65 -14.15 16.69
N VAL H 12 -48.95 -13.11 17.12
CA VAL H 12 -47.50 -13.09 17.08
C VAL H 12 -46.99 -12.26 18.26
N VAL H 13 -45.78 -12.58 18.72
CA VAL H 13 -45.15 -11.85 19.81
C VAL H 13 -43.72 -11.49 19.43
N MET H 14 -43.27 -10.33 19.90
CA MET H 14 -41.91 -9.86 19.72
C MET H 14 -41.40 -9.33 21.06
N ALA H 15 -40.09 -9.43 21.26
CA ALA H 15 -39.50 -8.94 22.51
C ALA H 15 -38.04 -8.63 22.27
N GLY H 16 -37.50 -7.72 23.07
CA GLY H 16 -36.12 -7.32 22.93
C GLY H 16 -35.54 -6.92 24.28
N ASP H 17 -34.20 -6.99 24.34
CA ASP H 17 -33.48 -6.64 25.56
C ASP H 17 -33.32 -5.14 25.67
N ARG H 18 -32.62 -4.69 26.73
CA ARG H 18 -32.58 -3.28 27.10
C ARG H 18 -31.18 -2.70 27.11
N ARG H 19 -30.17 -3.43 26.64
CA ARG H 19 -28.78 -3.05 26.82
C ARG H 19 -28.23 -2.28 25.63
N SER H 20 -27.36 -1.33 25.95
CA SER H 20 -26.64 -0.51 24.99
C SER H 20 -25.16 -0.54 25.34
N THR H 21 -24.28 -0.78 24.37
CA THR H 21 -22.85 -0.83 24.62
C THR H 21 -22.10 0.14 23.72
N GLN H 22 -20.92 0.53 24.19
CA GLN H 22 -19.88 1.19 23.40
C GLN H 22 -18.65 0.31 23.52
N GLY H 23 -18.54 -0.67 22.63
CA GLY H 23 -17.54 -1.71 22.77
C GLY H 23 -17.86 -2.60 23.96
N ASN H 24 -16.96 -2.65 24.93
CA ASN H 24 -17.19 -3.43 26.15
C ASN H 24 -17.95 -2.64 27.21
N MET H 25 -17.96 -1.32 27.13
CA MET H 25 -18.59 -0.52 28.16
C MET H 25 -20.10 -0.48 27.97
N ILE H 26 -20.81 -0.53 29.08
CA ILE H 26 -22.27 -0.50 29.08
C ILE H 26 -22.72 0.95 29.09
N SER H 27 -23.42 1.36 28.02
CA SER H 27 -23.87 2.73 27.89
C SER H 27 -25.38 2.89 28.03
N GLY H 28 -26.13 1.80 28.16
CA GLY H 28 -27.57 1.90 28.33
C GLY H 28 -28.12 0.65 28.97
N ARG H 29 -29.16 0.83 29.80
CA ARG H 29 -29.80 -0.27 30.51
C ARG H 29 -31.32 -0.33 30.34
N ASP H 30 -31.93 0.67 29.71
CA ASP H 30 -33.38 0.70 29.55
C ASP H 30 -33.77 1.05 28.12
N VAL H 31 -32.91 0.68 27.17
CA VAL H 31 -33.18 1.00 25.77
C VAL H 31 -34.39 0.22 25.30
N ARG H 32 -35.27 0.90 24.57
CA ARG H 32 -36.44 0.27 23.96
C ARG H 32 -36.12 -0.01 22.49
N LYS H 33 -36.11 -1.29 22.12
CA LYS H 33 -35.69 -1.73 20.80
C LYS H 33 -36.82 -2.29 19.96
N VAL H 34 -38.00 -2.49 20.54
CA VAL H 34 -39.15 -3.04 19.81
C VAL H 34 -40.22 -1.97 19.79
N TYR H 35 -40.61 -1.55 18.58
CA TYR H 35 -41.54 -0.44 18.40
C TYR H 35 -42.79 -0.93 17.68
N ILE H 36 -43.94 -0.38 18.09
CA ILE H 36 -45.19 -0.63 17.38
C ILE H 36 -45.22 0.32 16.19
N THR H 37 -44.90 -0.21 15.00
CA THR H 37 -44.79 0.64 13.83
C THR H 37 -46.15 0.91 13.20
N ASP H 38 -47.11 0.01 13.34
CA ASP H 38 -48.50 0.38 13.07
C ASP H 38 -49.42 -0.60 13.80
N ASP H 39 -50.73 -0.39 13.63
CA ASP H 39 -51.72 -1.11 14.43
C ASP H 39 -51.52 -2.61 14.38
N TYR H 40 -50.91 -3.13 13.31
CA TYR H 40 -50.72 -4.56 13.18
C TYR H 40 -49.28 -4.94 12.85
N THR H 41 -48.31 -4.09 13.18
CA THR H 41 -46.91 -4.44 12.95
C THR H 41 -46.02 -3.83 14.01
N ALA H 42 -45.05 -4.64 14.46
CA ALA H 42 -43.97 -4.23 15.35
C ALA H 42 -42.64 -4.49 14.67
N THR H 43 -41.67 -3.61 14.91
CA THR H 43 -40.34 -3.69 14.32
C THR H 43 -39.29 -3.70 15.42
N GLY H 44 -38.39 -4.68 15.37
CA GLY H 44 -37.27 -4.73 16.30
C GLY H 44 -35.95 -4.64 15.56
N ILE H 45 -35.02 -3.79 16.01
CA ILE H 45 -33.84 -3.48 15.22
C ILE H 45 -32.58 -3.70 16.05
N ALA H 46 -31.58 -4.34 15.44
CA ALA H 46 -30.27 -4.54 16.05
C ALA H 46 -29.23 -3.74 15.29
N GLY H 47 -28.23 -3.22 16.02
CA GLY H 47 -27.14 -2.52 15.36
C GLY H 47 -26.83 -1.16 15.95
N THR H 48 -26.37 -0.24 15.10
CA THR H 48 -26.04 1.11 15.55
C THR H 48 -27.31 1.81 16.02
N ALA H 49 -27.31 2.27 17.26
CA ALA H 49 -28.53 2.79 17.87
C ALA H 49 -29.15 3.90 17.04
N ALA H 50 -28.37 4.93 16.71
CA ALA H 50 -28.90 6.05 15.93
C ALA H 50 -29.61 5.55 14.68
N VAL H 51 -29.01 4.59 13.98
CA VAL H 51 -29.60 4.06 12.76
C VAL H 51 -30.86 3.26 13.06
N ALA H 52 -30.85 2.45 14.11
CA ALA H 52 -32.03 1.65 14.44
C ALA H 52 -33.22 2.53 14.79
N VAL H 53 -33.00 3.53 15.64
CA VAL H 53 -34.06 4.47 16.01
C VAL H 53 -34.56 5.20 14.77
N GLU H 54 -33.63 5.71 13.95
CA GLU H 54 -34.03 6.37 12.71
C GLU H 54 -34.90 5.45 11.85
N PHE H 55 -34.52 4.17 11.73
CA PHE H 55 -35.33 3.20 11.00
C PHE H 55 -36.73 3.14 11.56
N ALA H 56 -36.87 2.88 12.86
CA ALA H 56 -38.19 2.75 13.45
C ALA H 56 -39.05 3.97 13.13
N ARG H 57 -38.53 5.17 13.45
CA ARG H 57 -39.31 6.39 13.26
C ARG H 57 -39.72 6.57 11.79
N LEU H 58 -38.73 6.50 10.89
CA LEU H 58 -38.98 6.77 9.48
C LEU H 58 -39.95 5.74 8.89
N TYR H 59 -39.78 4.47 9.24
CA TYR H 59 -40.66 3.43 8.71
C TYR H 59 -42.09 3.65 9.16
N ALA H 60 -42.30 3.84 10.47
CA ALA H 60 -43.65 4.13 10.95
C ALA H 60 -44.25 5.30 10.19
N VAL H 61 -43.50 6.40 10.09
CA VAL H 61 -44.02 7.57 9.38
C VAL H 61 -44.39 7.22 7.94
N GLU H 62 -43.59 6.38 7.29
CA GLU H 62 -43.89 6.05 5.90
C GLU H 62 -45.21 5.30 5.79
N LEU H 63 -45.37 4.25 6.61
CA LEU H 63 -46.61 3.49 6.55
C LEU H 63 -47.83 4.36 6.79
N GLU H 64 -47.77 5.24 7.80
CA GLU H 64 -48.94 6.08 8.05
C GLU H 64 -49.12 7.14 6.97
N HIS H 65 -48.02 7.60 6.36
CA HIS H 65 -48.11 8.50 5.23
C HIS H 65 -48.92 7.88 4.10
N TYR H 66 -48.62 6.63 3.76
CA TYR H 66 -49.39 5.96 2.72
C TYR H 66 -50.85 5.81 3.14
N GLU H 67 -51.08 5.37 4.38
CA GLU H 67 -52.46 5.16 4.82
C GLU H 67 -53.29 6.44 4.69
N LYS H 68 -52.75 7.56 5.15
CA LYS H 68 -53.52 8.80 5.06
C LYS H 68 -53.60 9.31 3.62
N LEU H 69 -52.60 9.02 2.79
CA LEU H 69 -52.63 9.53 1.43
C LEU H 69 -53.65 8.80 0.57
N GLU H 70 -53.80 7.49 0.75
CA GLU H 70 -54.63 6.68 -0.13
C GLU H 70 -55.88 6.12 0.53
N GLY H 71 -56.13 6.45 1.80
CA GLY H 71 -57.34 6.04 2.47
C GLY H 71 -57.37 4.60 2.96
N VAL H 72 -56.31 3.83 2.75
CA VAL H 72 -56.25 2.43 3.17
C VAL H 72 -54.79 2.08 3.45
N PRO H 73 -54.51 1.19 4.40
CA PRO H 73 -53.12 0.82 4.69
C PRO H 73 -52.55 -0.15 3.69
N LEU H 74 -51.23 -0.11 3.56
CA LEU H 74 -50.52 -0.99 2.64
C LEU H 74 -50.80 -2.45 2.96
N THR H 75 -50.87 -3.28 1.92
CA THR H 75 -50.83 -4.71 2.12
C THR H 75 -49.58 -5.07 2.92
N PHE H 76 -49.62 -6.22 3.61
CA PHE H 76 -48.43 -6.62 4.36
C PHE H 76 -47.24 -6.73 3.43
N ALA H 77 -47.44 -7.29 2.23
CA ALA H 77 -46.37 -7.37 1.25
C ALA H 77 -45.76 -6.00 1.00
N GLY H 78 -46.62 -4.99 0.82
CA GLY H 78 -46.12 -3.64 0.65
C GLY H 78 -45.25 -3.18 1.80
N LYS H 79 -45.69 -3.44 3.03
CA LYS H 79 -44.90 -3.09 4.20
C LYS H 79 -43.52 -3.74 4.15
N ILE H 80 -43.48 -5.04 3.87
CA ILE H 80 -42.20 -5.73 3.73
C ILE H 80 -41.33 -5.02 2.70
N ASN H 81 -41.88 -4.79 1.51
CA ASN H 81 -41.08 -4.19 0.44
C ASN H 81 -40.50 -2.84 0.85
N ARG H 82 -41.29 -2.02 1.54
CA ARG H 82 -40.81 -0.69 1.92
C ARG H 82 -39.71 -0.78 2.98
N LEU H 83 -39.88 -1.66 3.98
CA LEU H 83 -38.83 -1.84 4.97
C LEU H 83 -37.54 -2.34 4.31
N ALA H 84 -37.67 -3.35 3.46
CA ALA H 84 -36.51 -3.85 2.70
C ALA H 84 -35.82 -2.72 1.95
N ILE H 85 -36.58 -1.92 1.22
CA ILE H 85 -35.98 -0.84 0.43
C ILE H 85 -35.22 0.12 1.33
N MET H 86 -35.80 0.46 2.49
CA MET H 86 -35.06 1.28 3.45
C MET H 86 -33.71 0.65 3.78
N VAL H 87 -33.71 -0.64 4.16
CA VAL H 87 -32.48 -1.30 4.55
C VAL H 87 -31.46 -1.25 3.42
N ARG H 88 -31.86 -1.65 2.21
CA ARG H 88 -30.95 -1.60 1.07
C ARG H 88 -30.39 -0.20 0.87
N GLY H 89 -31.23 0.81 1.09
CA GLY H 89 -30.77 2.18 0.96
C GLY H 89 -29.68 2.54 1.96
N ASN H 90 -29.67 1.87 3.12
CA ASN H 90 -28.63 2.16 4.10
C ASN H 90 -27.32 1.38 3.86
N LEU H 91 -27.19 0.63 2.75
CA LEU H 91 -26.11 -0.36 2.66
C LEU H 91 -24.74 0.29 2.66
N ALA H 92 -24.55 1.39 1.93
CA ALA H 92 -23.24 2.02 1.88
C ALA H 92 -22.78 2.46 3.27
N ALA H 93 -23.70 3.04 4.05
CA ALA H 93 -23.36 3.44 5.41
C ALA H 93 -23.11 2.22 6.30
N ALA H 94 -23.88 1.15 6.09
CA ALA H 94 -23.65 -0.07 6.86
C ALA H 94 -22.24 -0.59 6.64
N MET H 95 -21.73 -0.49 5.41
CA MET H 95 -20.36 -0.90 5.14
C MET H 95 -19.36 -0.12 5.98
N GLN H 96 -19.71 1.09 6.39
CA GLN H 96 -18.82 1.99 7.13
C GLN H 96 -19.01 1.92 8.63
N GLY H 97 -19.85 1.00 9.12
CA GLY H 97 -20.08 0.86 10.54
C GLY H 97 -21.41 1.39 11.05
N LEU H 98 -22.30 1.81 10.16
CA LEU H 98 -23.64 2.20 10.59
C LEU H 98 -24.65 1.14 10.17
N LEU H 99 -24.41 -0.11 10.58
CA LEU H 99 -25.20 -1.25 10.16
C LEU H 99 -26.35 -1.49 11.13
N ALA H 100 -27.57 -1.57 10.60
CA ALA H 100 -28.77 -1.81 11.38
C ALA H 100 -29.68 -2.77 10.65
N LEU H 101 -30.07 -3.86 11.33
CA LEU H 101 -30.88 -4.92 10.76
C LEU H 101 -32.21 -5.02 11.49
N PRO H 102 -33.34 -4.90 10.80
CA PRO H 102 -34.64 -5.03 11.46
C PRO H 102 -35.16 -6.46 11.41
N LEU H 103 -36.27 -6.65 12.14
CA LEU H 103 -37.02 -7.90 12.21
C LEU H 103 -38.47 -7.49 12.39
N LEU H 104 -39.35 -8.03 11.56
CA LEU H 104 -40.71 -7.54 11.43
C LEU H 104 -41.70 -8.59 11.90
N ALA H 105 -42.55 -8.22 12.85
CA ALA H 105 -43.68 -9.04 13.26
C ALA H 105 -44.97 -8.34 12.89
N GLY H 106 -45.93 -9.10 12.37
CA GLY H 106 -47.19 -8.50 11.99
C GLY H 106 -48.34 -9.48 12.11
N TYR H 107 -49.55 -8.94 12.01
CA TYR H 107 -50.77 -9.71 11.87
C TYR H 107 -51.45 -9.22 10.61
N ASP H 108 -51.55 -10.08 9.60
CA ASP H 108 -52.14 -9.69 8.31
C ASP H 108 -53.65 -9.81 8.41
N ILE H 109 -54.34 -8.66 8.49
CA ILE H 109 -55.80 -8.68 8.56
C ILE H 109 -56.47 -9.18 7.29
N HIS H 110 -55.71 -9.33 6.20
CA HIS H 110 -56.24 -9.87 4.96
C HIS H 110 -55.90 -11.34 4.76
N ALA H 111 -55.24 -11.96 5.71
CA ALA H 111 -54.85 -13.36 5.56
C ALA H 111 -56.08 -14.27 5.55
N SER H 112 -55.89 -15.48 5.03
CA SER H 112 -56.97 -16.44 4.91
C SER H 112 -57.42 -16.95 6.28
N ASP H 113 -56.55 -17.69 6.97
CA ASP H 113 -56.89 -18.27 8.26
C ASP H 113 -56.48 -17.31 9.37
N PRO H 114 -57.43 -16.73 10.11
CA PRO H 114 -57.07 -15.73 11.13
C PRO H 114 -56.21 -16.25 12.29
N GLN H 115 -55.91 -17.55 12.36
CA GLN H 115 -55.01 -18.04 13.42
C GLN H 115 -53.64 -18.41 12.89
N SER H 116 -53.41 -18.35 11.57
CA SER H 116 -52.08 -18.38 10.99
C SER H 116 -51.74 -17.06 10.31
N ALA H 117 -52.50 -16.00 10.59
CA ALA H 117 -52.25 -14.68 10.05
C ALA H 117 -51.04 -13.99 10.67
N GLY H 118 -50.33 -14.67 11.56
CA GLY H 118 -49.10 -14.10 12.09
C GLY H 118 -47.99 -14.12 11.05
N ARG H 119 -47.14 -13.09 11.09
CA ARG H 119 -46.11 -12.91 10.08
C ARG H 119 -44.81 -12.55 10.77
N ILE H 120 -43.74 -13.26 10.42
CA ILE H 120 -42.39 -12.96 10.87
C ILE H 120 -41.51 -12.85 9.63
N VAL H 121 -40.87 -11.70 9.45
CA VAL H 121 -40.03 -11.43 8.29
C VAL H 121 -38.66 -11.00 8.80
N SER H 122 -37.61 -11.60 8.24
CA SER H 122 -36.25 -11.17 8.55
C SER H 122 -35.60 -10.57 7.31
N PHE H 123 -34.55 -9.77 7.54
CA PHE H 123 -33.90 -9.00 6.49
C PHE H 123 -32.39 -9.11 6.63
N ASP H 124 -31.69 -8.75 5.56
CA ASP H 124 -30.23 -8.66 5.58
C ASP H 124 -29.79 -7.27 5.17
N ALA H 125 -28.48 -7.03 5.26
CA ALA H 125 -27.93 -5.71 5.00
C ALA H 125 -28.16 -5.25 3.58
N ALA H 126 -28.34 -6.17 2.63
CA ALA H 126 -28.59 -5.82 1.25
C ALA H 126 -30.07 -5.60 0.95
N GLY H 127 -30.94 -5.68 1.95
CA GLY H 127 -32.36 -5.55 1.73
C GLY H 127 -33.06 -6.84 1.37
N GLY H 128 -32.38 -7.98 1.45
CA GLY H 128 -33.07 -9.24 1.29
C GLY H 128 -34.09 -9.44 2.40
N TRP H 129 -35.21 -10.07 2.04
CA TRP H 129 -36.28 -10.31 3.00
C TRP H 129 -36.77 -11.74 2.83
N ASN H 130 -36.95 -12.44 3.94
CA ASN H 130 -37.46 -13.80 3.93
C ASN H 130 -38.56 -13.91 4.97
N ILE H 131 -39.72 -14.41 4.54
CA ILE H 131 -40.85 -14.66 5.43
C ILE H 131 -40.60 -15.97 6.16
N GLU H 132 -40.48 -15.90 7.49
CA GLU H 132 -40.19 -17.09 8.28
C GLU H 132 -41.42 -17.98 8.38
N GLU H 133 -41.27 -19.24 7.98
CA GLU H 133 -42.38 -20.19 7.96
C GLU H 133 -42.27 -21.26 9.04
N GLU H 134 -41.29 -21.15 9.94
CA GLU H 134 -41.11 -22.14 11.00
C GLU H 134 -41.51 -21.62 12.38
N GLY H 135 -42.03 -20.40 12.47
CA GLY H 135 -42.71 -19.95 13.65
C GLY H 135 -41.92 -19.01 14.54
N TYR H 136 -40.60 -19.01 14.47
CA TYR H 136 -39.79 -18.14 15.33
C TYR H 136 -38.61 -17.59 14.55
N GLN H 137 -37.97 -16.56 15.11
CA GLN H 137 -36.84 -15.91 14.47
C GLN H 137 -36.28 -14.88 15.43
N ALA H 138 -35.00 -14.56 15.25
CA ALA H 138 -34.32 -13.59 16.10
C ALA H 138 -33.27 -12.86 15.27
N VAL H 139 -32.80 -11.73 15.81
CA VAL H 139 -31.75 -10.96 15.15
C VAL H 139 -30.93 -10.25 16.21
N GLY H 140 -29.66 -10.02 15.92
CA GLY H 140 -28.75 -9.41 16.85
C GLY H 140 -27.64 -10.37 17.25
N SER H 141 -26.72 -9.84 18.08
CA SER H 141 -25.53 -10.60 18.48
C SER H 141 -25.86 -11.80 19.36
N GLY H 142 -27.08 -11.90 19.88
CA GLY H 142 -27.52 -13.09 20.57
C GLY H 142 -28.53 -13.92 19.81
N SER H 143 -28.74 -13.64 18.52
CA SER H 143 -29.82 -14.30 17.79
C SER H 143 -29.59 -15.80 17.70
N LEU H 144 -28.34 -16.24 17.59
CA LEU H 144 -28.05 -17.66 17.49
C LEU H 144 -28.56 -18.41 18.71
N PHE H 145 -28.18 -17.94 19.90
CA PHE H 145 -28.58 -18.61 21.13
C PHE H 145 -30.10 -18.56 21.31
N ALA H 146 -30.71 -17.41 21.00
CA ALA H 146 -32.17 -17.30 21.10
C ALA H 146 -32.86 -18.32 20.21
N LYS H 147 -32.41 -18.41 18.94
CA LYS H 147 -33.02 -19.35 18.01
C LYS H 147 -32.85 -20.78 18.49
N SER H 148 -31.66 -21.13 19.01
CA SER H 148 -31.46 -22.50 19.48
C SER H 148 -32.31 -22.79 20.71
N SER H 149 -32.54 -21.80 21.57
CA SER H 149 -33.43 -21.97 22.70
C SER H 149 -34.86 -22.24 22.22
N MET H 150 -35.42 -21.29 21.47
CA MET H 150 -36.78 -21.45 20.98
C MET H 150 -36.96 -22.77 20.23
N LYS H 151 -35.94 -23.19 19.47
CA LYS H 151 -36.03 -24.47 18.78
C LYS H 151 -36.44 -25.58 19.72
N LYS H 152 -35.94 -25.56 20.95
CA LYS H 152 -36.28 -26.57 21.93
C LYS H 152 -37.55 -26.25 22.71
N LEU H 153 -37.91 -24.97 22.84
CA LEU H 153 -39.01 -24.57 23.71
C LEU H 153 -40.32 -24.29 22.97
N TYR H 154 -40.32 -24.34 21.63
CA TYR H 154 -41.45 -23.83 20.85
C TYR H 154 -42.65 -24.76 20.93
N SER H 155 -42.42 -26.07 21.09
CA SER H 155 -43.52 -27.01 21.23
C SER H 155 -44.45 -26.62 22.39
N GLN H 156 -43.98 -25.82 23.33
CA GLN H 156 -44.78 -25.41 24.47
C GLN H 156 -45.73 -24.27 24.16
N VAL H 157 -45.62 -23.64 22.99
CA VAL H 157 -46.40 -22.46 22.66
C VAL H 157 -47.81 -22.91 22.28
N THR H 158 -48.79 -22.61 23.15
CA THR H 158 -50.18 -22.92 22.87
C THR H 158 -51.10 -21.71 22.90
N ASP H 159 -50.65 -20.56 23.40
CA ASP H 159 -51.47 -19.36 23.40
C ASP H 159 -50.55 -18.15 23.52
N GLY H 160 -51.09 -17.02 23.97
CA GLY H 160 -50.30 -15.81 24.08
C GLY H 160 -49.35 -15.83 25.26
N ASP H 161 -49.83 -16.29 26.41
CA ASP H 161 -48.97 -16.37 27.58
C ASP H 161 -47.83 -17.37 27.36
N SER H 162 -48.14 -18.53 26.80
CA SER H 162 -47.12 -19.51 26.49
C SER H 162 -46.03 -18.91 25.60
N GLY H 163 -46.43 -18.33 24.46
CA GLY H 163 -45.45 -17.77 23.55
C GLY H 163 -44.65 -16.63 24.16
N LEU H 164 -45.33 -15.74 24.90
CA LEU H 164 -44.61 -14.67 25.58
C LEU H 164 -43.55 -15.25 26.50
N ARG H 165 -43.89 -16.31 27.25
CA ARG H 165 -42.93 -16.96 28.13
C ARG H 165 -41.73 -17.46 27.34
N VAL H 166 -41.98 -18.24 26.28
CA VAL H 166 -40.87 -18.76 25.49
C VAL H 166 -39.99 -17.62 24.96
N ALA H 167 -40.61 -16.49 24.59
CA ALA H 167 -39.84 -15.37 24.07
C ALA H 167 -38.93 -14.78 25.15
N VAL H 168 -39.49 -14.53 26.33
CA VAL H 168 -38.68 -13.99 27.42
C VAL H 168 -37.54 -14.93 27.76
N GLU H 169 -37.81 -16.24 27.75
CA GLU H 169 -36.78 -17.20 28.11
C GLU H 169 -35.70 -17.30 27.02
N ALA H 170 -36.08 -17.15 25.76
CA ALA H 170 -35.08 -17.09 24.69
C ALA H 170 -34.19 -15.87 24.86
N LEU H 171 -34.77 -14.72 25.21
CA LEU H 171 -33.95 -13.56 25.52
C LEU H 171 -33.06 -13.84 26.73
N TYR H 172 -33.55 -14.61 27.70
CA TYR H 172 -32.75 -14.92 28.88
C TYR H 172 -31.52 -15.75 28.50
N ASP H 173 -31.72 -16.76 27.67
CA ASP H 173 -30.58 -17.52 27.17
C ASP H 173 -29.62 -16.62 26.41
N ALA H 174 -30.16 -15.79 25.51
CA ALA H 174 -29.33 -14.87 24.75
C ALA H 174 -28.42 -14.06 25.67
N ALA H 175 -29.01 -13.31 26.61
CA ALA H 175 -28.20 -12.57 27.56
C ALA H 175 -27.23 -13.48 28.29
N ASP H 176 -27.62 -14.74 28.53
CA ASP H 176 -26.78 -15.65 29.30
C ASP H 176 -25.52 -16.04 28.54
N ASP H 177 -25.54 -16.00 27.20
CA ASP H 177 -24.39 -16.41 26.42
C ASP H 177 -23.70 -15.28 25.66
N ASP H 178 -24.36 -14.13 25.49
CA ASP H 178 -23.81 -13.01 24.74
C ASP H 178 -23.74 -11.80 25.66
N SER H 179 -22.55 -11.24 25.83
CA SER H 179 -22.37 -10.12 26.76
C SER H 179 -23.00 -8.83 26.24
N ALA H 180 -23.29 -8.75 24.95
CA ALA H 180 -23.91 -7.56 24.37
C ALA H 180 -25.43 -7.58 24.46
N THR H 181 -26.00 -8.58 25.13
CA THR H 181 -27.43 -8.67 25.35
C THR H 181 -27.69 -8.68 26.86
N GLY H 182 -28.64 -7.85 27.30
CA GLY H 182 -28.89 -7.66 28.71
C GLY H 182 -29.95 -8.62 29.24
N GLY H 183 -29.63 -9.29 30.33
CA GLY H 183 -30.61 -10.08 31.03
C GLY H 183 -31.50 -9.22 31.91
N PRO H 184 -32.40 -9.89 32.63
CA PRO H 184 -33.25 -9.16 33.60
C PRO H 184 -32.43 -8.61 34.75
N ASP H 185 -32.65 -7.34 35.08
CA ASP H 185 -31.96 -6.66 36.18
C ASP H 185 -32.94 -6.55 37.34
N LEU H 186 -32.82 -7.47 38.30
CA LEU H 186 -33.75 -7.50 39.43
C LEU H 186 -33.48 -6.37 40.42
N VAL H 187 -32.26 -5.82 40.45
CA VAL H 187 -31.98 -4.74 41.37
C VAL H 187 -32.63 -3.45 40.91
N ARG H 188 -32.63 -3.19 39.60
CA ARG H 188 -33.20 -1.97 39.05
C ARG H 188 -34.61 -2.15 38.54
N GLY H 189 -35.12 -3.37 38.46
CA GLY H 189 -36.47 -3.58 38.01
C GLY H 189 -36.67 -3.44 36.52
N ILE H 190 -35.63 -3.62 35.72
CA ILE H 190 -35.70 -3.47 34.27
C ILE H 190 -35.72 -4.86 33.65
N PHE H 191 -36.61 -5.06 32.69
CA PHE H 191 -36.81 -6.33 32.04
C PHE H 191 -37.03 -6.10 30.55
N PRO H 192 -36.93 -7.14 29.74
CA PRO H 192 -37.15 -6.97 28.29
C PRO H 192 -38.48 -6.31 27.99
N THR H 193 -38.62 -5.73 26.80
CA THR H 193 -39.93 -5.26 26.38
C THR H 193 -40.51 -6.23 25.37
N ALA H 194 -41.84 -6.22 25.27
CA ALA H 194 -42.52 -7.16 24.40
C ALA H 194 -43.76 -6.48 23.82
N VAL H 195 -44.11 -6.91 22.61
CA VAL H 195 -45.31 -6.47 21.91
C VAL H 195 -46.04 -7.72 21.44
N ILE H 196 -47.33 -7.78 21.70
CA ILE H 196 -48.17 -8.85 21.18
C ILE H 196 -49.10 -8.27 20.14
N ILE H 197 -49.39 -9.05 19.10
CA ILE H 197 -50.24 -8.60 18.00
C ILE H 197 -51.22 -9.71 17.67
N ASP H 198 -52.51 -9.39 17.64
CA ASP H 198 -53.51 -10.32 17.14
C ASP H 198 -54.56 -9.51 16.39
N ALA H 199 -55.74 -10.11 16.19
CA ALA H 199 -56.76 -9.47 15.37
C ALA H 199 -57.18 -8.12 15.93
N ASP H 200 -57.08 -7.93 17.25
CA ASP H 200 -57.48 -6.67 17.88
C ASP H 200 -56.38 -5.62 17.82
N GLY H 201 -55.23 -5.93 17.24
CA GLY H 201 -54.17 -4.97 17.06
C GLY H 201 -52.89 -5.34 17.79
N ALA H 202 -52.03 -4.34 17.93
CA ALA H 202 -50.74 -4.48 18.57
C ALA H 202 -50.75 -3.75 19.90
N VAL H 203 -50.31 -4.43 20.97
CA VAL H 203 -50.30 -3.87 22.31
C VAL H 203 -48.93 -4.12 22.94
N ASP H 204 -48.43 -3.11 23.64
CA ASP H 204 -47.26 -3.28 24.51
C ASP H 204 -47.61 -4.22 25.65
N VAL H 205 -46.76 -5.22 25.88
CA VAL H 205 -46.97 -6.11 27.01
C VAL H 205 -46.57 -5.38 28.28
N PRO H 206 -47.33 -5.49 29.36
CA PRO H 206 -47.01 -4.74 30.58
C PRO H 206 -45.77 -5.29 31.26
N GLU H 207 -44.95 -4.36 31.79
CA GLU H 207 -43.69 -4.73 32.44
C GLU H 207 -43.89 -5.82 33.48
N SER H 208 -44.94 -5.70 34.31
CA SER H 208 -45.09 -6.59 35.45
C SER H 208 -45.25 -8.04 35.00
N ARG H 209 -45.97 -8.27 33.91
CA ARG H 209 -46.12 -9.64 33.40
C ARG H 209 -44.77 -10.22 33.03
N ILE H 210 -43.96 -9.45 32.30
CA ILE H 210 -42.64 -9.91 31.90
C ILE H 210 -41.76 -10.16 33.12
N ALA H 211 -41.88 -9.30 34.14
CA ALA H 211 -41.09 -9.51 35.35
C ALA H 211 -41.47 -10.81 36.04
N GLU H 212 -42.77 -11.08 36.16
CA GLU H 212 -43.22 -12.36 36.70
C GLU H 212 -42.59 -13.52 35.95
N LEU H 213 -42.69 -13.50 34.61
CA LEU H 213 -42.10 -14.58 33.83
C LEU H 213 -40.60 -14.69 34.08
N ALA H 214 -39.91 -13.55 34.20
CA ALA H 214 -38.47 -13.56 34.44
C ALA H 214 -38.13 -14.23 35.75
N ARG H 215 -38.82 -13.85 36.82
CA ARG H 215 -38.58 -14.47 38.12
C ARG H 215 -38.89 -15.96 38.08
N ALA H 216 -39.95 -16.35 37.35
CA ALA H 216 -40.25 -17.77 37.22
C ALA H 216 -39.09 -18.52 36.56
N ILE H 217 -38.50 -17.95 35.50
CA ILE H 217 -37.39 -18.60 34.82
C ILE H 217 -36.17 -18.68 35.74
N ILE H 218 -35.82 -17.55 36.36
CA ILE H 218 -34.69 -17.52 37.29
C ILE H 218 -34.85 -18.59 38.37
N GLU H 219 -36.01 -18.59 39.03
CA GLU H 219 -36.25 -19.57 40.09
C GLU H 219 -36.20 -20.99 39.57
N SER H 220 -36.72 -21.22 38.35
CA SER H 220 -36.67 -22.55 37.76
C SER H 220 -35.24 -23.03 37.59
N ARG H 221 -34.32 -22.11 37.29
CA ARG H 221 -32.94 -22.53 37.07
C ARG H 221 -32.08 -22.49 38.33
N SER H 222 -32.61 -21.99 39.45
CA SER H 222 -31.81 -21.90 40.67
C SER H 222 -31.91 -23.15 41.54
N THR I 1 -11.60 17.59 28.80
CA THR I 1 -12.91 18.16 29.13
C THR I 1 -13.74 17.22 29.98
N THR I 2 -14.53 17.78 30.89
CA THR I 2 -15.58 17.02 31.56
C THR I 2 -16.80 17.91 31.70
N ILE I 3 -17.95 17.41 31.25
CA ILE I 3 -19.24 18.04 31.49
C ILE I 3 -20.10 17.06 32.26
N VAL I 4 -20.75 17.54 33.32
CA VAL I 4 -21.63 16.72 34.13
C VAL I 4 -23.00 17.36 34.16
N ALA I 5 -24.02 16.52 34.27
CA ALA I 5 -25.38 16.98 34.51
C ALA I 5 -26.08 15.98 35.40
N LEU I 6 -26.91 16.48 36.31
CA LEU I 6 -27.69 15.59 37.17
C LEU I 6 -29.02 16.25 37.52
N LYS I 7 -30.01 15.39 37.76
CA LYS I 7 -31.35 15.82 38.12
C LYS I 7 -31.48 15.91 39.63
N TYR I 8 -32.03 17.02 40.10
CA TYR I 8 -32.46 17.10 41.50
C TYR I 8 -33.96 17.39 41.53
N PRO I 9 -34.63 17.23 42.66
CA PRO I 9 -36.09 17.40 42.70
C PRO I 9 -36.55 18.74 42.12
N GLY I 10 -37.29 18.67 41.02
CA GLY I 10 -37.80 19.88 40.41
C GLY I 10 -36.80 20.71 39.67
N GLY I 11 -35.69 20.11 39.22
CA GLY I 11 -34.68 20.87 38.51
C GLY I 11 -33.55 19.99 38.04
N VAL I 12 -32.63 20.62 37.32
CA VAL I 12 -31.45 19.97 36.77
C VAL I 12 -30.29 20.93 36.90
N VAL I 13 -29.08 20.37 36.95
CA VAL I 13 -27.87 21.18 37.05
C VAL I 13 -26.79 20.60 36.14
N MET I 14 -26.09 21.48 35.43
CA MET I 14 -24.99 21.11 34.54
C MET I 14 -23.77 21.96 34.87
N ALA I 15 -22.60 21.33 34.88
CA ALA I 15 -21.37 22.04 35.18
C ALA I 15 -20.24 21.50 34.32
N GLY I 16 -19.28 22.38 34.02
CA GLY I 16 -18.15 22.02 33.19
C GLY I 16 -16.88 22.73 33.60
N ASP I 17 -15.75 22.12 33.24
CA ASP I 17 -14.44 22.65 33.60
C ASP I 17 -14.01 23.75 32.63
N ARG I 18 -12.80 24.26 32.83
CA ARG I 18 -12.34 25.46 32.16
C ARG I 18 -11.07 25.26 31.34
N ARG I 19 -10.67 24.02 31.07
CA ARG I 19 -9.37 23.75 30.48
C ARG I 19 -9.45 23.55 28.98
N SER I 20 -8.36 23.94 28.30
CA SER I 20 -8.22 23.76 26.86
C SER I 20 -6.78 23.35 26.55
N THR I 21 -6.62 22.22 25.85
CA THR I 21 -5.30 21.67 25.55
C THR I 21 -5.06 21.56 24.05
N GLN I 22 -3.78 21.60 23.68
CA GLN I 22 -3.27 21.27 22.35
C GLN I 22 -2.28 20.13 22.56
N GLY I 23 -2.80 18.92 22.70
CA GLY I 23 -1.98 17.82 23.15
C GLY I 23 -1.68 17.95 24.63
N ASN I 24 -0.40 18.04 25.00
CA ASN I 24 -0.02 18.18 26.39
C ASN I 24 -0.02 19.62 26.86
N MET I 25 -0.04 20.59 25.95
CA MET I 25 0.08 21.99 26.31
C MET I 25 -1.28 22.57 26.69
N ILE I 26 -1.30 23.32 27.79
CA ILE I 26 -2.50 23.99 28.26
C ILE I 26 -2.70 25.25 27.42
N SER I 27 -3.74 25.25 26.58
CA SER I 27 -4.01 26.39 25.72
C SER I 27 -5.05 27.34 26.29
N GLY I 28 -5.76 26.96 27.35
CA GLY I 28 -6.74 27.85 27.94
C GLY I 28 -7.09 27.42 29.34
N ARG I 29 -7.34 28.42 30.20
CA ARG I 29 -7.65 28.20 31.60
C ARG I 29 -9.02 28.69 32.03
N ASP I 30 -9.76 29.41 31.19
CA ASP I 30 -11.02 30.03 31.60
C ASP I 30 -12.09 29.83 30.53
N VAL I 31 -12.11 28.66 29.90
CA VAL I 31 -13.04 28.39 28.82
C VAL I 31 -14.41 28.08 29.38
N ARG I 32 -15.44 28.53 28.67
CA ARG I 32 -16.83 28.25 29.03
C ARG I 32 -17.38 27.17 28.09
N LYS I 33 -17.77 26.03 28.66
CA LYS I 33 -18.22 24.88 27.88
C LYS I 33 -19.69 24.54 28.14
N VAL I 34 -20.41 25.37 28.89
CA VAL I 34 -21.80 25.11 29.23
C VAL I 34 -22.61 26.35 28.86
N TYR I 35 -23.36 26.27 27.77
CA TYR I 35 -24.12 27.41 27.24
C TYR I 35 -25.60 27.23 27.50
N ILE I 36 -26.24 28.29 27.98
CA ILE I 36 -27.69 28.33 28.09
C ILE I 36 -28.25 28.44 26.68
N THR I 37 -28.72 27.32 26.12
CA THR I 37 -29.19 27.34 24.75
C THR I 37 -30.64 27.84 24.64
N ASP I 38 -31.41 27.81 25.72
CA ASP I 38 -32.66 28.58 25.75
C ASP I 38 -33.15 28.62 27.19
N ASP I 39 -34.28 29.33 27.39
CA ASP I 39 -34.79 29.62 28.73
C ASP I 39 -34.93 28.38 29.60
N TYR I 40 -35.02 27.19 29.01
CA TYR I 40 -35.22 25.96 29.77
C TYR I 40 -34.26 24.86 29.35
N THR I 41 -33.13 25.20 28.73
CA THR I 41 -32.19 24.18 28.29
C THR I 41 -30.78 24.74 28.25
N ALA I 42 -29.83 23.92 28.67
CA ALA I 42 -28.41 24.21 28.62
C ALA I 42 -27.69 23.07 27.91
N THR I 43 -26.60 23.41 27.23
CA THR I 43 -25.80 22.44 26.49
C THR I 43 -24.35 22.56 26.90
N GLY I 44 -23.71 21.44 27.19
CA GLY I 44 -22.28 21.41 27.44
C GLY I 44 -21.63 20.45 26.45
N ILE I 45 -20.52 20.87 25.86
CA ILE I 45 -19.93 20.08 24.79
C ILE I 45 -18.49 19.76 25.11
N ALA I 46 -18.04 18.58 24.68
CA ALA I 46 -16.65 18.16 24.79
C ALA I 46 -16.11 17.87 23.40
N GLY I 47 -14.82 18.15 23.20
CA GLY I 47 -14.21 17.84 21.92
C GLY I 47 -13.47 19.00 21.28
N THR I 48 -13.36 18.97 19.96
CA THR I 48 -12.77 20.08 19.23
C THR I 48 -13.49 21.37 19.56
N ALA I 49 -12.74 22.35 20.07
CA ALA I 49 -13.36 23.56 20.61
C ALA I 49 -14.12 24.32 19.52
N ALA I 50 -13.48 24.52 18.37
CA ALA I 50 -14.13 25.23 17.27
C ALA I 50 -15.47 24.61 16.93
N VAL I 51 -15.55 23.27 17.00
CA VAL I 51 -16.80 22.58 16.67
C VAL I 51 -17.83 22.77 17.78
N ALA I 52 -17.40 22.66 19.04
CA ALA I 52 -18.33 22.75 20.16
C ALA I 52 -18.98 24.13 20.22
N VAL I 53 -18.16 25.18 20.10
CA VAL I 53 -18.71 26.54 20.13
C VAL I 53 -19.75 26.74 19.04
N GLU I 54 -19.43 26.29 17.82
CA GLU I 54 -20.39 26.38 16.72
C GLU I 54 -21.66 25.60 17.03
N PHE I 55 -21.52 24.42 17.63
CA PHE I 55 -22.69 23.65 18.06
C PHE I 55 -23.58 24.50 18.97
N ALA I 56 -23.00 25.07 20.01
CA ALA I 56 -23.80 25.84 20.96
C ALA I 56 -24.49 27.02 20.29
N ARG I 57 -23.74 27.80 19.52
CA ARG I 57 -24.28 29.01 18.91
C ARG I 57 -25.38 28.68 17.90
N LEU I 58 -25.10 27.73 17.00
CA LEU I 58 -26.09 27.35 15.99
C LEU I 58 -27.33 26.73 16.62
N TYR I 59 -27.14 25.91 17.65
CA TYR I 59 -28.28 25.27 18.31
C TYR I 59 -29.19 26.31 18.95
N ALA I 60 -28.61 27.24 19.72
CA ALA I 60 -29.41 28.31 20.30
C ALA I 60 -30.17 29.07 19.22
N VAL I 61 -29.47 29.42 18.13
CA VAL I 61 -30.12 30.17 17.07
C VAL I 61 -31.26 29.38 16.43
N GLU I 62 -31.13 28.05 16.36
CA GLU I 62 -32.17 27.26 15.71
C GLU I 62 -33.41 27.17 16.60
N LEU I 63 -33.22 26.91 17.89
CA LEU I 63 -34.36 26.86 18.79
C LEU I 63 -35.12 28.18 18.77
N GLU I 64 -34.39 29.30 18.88
CA GLU I 64 -35.08 30.59 18.89
C GLU I 64 -35.69 30.91 17.54
N HIS I 65 -35.04 30.50 16.44
CA HIS I 65 -35.63 30.67 15.12
C HIS I 65 -36.99 30.02 15.04
N TYR I 66 -37.09 28.75 15.46
CA TYR I 66 -38.40 28.10 15.45
C TYR I 66 -39.39 28.84 16.33
N GLU I 67 -38.95 29.23 17.53
CA GLU I 67 -39.85 29.94 18.45
C GLU I 67 -40.44 31.19 17.80
N LYS I 68 -39.61 32.01 17.17
CA LYS I 68 -40.11 33.25 16.58
C LYS I 68 -40.94 33.00 15.33
N LEU I 69 -40.61 31.97 14.55
CA LEU I 69 -41.37 31.71 13.34
C LEU I 69 -42.76 31.16 13.66
N GLU I 70 -42.87 30.30 14.67
CA GLU I 70 -44.12 29.61 14.97
C GLU I 70 -44.81 30.10 16.23
N GLY I 71 -44.30 31.14 16.89
CA GLY I 71 -44.93 31.68 18.06
C GLY I 71 -44.91 30.79 19.29
N VAL I 72 -44.32 29.61 19.22
CA VAL I 72 -44.27 28.71 20.37
C VAL I 72 -42.95 27.94 20.35
N PRO I 73 -42.36 27.65 21.50
CA PRO I 73 -41.12 26.86 21.52
C PRO I 73 -41.35 25.42 21.09
N LEU I 74 -40.28 24.80 20.60
CA LEU I 74 -40.33 23.37 20.29
C LEU I 74 -40.60 22.57 21.55
N THR I 75 -41.31 21.47 21.40
CA THR I 75 -41.40 20.50 22.47
C THR I 75 -40.01 19.92 22.73
N PHE I 76 -39.81 19.37 23.93
CA PHE I 76 -38.48 18.91 24.28
C PHE I 76 -37.99 17.85 23.29
N ALA I 77 -38.85 16.91 22.93
CA ALA I 77 -38.47 15.92 21.92
C ALA I 77 -37.96 16.60 20.65
N GLY I 78 -38.62 17.67 20.24
CA GLY I 78 -38.13 18.41 19.08
C GLY I 78 -36.71 18.91 19.26
N LYS I 79 -36.43 19.53 20.40
CA LYS I 79 -35.08 20.02 20.67
C LYS I 79 -34.07 18.87 20.58
N ILE I 80 -34.36 17.77 21.27
CA ILE I 80 -33.51 16.57 21.15
C ILE I 80 -33.23 16.28 19.69
N ASN I 81 -34.29 16.10 18.90
CA ASN I 81 -34.12 15.66 17.52
C ASN I 81 -33.24 16.64 16.75
N ARG I 82 -33.47 17.94 16.90
CA ARG I 82 -32.68 18.91 16.15
C ARG I 82 -31.20 18.80 16.52
N LEU I 83 -30.90 18.63 17.81
CA LEU I 83 -29.50 18.50 18.21
C LEU I 83 -28.90 17.22 17.64
N ALA I 84 -29.62 16.10 17.74
CA ALA I 84 -29.14 14.85 17.18
C ALA I 84 -28.82 15.00 15.69
N ILE I 85 -29.71 15.66 14.95
CA ILE I 85 -29.48 15.87 13.53
C ILE I 85 -28.22 16.70 13.30
N MET I 86 -28.06 17.77 14.07
CA MET I 86 -26.87 18.60 13.92
C MET I 86 -25.59 17.79 14.18
N VAL I 87 -25.61 16.93 15.21
CA VAL I 87 -24.45 16.09 15.48
C VAL I 87 -24.19 15.13 14.33
N ARG I 88 -25.24 14.43 13.88
CA ARG I 88 -25.10 13.49 12.77
C ARG I 88 -24.51 14.17 11.54
N GLY I 89 -24.89 15.41 11.27
CA GLY I 89 -24.36 16.12 10.12
C GLY I 89 -22.86 16.33 10.16
N ASN I 90 -22.28 16.36 11.35
CA ASN I 90 -20.85 16.58 11.53
C ASN I 90 -20.06 15.27 11.60
N LEU I 91 -20.66 14.14 11.21
CA LEU I 91 -19.97 12.86 11.40
C LEU I 91 -18.72 12.74 10.54
N ALA I 92 -18.79 13.17 9.28
CA ALA I 92 -17.64 13.07 8.40
C ALA I 92 -16.45 13.84 8.96
N ALA I 93 -16.66 15.15 9.20
CA ALA I 93 -15.61 15.96 9.80
C ALA I 93 -15.15 15.36 11.13
N ALA I 94 -16.07 14.76 11.88
CA ALA I 94 -15.72 14.18 13.17
C ALA I 94 -14.78 13.00 13.00
N MET I 95 -14.98 12.20 11.95
CA MET I 95 -14.04 11.15 11.63
C MET I 95 -12.70 11.72 11.19
N GLN I 96 -12.73 12.88 10.53
CA GLN I 96 -11.49 13.52 10.10
C GLN I 96 -10.91 14.42 11.18
N GLY I 97 -11.23 14.15 12.44
CA GLY I 97 -10.57 14.78 13.57
C GLY I 97 -11.37 15.85 14.29
N LEU I 98 -12.42 16.38 13.67
CA LEU I 98 -13.19 17.48 14.27
C LEU I 98 -14.41 16.95 15.02
N LEU I 99 -14.14 16.16 16.06
CA LEU I 99 -15.19 15.51 16.84
C LEU I 99 -15.63 16.38 18.01
N ALA I 100 -16.93 16.38 18.27
CA ALA I 100 -17.47 17.09 19.43
C ALA I 100 -18.81 16.47 19.82
N LEU I 101 -18.93 16.05 21.09
CA LEU I 101 -20.13 15.43 21.61
C LEU I 101 -20.80 16.35 22.61
N PRO I 102 -22.11 16.58 22.46
CA PRO I 102 -22.83 17.41 23.44
C PRO I 102 -23.59 16.59 24.47
N LEU I 103 -23.85 17.24 25.60
CA LEU I 103 -24.74 16.78 26.64
C LEU I 103 -25.78 17.86 26.86
N LEU I 104 -27.05 17.45 26.95
CA LEU I 104 -28.16 18.37 27.02
C LEU I 104 -28.86 18.24 28.36
N ALA I 105 -29.07 19.37 29.04
CA ALA I 105 -29.88 19.42 30.24
C ALA I 105 -31.07 20.34 30.00
N GLY I 106 -32.21 20.02 30.62
CA GLY I 106 -33.38 20.85 30.40
C GLY I 106 -34.44 20.65 31.46
N TYR I 107 -35.45 21.52 31.41
CA TYR I 107 -36.62 21.44 32.27
C TYR I 107 -37.85 21.49 31.37
N ASP I 108 -38.57 20.38 31.28
CA ASP I 108 -39.70 20.27 30.36
C ASP I 108 -40.94 20.90 31.01
N ILE I 109 -41.31 22.09 30.56
CA ILE I 109 -42.48 22.77 31.09
C ILE I 109 -43.78 22.01 30.83
N HIS I 110 -43.76 21.02 29.94
CA HIS I 110 -44.94 20.24 29.60
C HIS I 110 -44.99 18.89 30.31
N ALA I 111 -44.02 18.60 31.18
CA ALA I 111 -44.09 17.37 31.96
C ALA I 111 -45.24 17.44 32.95
N SER I 112 -45.84 16.28 33.21
CA SER I 112 -46.89 16.19 34.21
C SER I 112 -46.34 16.50 35.60
N ASP I 113 -45.48 15.63 36.11
CA ASP I 113 -44.91 15.77 37.44
C ASP I 113 -43.77 16.78 37.40
N PRO I 114 -43.97 18.00 37.90
CA PRO I 114 -42.87 18.96 37.96
C PRO I 114 -41.71 18.49 38.82
N GLN I 115 -41.93 17.50 39.68
CA GLN I 115 -40.86 17.00 40.52
C GLN I 115 -39.74 16.36 39.68
N SER I 116 -40.11 15.70 38.59
CA SER I 116 -39.16 15.03 37.71
C SER I 116 -39.20 15.59 36.30
N ALA I 117 -39.58 16.86 36.15
CA ALA I 117 -39.60 17.49 34.83
C ALA I 117 -38.22 17.76 34.29
N GLY I 118 -37.17 17.53 35.09
CA GLY I 118 -35.82 17.63 34.57
C GLY I 118 -35.55 16.59 33.49
N ARG I 119 -34.58 16.92 32.64
CA ARG I 119 -34.23 16.09 31.50
C ARG I 119 -32.72 16.13 31.31
N ILE I 120 -32.15 14.95 31.06
CA ILE I 120 -30.74 14.81 30.73
C ILE I 120 -30.63 13.89 29.52
N VAL I 121 -29.99 14.38 28.47
CA VAL I 121 -29.93 13.67 27.19
C VAL I 121 -28.47 13.60 26.75
N SER I 122 -28.01 12.40 26.42
CA SER I 122 -26.63 12.23 25.97
C SER I 122 -26.60 11.76 24.52
N PHE I 123 -25.50 12.08 23.83
CA PHE I 123 -25.40 11.89 22.39
C PHE I 123 -24.09 11.19 22.02
N ASP I 124 -24.11 10.52 20.88
CA ASP I 124 -22.92 9.91 20.31
C ASP I 124 -22.63 10.51 18.94
N ALA I 125 -21.46 10.20 18.39
CA ALA I 125 -21.00 10.86 17.18
C ALA I 125 -21.90 10.62 15.98
N ALA I 126 -22.70 9.55 15.99
CA ALA I 126 -23.57 9.24 14.86
C ALA I 126 -24.97 9.82 15.01
N GLY I 127 -25.18 10.73 15.95
CA GLY I 127 -26.49 11.31 16.17
C GLY I 127 -27.38 10.55 17.12
N GLY I 128 -26.94 9.41 17.64
CA GLY I 128 -27.72 8.71 18.64
C GLY I 128 -27.92 9.57 19.87
N TRP I 129 -29.15 9.55 20.39
CA TRP I 129 -29.49 10.26 21.62
C TRP I 129 -30.16 9.29 22.57
N ASN I 130 -29.93 9.49 23.86
CA ASN I 130 -30.55 8.67 24.90
C ASN I 130 -30.94 9.56 26.06
N ILE I 131 -32.22 9.49 26.44
CA ILE I 131 -32.72 10.18 27.62
C ILE I 131 -32.32 9.38 28.85
N GLU I 132 -31.53 9.99 29.73
CA GLU I 132 -31.00 9.29 30.89
C GLU I 132 -32.05 9.22 31.99
N GLU I 133 -32.29 8.02 32.50
CA GLU I 133 -33.28 7.81 33.54
C GLU I 133 -32.68 7.54 34.92
N GLU I 134 -31.36 7.39 35.03
CA GLU I 134 -30.72 7.04 36.29
C GLU I 134 -30.19 8.25 37.06
N GLY I 135 -30.41 9.47 36.58
CA GLY I 135 -30.22 10.67 37.36
C GLY I 135 -29.10 11.58 36.90
N TYR I 136 -28.02 11.03 36.36
CA TYR I 136 -26.85 11.84 36.06
C TYR I 136 -26.16 11.31 34.79
N GLN I 137 -25.22 12.10 34.30
CA GLN I 137 -24.48 11.72 33.10
C GLN I 137 -23.32 12.69 32.92
N ALA I 138 -22.36 12.30 32.09
CA ALA I 138 -21.15 13.08 31.86
C ALA I 138 -20.61 12.79 30.47
N VAL I 139 -19.99 13.80 29.87
CA VAL I 139 -19.32 13.66 28.58
C VAL I 139 -17.91 14.23 28.70
N GLY I 140 -17.02 13.70 27.88
CA GLY I 140 -15.64 14.17 27.83
C GLY I 140 -14.65 13.13 28.31
N SER I 141 -13.38 13.54 28.31
CA SER I 141 -12.28 12.64 28.64
C SER I 141 -12.27 12.25 30.12
N GLY I 142 -12.91 13.02 30.98
CA GLY I 142 -13.03 12.67 32.38
C GLY I 142 -14.37 12.07 32.75
N SER I 143 -15.24 11.80 31.78
CA SER I 143 -16.63 11.48 32.09
C SER I 143 -16.77 10.17 32.85
N LEU I 144 -15.87 9.21 32.65
CA LEU I 144 -15.99 7.96 33.38
C LEU I 144 -15.66 8.17 34.86
N PHE I 145 -14.59 8.93 35.13
CA PHE I 145 -14.27 9.26 36.52
C PHE I 145 -15.42 10.00 37.19
N ALA I 146 -16.00 10.98 36.49
CA ALA I 146 -17.08 11.78 37.06
C ALA I 146 -18.33 10.94 37.27
N LYS I 147 -18.65 10.06 36.31
CA LYS I 147 -19.81 9.20 36.47
C LYS I 147 -19.65 8.25 37.64
N SER I 148 -18.47 7.64 37.77
CA SER I 148 -18.25 6.75 38.90
C SER I 148 -18.23 7.50 40.22
N SER I 149 -17.88 8.79 40.21
CA SER I 149 -18.00 9.60 41.41
C SER I 149 -19.47 9.85 41.77
N MET I 150 -20.26 10.26 40.77
CA MET I 150 -21.67 10.52 41.01
C MET I 150 -22.45 9.27 41.36
N LYS I 151 -21.96 8.09 40.95
CA LYS I 151 -22.61 6.85 41.35
C LYS I 151 -22.61 6.68 42.86
N LYS I 152 -21.53 7.13 43.51
CA LYS I 152 -21.42 7.05 44.95
C LYS I 152 -21.99 8.27 45.67
N LEU I 153 -22.04 9.44 45.01
CA LEU I 153 -22.47 10.65 45.69
C LEU I 153 -23.93 11.02 45.44
N TYR I 154 -24.60 10.40 44.46
CA TYR I 154 -25.90 10.91 44.00
C TYR I 154 -26.98 10.81 45.08
N SER I 155 -26.91 9.78 45.93
CA SER I 155 -27.93 9.62 46.97
C SER I 155 -28.00 10.81 47.92
N GLN I 156 -27.03 11.71 47.88
CA GLN I 156 -27.03 12.89 48.74
C GLN I 156 -27.73 14.09 48.13
N VAL I 157 -28.24 13.96 46.91
CA VAL I 157 -28.88 15.08 46.23
C VAL I 157 -30.35 15.10 46.63
N THR I 158 -30.75 16.17 47.33
CA THR I 158 -32.13 16.40 47.71
C THR I 158 -32.65 17.78 47.31
N ASP I 159 -31.81 18.61 46.70
CA ASP I 159 -32.20 19.96 46.30
C ASP I 159 -31.10 20.51 45.41
N GLY I 160 -31.26 21.78 45.01
CA GLY I 160 -30.31 22.38 44.11
C GLY I 160 -28.92 22.50 44.68
N ASP I 161 -28.82 22.80 45.98
CA ASP I 161 -27.50 23.02 46.58
C ASP I 161 -26.70 21.72 46.66
N SER I 162 -27.33 20.64 47.10
CA SER I 162 -26.62 19.37 47.16
C SER I 162 -26.30 18.86 45.77
N GLY I 163 -27.19 19.09 44.80
CA GLY I 163 -26.89 18.74 43.43
C GLY I 163 -25.69 19.49 42.89
N LEU I 164 -25.62 20.80 43.18
CA LEU I 164 -24.46 21.58 42.79
C LEU I 164 -23.20 21.08 43.47
N ARG I 165 -23.31 20.68 44.74
CA ARG I 165 -22.16 20.14 45.45
C ARG I 165 -21.67 18.86 44.78
N VAL I 166 -22.56 17.91 44.53
CA VAL I 166 -22.17 16.66 43.89
C VAL I 166 -21.59 16.94 42.51
N ALA I 167 -22.15 17.92 41.80
CA ALA I 167 -21.64 18.25 40.47
C ALA I 167 -20.21 18.75 40.54
N VAL I 168 -19.95 19.72 41.41
CA VAL I 168 -18.60 20.26 41.53
C VAL I 168 -17.62 19.19 42.00
N GLU I 169 -18.05 18.34 42.93
CA GLU I 169 -17.15 17.29 43.40
C GLU I 169 -16.85 16.29 42.30
N ALA I 170 -17.86 15.95 41.49
CA ALA I 170 -17.63 15.07 40.36
C ALA I 170 -16.61 15.67 39.41
N LEU I 171 -16.76 16.96 39.09
CA LEU I 171 -15.73 17.62 38.27
C LEU I 171 -14.37 17.58 38.96
N TYR I 172 -14.35 17.59 40.29
CA TYR I 172 -13.09 17.57 41.02
C TYR I 172 -12.39 16.22 40.86
N ASP I 173 -13.13 15.12 41.04
CA ASP I 173 -12.54 13.81 40.79
C ASP I 173 -12.09 13.68 39.34
N ALA I 174 -12.89 14.18 38.40
CA ALA I 174 -12.49 14.22 37.01
C ALA I 174 -11.11 14.85 36.85
N ALA I 175 -10.99 16.12 37.23
CA ALA I 175 -9.69 16.79 37.15
C ALA I 175 -8.61 15.99 37.87
N ASP I 176 -8.98 15.29 38.94
CA ASP I 176 -8.01 14.57 39.73
C ASP I 176 -7.38 13.42 38.94
N ASP I 177 -8.17 12.75 38.09
CA ASP I 177 -7.65 11.59 37.37
C ASP I 177 -7.41 11.83 35.88
N ASP I 178 -7.77 13.00 35.35
CA ASP I 178 -7.64 13.29 33.93
C ASP I 178 -6.93 14.63 33.76
N SER I 179 -5.78 14.61 33.08
CA SER I 179 -5.02 15.85 32.88
C SER I 179 -5.67 16.77 31.86
N ALA I 180 -6.56 16.26 31.01
CA ALA I 180 -7.30 17.11 30.08
C ALA I 180 -8.53 17.75 30.72
N THR I 181 -8.77 17.52 32.01
CA THR I 181 -9.84 18.18 32.76
C THR I 181 -9.20 19.02 33.86
N GLY I 182 -9.66 20.26 34.00
CA GLY I 182 -9.04 21.23 34.88
C GLY I 182 -9.72 21.29 36.24
N GLY I 183 -8.90 21.26 37.29
CA GLY I 183 -9.40 21.44 38.63
C GLY I 183 -9.49 22.90 39.01
N PRO I 184 -10.00 23.17 40.22
CA PRO I 184 -10.13 24.57 40.65
C PRO I 184 -8.77 25.22 40.81
N ASP I 185 -8.63 26.43 40.27
CA ASP I 185 -7.36 27.18 40.34
C ASP I 185 -7.50 28.22 41.44
N LEU I 186 -7.01 27.87 42.65
CA LEU I 186 -7.09 28.80 43.76
C LEU I 186 -6.14 29.98 43.59
N VAL I 187 -5.05 29.80 42.85
CA VAL I 187 -4.13 30.91 42.63
C VAL I 187 -4.79 32.00 41.79
N ARG I 188 -5.35 31.62 40.64
CA ARG I 188 -5.95 32.59 39.73
C ARG I 188 -7.40 32.90 40.05
N GLY I 189 -8.05 32.11 40.89
CA GLY I 189 -9.46 32.33 41.18
C GLY I 189 -10.38 31.91 40.04
N ILE I 190 -10.12 30.77 39.43
CA ILE I 190 -10.93 30.25 38.33
C ILE I 190 -11.54 28.93 38.76
N PHE I 191 -12.84 28.76 38.52
CA PHE I 191 -13.57 27.59 38.96
C PHE I 191 -14.47 27.13 37.83
N PRO I 192 -14.92 25.87 37.88
CA PRO I 192 -15.89 25.39 36.87
C PRO I 192 -17.09 26.33 36.74
N THR I 193 -17.81 26.23 35.63
CA THR I 193 -19.05 26.96 35.46
C THR I 193 -20.22 26.01 35.66
N ALA I 194 -21.36 26.58 36.04
CA ALA I 194 -22.56 25.78 36.26
C ALA I 194 -23.78 26.56 35.84
N VAL I 195 -24.68 25.89 35.14
CA VAL I 195 -26.03 26.37 34.85
C VAL I 195 -27.00 25.52 35.66
N ILE I 196 -28.02 26.16 36.21
CA ILE I 196 -29.07 25.46 36.94
C ILE I 196 -30.41 25.83 36.34
N ILE I 197 -31.28 24.84 36.16
CA ILE I 197 -32.58 25.07 35.54
C ILE I 197 -33.66 24.49 36.44
N ASP I 198 -34.69 25.29 36.71
CA ASP I 198 -35.90 24.80 37.37
C ASP I 198 -37.09 25.46 36.69
N ALA I 199 -38.22 25.55 37.40
CA ALA I 199 -39.44 26.05 36.78
C ALA I 199 -39.32 27.52 36.41
N ASP I 200 -38.49 28.29 37.11
CA ASP I 200 -38.26 29.68 36.75
C ASP I 200 -37.23 29.84 35.64
N GLY I 201 -36.75 28.75 35.06
CA GLY I 201 -35.90 28.79 33.90
C GLY I 201 -34.47 28.37 34.19
N ALA I 202 -33.59 28.74 33.26
CA ALA I 202 -32.16 28.45 33.35
C ALA I 202 -31.41 29.71 33.77
N VAL I 203 -30.45 29.55 34.67
CA VAL I 203 -29.68 30.69 35.19
C VAL I 203 -28.26 30.24 35.50
N ASP I 204 -27.33 31.17 35.36
CA ASP I 204 -25.92 30.90 35.61
C ASP I 204 -25.64 30.92 37.11
N VAL I 205 -25.04 29.85 37.61
CA VAL I 205 -24.65 29.81 39.01
C VAL I 205 -23.49 30.78 39.24
N PRO I 206 -23.60 31.70 40.19
CA PRO I 206 -22.52 32.67 40.39
C PRO I 206 -21.22 32.01 40.83
N GLU I 207 -20.11 32.67 40.45
CA GLU I 207 -18.79 32.11 40.70
C GLU I 207 -18.54 31.83 42.17
N SER I 208 -18.96 32.75 43.05
CA SER I 208 -18.58 32.66 44.46
C SER I 208 -19.16 31.41 45.14
N ARG I 209 -20.36 30.98 44.74
CA ARG I 209 -20.93 29.79 45.34
C ARG I 209 -20.15 28.54 44.95
N ILE I 210 -19.81 28.43 43.66
CA ILE I 210 -18.98 27.32 43.19
C ILE I 210 -17.62 27.37 43.87
N ALA I 211 -17.08 28.57 44.08
CA ALA I 211 -15.79 28.70 44.77
C ALA I 211 -15.90 28.20 46.20
N GLU I 212 -16.95 28.59 46.92
CA GLU I 212 -17.18 28.06 48.26
C GLU I 212 -17.18 26.53 48.25
N LEU I 213 -18.00 25.93 47.38
CA LEU I 213 -18.06 24.47 47.33
C LEU I 213 -16.68 23.86 47.06
N ALA I 214 -15.95 24.42 46.10
CA ALA I 214 -14.63 23.90 45.77
C ALA I 214 -13.68 23.97 46.96
N ARG I 215 -13.70 25.09 47.68
CA ARG I 215 -12.84 25.21 48.87
C ARG I 215 -13.27 24.24 49.96
N ALA I 216 -14.57 23.97 50.09
CA ALA I 216 -15.02 22.97 51.04
C ALA I 216 -14.46 21.60 50.68
N ILE I 217 -14.59 21.20 49.43
CA ILE I 217 -14.09 19.89 49.00
C ILE I 217 -12.58 19.81 49.24
N ILE I 218 -11.84 20.84 48.81
CA ILE I 218 -10.39 20.83 48.98
C ILE I 218 -10.01 20.73 50.45
N GLU I 219 -10.73 21.45 51.31
CA GLU I 219 -10.43 21.40 52.75
C GLU I 219 -10.76 20.03 53.33
N SER I 220 -11.82 19.39 52.83
CA SER I 220 -12.22 18.09 53.33
C SER I 220 -11.19 17.02 52.98
N ARG I 221 -10.66 17.07 51.75
CA ARG I 221 -9.75 16.01 51.33
C ARG I 221 -8.33 16.19 51.89
N SER I 222 -8.09 17.22 52.69
CA SER I 222 -6.77 17.43 53.30
C SER I 222 -6.69 16.79 54.69
N THR J 1 8.41 32.24 12.37
CA THR J 1 7.67 33.45 12.65
C THR J 1 7.27 33.55 14.12
N THR J 2 7.25 34.77 14.64
CA THR J 2 6.62 35.04 15.93
C THR J 2 5.83 36.33 15.84
N ILE J 3 4.59 36.29 16.30
CA ILE J 3 3.76 37.48 16.46
C ILE J 3 3.34 37.55 17.92
N VAL J 4 3.50 38.71 18.53
CA VAL J 4 3.14 38.93 19.92
C VAL J 4 2.11 40.05 19.99
N ALA J 5 1.29 40.01 21.04
CA ALA J 5 0.31 41.06 21.30
C ALA J 5 0.06 41.11 22.81
N LEU J 6 0.08 42.30 23.38
CA LEU J 6 -0.16 42.43 24.81
C LEU J 6 -0.97 43.70 25.08
N LYS J 7 -1.69 43.67 26.20
CA LYS J 7 -2.53 44.77 26.64
C LYS J 7 -1.76 45.65 27.63
N TYR J 8 -1.96 46.96 27.52
CA TYR J 8 -1.45 47.91 28.48
C TYR J 8 -2.58 48.86 28.87
N PRO J 9 -2.43 49.62 29.95
CA PRO J 9 -3.52 50.49 30.39
C PRO J 9 -3.99 51.43 29.28
N GLY J 10 -5.15 51.11 28.71
CA GLY J 10 -5.74 51.95 27.68
C GLY J 10 -5.41 51.59 26.26
N GLY J 11 -4.84 50.43 26.00
CA GLY J 11 -4.55 50.06 24.64
C GLY J 11 -3.96 48.67 24.53
N VAL J 12 -3.54 48.36 23.31
CA VAL J 12 -2.94 47.08 22.96
C VAL J 12 -1.78 47.34 22.00
N VAL J 13 -0.84 46.41 21.97
CA VAL J 13 0.29 46.49 21.04
C VAL J 13 0.53 45.12 20.43
N MET J 14 0.96 45.13 19.17
CA MET J 14 1.30 43.91 18.45
C MET J 14 2.62 44.12 17.72
N ALA J 15 3.40 43.04 17.61
CA ALA J 15 4.69 43.14 16.93
C ALA J 15 5.02 41.79 16.29
N GLY J 16 5.75 41.86 15.18
CA GLY J 16 6.14 40.65 14.47
C GLY J 16 7.52 40.79 13.87
N ASP J 17 8.15 39.63 13.65
CA ASP J 17 9.48 39.57 13.09
C ASP J 17 9.44 39.72 11.57
N ARG J 18 10.61 39.69 10.94
CA ARG J 18 10.74 40.05 9.53
C ARG J 18 11.29 38.90 8.68
N ARG J 19 11.26 37.67 9.19
CA ARG J 19 11.97 36.56 8.55
C ARG J 19 11.03 35.70 7.69
N SER J 20 11.51 35.35 6.51
CA SER J 20 10.84 34.43 5.60
C SER J 20 11.80 33.29 5.26
N THR J 21 11.31 32.05 5.34
CA THR J 21 12.16 30.87 5.11
C THR J 21 11.53 29.94 4.08
N GLN J 22 12.41 29.16 3.43
CA GLN J 22 12.05 28.03 2.57
C GLN J 22 12.84 26.85 3.12
N GLY J 23 12.30 26.20 4.15
CA GLY J 23 13.06 25.20 4.87
C GLY J 23 14.15 25.84 5.71
N ASN J 24 15.42 25.49 5.45
CA ASN J 24 16.53 26.15 6.11
C ASN J 24 16.92 27.46 5.42
N MET J 25 16.61 27.62 4.14
CA MET J 25 17.09 28.77 3.39
C MET J 25 16.30 30.02 3.73
N ILE J 26 17.01 31.08 4.07
CA ILE J 26 16.41 32.37 4.37
C ILE J 26 16.02 33.03 3.04
N SER J 27 14.72 33.17 2.80
CA SER J 27 14.23 33.78 1.58
C SER J 27 13.70 35.20 1.79
N GLY J 28 13.57 35.66 3.04
CA GLY J 28 13.08 37.00 3.30
C GLY J 28 13.64 37.63 4.57
N ARG J 29 13.92 38.93 4.52
CA ARG J 29 14.52 39.66 5.63
C ARG J 29 13.70 40.84 6.11
N ASP J 30 12.70 41.30 5.35
CA ASP J 30 11.93 42.49 5.69
C ASP J 30 10.44 42.25 5.51
N VAL J 31 9.98 41.04 5.77
CA VAL J 31 8.57 40.72 5.62
C VAL J 31 7.77 41.49 6.65
N ARG J 32 6.68 42.12 6.21
CA ARG J 32 5.72 42.74 7.11
C ARG J 32 4.60 41.75 7.37
N LYS J 33 4.51 41.28 8.62
CA LYS J 33 3.54 40.27 9.01
C LYS J 33 2.41 40.81 9.86
N VAL J 34 2.47 42.08 10.25
CA VAL J 34 1.45 42.71 11.07
C VAL J 34 0.80 43.80 10.24
N TYR J 35 -0.52 43.71 10.08
CA TYR J 35 -1.27 44.62 9.22
C TYR J 35 -2.34 45.34 10.02
N ILE J 36 -2.46 46.65 9.80
CA ILE J 36 -3.56 47.43 10.35
C ILE J 36 -4.80 47.07 9.53
N THR J 37 -5.62 46.18 10.06
CA THR J 37 -6.78 45.69 9.31
C THR J 37 -7.97 46.64 9.39
N ASP J 38 -8.03 47.51 10.40
CA ASP J 38 -8.96 48.63 10.31
C ASP J 38 -8.57 49.63 11.40
N ASP J 39 -9.28 50.77 11.42
CA ASP J 39 -8.91 51.88 12.29
C ASP J 39 -8.75 51.47 13.74
N TYR J 40 -9.22 50.29 14.14
CA TYR J 40 -9.07 49.86 15.53
C TYR J 40 -8.62 48.42 15.68
N THR J 41 -8.11 47.78 14.63
CA THR J 41 -7.63 46.41 14.78
C THR J 41 -6.44 46.16 13.86
N ALA J 42 -5.54 45.31 14.34
CA ALA J 42 -4.39 44.82 13.60
C ALA J 42 -4.36 43.30 13.69
N THR J 43 -3.98 42.66 12.58
CA THR J 43 -3.87 41.21 12.50
C THR J 43 -2.44 40.84 12.14
N GLY J 44 -1.93 39.79 12.78
CA GLY J 44 -0.61 39.28 12.45
C GLY J 44 -0.65 37.79 12.19
N ILE J 45 -0.10 37.33 11.07
CA ILE J 45 -0.27 35.94 10.67
C ILE J 45 1.08 35.23 10.67
N ALA J 46 1.04 33.94 11.01
CA ALA J 46 2.16 33.03 10.85
C ALA J 46 1.75 31.91 9.90
N GLY J 47 2.73 31.36 9.19
CA GLY J 47 2.49 30.22 8.32
C GLY J 47 2.88 30.51 6.88
N THR J 48 2.18 29.85 5.95
CA THR J 48 2.46 30.01 4.53
C THR J 48 2.22 31.45 4.10
N ALA J 49 3.25 32.07 3.51
CA ALA J 49 3.22 33.51 3.24
C ALA J 49 2.05 33.88 2.32
N ALA J 50 1.89 33.16 1.21
CA ALA J 50 0.80 33.46 0.29
C ALA J 50 -0.54 33.50 1.03
N VAL J 51 -0.78 32.52 1.90
CA VAL J 51 -2.02 32.48 2.66
C VAL J 51 -2.08 33.66 3.62
N ALA J 52 -0.97 33.96 4.31
CA ALA J 52 -0.99 35.04 5.30
C ALA J 52 -1.36 36.37 4.65
N VAL J 53 -0.68 36.73 3.55
CA VAL J 53 -1.00 37.96 2.85
C VAL J 53 -2.45 37.94 2.37
N GLU J 54 -2.87 36.83 1.75
CA GLU J 54 -4.27 36.71 1.34
C GLU J 54 -5.22 37.02 2.50
N PHE J 55 -4.97 36.41 3.66
CA PHE J 55 -5.82 36.61 4.83
C PHE J 55 -5.89 38.08 5.21
N ALA J 56 -4.73 38.72 5.41
CA ALA J 56 -4.74 40.12 5.82
C ALA J 56 -5.50 40.98 4.82
N ARG J 57 -5.14 40.90 3.54
CA ARG J 57 -5.74 41.77 2.54
C ARG J 57 -7.25 41.55 2.47
N LEU J 58 -7.67 40.29 2.33
CA LEU J 58 -9.10 39.97 2.17
C LEU J 58 -9.90 40.35 3.40
N TYR J 59 -9.38 40.03 4.59
CA TYR J 59 -10.07 40.36 5.83
C TYR J 59 -10.28 41.87 5.94
N ALA J 60 -9.22 42.66 5.71
CA ALA J 60 -9.38 44.11 5.72
C ALA J 60 -10.48 44.54 4.76
N VAL J 61 -10.43 44.03 3.52
CA VAL J 61 -11.45 44.38 2.54
C VAL J 61 -12.84 44.05 3.06
N GLU J 62 -12.98 42.94 3.78
CA GLU J 62 -14.30 42.53 4.24
C GLU J 62 -14.83 43.44 5.32
N LEU J 63 -13.98 43.81 6.29
CA LEU J 63 -14.41 44.74 7.32
C LEU J 63 -14.86 46.07 6.72
N GLU J 64 -13.98 46.69 5.92
CA GLU J 64 -14.37 47.98 5.33
C GLU J 64 -15.60 47.83 4.44
N HIS J 65 -15.70 46.71 3.74
CA HIS J 65 -16.87 46.41 2.92
C HIS J 65 -18.14 46.51 3.74
N TYR J 66 -18.25 45.68 4.80
CA TYR J 66 -19.40 45.78 5.69
C TYR J 66 -19.65 47.23 6.10
N GLU J 67 -18.58 47.95 6.47
CA GLU J 67 -18.77 49.32 6.96
C GLU J 67 -19.45 50.20 5.92
N LYS J 68 -19.00 50.12 4.65
CA LYS J 68 -19.58 50.97 3.62
C LYS J 68 -20.98 50.52 3.23
N LEU J 69 -21.26 49.22 3.28
CA LEU J 69 -22.60 48.74 2.95
C LEU J 69 -23.61 49.14 4.02
N GLU J 70 -23.20 49.14 5.29
CA GLU J 70 -24.11 49.27 6.41
C GLU J 70 -23.97 50.58 7.18
N GLY J 71 -23.09 51.48 6.74
CA GLY J 71 -22.91 52.76 7.40
C GLY J 71 -22.32 52.71 8.79
N VAL J 72 -22.06 51.50 9.31
CA VAL J 72 -21.47 51.33 10.64
C VAL J 72 -20.58 50.11 10.63
N PRO J 73 -19.49 50.15 11.39
CA PRO J 73 -18.58 49.00 11.44
C PRO J 73 -19.15 47.85 12.25
N LEU J 74 -18.55 46.68 12.03
CA LEU J 74 -18.94 45.49 12.77
C LEU J 74 -18.58 45.63 14.24
N THR J 75 -19.39 45.02 15.10
CA THR J 75 -18.98 44.82 16.47
C THR J 75 -17.73 43.95 16.50
N PHE J 76 -16.90 44.15 17.53
CA PHE J 76 -15.67 43.36 17.62
C PHE J 76 -15.97 41.86 17.54
N ALA J 77 -17.07 41.43 18.17
CA ALA J 77 -17.45 40.02 18.07
C ALA J 77 -17.64 39.61 16.62
N GLY J 78 -18.31 40.44 15.82
CA GLY J 78 -18.48 40.12 14.42
C GLY J 78 -17.14 40.00 13.69
N LYS J 79 -16.20 40.89 13.99
CA LYS J 79 -14.88 40.80 13.38
C LYS J 79 -14.22 39.47 13.72
N ILE J 80 -14.21 39.10 15.00
CA ILE J 80 -13.70 37.80 15.42
C ILE J 80 -14.35 36.69 14.58
N ASN J 81 -15.68 36.74 14.47
CA ASN J 81 -16.40 35.66 13.79
C ASN J 81 -15.99 35.56 12.33
N ARG J 82 -15.89 36.70 11.63
CA ARG J 82 -15.48 36.68 10.23
C ARG J 82 -14.07 36.09 10.08
N LEU J 83 -13.13 36.51 10.94
CA LEU J 83 -11.78 35.97 10.81
C LEU J 83 -11.77 34.48 11.05
N ALA J 84 -12.52 34.00 12.05
CA ALA J 84 -12.59 32.57 12.31
C ALA J 84 -13.20 31.83 11.14
N ILE J 85 -14.22 32.41 10.50
CA ILE J 85 -14.84 31.77 9.35
C ILE J 85 -13.83 31.62 8.22
N MET J 86 -13.08 32.70 7.93
CA MET J 86 -12.03 32.63 6.92
C MET J 86 -11.04 31.50 7.24
N VAL J 87 -10.51 31.49 8.46
CA VAL J 87 -9.53 30.48 8.83
C VAL J 87 -10.08 29.08 8.64
N ARG J 88 -11.30 28.83 9.13
CA ARG J 88 -11.91 27.52 8.91
C ARG J 88 -12.01 27.20 7.43
N GLY J 89 -12.39 28.19 6.62
CA GLY J 89 -12.47 27.96 5.19
C GLY J 89 -11.15 27.50 4.59
N ASN J 90 -10.03 27.92 5.17
CA ASN J 90 -8.75 27.45 4.66
C ASN J 90 -8.30 26.11 5.24
N LEU J 91 -9.19 25.35 5.92
CA LEU J 91 -8.71 24.22 6.71
C LEU J 91 -8.24 23.06 5.83
N ALA J 92 -8.90 22.81 4.70
CA ALA J 92 -8.46 21.71 3.84
C ALA J 92 -7.08 21.99 3.27
N ALA J 93 -6.90 23.16 2.64
CA ALA J 93 -5.58 23.55 2.16
C ALA J 93 -4.54 23.46 3.27
N ALA J 94 -4.87 23.99 4.45
CA ALA J 94 -3.97 23.85 5.60
C ALA J 94 -3.60 22.39 5.82
N MET J 95 -4.58 21.49 5.72
CA MET J 95 -4.28 20.06 5.82
C MET J 95 -3.30 19.63 4.74
N GLN J 96 -3.33 20.29 3.58
CA GLN J 96 -2.38 19.99 2.52
C GLN J 96 -1.12 20.86 2.58
N GLY J 97 -0.83 21.47 3.73
CA GLY J 97 0.41 22.20 3.91
C GLY J 97 0.32 23.70 3.70
N LEU J 98 -0.87 24.25 3.44
CA LEU J 98 -1.05 25.68 3.25
C LEU J 98 -1.61 26.34 4.51
N LEU J 99 -0.89 26.11 5.61
CA LEU J 99 -1.34 26.50 6.94
C LEU J 99 -0.98 27.94 7.26
N ALA J 100 -1.93 28.66 7.88
CA ALA J 100 -1.70 30.03 8.30
C ALA J 100 -2.65 30.38 9.45
N LEU J 101 -2.09 30.85 10.55
CA LEU J 101 -2.82 31.18 11.75
C LEU J 101 -2.73 32.67 12.05
N PRO J 102 -3.84 33.34 12.31
CA PRO J 102 -3.79 34.76 12.69
C PRO J 102 -3.83 34.96 14.21
N LEU J 103 -3.33 36.12 14.62
CA LEU J 103 -3.52 36.67 15.94
C LEU J 103 -4.13 38.05 15.77
N LEU J 104 -5.16 38.34 16.57
CA LEU J 104 -5.92 39.57 16.43
C LEU J 104 -5.72 40.46 17.66
N ALA J 105 -5.38 41.72 17.43
CA ALA J 105 -5.33 42.72 18.50
C ALA J 105 -6.27 43.86 18.12
N GLY J 106 -7.13 44.25 19.07
CA GLY J 106 -8.11 45.28 18.81
C GLY J 106 -8.35 46.16 20.02
N TYR J 107 -9.05 47.26 19.77
CA TYR J 107 -9.55 48.14 20.82
C TYR J 107 -11.04 48.31 20.57
N ASP J 108 -11.86 47.90 21.53
CA ASP J 108 -13.31 47.92 21.34
C ASP J 108 -13.85 49.28 21.76
N ILE J 109 -14.26 50.09 20.76
CA ILE J 109 -14.84 51.40 21.05
C ILE J 109 -16.17 51.27 21.78
N HIS J 110 -16.78 50.10 21.77
CA HIS J 110 -18.06 49.88 22.44
C HIS J 110 -17.91 49.20 23.79
N ALA J 111 -16.68 49.04 24.28
CA ALA J 111 -16.48 48.51 25.62
C ALA J 111 -16.86 49.55 26.66
N SER J 112 -17.25 49.07 27.84
CA SER J 112 -17.65 49.97 28.91
C SER J 112 -16.45 50.65 29.55
N ASP J 113 -15.50 49.84 30.04
CA ASP J 113 -14.32 50.36 30.72
C ASP J 113 -13.24 50.75 29.72
N PRO J 114 -13.02 52.05 29.50
CA PRO J 114 -12.02 52.46 28.50
C PRO J 114 -10.60 51.98 28.82
N GLN J 115 -10.30 51.68 30.08
CA GLN J 115 -8.97 51.19 30.41
C GLN J 115 -8.78 49.74 30.00
N SER J 116 -9.83 48.92 30.14
CA SER J 116 -9.81 47.51 29.73
C SER J 116 -10.57 47.30 28.42
N ALA J 117 -10.36 48.18 27.45
CA ALA J 117 -10.97 48.04 26.13
C ALA J 117 -10.08 47.29 25.16
N GLY J 118 -8.87 46.90 25.58
CA GLY J 118 -8.00 46.14 24.71
C GLY J 118 -8.46 44.70 24.57
N ARG J 119 -8.24 44.15 23.38
CA ARG J 119 -8.66 42.80 23.05
C ARG J 119 -7.51 42.07 22.35
N ILE J 120 -7.30 40.82 22.75
CA ILE J 120 -6.37 39.93 22.10
C ILE J 120 -7.07 38.60 21.88
N VAL J 121 -7.09 38.12 20.64
CA VAL J 121 -7.82 36.92 20.28
C VAL J 121 -6.89 36.01 19.49
N SER J 122 -6.76 34.76 19.94
CA SER J 122 -6.00 33.77 19.20
C SER J 122 -6.95 32.78 18.52
N PHE J 123 -6.42 32.11 17.50
CA PHE J 123 -7.18 31.23 16.65
C PHE J 123 -6.41 29.93 16.44
N ASP J 124 -7.12 28.87 16.06
CA ASP J 124 -6.50 27.62 15.66
C ASP J 124 -6.91 27.28 14.22
N ALA J 125 -6.32 26.21 13.69
CA ALA J 125 -6.52 25.89 12.28
C ALA J 125 -7.96 25.49 11.97
N ALA J 126 -8.73 25.06 12.96
CA ALA J 126 -10.12 24.71 12.75
C ALA J 126 -11.03 25.92 12.75
N GLY J 127 -10.51 27.11 13.01
CA GLY J 127 -11.33 28.29 13.18
C GLY J 127 -11.75 28.56 14.60
N GLY J 128 -11.36 27.72 15.55
CA GLY J 128 -11.58 28.04 16.94
C GLY J 128 -10.97 29.38 17.29
N TRP J 129 -11.65 30.12 18.16
CA TRP J 129 -11.20 31.44 18.56
C TRP J 129 -11.32 31.58 20.07
N ASN J 130 -10.42 32.36 20.65
CA ASN J 130 -10.34 32.49 22.10
C ASN J 130 -9.86 33.88 22.47
N ILE J 131 -10.65 34.59 23.28
CA ILE J 131 -10.29 35.91 23.78
C ILE J 131 -9.39 35.75 24.99
N GLU J 132 -8.18 36.31 24.93
CA GLU J 132 -7.20 36.15 25.99
C GLU J 132 -7.48 37.12 27.13
N GLU J 133 -7.63 36.59 28.34
CA GLU J 133 -7.89 37.42 29.51
C GLU J 133 -6.66 37.73 30.34
N GLU J 134 -5.56 37.01 30.14
CA GLU J 134 -4.40 37.13 31.02
C GLU J 134 -3.35 38.12 30.53
N GLY J 135 -3.63 38.89 29.48
CA GLY J 135 -2.87 40.09 29.17
C GLY J 135 -2.03 40.03 27.90
N TYR J 136 -1.46 38.87 27.58
CA TYR J 136 -0.58 38.77 26.42
C TYR J 136 -0.87 37.48 25.66
N GLN J 137 -0.22 37.33 24.50
CA GLN J 137 -0.38 36.14 23.68
C GLN J 137 0.58 36.24 22.49
N ALA J 138 0.81 35.09 21.85
CA ALA J 138 1.69 35.03 20.69
C ALA J 138 1.27 33.86 19.81
N VAL J 139 1.80 33.84 18.60
CA VAL J 139 1.54 32.77 17.63
C VAL J 139 2.77 32.63 16.74
N GLY J 140 3.06 31.41 16.35
CA GLY J 140 4.17 31.12 15.46
C GLY J 140 5.17 30.17 16.08
N SER J 141 6.18 29.82 15.28
CA SER J 141 7.17 28.83 15.68
C SER J 141 7.99 29.27 16.89
N GLY J 142 7.94 30.56 17.25
CA GLY J 142 8.55 31.03 18.47
C GLY J 142 7.59 31.46 19.54
N SER J 143 6.29 31.21 19.38
CA SER J 143 5.31 31.76 20.31
C SER J 143 5.53 31.27 21.72
N LEU J 144 5.95 30.00 21.88
CA LEU J 144 6.15 29.47 23.22
C LEU J 144 7.22 30.26 23.98
N PHE J 145 8.37 30.47 23.34
CA PHE J 145 9.44 31.24 23.99
C PHE J 145 8.96 32.65 24.34
N ALA J 146 8.32 33.33 23.38
CA ALA J 146 7.85 34.69 23.64
C ALA J 146 6.85 34.72 24.79
N LYS J 147 5.92 33.77 24.82
CA LYS J 147 4.93 33.74 25.89
C LYS J 147 5.59 33.51 27.24
N SER J 148 6.56 32.60 27.32
CA SER J 148 7.23 32.38 28.59
C SER J 148 8.07 33.59 28.99
N SER J 149 8.56 34.36 28.02
CA SER J 149 9.29 35.58 28.32
C SER J 149 8.35 36.64 28.88
N MET J 150 7.20 36.82 28.24
CA MET J 150 6.21 37.78 28.72
C MET J 150 5.63 37.36 30.07
N LYS J 151 5.55 36.07 30.35
CA LYS J 151 5.11 35.63 31.67
C LYS J 151 5.91 36.31 32.76
N LYS J 152 7.22 36.42 32.57
CA LYS J 152 8.09 37.04 33.56
C LYS J 152 8.20 38.55 33.40
N LEU J 153 7.97 39.08 32.20
CA LEU J 153 8.17 40.51 31.99
C LEU J 153 6.89 41.35 32.07
N TYR J 154 5.71 40.72 32.14
CA TYR J 154 4.48 41.48 31.96
C TYR J 154 4.24 42.48 33.09
N SER J 155 4.70 42.17 34.30
CA SER J 155 4.48 43.07 35.43
C SER J 155 5.18 44.41 35.26
N GLN J 156 5.99 44.59 34.21
CA GLN J 156 6.63 45.87 33.95
C GLN J 156 5.80 46.77 33.04
N VAL J 157 4.72 46.26 32.47
CA VAL J 157 3.90 47.05 31.53
C VAL J 157 3.03 47.99 32.36
N THR J 158 3.27 49.29 32.21
CA THR J 158 2.49 50.31 32.87
C THR J 158 1.99 51.40 31.94
N ASP J 159 2.48 51.45 30.70
CA ASP J 159 2.05 52.43 29.72
C ASP J 159 2.37 51.86 28.34
N GLY J 160 2.00 52.61 27.30
CA GLY J 160 2.26 52.14 25.95
C GLY J 160 3.74 51.84 25.71
N ASP J 161 4.62 52.65 26.27
CA ASP J 161 6.04 52.52 25.97
C ASP J 161 6.63 51.26 26.60
N SER J 162 6.35 51.03 27.88
CA SER J 162 6.86 49.81 28.51
C SER J 162 6.27 48.57 27.87
N GLY J 163 5.01 48.63 27.44
CA GLY J 163 4.43 47.51 26.71
C GLY J 163 5.15 47.25 25.40
N LEU J 164 5.47 48.31 24.66
CA LEU J 164 6.23 48.15 23.43
C LEU J 164 7.58 47.50 23.72
N ARG J 165 8.28 47.98 24.75
CA ARG J 165 9.57 47.40 25.11
C ARG J 165 9.43 45.91 25.41
N VAL J 166 8.44 45.55 26.22
CA VAL J 166 8.24 44.13 26.54
C VAL J 166 7.98 43.33 25.27
N ALA J 167 7.16 43.86 24.37
CA ALA J 167 6.88 43.15 23.13
C ALA J 167 8.18 42.89 22.35
N VAL J 168 8.97 43.94 22.15
CA VAL J 168 10.21 43.80 21.39
C VAL J 168 11.14 42.81 22.07
N GLU J 169 11.16 42.79 23.40
CA GLU J 169 12.01 41.82 24.10
C GLU J 169 11.50 40.40 23.90
N ALA J 170 10.19 40.20 23.96
CA ALA J 170 9.62 38.87 23.70
C ALA J 170 10.01 38.38 22.33
N LEU J 171 9.87 39.24 21.31
CA LEU J 171 10.37 38.87 19.99
C LEU J 171 11.86 38.57 20.02
N TYR J 172 12.62 39.28 20.84
CA TYR J 172 14.05 39.04 20.92
C TYR J 172 14.35 37.64 21.45
N ASP J 173 13.61 37.20 22.47
CA ASP J 173 13.81 35.86 23.01
C ASP J 173 13.35 34.79 22.02
N ALA J 174 12.25 35.06 21.32
CA ALA J 174 11.82 34.16 20.26
C ALA J 174 12.94 33.96 19.25
N ALA J 175 13.43 35.05 18.65
CA ALA J 175 14.55 34.95 17.72
C ALA J 175 15.74 34.26 18.38
N ASP J 176 15.91 34.43 19.69
CA ASP J 176 17.04 33.81 20.38
C ASP J 176 16.97 32.28 20.32
N ASP J 177 15.77 31.71 20.55
CA ASP J 177 15.66 30.26 20.61
C ASP J 177 15.09 29.62 19.35
N ASP J 178 14.63 30.40 18.38
CA ASP J 178 13.92 29.86 17.21
C ASP J 178 14.55 30.41 15.94
N SER J 179 15.10 29.52 15.11
CA SER J 179 15.78 29.97 13.89
C SER J 179 14.79 30.45 12.84
N ALA J 180 13.52 30.10 12.95
CA ALA J 180 12.50 30.56 12.02
C ALA J 180 11.95 31.94 12.38
N THR J 181 12.39 32.52 13.50
CA THR J 181 12.07 33.88 13.87
C THR J 181 13.34 34.72 13.82
N GLY J 182 13.27 35.85 13.11
CA GLY J 182 14.43 36.68 12.90
C GLY J 182 14.62 37.71 14.00
N GLY J 183 15.87 37.88 14.42
CA GLY J 183 16.21 38.88 15.39
C GLY J 183 16.47 40.23 14.76
N PRO J 184 16.75 41.23 15.59
CA PRO J 184 17.18 42.53 15.04
C PRO J 184 18.43 42.35 14.18
N ASP J 185 18.43 42.98 13.01
CA ASP J 185 19.55 42.93 12.07
C ASP J 185 20.24 44.29 12.12
N LEU J 186 21.32 44.37 12.90
CA LEU J 186 22.02 45.65 13.05
C LEU J 186 22.77 46.04 11.79
N VAL J 187 23.21 45.06 10.99
CA VAL J 187 23.97 45.38 9.78
C VAL J 187 23.09 46.06 8.75
N ARG J 188 21.91 45.49 8.49
CA ARG J 188 20.99 46.04 7.51
C ARG J 188 20.05 47.08 8.09
N GLY J 189 19.96 47.18 9.42
CA GLY J 189 19.03 48.11 10.03
C GLY J 189 17.57 47.73 9.89
N ILE J 190 17.25 46.45 10.03
CA ILE J 190 15.88 45.94 9.93
C ILE J 190 15.46 45.44 11.31
N PHE J 191 14.28 45.85 11.73
CA PHE J 191 13.78 45.54 13.06
C PHE J 191 12.35 45.06 12.99
N PRO J 192 11.85 44.42 14.05
CA PRO J 192 10.46 43.97 14.04
C PRO J 192 9.52 45.13 13.76
N THR J 193 8.36 44.82 13.19
CA THR J 193 7.34 45.85 13.00
C THR J 193 6.35 45.77 14.15
N ALA J 194 5.72 46.91 14.44
CA ALA J 194 4.82 47.01 15.57
C ALA J 194 3.67 47.94 15.24
N VAL J 195 2.49 47.60 15.75
CA VAL J 195 1.29 48.43 15.68
C VAL J 195 0.81 48.67 17.09
N ILE J 196 0.33 49.89 17.35
CA ILE J 196 -0.16 50.27 18.66
C ILE J 196 -1.57 50.83 18.51
N ILE J 197 -2.48 50.43 19.38
CA ILE J 197 -3.89 50.77 19.25
C ILE J 197 -4.42 51.29 20.59
N ASP J 198 -5.03 52.47 20.57
CA ASP J 198 -5.69 53.00 21.77
C ASP J 198 -6.98 53.68 21.31
N ALA J 199 -7.52 54.54 22.18
CA ALA J 199 -8.80 55.18 21.89
C ALA J 199 -8.73 56.05 20.63
N ASP J 200 -7.56 56.60 20.34
CA ASP J 200 -7.39 57.44 19.15
C ASP J 200 -7.15 56.62 17.89
N GLY J 201 -7.07 55.30 17.99
CA GLY J 201 -6.98 54.42 16.83
C GLY J 201 -5.71 53.59 16.85
N ALA J 202 -5.50 52.90 15.73
CA ALA J 202 -4.33 52.06 15.51
C ALA J 202 -3.36 52.76 14.58
N VAL J 203 -2.08 52.81 14.97
CA VAL J 203 -1.06 53.46 14.17
C VAL J 203 0.21 52.63 14.20
N ASP J 204 0.98 52.71 13.12
CA ASP J 204 2.28 52.06 13.03
C ASP J 204 3.27 52.70 14.00
N VAL J 205 4.00 51.88 14.73
CA VAL J 205 5.08 52.37 15.57
C VAL J 205 6.28 52.69 14.68
N PRO J 206 6.82 53.90 14.72
CA PRO J 206 7.93 54.25 13.82
C PRO J 206 9.15 53.41 14.10
N GLU J 207 9.82 52.98 13.02
CA GLU J 207 10.96 52.08 13.12
C GLU J 207 12.02 52.56 14.09
N SER J 208 12.21 53.88 14.19
CA SER J 208 13.27 54.40 15.05
C SER J 208 13.07 53.99 16.51
N ARG J 209 11.83 54.06 17.00
CA ARG J 209 11.58 53.72 18.41
C ARG J 209 11.90 52.24 18.66
N ILE J 210 11.55 51.36 17.72
CA ILE J 210 11.84 49.96 17.88
C ILE J 210 13.34 49.71 17.79
N ALA J 211 14.04 50.45 16.93
CA ALA J 211 15.49 50.34 16.88
C ALA J 211 16.12 50.68 18.23
N GLU J 212 15.72 51.82 18.80
CA GLU J 212 16.21 52.20 20.12
C GLU J 212 15.96 51.10 21.14
N LEU J 213 14.70 50.63 21.23
CA LEU J 213 14.39 49.59 22.23
C LEU J 213 15.26 48.35 22.03
N ALA J 214 15.35 47.87 20.78
CA ALA J 214 16.16 46.69 20.51
C ALA J 214 17.60 46.90 20.95
N ARG J 215 18.17 48.07 20.68
CA ARG J 215 19.55 48.30 21.10
C ARG J 215 19.67 48.31 22.61
N ALA J 216 18.67 48.84 23.31
CA ALA J 216 18.69 48.77 24.77
C ALA J 216 18.71 47.33 25.25
N ILE J 217 17.90 46.46 24.63
CA ILE J 217 17.88 45.05 25.01
C ILE J 217 19.25 44.42 24.75
N ILE J 218 19.80 44.67 23.56
CA ILE J 218 21.09 44.08 23.18
C ILE J 218 22.18 44.49 24.17
N GLU J 219 22.34 45.80 24.39
CA GLU J 219 23.32 46.26 25.35
C GLU J 219 23.10 45.63 26.71
N SER J 220 21.85 45.62 27.18
CA SER J 220 21.55 45.05 28.49
C SER J 220 22.05 43.62 28.60
N ARG J 221 21.86 42.81 27.55
CA ARG J 221 22.24 41.40 27.65
C ARG J 221 23.72 41.15 27.42
N SER J 222 24.51 42.18 27.09
CA SER J 222 25.94 42.00 26.87
C SER J 222 26.71 41.95 28.18
N THR K 1 17.41 25.84 -15.66
CA THR K 1 17.23 27.24 -16.01
C THR K 1 17.85 28.17 -14.96
N THR K 2 18.25 29.36 -15.39
CA THR K 2 18.55 30.46 -14.47
C THR K 2 18.07 31.76 -15.09
N ILE K 3 17.23 32.48 -14.35
CA ILE K 3 16.81 33.84 -14.68
C ILE K 3 17.33 34.76 -13.60
N VAL K 4 17.87 35.91 -14.01
CA VAL K 4 18.31 36.94 -13.06
C VAL K 4 17.64 38.25 -13.40
N ALA K 5 17.55 39.11 -12.38
CA ALA K 5 17.05 40.46 -12.55
C ALA K 5 17.66 41.32 -11.47
N LEU K 6 18.02 42.56 -11.82
CA LEU K 6 18.57 43.45 -10.81
C LEU K 6 18.19 44.89 -11.13
N LYS K 7 18.09 45.69 -10.07
CA LYS K 7 17.82 47.12 -10.18
C LYS K 7 19.12 47.86 -10.42
N TYR K 8 19.08 48.83 -11.32
CA TYR K 8 20.15 49.79 -11.50
C TYR K 8 19.57 51.19 -11.42
N PRO K 9 20.37 52.18 -11.04
CA PRO K 9 19.86 53.55 -10.96
C PRO K 9 19.27 54.00 -12.28
N GLY K 10 17.94 54.06 -12.36
CA GLY K 10 17.24 54.49 -13.56
C GLY K 10 16.42 53.41 -14.22
N GLY K 11 16.57 52.15 -13.83
CA GLY K 11 15.81 51.09 -14.46
C GLY K 11 16.14 49.74 -13.88
N VAL K 12 15.79 48.71 -14.63
CA VAL K 12 15.98 47.32 -14.21
C VAL K 12 16.41 46.50 -15.41
N VAL K 13 17.12 45.39 -15.16
CA VAL K 13 17.54 44.50 -16.23
C VAL K 13 17.23 43.06 -15.84
N MET K 14 16.80 42.27 -16.84
CA MET K 14 16.53 40.85 -16.67
C MET K 14 17.27 40.06 -17.74
N ALA K 15 17.83 38.92 -17.34
CA ALA K 15 18.61 38.09 -18.25
C ALA K 15 18.29 36.63 -18.03
N GLY K 16 18.23 35.87 -19.12
CA GLY K 16 17.89 34.45 -19.05
C GLY K 16 18.77 33.64 -19.96
N ASP K 17 19.04 32.40 -19.53
CA ASP K 17 19.85 31.47 -20.30
C ASP K 17 18.99 30.79 -21.37
N ARG K 18 19.61 29.89 -22.13
CA ARG K 18 19.02 29.41 -23.37
C ARG K 18 18.83 27.90 -23.42
N ARG K 19 19.03 27.20 -22.30
CA ARG K 19 19.08 25.74 -22.34
C ARG K 19 17.72 25.10 -22.06
N SER K 20 17.52 23.92 -22.66
CA SER K 20 16.34 23.10 -22.43
C SER K 20 16.79 21.65 -22.29
N THR K 21 16.24 20.95 -21.30
CA THR K 21 16.69 19.61 -20.96
C THR K 21 15.51 18.65 -20.82
N GLN K 22 15.82 17.37 -21.00
CA GLN K 22 14.91 16.26 -20.71
C GLN K 22 15.74 15.23 -19.94
N GLY K 23 15.73 15.33 -18.62
CA GLY K 23 16.65 14.59 -17.79
C GLY K 23 18.04 15.18 -17.94
N ASN K 24 19.01 14.33 -18.32
CA ASN K 24 20.35 14.78 -18.64
C ASN K 24 20.49 15.22 -20.09
N MET K 25 19.47 14.99 -20.91
CA MET K 25 19.59 15.24 -22.35
C MET K 25 19.31 16.71 -22.65
N ILE K 26 20.21 17.32 -23.40
CA ILE K 26 20.04 18.71 -23.83
C ILE K 26 19.08 18.71 -25.02
N SER K 27 17.87 19.25 -24.80
CA SER K 27 16.86 19.29 -25.84
C SER K 27 16.76 20.65 -26.53
N GLY K 28 17.29 21.71 -25.93
CA GLY K 28 17.23 23.02 -26.55
C GLY K 28 18.46 23.86 -26.28
N ARG K 29 18.87 24.63 -27.29
CA ARG K 29 20.04 25.50 -27.21
C ARG K 29 19.73 26.97 -27.45
N ASP K 30 18.52 27.31 -27.89
CA ASP K 30 18.20 28.68 -28.28
C ASP K 30 16.89 29.16 -27.65
N VAL K 31 16.49 28.58 -26.52
CA VAL K 31 15.22 28.97 -25.91
C VAL K 31 15.29 30.43 -25.47
N ARG K 32 14.15 31.11 -25.55
CA ARG K 32 14.00 32.48 -25.08
C ARG K 32 13.07 32.44 -23.88
N LYS K 33 13.63 32.69 -22.70
CA LYS K 33 12.91 32.53 -21.44
C LYS K 33 12.49 33.86 -20.82
N VAL K 34 12.84 34.99 -21.42
CA VAL K 34 12.57 36.31 -20.88
C VAL K 34 11.73 37.06 -21.90
N TYR K 35 10.48 37.38 -21.53
CA TYR K 35 9.51 37.98 -22.44
C TYR K 35 9.16 39.39 -21.99
N ILE K 36 9.07 40.30 -22.97
CA ILE K 36 8.57 41.65 -22.71
C ILE K 36 7.06 41.54 -22.59
N THR K 37 6.56 41.51 -21.36
CA THR K 37 5.14 41.30 -21.13
C THR K 37 4.32 42.58 -21.21
N ASP K 38 4.95 43.74 -21.07
CA ASP K 38 4.31 44.98 -21.52
C ASP K 38 5.36 46.09 -21.51
N ASP K 39 4.93 47.29 -21.92
CA ASP K 39 5.87 48.38 -22.18
C ASP K 39 6.89 48.57 -21.07
N TYR K 40 6.54 48.19 -19.84
CA TYR K 40 7.42 48.46 -18.69
C TYR K 40 7.67 47.22 -17.85
N THR K 41 7.38 46.02 -18.36
CA THR K 41 7.62 44.83 -17.56
C THR K 41 8.04 43.66 -18.43
N ALA K 42 8.98 42.89 -17.90
CA ALA K 42 9.45 41.63 -18.43
C ALA K 42 9.23 40.53 -17.41
N THR K 43 9.03 39.31 -17.91
CA THR K 43 8.76 38.14 -17.10
C THR K 43 9.69 37.02 -17.54
N GLY K 44 10.40 36.42 -16.60
CA GLY K 44 11.23 35.27 -16.90
C GLY K 44 10.78 34.06 -16.10
N ILE K 45 10.54 32.92 -16.74
CA ILE K 45 9.96 31.78 -16.07
C ILE K 45 10.94 30.61 -16.08
N ALA K 46 11.00 29.90 -14.95
CA ALA K 46 11.70 28.63 -14.85
C ALA K 46 10.68 27.52 -14.69
N GLY K 47 11.04 26.31 -15.13
CA GLY K 47 10.17 25.17 -14.94
C GLY K 47 9.82 24.42 -16.20
N THR K 48 8.63 23.82 -16.22
CA THR K 48 8.18 23.09 -17.41
C THR K 48 7.95 24.06 -18.55
N ALA K 49 8.59 23.78 -19.70
CA ALA K 49 8.63 24.76 -20.77
C ALA K 49 7.24 25.14 -21.26
N ALA K 50 6.36 24.16 -21.44
CA ALA K 50 5.01 24.46 -21.92
C ALA K 50 4.28 25.37 -20.95
N VAL K 51 4.43 25.11 -19.65
CA VAL K 51 3.75 25.93 -18.64
C VAL K 51 4.34 27.34 -18.62
N ALA K 52 5.67 27.45 -18.75
CA ALA K 52 6.29 28.77 -18.72
C ALA K 52 5.86 29.61 -19.91
N VAL K 53 5.90 29.03 -21.11
CA VAL K 53 5.51 29.77 -22.30
C VAL K 53 4.03 30.15 -22.21
N GLU K 54 3.19 29.21 -21.78
CA GLU K 54 1.77 29.53 -21.58
C GLU K 54 1.61 30.71 -20.61
N PHE K 55 2.37 30.70 -19.50
CA PHE K 55 2.28 31.77 -18.53
C PHE K 55 2.63 33.12 -19.16
N ALA K 56 3.78 33.20 -19.83
CA ALA K 56 4.18 34.47 -20.43
C ALA K 56 3.12 34.96 -21.41
N ARG K 57 2.66 34.08 -22.31
CA ARG K 57 1.70 34.47 -23.31
C ARG K 57 0.40 34.99 -22.67
N LEU K 58 -0.16 34.21 -21.75
CA LEU K 58 -1.46 34.55 -21.17
C LEU K 58 -1.38 35.77 -20.26
N TYR K 59 -0.25 35.96 -19.57
CA TYR K 59 -0.07 37.13 -18.71
C TYR K 59 0.04 38.40 -19.55
N ALA K 60 0.83 38.36 -20.62
CA ALA K 60 0.89 39.52 -21.52
C ALA K 60 -0.49 39.84 -22.07
N VAL K 61 -1.19 38.83 -22.59
CA VAL K 61 -2.54 39.06 -23.11
C VAL K 61 -3.43 39.69 -22.03
N GLU K 62 -3.32 39.22 -20.79
CA GLU K 62 -4.20 39.72 -19.75
C GLU K 62 -3.93 41.20 -19.47
N LEU K 63 -2.66 41.58 -19.30
CA LEU K 63 -2.34 42.98 -19.08
C LEU K 63 -2.88 43.86 -20.20
N GLU K 64 -2.53 43.53 -21.45
CA GLU K 64 -2.99 44.37 -22.55
C GLU K 64 -4.51 44.38 -22.65
N HIS K 65 -5.16 43.26 -22.32
CA HIS K 65 -6.61 43.20 -22.28
C HIS K 65 -7.17 44.26 -21.34
N TYR K 66 -6.73 44.24 -20.08
CA TYR K 66 -7.17 45.28 -19.15
C TYR K 66 -6.91 46.66 -19.72
N GLU K 67 -5.71 46.88 -20.27
CA GLU K 67 -5.34 48.21 -20.74
C GLU K 67 -6.30 48.72 -21.80
N LYS K 68 -6.64 47.87 -22.78
CA LYS K 68 -7.56 48.30 -23.82
C LYS K 68 -8.98 48.44 -23.29
N LEU K 69 -9.35 47.65 -22.28
CA LEU K 69 -10.72 47.72 -21.76
C LEU K 69 -10.97 48.99 -20.96
N GLU K 70 -10.01 49.39 -20.13
CA GLU K 70 -10.22 50.50 -19.20
C GLU K 70 -9.54 51.79 -19.63
N GLY K 71 -8.83 51.79 -20.76
CA GLY K 71 -8.16 52.98 -21.24
C GLY K 71 -6.88 53.33 -20.52
N VAL K 72 -6.52 52.60 -19.47
CA VAL K 72 -5.33 52.91 -18.68
C VAL K 72 -4.68 51.60 -18.24
N PRO K 73 -3.35 51.54 -18.13
CA PRO K 73 -2.71 50.30 -17.69
C PRO K 73 -2.89 50.06 -16.19
N LEU K 74 -2.79 48.79 -15.81
CA LEU K 74 -2.82 48.41 -14.39
C LEU K 74 -1.70 49.09 -13.62
N THR K 75 -1.93 49.33 -12.33
CA THR K 75 -0.85 49.68 -11.44
C THR K 75 0.10 48.49 -11.32
N PHE K 76 1.35 48.78 -10.95
CA PHE K 76 2.32 47.69 -10.85
C PHE K 76 1.87 46.66 -9.81
N ALA K 77 1.29 47.12 -8.70
CA ALA K 77 0.75 46.20 -7.71
C ALA K 77 -0.28 45.27 -8.34
N GLY K 78 -1.15 45.82 -9.19
CA GLY K 78 -2.12 44.98 -9.88
C GLY K 78 -1.46 43.92 -10.75
N LYS K 79 -0.45 44.32 -11.52
CA LYS K 79 0.30 43.35 -12.31
C LYS K 79 0.83 42.22 -11.44
N ILE K 80 1.49 42.58 -10.32
CA ILE K 80 1.93 41.58 -9.36
C ILE K 80 0.79 40.64 -9.01
N ASN K 81 -0.35 41.20 -8.61
CA ASN K 81 -1.44 40.37 -8.13
C ASN K 81 -1.92 39.40 -9.20
N ARG K 82 -2.08 39.88 -10.45
CA ARG K 82 -2.54 38.98 -11.51
C ARG K 82 -1.57 37.83 -11.72
N LEU K 83 -0.26 38.13 -11.76
CA LEU K 83 0.72 37.06 -11.93
C LEU K 83 0.64 36.06 -10.79
N ALA K 84 0.60 36.55 -9.55
CA ALA K 84 0.52 35.67 -8.39
C ALA K 84 -0.71 34.77 -8.48
N ILE K 85 -1.86 35.34 -8.84
CA ILE K 85 -3.08 34.55 -8.96
C ILE K 85 -2.90 33.46 -10.01
N MET K 86 -2.24 33.78 -11.11
CA MET K 86 -1.98 32.75 -12.13
C MET K 86 -1.17 31.59 -11.55
N VAL K 87 -0.06 31.89 -10.87
CA VAL K 87 0.76 30.83 -10.26
C VAL K 87 -0.08 29.98 -9.30
N ARG K 88 -0.69 30.64 -8.31
CA ARG K 88 -1.56 29.95 -7.36
C ARG K 88 -2.54 29.05 -8.08
N GLY K 89 -3.07 29.52 -9.21
CA GLY K 89 -4.02 28.71 -9.97
C GLY K 89 -3.40 27.46 -10.55
N ASN K 90 -2.12 27.53 -10.94
CA ASN K 90 -1.45 26.36 -11.47
C ASN K 90 -0.87 25.44 -10.40
N LEU K 91 -1.02 25.77 -9.10
CA LEU K 91 -0.42 24.95 -8.05
C LEU K 91 -0.68 23.44 -8.23
N ALA K 92 -1.91 23.04 -8.58
CA ALA K 92 -2.22 21.61 -8.62
C ALA K 92 -1.43 20.90 -9.71
N ALA K 93 -1.49 21.40 -10.94
CA ALA K 93 -0.64 20.87 -12.00
C ALA K 93 0.83 20.93 -11.59
N ALA K 94 1.23 21.99 -10.91
CA ALA K 94 2.61 22.11 -10.44
C ALA K 94 2.99 20.92 -9.57
N MET K 95 2.07 20.47 -8.73
CA MET K 95 2.33 19.29 -7.91
C MET K 95 2.27 18.00 -8.71
N GLN K 96 1.57 17.99 -9.85
CA GLN K 96 1.62 16.83 -10.74
C GLN K 96 2.85 16.84 -11.66
N GLY K 97 3.77 17.79 -11.48
CA GLY K 97 4.97 17.86 -12.30
C GLY K 97 4.98 18.95 -13.36
N LEU K 98 3.92 19.75 -13.46
CA LEU K 98 3.86 20.85 -14.42
C LEU K 98 4.11 22.19 -13.71
N LEU K 99 5.28 22.29 -13.11
CA LEU K 99 5.62 23.43 -12.27
C LEU K 99 6.34 24.51 -13.07
N ALA K 100 5.95 25.75 -12.83
CA ALA K 100 6.59 26.91 -13.44
C ALA K 100 6.57 28.08 -12.45
N LEU K 101 7.73 28.68 -12.22
CA LEU K 101 7.91 29.80 -11.30
C LEU K 101 8.38 31.02 -12.07
N PRO K 102 7.65 32.14 -12.03
CA PRO K 102 8.10 33.35 -12.72
C PRO K 102 8.90 34.27 -11.82
N LEU K 103 9.61 35.19 -12.48
CA LEU K 103 10.31 36.31 -11.87
C LEU K 103 9.92 37.53 -12.66
N LEU K 104 9.47 38.58 -11.97
CA LEU K 104 8.93 39.77 -12.62
C LEU K 104 9.88 40.94 -12.42
N ALA K 105 10.17 41.66 -13.50
CA ALA K 105 10.98 42.86 -13.43
C ALA K 105 10.27 43.97 -14.18
N GLY K 106 10.13 45.13 -13.54
CA GLY K 106 9.36 46.19 -14.16
C GLY K 106 9.83 47.56 -13.72
N TYR K 107 9.22 48.57 -14.33
CA TYR K 107 9.51 49.98 -14.04
C TYR K 107 8.18 50.65 -13.74
N ASP K 108 8.02 51.15 -12.52
CA ASP K 108 6.75 51.75 -12.08
C ASP K 108 6.74 53.21 -12.51
N ILE K 109 6.03 53.51 -13.59
CA ILE K 109 5.91 54.89 -14.07
C ILE K 109 5.25 55.81 -13.06
N HIS K 110 4.78 55.27 -11.93
CA HIS K 110 4.12 56.07 -10.91
C HIS K 110 4.96 56.21 -9.64
N ALA K 111 6.20 55.72 -9.65
CA ALA K 111 7.08 55.93 -8.52
C ALA K 111 7.48 57.41 -8.41
N SER K 112 7.87 57.80 -7.21
CA SER K 112 8.18 59.21 -6.95
C SER K 112 9.40 59.67 -7.75
N ASP K 113 10.56 59.06 -7.50
CA ASP K 113 11.72 59.43 -8.30
C ASP K 113 12.06 58.32 -9.29
N PRO K 114 12.42 58.66 -10.53
CA PRO K 114 12.61 57.63 -11.56
C PRO K 114 13.90 56.83 -11.42
N GLN K 115 14.81 57.20 -10.53
CA GLN K 115 16.04 56.43 -10.38
C GLN K 115 15.84 55.13 -9.60
N SER K 116 14.76 55.04 -8.82
CA SER K 116 14.48 53.84 -8.03
C SER K 116 13.14 53.22 -8.40
N ALA K 117 12.57 53.60 -9.54
CA ALA K 117 11.30 53.04 -9.99
C ALA K 117 11.40 51.57 -10.39
N GLY K 118 12.61 51.02 -10.45
CA GLY K 118 12.74 49.61 -10.76
C GLY K 118 12.09 48.75 -9.69
N ARG K 119 11.49 47.64 -10.14
CA ARG K 119 10.84 46.69 -9.25
C ARG K 119 11.27 45.29 -9.67
N ILE K 120 11.61 44.47 -8.68
CA ILE K 120 11.91 43.06 -8.87
C ILE K 120 11.03 42.28 -7.90
N VAL K 121 10.22 41.38 -8.43
CA VAL K 121 9.27 40.61 -7.63
C VAL K 121 9.50 39.14 -7.88
N SER K 122 9.64 38.36 -6.80
CA SER K 122 9.76 36.91 -6.91
C SER K 122 8.48 36.25 -6.43
N PHE K 123 8.32 34.98 -6.80
CA PHE K 123 7.11 34.23 -6.55
C PHE K 123 7.48 32.81 -6.12
N ASP K 124 6.51 32.13 -5.51
CA ASP K 124 6.64 30.72 -5.19
C ASP K 124 5.45 29.96 -5.76
N ALA K 125 5.51 28.64 -5.67
CA ALA K 125 4.48 27.80 -6.29
C ALA K 125 3.10 28.03 -5.70
N ALA K 126 3.01 28.59 -4.49
CA ALA K 126 1.74 28.83 -3.84
C ALA K 126 1.13 30.18 -4.21
N GLY K 127 1.77 30.95 -5.06
CA GLY K 127 1.30 32.28 -5.41
C GLY K 127 1.87 33.39 -4.56
N GLY K 128 2.65 33.07 -3.53
CA GLY K 128 3.30 34.11 -2.76
C GLY K 128 4.20 34.96 -3.62
N TRP K 129 4.31 36.23 -3.25
CA TRP K 129 5.09 37.19 -4.01
C TRP K 129 5.84 38.10 -3.04
N ASN K 130 7.00 38.58 -3.49
CA ASN K 130 7.84 39.42 -2.65
C ASN K 130 8.55 40.44 -3.51
N ILE K 131 8.35 41.72 -3.19
CA ILE K 131 9.08 42.81 -3.82
C ILE K 131 10.48 42.82 -3.20
N GLU K 132 11.49 42.53 -4.01
CA GLU K 132 12.86 42.47 -3.52
C GLU K 132 13.39 43.90 -3.33
N GLU K 133 13.84 44.20 -2.11
CA GLU K 133 14.41 45.51 -1.82
C GLU K 133 15.93 45.49 -1.72
N GLU K 134 16.57 44.37 -2.04
CA GLU K 134 18.02 44.26 -1.98
C GLU K 134 18.70 44.39 -3.34
N GLY K 135 17.92 44.59 -4.42
CA GLY K 135 18.45 44.97 -5.71
C GLY K 135 18.41 43.88 -6.77
N TYR K 136 18.45 42.61 -6.36
CA TYR K 136 18.61 41.54 -7.33
C TYR K 136 17.91 40.28 -6.84
N GLN K 137 17.58 39.42 -7.80
CA GLN K 137 16.96 38.14 -7.52
C GLN K 137 17.16 37.23 -8.72
N ALA K 138 17.07 35.93 -8.47
CA ALA K 138 17.18 34.92 -9.52
C ALA K 138 16.22 33.77 -9.21
N VAL K 139 15.82 33.07 -10.26
CA VAL K 139 14.94 31.91 -10.12
C VAL K 139 15.40 30.84 -11.09
N GLY K 140 15.25 29.58 -10.69
CA GLY K 140 15.63 28.44 -11.50
C GLY K 140 16.59 27.52 -10.77
N SER K 141 16.99 26.46 -11.47
CA SER K 141 17.91 25.49 -10.90
C SER K 141 19.27 26.09 -10.57
N GLY K 142 19.60 27.26 -11.15
CA GLY K 142 20.89 27.87 -10.90
C GLY K 142 20.80 29.18 -10.15
N SER K 143 19.65 29.41 -9.49
CA SER K 143 19.41 30.70 -8.88
C SER K 143 20.25 30.92 -7.62
N LEU K 144 20.59 29.84 -6.89
CA LEU K 144 21.44 29.99 -5.72
C LEU K 144 22.82 30.51 -6.12
N PHE K 145 23.44 29.85 -7.09
CA PHE K 145 24.76 30.30 -7.56
C PHE K 145 24.69 31.72 -8.10
N ALA K 146 23.65 32.03 -8.89
CA ALA K 146 23.53 33.37 -9.46
C ALA K 146 23.36 34.43 -8.37
N LYS K 147 22.55 34.13 -7.36
CA LYS K 147 22.33 35.08 -6.28
C LYS K 147 23.60 35.30 -5.48
N SER K 148 24.28 34.22 -5.09
CA SER K 148 25.53 34.39 -4.36
C SER K 148 26.61 35.04 -5.21
N SER K 149 26.49 34.99 -6.53
CA SER K 149 27.40 35.75 -7.39
C SER K 149 27.07 37.23 -7.38
N MET K 150 25.80 37.58 -7.55
CA MET K 150 25.41 38.98 -7.54
C MET K 150 25.62 39.61 -6.16
N LYS K 151 25.52 38.82 -5.10
CA LYS K 151 25.79 39.33 -3.76
C LYS K 151 27.15 40.01 -3.71
N LYS K 152 28.13 39.46 -4.44
CA LYS K 152 29.47 40.04 -4.51
C LYS K 152 29.61 41.07 -5.62
N LEU K 153 28.94 40.88 -6.77
CA LEU K 153 29.15 41.78 -7.89
C LEU K 153 28.27 43.02 -7.89
N TYR K 154 27.26 43.09 -7.03
CA TYR K 154 26.21 44.10 -7.18
C TYR K 154 26.71 45.51 -6.93
N SER K 155 27.77 45.68 -6.14
CA SER K 155 28.30 47.01 -5.92
C SER K 155 28.82 47.64 -7.21
N GLN K 156 29.13 46.83 -8.22
CA GLN K 156 29.61 47.34 -9.50
C GLN K 156 28.49 47.84 -10.42
N VAL K 157 27.24 47.72 -10.00
CA VAL K 157 26.11 48.17 -10.82
C VAL K 157 25.92 49.66 -10.58
N THR K 158 26.25 50.47 -11.59
CA THR K 158 26.11 51.93 -11.50
C THR K 158 25.25 52.51 -12.59
N ASP K 159 24.86 51.72 -13.59
CA ASP K 159 23.99 52.16 -14.67
C ASP K 159 23.46 50.92 -15.38
N GLY K 160 22.79 51.13 -16.51
CA GLY K 160 22.25 49.99 -17.25
C GLY K 160 23.33 49.06 -17.78
N ASP K 161 24.41 49.63 -18.31
CA ASP K 161 25.44 48.81 -18.96
C ASP K 161 26.12 47.89 -17.95
N SER K 162 26.58 48.45 -16.83
CA SER K 162 27.17 47.62 -15.79
C SER K 162 26.15 46.64 -15.22
N GLY K 163 24.89 47.05 -15.16
CA GLY K 163 23.85 46.11 -14.75
C GLY K 163 23.80 44.90 -15.65
N LEU K 164 23.78 45.12 -16.96
CA LEU K 164 23.77 44.02 -17.90
C LEU K 164 25.02 43.15 -17.76
N ARG K 165 26.19 43.78 -17.54
CA ARG K 165 27.38 42.97 -17.34
C ARG K 165 27.22 42.05 -16.14
N VAL K 166 26.76 42.60 -15.01
CA VAL K 166 26.63 41.78 -13.81
C VAL K 166 25.59 40.69 -14.01
N ALA K 167 24.52 41.00 -14.74
CA ALA K 167 23.51 39.98 -15.03
C ALA K 167 24.10 38.83 -15.83
N VAL K 168 24.87 39.17 -16.87
CA VAL K 168 25.45 38.12 -17.70
C VAL K 168 26.48 37.33 -16.93
N GLU K 169 27.23 37.97 -16.02
CA GLU K 169 28.23 37.22 -15.25
C GLU K 169 27.55 36.32 -14.22
N ALA K 170 26.44 36.79 -13.64
CA ALA K 170 25.66 35.92 -12.76
C ALA K 170 25.18 34.69 -13.52
N LEU K 171 24.67 34.88 -14.73
CA LEU K 171 24.26 33.72 -15.53
C LEU K 171 25.46 32.83 -15.83
N TYR K 172 26.63 33.42 -16.08
CA TYR K 172 27.82 32.63 -16.36
C TYR K 172 28.18 31.76 -15.16
N ASP K 173 28.15 32.33 -13.96
CA ASP K 173 28.43 31.54 -12.76
C ASP K 173 27.38 30.44 -12.57
N ALA K 174 26.11 30.77 -12.82
CA ALA K 174 25.06 29.77 -12.74
C ALA K 174 25.36 28.58 -13.66
N ALA K 175 25.69 28.87 -14.92
CA ALA K 175 26.02 27.78 -15.85
C ALA K 175 27.30 27.07 -15.43
N ASP K 176 28.21 27.78 -14.76
CA ASP K 176 29.42 27.14 -14.26
C ASP K 176 29.09 26.08 -13.22
N ASP K 177 28.07 26.31 -12.39
CA ASP K 177 27.77 25.37 -11.31
C ASP K 177 26.51 24.54 -11.50
N ASP K 178 25.72 24.77 -12.54
CA ASP K 178 24.46 24.05 -12.73
C ASP K 178 24.37 23.55 -14.17
N SER K 179 24.31 22.23 -14.33
CA SER K 179 24.28 21.63 -15.66
C SER K 179 22.97 21.89 -16.39
N ALA K 180 21.92 22.29 -15.69
CA ALA K 180 20.63 22.59 -16.31
C ALA K 180 20.52 24.03 -16.80
N THR K 181 21.49 24.88 -16.47
CA THR K 181 21.58 26.22 -17.03
C THR K 181 22.70 26.25 -18.07
N GLY K 182 22.41 26.84 -19.23
CA GLY K 182 23.34 26.82 -20.35
C GLY K 182 24.23 28.06 -20.38
N GLY K 183 25.53 27.83 -20.57
CA GLY K 183 26.46 28.92 -20.69
C GLY K 183 26.55 29.46 -22.09
N PRO K 184 27.34 30.52 -22.25
CA PRO K 184 27.56 31.07 -23.60
C PRO K 184 28.17 30.03 -24.52
N ASP K 185 27.65 29.97 -25.74
CA ASP K 185 28.08 28.99 -26.74
C ASP K 185 28.83 29.74 -27.84
N LEU K 186 30.15 29.80 -27.71
CA LEU K 186 30.97 30.55 -28.66
C LEU K 186 31.08 29.86 -30.01
N VAL K 187 30.89 28.54 -30.08
CA VAL K 187 30.94 27.85 -31.37
C VAL K 187 29.73 28.22 -32.22
N ARG K 188 28.53 28.16 -31.62
CA ARG K 188 27.31 28.44 -32.34
C ARG K 188 26.89 29.90 -32.29
N GLY K 189 27.55 30.72 -31.47
CA GLY K 189 27.18 32.12 -31.37
C GLY K 189 25.86 32.35 -30.69
N ILE K 190 25.58 31.61 -29.62
CA ILE K 190 24.34 31.74 -28.86
C ILE K 190 24.68 32.23 -27.45
N PHE K 191 23.95 33.23 -26.99
CA PHE K 191 24.21 33.82 -25.69
C PHE K 191 22.89 34.06 -24.98
N PRO K 192 22.93 34.30 -23.67
CA PRO K 192 21.70 34.61 -22.95
C PRO K 192 20.97 35.79 -23.58
N THR K 193 19.65 35.82 -23.40
CA THR K 193 18.87 36.96 -23.82
C THR K 193 18.64 37.88 -22.64
N ALA K 194 18.40 39.15 -22.95
CA ALA K 194 18.26 40.14 -21.89
C ALA K 194 17.29 41.24 -22.32
N VAL K 195 16.59 41.78 -21.33
CA VAL K 195 15.72 42.94 -21.50
C VAL K 195 16.21 44.00 -20.52
N ILE K 196 16.15 45.25 -20.95
CA ILE K 196 16.41 46.38 -20.06
C ILE K 196 15.20 47.30 -20.13
N ILE K 197 14.79 47.80 -18.96
CA ILE K 197 13.62 48.66 -18.85
C ILE K 197 14.04 49.95 -18.15
N ASP K 198 13.70 51.08 -18.76
CA ASP K 198 13.87 52.38 -18.12
C ASP K 198 12.59 53.17 -18.35
N ALA K 199 12.67 54.49 -18.15
CA ALA K 199 11.50 55.35 -18.36
C ALA K 199 11.04 55.35 -19.80
N ASP K 200 11.93 55.06 -20.75
CA ASP K 200 11.52 54.96 -22.15
C ASP K 200 10.92 53.60 -22.49
N GLY K 201 10.76 52.72 -21.51
CA GLY K 201 10.09 51.45 -21.71
C GLY K 201 11.06 50.28 -21.66
N ALA K 202 10.56 49.14 -22.14
CA ALA K 202 11.30 47.89 -22.17
C ALA K 202 11.86 47.66 -23.57
N VAL K 203 13.10 47.21 -23.63
CA VAL K 203 13.79 46.98 -24.90
C VAL K 203 14.61 45.70 -24.80
N ASP K 204 14.60 44.93 -25.88
CA ASP K 204 15.50 43.79 -26.00
C ASP K 204 16.93 44.25 -26.17
N VAL K 205 17.85 43.59 -25.47
CA VAL K 205 19.27 43.87 -25.61
C VAL K 205 19.78 43.18 -26.88
N PRO K 206 20.51 43.87 -27.75
CA PRO K 206 20.99 43.23 -28.98
C PRO K 206 22.03 42.15 -28.66
N GLU K 207 21.90 41.02 -29.38
CA GLU K 207 22.78 39.88 -29.13
C GLU K 207 24.24 40.28 -29.11
N SER K 208 24.64 41.22 -29.97
CA SER K 208 26.06 41.53 -30.11
C SER K 208 26.64 42.09 -28.81
N ARG K 209 25.85 42.89 -28.09
CA ARG K 209 26.35 43.45 -26.83
C ARG K 209 26.49 42.36 -25.77
N ILE K 210 25.50 41.46 -25.69
CA ILE K 210 25.61 40.31 -24.79
C ILE K 210 26.85 39.51 -25.12
N ALA K 211 27.12 39.28 -26.41
CA ALA K 211 28.28 38.51 -26.81
C ALA K 211 29.57 39.21 -26.40
N GLU K 212 29.64 40.52 -26.61
CA GLU K 212 30.78 41.30 -26.14
C GLU K 212 31.04 41.06 -24.67
N LEU K 213 30.02 41.28 -23.83
CA LEU K 213 30.18 41.07 -22.41
C LEU K 213 30.64 39.64 -22.10
N ALA K 214 29.99 38.66 -22.71
CA ALA K 214 30.36 37.27 -22.47
C ALA K 214 31.83 37.03 -22.75
N ARG K 215 32.31 37.44 -23.93
CA ARG K 215 33.70 37.23 -24.27
C ARG K 215 34.63 37.94 -23.29
N ALA K 216 34.26 39.13 -22.83
CA ALA K 216 35.08 39.80 -21.83
C ALA K 216 35.16 38.98 -20.55
N ILE K 217 34.02 38.47 -20.08
CA ILE K 217 34.00 37.66 -18.87
C ILE K 217 34.90 36.42 -19.05
N ILE K 218 34.76 35.75 -20.20
CA ILE K 218 35.54 34.53 -20.45
C ILE K 218 37.03 34.84 -20.47
N GLU K 219 37.42 35.82 -21.30
CA GLU K 219 38.83 36.19 -21.40
C GLU K 219 39.35 36.75 -20.09
N SER K 220 38.47 37.11 -19.16
CA SER K 220 38.92 37.51 -17.83
C SER K 220 39.16 36.30 -16.94
N ARG K 221 38.23 35.35 -16.93
CA ARG K 221 38.41 34.15 -16.11
C ARG K 221 39.61 33.34 -16.58
N SER K 222 39.96 33.42 -17.86
CA SER K 222 41.03 32.59 -18.39
C SER K 222 42.40 33.26 -18.32
N GLY K 223 42.48 34.56 -18.54
CA GLY K 223 43.75 35.25 -18.56
C GLY K 223 44.29 35.42 -19.97
N THR L 1 9.54 3.48 -34.04
CA THR L 1 9.27 4.57 -34.97
C THR L 1 10.40 5.59 -34.99
N THR L 2 10.64 6.16 -36.17
CA THR L 2 11.45 7.37 -36.29
C THR L 2 10.85 8.24 -37.38
N ILE L 3 10.65 9.51 -37.06
CA ILE L 3 10.28 10.55 -38.00
C ILE L 3 11.43 11.55 -38.05
N VAL L 4 11.81 11.96 -39.27
CA VAL L 4 12.86 12.96 -39.44
C VAL L 4 12.33 14.10 -40.30
N ALA L 5 12.84 15.29 -40.04
CA ALA L 5 12.59 16.46 -40.86
C ALA L 5 13.84 17.31 -40.90
N LEU L 6 14.05 18.01 -42.02
CA LEU L 6 15.22 18.86 -42.16
C LEU L 6 14.97 19.90 -43.23
N LYS L 7 15.66 21.02 -43.10
CA LYS L 7 15.55 22.13 -44.05
C LYS L 7 16.61 22.00 -45.14
N TYR L 8 16.24 22.40 -46.35
CA TYR L 8 17.18 22.61 -47.44
C TYR L 8 16.90 23.95 -48.08
N PRO L 9 17.82 24.45 -48.89
CA PRO L 9 17.61 25.76 -49.54
C PRO L 9 16.29 25.80 -50.30
N GLY L 10 15.33 26.57 -49.78
CA GLY L 10 14.05 26.74 -50.43
C GLY L 10 12.96 25.78 -49.98
N GLY L 11 13.26 24.84 -49.10
CA GLY L 11 12.22 23.89 -48.73
C GLY L 11 12.56 23.07 -47.50
N VAL L 12 11.76 22.03 -47.31
CA VAL L 12 11.84 21.16 -46.14
C VAL L 12 11.46 19.76 -46.56
N VAL L 13 12.04 18.77 -45.89
CA VAL L 13 11.71 17.37 -46.15
C VAL L 13 11.37 16.68 -44.84
N MET L 14 10.43 15.74 -44.90
CA MET L 14 10.09 14.91 -43.76
C MET L 14 9.93 13.48 -44.24
N ALA L 15 10.36 12.51 -43.43
CA ALA L 15 10.23 11.11 -43.81
C ALA L 15 10.06 10.27 -42.56
N GLY L 16 9.49 9.08 -42.75
CA GLY L 16 9.28 8.17 -41.63
C GLY L 16 9.22 6.73 -42.10
N ASP L 17 9.56 5.83 -41.17
CA ASP L 17 9.62 4.41 -41.44
C ASP L 17 8.21 3.82 -41.50
N ARG L 18 8.12 2.51 -41.69
CA ARG L 18 6.87 1.85 -41.98
C ARG L 18 6.45 0.85 -40.91
N ARG L 19 7.21 0.73 -39.82
CA ARG L 19 7.01 -0.35 -38.87
C ARG L 19 5.87 -0.07 -37.90
N SER L 20 5.26 -1.15 -37.45
CA SER L 20 4.24 -1.16 -36.42
C SER L 20 4.56 -2.33 -35.50
N THR L 21 4.62 -2.12 -34.18
CA THR L 21 4.91 -3.22 -33.27
C THR L 21 3.83 -3.33 -32.20
N GLN L 22 3.77 -4.52 -31.59
CA GLN L 22 3.01 -4.81 -30.38
C GLN L 22 4.00 -5.47 -29.43
N GLY L 23 4.78 -4.65 -28.72
CA GLY L 23 5.89 -5.17 -27.96
C GLY L 23 7.01 -5.58 -28.88
N ASN L 24 7.39 -6.85 -28.86
CA ASN L 24 8.38 -7.35 -29.81
C ASN L 24 7.77 -7.81 -31.13
N MET L 25 6.47 -8.12 -31.15
CA MET L 25 5.84 -8.64 -32.34
C MET L 25 5.66 -7.53 -33.38
N ILE L 26 6.03 -7.83 -34.62
CA ILE L 26 5.85 -6.89 -35.72
C ILE L 26 4.41 -7.03 -36.24
N SER L 27 3.63 -5.96 -36.12
CA SER L 27 2.24 -5.96 -36.53
C SER L 27 1.99 -5.14 -37.80
N GLY L 28 3.01 -4.46 -38.32
CA GLY L 28 2.81 -3.67 -39.52
C GLY L 28 4.10 -3.40 -40.27
N ARG L 29 4.05 -3.50 -41.60
CA ARG L 29 5.22 -3.32 -42.45
C ARG L 29 5.09 -2.18 -43.44
N ASP L 30 3.90 -1.59 -43.61
CA ASP L 30 3.66 -0.57 -44.63
C ASP L 30 2.92 0.62 -44.06
N VAL L 31 3.08 0.89 -42.76
CA VAL L 31 2.32 1.94 -42.11
C VAL L 31 2.77 3.30 -42.61
N ARG L 32 1.82 4.22 -42.75
CA ARG L 32 2.08 5.59 -43.15
C ARG L 32 2.00 6.48 -41.92
N LYS L 33 3.10 7.16 -41.59
CA LYS L 33 3.20 7.96 -40.39
C LYS L 33 3.46 9.43 -40.67
N VAL L 34 3.74 9.80 -41.91
CA VAL L 34 3.92 11.19 -42.32
C VAL L 34 2.70 11.59 -43.14
N TYR L 35 2.09 12.71 -42.79
CA TYR L 35 0.83 13.13 -43.41
C TYR L 35 0.92 14.56 -43.89
N ILE L 36 0.45 14.78 -45.12
CA ILE L 36 0.31 16.13 -45.66
C ILE L 36 -0.91 16.75 -45.00
N THR L 37 -0.67 17.54 -43.94
CA THR L 37 -1.81 18.08 -43.19
C THR L 37 -2.39 19.33 -43.84
N ASP L 38 -1.59 20.08 -44.60
CA ASP L 38 -2.18 21.11 -45.46
C ASP L 38 -1.21 21.39 -46.60
N ASP L 39 -1.66 22.23 -47.54
CA ASP L 39 -0.89 22.52 -48.74
C ASP L 39 0.56 22.90 -48.44
N TYR L 40 0.86 23.32 -47.22
CA TYR L 40 2.21 23.78 -46.91
C TYR L 40 2.76 23.18 -45.61
N THR L 41 2.13 22.13 -45.09
CA THR L 41 2.60 21.53 -43.86
C THR L 41 2.36 20.03 -43.89
N ALA L 42 3.33 19.30 -43.35
CA ALA L 42 3.23 17.87 -43.12
C ALA L 42 3.53 17.57 -41.66
N THR L 43 2.85 16.55 -41.13
CA THR L 43 2.97 16.13 -39.75
C THR L 43 3.36 14.67 -39.70
N GLY L 44 4.27 14.33 -38.80
CA GLY L 44 4.63 12.94 -38.59
C GLY L 44 4.64 12.58 -37.11
N ILE L 45 4.00 11.49 -36.73
CA ILE L 45 3.73 11.22 -35.32
C ILE L 45 4.41 9.92 -34.89
N ALA L 46 4.87 9.89 -33.65
CA ALA L 46 5.30 8.66 -32.99
C ALA L 46 4.39 8.38 -31.81
N GLY L 47 4.36 7.12 -31.39
CA GLY L 47 3.55 6.70 -30.27
C GLY L 47 2.43 5.75 -30.68
N THR L 48 1.41 5.69 -29.82
CA THR L 48 0.28 4.81 -30.06
C THR L 48 -0.35 5.11 -31.43
N ALA L 49 -0.54 4.06 -32.22
CA ALA L 49 -0.99 4.25 -33.60
C ALA L 49 -2.34 4.96 -33.66
N ALA L 50 -3.32 4.48 -32.89
CA ALA L 50 -4.66 5.08 -32.93
C ALA L 50 -4.60 6.57 -32.65
N VAL L 51 -3.86 6.96 -31.61
CA VAL L 51 -3.75 8.38 -31.26
C VAL L 51 -3.10 9.17 -32.38
N ALA L 52 -2.05 8.61 -33.00
CA ALA L 52 -1.35 9.34 -34.04
C ALA L 52 -2.25 9.57 -35.26
N VAL L 53 -2.95 8.53 -35.70
CA VAL L 53 -3.88 8.68 -36.82
C VAL L 53 -4.95 9.72 -36.50
N GLU L 54 -5.53 9.63 -35.30
CA GLU L 54 -6.55 10.61 -34.93
C GLU L 54 -5.96 12.02 -34.90
N PHE L 55 -4.71 12.16 -34.43
CA PHE L 55 -4.07 13.46 -34.40
C PHE L 55 -3.96 14.05 -35.80
N ALA L 56 -3.42 13.28 -36.74
CA ALA L 56 -3.25 13.79 -38.10
C ALA L 56 -4.60 14.15 -38.71
N ARG L 57 -5.58 13.25 -38.62
CA ARG L 57 -6.88 13.50 -39.22
C ARG L 57 -7.53 14.75 -38.63
N LEU L 58 -7.62 14.80 -37.30
CA LEU L 58 -8.21 15.93 -36.61
C LEU L 58 -7.50 17.23 -36.97
N TYR L 59 -6.16 17.20 -37.00
CA TYR L 59 -5.39 18.42 -37.23
C TYR L 59 -5.62 18.95 -38.64
N ALA L 60 -5.50 18.09 -39.65
CA ALA L 60 -5.81 18.52 -41.01
C ALA L 60 -7.20 19.13 -41.09
N VAL L 61 -8.20 18.45 -40.51
CA VAL L 61 -9.56 18.96 -40.55
C VAL L 61 -9.64 20.33 -39.89
N GLU L 62 -8.93 20.52 -38.77
CA GLU L 62 -8.99 21.80 -38.08
C GLU L 62 -8.44 22.92 -38.97
N LEU L 63 -7.25 22.70 -39.54
CA LEU L 63 -6.66 23.73 -40.40
C LEU L 63 -7.58 24.10 -41.55
N GLU L 64 -8.08 23.09 -42.28
CA GLU L 64 -8.95 23.40 -43.42
C GLU L 64 -10.23 24.07 -42.96
N HIS L 65 -10.80 23.61 -41.85
CA HIS L 65 -12.00 24.21 -41.29
C HIS L 65 -11.79 25.71 -41.07
N TYR L 66 -10.70 26.09 -40.41
CA TYR L 66 -10.42 27.51 -40.27
C TYR L 66 -10.33 28.19 -41.62
N GLU L 67 -9.61 27.57 -42.57
CA GLU L 67 -9.41 28.19 -43.88
C GLU L 67 -10.75 28.50 -44.55
N LYS L 68 -11.74 27.61 -44.40
CA LYS L 68 -13.03 27.82 -45.04
C LYS L 68 -13.91 28.80 -44.27
N LEU L 69 -13.81 28.78 -42.94
CA LEU L 69 -14.62 29.69 -42.14
C LEU L 69 -14.19 31.14 -42.32
N GLU L 70 -12.88 31.38 -42.34
CA GLU L 70 -12.37 32.74 -42.30
C GLU L 70 -11.80 33.21 -43.63
N GLY L 71 -11.90 32.41 -44.69
CA GLY L 71 -11.42 32.81 -46.00
C GLY L 71 -9.92 32.84 -46.16
N VAL L 72 -9.16 32.61 -45.11
CA VAL L 72 -7.70 32.64 -45.20
C VAL L 72 -7.12 31.55 -44.31
N PRO L 73 -6.00 30.96 -44.66
CA PRO L 73 -5.39 29.94 -43.80
C PRO L 73 -4.65 30.58 -42.61
N LEU L 74 -4.56 29.80 -41.53
CA LEU L 74 -3.88 30.26 -40.34
C LEU L 74 -2.44 30.64 -40.65
N THR L 75 -1.95 31.65 -39.93
CA THR L 75 -0.51 31.87 -39.86
C THR L 75 0.16 30.59 -39.37
N PHE L 76 1.44 30.41 -39.73
CA PHE L 76 2.13 29.21 -39.30
C PHE L 76 2.18 29.12 -37.78
N ALA L 77 2.41 30.25 -37.10
CA ALA L 77 2.41 30.24 -35.65
C ALA L 77 1.10 29.71 -35.11
N GLY L 78 -0.01 30.08 -35.74
CA GLY L 78 -1.31 29.57 -35.30
C GLY L 78 -1.44 28.07 -35.48
N LYS L 79 -0.93 27.55 -36.59
CA LYS L 79 -0.91 26.09 -36.77
C LYS L 79 -0.14 25.43 -35.64
N ILE L 80 1.05 25.96 -35.33
CA ILE L 80 1.85 25.43 -34.23
C ILE L 80 1.02 25.41 -32.94
N ASN L 81 0.45 26.57 -32.58
CA ASN L 81 -0.33 26.65 -31.35
C ASN L 81 -1.44 25.61 -31.34
N ARG L 82 -2.14 25.45 -32.46
CA ARG L 82 -3.24 24.50 -32.51
C ARG L 82 -2.77 23.08 -32.24
N LEU L 83 -1.69 22.66 -32.90
CA LEU L 83 -1.17 21.32 -32.66
C LEU L 83 -0.75 21.16 -31.20
N ALA L 84 -0.07 22.18 -30.65
CA ALA L 84 0.35 22.13 -29.26
C ALA L 84 -0.85 21.93 -28.33
N ILE L 85 -1.94 22.65 -28.60
CA ILE L 85 -3.14 22.53 -27.77
C ILE L 85 -3.73 21.14 -27.89
N MET L 86 -3.79 20.61 -29.11
CA MET L 86 -4.28 19.24 -29.31
C MET L 86 -3.47 18.24 -28.49
N VAL L 87 -2.14 18.37 -28.51
CA VAL L 87 -1.29 17.44 -27.77
C VAL L 87 -1.49 17.60 -26.27
N ARG L 88 -1.51 18.85 -25.79
CA ARG L 88 -1.72 19.11 -24.37
C ARG L 88 -3.03 18.50 -23.88
N GLY L 89 -4.08 18.59 -24.69
CA GLY L 89 -5.35 17.99 -24.33
C GLY L 89 -5.29 16.48 -24.16
N ASN L 90 -4.29 15.84 -24.76
CA ASN L 90 -4.16 14.39 -24.70
C ASN L 90 -3.25 13.93 -23.57
N LEU L 91 -2.96 14.80 -22.59
CA LEU L 91 -1.90 14.50 -21.63
C LEU L 91 -2.28 13.39 -20.67
N ALA L 92 -3.49 13.46 -20.09
CA ALA L 92 -3.90 12.42 -19.15
C ALA L 92 -3.85 11.05 -19.80
N ALA L 93 -4.50 10.92 -20.96
CA ALA L 93 -4.43 9.67 -21.73
C ALA L 93 -2.99 9.26 -21.98
N ALA L 94 -2.13 10.22 -22.36
CA ALA L 94 -0.74 9.88 -22.66
C ALA L 94 -0.03 9.32 -21.43
N MET L 95 -0.32 9.86 -20.25
CA MET L 95 0.22 9.29 -19.02
C MET L 95 -0.31 7.90 -18.78
N GLN L 96 -1.53 7.60 -19.22
CA GLN L 96 -2.07 6.26 -19.06
C GLN L 96 -1.79 5.34 -20.25
N GLY L 97 -0.77 5.64 -21.06
CA GLY L 97 -0.31 4.73 -22.09
C GLY L 97 -0.68 5.10 -23.52
N LEU L 98 -1.47 6.13 -23.73
CA LEU L 98 -1.86 6.56 -25.08
C LEU L 98 -1.05 7.78 -25.52
N LEU L 99 0.27 7.67 -25.46
CA LEU L 99 1.15 8.78 -25.80
C LEU L 99 1.34 8.87 -27.31
N ALA L 100 1.27 10.10 -27.84
CA ALA L 100 1.57 10.38 -29.23
C ALA L 100 2.24 11.74 -29.32
N LEU L 101 3.43 11.78 -29.92
CA LEU L 101 4.20 13.02 -30.06
C LEU L 101 4.37 13.36 -31.53
N PRO L 102 3.97 14.55 -31.96
CA PRO L 102 4.10 14.92 -33.37
C PRO L 102 5.40 15.66 -33.66
N LEU L 103 5.70 15.74 -34.95
CA LEU L 103 6.76 16.56 -35.51
C LEU L 103 6.18 17.29 -36.70
N LEU L 104 6.47 18.59 -36.80
CA LEU L 104 5.81 19.47 -37.76
C LEU L 104 6.84 20.03 -38.73
N ALA L 105 6.61 19.86 -40.02
CA ALA L 105 7.43 20.49 -41.04
C ALA L 105 6.54 21.34 -41.94
N GLY L 106 7.04 22.50 -42.34
CA GLY L 106 6.22 23.37 -43.16
C GLY L 106 7.03 24.35 -43.96
N TYR L 107 6.35 25.00 -44.89
CA TYR L 107 6.91 26.11 -45.66
C TYR L 107 6.03 27.33 -45.41
N ASP L 108 6.61 28.36 -44.81
CA ASP L 108 5.88 29.55 -44.40
C ASP L 108 5.83 30.52 -45.58
N ILE L 109 4.66 30.66 -46.20
CA ILE L 109 4.54 31.55 -47.35
C ILE L 109 4.63 33.02 -46.95
N HIS L 110 4.47 33.33 -45.66
CA HIS L 110 4.54 34.71 -45.18
C HIS L 110 5.90 35.06 -44.60
N ALA L 111 6.89 34.18 -44.74
CA ALA L 111 8.21 34.47 -44.22
C ALA L 111 8.87 35.58 -45.02
N SER L 112 9.77 36.31 -44.36
CA SER L 112 10.53 37.36 -45.02
C SER L 112 11.45 36.77 -46.08
N ASP L 113 12.42 35.96 -45.65
CA ASP L 113 13.44 35.42 -46.55
C ASP L 113 12.92 34.14 -47.19
N PRO L 114 12.66 34.12 -48.49
CA PRO L 114 12.12 32.89 -49.11
C PRO L 114 13.06 31.70 -49.06
N GLN L 115 14.37 31.91 -48.92
CA GLN L 115 15.30 30.78 -48.92
C GLN L 115 15.32 30.06 -47.58
N SER L 116 14.97 30.75 -46.49
CA SER L 116 14.91 30.15 -45.17
C SER L 116 13.48 30.00 -44.67
N ALA L 117 12.51 29.94 -45.58
CA ALA L 117 11.10 29.86 -45.22
C ALA L 117 10.70 28.49 -44.67
N GLY L 118 11.59 27.50 -44.73
CA GLY L 118 11.28 26.21 -44.14
C GLY L 118 11.15 26.30 -42.63
N ARG L 119 10.38 25.37 -42.07
CA ARG L 119 10.07 25.38 -40.65
C ARG L 119 10.01 23.95 -40.13
N ILE L 120 10.61 23.74 -38.96
CA ILE L 120 10.57 22.46 -38.27
C ILE L 120 10.28 22.74 -36.80
N VAL L 121 9.20 22.15 -36.29
CA VAL L 121 8.72 22.40 -34.94
C VAL L 121 8.56 21.07 -34.22
N SER L 122 9.16 20.96 -33.04
CA SER L 122 9.04 19.77 -32.22
C SER L 122 8.08 20.02 -31.06
N PHE L 123 7.61 18.92 -30.48
CA PHE L 123 6.57 18.95 -29.46
C PHE L 123 6.89 17.92 -28.39
N ASP L 124 6.41 18.17 -27.18
CA ASP L 124 6.52 17.22 -26.07
C ASP L 124 5.13 16.91 -25.52
N ALA L 125 5.06 15.85 -24.70
CA ALA L 125 3.78 15.34 -24.21
C ALA L 125 2.91 16.40 -23.56
N ALA L 126 3.49 17.49 -23.06
CA ALA L 126 2.73 18.49 -22.31
C ALA L 126 2.22 19.62 -23.18
N GLY L 127 2.41 19.55 -24.50
CA GLY L 127 2.09 20.67 -25.36
C GLY L 127 3.22 21.63 -25.61
N GLY L 128 4.38 21.41 -25.02
CA GLY L 128 5.55 22.21 -25.36
C GLY L 128 5.81 22.19 -26.85
N TRP L 129 6.29 23.30 -27.37
CA TRP L 129 6.61 23.40 -28.78
C TRP L 129 7.88 24.21 -28.95
N ASN L 130 8.66 23.86 -29.97
CA ASN L 130 9.92 24.54 -30.19
C ASN L 130 10.25 24.56 -31.68
N ILE L 131 10.33 25.77 -32.25
CA ILE L 131 10.82 25.96 -33.60
C ILE L 131 12.30 25.66 -33.62
N GLU L 132 12.70 24.64 -34.38
CA GLU L 132 14.11 24.26 -34.45
C GLU L 132 14.86 25.20 -35.37
N GLU L 133 15.99 25.72 -34.88
CA GLU L 133 16.81 26.64 -35.67
C GLU L 133 18.05 26.01 -36.25
N GLU L 134 18.39 24.77 -35.86
CA GLU L 134 19.63 24.14 -36.30
C GLU L 134 19.46 23.27 -37.55
N GLY L 135 18.27 23.28 -38.17
CA GLY L 135 18.12 22.76 -39.51
C GLY L 135 17.51 21.36 -39.62
N TYR L 136 17.55 20.57 -38.55
CA TYR L 136 17.01 19.22 -38.61
C TYR L 136 16.44 18.85 -37.26
N GLN L 137 15.62 17.79 -37.25
CA GLN L 137 15.02 17.30 -36.03
C GLN L 137 14.41 15.93 -36.31
N ALA L 138 14.16 15.18 -35.24
CA ALA L 138 13.56 13.85 -35.34
C ALA L 138 12.76 13.56 -34.08
N VAL L 139 11.87 12.57 -34.18
CA VAL L 139 11.07 12.15 -33.04
C VAL L 139 10.83 10.65 -33.16
N GLY L 140 10.77 9.99 -32.02
CA GLY L 140 10.51 8.55 -31.96
C GLY L 140 11.62 7.80 -31.26
N SER L 141 11.38 6.50 -31.08
CA SER L 141 12.33 5.64 -30.39
C SER L 141 13.69 5.59 -31.08
N GLY L 142 13.74 5.94 -32.36
CA GLY L 142 15.01 6.06 -33.07
C GLY L 142 15.48 7.48 -33.27
N SER L 143 14.89 8.45 -32.58
CA SER L 143 15.16 9.85 -32.88
C SER L 143 16.60 10.25 -32.58
N LEU L 144 17.17 9.74 -31.48
CA LEU L 144 18.53 10.12 -31.14
C LEU L 144 19.51 9.66 -32.22
N PHE L 145 19.41 8.41 -32.65
CA PHE L 145 20.30 7.89 -33.68
C PHE L 145 20.20 8.72 -34.95
N ALA L 146 18.98 9.01 -35.40
CA ALA L 146 18.81 9.82 -36.60
C ALA L 146 19.36 11.23 -36.41
N LYS L 147 19.27 11.77 -35.20
CA LYS L 147 19.77 13.12 -34.99
C LYS L 147 21.29 13.17 -34.96
N SER L 148 21.95 12.11 -34.51
CA SER L 148 23.41 12.07 -34.57
C SER L 148 23.90 11.81 -35.99
N SER L 149 23.27 10.86 -36.68
CA SER L 149 23.53 10.66 -38.09
C SER L 149 23.45 11.98 -38.84
N MET L 150 22.30 12.66 -38.73
CA MET L 150 22.13 13.93 -39.43
C MET L 150 23.12 14.98 -38.94
N LYS L 151 23.49 14.95 -37.66
CA LYS L 151 24.52 15.85 -37.19
C LYS L 151 25.80 15.67 -38.01
N LYS L 152 26.10 14.44 -38.40
CA LYS L 152 27.30 14.23 -39.19
C LYS L 152 27.09 14.46 -40.68
N LEU L 153 25.86 14.31 -41.18
CA LEU L 153 25.61 14.37 -42.62
C LEU L 153 25.04 15.69 -43.11
N TYR L 154 24.70 16.62 -42.22
CA TYR L 154 23.86 17.75 -42.64
C TYR L 154 24.59 18.70 -43.57
N SER L 155 25.91 18.86 -43.40
CA SER L 155 26.65 19.77 -44.28
C SER L 155 26.59 19.35 -45.74
N GLN L 156 26.11 18.15 -46.03
CA GLN L 156 26.00 17.65 -47.39
C GLN L 156 24.69 18.03 -48.06
N VAL L 157 23.82 18.76 -47.37
CA VAL L 157 22.51 19.11 -47.88
C VAL L 157 22.61 20.49 -48.54
N THR L 158 22.49 20.52 -49.87
CA THR L 158 22.57 21.75 -50.63
C THR L 158 21.38 21.97 -51.56
N ASP L 159 20.50 20.99 -51.71
CA ASP L 159 19.33 21.09 -52.56
C ASP L 159 18.30 20.09 -52.06
N GLY L 160 17.25 19.86 -52.85
CA GLY L 160 16.22 18.92 -52.44
C GLY L 160 16.70 17.48 -52.45
N ASP L 161 17.49 17.11 -53.46
CA ASP L 161 17.95 15.73 -53.58
C ASP L 161 18.86 15.34 -52.43
N SER L 162 19.84 16.18 -52.11
CA SER L 162 20.74 15.84 -51.01
C SER L 162 20.00 15.82 -49.69
N GLY L 163 19.09 16.78 -49.47
CA GLY L 163 18.28 16.75 -48.25
C GLY L 163 17.50 15.45 -48.14
N LEU L 164 16.81 15.07 -49.21
CA LEU L 164 16.06 13.82 -49.20
C LEU L 164 16.95 12.62 -48.92
N ARG L 165 18.16 12.64 -49.49
CA ARG L 165 19.10 11.54 -49.27
C ARG L 165 19.51 11.46 -47.80
N VAL L 166 19.90 12.60 -47.23
CA VAL L 166 20.28 12.61 -45.82
C VAL L 166 19.13 12.14 -44.95
N ALA L 167 17.91 12.58 -45.25
CA ALA L 167 16.77 12.11 -44.48
C ALA L 167 16.66 10.60 -44.52
N VAL L 168 16.63 10.03 -45.73
CA VAL L 168 16.50 8.58 -45.83
C VAL L 168 17.64 7.87 -45.10
N GLU L 169 18.86 8.42 -45.18
CA GLU L 169 19.98 7.76 -44.53
C GLU L 169 19.85 7.81 -43.01
N ALA L 170 19.36 8.94 -42.49
CA ALA L 170 19.10 9.03 -41.06
C ALA L 170 18.08 7.98 -40.64
N LEU L 171 17.01 7.80 -41.42
CA LEU L 171 16.09 6.71 -41.12
C LEU L 171 16.78 5.36 -41.19
N TYR L 172 17.75 5.21 -42.10
CA TYR L 172 18.49 3.96 -42.21
C TYR L 172 19.25 3.66 -40.93
N ASP L 173 19.96 4.66 -40.40
CA ASP L 173 20.68 4.47 -39.15
C ASP L 173 19.71 4.22 -37.99
N ALA L 174 18.59 4.94 -37.98
CA ALA L 174 17.57 4.73 -36.96
C ALA L 174 17.17 3.26 -36.90
N ALA L 175 16.74 2.69 -38.03
CA ALA L 175 16.41 1.27 -38.05
C ALA L 175 17.62 0.42 -37.72
N ASP L 176 18.82 0.87 -38.08
CA ASP L 176 20.00 0.07 -37.81
C ASP L 176 20.19 -0.16 -36.32
N ASP L 177 19.96 0.87 -35.50
CA ASP L 177 20.18 0.75 -34.06
C ASP L 177 18.91 0.69 -33.23
N ASP L 178 17.72 0.73 -33.83
CA ASP L 178 16.46 0.66 -33.10
C ASP L 178 15.56 -0.39 -33.73
N SER L 179 15.28 -1.46 -32.98
CA SER L 179 14.45 -2.54 -33.49
C SER L 179 13.01 -2.11 -33.74
N ALA L 180 12.57 -1.00 -33.15
CA ALA L 180 11.22 -0.51 -33.32
C ALA L 180 11.09 0.45 -34.50
N THR L 181 12.15 0.65 -35.28
CA THR L 181 12.12 1.44 -36.49
C THR L 181 12.43 0.53 -37.67
N GLY L 182 11.51 0.47 -38.64
CA GLY L 182 11.67 -0.43 -39.77
C GLY L 182 12.68 0.09 -40.78
N GLY L 183 13.50 -0.83 -41.28
CA GLY L 183 14.44 -0.51 -42.33
C GLY L 183 13.86 -0.77 -43.70
N PRO L 184 14.59 -0.40 -44.75
CA PRO L 184 14.12 -0.70 -46.10
C PRO L 184 13.97 -2.19 -46.30
N ASP L 185 12.78 -2.61 -46.73
CA ASP L 185 12.48 -4.02 -47.00
C ASP L 185 12.60 -4.22 -48.52
N LEU L 186 13.75 -4.76 -48.94
CA LEU L 186 13.97 -4.96 -50.37
C LEU L 186 13.28 -6.21 -50.91
N VAL L 187 12.93 -7.16 -50.04
CA VAL L 187 12.20 -8.34 -50.51
C VAL L 187 10.77 -7.95 -50.91
N ARG L 188 10.10 -7.17 -50.07
CA ARG L 188 8.74 -6.72 -50.34
C ARG L 188 8.67 -5.39 -51.05
N GLY L 189 9.79 -4.68 -51.20
CA GLY L 189 9.77 -3.38 -51.85
C GLY L 189 9.03 -2.31 -51.08
N ILE L 190 9.18 -2.28 -49.76
CA ILE L 190 8.53 -1.31 -48.89
C ILE L 190 9.61 -0.41 -48.30
N PHE L 191 9.51 0.88 -48.54
CA PHE L 191 10.52 1.85 -48.14
C PHE L 191 9.88 2.97 -47.33
N PRO L 192 10.68 3.76 -46.63
CA PRO L 192 10.15 4.91 -45.89
C PRO L 192 9.30 5.81 -46.77
N THR L 193 8.37 6.52 -46.15
CA THR L 193 7.62 7.55 -46.86
C THR L 193 8.26 8.90 -46.61
N ALA L 194 8.11 9.80 -47.58
CA ALA L 194 8.69 11.13 -47.45
C ALA L 194 7.79 12.12 -48.17
N VAL L 195 7.69 13.31 -47.59
CA VAL L 195 7.02 14.46 -48.18
C VAL L 195 8.04 15.58 -48.30
N ILE L 196 7.97 16.31 -49.41
CA ILE L 196 8.85 17.46 -49.63
C ILE L 196 7.97 18.68 -49.86
N ILE L 197 8.39 19.82 -49.30
CA ILE L 197 7.59 21.03 -49.34
C ILE L 197 8.47 22.20 -49.74
N ASP L 198 8.06 22.94 -50.78
CA ASP L 198 8.73 24.17 -51.17
C ASP L 198 7.66 25.20 -51.50
N ALA L 199 8.04 26.25 -52.24
CA ALA L 199 7.11 27.33 -52.53
C ALA L 199 5.95 26.88 -53.41
N ASP L 200 6.06 25.72 -54.06
CA ASP L 200 4.99 25.16 -54.86
C ASP L 200 4.09 24.21 -54.08
N GLY L 201 4.33 24.06 -52.78
CA GLY L 201 3.48 23.27 -51.93
C GLY L 201 4.17 22.02 -51.39
N ALA L 202 3.35 21.11 -50.88
CA ALA L 202 3.80 19.85 -50.29
C ALA L 202 3.37 18.70 -51.19
N VAL L 203 4.30 17.78 -51.45
CA VAL L 203 4.06 16.68 -52.37
C VAL L 203 4.66 15.41 -51.80
N ASP L 204 3.96 14.28 -52.03
CA ASP L 204 4.47 12.97 -51.69
C ASP L 204 5.63 12.60 -52.61
N VAL L 205 6.71 12.11 -52.04
CA VAL L 205 7.84 11.64 -52.84
C VAL L 205 7.54 10.23 -53.35
N PRO L 206 7.67 9.98 -54.65
CA PRO L 206 7.31 8.65 -55.17
C PRO L 206 8.18 7.56 -54.55
N GLU L 207 7.55 6.40 -54.30
CA GLU L 207 8.24 5.31 -53.63
C GLU L 207 9.50 4.90 -54.37
N SER L 208 9.47 4.95 -55.71
CA SER L 208 10.63 4.50 -56.48
C SER L 208 11.86 5.34 -56.20
N ARG L 209 11.68 6.65 -55.94
CA ARG L 209 12.81 7.50 -55.61
C ARG L 209 13.41 7.13 -54.26
N ILE L 210 12.55 6.90 -53.26
CA ILE L 210 13.04 6.42 -51.97
C ILE L 210 13.77 5.10 -52.16
N ALA L 211 13.28 4.27 -53.08
CA ALA L 211 13.92 2.97 -53.32
C ALA L 211 15.32 3.14 -53.89
N GLU L 212 15.48 4.00 -54.90
CA GLU L 212 16.80 4.28 -55.44
C GLU L 212 17.73 4.78 -54.34
N LEU L 213 17.27 5.74 -53.54
CA LEU L 213 18.10 6.26 -52.45
C LEU L 213 18.53 5.14 -51.50
N ALA L 214 17.59 4.25 -51.14
CA ALA L 214 17.91 3.16 -50.24
C ALA L 214 18.97 2.23 -50.84
N ARG L 215 18.76 1.81 -52.09
CA ARG L 215 19.75 0.96 -52.74
C ARG L 215 21.12 1.62 -52.76
N ALA L 216 21.15 2.94 -52.97
CA ALA L 216 22.42 3.66 -52.96
C ALA L 216 23.10 3.59 -51.60
N ILE L 217 22.33 3.85 -50.54
CA ILE L 217 22.87 3.78 -49.18
C ILE L 217 23.41 2.39 -48.88
N ILE L 218 22.63 1.37 -49.23
CA ILE L 218 23.03 -0.02 -48.98
C ILE L 218 24.35 -0.33 -49.69
N GLU L 219 24.39 -0.12 -51.01
CA GLU L 219 25.62 -0.32 -51.76
C GLU L 219 26.77 0.44 -51.14
N SER L 220 26.50 1.64 -50.61
CA SER L 220 27.56 2.47 -50.05
C SER L 220 28.12 1.87 -48.77
N ARG L 221 27.27 1.23 -47.96
CA ARG L 221 27.75 0.66 -46.71
C ARG L 221 28.34 -0.73 -46.89
N SER L 222 28.00 -1.43 -47.97
CA SER L 222 28.46 -2.80 -48.17
C SER L 222 29.82 -2.88 -48.85
N GLY L 223 30.25 -1.83 -49.54
CA GLY L 223 31.51 -1.85 -50.25
C GLY L 223 31.46 -1.14 -51.59
N THR M 1 -10.55 -18.15 -29.09
CA THR M 1 -11.12 -17.75 -30.37
C THR M 1 -10.05 -17.54 -31.42
N THR M 2 -10.35 -17.91 -32.66
CA THR M 2 -9.55 -17.51 -33.81
C THR M 2 -10.49 -17.12 -34.94
N ILE M 3 -10.21 -15.97 -35.55
CA ILE M 3 -10.95 -15.49 -36.72
C ILE M 3 -9.94 -15.23 -37.83
N VAL M 4 -10.20 -15.78 -39.01
CA VAL M 4 -9.32 -15.55 -40.15
C VAL M 4 -10.11 -14.86 -41.25
N ALA M 5 -9.38 -14.11 -42.08
CA ALA M 5 -9.93 -13.53 -43.30
C ALA M 5 -8.82 -13.44 -44.33
N LEU M 6 -9.18 -13.61 -45.60
CA LEU M 6 -8.17 -13.57 -46.65
C LEU M 6 -8.82 -13.19 -47.98
N LYS M 7 -8.02 -12.52 -48.83
CA LYS M 7 -8.44 -12.12 -50.16
C LYS M 7 -8.14 -13.21 -51.17
N TYR M 8 -9.09 -13.43 -52.08
CA TYR M 8 -8.89 -14.24 -53.26
C TYR M 8 -9.33 -13.45 -54.48
N PRO M 9 -8.95 -13.88 -55.67
CA PRO M 9 -9.33 -13.16 -56.89
C PRO M 9 -10.81 -12.81 -56.94
N GLY M 10 -11.13 -11.53 -56.74
CA GLY M 10 -12.48 -11.05 -56.86
C GLY M 10 -13.33 -11.13 -55.62
N GLY M 11 -12.77 -11.52 -54.48
CA GLY M 11 -13.58 -11.60 -53.28
C GLY M 11 -12.72 -11.80 -52.05
N VAL M 12 -13.40 -11.94 -50.91
CA VAL M 12 -12.77 -12.17 -49.63
C VAL M 12 -13.56 -13.26 -48.90
N VAL M 13 -12.89 -13.92 -47.96
CA VAL M 13 -13.49 -15.00 -47.19
C VAL M 13 -13.10 -14.84 -45.73
N MET M 14 -14.05 -15.07 -44.83
CA MET M 14 -13.80 -14.99 -43.39
C MET M 14 -14.36 -16.23 -42.71
N ALA M 15 -13.63 -16.76 -41.74
CA ALA M 15 -14.09 -17.96 -41.05
C ALA M 15 -13.70 -17.88 -39.58
N GLY M 16 -14.51 -18.51 -38.73
CA GLY M 16 -14.30 -18.47 -37.30
C GLY M 16 -14.71 -19.77 -36.64
N ASP M 17 -14.11 -20.01 -35.47
CA ASP M 17 -14.33 -21.22 -34.70
C ASP M 17 -15.59 -21.08 -33.84
N ARG M 18 -15.85 -22.10 -33.02
CA ARG M 18 -17.15 -22.26 -32.38
C ARG M 18 -17.07 -22.40 -30.86
N ARG M 19 -15.92 -22.13 -30.25
CA ARG M 19 -15.72 -22.42 -28.84
C ARG M 19 -15.98 -21.20 -27.97
N SER M 20 -16.30 -21.47 -26.71
CA SER M 20 -16.51 -20.46 -25.68
C SER M 20 -16.01 -21.03 -24.37
N THR M 21 -15.12 -20.30 -23.69
CA THR M 21 -14.49 -20.79 -22.47
C THR M 21 -14.80 -19.88 -21.29
N GLN M 22 -14.78 -20.48 -20.10
CA GLN M 22 -14.79 -19.78 -18.82
C GLN M 22 -13.55 -20.26 -18.08
N GLY M 23 -12.43 -19.59 -18.29
CA GLY M 23 -11.17 -20.14 -17.80
C GLY M 23 -10.82 -21.37 -18.61
N ASN M 24 -10.59 -22.47 -17.91
CA ASN M 24 -10.30 -23.73 -18.60
C ASN M 24 -11.56 -24.45 -19.06
N MET M 25 -12.72 -24.06 -18.54
CA MET M 25 -13.95 -24.79 -18.84
C MET M 25 -14.51 -24.39 -20.18
N ILE M 26 -15.06 -25.38 -20.89
CA ILE M 26 -15.71 -25.15 -22.17
C ILE M 26 -17.18 -24.81 -21.90
N SER M 27 -17.57 -23.58 -22.20
CA SER M 27 -18.93 -23.11 -21.97
C SER M 27 -19.76 -23.03 -23.24
N GLY M 28 -19.16 -23.19 -24.41
CA GLY M 28 -19.90 -23.14 -25.65
C GLY M 28 -19.23 -23.89 -26.77
N ARG M 29 -20.02 -24.64 -27.56
CA ARG M 29 -19.47 -25.46 -28.64
C ARG M 29 -19.99 -25.07 -30.02
N ASP M 30 -20.94 -24.14 -30.12
CA ASP M 30 -21.52 -23.80 -31.42
C ASP M 30 -21.69 -22.29 -31.59
N VAL M 31 -20.86 -21.50 -30.91
CA VAL M 31 -21.00 -20.05 -30.98
C VAL M 31 -20.64 -19.57 -32.37
N ARG M 32 -21.39 -18.59 -32.86
CA ARG M 32 -21.14 -17.98 -34.17
C ARG M 32 -20.48 -16.65 -33.95
N LYS M 33 -19.26 -16.50 -34.48
CA LYS M 33 -18.44 -15.31 -34.26
C LYS M 33 -18.25 -14.49 -35.52
N VAL M 34 -18.83 -14.89 -36.64
CA VAL M 34 -18.69 -14.19 -37.92
C VAL M 34 -20.07 -13.79 -38.36
N TYR M 35 -20.35 -12.48 -38.33
CA TYR M 35 -21.65 -11.92 -38.66
C TYR M 35 -21.58 -11.15 -39.96
N ILE M 36 -22.63 -11.27 -40.77
CA ILE M 36 -22.77 -10.44 -41.96
C ILE M 36 -23.33 -9.10 -41.49
N THR M 37 -22.47 -8.10 -41.38
CA THR M 37 -22.91 -6.81 -40.88
C THR M 37 -23.56 -5.95 -41.94
N ASP M 38 -23.29 -6.21 -43.23
CA ASP M 38 -24.10 -5.62 -44.29
C ASP M 38 -23.85 -6.40 -45.57
N ASP M 39 -24.60 -6.04 -46.62
CA ASP M 39 -24.61 -6.79 -47.86
C ASP M 39 -23.22 -7.01 -48.44
N TYR M 40 -22.21 -6.27 -47.99
CA TYR M 40 -20.86 -6.43 -48.51
C TYR M 40 -19.79 -6.48 -47.42
N THR M 41 -20.16 -6.66 -46.15
CA THR M 41 -19.15 -6.77 -45.11
C THR M 41 -19.60 -7.75 -44.03
N ALA M 42 -18.63 -8.53 -43.54
CA ALA M 42 -18.78 -9.42 -42.41
C ALA M 42 -17.73 -9.08 -41.35
N THR M 43 -18.11 -9.26 -40.08
CA THR M 43 -17.26 -8.92 -38.95
C THR M 43 -17.14 -10.14 -38.05
N GLY M 44 -15.90 -10.47 -37.67
CA GLY M 44 -15.67 -11.52 -36.68
C GLY M 44 -14.95 -10.98 -35.46
N ILE M 45 -15.44 -11.27 -34.26
CA ILE M 45 -14.88 -10.67 -33.05
C ILE M 45 -14.28 -11.75 -32.16
N ALA M 46 -13.24 -11.37 -31.42
CA ALA M 46 -12.64 -12.22 -30.41
C ALA M 46 -12.66 -11.49 -29.07
N GLY M 47 -12.88 -12.23 -27.99
CA GLY M 47 -12.88 -11.63 -26.67
C GLY M 47 -14.09 -11.98 -25.83
N THR M 48 -14.43 -11.08 -24.91
CA THR M 48 -15.61 -11.28 -24.07
C THR M 48 -16.84 -11.44 -24.94
N ALA M 49 -17.58 -12.52 -24.72
CA ALA M 49 -18.72 -12.84 -25.59
C ALA M 49 -19.74 -11.71 -25.62
N ALA M 50 -20.13 -11.21 -24.45
CA ALA M 50 -21.15 -10.17 -24.40
C ALA M 50 -20.74 -8.96 -25.24
N VAL M 51 -19.48 -8.53 -25.12
CA VAL M 51 -19.02 -7.37 -25.85
C VAL M 51 -18.96 -7.68 -27.35
N ALA M 52 -18.52 -8.89 -27.71
CA ALA M 52 -18.46 -9.25 -29.12
C ALA M 52 -19.85 -9.20 -29.76
N VAL M 53 -20.83 -9.81 -29.09
CA VAL M 53 -22.20 -9.80 -29.59
C VAL M 53 -22.71 -8.37 -29.73
N GLU M 54 -22.59 -7.58 -28.67
CA GLU M 54 -23.04 -6.19 -28.74
C GLU M 54 -22.36 -5.45 -29.88
N PHE M 55 -21.05 -5.67 -30.07
CA PHE M 55 -20.34 -5.05 -31.19
C PHE M 55 -21.01 -5.38 -32.52
N ALA M 56 -21.07 -6.68 -32.86
CA ALA M 56 -21.67 -7.07 -34.13
C ALA M 56 -23.04 -6.45 -34.32
N ARG M 57 -23.91 -6.60 -33.32
CA ARG M 57 -25.28 -6.12 -33.42
C ARG M 57 -25.33 -4.61 -33.65
N LEU M 58 -24.78 -3.85 -32.72
CA LEU M 58 -24.84 -2.39 -32.80
C LEU M 58 -24.21 -1.88 -34.09
N TYR M 59 -23.12 -2.51 -34.52
CA TYR M 59 -22.45 -2.10 -35.75
C TYR M 59 -23.36 -2.27 -36.96
N ALA M 60 -23.92 -3.47 -37.15
CA ALA M 60 -24.82 -3.67 -38.28
C ALA M 60 -25.97 -2.67 -38.24
N VAL M 61 -26.57 -2.47 -37.06
CA VAL M 61 -27.66 -1.50 -36.94
C VAL M 61 -27.19 -0.12 -37.35
N GLU M 62 -25.95 0.24 -37.02
CA GLU M 62 -25.46 1.57 -37.36
C GLU M 62 -25.31 1.74 -38.86
N LEU M 63 -24.71 0.75 -39.54
CA LEU M 63 -24.57 0.83 -40.99
C LEU M 63 -25.92 0.97 -41.66
N GLU M 64 -26.87 0.11 -41.30
CA GLU M 64 -28.19 0.20 -41.94
C GLU M 64 -28.88 1.51 -41.59
N HIS M 65 -28.72 1.98 -40.35
CA HIS M 65 -29.27 3.25 -39.94
C HIS M 65 -28.81 4.37 -40.87
N TYR M 66 -27.49 4.48 -41.07
CA TYR M 66 -26.99 5.47 -42.02
C TYR M 66 -27.63 5.27 -43.39
N GLU M 67 -27.64 4.03 -43.88
CA GLU M 67 -28.13 3.79 -45.24
C GLU M 67 -29.56 4.30 -45.41
N LYS M 68 -30.42 4.06 -44.42
CA LYS M 68 -31.81 4.48 -44.55
C LYS M 68 -31.96 5.99 -44.35
N LEU M 69 -31.17 6.58 -43.45
CA LEU M 69 -31.26 8.02 -43.25
C LEU M 69 -30.84 8.79 -44.49
N GLU M 70 -29.76 8.36 -45.14
CA GLU M 70 -29.17 9.13 -46.23
C GLU M 70 -29.41 8.53 -47.62
N GLY M 71 -30.20 7.46 -47.73
CA GLY M 71 -30.49 6.86 -49.02
C GLY M 71 -29.33 6.17 -49.69
N VAL M 72 -28.14 6.19 -49.10
CA VAL M 72 -26.95 5.56 -49.67
C VAL M 72 -26.10 4.99 -48.56
N PRO M 73 -25.40 3.90 -48.82
CA PRO M 73 -24.54 3.30 -47.80
C PRO M 73 -23.24 4.06 -47.63
N LEU M 74 -22.66 3.91 -46.45
CA LEU M 74 -21.36 4.52 -46.17
C LEU M 74 -20.31 3.99 -47.14
N THR M 75 -19.32 4.82 -47.43
CA THR M 75 -18.11 4.33 -48.07
C THR M 75 -17.42 3.35 -47.13
N PHE M 76 -16.57 2.50 -47.70
CA PHE M 76 -15.91 1.50 -46.86
C PHE M 76 -15.05 2.17 -45.79
N ALA M 77 -14.39 3.28 -46.15
CA ALA M 77 -13.65 4.03 -45.16
C ALA M 77 -14.55 4.41 -43.98
N GLY M 78 -15.71 5.00 -44.27
CA GLY M 78 -16.65 5.35 -43.21
C GLY M 78 -16.97 4.16 -42.31
N LYS M 79 -17.21 3.00 -42.91
CA LYS M 79 -17.48 1.80 -42.11
C LYS M 79 -16.32 1.51 -41.17
N ILE M 80 -15.09 1.52 -41.71
CA ILE M 80 -13.92 1.35 -40.85
C ILE M 80 -13.97 2.32 -39.69
N ASN M 81 -14.14 3.61 -39.99
CA ASN M 81 -14.06 4.63 -38.95
C ASN M 81 -15.11 4.40 -37.86
N ARG M 82 -16.33 4.03 -38.25
CA ARG M 82 -17.35 3.78 -37.24
C ARG M 82 -16.98 2.59 -36.38
N LEU M 83 -16.49 1.51 -36.99
CA LEU M 83 -16.09 0.35 -36.19
C LEU M 83 -14.98 0.70 -35.21
N ALA M 84 -13.95 1.42 -35.69
CA ALA M 84 -12.84 1.82 -34.82
C ALA M 84 -13.33 2.69 -33.68
N ILE M 85 -14.20 3.67 -33.98
CA ILE M 85 -14.74 4.52 -32.94
C ILE M 85 -15.48 3.69 -31.90
N MET M 86 -16.24 2.70 -32.35
CA MET M 86 -16.91 1.82 -31.40
C MET M 86 -15.89 1.09 -30.51
N VAL M 87 -14.79 0.62 -31.08
CA VAL M 87 -13.79 -0.08 -30.30
C VAL M 87 -13.16 0.86 -29.26
N ARG M 88 -12.74 2.05 -29.70
CA ARG M 88 -12.19 3.03 -28.77
C ARG M 88 -13.16 3.32 -27.63
N GLY M 89 -14.45 3.43 -27.96
CA GLY M 89 -15.44 3.71 -26.92
C GLY M 89 -15.42 2.70 -25.79
N ASN M 90 -15.03 1.46 -26.07
CA ASN M 90 -15.05 0.39 -25.09
C ASN M 90 -13.72 0.22 -24.36
N LEU M 91 -12.81 1.19 -24.44
CA LEU M 91 -11.45 0.96 -23.97
C LEU M 91 -11.38 0.86 -22.45
N ALA M 92 -12.17 1.65 -21.73
CA ALA M 92 -12.14 1.56 -20.28
C ALA M 92 -12.61 0.19 -19.80
N ALA M 93 -13.82 -0.20 -20.21
CA ALA M 93 -14.32 -1.54 -19.94
C ALA M 93 -13.28 -2.59 -20.32
N ALA M 94 -12.66 -2.43 -21.50
CA ALA M 94 -11.64 -3.39 -21.94
C ALA M 94 -10.48 -3.46 -20.98
N MET M 95 -10.06 -2.31 -20.44
CA MET M 95 -9.01 -2.31 -19.43
C MET M 95 -9.49 -2.88 -18.11
N GLN M 96 -10.80 -3.03 -17.92
CA GLN M 96 -11.33 -3.72 -16.74
C GLN M 96 -11.64 -5.19 -17.01
N GLY M 97 -11.21 -5.74 -18.14
CA GLY M 97 -11.37 -7.16 -18.42
C GLY M 97 -12.46 -7.52 -19.42
N LEU M 98 -13.14 -6.55 -20.00
CA LEU M 98 -14.17 -6.82 -21.00
C LEU M 98 -13.67 -6.46 -22.40
N LEU M 99 -12.61 -7.16 -22.80
CA LEU M 99 -11.92 -6.87 -24.06
C LEU M 99 -12.55 -7.62 -25.22
N ALA M 100 -12.73 -6.91 -26.35
CA ALA M 100 -13.24 -7.50 -27.58
C ALA M 100 -12.63 -6.77 -28.76
N LEU M 101 -12.01 -7.53 -29.68
CA LEU M 101 -11.36 -6.99 -30.87
C LEU M 101 -12.07 -7.51 -32.11
N PRO M 102 -12.52 -6.65 -33.02
CA PRO M 102 -13.14 -7.11 -34.26
C PRO M 102 -12.13 -7.28 -35.38
N LEU M 103 -12.57 -7.97 -36.43
CA LEU M 103 -11.84 -8.15 -37.67
C LEU M 103 -12.85 -8.01 -38.80
N LEU M 104 -12.54 -7.14 -39.76
CA LEU M 104 -13.50 -6.71 -40.77
C LEU M 104 -13.09 -7.23 -42.14
N ALA M 105 -14.02 -7.88 -42.84
CA ALA M 105 -13.80 -8.29 -44.22
C ALA M 105 -14.93 -7.74 -45.07
N GLY M 106 -14.58 -7.22 -46.25
CA GLY M 106 -15.60 -6.64 -47.09
C GLY M 106 -15.20 -6.55 -48.54
N TYR M 107 -16.17 -6.22 -49.37
CA TYR M 107 -15.98 -6.00 -50.81
C TYR M 107 -16.43 -4.58 -51.13
N ASP M 108 -15.52 -3.77 -51.66
CA ASP M 108 -15.77 -2.36 -51.89
C ASP M 108 -16.33 -2.18 -53.31
N ILE M 109 -17.64 -1.97 -53.40
CA ILE M 109 -18.28 -1.71 -54.68
C ILE M 109 -17.76 -0.43 -55.34
N HIS M 110 -16.97 0.36 -54.63
CA HIS M 110 -16.42 1.61 -55.13
C HIS M 110 -14.92 1.53 -55.35
N ALA M 111 -14.36 0.33 -55.41
CA ALA M 111 -12.94 0.17 -55.70
C ALA M 111 -12.68 0.22 -57.20
N SER M 112 -11.50 0.73 -57.57
CA SER M 112 -11.15 0.83 -58.98
C SER M 112 -11.12 -0.54 -59.64
N ASP M 113 -10.27 -1.43 -59.13
CA ASP M 113 -10.08 -2.74 -59.74
C ASP M 113 -10.95 -3.77 -59.05
N PRO M 114 -12.05 -4.22 -59.66
CA PRO M 114 -12.91 -5.25 -59.03
C PRO M 114 -12.18 -6.52 -58.62
N GLN M 115 -11.00 -6.79 -59.18
CA GLN M 115 -10.26 -7.97 -58.76
C GLN M 115 -9.55 -7.75 -57.43
N SER M 116 -9.21 -6.51 -57.10
CA SER M 116 -8.64 -6.15 -55.80
C SER M 116 -9.62 -5.32 -54.98
N ALA M 117 -10.92 -5.57 -55.13
CA ALA M 117 -11.91 -4.91 -54.31
C ALA M 117 -12.07 -5.56 -52.95
N GLY M 118 -11.34 -6.64 -52.68
CA GLY M 118 -11.35 -7.24 -51.37
C GLY M 118 -10.68 -6.36 -50.34
N ARG M 119 -11.20 -6.41 -49.12
CA ARG M 119 -10.77 -5.53 -48.04
C ARG M 119 -10.73 -6.33 -46.75
N ILE M 120 -9.62 -6.20 -46.02
CA ILE M 120 -9.44 -6.85 -44.72
C ILE M 120 -8.81 -5.82 -43.78
N VAL M 121 -9.53 -5.47 -42.72
CA VAL M 121 -9.11 -4.45 -41.76
C VAL M 121 -9.06 -5.07 -40.38
N SER M 122 -7.96 -4.81 -39.65
CA SER M 122 -7.85 -5.27 -38.27
C SER M 122 -7.79 -4.06 -37.32
N PHE M 123 -8.02 -4.34 -36.03
CA PHE M 123 -8.21 -3.29 -35.04
C PHE M 123 -7.49 -3.67 -33.75
N ASP M 124 -7.20 -2.67 -32.93
CA ASP M 124 -6.66 -2.89 -31.60
C ASP M 124 -7.57 -2.24 -30.55
N ALA M 125 -7.23 -2.48 -29.28
CA ALA M 125 -8.08 -2.09 -28.16
C ALA M 125 -8.28 -0.58 -28.06
N ALA M 126 -7.36 0.21 -28.61
CA ALA M 126 -7.47 1.66 -28.54
C ALA M 126 -8.30 2.26 -29.65
N GLY M 127 -8.80 1.43 -30.57
CA GLY M 127 -9.47 1.95 -31.76
C GLY M 127 -8.55 2.16 -32.94
N GLY M 128 -7.36 1.59 -32.92
CA GLY M 128 -6.51 1.60 -34.10
C GLY M 128 -7.04 0.64 -35.14
N TRP M 129 -6.97 1.06 -36.39
CA TRP M 129 -7.36 0.23 -37.52
C TRP M 129 -6.24 0.21 -38.54
N ASN M 130 -6.07 -0.92 -39.20
CA ASN M 130 -5.07 -1.07 -40.24
C ASN M 130 -5.66 -1.91 -41.36
N ILE M 131 -5.68 -1.35 -42.57
CA ILE M 131 -6.04 -2.11 -43.76
C ILE M 131 -4.88 -3.01 -44.13
N GLU M 132 -5.18 -4.29 -44.36
CA GLU M 132 -4.17 -5.30 -44.63
C GLU M 132 -3.81 -5.33 -46.12
N GLU M 133 -2.52 -5.25 -46.42
CA GLU M 133 -2.08 -5.31 -47.80
C GLU M 133 -1.64 -6.70 -48.25
N GLU M 134 -1.24 -7.58 -47.31
CA GLU M 134 -0.56 -8.82 -47.68
C GLU M 134 -1.51 -10.02 -47.83
N GLY M 135 -2.82 -9.78 -47.94
CA GLY M 135 -3.75 -10.78 -48.42
C GLY M 135 -4.52 -11.53 -47.36
N TYR M 136 -3.95 -11.73 -46.17
CA TYR M 136 -4.61 -12.50 -45.13
C TYR M 136 -4.38 -11.85 -43.77
N GLN M 137 -5.15 -12.28 -42.78
CA GLN M 137 -5.03 -11.72 -41.44
C GLN M 137 -5.91 -12.54 -40.50
N ALA M 138 -5.63 -12.41 -39.20
CA ALA M 138 -6.37 -13.14 -38.18
C ALA M 138 -6.44 -12.31 -36.91
N VAL M 139 -7.31 -12.75 -35.99
CA VAL M 139 -7.48 -12.14 -34.68
C VAL M 139 -7.84 -13.25 -33.69
N GLY M 140 -7.38 -13.09 -32.46
CA GLY M 140 -7.74 -13.99 -31.38
C GLY M 140 -6.55 -14.71 -30.79
N SER M 141 -6.84 -15.55 -29.80
CA SER M 141 -5.80 -16.27 -29.07
C SER M 141 -5.05 -17.28 -29.93
N GLY M 142 -5.62 -17.69 -31.07
CA GLY M 142 -4.92 -18.52 -32.02
C GLY M 142 -4.48 -17.79 -33.27
N SER M 143 -4.52 -16.45 -33.27
CA SER M 143 -4.29 -15.70 -34.49
C SER M 143 -2.87 -15.85 -35.01
N LEU M 144 -1.89 -16.01 -34.11
CA LEU M 144 -0.51 -16.16 -34.58
C LEU M 144 -0.31 -17.50 -35.27
N PHE M 145 -0.83 -18.58 -34.68
CA PHE M 145 -0.76 -19.89 -35.32
C PHE M 145 -1.39 -19.84 -36.70
N ALA M 146 -2.59 -19.27 -36.80
CA ALA M 146 -3.31 -19.26 -38.08
C ALA M 146 -2.61 -18.37 -39.11
N LYS M 147 -2.08 -17.23 -38.66
CA LYS M 147 -1.37 -16.35 -39.59
C LYS M 147 -0.10 -17.00 -40.12
N SER M 148 0.62 -17.72 -39.26
CA SER M 148 1.82 -18.42 -39.72
C SER M 148 1.47 -19.61 -40.59
N SER M 149 0.29 -20.22 -40.38
CA SER M 149 -0.18 -21.26 -41.28
C SER M 149 -0.49 -20.69 -42.66
N MET M 150 -1.20 -19.56 -42.71
CA MET M 150 -1.54 -18.96 -43.99
C MET M 150 -0.33 -18.34 -44.68
N LYS M 151 0.70 -17.97 -43.93
CA LYS M 151 1.92 -17.53 -44.59
C LYS M 151 2.45 -18.60 -45.54
N LYS M 152 2.36 -19.86 -45.13
CA LYS M 152 2.83 -20.98 -45.94
C LYS M 152 1.79 -21.49 -46.92
N LEU M 153 0.50 -21.36 -46.61
CA LEU M 153 -0.53 -21.91 -47.47
C LEU M 153 -1.08 -20.93 -48.51
N TYR M 154 -0.85 -19.64 -48.34
CA TYR M 154 -1.59 -18.64 -49.12
C TYR M 154 -1.35 -18.76 -50.61
N SER M 155 -0.18 -19.26 -51.02
CA SER M 155 0.10 -19.33 -52.46
C SER M 155 -0.84 -20.28 -53.19
N GLN M 156 -1.50 -21.19 -52.46
CA GLN M 156 -2.44 -22.12 -53.07
C GLN M 156 -3.76 -21.47 -53.46
N VAL M 157 -3.98 -20.22 -53.09
CA VAL M 157 -5.29 -19.57 -53.26
C VAL M 157 -5.38 -19.00 -54.65
N THR M 158 -6.23 -19.60 -55.50
CA THR M 158 -6.48 -19.11 -56.84
C THR M 158 -7.94 -18.76 -57.10
N ASP M 159 -8.86 -19.24 -56.27
CA ASP M 159 -10.28 -18.94 -56.40
C ASP M 159 -10.94 -19.10 -55.03
N GLY M 160 -12.26 -18.90 -55.00
CA GLY M 160 -12.97 -18.92 -53.74
C GLY M 160 -12.93 -20.26 -53.04
N ASP M 161 -12.88 -21.36 -53.80
CA ASP M 161 -12.84 -22.68 -53.17
C ASP M 161 -11.50 -22.90 -52.47
N SER M 162 -10.40 -22.62 -53.16
CA SER M 162 -9.10 -22.76 -52.52
C SER M 162 -8.94 -21.79 -51.36
N GLY M 163 -9.47 -20.56 -51.51
CA GLY M 163 -9.44 -19.63 -50.40
C GLY M 163 -10.17 -20.17 -49.18
N LEU M 164 -11.37 -20.74 -49.39
CA LEU M 164 -12.11 -21.32 -48.28
C LEU M 164 -11.30 -22.44 -47.62
N ARG M 165 -10.75 -23.36 -48.42
CA ARG M 165 -9.97 -24.44 -47.83
C ARG M 165 -8.82 -23.91 -47.01
N VAL M 166 -8.04 -22.97 -47.57
CA VAL M 166 -6.91 -22.42 -46.83
C VAL M 166 -7.39 -21.81 -45.52
N ALA M 167 -8.52 -21.09 -45.55
CA ALA M 167 -9.04 -20.51 -44.31
C ALA M 167 -9.34 -21.61 -43.29
N VAL M 168 -10.01 -22.67 -43.72
CA VAL M 168 -10.40 -23.74 -42.80
C VAL M 168 -9.17 -24.42 -42.22
N GLU M 169 -8.15 -24.64 -43.06
CA GLU M 169 -6.92 -25.25 -42.57
C GLU M 169 -6.22 -24.34 -41.56
N ALA M 170 -6.21 -23.03 -41.84
CA ALA M 170 -5.67 -22.07 -40.88
C ALA M 170 -6.35 -22.23 -39.52
N LEU M 171 -7.69 -22.19 -39.51
CA LEU M 171 -8.40 -22.40 -38.26
C LEU M 171 -8.03 -23.73 -37.63
N TYR M 172 -7.78 -24.75 -38.45
CA TYR M 172 -7.46 -26.08 -37.93
C TYR M 172 -6.13 -26.08 -37.19
N ASP M 173 -5.08 -25.51 -37.81
CA ASP M 173 -3.81 -25.37 -37.10
C ASP M 173 -3.98 -24.54 -35.84
N ALA M 174 -4.80 -23.48 -35.93
CA ALA M 174 -5.05 -22.63 -34.77
C ALA M 174 -5.55 -23.45 -33.59
N ALA M 175 -6.67 -24.18 -33.78
CA ALA M 175 -7.16 -25.05 -32.72
C ALA M 175 -6.17 -26.13 -32.36
N ASP M 176 -5.28 -26.49 -33.29
CA ASP M 176 -4.28 -27.51 -33.01
C ASP M 176 -3.33 -27.04 -31.92
N ASP M 177 -2.92 -25.77 -31.94
CA ASP M 177 -1.96 -25.29 -30.96
C ASP M 177 -2.56 -24.42 -29.85
N ASP M 178 -3.82 -24.00 -29.97
CA ASP M 178 -4.45 -23.11 -29.01
C ASP M 178 -5.68 -23.79 -28.41
N SER M 179 -5.66 -24.06 -27.11
CA SER M 179 -6.77 -24.76 -26.48
C SER M 179 -8.04 -23.90 -26.44
N ALA M 180 -7.91 -22.58 -26.50
CA ALA M 180 -9.06 -21.69 -26.49
C ALA M 180 -9.72 -21.55 -27.86
N THR M 181 -9.20 -22.24 -28.87
CA THR M 181 -9.83 -22.33 -30.18
C THR M 181 -10.32 -23.75 -30.39
N GLY M 182 -11.53 -23.87 -30.91
CA GLY M 182 -12.17 -25.18 -31.10
C GLY M 182 -11.94 -25.71 -32.50
N GLY M 183 -11.58 -26.98 -32.58
CA GLY M 183 -11.38 -27.63 -33.84
C GLY M 183 -12.64 -28.32 -34.33
N PRO M 184 -12.57 -28.94 -35.51
CA PRO M 184 -13.75 -29.66 -36.02
C PRO M 184 -14.22 -30.71 -35.03
N ASP M 185 -15.52 -30.75 -34.80
CA ASP M 185 -16.14 -31.73 -33.92
C ASP M 185 -16.90 -32.72 -34.79
N LEU M 186 -16.22 -33.81 -35.17
CA LEU M 186 -16.84 -34.83 -36.02
C LEU M 186 -17.88 -35.65 -35.28
N VAL M 187 -17.78 -35.75 -33.95
CA VAL M 187 -18.78 -36.50 -33.21
C VAL M 187 -20.12 -35.76 -33.21
N ARG M 188 -20.08 -34.43 -33.05
CA ARG M 188 -21.30 -33.63 -32.99
C ARG M 188 -21.69 -33.05 -34.34
N GLY M 189 -20.77 -33.02 -35.31
CA GLY M 189 -21.08 -32.40 -36.58
C GLY M 189 -21.01 -30.89 -36.59
N ILE M 190 -20.37 -30.29 -35.59
CA ILE M 190 -20.19 -28.84 -35.53
C ILE M 190 -18.87 -28.49 -36.20
N PHE M 191 -18.90 -27.49 -37.06
CA PHE M 191 -17.73 -27.05 -37.80
C PHE M 191 -17.63 -25.54 -37.77
N PRO M 192 -16.47 -24.99 -38.11
CA PRO M 192 -16.33 -23.52 -38.16
C PRO M 192 -17.35 -22.92 -39.10
N THR M 193 -17.70 -21.67 -38.83
CA THR M 193 -18.58 -20.93 -39.74
C THR M 193 -17.74 -20.06 -40.66
N ALA M 194 -18.34 -19.70 -41.80
CA ALA M 194 -17.59 -18.96 -42.81
C ALA M 194 -18.56 -18.15 -43.66
N VAL M 195 -18.08 -16.99 -44.11
CA VAL M 195 -18.80 -16.11 -45.00
C VAL M 195 -17.90 -15.80 -46.18
N ILE M 196 -18.51 -15.74 -47.36
CA ILE M 196 -17.82 -15.39 -48.60
C ILE M 196 -18.44 -14.12 -49.15
N ILE M 197 -17.61 -13.19 -49.61
CA ILE M 197 -18.10 -11.93 -50.16
C ILE M 197 -17.43 -11.69 -51.50
N ASP M 198 -18.23 -11.43 -52.53
CA ASP M 198 -17.71 -10.98 -53.82
C ASP M 198 -18.67 -9.92 -54.34
N ALA M 199 -18.59 -9.63 -55.64
CA ALA M 199 -19.42 -8.58 -56.22
C ALA M 199 -20.90 -8.85 -56.05
N ASP M 200 -21.30 -10.11 -55.90
CA ASP M 200 -22.70 -10.46 -55.71
C ASP M 200 -23.17 -10.29 -54.27
N GLY M 201 -22.27 -9.93 -53.36
CA GLY M 201 -22.61 -9.70 -51.97
C GLY M 201 -21.90 -10.68 -51.05
N ALA M 202 -22.35 -10.71 -49.80
CA ALA M 202 -21.82 -11.59 -48.78
C ALA M 202 -22.86 -12.63 -48.43
N VAL M 203 -22.46 -13.90 -48.44
CA VAL M 203 -23.36 -15.01 -48.16
C VAL M 203 -22.67 -16.01 -47.25
N ASP M 204 -23.49 -16.72 -46.47
CA ASP M 204 -23.00 -17.74 -45.57
C ASP M 204 -22.55 -18.96 -46.34
N VAL M 205 -21.36 -19.46 -46.03
CA VAL M 205 -20.91 -20.72 -46.61
C VAL M 205 -21.71 -21.86 -45.98
N PRO M 206 -22.31 -22.75 -46.76
CA PRO M 206 -23.09 -23.84 -46.16
C PRO M 206 -22.21 -24.78 -45.35
N GLU M 207 -22.82 -25.38 -44.32
CA GLU M 207 -22.05 -26.23 -43.40
C GLU M 207 -21.49 -27.46 -44.10
N SER M 208 -22.21 -27.99 -45.10
CA SER M 208 -21.75 -29.21 -45.77
C SER M 208 -20.38 -29.01 -46.40
N ARG M 209 -20.17 -27.88 -47.08
CA ARG M 209 -18.89 -27.66 -47.77
C ARG M 209 -17.75 -27.57 -46.77
N ILE M 210 -17.95 -26.82 -45.68
CA ILE M 210 -16.91 -26.72 -44.66
C ILE M 210 -16.63 -28.08 -44.04
N ALA M 211 -17.69 -28.86 -43.80
CA ALA M 211 -17.49 -30.22 -43.28
C ALA M 211 -16.61 -31.04 -44.21
N GLU M 212 -16.89 -30.98 -45.51
CA GLU M 212 -16.07 -31.71 -46.47
C GLU M 212 -14.61 -31.27 -46.40
N LEU M 213 -14.37 -29.96 -46.53
CA LEU M 213 -12.99 -29.46 -46.46
C LEU M 213 -12.30 -29.93 -45.17
N ALA M 214 -13.00 -29.82 -44.05
CA ALA M 214 -12.47 -30.27 -42.77
C ALA M 214 -12.04 -31.74 -42.85
N ARG M 215 -12.94 -32.61 -43.29
CA ARG M 215 -12.60 -34.02 -43.35
C ARG M 215 -11.40 -34.27 -44.25
N ALA M 216 -11.34 -33.58 -45.40
CA ALA M 216 -10.17 -33.71 -46.26
C ALA M 216 -8.89 -33.34 -45.53
N ILE M 217 -8.90 -32.21 -44.81
CA ILE M 217 -7.72 -31.81 -44.06
C ILE M 217 -7.36 -32.87 -43.03
N ILE M 218 -8.35 -33.42 -42.34
CA ILE M 218 -8.09 -34.41 -41.30
C ILE M 218 -7.42 -35.64 -41.88
N GLU M 219 -8.03 -36.24 -42.90
CA GLU M 219 -7.46 -37.46 -43.45
C GLU M 219 -6.13 -37.21 -44.15
N SER M 220 -5.93 -35.98 -44.66
CA SER M 220 -4.66 -35.65 -45.28
C SER M 220 -3.51 -35.63 -44.29
N ARG M 221 -3.80 -35.37 -43.01
CA ARG M 221 -2.76 -35.30 -41.99
C ARG M 221 -2.49 -36.63 -41.33
N SER M 222 -3.18 -37.69 -41.73
CA SER M 222 -2.96 -39.02 -41.17
C SER M 222 -2.08 -39.85 -42.10
N THR N 1 -26.51 -22.50 -4.43
CA THR N 1 -27.69 -22.65 -5.26
C THR N 1 -27.42 -23.53 -6.49
N THR N 2 -28.44 -24.28 -6.91
CA THR N 2 -28.42 -24.94 -8.20
C THR N 2 -29.78 -24.75 -8.87
N ILE N 3 -29.75 -24.29 -10.12
CA ILE N 3 -30.93 -24.17 -10.96
C ILE N 3 -30.69 -24.99 -12.22
N VAL N 4 -31.61 -25.91 -12.52
CA VAL N 4 -31.49 -26.75 -13.71
C VAL N 4 -32.65 -26.43 -14.65
N ALA N 5 -32.44 -26.72 -15.93
CA ALA N 5 -33.48 -26.54 -16.94
C ALA N 5 -33.15 -27.43 -18.12
N LEU N 6 -34.16 -28.14 -18.64
CA LEU N 6 -33.94 -29.02 -19.77
C LEU N 6 -35.20 -29.07 -20.64
N LYS N 7 -34.98 -29.26 -21.94
CA LYS N 7 -36.05 -29.39 -22.91
C LYS N 7 -36.49 -30.85 -23.00
N TYR N 8 -37.79 -31.06 -23.15
CA TYR N 8 -38.37 -32.35 -23.49
C TYR N 8 -39.28 -32.15 -24.69
N PRO N 9 -39.69 -33.24 -25.33
CA PRO N 9 -40.52 -33.12 -26.55
C PRO N 9 -41.81 -32.36 -26.29
N GLY N 10 -41.89 -31.14 -26.81
CA GLY N 10 -43.07 -30.32 -26.67
C GLY N 10 -43.01 -29.29 -25.56
N GLY N 11 -41.97 -29.31 -24.72
CA GLY N 11 -41.92 -28.36 -23.64
C GLY N 11 -40.53 -28.22 -23.04
N VAL N 12 -40.48 -27.46 -21.95
CA VAL N 12 -39.25 -27.24 -21.19
C VAL N 12 -39.60 -27.28 -19.71
N VAL N 13 -38.61 -27.62 -18.89
CA VAL N 13 -38.80 -27.76 -17.45
C VAL N 13 -37.64 -27.10 -16.71
N MET N 14 -37.95 -26.43 -15.60
CA MET N 14 -36.93 -25.79 -14.78
C MET N 14 -37.15 -26.13 -13.30
N ALA N 15 -36.06 -26.39 -12.59
CA ALA N 15 -36.12 -26.76 -11.19
C ALA N 15 -35.06 -25.99 -10.40
N GLY N 16 -35.34 -25.75 -9.13
CA GLY N 16 -34.42 -25.01 -8.29
C GLY N 16 -34.50 -25.48 -6.85
N ASP N 17 -33.35 -25.42 -6.16
CA ASP N 17 -33.28 -25.88 -4.78
C ASP N 17 -33.85 -24.80 -3.85
N ARG N 18 -33.78 -25.06 -2.54
CA ARG N 18 -34.48 -24.26 -1.55
C ARG N 18 -33.57 -23.63 -0.51
N ARG N 19 -32.25 -23.76 -0.65
CA ARG N 19 -31.32 -23.43 0.43
C ARG N 19 -30.93 -21.96 0.41
N SER N 20 -30.66 -21.43 1.61
CA SER N 20 -30.19 -20.07 1.79
C SER N 20 -29.13 -20.05 2.89
N THR N 21 -27.97 -19.48 2.58
CA THR N 21 -26.81 -19.53 3.47
C THR N 21 -26.26 -18.13 3.71
N GLN N 22 -25.51 -18.03 4.82
CA GLN N 22 -24.67 -16.86 5.13
C GLN N 22 -23.33 -17.43 5.57
N GLY N 23 -22.46 -17.69 4.59
CA GLY N 23 -21.23 -18.40 4.87
C GLY N 23 -21.50 -19.88 5.03
N ASN N 24 -21.20 -20.43 6.21
CA ASN N 24 -21.53 -21.82 6.51
C ASN N 24 -22.92 -21.99 7.09
N MET N 25 -23.48 -20.94 7.68
CA MET N 25 -24.76 -21.03 8.36
C MET N 25 -25.90 -21.11 7.36
N ILE N 26 -26.82 -22.03 7.59
CA ILE N 26 -28.05 -22.12 6.81
C ILE N 26 -29.00 -21.04 7.32
N SER N 27 -29.44 -20.15 6.42
CA SER N 27 -30.34 -19.06 6.79
C SER N 27 -31.73 -19.22 6.21
N GLY N 28 -31.96 -20.20 5.34
CA GLY N 28 -33.29 -20.46 4.82
C GLY N 28 -33.44 -21.86 4.26
N ARG N 29 -34.62 -22.46 4.44
CA ARG N 29 -34.87 -23.82 3.98
C ARG N 29 -35.95 -23.91 2.91
N ASP N 30 -36.74 -22.86 2.70
CA ASP N 30 -37.88 -22.92 1.79
C ASP N 30 -37.86 -21.74 0.82
N VAL N 31 -36.67 -21.31 0.42
CA VAL N 31 -36.54 -20.21 -0.53
C VAL N 31 -37.06 -20.65 -1.90
N ARG N 32 -37.78 -19.76 -2.56
CA ARG N 32 -38.18 -19.97 -3.94
C ARG N 32 -37.21 -19.23 -4.85
N LYS N 33 -36.63 -19.95 -5.82
CA LYS N 33 -35.64 -19.39 -6.72
C LYS N 33 -36.07 -19.43 -8.18
N VAL N 34 -37.16 -20.11 -8.50
CA VAL N 34 -37.64 -20.25 -9.88
C VAL N 34 -39.01 -19.59 -9.97
N TYR N 35 -39.13 -18.60 -10.85
CA TYR N 35 -40.31 -17.76 -10.94
C TYR N 35 -40.92 -17.84 -12.34
N ILE N 36 -42.23 -18.00 -12.40
CA ILE N 36 -42.98 -17.81 -13.65
C ILE N 36 -42.91 -16.32 -13.96
N THR N 37 -42.06 -15.95 -14.92
CA THR N 37 -41.92 -14.53 -15.25
C THR N 37 -42.95 -14.06 -16.26
N ASP N 38 -43.48 -14.95 -17.09
CA ASP N 38 -44.65 -14.65 -17.89
C ASP N 38 -45.24 -15.97 -18.39
N ASP N 39 -46.39 -15.87 -19.08
CA ASP N 39 -47.16 -17.06 -19.45
C ASP N 39 -46.29 -18.16 -20.06
N TYR N 40 -45.16 -17.80 -20.67
CA TYR N 40 -44.36 -18.79 -21.39
C TYR N 40 -42.89 -18.82 -20.98
N THR N 41 -42.52 -18.21 -19.86
CA THR N 41 -41.14 -18.28 -19.42
C THR N 41 -41.05 -18.45 -17.92
N ALA N 42 -39.97 -19.09 -17.50
CA ALA N 42 -39.56 -19.18 -16.11
C ALA N 42 -38.11 -18.72 -16.01
N THR N 43 -37.83 -17.88 -15.03
CA THR N 43 -36.48 -17.43 -14.73
C THR N 43 -36.07 -17.98 -13.37
N GLY N 44 -34.90 -18.60 -13.33
CA GLY N 44 -34.31 -19.05 -12.07
C GLY N 44 -33.00 -18.31 -11.86
N ILE N 45 -32.68 -18.01 -10.60
CA ILE N 45 -31.58 -17.10 -10.33
C ILE N 45 -30.73 -17.64 -9.19
N ALA N 46 -29.41 -17.52 -9.36
CA ALA N 46 -28.44 -17.85 -8.32
C ALA N 46 -27.71 -16.58 -7.89
N GLY N 47 -27.22 -16.57 -6.65
CA GLY N 47 -26.48 -15.41 -6.18
C GLY N 47 -27.03 -14.79 -4.91
N THR N 48 -26.86 -13.48 -4.77
CA THR N 48 -27.35 -12.78 -3.60
C THR N 48 -28.87 -12.79 -3.58
N ALA N 49 -29.45 -13.14 -2.42
CA ALA N 49 -30.90 -13.26 -2.33
C ALA N 49 -31.62 -11.99 -2.77
N ALA N 50 -31.20 -10.85 -2.21
CA ALA N 50 -31.84 -9.58 -2.53
C ALA N 50 -31.85 -9.33 -4.04
N VAL N 51 -30.69 -9.43 -4.67
CA VAL N 51 -30.59 -9.11 -6.09
C VAL N 51 -31.37 -10.13 -6.93
N ALA N 52 -31.29 -11.41 -6.57
CA ALA N 52 -32.03 -12.43 -7.32
C ALA N 52 -33.53 -12.13 -7.32
N VAL N 53 -34.09 -11.92 -6.12
CA VAL N 53 -35.52 -11.63 -6.02
C VAL N 53 -35.87 -10.38 -6.81
N GLU N 54 -35.15 -9.28 -6.56
CA GLU N 54 -35.45 -8.05 -7.30
C GLU N 54 -35.38 -8.27 -8.81
N PHE N 55 -34.46 -9.12 -9.26
CA PHE N 55 -34.36 -9.40 -10.68
C PHE N 55 -35.63 -10.06 -11.20
N ALA N 56 -36.03 -11.18 -10.59
CA ALA N 56 -37.24 -11.87 -11.05
C ALA N 56 -38.43 -10.92 -11.07
N ARG N 57 -38.60 -10.13 -9.99
CA ARG N 57 -39.73 -9.22 -9.91
C ARG N 57 -39.69 -8.16 -11.00
N LEU N 58 -38.62 -7.38 -11.04
CA LEU N 58 -38.51 -6.31 -12.03
C LEU N 58 -38.67 -6.83 -13.44
N TYR N 59 -38.10 -8.01 -13.73
CA TYR N 59 -38.16 -8.58 -15.06
C TYR N 59 -39.60 -8.94 -15.44
N ALA N 60 -40.32 -9.62 -14.55
CA ALA N 60 -41.73 -9.89 -14.81
C ALA N 60 -42.48 -8.59 -15.11
N VAL N 61 -42.29 -7.58 -14.26
CA VAL N 61 -42.98 -6.31 -14.48
C VAL N 61 -42.64 -5.73 -15.84
N GLU N 62 -41.36 -5.80 -16.23
CA GLU N 62 -40.96 -5.22 -17.51
C GLU N 62 -41.66 -5.92 -18.67
N LEU N 63 -41.67 -7.25 -18.66
CA LEU N 63 -42.34 -7.98 -19.74
C LEU N 63 -43.82 -7.60 -19.81
N GLU N 64 -44.55 -7.74 -18.71
CA GLU N 64 -45.97 -7.43 -18.75
C GLU N 64 -46.21 -5.97 -19.10
N HIS N 65 -45.29 -5.08 -18.72
CA HIS N 65 -45.40 -3.68 -19.08
C HIS N 65 -45.36 -3.49 -20.59
N TYR N 66 -44.42 -4.16 -21.25
CA TYR N 66 -44.40 -4.10 -22.72
C TYR N 66 -45.69 -4.69 -23.30
N GLU N 67 -46.16 -5.80 -22.72
CA GLU N 67 -47.34 -6.45 -23.29
C GLU N 67 -48.57 -5.54 -23.22
N LYS N 68 -48.84 -4.95 -22.06
CA LYS N 68 -49.98 -4.06 -21.94
C LYS N 68 -49.78 -2.77 -22.74
N LEU N 69 -48.53 -2.29 -22.82
CA LEU N 69 -48.28 -1.05 -23.55
C LEU N 69 -48.52 -1.20 -25.05
N GLU N 70 -48.11 -2.33 -25.63
CA GLU N 70 -48.12 -2.47 -27.07
C GLU N 70 -49.17 -3.45 -27.60
N GLY N 71 -49.91 -4.14 -26.72
CA GLY N 71 -50.95 -5.03 -27.15
C GLY N 71 -50.50 -6.39 -27.62
N VAL N 72 -49.21 -6.68 -27.57
CA VAL N 72 -48.65 -7.95 -28.01
C VAL N 72 -47.41 -8.23 -27.18
N PRO N 73 -47.17 -9.46 -26.74
CA PRO N 73 -45.98 -9.73 -25.92
C PRO N 73 -44.71 -9.67 -26.75
N LEU N 74 -43.62 -9.38 -26.04
CA LEU N 74 -42.30 -9.37 -26.68
C LEU N 74 -42.01 -10.71 -27.32
N THR N 75 -41.30 -10.67 -28.45
CA THR N 75 -40.73 -11.87 -29.01
C THR N 75 -39.75 -12.47 -28.01
N PHE N 76 -39.49 -13.77 -28.15
CA PHE N 76 -38.60 -14.44 -27.20
C PHE N 76 -37.20 -13.83 -27.24
N ALA N 77 -36.73 -13.47 -28.44
CA ALA N 77 -35.44 -12.79 -28.53
C ALA N 77 -35.46 -11.49 -27.74
N GLY N 78 -36.53 -10.71 -27.84
CA GLY N 78 -36.61 -9.48 -27.07
C GLY N 78 -36.53 -9.73 -25.57
N LYS N 79 -37.19 -10.80 -25.11
CA LYS N 79 -37.11 -11.15 -23.70
C LYS N 79 -35.68 -11.48 -23.31
N ILE N 80 -35.01 -12.34 -24.10
CA ILE N 80 -33.59 -12.61 -23.88
C ILE N 80 -32.84 -11.28 -23.70
N ASN N 81 -32.97 -10.40 -24.69
CA ASN N 81 -32.19 -9.16 -24.67
C ASN N 81 -32.46 -8.35 -23.41
N ARG N 82 -33.73 -8.25 -23.01
CA ARG N 82 -34.05 -7.49 -21.80
C ARG N 82 -33.38 -8.09 -20.57
N LEU N 83 -33.45 -9.41 -20.42
CA LEU N 83 -32.77 -10.05 -19.29
C LEU N 83 -31.27 -9.77 -19.33
N ALA N 84 -30.67 -9.90 -20.51
CA ALA N 84 -29.22 -9.64 -20.64
C ALA N 84 -28.88 -8.20 -20.26
N ILE N 85 -29.67 -7.24 -20.73
CA ILE N 85 -29.41 -5.84 -20.39
C ILE N 85 -29.51 -5.63 -18.89
N MET N 86 -30.52 -6.22 -18.26
CA MET N 86 -30.67 -6.09 -16.81
C MET N 86 -29.44 -6.64 -16.10
N VAL N 87 -29.00 -7.86 -16.44
CA VAL N 87 -27.82 -8.43 -15.81
C VAL N 87 -26.60 -7.53 -16.04
N ARG N 88 -26.45 -7.01 -17.27
CA ARG N 88 -25.29 -6.19 -17.57
C ARG N 88 -25.27 -4.93 -16.72
N GLY N 89 -26.44 -4.35 -16.45
CA GLY N 89 -26.49 -3.15 -15.64
C GLY N 89 -25.98 -3.35 -14.22
N ASN N 90 -26.06 -4.59 -13.73
CA ASN N 90 -25.67 -4.88 -12.35
C ASN N 90 -24.22 -5.27 -12.20
N LEU N 91 -23.39 -5.12 -13.25
CA LEU N 91 -22.03 -5.65 -13.19
C LEU N 91 -21.19 -4.94 -12.14
N ALA N 92 -21.39 -3.62 -11.97
CA ALA N 92 -20.63 -2.90 -10.96
C ALA N 92 -20.97 -3.36 -9.56
N ALA N 93 -22.26 -3.55 -9.26
CA ALA N 93 -22.65 -4.03 -7.94
C ALA N 93 -22.25 -5.49 -7.75
N ALA N 94 -22.28 -6.29 -8.82
CA ALA N 94 -21.90 -7.69 -8.72
C ALA N 94 -20.41 -7.82 -8.42
N MET N 95 -19.59 -6.96 -9.00
CA MET N 95 -18.15 -7.06 -8.77
C MET N 95 -17.77 -6.81 -7.32
N GLN N 96 -18.62 -6.14 -6.54
CA GLN N 96 -18.37 -5.90 -5.13
C GLN N 96 -19.37 -6.62 -4.22
N GLY N 97 -19.82 -7.80 -4.64
CA GLY N 97 -20.54 -8.70 -3.76
C GLY N 97 -22.03 -8.81 -3.97
N LEU N 98 -22.61 -8.12 -4.96
CA LEU N 98 -24.03 -8.26 -5.23
C LEU N 98 -24.25 -9.00 -6.55
N LEU N 99 -23.70 -10.20 -6.69
CA LEU N 99 -23.82 -10.96 -7.92
C LEU N 99 -25.18 -11.65 -8.00
N ALA N 100 -25.64 -11.85 -9.24
CA ALA N 100 -26.90 -12.55 -9.47
C ALA N 100 -26.92 -13.01 -10.92
N LEU N 101 -26.89 -14.34 -11.13
CA LEU N 101 -26.86 -14.94 -12.46
C LEU N 101 -28.18 -15.63 -12.76
N PRO N 102 -28.86 -15.26 -13.84
CA PRO N 102 -30.10 -15.93 -14.20
C PRO N 102 -29.91 -17.05 -15.23
N LEU N 103 -30.89 -17.94 -15.25
CA LEU N 103 -31.09 -18.94 -16.27
C LEU N 103 -32.55 -18.82 -16.73
N LEU N 104 -32.75 -18.76 -18.04
CA LEU N 104 -34.08 -18.51 -18.61
C LEU N 104 -34.53 -19.74 -19.37
N ALA N 105 -35.77 -20.18 -19.10
CA ALA N 105 -36.40 -21.26 -19.85
C ALA N 105 -37.74 -20.77 -20.36
N GLY N 106 -38.14 -21.25 -21.54
CA GLY N 106 -39.37 -20.74 -22.10
C GLY N 106 -39.89 -21.56 -23.26
N TYR N 107 -41.08 -21.20 -23.71
CA TYR N 107 -41.72 -21.80 -24.87
C TYR N 107 -42.00 -20.69 -25.87
N ASP N 108 -41.41 -20.78 -27.06
CA ASP N 108 -41.59 -19.77 -28.10
C ASP N 108 -42.83 -20.10 -28.91
N ILE N 109 -43.91 -19.37 -28.67
CA ILE N 109 -45.16 -19.60 -29.37
C ILE N 109 -45.07 -19.29 -30.87
N HIS N 110 -44.01 -18.62 -31.31
CA HIS N 110 -43.86 -18.22 -32.69
C HIS N 110 -42.85 -19.08 -33.46
N ALA N 111 -42.30 -20.12 -32.84
CA ALA N 111 -41.37 -20.99 -33.55
C ALA N 111 -42.11 -21.82 -34.59
N SER N 112 -41.39 -22.23 -35.63
CA SER N 112 -42.02 -22.96 -36.73
C SER N 112 -42.43 -24.36 -36.29
N ASP N 113 -41.54 -25.09 -35.62
CA ASP N 113 -41.80 -26.46 -35.20
C ASP N 113 -42.19 -26.49 -33.73
N PRO N 114 -43.47 -26.63 -33.39
CA PRO N 114 -43.85 -26.70 -31.96
C PRO N 114 -43.18 -27.86 -31.22
N GLN N 115 -42.65 -28.85 -31.93
CA GLN N 115 -41.83 -29.86 -31.28
C GLN N 115 -40.58 -29.24 -30.67
N SER N 116 -39.92 -28.36 -31.41
CA SER N 116 -38.67 -27.73 -31.01
C SER N 116 -38.87 -26.27 -30.64
N ALA N 117 -39.96 -25.97 -29.93
CA ALA N 117 -40.25 -24.63 -29.48
C ALA N 117 -39.68 -24.32 -28.09
N GLY N 118 -39.14 -25.32 -27.41
CA GLY N 118 -38.50 -25.07 -26.13
C GLY N 118 -37.25 -24.24 -26.28
N ARG N 119 -36.97 -23.43 -25.26
CA ARG N 119 -35.83 -22.53 -25.27
C ARG N 119 -35.16 -22.55 -23.91
N ILE N 120 -33.85 -22.74 -23.90
CA ILE N 120 -33.01 -22.58 -22.73
C ILE N 120 -31.92 -21.58 -23.06
N VAL N 121 -31.83 -20.52 -22.27
CA VAL N 121 -30.88 -19.42 -22.48
C VAL N 121 -30.12 -19.22 -21.18
N SER N 122 -28.80 -19.37 -21.23
CA SER N 122 -27.94 -19.08 -20.09
C SER N 122 -27.30 -17.71 -20.27
N PHE N 123 -26.87 -17.15 -19.14
CA PHE N 123 -26.31 -15.80 -19.08
C PHE N 123 -25.05 -15.81 -18.22
N ASP N 124 -24.23 -14.78 -18.39
CA ASP N 124 -23.07 -14.56 -17.55
C ASP N 124 -23.13 -13.15 -16.96
N ALA N 125 -22.22 -12.89 -16.03
CA ALA N 125 -22.24 -11.65 -15.27
C ALA N 125 -22.05 -10.42 -16.15
N ALA N 126 -21.45 -10.58 -17.33
CA ALA N 126 -21.25 -9.43 -18.22
C ALA N 126 -22.47 -9.12 -19.08
N GLY N 127 -23.56 -9.87 -18.92
CA GLY N 127 -24.70 -9.72 -19.80
C GLY N 127 -24.65 -10.59 -21.03
N GLY N 128 -23.59 -11.36 -21.21
CA GLY N 128 -23.57 -12.32 -22.31
C GLY N 128 -24.69 -13.34 -22.17
N TRP N 129 -25.25 -13.73 -23.30
CA TRP N 129 -26.34 -14.70 -23.33
C TRP N 129 -26.06 -15.74 -24.40
N ASN N 130 -26.66 -16.91 -24.22
CA ASN N 130 -26.41 -18.02 -25.12
C ASN N 130 -27.62 -18.94 -25.13
N ILE N 131 -28.15 -19.20 -26.32
CA ILE N 131 -29.24 -20.17 -26.47
C ILE N 131 -28.65 -21.57 -26.49
N GLU N 132 -29.04 -22.40 -25.54
CA GLU N 132 -28.48 -23.73 -25.38
C GLU N 132 -29.10 -24.67 -26.40
N GLU N 133 -28.25 -25.32 -27.20
CA GLU N 133 -28.73 -26.20 -28.27
C GLU N 133 -28.57 -27.68 -27.94
N GLU N 134 -27.98 -28.01 -26.80
CA GLU N 134 -27.78 -29.42 -26.44
C GLU N 134 -28.74 -29.90 -25.37
N GLY N 135 -29.76 -29.11 -25.04
CA GLY N 135 -30.90 -29.65 -24.31
C GLY N 135 -31.07 -29.25 -22.86
N TYR N 136 -29.97 -29.16 -22.11
CA TYR N 136 -30.04 -28.87 -20.68
C TYR N 136 -29.02 -27.82 -20.31
N GLN N 137 -29.16 -27.28 -19.11
CA GLN N 137 -28.26 -26.24 -18.61
C GLN N 137 -28.55 -26.04 -17.13
N ALA N 138 -27.57 -25.49 -16.43
CA ALA N 138 -27.70 -25.23 -15.00
C ALA N 138 -26.86 -24.03 -14.62
N VAL N 139 -27.17 -23.46 -13.46
CA VAL N 139 -26.48 -22.29 -12.95
C VAL N 139 -26.40 -22.40 -11.44
N GLY N 140 -25.40 -21.76 -10.86
CA GLY N 140 -25.22 -21.74 -9.42
C GLY N 140 -24.04 -22.60 -8.98
N SER N 141 -23.82 -22.58 -7.66
CA SER N 141 -22.66 -23.23 -7.07
C SER N 141 -22.63 -24.74 -7.33
N GLY N 142 -23.76 -25.35 -7.68
CA GLY N 142 -23.79 -26.76 -7.97
C GLY N 142 -24.07 -27.06 -9.42
N SER N 143 -23.92 -26.05 -10.28
CA SER N 143 -24.32 -26.19 -11.68
C SER N 143 -23.48 -27.22 -12.42
N LEU N 144 -22.18 -27.33 -12.09
CA LEU N 144 -21.35 -28.28 -12.81
C LEU N 144 -21.73 -29.72 -12.49
N PHE N 145 -21.94 -30.02 -11.20
CA PHE N 145 -22.45 -31.33 -10.83
C PHE N 145 -23.74 -31.65 -11.60
N ALA N 146 -24.68 -30.69 -11.62
CA ALA N 146 -25.96 -30.92 -12.26
C ALA N 146 -25.80 -31.18 -13.75
N LYS N 147 -24.97 -30.36 -14.43
CA LYS N 147 -24.76 -30.54 -15.85
C LYS N 147 -24.11 -31.89 -16.15
N SER N 148 -23.14 -32.30 -15.34
CA SER N 148 -22.48 -33.58 -15.58
C SER N 148 -23.42 -34.75 -15.32
N SER N 149 -24.32 -34.62 -14.35
CA SER N 149 -25.32 -35.64 -14.11
C SER N 149 -26.32 -35.72 -15.28
N MET N 150 -26.85 -34.58 -15.69
CA MET N 150 -27.77 -34.57 -16.83
C MET N 150 -27.10 -35.08 -18.08
N LYS N 151 -25.80 -34.87 -18.23
CA LYS N 151 -25.08 -35.38 -19.40
C LYS N 151 -25.34 -36.88 -19.58
N LYS N 152 -25.35 -37.62 -18.48
CA LYS N 152 -25.57 -39.05 -18.52
C LYS N 152 -27.05 -39.44 -18.42
N LEU N 153 -27.87 -38.60 -17.82
CA LEU N 153 -29.29 -38.93 -17.63
C LEU N 153 -30.20 -38.43 -18.75
N TYR N 154 -29.68 -37.70 -19.73
CA TYR N 154 -30.55 -36.99 -20.66
C TYR N 154 -31.17 -37.89 -21.71
N SER N 155 -30.52 -39.00 -22.07
CA SER N 155 -31.11 -39.93 -23.03
C SER N 155 -32.41 -40.53 -22.52
N GLN N 156 -32.76 -40.31 -21.26
CA GLN N 156 -34.01 -40.82 -20.68
C GLN N 156 -35.16 -39.84 -20.81
N VAL N 157 -34.92 -38.62 -21.29
CA VAL N 157 -35.97 -37.61 -21.39
C VAL N 157 -36.74 -37.87 -22.68
N THR N 158 -38.00 -38.31 -22.54
CA THR N 158 -38.89 -38.49 -23.67
C THR N 158 -40.21 -37.77 -23.54
N ASP N 159 -40.59 -37.32 -22.34
CA ASP N 159 -41.84 -36.59 -22.14
C ASP N 159 -41.67 -35.70 -20.91
N GLY N 160 -42.79 -35.15 -20.43
CA GLY N 160 -42.73 -34.27 -19.28
C GLY N 160 -42.34 -34.99 -18.00
N ASP N 161 -42.93 -36.16 -17.76
CA ASP N 161 -42.61 -36.93 -16.55
C ASP N 161 -41.10 -37.19 -16.45
N SER N 162 -40.54 -37.84 -17.47
CA SER N 162 -39.13 -38.20 -17.42
C SER N 162 -38.24 -36.97 -17.35
N GLY N 163 -38.61 -35.90 -18.06
CA GLY N 163 -37.82 -34.68 -18.00
C GLY N 163 -37.79 -34.09 -16.60
N LEU N 164 -38.97 -33.96 -15.98
CA LEU N 164 -39.04 -33.44 -14.62
C LEU N 164 -38.23 -34.31 -13.66
N ARG N 165 -38.33 -35.64 -13.81
CA ARG N 165 -37.57 -36.52 -12.93
C ARG N 165 -36.08 -36.33 -13.10
N VAL N 166 -35.60 -36.22 -14.35
CA VAL N 166 -34.18 -35.95 -14.57
C VAL N 166 -33.78 -34.63 -13.94
N ALA N 167 -34.65 -33.62 -14.01
CA ALA N 167 -34.37 -32.34 -13.36
C ALA N 167 -34.16 -32.54 -11.86
N VAL N 168 -35.12 -33.21 -11.20
CA VAL N 168 -35.02 -33.40 -9.75
C VAL N 168 -33.77 -34.19 -9.40
N GLU N 169 -33.44 -35.22 -10.19
CA GLU N 169 -32.27 -36.03 -9.89
C GLU N 169 -30.98 -35.25 -10.07
N ALA N 170 -30.93 -34.37 -11.07
CA ALA N 170 -29.75 -33.52 -11.24
C ALA N 170 -29.59 -32.57 -10.06
N LEU N 171 -30.69 -31.95 -9.61
CA LEU N 171 -30.61 -31.16 -8.39
C LEU N 171 -30.16 -32.02 -7.21
N TYR N 172 -30.54 -33.30 -7.20
CA TYR N 172 -30.14 -34.19 -6.12
C TYR N 172 -28.63 -34.39 -6.10
N ASP N 173 -28.05 -34.71 -7.26
CA ASP N 173 -26.59 -34.83 -7.33
C ASP N 173 -25.92 -33.53 -6.91
N ALA N 174 -26.44 -32.40 -7.40
CA ALA N 174 -25.91 -31.10 -7.02
C ALA N 174 -25.84 -30.96 -5.50
N ALA N 175 -26.97 -31.14 -4.82
CA ALA N 175 -26.96 -31.03 -3.36
C ALA N 175 -26.03 -32.08 -2.74
N ASP N 176 -25.87 -33.22 -3.41
CA ASP N 176 -25.03 -34.28 -2.87
C ASP N 176 -23.57 -33.84 -2.81
N ASP N 177 -23.11 -33.06 -3.78
CA ASP N 177 -21.71 -32.66 -3.83
C ASP N 177 -21.45 -31.21 -3.42
N ASP N 178 -22.48 -30.37 -3.27
CA ASP N 178 -22.30 -28.96 -2.97
C ASP N 178 -23.17 -28.59 -1.78
N SER N 179 -22.53 -28.07 -0.72
CA SER N 179 -23.23 -27.78 0.53
C SER N 179 -24.11 -26.55 0.42
N ALA N 180 -23.88 -25.68 -0.56
CA ALA N 180 -24.72 -24.51 -0.74
C ALA N 180 -26.01 -24.81 -1.50
N THR N 181 -26.22 -26.06 -1.89
CA THR N 181 -27.44 -26.48 -2.59
C THR N 181 -28.19 -27.45 -1.69
N GLY N 182 -29.46 -27.14 -1.43
CA GLY N 182 -30.24 -27.93 -0.48
C GLY N 182 -30.87 -29.13 -1.13
N GLY N 183 -30.62 -30.30 -0.55
CA GLY N 183 -31.30 -31.50 -0.97
C GLY N 183 -32.69 -31.59 -0.37
N PRO N 184 -33.43 -32.62 -0.80
CA PRO N 184 -34.78 -32.82 -0.26
C PRO N 184 -34.75 -33.02 1.25
N ASP N 185 -35.72 -32.42 1.94
CA ASP N 185 -35.82 -32.45 3.38
C ASP N 185 -37.03 -33.30 3.75
N LEU N 186 -36.80 -34.58 4.05
CA LEU N 186 -37.90 -35.50 4.32
C LEU N 186 -38.50 -35.31 5.71
N VAL N 187 -37.82 -34.62 6.61
CA VAL N 187 -38.36 -34.36 7.94
C VAL N 187 -39.33 -33.19 7.90
N ARG N 188 -38.92 -32.08 7.28
CA ARG N 188 -39.78 -30.90 7.17
C ARG N 188 -40.74 -30.98 5.99
N GLY N 189 -40.49 -31.87 5.03
CA GLY N 189 -41.32 -31.96 3.85
C GLY N 189 -41.07 -30.87 2.83
N ILE N 190 -39.81 -30.48 2.63
CA ILE N 190 -39.45 -29.41 1.71
C ILE N 190 -38.68 -30.03 0.55
N PHE N 191 -39.03 -29.62 -0.66
CA PHE N 191 -38.45 -30.16 -1.87
C PHE N 191 -38.21 -29.03 -2.86
N PRO N 192 -37.40 -29.27 -3.89
CA PRO N 192 -37.13 -28.21 -4.88
C PRO N 192 -38.41 -27.76 -5.57
N THR N 193 -38.40 -26.51 -6.02
CA THR N 193 -39.50 -26.01 -6.83
C THR N 193 -39.25 -26.32 -8.31
N ALA N 194 -40.33 -26.36 -9.07
CA ALA N 194 -40.23 -26.68 -10.49
C ALA N 194 -41.39 -26.08 -11.26
N VAL N 195 -41.06 -25.51 -12.42
CA VAL N 195 -42.03 -24.98 -13.37
C VAL N 195 -41.93 -25.81 -14.64
N ILE N 196 -43.07 -26.02 -15.29
CA ILE N 196 -43.11 -26.72 -16.57
C ILE N 196 -43.86 -25.86 -17.58
N ILE N 197 -43.34 -25.81 -18.80
CA ILE N 197 -43.86 -24.93 -19.83
C ILE N 197 -44.09 -25.73 -21.10
N ASP N 198 -45.30 -25.65 -21.64
CA ASP N 198 -45.58 -26.20 -22.97
C ASP N 198 -46.53 -25.25 -23.68
N ALA N 199 -47.15 -25.73 -24.76
CA ALA N 199 -48.01 -24.85 -25.57
C ALA N 199 -49.14 -24.24 -24.76
N ASP N 200 -49.56 -24.88 -23.66
CA ASP N 200 -50.65 -24.39 -22.85
C ASP N 200 -50.20 -23.42 -21.77
N GLY N 201 -48.91 -23.11 -21.71
CA GLY N 201 -48.39 -22.10 -20.81
C GLY N 201 -47.36 -22.67 -19.84
N ALA N 202 -46.96 -21.82 -18.90
CA ALA N 202 -46.02 -22.17 -17.85
C ALA N 202 -46.80 -22.31 -16.54
N VAL N 203 -46.72 -23.48 -15.93
CA VAL N 203 -47.47 -23.80 -14.73
C VAL N 203 -46.51 -24.31 -13.66
N ASP N 204 -46.88 -24.04 -12.41
CA ASP N 204 -46.12 -24.56 -11.27
C ASP N 204 -46.37 -26.05 -11.11
N VAL N 205 -45.30 -26.82 -11.02
CA VAL N 205 -45.47 -28.24 -10.65
C VAL N 205 -45.94 -28.32 -9.21
N PRO N 206 -46.94 -29.13 -8.90
CA PRO N 206 -47.39 -29.25 -7.51
C PRO N 206 -46.33 -29.89 -6.62
N GLU N 207 -46.26 -29.38 -5.39
CA GLU N 207 -45.29 -29.86 -4.41
C GLU N 207 -45.27 -31.39 -4.33
N SER N 208 -46.47 -32.00 -4.28
CA SER N 208 -46.56 -33.44 -4.02
C SER N 208 -45.83 -34.25 -5.09
N ARG N 209 -45.94 -33.84 -6.36
CA ARG N 209 -45.28 -34.59 -7.42
C ARG N 209 -43.76 -34.57 -7.26
N ILE N 210 -43.20 -33.39 -6.95
CA ILE N 210 -41.77 -33.29 -6.68
C ILE N 210 -41.39 -34.17 -5.50
N ALA N 211 -42.19 -34.14 -4.43
CA ALA N 211 -41.89 -34.99 -3.28
C ALA N 211 -41.84 -36.46 -3.67
N GLU N 212 -42.79 -36.89 -4.50
CA GLU N 212 -42.81 -38.28 -4.95
C GLU N 212 -41.55 -38.63 -5.73
N LEU N 213 -41.22 -37.84 -6.75
CA LEU N 213 -40.01 -38.11 -7.53
C LEU N 213 -38.77 -38.11 -6.64
N ALA N 214 -38.71 -37.17 -5.70
CA ALA N 214 -37.58 -37.08 -4.78
C ALA N 214 -37.41 -38.38 -4.00
N ARG N 215 -38.48 -38.81 -3.32
CA ARG N 215 -38.39 -40.06 -2.56
C ARG N 215 -38.04 -41.24 -3.44
N ALA N 216 -38.51 -41.24 -4.70
CA ALA N 216 -38.14 -42.32 -5.62
C ALA N 216 -36.64 -42.32 -5.90
N ILE N 217 -36.05 -41.14 -6.09
CA ILE N 217 -34.61 -41.08 -6.32
C ILE N 217 -33.84 -41.51 -5.09
N ILE N 218 -34.26 -41.03 -3.91
CA ILE N 218 -33.61 -41.43 -2.66
C ILE N 218 -33.62 -42.94 -2.52
N GLU N 219 -34.81 -43.55 -2.67
CA GLU N 219 -34.91 -45.00 -2.54
C GLU N 219 -34.05 -45.70 -3.60
N SER N 220 -34.00 -45.14 -4.81
CA SER N 220 -33.15 -45.71 -5.85
C SER N 220 -31.70 -45.76 -5.40
N ARG N 221 -31.19 -44.66 -4.83
CA ARG N 221 -29.78 -44.61 -4.45
C ARG N 221 -29.46 -45.56 -3.31
N SER N 222 -30.38 -45.70 -2.35
CA SER N 222 -30.11 -46.46 -1.13
C SER N 222 -30.24 -47.96 -1.36
N GLY N 223 -30.17 -48.40 -2.63
CA GLY N 223 -30.30 -49.80 -2.96
C GLY N 223 -29.10 -50.38 -3.71
N MET O 1 58.97 -30.54 27.30
CA MET O 1 58.56 -29.25 26.76
C MET O 1 59.75 -28.55 26.13
N GLU O 2 60.91 -28.62 26.79
CA GLU O 2 62.15 -28.14 26.19
C GLU O 2 62.74 -29.18 25.24
N GLN O 3 62.52 -30.46 25.55
CA GLN O 3 62.89 -31.53 24.62
C GLN O 3 62.26 -31.29 23.25
N ALA O 4 60.95 -31.04 23.23
CA ALA O 4 60.24 -30.85 21.97
C ALA O 4 60.78 -29.66 21.19
N MET O 5 61.15 -28.58 21.89
CA MET O 5 61.65 -27.41 21.19
C MET O 5 63.06 -27.63 20.65
N ARG O 6 63.89 -28.38 21.36
CA ARG O 6 65.21 -28.72 20.81
C ARG O 6 65.07 -29.65 19.61
N GLU O 7 64.13 -30.59 19.66
CA GLU O 7 63.93 -31.49 18.53
C GLU O 7 63.41 -30.74 17.31
N ARG O 8 62.37 -29.92 17.50
CA ARG O 8 61.87 -29.09 16.40
C ARG O 8 62.98 -28.21 15.83
N SER O 9 63.70 -27.51 16.70
CA SER O 9 64.79 -26.66 16.24
C SER O 9 65.81 -27.44 15.42
N GLU O 10 66.12 -28.68 15.85
CA GLU O 10 67.11 -29.46 15.12
C GLU O 10 66.58 -29.95 13.78
N LEU O 11 65.30 -30.35 13.72
CA LEU O 11 64.74 -30.74 12.44
C LEU O 11 64.77 -29.58 11.44
N ALA O 12 64.43 -28.38 11.91
CA ALA O 12 64.49 -27.22 11.02
C ALA O 12 65.92 -26.91 10.60
N ARG O 13 66.85 -26.90 11.56
CA ARG O 13 68.24 -26.58 11.23
C ARG O 13 68.82 -27.59 10.23
N LYS O 14 68.58 -28.88 10.45
CA LYS O 14 69.03 -29.88 9.50
C LYS O 14 68.40 -29.67 8.14
N GLY O 15 67.09 -29.41 8.11
CA GLY O 15 66.44 -29.12 6.83
C GLY O 15 67.13 -28.02 6.07
N ILE O 16 67.41 -26.89 6.74
CA ILE O 16 67.99 -25.75 6.05
C ILE O 16 69.44 -26.04 5.64
N ALA O 17 70.21 -26.66 6.53
CA ALA O 17 71.61 -26.95 6.23
C ALA O 17 71.77 -27.92 5.07
N ARG O 18 70.70 -28.62 4.70
CA ARG O 18 70.74 -29.64 3.66
C ARG O 18 70.26 -29.13 2.30
N ALA O 19 69.84 -27.87 2.21
CA ALA O 19 69.24 -27.33 0.99
C ALA O 19 70.16 -26.31 0.34
N LYS O 20 69.89 -26.04 -0.93
CA LYS O 20 70.72 -25.13 -1.71
C LYS O 20 70.70 -23.72 -1.11
N SER O 21 71.75 -22.97 -1.38
CA SER O 21 71.96 -21.69 -0.72
C SER O 21 71.42 -20.53 -1.55
N VAL O 22 71.29 -19.38 -0.90
CA VAL O 22 70.77 -18.16 -1.52
C VAL O 22 71.48 -16.96 -0.89
N VAL O 23 71.74 -15.96 -1.72
CA VAL O 23 72.36 -14.72 -1.26
C VAL O 23 71.54 -13.55 -1.78
N ALA O 24 71.32 -12.57 -0.91
CA ALA O 24 70.76 -11.28 -1.31
C ALA O 24 71.73 -10.21 -0.83
N LEU O 25 72.08 -9.27 -1.72
CA LEU O 25 73.03 -8.23 -1.35
C LEU O 25 72.60 -6.90 -1.93
N ALA O 26 72.94 -5.84 -1.21
CA ALA O 26 72.66 -4.48 -1.68
C ALA O 26 73.70 -4.08 -2.71
N TYR O 27 73.25 -3.35 -3.74
CA TYR O 27 74.19 -2.80 -4.71
C TYR O 27 73.72 -1.43 -5.16
N ALA O 28 74.57 -0.76 -5.93
CA ALA O 28 74.33 0.64 -6.28
C ALA O 28 72.95 0.85 -6.90
N GLY O 29 72.43 -0.14 -7.62
CA GLY O 29 71.16 -0.02 -8.29
C GLY O 29 69.95 -0.54 -7.55
N GLY O 30 70.13 -1.12 -6.36
CA GLY O 30 69.03 -1.66 -5.60
C GLY O 30 69.44 -2.87 -4.79
N VAL O 31 68.74 -3.99 -4.97
CA VAL O 31 69.10 -5.23 -4.29
C VAL O 31 69.16 -6.35 -5.32
N LEU O 32 70.06 -7.31 -5.08
CA LEU O 32 70.30 -8.42 -5.98
C LEU O 32 70.09 -9.74 -5.24
N PHE O 33 69.21 -10.58 -5.78
CA PHE O 33 68.98 -11.93 -5.30
C PHE O 33 69.59 -12.93 -6.28
N VAL O 34 70.45 -13.81 -5.76
CA VAL O 34 71.09 -14.86 -6.54
C VAL O 34 70.99 -16.15 -5.74
N ALA O 35 70.42 -17.20 -6.35
CA ALA O 35 70.18 -18.46 -5.67
C ALA O 35 70.52 -19.63 -6.57
N GLU O 36 71.10 -20.67 -5.97
CA GLU O 36 71.25 -21.95 -6.65
C GLU O 36 69.88 -22.55 -6.91
N ASN O 37 69.53 -22.71 -8.18
CA ASN O 37 68.25 -23.32 -8.50
C ASN O 37 68.30 -24.01 -9.86
N PRO O 38 68.30 -25.35 -9.88
CA PRO O 38 68.36 -26.08 -11.14
C PRO O 38 67.04 -26.13 -11.89
N SER O 39 65.96 -25.62 -11.31
CA SER O 39 64.64 -25.75 -11.90
C SER O 39 64.40 -24.68 -12.96
N ARG O 40 63.55 -25.03 -13.94
CA ARG O 40 63.16 -24.09 -14.98
C ARG O 40 61.79 -23.47 -14.71
N SER O 41 61.08 -23.90 -13.68
CA SER O 41 59.75 -23.38 -13.40
C SER O 41 59.48 -23.07 -11.92
N LEU O 42 60.25 -23.62 -10.98
CA LEU O 42 59.98 -23.45 -9.56
C LEU O 42 60.92 -22.37 -9.01
N GLN O 43 60.34 -21.35 -8.40
CA GLN O 43 61.03 -20.10 -8.10
C GLN O 43 61.24 -19.95 -6.60
N LYS O 44 62.46 -19.58 -6.20
CA LYS O 44 62.81 -19.31 -4.81
C LYS O 44 62.79 -17.82 -4.48
N ILE O 45 62.94 -16.97 -5.48
CA ILE O 45 62.93 -15.52 -5.31
C ILE O 45 61.63 -15.00 -5.91
N SER O 46 61.04 -14.00 -5.27
CA SER O 46 59.71 -13.57 -5.69
C SER O 46 59.52 -12.10 -5.38
N GLU O 47 58.60 -11.49 -6.13
CA GLU O 47 58.09 -10.17 -5.82
C GLU O 47 57.05 -10.28 -4.72
N LEU O 48 57.16 -9.41 -3.71
CA LEU O 48 56.12 -9.27 -2.70
C LEU O 48 55.23 -8.06 -2.96
N TYR O 49 55.83 -6.88 -3.04
CA TYR O 49 55.08 -5.66 -3.29
C TYR O 49 55.95 -4.72 -4.11
N ASP O 50 55.38 -3.55 -4.42
CA ASP O 50 56.01 -2.62 -5.37
C ASP O 50 57.52 -2.51 -5.20
N ARG O 51 57.98 -2.24 -3.97
CA ARG O 51 59.41 -2.09 -3.71
C ARG O 51 59.94 -3.14 -2.75
N VAL O 52 59.23 -4.25 -2.57
CA VAL O 52 59.62 -5.24 -1.58
C VAL O 52 59.71 -6.61 -2.23
N GLY O 53 60.84 -7.28 -2.04
CA GLY O 53 61.11 -8.58 -2.60
C GLY O 53 61.38 -9.65 -1.57
N PHE O 54 61.28 -10.91 -1.99
CA PHE O 54 61.27 -12.08 -1.13
C PHE O 54 62.23 -13.13 -1.68
N ALA O 55 62.96 -13.80 -0.79
CA ALA O 55 63.82 -14.91 -1.19
C ALA O 55 63.82 -15.93 -0.07
N ALA O 56 63.84 -17.22 -0.43
CA ALA O 56 63.69 -18.27 0.57
C ALA O 56 64.62 -19.44 0.29
N ALA O 57 65.01 -20.14 1.36
CA ALA O 57 65.72 -21.40 1.27
C ALA O 57 65.04 -22.43 2.16
N GLY O 58 65.05 -23.68 1.71
CA GLY O 58 64.42 -24.77 2.45
C GLY O 58 63.49 -25.61 1.62
N LYS O 59 62.45 -26.15 2.26
CA LYS O 59 61.46 -26.96 1.56
C LYS O 59 60.55 -26.07 0.73
N PHE O 60 60.34 -26.45 -0.54
CA PHE O 60 59.68 -25.56 -1.47
C PHE O 60 58.23 -25.28 -1.07
N ASN O 61 57.44 -26.32 -0.81
CA ASN O 61 56.04 -26.09 -0.49
C ASN O 61 55.88 -25.16 0.70
N GLU O 62 56.83 -25.18 1.63
CA GLU O 62 56.68 -24.41 2.87
C GLU O 62 57.02 -22.94 2.66
N PHE O 63 58.13 -22.62 2.00
CA PHE O 63 58.38 -21.22 1.74
C PHE O 63 57.53 -20.68 0.60
N ASP O 64 56.90 -21.55 -0.20
CA ASP O 64 55.92 -21.09 -1.17
C ASP O 64 54.62 -20.73 -0.46
N ASN O 65 54.18 -21.55 0.51
CA ASN O 65 53.09 -21.13 1.37
C ASN O 65 53.39 -19.77 2.01
N LEU O 66 54.56 -19.65 2.66
CA LEU O 66 54.89 -18.38 3.31
C LEU O 66 54.94 -17.22 2.30
N ARG O 67 55.42 -17.48 1.09
CA ARG O 67 55.45 -16.45 0.07
C ARG O 67 54.05 -15.98 -0.29
N ARG O 68 53.14 -16.93 -0.55
CA ARG O 68 51.77 -16.59 -0.89
C ARG O 68 51.10 -15.83 0.26
N GLY O 69 51.33 -16.26 1.49
CA GLY O 69 50.79 -15.53 2.63
C GLY O 69 51.30 -14.10 2.68
N GLY O 70 52.57 -13.91 2.34
CA GLY O 70 53.13 -12.56 2.35
C GLY O 70 52.55 -11.67 1.27
N ILE O 71 52.30 -12.24 0.09
CA ILE O 71 51.64 -11.47 -0.96
C ILE O 71 50.22 -11.11 -0.54
N GLN O 72 49.48 -12.09 -0.02
CA GLN O 72 48.16 -11.84 0.53
C GLN O 72 48.18 -10.65 1.50
N PHE O 73 49.11 -10.69 2.46
CA PHE O 73 49.23 -9.61 3.43
C PHE O 73 49.47 -8.27 2.75
N ALA O 74 50.53 -8.21 1.92
CA ALA O 74 50.89 -6.95 1.29
C ALA O 74 49.72 -6.35 0.52
N ASP O 75 49.05 -7.17 -0.32
CA ASP O 75 47.95 -6.66 -1.12
C ASP O 75 46.80 -6.18 -0.24
N THR O 76 46.42 -6.99 0.76
CA THR O 76 45.33 -6.57 1.63
C THR O 76 45.63 -5.23 2.28
N ARG O 77 46.83 -5.01 2.75
CA ARG O 77 47.17 -3.73 3.32
C ARG O 77 47.22 -2.58 2.39
N GLY O 78 47.83 -2.77 1.24
CA GLY O 78 47.79 -1.73 0.24
C GLY O 78 46.38 -1.34 -0.14
N TYR O 79 45.46 -2.30 -0.16
CA TYR O 79 44.08 -1.99 -0.51
C TYR O 79 43.36 -1.28 0.63
N ALA O 80 43.49 -1.79 1.86
CA ALA O 80 42.81 -1.19 3.00
C ALA O 80 43.37 0.17 3.37
N TYR O 81 44.60 0.48 2.96
CA TYR O 81 45.20 1.77 3.24
C TYR O 81 45.64 2.36 1.91
N ASP O 82 46.92 2.65 1.73
CA ASP O 82 47.46 3.03 0.44
C ASP O 82 48.66 2.15 0.13
N ARG O 83 49.04 2.11 -1.14
CA ARG O 83 50.19 1.29 -1.55
C ARG O 83 51.44 1.66 -0.74
N ARG O 84 51.74 2.95 -0.63
CA ARG O 84 52.99 3.35 0.02
C ARG O 84 52.98 3.13 1.53
N ASP O 85 51.90 2.61 2.11
CA ASP O 85 51.88 2.22 3.51
C ASP O 85 52.46 0.84 3.75
N VAL O 86 52.60 0.04 2.69
CA VAL O 86 53.23 -1.27 2.80
C VAL O 86 54.74 -1.08 2.80
N THR O 87 55.42 -1.66 3.79
CA THR O 87 56.86 -1.51 3.94
C THR O 87 57.52 -2.87 4.10
N GLY O 88 58.83 -2.90 3.84
CA GLY O 88 59.59 -4.11 4.07
C GLY O 88 59.59 -4.52 5.53
N ARG O 89 59.88 -3.57 6.43
CA ARG O 89 59.86 -3.88 7.85
C ARG O 89 58.54 -4.54 8.26
N GLN O 90 57.42 -4.06 7.71
CA GLN O 90 56.13 -4.66 8.02
C GLN O 90 56.11 -6.14 7.67
N LEU O 91 56.48 -6.47 6.43
CA LEU O 91 56.43 -7.87 5.99
C LEU O 91 57.39 -8.73 6.78
N ALA O 92 58.57 -8.19 7.12
CA ALA O 92 59.47 -8.92 8.00
C ALA O 92 58.81 -9.19 9.35
N ASN O 93 58.15 -8.19 9.91
CA ASN O 93 57.41 -8.35 11.16
C ASN O 93 56.40 -9.49 11.05
N VAL O 94 55.58 -9.47 10.01
CA VAL O 94 54.55 -10.48 9.85
C VAL O 94 55.17 -11.86 9.69
N TYR O 95 56.31 -11.94 8.99
CA TYR O 95 56.98 -13.23 8.86
C TYR O 95 57.55 -13.71 10.18
N ALA O 96 58.00 -12.79 11.03
CA ALA O 96 58.44 -13.19 12.37
C ALA O 96 57.28 -13.78 13.17
N GLN O 97 56.18 -13.03 13.26
CA GLN O 97 54.99 -13.52 13.95
C GLN O 97 54.58 -14.90 13.41
N THR O 98 54.51 -15.01 12.08
CA THR O 98 54.02 -16.23 11.45
C THR O 98 54.94 -17.41 11.72
N LEU O 99 56.23 -17.25 11.49
CA LEU O 99 57.15 -18.37 11.67
C LEU O 99 57.30 -18.75 13.15
N GLY O 100 57.13 -17.79 14.05
CA GLY O 100 57.06 -18.16 15.47
C GLY O 100 55.86 -19.04 15.76
N THR O 101 54.68 -18.62 15.28
CA THR O 101 53.49 -19.43 15.49
C THR O 101 53.64 -20.82 14.89
N ILE O 102 54.13 -20.91 13.64
CA ILE O 102 54.33 -22.21 13.01
C ILE O 102 55.30 -23.05 13.83
N PHE O 103 56.47 -22.51 14.11
CA PHE O 103 57.50 -23.25 14.82
C PHE O 103 56.97 -23.82 16.13
N THR O 104 56.11 -23.08 16.83
CA THR O 104 55.69 -23.52 18.15
C THR O 104 54.41 -24.34 18.16
N GLU O 105 53.53 -24.20 17.16
CA GLU O 105 52.23 -24.87 17.17
C GLU O 105 52.01 -25.84 16.02
N GLN O 106 52.70 -25.67 14.90
CA GLN O 106 52.47 -26.52 13.74
C GLN O 106 52.89 -27.96 14.04
N ALA O 107 52.25 -28.90 13.35
CA ALA O 107 52.61 -30.32 13.49
C ALA O 107 54.10 -30.52 13.32
N LYS O 108 54.66 -29.98 12.23
CA LYS O 108 56.08 -29.98 11.99
C LYS O 108 56.54 -28.56 11.71
N PRO O 109 57.64 -28.11 12.31
CA PRO O 109 58.14 -26.77 12.00
C PRO O 109 58.51 -26.65 10.54
N TYR O 110 58.32 -25.46 9.99
CA TYR O 110 58.76 -25.22 8.62
C TYR O 110 60.28 -25.20 8.56
N GLU O 111 60.83 -25.89 7.55
CA GLU O 111 62.28 -25.92 7.32
C GLU O 111 62.59 -24.87 6.27
N VAL O 112 62.57 -23.60 6.70
CA VAL O 112 62.68 -22.48 5.79
C VAL O 112 63.49 -21.37 6.43
N GLU O 113 64.02 -20.49 5.58
CA GLU O 113 64.70 -19.28 6.01
C GLU O 113 64.41 -18.22 4.96
N LEU O 114 63.93 -17.05 5.42
CA LEU O 114 63.38 -16.02 4.55
C LEU O 114 64.22 -14.76 4.60
N CYS O 115 64.32 -14.09 3.47
CA CYS O 115 64.85 -12.73 3.39
C CYS O 115 63.80 -11.84 2.74
N VAL O 116 63.50 -10.72 3.40
CA VAL O 116 62.69 -9.66 2.83
C VAL O 116 63.58 -8.46 2.60
N ALA O 117 63.55 -7.92 1.38
CA ALA O 117 64.34 -6.74 1.05
C ALA O 117 63.42 -5.62 0.56
N GLU O 118 63.83 -4.38 0.81
CA GLU O 118 63.11 -3.22 0.29
C GLU O 118 64.11 -2.20 -0.24
N VAL O 119 63.76 -1.61 -1.39
CA VAL O 119 64.56 -0.53 -1.97
C VAL O 119 63.73 0.75 -1.94
N ALA O 120 64.40 1.87 -2.20
CA ALA O 120 63.73 3.16 -2.15
C ALA O 120 62.72 3.28 -3.29
N HIS O 121 61.75 4.18 -3.10
CA HIS O 121 60.79 4.47 -4.14
C HIS O 121 61.43 5.36 -5.21
N TYR O 122 60.89 5.29 -6.42
CA TYR O 122 61.49 5.98 -7.56
C TYR O 122 61.77 7.43 -7.21
N GLY O 123 63.00 7.86 -7.51
CA GLY O 123 63.43 9.22 -7.28
C GLY O 123 63.93 9.53 -5.88
N GLU O 124 63.68 8.65 -4.91
CA GLU O 124 64.05 8.90 -3.52
C GLU O 124 65.42 8.30 -3.20
N THR O 125 66.12 8.94 -2.28
CA THR O 125 67.44 8.51 -1.84
C THR O 125 67.29 7.85 -0.48
N LYS O 126 67.17 6.52 -0.47
CA LYS O 126 67.04 5.73 0.74
C LYS O 126 67.84 4.45 0.55
N ARG O 127 68.62 4.08 1.56
CA ARG O 127 69.43 2.87 1.44
C ARG O 127 68.55 1.63 1.51
N PRO O 128 68.96 0.55 0.82
CA PRO O 128 68.16 -0.68 0.87
C PRO O 128 68.13 -1.28 2.26
N GLU O 129 67.03 -1.97 2.56
CA GLU O 129 66.87 -2.69 3.81
C GLU O 129 66.81 -4.18 3.54
N LEU O 130 67.53 -4.95 4.35
CA LEU O 130 67.54 -6.40 4.25
C LEU O 130 67.21 -7.01 5.60
N TYR O 131 66.23 -7.91 5.62
CA TYR O 131 65.82 -8.61 6.83
C TYR O 131 65.89 -10.11 6.60
N ARG O 132 66.37 -10.82 7.61
CA ARG O 132 66.40 -12.28 7.62
C ARG O 132 65.50 -12.79 8.75
N ILE O 133 64.60 -13.71 8.42
CA ILE O 133 63.73 -14.34 9.39
C ILE O 133 64.01 -15.84 9.36
N THR O 134 64.41 -16.40 10.50
CA THR O 134 64.74 -17.81 10.58
C THR O 134 63.50 -18.64 10.95
N TYR O 135 63.70 -19.95 11.05
CA TYR O 135 62.58 -20.88 11.16
C TYR O 135 61.78 -20.70 12.44
N ASP O 136 62.30 -19.99 13.44
CA ASP O 136 61.64 -19.89 14.73
C ASP O 136 61.19 -18.46 15.05
N GLY O 137 61.05 -17.61 14.04
CA GLY O 137 60.58 -16.26 14.28
C GLY O 137 61.63 -15.27 14.74
N SER O 138 62.88 -15.70 14.89
CA SER O 138 63.94 -14.73 15.12
C SER O 138 64.16 -13.92 13.85
N ILE O 139 64.35 -12.61 14.03
CA ILE O 139 64.44 -11.69 12.91
C ILE O 139 65.67 -10.82 13.10
N ALA O 140 66.40 -10.59 12.00
CA ALA O 140 67.68 -9.91 12.01
C ALA O 140 67.68 -8.85 10.93
N ASP O 141 68.14 -7.65 11.29
CA ASP O 141 68.25 -6.52 10.37
C ASP O 141 69.70 -6.41 9.92
N GLU O 142 69.95 -6.59 8.62
CA GLU O 142 71.33 -6.66 8.16
C GLU O 142 71.64 -5.59 7.13
N PRO O 143 72.85 -5.03 7.13
CA PRO O 143 73.13 -3.82 6.36
C PRO O 143 73.66 -4.03 4.96
N HIS O 144 74.29 -5.17 4.70
CA HIS O 144 74.96 -5.31 3.41
C HIS O 144 74.54 -6.56 2.64
N PHE O 145 74.34 -7.68 3.31
CA PHE O 145 74.03 -8.92 2.62
C PHE O 145 73.42 -9.91 3.60
N VAL O 146 72.79 -10.94 3.03
CA VAL O 146 72.23 -12.04 3.80
C VAL O 146 72.42 -13.31 2.99
N VAL O 147 72.72 -14.41 3.68
CA VAL O 147 72.93 -15.71 3.07
C VAL O 147 72.13 -16.72 3.85
N MET O 148 71.47 -17.63 3.12
CA MET O 148 70.55 -18.59 3.73
C MET O 148 70.71 -19.96 3.09
N GLY O 149 70.59 -21.00 3.90
CA GLY O 149 70.55 -22.36 3.39
C GLY O 149 71.89 -23.06 3.26
N GLY O 150 71.93 -24.32 3.67
CA GLY O 150 73.14 -25.12 3.49
C GLY O 150 74.27 -24.64 4.39
N THR O 151 75.49 -24.73 3.86
CA THR O 151 76.68 -24.26 4.57
C THR O 151 76.88 -22.78 4.25
N THR O 152 76.66 -21.92 5.26
CA THR O 152 76.66 -20.49 5.06
C THR O 152 77.99 -19.81 5.37
N GLU O 153 78.78 -20.35 6.31
CA GLU O 153 80.04 -19.71 6.70
C GLU O 153 80.91 -19.38 5.50
N PRO O 154 81.36 -20.35 4.70
CA PRO O 154 82.22 -20.03 3.54
C PRO O 154 81.66 -18.90 2.68
N ILE O 155 80.36 -18.96 2.35
CA ILE O 155 79.74 -17.90 1.58
C ILE O 155 79.80 -16.58 2.35
N ALA O 156 79.42 -16.63 3.63
CA ALA O 156 79.41 -15.42 4.44
C ALA O 156 80.75 -14.70 4.39
N ASN O 157 81.81 -15.35 4.85
CA ASN O 157 83.11 -14.68 4.88
C ASN O 157 83.60 -14.35 3.47
N ALA O 158 83.25 -15.16 2.48
CA ALA O 158 83.53 -14.78 1.10
C ALA O 158 83.00 -13.39 0.79
N LEU O 159 81.74 -13.12 1.18
CA LEU O 159 81.15 -11.81 0.91
C LEU O 159 81.74 -10.73 1.81
N LYS O 160 81.96 -11.03 3.09
CA LYS O 160 82.56 -10.04 3.98
C LYS O 160 83.91 -9.58 3.45
N GLU O 161 84.67 -10.49 2.84
CA GLU O 161 85.93 -10.10 2.21
C GLU O 161 85.69 -9.37 0.90
N SER O 162 84.67 -9.77 0.15
CA SER O 162 84.48 -9.33 -1.22
C SER O 162 83.46 -8.22 -1.39
N TYR O 163 82.72 -7.85 -0.35
CA TYR O 163 81.61 -6.92 -0.52
C TYR O 163 82.11 -5.48 -0.55
N ALA O 164 81.67 -4.74 -1.55
CA ALA O 164 81.92 -3.31 -1.66
C ALA O 164 80.57 -2.59 -1.81
N GLU O 165 80.32 -1.61 -0.95
CA GLU O 165 79.07 -0.87 -1.01
C GLU O 165 78.95 -0.16 -2.36
N ASN O 166 77.74 -0.15 -2.91
CA ASN O 166 77.44 0.58 -4.13
C ASN O 166 78.21 0.02 -5.32
N ALA O 167 78.50 -1.27 -5.30
CA ALA O 167 79.13 -1.90 -6.44
C ALA O 167 78.17 -1.91 -7.63
N SER O 168 78.73 -2.18 -8.81
CA SER O 168 77.91 -2.24 -10.01
C SER O 168 77.06 -3.51 -10.01
N LEU O 169 76.10 -3.55 -10.94
CA LEU O 169 75.26 -4.74 -11.08
C LEU O 169 76.10 -5.94 -11.49
N THR O 170 76.90 -5.79 -12.55
CA THR O 170 77.73 -6.91 -13.01
C THR O 170 78.75 -7.31 -11.95
N ASP O 171 79.39 -6.33 -11.30
CA ASP O 171 80.31 -6.64 -10.22
C ASP O 171 79.60 -7.39 -9.09
N ALA O 172 78.45 -6.88 -8.66
CA ALA O 172 77.73 -7.51 -7.56
C ALA O 172 77.33 -8.93 -7.89
N LEU O 173 76.87 -9.17 -9.13
CA LEU O 173 76.52 -10.53 -9.53
C LEU O 173 77.75 -11.43 -9.56
N ARG O 174 78.88 -10.90 -10.04
CA ARG O 174 80.11 -11.70 -10.09
C ARG O 174 80.54 -12.12 -8.68
N ILE O 175 80.76 -11.13 -7.80
CA ILE O 175 81.18 -11.47 -6.44
C ILE O 175 80.11 -12.29 -5.73
N ALA O 176 78.86 -12.21 -6.18
CA ALA O 176 77.80 -13.05 -5.62
C ALA O 176 78.01 -14.51 -5.99
N VAL O 177 78.04 -14.81 -7.29
CA VAL O 177 78.23 -16.19 -7.72
C VAL O 177 79.53 -16.75 -7.16
N ALA O 178 80.58 -15.93 -7.14
CA ALA O 178 81.83 -16.35 -6.52
C ALA O 178 81.63 -16.75 -5.08
N ALA O 179 81.06 -15.86 -4.27
CA ALA O 179 80.81 -16.19 -2.86
C ALA O 179 79.95 -17.43 -2.73
N LEU O 180 79.08 -17.70 -3.70
CA LEU O 180 78.27 -18.91 -3.65
C LEU O 180 79.12 -20.16 -3.87
N ARG O 181 80.07 -20.10 -4.80
CA ARG O 181 80.89 -21.27 -5.07
C ARG O 181 81.66 -21.74 -3.84
N ALA O 182 82.06 -20.80 -2.97
CA ALA O 182 82.77 -21.18 -1.76
C ALA O 182 81.94 -22.05 -0.83
N GLY O 183 80.62 -22.14 -1.04
CA GLY O 183 79.74 -22.82 -0.11
C GLY O 183 79.67 -24.32 -0.27
N SER O 184 79.39 -24.79 -1.48
CA SER O 184 79.29 -26.22 -1.74
C SER O 184 80.10 -26.61 -2.98
N THR O 194 81.52 -24.12 -11.50
CA THR O 194 80.50 -25.14 -11.68
C THR O 194 79.10 -24.56 -11.45
N LEU O 195 78.94 -23.26 -11.72
CA LEU O 195 77.67 -22.57 -11.55
C LEU O 195 77.45 -21.64 -12.74
N GLY O 196 76.33 -21.85 -13.45
CA GLY O 196 76.02 -21.04 -14.60
C GLY O 196 74.53 -20.73 -14.76
N VAL O 197 74.15 -20.22 -15.93
CA VAL O 197 72.75 -19.83 -16.14
C VAL O 197 71.82 -21.02 -15.99
N ALA O 198 72.28 -22.22 -16.36
CA ALA O 198 71.42 -23.40 -16.29
C ALA O 198 71.07 -23.80 -14.85
N SER O 199 71.74 -23.22 -13.85
CA SER O 199 71.53 -23.61 -12.47
C SER O 199 71.38 -22.40 -11.54
N LEU O 200 70.96 -21.25 -12.07
CA LEU O 200 70.89 -20.03 -11.28
C LEU O 200 69.52 -19.37 -11.43
N GLU O 201 69.01 -18.84 -10.33
CA GLU O 201 67.86 -17.95 -10.34
C GLU O 201 68.34 -16.60 -9.82
N VAL O 202 68.09 -15.54 -10.60
CA VAL O 202 68.59 -14.21 -10.28
C VAL O 202 67.52 -13.18 -10.57
N ALA O 203 67.47 -12.14 -9.74
CA ALA O 203 66.50 -11.06 -9.93
C ALA O 203 66.93 -9.88 -9.08
N VAL O 204 66.44 -8.69 -9.44
CA VAL O 204 66.82 -7.49 -8.72
C VAL O 204 65.57 -6.72 -8.31
N LEU O 205 65.68 -6.04 -7.16
CA LEU O 205 64.86 -4.88 -6.82
C LEU O 205 65.58 -3.68 -7.41
N ASP O 206 65.06 -3.18 -8.53
CA ASP O 206 65.68 -2.10 -9.29
C ASP O 206 65.07 -0.78 -8.84
N ALA O 207 65.78 -0.08 -7.95
CA ALA O 207 65.29 1.19 -7.43
C ALA O 207 65.07 2.24 -8.53
N ASN O 208 65.49 1.97 -9.76
CA ASN O 208 65.30 2.92 -10.85
C ASN O 208 64.00 2.73 -11.60
N ARG O 209 63.25 1.67 -11.33
CA ARG O 209 61.98 1.53 -12.02
C ARG O 209 60.91 2.39 -11.35
N PRO O 210 59.92 2.85 -12.11
CA PRO O 210 58.95 3.81 -11.55
C PRO O 210 58.12 3.21 -10.42
N ARG O 211 57.51 2.04 -10.63
CA ARG O 211 56.68 1.45 -9.58
C ARG O 211 57.16 0.06 -9.17
N ARG O 212 56.83 -0.96 -9.95
CA ARG O 212 57.18 -2.33 -9.60
C ARG O 212 58.67 -2.55 -9.85
N ALA O 213 59.45 -2.67 -8.78
CA ALA O 213 60.90 -2.71 -8.87
C ALA O 213 61.46 -4.09 -9.11
N PHE O 214 60.66 -5.14 -8.98
CA PHE O 214 61.16 -6.51 -9.11
C PHE O 214 61.26 -6.90 -10.57
N ARG O 215 62.44 -7.36 -10.99
CA ARG O 215 62.59 -7.89 -12.34
C ARG O 215 63.62 -9.01 -12.34
N ARG O 216 63.28 -10.10 -13.03
CA ARG O 216 64.17 -11.23 -13.17
C ARG O 216 65.18 -10.98 -14.29
N ILE O 217 66.21 -11.84 -14.32
CA ILE O 217 67.29 -11.75 -15.30
C ILE O 217 67.57 -13.18 -15.77
N THR O 218 67.03 -13.53 -16.94
CA THR O 218 67.07 -14.91 -17.42
C THR O 218 67.53 -14.96 -18.86
N GLY O 219 68.23 -16.04 -19.19
CA GLY O 219 68.46 -16.39 -20.58
C GLY O 219 69.52 -15.53 -21.23
N SER O 220 69.18 -14.99 -22.41
CA SER O 220 70.11 -14.13 -23.13
C SER O 220 70.66 -13.01 -22.24
N ALA O 221 69.79 -12.43 -21.40
CA ALA O 221 70.22 -11.31 -20.57
C ALA O 221 71.18 -11.76 -19.48
N LEU O 222 70.86 -12.86 -18.80
CA LEU O 222 71.73 -13.35 -17.72
C LEU O 222 73.08 -13.80 -18.28
N GLN O 223 73.07 -14.57 -19.36
CA GLN O 223 74.31 -14.98 -20.00
C GLN O 223 75.11 -13.75 -20.43
N ALA O 224 74.45 -12.78 -21.07
CA ALA O 224 75.12 -11.55 -21.44
C ALA O 224 75.78 -10.90 -20.24
N LEU O 225 75.13 -10.95 -19.07
CA LEU O 225 75.74 -10.36 -17.88
C LEU O 225 76.91 -11.19 -17.34
N LEU O 226 77.33 -12.25 -18.03
CA LEU O 226 78.50 -13.02 -17.63
C LEU O 226 79.17 -13.65 -18.84
N MET P 1 52.24 -32.63 35.29
CA MET P 1 51.74 -31.27 35.30
C MET P 1 52.74 -30.34 35.98
N GLU P 2 53.23 -30.74 37.16
CA GLU P 2 54.27 -29.95 37.83
C GLU P 2 55.53 -29.91 36.99
N GLN P 3 55.87 -31.03 36.35
CA GLN P 3 57.04 -31.07 35.48
C GLN P 3 56.88 -30.11 34.31
N ALA P 4 55.75 -30.18 33.61
CA ALA P 4 55.50 -29.29 32.49
C ALA P 4 55.71 -27.83 32.88
N MET P 5 55.13 -27.43 34.02
CA MET P 5 55.22 -26.04 34.43
C MET P 5 56.65 -25.67 34.81
N ARG P 6 57.38 -26.58 35.45
CA ARG P 6 58.78 -26.29 35.77
C ARG P 6 59.59 -26.09 34.49
N GLU P 7 59.40 -26.98 33.50
CA GLU P 7 60.11 -26.83 32.23
C GLU P 7 59.73 -25.54 31.52
N ARG P 8 58.47 -25.12 31.64
CA ARG P 8 58.08 -23.83 31.05
C ARG P 8 58.79 -22.68 31.74
N SER P 9 58.83 -22.69 33.07
CA SER P 9 59.57 -21.65 33.79
C SER P 9 61.04 -21.66 33.39
N GLU P 10 61.60 -22.84 33.14
CA GLU P 10 63.02 -22.92 32.79
C GLU P 10 63.27 -22.37 31.40
N LEU P 11 62.44 -22.77 30.43
CA LEU P 11 62.60 -22.25 29.08
C LEU P 11 62.46 -20.74 29.06
N ALA P 12 61.45 -20.22 29.75
CA ALA P 12 61.28 -18.77 29.81
C ALA P 12 62.51 -18.11 30.42
N ARG P 13 62.93 -18.57 31.60
CA ARG P 13 64.04 -17.94 32.29
C ARG P 13 65.31 -17.96 31.45
N LYS P 14 65.69 -19.14 30.96
CA LYS P 14 66.89 -19.25 30.14
C LYS P 14 66.80 -18.32 28.92
N GLY P 15 65.66 -18.35 28.23
CA GLY P 15 65.48 -17.46 27.09
C GLY P 15 65.75 -16.01 27.44
N ILE P 16 65.16 -15.53 28.54
CA ILE P 16 65.33 -14.12 28.91
C ILE P 16 66.77 -13.85 29.30
N ALA P 17 67.44 -14.80 29.95
CA ALA P 17 68.83 -14.60 30.36
C ALA P 17 69.74 -14.40 29.15
N ARG P 18 69.42 -15.01 28.01
CA ARG P 18 70.24 -14.89 26.81
C ARG P 18 69.93 -13.64 26.00
N ALA P 19 69.03 -12.78 26.45
CA ALA P 19 68.64 -11.58 25.72
C ALA P 19 69.38 -10.36 26.26
N LYS P 20 69.37 -9.30 25.47
CA LYS P 20 70.00 -8.06 25.87
C LYS P 20 69.14 -7.33 26.91
N SER P 21 69.77 -6.39 27.61
CA SER P 21 69.19 -5.81 28.82
C SER P 21 68.57 -4.45 28.55
N VAL P 22 67.56 -4.12 29.37
CA VAL P 22 66.80 -2.89 29.25
C VAL P 22 66.60 -2.29 30.64
N VAL P 23 66.71 -0.98 30.75
CA VAL P 23 66.48 -0.29 32.01
C VAL P 23 65.50 0.85 31.80
N ALA P 24 64.75 1.17 32.86
CA ALA P 24 63.87 2.32 32.89
C ALA P 24 64.05 3.04 34.21
N LEU P 25 64.29 4.34 34.16
CA LEU P 25 64.64 5.16 35.32
C LEU P 25 63.61 6.27 35.49
N ALA P 26 63.16 6.47 36.73
CA ALA P 26 62.39 7.67 37.04
C ALA P 26 63.34 8.83 37.24
N TYR P 27 63.04 9.99 36.64
CA TYR P 27 63.89 11.16 36.79
C TYR P 27 63.02 12.41 36.76
N ALA P 28 63.67 13.56 37.01
CA ALA P 28 62.95 14.81 37.24
C ALA P 28 62.05 15.18 36.08
N GLY P 29 62.40 14.78 34.86
CA GLY P 29 61.64 15.11 33.67
C GLY P 29 60.65 14.06 33.21
N GLY P 30 60.49 12.97 33.96
CA GLY P 30 59.60 11.90 33.55
C GLY P 30 60.21 10.53 33.75
N VAL P 31 60.19 9.70 32.72
CA VAL P 31 60.80 8.37 32.79
C VAL P 31 61.68 8.16 31.58
N LEU P 32 62.81 7.48 31.79
CA LEU P 32 63.81 7.22 30.76
C LEU P 32 63.88 5.73 30.45
N PHE P 33 63.85 5.40 29.16
CA PHE P 33 63.98 4.04 28.65
C PHE P 33 65.31 3.94 27.90
N VAL P 34 66.17 3.02 28.34
CA VAL P 34 67.45 2.77 27.70
C VAL P 34 67.58 1.26 27.49
N ALA P 35 67.55 0.84 26.23
CA ALA P 35 67.73 -0.55 25.88
C ALA P 35 68.98 -0.72 25.01
N GLU P 36 69.72 -1.80 25.25
CA GLU P 36 70.88 -2.15 24.43
C GLU P 36 70.37 -2.80 23.15
N ASN P 37 70.41 -2.06 22.04
CA ASN P 37 69.76 -2.52 20.82
C ASN P 37 70.54 -2.11 19.57
N PRO P 38 71.05 -3.07 18.80
CA PRO P 38 71.80 -2.73 17.58
C PRO P 38 70.98 -2.60 16.31
N SER P 39 69.66 -2.80 16.36
CA SER P 39 68.87 -2.75 15.14
C SER P 39 68.49 -1.31 14.79
N ARG P 40 68.43 -1.04 13.49
CA ARG P 40 68.03 0.28 13.02
C ARG P 40 66.54 0.51 13.21
N SER P 41 65.72 -0.47 12.81
CA SER P 41 64.29 -0.27 12.69
C SER P 41 63.44 -1.16 13.58
N LEU P 42 64.01 -2.17 14.22
CA LEU P 42 63.27 -3.03 15.13
C LEU P 42 63.37 -2.49 16.55
N GLN P 43 62.23 -2.29 17.20
CA GLN P 43 62.14 -1.49 18.41
C GLN P 43 61.75 -2.33 19.62
N LYS P 44 62.39 -2.04 20.76
CA LYS P 44 62.08 -2.66 22.04
C LYS P 44 61.25 -1.76 22.95
N ILE P 45 61.23 -0.45 22.69
CA ILE P 45 60.55 0.54 23.52
C ILE P 45 59.50 1.21 22.65
N SER P 46 58.29 1.37 23.19
CA SER P 46 57.20 1.87 22.37
C SER P 46 56.23 2.70 23.21
N GLU P 47 55.43 3.50 22.50
CA GLU P 47 54.34 4.24 23.11
C GLU P 47 53.12 3.33 23.26
N LEU P 48 52.50 3.38 24.43
CA LEU P 48 51.24 2.69 24.67
C LEU P 48 50.05 3.64 24.66
N TYR P 49 50.10 4.69 25.48
CA TYR P 49 49.04 5.68 25.51
C TYR P 49 49.65 7.03 25.87
N ASP P 50 48.80 8.06 25.91
CA ASP P 50 49.24 9.44 26.06
C ASP P 50 50.43 9.59 27.01
N ARG P 51 50.31 9.04 28.21
CA ARG P 51 51.36 9.15 29.21
C ARG P 51 51.91 7.79 29.65
N VAL P 52 51.65 6.73 28.90
CA VAL P 52 52.05 5.39 29.28
C VAL P 52 52.97 4.81 28.21
N GLY P 53 54.15 4.37 28.62
CA GLY P 53 55.12 3.76 27.75
C GLY P 53 55.44 2.32 28.15
N PHE P 54 56.09 1.62 27.23
CA PHE P 54 56.28 0.18 27.29
C PHE P 54 57.72 -0.16 26.92
N ALA P 55 58.30 -1.14 27.60
CA ALA P 55 59.63 -1.61 27.24
C ALA P 55 59.70 -3.10 27.53
N ALA P 56 60.47 -3.83 26.71
CA ALA P 56 60.49 -5.27 26.80
C ALA P 56 61.87 -5.83 26.55
N ALA P 57 62.15 -6.99 27.15
CA ALA P 57 63.33 -7.78 26.87
C ALA P 57 62.90 -9.19 26.49
N GLY P 58 63.72 -9.85 25.66
CA GLY P 58 63.48 -11.22 25.30
C GLY P 58 63.26 -11.39 23.80
N LYS P 59 62.46 -12.39 23.45
CA LYS P 59 62.22 -12.73 22.05
C LYS P 59 61.35 -11.68 21.37
N PHE P 60 61.81 -11.16 20.23
CA PHE P 60 61.17 -10.00 19.64
C PHE P 60 59.72 -10.27 19.28
N ASN P 61 59.46 -11.28 18.45
CA ASN P 61 58.10 -11.45 17.93
C ASN P 61 57.08 -11.58 19.05
N GLU P 62 57.51 -12.10 20.21
CA GLU P 62 56.59 -12.34 21.31
C GLU P 62 56.27 -11.05 22.07
N PHE P 63 57.28 -10.30 22.50
CA PHE P 63 56.95 -9.03 23.15
C PHE P 63 56.38 -8.02 22.16
N ASP P 64 56.56 -8.26 20.86
CA ASP P 64 55.88 -7.42 19.87
C ASP P 64 54.40 -7.74 19.84
N ASN P 65 54.05 -9.03 19.85
CA ASN P 65 52.64 -9.39 20.04
C ASN P 65 52.07 -8.72 21.28
N LEU P 66 52.80 -8.80 22.40
CA LEU P 66 52.30 -8.22 23.65
C LEU P 66 52.18 -6.70 23.55
N ARG P 67 53.10 -6.06 22.83
CA ARG P 67 53.03 -4.61 22.64
C ARG P 67 51.80 -4.22 21.83
N ARG P 68 51.55 -4.94 20.74
CA ARG P 68 50.38 -4.66 19.92
C ARG P 68 49.10 -4.90 20.69
N GLY P 69 49.03 -6.00 21.45
CA GLY P 69 47.87 -6.23 22.30
C GLY P 69 47.67 -5.12 23.32
N GLY P 70 48.76 -4.61 23.89
CA GLY P 70 48.65 -3.51 24.83
C GLY P 70 48.08 -2.27 24.19
N ILE P 71 48.64 -1.87 23.05
CA ILE P 71 48.10 -0.71 22.33
C ILE P 71 46.62 -0.90 22.04
N GLN P 72 46.26 -2.11 21.56
CA GLN P 72 44.85 -2.43 21.34
C GLN P 72 44.02 -2.16 22.58
N PHE P 73 44.45 -2.70 23.73
CA PHE P 73 43.70 -2.53 24.97
C PHE P 73 43.54 -1.06 25.30
N ALA P 74 44.64 -0.31 25.32
CA ALA P 74 44.57 1.10 25.72
C ALA P 74 43.64 1.87 24.79
N ASP P 75 43.83 1.75 23.47
CA ASP P 75 43.00 2.51 22.55
C ASP P 75 41.53 2.15 22.70
N THR P 76 41.23 0.85 22.80
CA THR P 76 39.83 0.45 22.94
C THR P 76 39.23 0.99 24.24
N ARG P 77 39.98 0.94 25.34
CA ARG P 77 39.45 1.46 26.60
C ARG P 77 39.23 2.97 26.52
N GLY P 78 40.22 3.69 25.99
CA GLY P 78 40.07 5.13 25.86
C GLY P 78 38.87 5.53 25.02
N TYR P 79 38.58 4.75 23.97
CA TYR P 79 37.41 5.06 23.16
C TYR P 79 36.10 4.63 23.83
N ALA P 80 36.13 3.54 24.59
CA ALA P 80 34.91 3.09 25.27
C ALA P 80 34.56 4.00 26.44
N TYR P 81 35.55 4.66 27.03
CA TYR P 81 35.31 5.55 28.15
C TYR P 81 35.83 6.94 27.81
N ASP P 82 36.96 7.33 28.37
CA ASP P 82 37.66 8.53 27.92
C ASP P 82 39.15 8.30 28.04
N ARG P 83 39.92 9.12 27.31
CA ARG P 83 41.37 8.95 27.28
C ARG P 83 41.96 8.90 28.68
N ARG P 84 41.54 9.80 29.57
CA ARG P 84 42.15 9.86 30.89
C ARG P 84 41.77 8.69 31.79
N ASP P 85 40.96 7.74 31.33
CA ASP P 85 40.70 6.55 32.13
C ASP P 85 41.77 5.48 31.94
N VAL P 86 42.62 5.62 30.92
CA VAL P 86 43.70 4.66 30.69
C VAL P 86 44.85 4.97 31.64
N THR P 87 45.36 3.95 32.32
CA THR P 87 46.36 4.13 33.36
C THR P 87 47.47 3.11 33.20
N GLY P 88 48.67 3.49 33.64
CA GLY P 88 49.73 2.51 33.74
C GLY P 88 49.32 1.28 34.52
N ARG P 89 48.78 1.49 35.73
CA ARG P 89 48.39 0.35 36.57
C ARG P 89 47.49 -0.61 35.80
N GLN P 90 46.56 -0.08 35.00
CA GLN P 90 45.65 -0.93 34.24
C GLN P 90 46.40 -1.78 33.23
N LEU P 91 47.15 -1.14 32.33
CA LEU P 91 47.94 -1.89 31.35
C LEU P 91 48.78 -2.95 32.04
N ALA P 92 49.44 -2.60 33.13
CA ALA P 92 50.25 -3.58 33.86
C ALA P 92 49.39 -4.74 34.33
N ASN P 93 48.17 -4.44 34.79
CA ASN P 93 47.27 -5.50 35.27
C ASN P 93 46.91 -6.47 34.14
N VAL P 94 46.50 -5.93 33.00
CA VAL P 94 46.07 -6.82 31.92
C VAL P 94 47.27 -7.53 31.30
N TYR P 95 48.47 -6.95 31.41
CA TYR P 95 49.66 -7.69 31.00
C TYR P 95 49.93 -8.86 31.94
N ALA P 96 49.76 -8.65 33.25
CA ALA P 96 49.89 -9.77 34.18
C ALA P 96 48.88 -10.87 33.86
N GLN P 97 47.64 -10.49 33.58
CA GLN P 97 46.63 -11.50 33.24
C GLN P 97 47.01 -12.25 31.96
N THR P 98 47.40 -11.49 30.92
CA THR P 98 47.72 -12.11 29.63
C THR P 98 48.90 -13.06 29.76
N LEU P 99 49.99 -12.61 30.40
CA LEU P 99 51.16 -13.48 30.55
C LEU P 99 50.86 -14.68 31.45
N GLY P 100 49.91 -14.54 32.37
CA GLY P 100 49.44 -15.72 33.07
C GLY P 100 48.88 -16.73 32.09
N THR P 101 47.91 -16.28 31.30
CA THR P 101 47.27 -17.18 30.34
C THR P 101 48.30 -17.79 29.39
N ILE P 102 49.13 -16.95 28.77
CA ILE P 102 50.13 -17.43 27.83
C ILE P 102 51.04 -18.45 28.50
N PHE P 103 51.57 -18.11 29.66
CA PHE P 103 52.51 -19.00 30.34
C PHE P 103 51.89 -20.36 30.60
N THR P 104 50.60 -20.41 30.93
CA THR P 104 50.02 -21.71 31.29
C THR P 104 49.39 -22.46 30.12
N GLU P 105 49.08 -21.79 29.01
CA GLU P 105 48.24 -22.41 27.98
C GLU P 105 48.83 -22.41 26.57
N GLN P 106 49.74 -21.51 26.22
CA GLN P 106 50.27 -21.47 24.87
C GLN P 106 51.26 -22.61 24.64
N ALA P 107 51.35 -23.05 23.38
CA ALA P 107 52.19 -24.19 23.04
C ALA P 107 53.62 -24.03 23.58
N LYS P 108 54.14 -22.80 23.59
CA LYS P 108 55.40 -22.48 24.23
C LYS P 108 55.21 -21.15 24.96
N PRO P 109 55.63 -21.07 26.22
CA PRO P 109 55.51 -19.80 26.95
C PRO P 109 56.31 -18.70 26.27
N TYR P 110 55.91 -17.45 26.52
CA TYR P 110 56.61 -16.32 25.95
C TYR P 110 57.88 -16.03 26.75
N GLU P 111 58.97 -15.79 26.03
CA GLU P 111 60.26 -15.50 26.64
C GLU P 111 60.47 -13.98 26.70
N VAL P 112 59.65 -13.34 27.53
CA VAL P 112 59.57 -11.88 27.57
C VAL P 112 59.56 -11.38 29.00
N GLU P 113 60.01 -10.13 29.16
CA GLU P 113 59.89 -9.39 30.41
C GLU P 113 59.47 -7.97 30.09
N LEU P 114 58.46 -7.46 30.79
CA LEU P 114 57.79 -6.22 30.44
C LEU P 114 57.93 -5.16 31.51
N CYS P 115 57.96 -3.91 31.07
CA CYS P 115 57.89 -2.74 31.92
C CYS P 115 56.84 -1.79 31.37
N VAL P 116 55.91 -1.38 32.23
CA VAL P 116 54.93 -0.34 31.92
C VAL P 116 55.23 0.85 32.81
N ALA P 117 55.33 2.04 32.20
CA ALA P 117 55.63 3.24 32.95
C ALA P 117 54.60 4.31 32.64
N GLU P 118 54.29 5.13 33.64
CA GLU P 118 53.35 6.23 33.45
C GLU P 118 53.86 7.48 34.14
N VAL P 119 53.82 8.60 33.43
CA VAL P 119 54.21 9.89 33.99
C VAL P 119 52.97 10.73 34.20
N ALA P 120 53.14 11.85 34.89
CA ALA P 120 52.01 12.72 35.19
C ALA P 120 51.43 13.30 33.91
N HIS P 121 50.14 13.65 33.96
CA HIS P 121 49.56 14.44 32.88
C HIS P 121 50.12 15.86 32.92
N TYR P 122 49.96 16.56 31.81
CA TYR P 122 50.59 17.88 31.68
C TYR P 122 50.10 18.82 32.78
N GLY P 123 51.04 19.55 33.38
CA GLY P 123 50.74 20.51 34.42
C GLY P 123 50.47 19.92 35.79
N GLU P 124 50.21 18.63 35.88
CA GLU P 124 49.91 18.01 37.15
C GLU P 124 51.20 17.52 37.82
N THR P 125 51.10 17.25 39.11
CA THR P 125 52.24 16.88 39.94
C THR P 125 51.96 15.53 40.59
N LYS P 126 52.58 14.47 40.07
CA LYS P 126 52.47 13.15 40.65
C LYS P 126 53.70 12.34 40.26
N ARG P 127 54.10 11.46 41.16
CA ARG P 127 55.33 10.69 40.99
C ARG P 127 55.15 9.65 39.88
N PRO P 128 56.17 9.47 39.02
CA PRO P 128 56.08 8.43 37.98
C PRO P 128 55.72 7.07 38.57
N GLU P 129 55.21 6.17 37.73
CA GLU P 129 54.88 4.82 38.15
C GLU P 129 55.58 3.82 37.23
N LEU P 130 56.10 2.74 37.83
CA LEU P 130 56.85 1.73 37.10
C LEU P 130 56.38 0.35 37.53
N TYR P 131 56.07 -0.50 36.55
CA TYR P 131 55.61 -1.86 36.80
C TYR P 131 56.44 -2.83 35.98
N ARG P 132 56.83 -3.93 36.62
CA ARG P 132 57.51 -5.03 35.94
C ARG P 132 56.60 -6.24 35.92
N ILE P 133 56.46 -6.85 34.74
CA ILE P 133 55.66 -8.07 34.57
C ILE P 133 56.56 -9.13 33.96
N THR P 134 56.77 -10.23 34.68
CA THR P 134 57.63 -11.30 34.22
C THR P 134 56.82 -12.33 33.42
N TYR P 135 57.51 -13.35 32.93
CA TYR P 135 56.93 -14.27 31.96
C TYR P 135 55.77 -15.10 32.51
N ASP P 136 55.52 -15.08 33.82
CA ASP P 136 54.49 -15.94 34.40
C ASP P 136 53.32 -15.16 34.98
N GLY P 137 53.22 -13.86 34.68
CA GLY P 137 52.16 -13.04 35.22
C GLY P 137 52.50 -12.34 36.52
N SER P 138 53.65 -12.63 37.11
CA SER P 138 54.07 -11.92 38.31
C SER P 138 54.24 -10.45 37.99
N ILE P 139 53.69 -9.60 38.84
CA ILE P 139 53.76 -8.16 38.66
C ILE P 139 54.33 -7.53 39.92
N ALA P 140 55.18 -6.52 39.74
CA ALA P 140 55.76 -5.82 40.87
C ALA P 140 55.77 -4.32 40.60
N ASP P 141 55.51 -3.56 41.66
CA ASP P 141 55.53 -2.11 41.64
C ASP P 141 56.90 -1.61 42.07
N GLU P 142 57.50 -0.75 41.25
CA GLU P 142 58.84 -0.27 41.56
C GLU P 142 58.87 1.25 41.63
N PRO P 143 59.63 1.84 42.57
CA PRO P 143 59.57 3.28 42.77
C PRO P 143 60.60 4.09 41.99
N HIS P 144 61.69 3.46 41.56
CA HIS P 144 62.79 4.23 40.98
C HIS P 144 63.24 3.72 39.62
N PHE P 145 63.49 2.42 39.50
CA PHE P 145 64.03 1.89 38.26
C PHE P 145 63.62 0.44 38.09
N VAL P 146 63.60 -0.01 36.84
CA VAL P 146 63.36 -1.40 36.48
C VAL P 146 64.49 -1.86 35.56
N VAL P 147 64.93 -3.11 35.77
CA VAL P 147 65.94 -3.75 34.94
C VAL P 147 65.35 -5.05 34.42
N MET P 148 65.67 -5.38 33.17
CA MET P 148 65.11 -6.57 32.55
C MET P 148 66.09 -7.15 31.54
N GLY P 149 66.05 -8.48 31.39
CA GLY P 149 66.84 -9.15 30.39
C GLY P 149 68.28 -9.39 30.80
N GLY P 150 68.87 -10.48 30.30
CA GLY P 150 70.25 -10.81 30.57
C GLY P 150 70.50 -11.04 32.05
N THR P 151 71.69 -10.63 32.48
CA THR P 151 72.09 -10.71 33.88
C THR P 151 71.68 -9.41 34.56
N THR P 152 70.69 -9.49 35.46
CA THR P 152 70.13 -8.27 36.03
C THR P 152 70.87 -7.80 37.28
N GLU P 153 71.22 -8.71 38.19
CA GLU P 153 71.77 -8.32 39.49
C GLU P 153 72.85 -7.25 39.40
N PRO P 154 73.86 -7.36 38.54
CA PRO P 154 74.87 -6.29 38.45
C PRO P 154 74.23 -4.94 38.17
N ILE P 155 73.46 -4.84 37.08
CA ILE P 155 72.82 -3.59 36.71
C ILE P 155 71.98 -3.06 37.86
N ALA P 156 71.23 -3.94 38.52
CA ALA P 156 70.38 -3.53 39.63
C ALA P 156 71.20 -2.90 40.75
N ASN P 157 72.30 -3.54 41.14
CA ASN P 157 73.12 -2.99 42.22
C ASN P 157 73.77 -1.67 41.82
N ALA P 158 74.31 -1.61 40.61
CA ALA P 158 74.86 -0.35 40.10
C ALA P 158 73.84 0.78 40.21
N LEU P 159 72.62 0.55 39.75
CA LEU P 159 71.59 1.56 39.92
C LEU P 159 71.30 1.83 41.39
N LYS P 160 71.39 0.81 42.24
CA LYS P 160 71.12 1.00 43.66
C LYS P 160 72.08 2.00 44.27
N GLU P 161 73.35 1.99 43.84
CA GLU P 161 74.34 2.93 44.37
C GLU P 161 74.70 4.04 43.40
N SER P 162 73.88 4.28 42.37
CA SER P 162 74.13 5.41 41.48
C SER P 162 72.88 6.20 41.12
N TYR P 163 71.73 5.91 41.73
CA TYR P 163 70.48 6.53 41.33
C TYR P 163 70.15 7.76 42.18
N ALA P 164 69.65 8.80 41.52
CA ALA P 164 69.17 10.01 42.17
C ALA P 164 67.78 10.32 41.67
N GLU P 165 66.84 10.55 42.60
CA GLU P 165 65.43 10.64 42.23
C GLU P 165 65.12 11.80 41.28
N ASN P 166 66.01 12.78 41.17
CA ASN P 166 65.72 13.96 40.36
C ASN P 166 66.90 14.30 39.45
N ALA P 167 67.55 13.27 38.90
CA ALA P 167 68.64 13.50 37.98
C ALA P 167 68.15 14.19 36.71
N SER P 168 69.05 14.94 36.07
CA SER P 168 68.73 15.52 34.77
C SER P 168 68.67 14.41 33.73
N LEU P 169 68.17 14.76 32.53
CA LEU P 169 68.11 13.77 31.46
C LEU P 169 69.50 13.24 31.15
N THR P 170 70.48 14.13 31.03
CA THR P 170 71.85 13.70 30.73
C THR P 170 72.38 12.77 31.82
N ASP P 171 72.31 13.21 33.08
CA ASP P 171 72.79 12.38 34.18
C ASP P 171 72.12 11.02 34.18
N ALA P 172 70.78 11.00 34.13
CA ALA P 172 70.06 9.73 34.11
C ALA P 172 70.56 8.84 32.97
N LEU P 173 70.70 9.40 31.78
CA LEU P 173 71.19 8.62 30.65
C LEU P 173 72.57 8.02 30.96
N ARG P 174 73.44 8.80 31.59
CA ARG P 174 74.78 8.29 31.90
C ARG P 174 74.72 7.17 32.93
N ILE P 175 73.86 7.33 33.96
CA ILE P 175 73.72 6.30 34.98
C ILE P 175 73.23 5.00 34.36
N ALA P 176 72.22 5.10 33.48
CA ALA P 176 71.65 3.89 32.88
C ALA P 176 72.63 3.23 31.92
N VAL P 177 73.35 4.02 31.13
CA VAL P 177 74.35 3.44 30.23
C VAL P 177 75.46 2.78 31.02
N ALA P 178 75.89 3.40 32.12
CA ALA P 178 76.92 2.80 32.96
C ALA P 178 76.46 1.48 33.54
N ALA P 179 75.30 1.49 34.21
CA ALA P 179 74.79 0.26 34.81
C ALA P 179 74.60 -0.83 33.76
N LEU P 180 74.12 -0.47 32.57
CA LEU P 180 74.04 -1.44 31.48
C LEU P 180 75.42 -2.01 31.17
N ARG P 181 76.43 -1.14 31.06
CA ARG P 181 77.78 -1.59 30.74
C ARG P 181 78.29 -2.64 31.72
N ALA P 182 77.72 -2.69 32.93
CA ALA P 182 78.10 -3.71 33.90
C ALA P 182 77.54 -5.07 33.53
N GLY P 183 77.70 -5.46 32.28
CA GLY P 183 77.24 -6.75 31.80
C GLY P 183 78.03 -7.17 30.58
N SER P 184 77.35 -7.88 29.69
CA SER P 184 77.95 -8.35 28.44
C SER P 184 79.37 -8.87 28.62
N THR P 194 81.63 -1.16 25.79
CA THR P 194 81.57 0.09 25.05
C THR P 194 80.25 0.19 24.28
N LEU P 195 79.36 1.07 24.74
CA LEU P 195 78.03 1.21 24.17
C LEU P 195 77.80 2.64 23.70
N GLY P 196 77.18 2.78 22.53
CA GLY P 196 76.91 4.08 21.96
C GLY P 196 75.69 4.11 21.06
N VAL P 197 75.50 5.24 20.36
CA VAL P 197 74.30 5.41 19.52
C VAL P 197 74.07 4.21 18.63
N ALA P 198 75.14 3.68 18.03
CA ALA P 198 75.00 2.54 17.12
C ALA P 198 74.46 1.30 17.81
N SER P 199 74.42 1.28 19.15
CA SER P 199 74.01 0.10 19.89
C SER P 199 72.99 0.43 20.98
N LEU P 200 72.30 1.55 20.88
CA LEU P 200 71.35 1.97 21.90
C LEU P 200 70.02 2.37 21.28
N GLU P 201 68.93 1.99 21.95
CA GLU P 201 67.60 2.55 21.70
C GLU P 201 67.19 3.29 22.96
N VAL P 202 66.86 4.57 22.81
CA VAL P 202 66.61 5.45 23.94
C VAL P 202 65.34 6.25 23.68
N ALA P 203 64.50 6.37 24.70
CA ALA P 203 63.28 7.16 24.60
C ALA P 203 62.90 7.63 26.00
N VAL P 204 61.96 8.58 26.06
CA VAL P 204 61.47 9.06 27.34
C VAL P 204 59.97 9.24 27.29
N LEU P 205 59.35 9.14 28.47
CA LEU P 205 58.04 9.72 28.73
C LEU P 205 58.30 11.07 29.37
N ASP P 206 58.12 12.13 28.58
CA ASP P 206 58.46 13.50 28.96
C ASP P 206 57.21 14.15 29.55
N ALA P 207 57.19 14.28 30.88
CA ALA P 207 56.02 14.86 31.55
C ALA P 207 55.74 16.28 31.12
N ASN P 208 56.66 16.94 30.41
CA ASN P 208 56.48 18.33 30.02
C ASN P 208 55.74 18.50 28.70
N ARG P 209 55.63 17.47 27.89
CA ARG P 209 54.87 17.67 26.67
C ARG P 209 53.38 17.61 26.98
N PRO P 210 52.57 18.37 26.22
CA PRO P 210 51.17 18.62 26.64
C PRO P 210 50.23 17.42 26.48
N ARG P 211 50.49 16.52 25.55
CA ARG P 211 49.58 15.38 25.41
C ARG P 211 50.33 14.06 25.25
N ARG P 212 50.94 13.83 24.08
CA ARG P 212 51.64 12.58 23.83
C ARG P 212 53.05 12.69 24.40
N ALA P 213 53.30 11.97 25.50
CA ALA P 213 54.54 12.13 26.25
C ALA P 213 55.69 11.29 25.72
N PHE P 214 55.44 10.33 24.83
CA PHE P 214 56.49 9.45 24.34
C PHE P 214 57.34 10.17 23.29
N ARG P 215 58.64 10.18 23.49
CA ARG P 215 59.56 10.91 22.60
C ARG P 215 60.86 10.14 22.48
N ARG P 216 61.24 9.79 21.26
CA ARG P 216 62.49 9.07 21.02
C ARG P 216 63.67 10.05 20.94
N ILE P 217 64.82 9.59 21.41
CA ILE P 217 66.07 10.34 21.36
C ILE P 217 67.03 9.56 20.47
N THR P 218 67.30 10.09 19.27
CA THR P 218 68.01 9.35 18.25
C THR P 218 69.10 10.21 17.61
N GLY P 219 70.17 9.54 17.19
CA GLY P 219 71.16 10.18 16.34
C GLY P 219 71.91 11.30 17.04
N SER P 220 72.05 12.41 16.32
CA SER P 220 72.91 13.50 16.80
C SER P 220 72.49 13.98 18.18
N ALA P 221 71.17 14.06 18.45
CA ALA P 221 70.73 14.50 19.76
C ALA P 221 71.11 13.50 20.85
N LEU P 222 70.99 12.21 20.55
CA LEU P 222 71.41 11.18 21.50
C LEU P 222 72.90 11.30 21.80
N GLN P 223 73.72 11.39 20.76
CA GLN P 223 75.16 11.56 20.96
C GLN P 223 75.46 12.82 21.76
N ALA P 224 74.68 13.88 21.53
CA ALA P 224 74.85 15.11 22.30
C ALA P 224 74.56 14.87 23.77
N LEU P 225 73.58 14.02 24.08
CA LEU P 225 73.29 13.71 25.48
C LEU P 225 74.33 12.79 26.09
N LEU P 226 75.03 12.00 25.27
CA LEU P 226 75.98 11.03 25.81
C LEU P 226 77.31 11.66 26.22
N VAL P 227 77.66 12.83 25.68
CA VAL P 227 78.97 13.43 25.91
C VAL P 227 78.81 14.87 26.36
N ASP P 228 79.75 15.32 27.20
CA ASP P 228 79.83 16.72 27.60
C ASP P 228 81.13 17.00 28.34
N MET Q 1 45.22 -40.40 36.71
CA MET Q 1 44.22 -39.75 37.56
C MET Q 1 44.80 -39.31 38.90
N GLU Q 2 45.32 -40.27 39.67
CA GLU Q 2 45.78 -39.95 41.02
C GLU Q 2 47.08 -39.15 40.99
N GLN Q 3 48.01 -39.50 40.11
CA GLN Q 3 49.23 -38.70 40.00
C GLN Q 3 48.88 -37.25 39.66
N ALA Q 4 48.03 -37.05 38.65
CA ALA Q 4 47.67 -35.69 38.23
C ALA Q 4 47.13 -34.88 39.39
N MET Q 5 46.14 -35.42 40.11
CA MET Q 5 45.54 -34.67 41.20
C MET Q 5 46.54 -34.42 42.32
N ARG Q 6 47.38 -35.41 42.62
CA ARG Q 6 48.46 -35.19 43.59
C ARG Q 6 49.30 -33.98 43.19
N GLU Q 7 49.72 -33.94 41.92
CA GLU Q 7 50.63 -32.89 41.47
C GLU Q 7 49.95 -31.53 41.46
N ARG Q 8 48.66 -31.48 41.12
CA ARG Q 8 47.93 -30.22 41.15
C ARG Q 8 47.81 -29.71 42.58
N SER Q 9 47.30 -30.54 43.48
CA SER Q 9 47.18 -30.15 44.88
C SER Q 9 48.52 -29.66 45.43
N GLU Q 10 49.60 -30.38 45.11
CA GLU Q 10 50.91 -29.97 45.61
C GLU Q 10 51.35 -28.64 45.01
N LEU Q 11 51.13 -28.43 43.72
CA LEU Q 11 51.54 -27.18 43.09
C LEU Q 11 50.81 -26.00 43.72
N ALA Q 12 49.50 -26.10 43.87
CA ALA Q 12 48.73 -25.02 44.48
C ALA Q 12 49.16 -24.79 45.93
N ARG Q 13 49.26 -25.87 46.70
CA ARG Q 13 49.62 -25.77 48.11
C ARG Q 13 50.98 -25.09 48.28
N LYS Q 14 52.02 -25.61 47.62
CA LYS Q 14 53.33 -24.98 47.66
C LYS Q 14 53.23 -23.51 47.29
N GLY Q 15 52.58 -23.22 46.16
CA GLY Q 15 52.48 -21.83 45.73
C GLY Q 15 51.91 -20.92 46.80
N ILE Q 16 50.81 -21.33 47.43
CA ILE Q 16 50.19 -20.51 48.46
C ILE Q 16 51.12 -20.36 49.65
N ALA Q 17 51.77 -21.45 50.06
CA ALA Q 17 52.66 -21.39 51.23
C ALA Q 17 53.82 -20.43 51.02
N ARG Q 18 54.18 -20.13 49.78
CA ARG Q 18 55.24 -19.16 49.49
C ARG Q 18 54.75 -17.72 49.42
N ALA Q 19 53.46 -17.49 49.62
CA ALA Q 19 52.91 -16.15 49.45
C ALA Q 19 52.78 -15.44 50.80
N LYS Q 20 52.82 -14.11 50.75
CA LYS Q 20 52.59 -13.32 51.95
C LYS Q 20 51.18 -13.58 52.48
N SER Q 21 51.03 -13.43 53.79
CA SER Q 21 49.81 -13.86 54.49
C SER Q 21 48.82 -12.71 54.66
N VAL Q 22 47.56 -13.08 54.85
CA VAL Q 22 46.45 -12.15 55.01
C VAL Q 22 45.55 -12.66 56.14
N VAL Q 23 45.05 -11.74 56.95
CA VAL Q 23 44.22 -12.05 58.10
C VAL Q 23 42.93 -11.24 58.03
N ALA Q 24 41.82 -11.86 58.39
CA ALA Q 24 40.53 -11.20 58.48
C ALA Q 24 39.87 -11.61 59.78
N LEU Q 25 39.29 -10.65 60.50
CA LEU Q 25 38.67 -11.03 61.77
C LEU Q 25 37.49 -10.11 62.07
N ALA Q 26 36.52 -10.66 62.79
CA ALA Q 26 35.35 -9.90 63.20
C ALA Q 26 35.68 -9.05 64.43
N TYR Q 27 35.11 -7.85 64.47
CA TYR Q 27 35.29 -6.98 65.63
C TYR Q 27 34.03 -6.13 65.80
N ALA Q 28 34.02 -5.34 66.88
CA ALA Q 28 32.83 -4.60 67.28
C ALA Q 28 32.18 -3.89 66.10
N GLY Q 29 32.98 -3.30 65.21
CA GLY Q 29 32.46 -2.49 64.15
C GLY Q 29 32.20 -3.18 62.83
N GLY Q 30 32.48 -4.47 62.72
CA GLY Q 30 32.31 -5.18 61.46
C GLY Q 30 33.40 -6.20 61.21
N VAL Q 31 34.07 -6.11 60.06
CA VAL Q 31 35.16 -7.03 59.75
C VAL Q 31 36.41 -6.22 59.42
N LEU Q 32 37.56 -6.73 59.84
CA LEU Q 32 38.85 -6.09 59.58
C LEU Q 32 39.70 -6.99 58.70
N PHE Q 33 40.20 -6.41 57.61
CA PHE Q 33 41.12 -7.06 56.66
C PHE Q 33 42.49 -6.43 56.82
N VAL Q 34 43.47 -7.21 57.28
CA VAL Q 34 44.85 -6.77 57.37
C VAL Q 34 45.71 -7.76 56.61
N ALA Q 35 46.44 -7.28 55.60
CA ALA Q 35 47.26 -8.14 54.78
C ALA Q 35 48.66 -7.57 54.60
N GLU Q 36 49.65 -8.46 54.59
CA GLU Q 36 51.02 -8.12 54.22
C GLU Q 36 51.05 -7.69 52.76
N ASN Q 37 51.47 -6.47 52.49
CA ASN Q 37 51.51 -6.02 51.10
C ASN Q 37 52.44 -4.83 50.91
N PRO Q 38 53.65 -5.05 50.39
CA PRO Q 38 54.57 -3.91 50.17
C PRO Q 38 54.15 -2.99 49.06
N SER Q 39 53.18 -3.37 48.23
CA SER Q 39 52.85 -2.61 47.04
C SER Q 39 52.20 -1.28 47.40
N ARG Q 40 52.10 -0.41 46.39
CA ARG Q 40 51.48 0.90 46.55
C ARG Q 40 50.17 1.03 45.78
N SER Q 41 49.93 0.17 44.79
CA SER Q 41 48.72 0.24 43.98
C SER Q 41 48.11 -1.11 43.65
N LEU Q 42 48.78 -2.21 43.97
CA LEU Q 42 48.28 -3.54 43.67
C LEU Q 42 47.66 -4.12 44.93
N GLN Q 43 46.35 -4.37 44.91
CA GLN Q 43 45.59 -4.62 46.11
C GLN Q 43 45.21 -6.09 46.23
N LYS Q 44 45.26 -6.59 47.46
CA LYS Q 44 44.84 -7.94 47.83
C LYS Q 44 43.48 -7.99 48.51
N ILE Q 45 42.99 -6.85 49.00
CA ILE Q 45 41.70 -6.74 49.67
C ILE Q 45 40.83 -5.83 48.83
N SER Q 46 39.55 -6.20 48.69
CA SER Q 46 38.71 -5.50 47.74
C SER Q 46 37.25 -5.53 48.18
N GLU Q 47 36.52 -4.53 47.72
CA GLU Q 47 35.07 -4.53 47.86
C GLU Q 47 34.45 -5.46 46.83
N LEU Q 48 33.43 -6.21 47.27
CA LEU Q 48 32.61 -7.00 46.35
C LEU Q 48 31.22 -6.39 46.16
N TYR Q 49 30.57 -5.98 47.25
CA TYR Q 49 29.21 -5.46 47.18
C TYR Q 49 28.96 -4.66 48.45
N ASP Q 50 27.78 -4.04 48.52
CA ASP Q 50 27.44 -3.14 49.62
C ASP Q 50 28.02 -3.60 50.96
N ARG Q 51 27.66 -4.80 51.40
CA ARG Q 51 28.10 -5.31 52.69
C ARG Q 51 29.03 -6.51 52.55
N VAL Q 52 29.62 -6.73 51.37
CA VAL Q 52 30.40 -7.93 51.10
C VAL Q 52 31.79 -7.53 50.65
N GLY Q 53 32.81 -8.10 51.31
CA GLY Q 53 34.20 -7.80 50.99
C GLY Q 53 34.98 -9.07 50.74
N PHE Q 54 36.18 -8.87 50.16
CA PHE Q 54 36.98 -9.94 49.59
C PHE Q 54 38.45 -9.71 49.93
N ALA Q 55 39.14 -10.79 50.34
CA ALA Q 55 40.57 -10.75 50.55
C ALA Q 55 41.17 -12.06 50.05
N ALA Q 56 42.40 -12.02 49.56
CA ALA Q 56 42.98 -13.20 48.93
C ALA Q 56 44.48 -13.29 49.19
N ALA Q 57 44.99 -14.51 49.08
CA ALA Q 57 46.41 -14.79 49.15
C ALA Q 57 46.84 -15.62 47.94
N GLY Q 58 48.11 -15.50 47.57
CA GLY Q 58 48.64 -16.30 46.48
C GLY Q 58 49.07 -15.50 45.26
N LYS Q 59 48.87 -16.08 44.08
CA LYS Q 59 49.30 -15.47 42.82
C LYS Q 59 48.33 -14.35 42.43
N PHE Q 60 48.89 -13.18 42.11
CA PHE Q 60 48.06 -11.99 41.97
C PHE Q 60 47.10 -12.09 40.78
N ASN Q 61 47.63 -12.34 39.58
CA ASN Q 61 46.75 -12.36 38.41
C ASN Q 61 45.59 -13.32 38.61
N GLU Q 62 45.80 -14.36 39.42
CA GLU Q 62 44.77 -15.37 39.63
C GLU Q 62 43.69 -14.91 40.61
N PHE Q 63 44.08 -14.42 41.80
CA PHE Q 63 43.03 -13.95 42.71
C PHE Q 63 42.46 -12.60 42.30
N ASP Q 64 43.09 -11.89 41.38
CA ASP Q 64 42.48 -10.71 40.78
C ASP Q 64 41.49 -11.10 39.70
N ASN Q 65 41.81 -12.13 38.91
CA ASN Q 65 40.79 -12.73 38.04
C ASN Q 65 39.57 -13.12 38.85
N LEU Q 66 39.78 -13.87 39.95
CA LEU Q 66 38.65 -14.32 40.77
C LEU Q 66 37.92 -13.14 41.40
N ARG Q 67 38.68 -12.13 41.85
CA ARG Q 67 38.07 -10.90 42.34
C ARG Q 67 37.09 -10.32 41.32
N ARG Q 68 37.56 -10.16 40.08
CA ARG Q 68 36.71 -9.59 39.04
C ARG Q 68 35.51 -10.47 38.75
N GLY Q 69 35.71 -11.80 38.74
CA GLY Q 69 34.60 -12.70 38.52
C GLY Q 69 33.52 -12.55 39.59
N GLY Q 70 33.94 -12.36 40.84
CA GLY Q 70 32.98 -12.16 41.91
C GLY Q 70 32.23 -10.85 41.79
N ILE Q 71 32.95 -9.77 41.42
CA ILE Q 71 32.27 -8.49 41.24
C ILE Q 71 31.23 -8.59 40.12
N GLN Q 72 31.64 -9.15 38.99
CA GLN Q 72 30.68 -9.36 37.90
C GLN Q 72 29.47 -10.16 38.37
N PHE Q 73 29.72 -11.22 39.16
CA PHE Q 73 28.62 -12.02 39.69
C PHE Q 73 27.67 -11.17 40.53
N ALA Q 74 28.21 -10.46 41.51
CA ALA Q 74 27.37 -9.69 42.44
C ALA Q 74 26.56 -8.64 41.69
N ASP Q 75 27.22 -7.84 40.84
CA ASP Q 75 26.50 -6.78 40.14
C ASP Q 75 25.42 -7.35 39.22
N THR Q 76 25.76 -8.44 38.50
CA THR Q 76 24.78 -9.07 37.63
C THR Q 76 23.58 -9.58 38.42
N ARG Q 77 23.81 -10.12 39.62
CA ARG Q 77 22.72 -10.69 40.40
C ARG Q 77 21.85 -9.61 41.01
N GLY Q 78 22.47 -8.62 41.67
CA GLY Q 78 21.71 -7.52 42.22
C GLY Q 78 20.88 -6.81 41.16
N TYR Q 79 21.44 -6.64 39.96
CA TYR Q 79 20.67 -5.99 38.90
C TYR Q 79 19.56 -6.92 38.39
N ALA Q 80 19.84 -8.22 38.28
CA ALA Q 80 18.81 -9.14 37.80
C ALA Q 80 17.72 -9.34 38.82
N TYR Q 81 18.04 -9.23 40.11
CA TYR Q 81 17.06 -9.38 41.17
C TYR Q 81 16.98 -8.08 41.97
N ASP Q 82 17.53 -8.05 43.17
CA ASP Q 82 17.69 -6.78 43.87
C ASP Q 82 18.96 -6.81 44.70
N ARG Q 83 19.54 -5.63 44.92
CA ARG Q 83 20.76 -5.49 45.69
C ARG Q 83 20.71 -6.31 46.96
N ARG Q 84 19.58 -6.30 47.65
CA ARG Q 84 19.47 -7.01 48.93
C ARG Q 84 19.49 -8.53 48.77
N ASP Q 85 19.43 -9.05 47.56
CA ASP Q 85 19.46 -10.49 47.32
C ASP Q 85 20.88 -11.03 47.22
N VAL Q 86 21.86 -10.17 46.94
CA VAL Q 86 23.26 -10.58 46.93
C VAL Q 86 23.72 -10.80 48.36
N THR Q 87 24.27 -11.97 48.64
CA THR Q 87 24.77 -12.29 49.97
C THR Q 87 26.22 -12.74 49.91
N GLY Q 88 26.91 -12.62 51.03
CA GLY Q 88 28.24 -13.19 51.16
C GLY Q 88 28.25 -14.69 50.98
N ARG Q 89 27.19 -15.37 51.40
CA ARG Q 89 27.15 -16.83 51.26
C ARG Q 89 26.96 -17.23 49.80
N GLN Q 90 26.14 -16.49 49.06
CA GLN Q 90 26.08 -16.68 47.62
C GLN Q 90 27.47 -16.62 47.00
N LEU Q 91 28.20 -15.53 47.28
CA LEU Q 91 29.50 -15.33 46.67
C LEU Q 91 30.48 -16.42 47.08
N ALA Q 92 30.48 -16.81 48.36
CA ALA Q 92 31.37 -17.89 48.76
C ALA Q 92 31.02 -19.19 48.04
N ASN Q 93 29.73 -19.48 47.90
CA ASN Q 93 29.33 -20.70 47.20
C ASN Q 93 29.84 -20.70 45.76
N VAL Q 94 29.64 -19.59 45.05
CA VAL Q 94 30.04 -19.56 43.66
C VAL Q 94 31.56 -19.60 43.54
N TYR Q 95 32.27 -18.95 44.47
CA TYR Q 95 33.72 -19.08 44.50
C TYR Q 95 34.13 -20.54 44.69
N ALA Q 96 33.35 -21.30 45.45
CA ALA Q 96 33.65 -22.72 45.62
C ALA Q 96 33.48 -23.48 44.31
N GLN Q 97 32.32 -23.33 43.67
CA GLN Q 97 32.11 -23.99 42.39
C GLN Q 97 33.22 -23.63 41.40
N THR Q 98 33.52 -22.34 41.30
CA THR Q 98 34.51 -21.88 40.33
C THR Q 98 35.88 -22.49 40.61
N LEU Q 99 36.35 -22.40 41.86
CA LEU Q 99 37.66 -22.94 42.16
C LEU Q 99 37.70 -24.45 41.98
N GLY Q 100 36.57 -25.13 42.16
CA GLY Q 100 36.54 -26.55 41.83
C GLY Q 100 36.77 -26.80 40.35
N THR Q 101 36.01 -26.10 39.50
CA THR Q 101 36.22 -26.21 38.06
C THR Q 101 37.68 -25.91 37.70
N ILE Q 102 38.20 -24.77 38.16
CA ILE Q 102 39.57 -24.39 37.86
C ILE Q 102 40.52 -25.52 38.26
N PHE Q 103 40.38 -26.01 39.50
CA PHE Q 103 41.34 -26.96 40.03
C PHE Q 103 41.35 -28.25 39.23
N THR Q 104 40.19 -28.71 38.77
CA THR Q 104 40.20 -29.98 38.04
C THR Q 104 40.52 -29.80 36.56
N GLU Q 105 40.16 -28.66 35.96
CA GLU Q 105 40.09 -28.55 34.51
C GLU Q 105 41.04 -27.55 33.87
N GLN Q 106 41.63 -26.63 34.63
CA GLN Q 106 42.49 -25.64 33.98
C GLN Q 106 43.89 -26.21 33.76
N ALA Q 107 44.60 -25.60 32.81
CA ALA Q 107 45.94 -26.06 32.47
C ALA Q 107 46.83 -26.13 33.71
N LYS Q 108 46.74 -25.13 34.59
CA LYS Q 108 47.45 -25.11 35.86
C LYS Q 108 46.45 -24.63 36.90
N PRO Q 109 46.36 -25.30 38.04
CA PRO Q 109 45.45 -24.82 39.10
C PRO Q 109 45.87 -23.45 39.59
N TYR Q 110 44.90 -22.73 40.13
CA TYR Q 110 45.17 -21.42 40.70
C TYR Q 110 45.81 -21.57 42.08
N GLU Q 111 46.82 -20.75 42.34
CA GLU Q 111 47.50 -20.75 43.62
C GLU Q 111 46.94 -19.60 44.48
N VAL Q 112 45.71 -19.79 44.92
CA VAL Q 112 44.96 -18.74 45.60
C VAL Q 112 44.24 -19.31 46.80
N GLU Q 113 44.09 -18.47 47.83
CA GLU Q 113 43.18 -18.71 48.94
C GLU Q 113 42.28 -17.48 49.06
N LEU Q 114 40.99 -17.72 49.30
CA LEU Q 114 39.99 -16.67 49.25
C LEU Q 114 39.27 -16.55 50.58
N CYS Q 115 38.93 -15.30 50.93
CA CYS Q 115 38.11 -14.99 52.09
C CYS Q 115 37.02 -14.01 51.67
N VAL Q 116 35.78 -14.36 51.97
CA VAL Q 116 34.62 -13.53 51.71
C VAL Q 116 33.95 -13.22 53.04
N ALA Q 117 33.76 -11.93 53.32
CA ALA Q 117 33.14 -11.52 54.58
C ALA Q 117 31.90 -10.67 54.30
N GLU Q 118 30.90 -10.82 55.17
CA GLU Q 118 29.70 -10.01 55.08
C GLU Q 118 29.35 -9.46 56.45
N VAL Q 119 29.07 -8.16 56.50
CA VAL Q 119 28.63 -7.50 57.72
C VAL Q 119 27.15 -7.15 57.59
N ALA Q 120 26.55 -6.76 58.71
CA ALA Q 120 25.13 -6.47 58.72
C ALA Q 120 24.82 -5.20 57.92
N HIS Q 121 23.60 -5.13 57.41
CA HIS Q 121 23.12 -3.89 56.80
C HIS Q 121 22.90 -2.84 57.88
N TYR Q 122 22.95 -1.57 57.46
CA TYR Q 122 22.86 -0.46 58.40
C TYR Q 122 21.65 -0.60 59.31
N GLY Q 123 21.91 -0.61 60.62
CA GLY Q 123 20.86 -0.61 61.62
C GLY Q 123 20.35 -1.96 62.04
N GLU Q 124 20.82 -3.04 61.43
CA GLU Q 124 20.41 -4.39 61.81
C GLU Q 124 21.46 -5.04 62.68
N THR Q 125 21.01 -5.98 63.51
CA THR Q 125 21.87 -6.66 64.48
C THR Q 125 22.12 -8.08 63.97
N LYS Q 126 23.15 -8.25 63.15
CA LYS Q 126 23.49 -9.52 62.52
C LYS Q 126 24.98 -9.78 62.69
N ARG Q 127 25.30 -10.96 63.20
CA ARG Q 127 26.70 -11.31 63.41
C ARG Q 127 27.45 -11.28 62.08
N PRO Q 128 28.69 -10.78 62.05
CA PRO Q 128 29.49 -10.85 60.82
C PRO Q 128 29.73 -12.30 60.42
N GLU Q 129 29.78 -12.53 59.11
CA GLU Q 129 30.06 -13.84 58.56
C GLU Q 129 31.39 -13.84 57.83
N LEU Q 130 32.14 -14.93 58.01
CA LEU Q 130 33.44 -15.11 57.39
C LEU Q 130 33.47 -16.46 56.68
N TYR Q 131 33.88 -16.46 55.42
CA TYR Q 131 34.00 -17.67 54.62
C TYR Q 131 35.41 -17.75 54.06
N ARG Q 132 35.93 -18.98 53.97
CA ARG Q 132 37.23 -19.24 53.38
C ARG Q 132 37.08 -20.32 52.33
N ILE Q 133 37.58 -20.05 51.12
CA ILE Q 133 37.56 -20.99 50.01
C ILE Q 133 39.00 -21.28 49.60
N THR Q 134 39.36 -22.55 49.52
CA THR Q 134 40.71 -22.95 49.19
C THR Q 134 40.83 -23.31 47.71
N TYR Q 135 42.07 -23.59 47.29
CA TYR Q 135 42.37 -23.74 45.88
C TYR Q 135 41.57 -24.86 45.23
N ASP Q 136 41.15 -25.86 46.00
CA ASP Q 136 40.42 -26.99 45.43
C ASP Q 136 38.91 -26.81 45.51
N GLY Q 137 38.44 -25.62 45.88
CA GLY Q 137 37.01 -25.41 46.02
C GLY Q 137 36.43 -25.84 47.33
N SER Q 138 37.24 -26.27 48.30
CA SER Q 138 36.74 -26.52 49.64
C SER Q 138 36.33 -25.21 50.28
N ILE Q 139 35.22 -25.24 51.02
CA ILE Q 139 34.66 -24.04 51.62
C ILE Q 139 34.43 -24.26 53.11
N ALA Q 140 34.62 -23.18 53.88
CA ALA Q 140 34.56 -23.29 55.32
C ALA Q 140 33.99 -22.00 55.92
N ASP Q 141 33.17 -22.18 56.95
CA ASP Q 141 32.51 -21.09 57.65
C ASP Q 141 33.23 -20.83 58.97
N GLU Q 142 33.71 -19.61 59.17
CA GLU Q 142 34.45 -19.28 60.38
C GLU Q 142 33.73 -18.20 61.18
N PRO Q 143 33.73 -18.30 62.51
CA PRO Q 143 32.98 -17.32 63.32
C PRO Q 143 33.79 -16.11 63.75
N HIS Q 144 35.11 -16.25 63.91
CA HIS Q 144 35.91 -15.18 64.48
C HIS Q 144 36.95 -14.64 63.52
N PHE Q 145 37.73 -15.50 62.88
CA PHE Q 145 38.82 -15.03 62.03
C PHE Q 145 39.17 -16.09 60.99
N VAL Q 146 39.76 -15.63 59.90
CA VAL Q 146 40.31 -16.47 58.85
C VAL Q 146 41.72 -16.00 58.58
N VAL Q 147 42.63 -16.95 58.37
CA VAL Q 147 44.02 -16.67 58.05
C VAL Q 147 44.39 -17.41 56.78
N MET Q 148 45.15 -16.76 55.90
CA MET Q 148 45.38 -17.27 54.56
C MET Q 148 46.81 -16.99 54.11
N GLY Q 149 47.45 -18.00 53.55
CA GLY Q 149 48.72 -17.73 52.88
C GLY Q 149 49.92 -17.91 53.77
N GLY Q 150 51.04 -18.29 53.16
CA GLY Q 150 52.25 -18.49 53.91
C GLY Q 150 52.10 -19.61 54.92
N THR Q 151 52.77 -19.46 56.06
CA THR Q 151 52.70 -20.42 57.15
C THR Q 151 51.59 -19.99 58.09
N THR Q 152 50.46 -20.71 58.04
CA THR Q 152 49.26 -20.27 58.75
C THR Q 152 49.24 -20.67 60.21
N GLU Q 153 49.96 -21.73 60.60
CA GLU Q 153 49.90 -22.18 61.99
C GLU Q 153 50.32 -21.10 62.98
N PRO Q 154 51.48 -20.47 62.85
CA PRO Q 154 51.87 -19.44 63.84
C PRO Q 154 50.82 -18.34 63.99
N ILE Q 155 50.26 -17.87 62.88
CA ILE Q 155 49.34 -16.75 62.90
C ILE Q 155 48.00 -17.16 63.50
N ALA Q 156 47.48 -18.32 63.09
CA ALA Q 156 46.22 -18.80 63.63
C ALA Q 156 46.35 -19.09 65.13
N ASN Q 157 47.48 -19.67 65.54
CA ASN Q 157 47.71 -19.90 66.96
C ASN Q 157 47.74 -18.58 67.73
N ALA Q 158 48.54 -17.62 67.26
CA ALA Q 158 48.59 -16.32 67.91
C ALA Q 158 47.19 -15.73 68.06
N LEU Q 159 46.44 -15.65 66.97
CA LEU Q 159 45.10 -15.09 67.04
C LEU Q 159 44.22 -15.87 68.02
N LYS Q 160 44.39 -17.19 68.06
CA LYS Q 160 43.57 -18.01 68.96
C LYS Q 160 43.80 -17.62 70.42
N GLU Q 161 45.04 -17.25 70.78
CA GLU Q 161 45.35 -16.88 72.14
C GLU Q 161 44.90 -15.47 72.49
N SER Q 162 44.72 -14.60 71.50
CA SER Q 162 44.52 -13.18 71.74
C SER Q 162 43.22 -12.63 71.18
N TYR Q 163 42.44 -13.43 70.47
CA TYR Q 163 41.22 -12.91 69.85
C TYR Q 163 40.14 -12.69 70.90
N ALA Q 164 39.56 -11.49 70.90
CA ALA Q 164 38.49 -11.13 71.81
C ALA Q 164 37.31 -10.60 71.01
N GLU Q 165 36.14 -11.22 71.17
CA GLU Q 165 34.96 -10.81 70.44
C GLU Q 165 34.59 -9.37 70.78
N ASN Q 166 34.29 -8.59 69.74
CA ASN Q 166 33.83 -7.21 69.90
C ASN Q 166 34.93 -6.29 70.41
N ALA Q 167 36.19 -6.62 70.13
CA ALA Q 167 37.26 -5.70 70.44
C ALA Q 167 37.10 -4.43 69.61
N SER Q 168 37.74 -3.36 70.07
CA SER Q 168 37.70 -2.10 69.33
C SER Q 168 38.55 -2.23 68.06
N LEU Q 169 38.39 -1.25 67.17
CA LEU Q 169 39.15 -1.30 65.92
C LEU Q 169 40.65 -1.28 66.18
N THR Q 170 41.11 -0.43 67.09
CA THR Q 170 42.54 -0.35 67.38
C THR Q 170 43.05 -1.66 67.95
N ASP Q 171 42.37 -2.20 68.97
CA ASP Q 171 42.79 -3.45 69.57
C ASP Q 171 42.87 -4.56 68.53
N ALA Q 172 41.80 -4.74 67.75
CA ALA Q 172 41.79 -5.79 66.74
C ALA Q 172 42.91 -5.60 65.73
N LEU Q 173 43.20 -4.35 65.35
CA LEU Q 173 44.29 -4.10 64.41
C LEU Q 173 45.63 -4.52 65.01
N ARG Q 174 45.94 -4.04 66.20
CA ARG Q 174 47.22 -4.36 66.84
C ARG Q 174 47.37 -5.86 67.02
N ILE Q 175 46.28 -6.54 67.40
CA ILE Q 175 46.34 -7.99 67.57
C ILE Q 175 46.53 -8.67 66.21
N ALA Q 176 46.00 -8.08 65.14
CA ALA Q 176 46.19 -8.63 63.80
C ALA Q 176 47.65 -8.54 63.38
N VAL Q 177 48.19 -7.32 63.36
CA VAL Q 177 49.61 -7.15 63.00
C VAL Q 177 50.47 -8.06 63.85
N ALA Q 178 50.21 -8.10 65.16
CA ALA Q 178 50.95 -8.99 66.05
C ALA Q 178 50.91 -10.43 65.52
N ALA Q 179 49.71 -10.96 65.30
CA ALA Q 179 49.59 -12.34 64.83
C ALA Q 179 50.34 -12.56 63.52
N LEU Q 180 50.34 -11.56 62.64
CA LEU Q 180 51.06 -11.69 61.38
C LEU Q 180 52.57 -11.71 61.60
N ARG Q 181 53.05 -11.03 62.64
CA ARG Q 181 54.49 -11.05 62.92
C ARG Q 181 54.96 -12.43 63.37
N ALA Q 182 54.08 -13.21 63.98
CA ALA Q 182 54.43 -14.55 64.45
C ALA Q 182 54.97 -15.41 63.30
N LEU Q 195 56.60 -4.11 60.21
CA LEU Q 195 55.28 -4.05 59.61
C LEU Q 195 54.57 -2.72 59.89
N GLY Q 196 54.97 -1.68 59.16
CA GLY Q 196 54.32 -0.38 59.24
C GLY Q 196 53.33 -0.17 58.13
N VAL Q 197 52.93 1.08 57.94
CA VAL Q 197 51.94 1.40 56.91
C VAL Q 197 52.51 1.13 55.53
N ALA Q 198 53.79 1.42 55.32
CA ALA Q 198 54.39 1.24 54.00
C ALA Q 198 54.34 -0.20 53.51
N SER Q 199 54.14 -1.17 54.42
CA SER Q 199 54.14 -2.57 54.06
C SER Q 199 52.85 -3.29 54.46
N LEU Q 200 51.78 -2.55 54.72
CA LEU Q 200 50.50 -3.15 55.08
C LEU Q 200 49.40 -2.62 54.18
N GLU Q 201 48.48 -3.51 53.81
CA GLU Q 201 47.22 -3.12 53.19
C GLU Q 201 46.10 -3.44 54.16
N VAL Q 202 45.34 -2.42 54.55
CA VAL Q 202 44.28 -2.58 55.55
C VAL Q 202 42.99 -2.00 55.00
N ALA Q 203 41.88 -2.68 55.28
CA ALA Q 203 40.56 -2.21 54.89
C ALA Q 203 39.57 -2.83 55.85
N VAL Q 204 38.33 -2.33 55.82
CA VAL Q 204 37.34 -2.73 56.82
C VAL Q 204 35.96 -2.75 56.18
N LEU Q 205 35.16 -3.74 56.60
CA LEU Q 205 33.72 -3.78 56.33
C LEU Q 205 33.06 -3.16 57.56
N ASP Q 206 32.79 -1.86 57.47
CA ASP Q 206 32.31 -1.05 58.59
C ASP Q 206 30.78 -1.06 58.59
N ALA Q 207 30.20 -1.75 59.58
CA ALA Q 207 28.76 -1.95 59.64
C ALA Q 207 27.98 -0.68 59.93
N ASN Q 208 28.64 0.48 60.10
CA ASN Q 208 27.93 1.71 60.39
C ASN Q 208 27.74 2.59 59.16
N ARG Q 209 28.33 2.24 58.02
CA ARG Q 209 28.09 3.05 56.84
C ARG Q 209 26.72 2.72 56.26
N PRO Q 210 26.00 3.72 55.75
CA PRO Q 210 24.60 3.48 55.34
C PRO Q 210 24.45 2.44 54.24
N ARG Q 211 25.29 2.48 53.20
CA ARG Q 211 25.16 1.53 52.09
C ARG Q 211 26.46 0.76 51.87
N ARG Q 212 27.51 1.41 51.38
CA ARG Q 212 28.74 0.70 51.00
C ARG Q 212 29.63 0.58 52.24
N ALA Q 213 29.66 -0.62 52.82
CA ALA Q 213 30.33 -0.84 54.09
C ALA Q 213 31.85 -0.88 53.98
N PHE Q 214 32.39 -1.03 52.77
CA PHE Q 214 33.82 -1.17 52.59
C PHE Q 214 34.49 0.20 52.65
N ARG Q 215 35.59 0.29 53.41
CA ARG Q 215 36.41 1.49 53.35
C ARG Q 215 37.85 1.14 53.71
N ARG Q 216 38.78 1.85 53.07
CA ARG Q 216 40.21 1.62 53.26
C ARG Q 216 40.77 2.55 54.31
N ILE Q 217 41.71 2.02 55.11
CA ILE Q 217 42.47 2.81 56.07
C ILE Q 217 43.91 2.84 55.56
N THR Q 218 44.40 4.05 55.25
CA THR Q 218 45.69 4.19 54.59
C THR Q 218 46.43 5.41 55.13
N GLY Q 219 47.75 5.35 55.01
CA GLY Q 219 48.57 6.52 55.28
C GLY Q 219 48.45 6.99 56.71
N SER Q 220 48.11 8.28 56.87
CA SER Q 220 48.17 8.92 58.18
C SER Q 220 47.19 8.30 59.15
N ALA Q 221 45.94 8.08 58.72
CA ALA Q 221 44.95 7.51 59.62
C ALA Q 221 45.38 6.14 60.12
N LEU Q 222 45.89 5.30 59.21
CA LEU Q 222 46.42 4.00 59.64
C LEU Q 222 47.57 4.17 60.61
N GLN Q 223 48.46 5.13 60.34
CA GLN Q 223 49.57 5.40 61.26
C GLN Q 223 49.06 5.68 62.66
N ALA Q 224 48.11 6.63 62.78
CA ALA Q 224 47.54 6.94 64.08
C ALA Q 224 46.87 5.73 64.69
N LEU Q 225 46.33 4.83 63.87
CA LEU Q 225 45.69 3.64 64.42
C LEU Q 225 46.71 2.66 64.98
N LEU Q 226 47.91 2.59 64.40
CA LEU Q 226 48.89 1.59 64.79
C LEU Q 226 49.52 1.90 66.14
N VAL Q 227 50.41 2.88 66.19
CA VAL Q 227 51.09 3.23 67.43
C VAL Q 227 50.07 3.85 68.38
N ASP Q 228 49.81 3.16 69.49
CA ASP Q 228 48.72 3.49 70.42
C ASP Q 228 47.45 3.91 69.69
N MET R 1 42.82 -48.22 30.28
CA MET R 1 41.39 -48.35 30.53
C MET R 1 41.11 -48.89 31.93
N GLU R 2 41.59 -50.10 32.20
CA GLU R 2 41.47 -50.66 33.55
C GLU R 2 42.15 -49.75 34.57
N GLN R 3 43.37 -49.30 34.25
CA GLN R 3 44.09 -48.37 35.11
C GLN R 3 43.23 -47.15 35.44
N ALA R 4 42.80 -46.43 34.41
CA ALA R 4 42.05 -45.19 34.62
C ALA R 4 40.83 -45.42 35.50
N MET R 5 39.99 -46.40 35.14
CA MET R 5 38.74 -46.60 35.88
C MET R 5 39.02 -47.03 37.32
N ARG R 6 40.05 -47.85 37.53
CA ARG R 6 40.44 -48.21 38.89
C ARG R 6 40.83 -46.97 39.69
N GLU R 7 41.69 -46.13 39.11
CA GLU R 7 42.14 -44.92 39.82
C GLU R 7 40.97 -44.00 40.14
N ARG R 8 40.11 -43.74 39.16
CA ARG R 8 38.95 -42.88 39.40
C ARG R 8 38.07 -43.45 40.50
N SER R 9 37.77 -44.75 40.42
CA SER R 9 36.99 -45.40 41.47
C SER R 9 37.61 -45.19 42.85
N GLU R 10 38.92 -45.39 42.96
CA GLU R 10 39.58 -45.24 44.26
C GLU R 10 39.62 -43.79 44.72
N LEU R 11 39.76 -42.84 43.81
CA LEU R 11 39.76 -41.44 44.20
C LEU R 11 38.39 -41.04 44.75
N ALA R 12 37.32 -41.44 44.06
CA ALA R 12 35.98 -41.18 44.56
C ALA R 12 35.78 -41.83 45.93
N ARG R 13 36.12 -43.12 46.04
CA ARG R 13 35.83 -43.85 47.26
C ARG R 13 36.64 -43.32 48.45
N LYS R 14 37.93 -43.04 48.25
CA LYS R 14 38.74 -42.47 49.31
C LYS R 14 38.25 -41.08 49.69
N GLY R 15 37.78 -40.31 48.70
CA GLY R 15 37.23 -39.00 49.01
C GLY R 15 35.99 -39.08 49.89
N ILE R 16 35.04 -39.95 49.52
CA ILE R 16 33.82 -40.07 50.30
C ILE R 16 34.11 -40.64 51.68
N ALA R 17 35.06 -41.57 51.77
CA ALA R 17 35.37 -42.19 53.06
C ALA R 17 35.96 -41.22 54.06
N ARG R 18 36.44 -40.05 53.62
CA ARG R 18 37.00 -39.07 54.52
C ARG R 18 36.02 -37.96 54.88
N ALA R 19 34.78 -38.06 54.40
CA ALA R 19 33.76 -37.04 54.63
C ALA R 19 32.85 -37.43 55.79
N LYS R 20 32.09 -36.47 56.25
CA LYS R 20 31.16 -36.70 57.35
C LYS R 20 29.91 -37.42 56.86
N SER R 21 29.28 -38.15 57.78
CA SER R 21 28.25 -39.10 57.42
C SER R 21 26.85 -38.51 57.53
N VAL R 22 25.94 -39.06 56.72
CA VAL R 22 24.55 -38.64 56.66
C VAL R 22 23.68 -39.88 56.75
N VAL R 23 22.55 -39.74 57.44
CA VAL R 23 21.56 -40.80 57.59
C VAL R 23 20.22 -40.28 57.11
N ALA R 24 19.48 -41.14 56.41
CA ALA R 24 18.09 -40.87 56.05
C ALA R 24 17.27 -42.09 56.39
N LEU R 25 16.14 -41.90 57.08
CA LEU R 25 15.34 -43.08 57.41
C LEU R 25 13.86 -42.72 57.51
N ALA R 26 13.03 -43.69 57.13
CA ALA R 26 11.59 -43.50 57.15
C ALA R 26 11.07 -43.61 58.58
N TYR R 27 10.09 -42.76 58.90
CA TYR R 27 9.44 -42.80 60.20
C TYR R 27 7.95 -42.52 60.02
N ALA R 28 7.21 -42.66 61.12
CA ALA R 28 5.75 -42.56 61.07
C ALA R 28 5.27 -41.33 60.31
N GLY R 29 6.03 -40.25 60.35
CA GLY R 29 5.63 -38.99 59.76
C GLY R 29 6.25 -38.63 58.43
N GLY R 30 7.06 -39.51 57.84
CA GLY R 30 7.69 -39.21 56.58
C GLY R 30 9.11 -39.70 56.50
N VAL R 31 10.04 -38.84 56.12
CA VAL R 31 11.45 -39.20 56.07
C VAL R 31 12.24 -38.23 56.94
N LEU R 32 13.25 -38.76 57.62
CA LEU R 32 14.13 -37.97 58.47
C LEU R 32 15.54 -37.95 57.90
N PHE R 33 16.09 -36.76 57.70
CA PHE R 33 17.47 -36.55 57.29
C PHE R 33 18.25 -35.99 58.47
N VAL R 34 19.39 -36.62 58.77
CA VAL R 34 20.27 -36.20 59.85
C VAL R 34 21.70 -36.32 59.36
N ALA R 35 22.40 -35.20 59.24
CA ALA R 35 23.78 -35.20 58.78
C ALA R 35 24.67 -34.48 59.77
N GLU R 36 25.86 -35.04 59.98
CA GLU R 36 26.88 -34.38 60.80
C GLU R 36 27.36 -33.15 60.06
N ASN R 37 27.09 -31.96 60.62
CA ASN R 37 27.39 -30.74 59.90
C ASN R 37 27.67 -29.60 60.86
N PRO R 38 28.92 -29.15 60.97
CA PRO R 38 29.27 -28.07 61.89
C PRO R 38 29.06 -26.67 61.32
N SER R 39 28.52 -26.55 60.11
CA SER R 39 28.40 -25.26 59.46
C SER R 39 27.11 -24.56 59.89
N ARG R 40 27.21 -23.24 60.07
CA ARG R 40 26.03 -22.44 60.36
C ARG R 40 25.14 -22.29 59.14
N SER R 41 25.75 -22.15 57.96
CA SER R 41 25.03 -21.78 56.74
C SER R 41 25.16 -22.77 55.60
N LEU R 42 26.18 -23.62 55.59
CA LEU R 42 26.42 -24.54 54.48
C LEU R 42 25.63 -25.82 54.69
N GLN R 43 24.82 -26.18 53.69
CA GLN R 43 23.81 -27.22 53.82
C GLN R 43 24.17 -28.45 53.00
N LYS R 44 23.86 -29.63 53.56
CA LYS R 44 24.00 -30.90 52.87
C LYS R 44 22.67 -31.56 52.56
N ILE R 45 21.57 -31.03 53.09
CA ILE R 45 20.23 -31.58 52.90
C ILE R 45 19.36 -30.48 52.30
N SER R 46 18.63 -30.82 51.24
CA SER R 46 17.89 -29.81 50.50
C SER R 46 16.54 -30.35 50.07
N GLU R 47 15.65 -29.41 49.77
CA GLU R 47 14.41 -29.73 49.09
C GLU R 47 14.65 -29.85 47.59
N LEU R 48 14.05 -30.86 46.98
CA LEU R 48 14.00 -30.96 45.52
C LEU R 48 12.65 -30.55 44.97
N TYR R 49 11.57 -31.08 45.52
CA TYR R 49 10.23 -30.80 45.02
C TYR R 49 9.22 -31.06 46.14
N ASP R 50 7.95 -30.78 45.84
CA ASP R 50 6.87 -30.86 46.82
C ASP R 50 7.05 -32.02 47.81
N ARG R 51 7.23 -33.23 47.30
CA ARG R 51 7.33 -34.42 48.15
C ARG R 51 8.67 -35.12 48.02
N VAL R 52 9.70 -34.45 47.50
CA VAL R 52 10.98 -35.09 47.23
C VAL R 52 12.09 -34.28 47.85
N GLY R 53 12.99 -34.95 48.58
CA GLY R 53 14.09 -34.30 49.25
C GLY R 53 15.42 -34.96 48.91
N PHE R 54 16.49 -34.27 49.29
CA PHE R 54 17.85 -34.51 48.83
C PHE R 54 18.82 -34.50 50.00
N ALA R 55 19.77 -35.44 50.02
CA ALA R 55 20.84 -35.43 50.99
C ALA R 55 22.12 -35.92 50.33
N ALA R 56 23.27 -35.46 50.80
CA ALA R 56 24.51 -35.79 50.13
C ALA R 56 25.67 -35.81 51.13
N ALA R 57 26.66 -36.65 50.83
CA ALA R 57 27.91 -36.69 51.57
C ALA R 57 29.08 -36.55 50.59
N GLY R 58 30.16 -35.93 51.07
CA GLY R 58 31.40 -35.82 50.31
C GLY R 58 31.79 -34.38 50.07
N LYS R 59 32.33 -34.13 48.88
CA LYS R 59 32.84 -32.81 48.52
C LYS R 59 31.67 -31.84 48.29
N PHE R 60 31.66 -30.72 49.02
CA PHE R 60 30.48 -29.86 49.04
C PHE R 60 30.17 -29.28 47.66
N ASN R 61 31.17 -28.68 47.02
CA ASN R 61 30.88 -28.00 45.74
C ASN R 61 30.31 -28.96 44.72
N GLU R 62 30.69 -30.24 44.78
CA GLU R 62 30.25 -31.20 43.78
C GLU R 62 28.81 -31.67 44.04
N PHE R 63 28.50 -32.10 45.27
CA PHE R 63 27.13 -32.49 45.52
C PHE R 63 26.18 -31.30 45.55
N ASP R 64 26.72 -30.09 45.70
CA ASP R 64 25.91 -28.88 45.53
C ASP R 64 25.63 -28.60 44.06
N ASN R 65 26.62 -28.82 43.20
CA ASN R 65 26.36 -28.83 41.76
C ASN R 65 25.23 -29.79 41.43
N LEU R 66 25.33 -31.04 41.89
CA LEU R 66 24.30 -32.03 41.60
C LEU R 66 22.95 -31.65 42.22
N ARG R 67 22.97 -31.01 43.39
CA ARG R 67 21.74 -30.53 44.01
C ARG R 67 21.03 -29.53 43.11
N ARG R 68 21.75 -28.48 42.70
CA ARG R 68 21.16 -27.49 41.81
C ARG R 68 20.67 -28.12 40.52
N GLY R 69 21.46 -29.04 39.94
CA GLY R 69 21.02 -29.73 38.74
C GLY R 69 19.71 -30.48 38.95
N GLY R 70 19.54 -31.05 40.15
CA GLY R 70 18.29 -31.74 40.44
C GLY R 70 17.11 -30.79 40.57
N ILE R 71 17.32 -29.65 41.23
CA ILE R 71 16.26 -28.65 41.31
C ILE R 71 15.88 -28.18 39.91
N GLN R 72 16.87 -28.02 39.03
CA GLN R 72 16.60 -27.62 37.66
C GLN R 72 15.76 -28.67 36.94
N PHE R 73 16.22 -29.92 36.98
CA PHE R 73 15.45 -31.00 36.35
C PHE R 73 14.02 -31.01 36.85
N ALA R 74 13.85 -31.01 38.18
CA ALA R 74 12.52 -31.16 38.76
C ALA R 74 11.61 -30.01 38.37
N ASP R 75 12.09 -28.77 38.49
CA ASP R 75 11.24 -27.62 38.16
C ASP R 75 10.90 -27.60 36.68
N THR R 76 11.86 -27.95 35.82
CA THR R 76 11.58 -27.98 34.39
C THR R 76 10.51 -29.01 34.06
N ARG R 77 10.65 -30.23 34.62
CA ARG R 77 9.66 -31.27 34.34
C ARG R 77 8.30 -30.92 34.92
N GLY R 78 8.27 -30.32 36.11
CA GLY R 78 7.02 -29.90 36.69
C GLY R 78 6.32 -28.84 35.84
N TYR R 79 7.10 -27.95 35.23
CA TYR R 79 6.50 -26.92 34.39
C TYR R 79 6.04 -27.48 33.05
N ALA R 80 6.82 -28.39 32.47
CA ALA R 80 6.48 -28.90 31.14
C ALA R 80 5.27 -29.82 31.19
N TYR R 81 5.09 -30.56 32.29
CA TYR R 81 3.96 -31.45 32.41
C TYR R 81 3.06 -30.94 33.53
N ASP R 82 3.09 -31.60 34.69
CA ASP R 82 2.43 -31.07 35.88
C ASP R 82 3.27 -31.48 37.09
N ARG R 83 3.01 -30.80 38.22
CA ARG R 83 3.81 -31.05 39.42
C ARG R 83 3.76 -32.52 39.83
N ARG R 84 2.57 -33.13 39.78
CA ARG R 84 2.44 -34.50 40.25
C ARG R 84 3.09 -35.52 39.32
N ASP R 85 3.66 -35.10 38.21
CA ASP R 85 4.41 -36.01 37.35
C ASP R 85 5.87 -36.15 37.80
N VAL R 86 6.35 -35.24 38.63
CA VAL R 86 7.70 -35.33 39.18
C VAL R 86 7.69 -36.28 40.37
N THR R 87 8.62 -37.24 40.36
CA THR R 87 8.68 -38.24 41.42
C THR R 87 10.13 -38.45 41.84
N GLY R 88 10.30 -39.05 43.02
CA GLY R 88 11.64 -39.31 43.52
C GLY R 88 12.38 -40.35 42.70
N ARG R 89 11.67 -41.38 42.23
CA ARG R 89 12.30 -42.36 41.35
C ARG R 89 12.90 -41.67 40.13
N GLN R 90 12.19 -40.68 39.58
CA GLN R 90 12.69 -39.95 38.43
C GLN R 90 14.01 -39.24 38.74
N LEU R 91 14.01 -38.43 39.81
CA LEU R 91 15.22 -37.72 40.20
C LEU R 91 16.39 -38.69 40.43
N ALA R 92 16.13 -39.82 41.10
CA ALA R 92 17.18 -40.80 41.27
C ALA R 92 17.67 -41.33 39.93
N ASN R 93 16.74 -41.56 39.00
CA ASN R 93 17.12 -42.04 37.68
C ASN R 93 18.10 -41.08 37.00
N VAL R 94 17.75 -39.79 36.99
CA VAL R 94 18.62 -38.81 36.36
C VAL R 94 19.93 -38.67 37.11
N TYR R 95 19.93 -38.85 38.44
CA TYR R 95 21.17 -38.78 39.18
C TYR R 95 22.08 -39.97 38.84
N ALA R 96 21.49 -41.15 38.61
CA ALA R 96 22.27 -42.28 38.13
C ALA R 96 22.90 -41.96 36.79
N GLN R 97 22.10 -41.51 35.82
CA GLN R 97 22.64 -41.18 34.50
C GLN R 97 23.76 -40.14 34.62
N THR R 98 23.47 -39.03 35.30
CA THR R 98 24.41 -37.93 35.41
C THR R 98 25.71 -38.38 36.06
N LEU R 99 25.62 -39.07 37.19
CA LEU R 99 26.83 -39.50 37.87
C LEU R 99 27.61 -40.52 37.06
N GLY R 100 26.92 -41.36 36.27
CA GLY R 100 27.65 -42.23 35.36
C GLY R 100 28.47 -41.44 34.36
N THR R 101 27.84 -40.45 33.71
CA THR R 101 28.56 -39.62 32.76
C THR R 101 29.74 -38.91 33.41
N ILE R 102 29.52 -38.31 34.59
CA ILE R 102 30.60 -37.63 35.29
C ILE R 102 31.73 -38.61 35.57
N PHE R 103 31.41 -39.73 36.23
CA PHE R 103 32.41 -40.70 36.62
C PHE R 103 33.27 -41.13 35.44
N THR R 104 32.66 -41.29 34.27
CA THR R 104 33.45 -41.78 33.14
C THR R 104 34.07 -40.68 32.28
N GLU R 105 33.67 -39.43 32.43
CA GLU R 105 34.04 -38.41 31.45
C GLU R 105 34.59 -37.09 32.02
N GLN R 106 34.40 -36.79 33.30
CA GLN R 106 34.89 -35.51 33.77
C GLN R 106 36.36 -35.59 34.14
N ALA R 107 37.00 -34.42 34.20
CA ALA R 107 38.42 -34.35 34.55
C ALA R 107 38.72 -35.16 35.80
N LYS R 108 37.92 -34.95 36.85
CA LYS R 108 38.04 -35.72 38.08
C LYS R 108 36.65 -36.18 38.48
N PRO R 109 36.44 -37.48 38.73
CA PRO R 109 35.12 -37.94 39.15
C PRO R 109 34.67 -37.19 40.40
N TYR R 110 33.36 -37.19 40.62
CA TYR R 110 32.80 -36.50 41.77
C TYR R 110 32.91 -37.36 43.01
N GLU R 111 33.42 -36.76 44.09
CA GLU R 111 33.54 -37.45 45.38
C GLU R 111 32.29 -37.16 46.21
N VAL R 112 31.19 -37.79 45.79
CA VAL R 112 29.88 -37.54 46.40
C VAL R 112 29.10 -38.84 46.49
N GLU R 113 28.14 -38.85 47.40
CA GLU R 113 27.16 -39.91 47.54
C GLU R 113 25.81 -39.25 47.80
N LEU R 114 24.80 -39.66 47.05
CA LEU R 114 23.52 -38.96 47.03
C LEU R 114 22.40 -39.85 47.56
N CYS R 115 21.42 -39.21 48.18
CA CYS R 115 20.18 -39.84 48.59
C CYS R 115 19.02 -38.97 48.15
N VAL R 116 18.01 -39.61 47.55
CA VAL R 116 16.76 -38.97 47.19
C VAL R 116 15.63 -39.67 47.93
N ALA R 117 14.71 -38.91 48.51
CA ALA R 117 13.63 -39.50 49.28
C ALA R 117 12.29 -38.91 48.87
N GLU R 118 11.25 -39.75 48.86
CA GLU R 118 9.92 -39.32 48.48
C GLU R 118 8.92 -39.79 49.53
N VAL R 119 8.03 -38.90 49.93
CA VAL R 119 6.92 -39.21 50.82
C VAL R 119 5.61 -38.97 50.08
N ALA R 120 4.52 -39.43 50.67
CA ALA R 120 3.22 -39.35 50.00
C ALA R 120 2.73 -37.91 49.95
N HIS R 121 1.89 -37.63 48.95
CA HIS R 121 1.16 -36.38 48.94
C HIS R 121 0.14 -36.37 50.07
N TYR R 122 -0.27 -35.16 50.46
CA TYR R 122 -1.17 -35.01 51.59
C TYR R 122 -2.43 -35.86 51.40
N GLY R 123 -2.76 -36.63 52.44
CA GLY R 123 -3.98 -37.42 52.45
C GLY R 123 -3.87 -38.79 51.83
N GLU R 124 -2.77 -39.11 51.18
CA GLU R 124 -2.60 -40.41 50.54
C GLU R 124 -1.75 -41.32 51.42
N THR R 125 -1.82 -42.61 51.14
CA THR R 125 -1.17 -43.64 51.94
C THR R 125 -0.17 -44.37 51.04
N LYS R 126 1.10 -43.95 51.12
CA LYS R 126 2.16 -44.48 50.27
C LYS R 126 3.43 -44.56 51.09
N ARG R 127 4.02 -45.76 51.15
CA ARG R 127 5.23 -45.94 51.95
C ARG R 127 6.32 -45.01 51.43
N PRO R 128 7.14 -44.44 52.32
CA PRO R 128 8.26 -43.61 51.86
C PRO R 128 9.20 -44.41 50.97
N GLU R 129 9.89 -43.68 50.08
CA GLU R 129 10.86 -44.28 49.17
C GLU R 129 12.22 -43.63 49.40
N LEU R 130 13.25 -44.47 49.49
CA LEU R 130 14.62 -44.01 49.65
C LEU R 130 15.47 -44.58 48.52
N TYR R 131 16.18 -43.70 47.82
CA TYR R 131 17.09 -44.08 46.75
C TYR R 131 18.48 -43.59 47.09
N ARG R 132 19.47 -44.44 46.82
CA ARG R 132 20.87 -44.15 47.05
C ARG R 132 21.60 -44.22 45.72
N ILE R 133 22.35 -43.17 45.39
CA ILE R 133 23.14 -43.12 44.16
C ILE R 133 24.59 -42.92 44.56
N THR R 134 25.46 -43.81 44.11
CA THR R 134 26.88 -43.75 44.41
C THR R 134 27.65 -43.00 43.33
N TYR R 135 28.94 -42.80 43.58
CA TYR R 135 29.74 -41.92 42.73
C TYR R 135 29.82 -42.40 41.29
N ASP R 136 29.67 -43.70 41.03
CA ASP R 136 29.82 -44.23 39.69
C ASP R 136 28.49 -44.41 38.98
N GLY R 137 27.40 -43.92 39.56
CA GLY R 137 26.10 -44.05 38.96
C GLY R 137 25.31 -45.27 39.41
N SER R 138 25.86 -46.10 40.29
CA SER R 138 25.11 -47.21 40.83
C SER R 138 23.96 -46.69 41.67
N ILE R 139 22.79 -47.31 41.53
CA ILE R 139 21.57 -46.83 42.15
C ILE R 139 20.90 -48.00 42.85
N ALA R 140 20.45 -47.77 44.09
CA ALA R 140 19.83 -48.79 44.91
C ALA R 140 18.57 -48.24 45.58
N ASP R 141 17.53 -49.06 45.58
CA ASP R 141 16.27 -48.77 46.24
C ASP R 141 16.30 -49.41 47.63
N GLU R 142 16.06 -48.60 48.67
CA GLU R 142 16.21 -49.09 50.03
C GLU R 142 14.93 -48.88 50.84
N PRO R 143 14.59 -49.82 51.72
CA PRO R 143 13.26 -49.80 52.36
C PRO R 143 13.17 -48.97 53.62
N HIS R 144 14.23 -48.95 54.43
CA HIS R 144 14.16 -48.34 55.75
C HIS R 144 15.12 -47.16 55.92
N PHE R 145 16.38 -47.34 55.58
CA PHE R 145 17.37 -46.29 55.85
C PHE R 145 18.45 -46.32 54.79
N VAL R 146 19.16 -45.19 54.70
CA VAL R 146 20.28 -44.99 53.78
C VAL R 146 21.38 -44.27 54.54
N VAL R 147 22.60 -44.80 54.46
CA VAL R 147 23.76 -44.24 55.13
C VAL R 147 24.77 -43.84 54.06
N MET R 148 25.38 -42.66 54.24
CA MET R 148 26.31 -42.15 53.24
C MET R 148 27.49 -41.46 53.91
N GLY R 149 28.68 -41.65 53.34
CA GLY R 149 29.85 -40.89 53.75
C GLY R 149 30.64 -41.48 54.91
N GLY R 150 31.96 -41.56 54.74
CA GLY R 150 32.80 -42.05 55.81
C GLY R 150 32.66 -43.55 56.02
N THR R 151 32.94 -43.97 57.26
CA THR R 151 32.89 -45.38 57.65
C THR R 151 31.44 -45.74 57.93
N THR R 152 30.76 -46.28 56.91
CA THR R 152 29.31 -46.46 56.97
C THR R 152 28.88 -47.80 57.56
N GLU R 153 29.78 -48.77 57.70
CA GLU R 153 29.34 -50.09 58.14
C GLU R 153 28.91 -50.09 59.60
N PRO R 154 29.65 -49.43 60.51
CA PRO R 154 29.16 -49.32 61.89
C PRO R 154 27.77 -48.72 61.98
N ILE R 155 27.54 -47.60 61.30
CA ILE R 155 26.25 -46.93 61.35
C ILE R 155 25.16 -47.84 60.79
N ALA R 156 25.44 -48.45 59.63
CA ALA R 156 24.46 -49.34 59.00
C ALA R 156 24.13 -50.52 59.90
N ASN R 157 25.08 -51.00 60.69
CA ASN R 157 24.79 -52.08 61.62
C ASN R 157 23.96 -51.60 62.80
N ALA R 158 24.35 -50.45 63.38
CA ALA R 158 23.56 -49.86 64.46
C ALA R 158 22.10 -49.73 64.05
N LEU R 159 21.85 -49.08 62.92
CA LEU R 159 20.47 -48.95 62.44
C LEU R 159 19.88 -50.31 62.10
N LYS R 160 20.70 -51.25 61.62
CA LYS R 160 20.19 -52.58 61.28
C LYS R 160 19.65 -53.30 62.51
N GLU R 161 20.20 -52.99 63.70
CA GLU R 161 19.75 -53.62 64.93
C GLU R 161 18.69 -52.83 65.66
N SER R 162 18.69 -51.49 65.52
CA SER R 162 17.88 -50.63 66.36
C SER R 162 16.69 -50.00 65.63
N TYR R 163 16.53 -50.24 64.34
CA TYR R 163 15.46 -49.58 63.58
C TYR R 163 14.13 -50.30 63.77
N ALA R 164 13.07 -49.51 63.92
CA ALA R 164 11.71 -50.03 63.94
C ALA R 164 10.82 -49.13 63.10
N GLU R 165 9.97 -49.75 62.29
CA GLU R 165 9.10 -48.98 61.41
C GLU R 165 8.13 -48.13 62.22
N ASN R 166 7.88 -46.91 61.74
CA ASN R 166 6.84 -46.05 62.29
C ASN R 166 7.19 -45.53 63.68
N ALA R 167 8.47 -45.23 63.90
CA ALA R 167 8.88 -44.62 65.16
C ALA R 167 8.37 -43.19 65.24
N SER R 168 8.40 -42.65 66.45
CA SER R 168 8.10 -41.24 66.64
C SER R 168 9.22 -40.38 66.03
N LEU R 169 8.94 -39.10 65.85
CA LEU R 169 9.98 -38.19 65.38
C LEU R 169 11.13 -38.13 66.39
N THR R 170 10.81 -38.09 67.68
CA THR R 170 11.85 -38.07 68.70
C THR R 170 12.64 -39.36 68.71
N ASP R 171 11.95 -40.50 68.65
CA ASP R 171 12.64 -41.79 68.67
C ASP R 171 13.50 -41.97 67.43
N ALA R 172 12.95 -41.66 66.25
CA ALA R 172 13.73 -41.77 65.02
C ALA R 172 14.96 -40.87 65.08
N LEU R 173 14.79 -39.62 65.52
CA LEU R 173 15.93 -38.74 65.67
C LEU R 173 16.97 -39.34 66.60
N ARG R 174 16.53 -39.83 67.76
CA ARG R 174 17.49 -40.32 68.76
C ARG R 174 18.26 -41.53 68.23
N ILE R 175 17.55 -42.49 67.64
CA ILE R 175 18.26 -43.67 67.13
C ILE R 175 19.17 -43.29 65.97
N ALA R 176 18.80 -42.27 65.19
CA ALA R 176 19.68 -41.83 64.11
C ALA R 176 20.97 -41.22 64.65
N VAL R 177 20.84 -40.24 65.55
CA VAL R 177 22.02 -39.63 66.16
C VAL R 177 22.89 -40.70 66.83
N ALA R 178 22.24 -41.71 67.43
CA ALA R 178 23.00 -42.81 68.02
C ALA R 178 23.80 -43.55 66.95
N ALA R 179 23.13 -43.99 65.89
CA ALA R 179 23.83 -44.74 64.83
C ALA R 179 25.00 -43.94 64.28
N LEU R 180 24.82 -42.63 64.10
CA LEU R 180 25.95 -41.82 63.64
C LEU R 180 27.06 -41.76 64.68
N ARG R 181 26.70 -41.67 65.96
CA ARG R 181 27.70 -41.56 67.01
C ARG R 181 28.66 -42.76 66.99
N ALA R 182 28.15 -43.94 66.66
CA ALA R 182 28.96 -45.15 66.62
C ALA R 182 29.81 -45.24 65.36
N GLY R 183 30.50 -44.16 65.02
CA GLY R 183 31.34 -44.14 63.83
C GLY R 183 31.89 -42.77 63.49
N LEU R 195 27.34 -34.74 70.02
CA LEU R 195 26.59 -34.41 68.82
C LEU R 195 25.26 -33.72 69.18
N GLY R 196 25.28 -32.39 69.16
CA GLY R 196 24.10 -31.62 69.47
C GLY R 196 23.69 -30.66 68.37
N VAL R 197 22.82 -29.70 68.70
CA VAL R 197 22.32 -28.76 67.69
C VAL R 197 23.48 -28.06 66.98
N ALA R 198 24.54 -27.74 67.72
CA ALA R 198 25.64 -26.99 67.15
C ALA R 198 26.43 -27.79 66.13
N SER R 199 26.28 -29.11 66.07
CA SER R 199 27.06 -29.94 65.17
C SER R 199 26.20 -30.84 64.29
N LEU R 200 24.91 -30.50 64.12
CA LEU R 200 23.99 -31.32 63.36
C LEU R 200 23.20 -30.46 62.38
N GLU R 201 22.82 -31.10 61.27
CA GLU R 201 21.84 -30.56 60.33
C GLU R 201 20.73 -31.59 60.23
N VAL R 202 19.51 -31.18 60.58
CA VAL R 202 18.36 -32.09 60.64
C VAL R 202 17.20 -31.49 59.85
N ALA R 203 16.45 -32.35 59.17
CA ALA R 203 15.30 -31.88 58.42
C ALA R 203 14.42 -33.08 58.10
N VAL R 204 13.15 -32.80 57.77
CA VAL R 204 12.17 -33.84 57.56
C VAL R 204 11.39 -33.57 56.29
N LEU R 205 11.05 -34.65 55.59
CA LEU R 205 9.93 -34.66 54.65
C LEU R 205 8.70 -35.07 55.45
N ASP R 206 7.84 -34.08 55.73
CA ASP R 206 6.68 -34.24 56.59
C ASP R 206 5.46 -34.57 55.72
N ALA R 207 5.06 -35.84 55.71
CA ALA R 207 3.96 -36.28 54.88
C ALA R 207 2.63 -35.64 55.27
N ASN R 208 2.58 -34.92 56.40
CA ASN R 208 1.36 -34.26 56.82
C ASN R 208 1.31 -32.79 56.43
N ARG R 209 2.40 -32.26 55.87
CA ARG R 209 2.35 -30.93 55.28
C ARG R 209 1.47 -30.95 54.03
N PRO R 210 0.62 -29.93 53.83
CA PRO R 210 -0.33 -29.99 52.72
C PRO R 210 0.32 -29.99 51.34
N ARG R 211 1.24 -29.06 51.07
CA ARG R 211 1.90 -29.00 49.77
C ARG R 211 3.38 -29.31 49.87
N ARG R 212 4.18 -28.44 50.46
CA ARG R 212 5.64 -28.63 50.49
C ARG R 212 6.03 -29.35 51.78
N ALA R 213 6.61 -30.55 51.63
CA ALA R 213 6.85 -31.42 52.78
C ALA R 213 8.17 -31.12 53.48
N PHE R 214 9.15 -30.57 52.77
CA PHE R 214 10.46 -30.35 53.36
C PHE R 214 10.41 -29.24 54.41
N ARG R 215 10.96 -29.51 55.59
CA ARG R 215 11.10 -28.47 56.61
C ARG R 215 12.27 -28.83 57.52
N ARG R 216 13.04 -27.81 57.89
CA ARG R 216 14.20 -27.99 58.75
C ARG R 216 13.80 -27.95 60.23
N ILE R 217 14.55 -28.67 61.04
CA ILE R 217 14.39 -28.66 62.49
C ILE R 217 15.69 -28.13 63.07
N THR R 218 15.65 -26.89 63.56
CA THR R 218 16.85 -26.16 63.93
C THR R 218 16.71 -25.61 65.34
N GLY R 219 17.83 -25.10 65.86
CA GLY R 219 17.84 -24.33 67.09
C GLY R 219 17.03 -24.94 68.23
N SER R 220 16.26 -24.08 68.89
CA SER R 220 15.53 -24.48 70.09
C SER R 220 14.69 -25.73 69.84
N ALA R 221 13.96 -25.75 68.73
CA ALA R 221 13.08 -26.87 68.44
C ALA R 221 13.87 -28.17 68.32
N LEU R 222 14.99 -28.13 67.59
CA LEU R 222 15.82 -29.32 67.47
C LEU R 222 16.37 -29.75 68.82
N GLN R 223 16.82 -28.78 69.63
CA GLN R 223 17.29 -29.10 70.97
C GLN R 223 16.23 -29.83 71.77
N ALA R 224 14.98 -29.36 71.68
CA ALA R 224 13.90 -29.99 72.44
C ALA R 224 13.76 -31.47 72.12
N LEU R 225 13.93 -31.83 70.85
CA LEU R 225 13.74 -33.22 70.45
C LEU R 225 14.88 -34.13 70.89
N LEU R 226 15.93 -33.59 71.50
CA LEU R 226 17.08 -34.39 71.90
C LEU R 226 17.09 -34.71 73.39
N MET S 1 46.33 -49.69 20.28
CA MET S 1 45.15 -50.19 19.60
C MET S 1 44.65 -51.50 20.18
N GLU S 2 45.51 -52.52 20.20
CA GLU S 2 45.07 -53.86 20.60
C GLU S 2 45.01 -54.01 22.12
N GLN S 3 45.87 -53.31 22.86
CA GLN S 3 45.74 -53.32 24.32
C GLN S 3 44.45 -52.64 24.76
N ALA S 4 44.15 -51.48 24.18
CA ALA S 4 42.94 -50.75 24.52
C ALA S 4 41.70 -51.62 24.31
N MET S 5 41.61 -52.29 23.16
CA MET S 5 40.44 -53.11 22.87
C MET S 5 40.37 -54.32 23.80
N ARG S 6 41.52 -54.96 24.05
CA ARG S 6 41.54 -56.06 25.01
C ARG S 6 40.96 -55.64 26.35
N GLU S 7 41.48 -54.53 26.90
CA GLU S 7 41.00 -54.06 28.19
C GLU S 7 39.51 -53.69 28.15
N ARG S 8 39.06 -53.07 27.05
CA ARG S 8 37.66 -52.69 26.95
C ARG S 8 36.76 -53.92 26.98
N SER S 9 37.04 -54.90 26.11
CA SER S 9 36.28 -56.13 26.13
C SER S 9 36.26 -56.77 27.52
N GLU S 10 37.41 -56.77 28.19
CA GLU S 10 37.46 -57.42 29.50
C GLU S 10 36.68 -56.65 30.56
N LEU S 11 36.67 -55.32 30.48
CA LEU S 11 35.92 -54.53 31.44
C LEU S 11 34.42 -54.74 31.26
N ALA S 12 33.94 -54.66 30.01
CA ALA S 12 32.53 -54.90 29.77
C ALA S 12 32.13 -56.31 30.20
N ARG S 13 32.92 -57.31 29.79
CA ARG S 13 32.57 -58.70 30.10
C ARG S 13 32.54 -58.93 31.61
N LYS S 14 33.57 -58.48 32.33
CA LYS S 14 33.57 -58.64 33.78
C LYS S 14 32.41 -57.90 34.42
N GLY S 15 32.03 -56.74 33.87
CA GLY S 15 30.88 -56.02 34.41
C GLY S 15 29.60 -56.81 34.26
N ILE S 16 29.41 -57.47 33.12
CA ILE S 16 28.20 -58.24 32.92
C ILE S 16 28.21 -59.51 33.77
N ALA S 17 29.36 -60.19 33.84
CA ALA S 17 29.45 -61.42 34.61
C ALA S 17 29.22 -61.19 36.09
N ARG S 18 29.53 -60.00 36.59
CA ARG S 18 29.32 -59.68 38.00
C ARG S 18 27.88 -59.29 38.30
N ALA S 19 27.03 -59.15 37.30
CA ALA S 19 25.66 -58.67 37.47
C ALA S 19 24.67 -59.82 37.55
N LYS S 20 23.46 -59.50 38.01
CA LYS S 20 22.41 -60.49 38.15
C LYS S 20 21.90 -60.94 36.78
N SER S 21 21.25 -62.10 36.75
CA SER S 21 20.90 -62.78 35.52
C SER S 21 19.46 -62.47 35.10
N VAL S 22 19.20 -62.65 33.80
CA VAL S 22 17.91 -62.41 33.18
C VAL S 22 17.66 -63.48 32.13
N VAL S 23 16.40 -63.88 31.99
CA VAL S 23 16.00 -64.93 31.06
C VAL S 23 14.80 -64.46 30.25
N ALA S 24 14.86 -64.65 28.93
CA ALA S 24 13.74 -64.40 28.04
C ALA S 24 13.39 -65.69 27.32
N LEU S 25 12.12 -66.05 27.35
CA LEU S 25 11.68 -67.40 27.00
C LEU S 25 10.48 -67.34 26.08
N ALA S 26 10.48 -68.15 25.02
CA ALA S 26 9.30 -68.27 24.18
C ALA S 26 8.36 -69.30 24.77
N TYR S 27 7.06 -69.00 24.76
CA TYR S 27 6.08 -69.93 25.29
C TYR S 27 4.77 -69.80 24.52
N ALA S 28 3.82 -70.67 24.85
CA ALA S 28 2.56 -70.74 24.10
C ALA S 28 1.90 -69.37 23.99
N GLY S 29 1.89 -68.60 25.06
CA GLY S 29 1.24 -67.31 25.06
C GLY S 29 2.02 -66.17 24.44
N GLY S 30 3.30 -66.37 24.15
CA GLY S 30 4.13 -65.32 23.60
C GLY S 30 5.55 -65.36 24.12
N VAL S 31 5.97 -64.34 24.86
CA VAL S 31 7.32 -64.29 25.41
C VAL S 31 7.26 -63.91 26.87
N LEU S 32 8.20 -64.46 27.65
CA LEU S 32 8.26 -64.27 29.09
C LEU S 32 9.63 -63.74 29.47
N PHE S 33 9.66 -62.59 30.14
CA PHE S 33 10.87 -62.02 30.71
C PHE S 33 10.86 -62.24 32.22
N VAL S 34 11.89 -62.89 32.74
CA VAL S 34 12.10 -63.07 34.17
C VAL S 34 13.49 -62.59 34.53
N ALA S 35 13.57 -61.55 35.35
CA ALA S 35 14.84 -60.96 35.75
C ALA S 35 14.97 -61.00 37.26
N GLU S 36 16.08 -61.54 37.73
CA GLU S 36 16.44 -61.42 39.14
C GLU S 36 16.61 -59.94 39.46
N ASN S 37 15.73 -59.40 40.31
CA ASN S 37 15.73 -57.98 40.62
C ASN S 37 15.13 -57.75 42.00
N PRO S 38 15.89 -57.17 42.92
CA PRO S 38 15.38 -56.96 44.29
C PRO S 38 14.66 -55.64 44.51
N SER S 39 14.51 -54.80 43.48
CA SER S 39 13.96 -53.47 43.65
C SER S 39 12.46 -53.45 43.39
N ARG S 40 11.77 -52.54 44.07
CA ARG S 40 10.34 -52.37 43.88
C ARG S 40 10.04 -51.56 42.62
N SER S 41 10.89 -50.56 42.30
CA SER S 41 10.59 -49.63 41.22
C SER S 41 11.70 -49.50 40.17
N LEU S 42 12.88 -50.04 40.40
CA LEU S 42 13.95 -49.99 39.41
C LEU S 42 13.85 -51.21 38.51
N GLN S 43 13.76 -50.97 37.19
CA GLN S 43 13.34 -52.00 36.26
C GLN S 43 14.39 -52.27 35.20
N LYS S 44 14.46 -53.54 34.77
CA LYS S 44 15.35 -54.00 33.73
C LYS S 44 14.60 -54.56 32.52
N ILE S 45 13.28 -54.69 32.59
CA ILE S 45 12.46 -55.19 31.51
C ILE S 45 11.49 -54.09 31.10
N SER S 46 11.22 -53.99 29.80
CA SER S 46 10.49 -52.82 29.35
C SER S 46 9.79 -53.10 28.02
N GLU S 47 8.63 -52.47 27.87
CA GLU S 47 8.02 -52.30 26.56
C GLU S 47 8.88 -51.39 25.69
N LEU S 48 9.04 -51.75 24.42
CA LEU S 48 9.59 -50.86 23.42
C LEU S 48 8.50 -50.38 22.47
N TYR S 49 7.81 -51.30 21.80
CA TYR S 49 6.72 -50.94 20.89
C TYR S 49 5.62 -51.99 20.99
N ASP S 50 4.56 -51.79 20.21
CA ASP S 50 3.34 -52.59 20.33
C ASP S 50 3.61 -54.05 20.63
N ARG S 51 4.47 -54.69 19.83
CA ARG S 51 4.75 -56.11 19.98
C ARG S 51 6.22 -56.39 20.26
N VAL S 52 6.98 -55.38 20.69
CA VAL S 52 8.41 -55.51 20.86
C VAL S 52 8.79 -55.10 22.29
N GLY S 53 9.55 -55.98 22.96
CA GLY S 53 9.95 -55.76 24.33
C GLY S 53 11.45 -55.92 24.51
N PHE S 54 11.90 -55.52 25.70
CA PHE S 54 13.31 -55.25 25.96
C PHE S 54 13.66 -55.78 27.34
N ALA S 55 14.82 -56.44 27.45
CA ALA S 55 15.37 -56.82 28.74
C ALA S 55 16.87 -56.61 28.72
N ALA S 56 17.45 -56.31 29.87
CA ALA S 56 18.86 -55.96 29.93
C ALA S 56 19.49 -56.49 31.21
N ALA S 57 20.76 -56.84 31.11
CA ALA S 57 21.59 -57.17 32.26
C ALA S 57 22.82 -56.27 32.27
N GLY S 58 23.34 -55.99 33.47
CA GLY S 58 24.54 -55.21 33.62
C GLY S 58 24.29 -53.94 34.40
N LYS S 59 24.98 -52.86 34.02
CA LYS S 59 24.93 -51.60 34.76
C LYS S 59 23.67 -50.82 34.42
N PHE S 60 22.92 -50.43 35.47
CA PHE S 60 21.56 -49.94 35.27
C PHE S 60 21.53 -48.68 34.41
N ASN S 61 22.31 -47.65 34.79
CA ASN S 61 22.20 -46.39 34.07
C ASN S 61 22.48 -46.55 32.59
N GLU S 62 23.33 -47.52 32.23
CA GLU S 62 23.73 -47.67 30.84
C GLU S 62 22.67 -48.41 30.02
N PHE S 63 22.17 -49.54 30.51
CA PHE S 63 21.11 -50.18 29.75
C PHE S 63 19.79 -49.43 29.86
N ASP S 64 19.67 -48.48 30.79
CA ASP S 64 18.50 -47.61 30.81
C ASP S 64 18.65 -46.48 29.79
N ASN S 65 19.87 -45.93 29.64
CA ASN S 65 20.11 -45.04 28.51
C ASN S 65 19.76 -45.74 27.19
N LEU S 66 20.17 -47.00 27.04
CA LEU S 66 19.87 -47.71 25.80
C LEU S 66 18.39 -47.99 25.66
N ARG S 67 17.73 -48.39 26.76
CA ARG S 67 16.28 -48.58 26.73
C ARG S 67 15.59 -47.32 26.22
N ARG S 68 15.94 -46.17 26.78
CA ARG S 68 15.32 -44.92 26.37
C ARG S 68 15.60 -44.63 24.90
N GLY S 69 16.85 -44.81 24.46
CA GLY S 69 17.17 -44.56 23.06
C GLY S 69 16.38 -45.46 22.12
N GLY S 70 16.13 -46.70 22.53
CA GLY S 70 15.34 -47.60 21.70
C GLY S 70 13.88 -47.19 21.63
N ILE S 71 13.31 -46.76 22.76
CA ILE S 71 11.95 -46.26 22.71
C ILE S 71 11.87 -45.03 21.81
N GLN S 72 12.86 -44.14 21.90
CA GLN S 72 12.93 -43.00 20.99
C GLN S 72 12.93 -43.48 19.54
N PHE S 73 13.81 -44.42 19.21
CA PHE S 73 13.92 -44.89 17.84
C PHE S 73 12.60 -45.47 17.33
N ALA S 74 11.98 -46.35 18.12
CA ALA S 74 10.75 -47.00 17.68
C ALA S 74 9.62 -45.99 17.51
N ASP S 75 9.44 -45.10 18.47
CA ASP S 75 8.36 -44.11 18.35
C ASP S 75 8.59 -43.21 17.14
N THR S 76 9.83 -42.80 16.91
CA THR S 76 10.14 -41.97 15.74
C THR S 76 9.81 -42.69 14.44
N ARG S 77 10.34 -43.90 14.27
CA ARG S 77 10.06 -44.65 13.04
C ARG S 77 8.56 -44.87 12.85
N GLY S 78 7.89 -45.35 13.90
CA GLY S 78 6.45 -45.54 13.80
C GLY S 78 5.70 -44.27 13.44
N TYR S 79 6.24 -43.11 13.82
CA TYR S 79 5.55 -41.87 13.46
C TYR S 79 5.85 -41.46 12.03
N ALA S 80 7.11 -41.54 11.60
CA ALA S 80 7.47 -41.10 10.25
C ALA S 80 6.83 -41.98 9.20
N TYR S 81 6.70 -43.27 9.48
CA TYR S 81 6.04 -44.20 8.56
C TYR S 81 4.73 -44.65 9.19
N ASP S 82 4.56 -45.96 9.42
CA ASP S 82 3.40 -46.44 10.17
C ASP S 82 3.87 -47.30 11.33
N ARG S 83 2.95 -47.53 12.27
CA ARG S 83 3.27 -48.33 13.45
C ARG S 83 3.79 -49.71 13.06
N ARG S 84 3.18 -50.32 12.04
CA ARG S 84 3.50 -51.70 11.68
C ARG S 84 4.78 -51.83 10.87
N ASP S 85 5.53 -50.74 10.70
CA ASP S 85 6.86 -50.80 10.11
C ASP S 85 7.95 -50.95 11.15
N VAL S 86 7.60 -50.90 12.43
CA VAL S 86 8.56 -51.10 13.51
C VAL S 86 8.60 -52.60 13.83
N THR S 87 9.81 -53.16 13.86
CA THR S 87 9.99 -54.59 14.03
C THR S 87 11.09 -54.86 15.04
N GLY S 88 11.09 -56.07 15.57
CA GLY S 88 12.17 -56.47 16.46
C GLY S 88 13.52 -56.51 15.75
N ARG S 89 13.53 -56.99 14.52
CA ARG S 89 14.76 -57.00 13.73
C ARG S 89 15.36 -55.60 13.65
N GLN S 90 14.51 -54.61 13.35
CA GLN S 90 14.97 -53.22 13.27
C GLN S 90 15.65 -52.80 14.57
N LEU S 91 14.94 -52.93 15.69
CA LEU S 91 15.48 -52.45 16.96
C LEU S 91 16.77 -53.17 17.30
N ALA S 92 16.82 -54.48 17.12
CA ALA S 92 18.07 -55.20 17.35
C ALA S 92 19.19 -54.65 16.49
N ASN S 93 18.90 -54.38 15.21
CA ASN S 93 19.91 -53.87 14.29
C ASN S 93 20.47 -52.54 14.79
N VAL S 94 19.58 -51.60 15.11
CA VAL S 94 20.05 -50.29 15.58
C VAL S 94 20.79 -50.44 16.91
N TYR S 95 20.42 -51.42 17.73
CA TYR S 95 21.15 -51.67 18.97
C TYR S 95 22.56 -52.17 18.67
N ALA S 96 22.69 -53.04 17.67
CA ALA S 96 24.02 -53.51 17.30
C ALA S 96 24.90 -52.34 16.87
N GLN S 97 24.39 -51.51 15.97
CA GLN S 97 25.14 -50.32 15.57
C GLN S 97 25.52 -49.47 16.78
N THR S 98 24.52 -49.15 17.62
CA THR S 98 24.75 -48.22 18.72
C THR S 98 25.77 -48.74 19.71
N LEU S 99 25.61 -49.99 20.16
CA LEU S 99 26.57 -50.57 21.08
C LEU S 99 27.94 -50.73 20.45
N GLY S 100 28.02 -50.92 19.14
CA GLY S 100 29.32 -50.94 18.49
C GLY S 100 30.03 -49.61 18.60
N THR S 101 29.35 -48.53 18.19
CA THR S 101 29.89 -47.20 18.37
C THR S 101 30.33 -46.96 19.81
N ILE S 102 29.44 -47.25 20.77
CA ILE S 102 29.77 -47.08 22.18
C ILE S 102 31.04 -47.83 22.53
N PHE S 103 31.12 -49.10 22.11
CA PHE S 103 32.21 -49.96 22.54
C PHE S 103 33.55 -49.47 22.00
N THR S 104 33.58 -48.93 20.79
CA THR S 104 34.86 -48.49 20.24
C THR S 104 35.17 -47.02 20.48
N GLU S 105 34.22 -46.21 20.96
CA GLU S 105 34.41 -44.77 21.00
C GLU S 105 34.05 -44.10 22.32
N GLN S 106 33.30 -44.74 23.21
CA GLN S 106 32.90 -44.09 24.45
C GLN S 106 34.01 -44.16 25.50
N ALA S 107 34.01 -43.16 26.39
CA ALA S 107 35.04 -43.09 27.42
C ALA S 107 35.22 -44.42 28.13
N LYS S 108 34.12 -45.07 28.49
CA LYS S 108 34.13 -46.42 29.03
C LYS S 108 33.10 -47.22 28.26
N PRO S 109 33.44 -48.41 27.77
CA PRO S 109 32.42 -49.24 27.11
C PRO S 109 31.25 -49.51 28.05
N TYR S 110 30.09 -49.78 27.46
CA TYR S 110 28.92 -50.09 28.26
C TYR S 110 28.96 -51.54 28.71
N GLU S 111 28.79 -51.77 30.01
CA GLU S 111 28.72 -53.12 30.57
C GLU S 111 27.26 -53.57 30.61
N VAL S 112 26.72 -53.85 29.41
CA VAL S 112 25.32 -54.24 29.27
C VAL S 112 25.19 -55.38 28.28
N GLU S 113 24.13 -56.14 28.44
CA GLU S 113 23.71 -57.16 27.47
C GLU S 113 22.21 -57.03 27.28
N LEU S 114 21.78 -56.92 26.03
CA LEU S 114 20.39 -56.61 25.71
C LEU S 114 19.72 -57.77 24.99
N CYS S 115 18.42 -57.92 25.26
CA CYS S 115 17.55 -58.82 24.52
C CYS S 115 16.37 -58.02 23.97
N VAL S 116 16.17 -58.11 22.66
CA VAL S 116 15.00 -57.57 21.98
C VAL S 116 14.12 -58.74 21.59
N ALA S 117 12.83 -58.66 21.88
CA ALA S 117 11.92 -59.75 21.57
C ALA S 117 10.67 -59.22 20.90
N GLU S 118 10.10 -60.04 20.02
CA GLU S 118 8.89 -59.67 19.31
C GLU S 118 7.96 -60.88 19.23
N VAL S 119 6.68 -60.66 19.50
CA VAL S 119 5.66 -61.68 19.28
C VAL S 119 4.78 -61.20 18.13
N ALA S 120 3.83 -62.04 17.73
CA ALA S 120 3.03 -61.75 16.55
C ALA S 120 2.02 -60.64 16.82
N HIS S 121 1.57 -60.02 15.74
CA HIS S 121 0.45 -59.10 15.83
C HIS S 121 -0.84 -59.89 16.08
N TYR S 122 -1.82 -59.22 16.68
CA TYR S 122 -3.03 -59.91 17.12
C TYR S 122 -3.71 -60.63 15.95
N GLY S 123 -3.99 -61.92 16.15
CA GLY S 123 -4.64 -62.72 15.14
C GLY S 123 -3.71 -63.41 14.16
N GLU S 124 -2.44 -63.03 14.12
CA GLU S 124 -1.50 -63.64 13.19
C GLU S 124 -0.78 -64.81 13.86
N THR S 125 -0.29 -65.72 13.04
CA THR S 125 0.48 -66.87 13.48
C THR S 125 1.92 -66.67 13.03
N LYS S 126 2.78 -66.26 13.96
CA LYS S 126 4.19 -66.05 13.69
C LYS S 126 4.96 -66.49 14.93
N ARG S 127 5.94 -67.37 14.74
CA ARG S 127 6.76 -67.80 15.86
C ARG S 127 7.47 -66.58 16.44
N PRO S 128 7.55 -66.46 17.76
CA PRO S 128 8.25 -65.32 18.36
C PRO S 128 9.68 -65.23 17.83
N GLU S 129 10.25 -64.04 17.96
CA GLU S 129 11.64 -63.78 17.61
C GLU S 129 12.36 -63.20 18.80
N LEU S 130 13.57 -63.70 19.07
CA LEU S 130 14.41 -63.19 20.15
C LEU S 130 15.79 -62.89 19.60
N TYR S 131 16.28 -61.69 19.88
CA TYR S 131 17.60 -61.24 19.48
C TYR S 131 18.42 -60.90 20.73
N ARG S 132 19.70 -61.27 20.69
CA ARG S 132 20.65 -60.91 21.73
C ARG S 132 21.69 -59.96 21.14
N ILE S 133 21.91 -58.84 21.82
CA ILE S 133 22.94 -57.87 21.44
C ILE S 133 23.93 -57.77 22.61
N THR S 134 25.21 -58.00 22.32
CA THR S 134 26.25 -57.99 23.34
C THR S 134 26.89 -56.60 23.42
N TYR S 135 27.89 -56.48 24.31
CA TYR S 135 28.46 -55.17 24.63
C TYR S 135 29.25 -54.58 23.47
N ASP S 136 29.76 -55.41 22.56
CA ASP S 136 30.54 -54.93 21.43
C ASP S 136 29.70 -54.78 20.17
N GLY S 137 28.39 -54.95 20.28
CA GLY S 137 27.51 -54.85 19.13
C GLY S 137 27.29 -56.14 18.37
N SER S 138 27.77 -57.26 18.87
CA SER S 138 27.48 -58.54 18.23
C SER S 138 26.01 -58.90 18.43
N ILE S 139 25.37 -59.33 17.36
CA ILE S 139 23.95 -59.61 17.37
C ILE S 139 23.75 -61.07 16.98
N ALA S 140 22.79 -61.73 17.63
CA ALA S 140 22.50 -63.13 17.36
C ALA S 140 21.00 -63.37 17.40
N ASP S 141 20.53 -64.12 16.40
CA ASP S 141 19.14 -64.55 16.30
C ASP S 141 18.97 -65.85 17.06
N GLU S 142 18.14 -65.84 18.11
CA GLU S 142 17.98 -66.96 19.02
C GLU S 142 16.63 -67.65 18.84
N PRO S 143 16.58 -68.98 18.94
CA PRO S 143 15.35 -69.71 18.63
C PRO S 143 14.36 -69.81 19.79
N HIS S 144 14.84 -70.08 21.00
CA HIS S 144 13.89 -70.38 22.07
C HIS S 144 14.03 -69.51 23.30
N PHE S 145 15.26 -69.16 23.70
CA PHE S 145 15.45 -68.35 24.89
C PHE S 145 16.75 -67.57 24.78
N VAL S 146 16.96 -66.70 25.77
CA VAL S 146 18.13 -65.84 25.85
C VAL S 146 18.47 -65.65 27.33
N VAL S 147 19.74 -65.87 27.67
CA VAL S 147 20.23 -65.76 29.05
C VAL S 147 21.29 -64.66 29.07
N MET S 148 21.11 -63.67 29.95
CA MET S 148 22.00 -62.52 29.99
C MET S 148 22.45 -62.25 31.42
N GLY S 149 23.75 -62.11 31.61
CA GLY S 149 24.30 -61.69 32.88
C GLY S 149 24.69 -62.84 33.78
N GLY S 150 25.57 -62.53 34.73
CA GLY S 150 26.05 -63.55 35.64
C GLY S 150 26.69 -64.70 34.89
N THR S 151 26.69 -65.86 35.55
CA THR S 151 27.20 -67.10 34.97
C THR S 151 26.07 -67.76 34.21
N THR S 152 26.20 -67.85 32.89
CA THR S 152 25.07 -68.23 32.04
C THR S 152 25.00 -69.72 31.74
N GLU S 153 26.14 -70.42 31.68
CA GLU S 153 26.13 -71.84 31.32
C GLU S 153 25.11 -72.65 32.10
N PRO S 154 25.08 -72.61 33.44
CA PRO S 154 24.07 -73.41 34.17
C PRO S 154 22.65 -73.11 33.72
N ILE S 155 22.30 -71.82 33.62
CA ILE S 155 20.93 -71.45 33.28
C ILE S 155 20.58 -71.92 31.88
N ALA S 156 21.50 -71.75 30.93
CA ALA S 156 21.22 -72.17 29.56
C ALA S 156 21.14 -73.69 29.44
N ASN S 157 21.83 -74.42 30.33
CA ASN S 157 21.71 -75.88 30.31
C ASN S 157 20.36 -76.31 30.90
N ALA S 158 20.02 -75.79 32.08
CA ALA S 158 18.70 -76.05 32.66
C ALA S 158 17.60 -75.79 31.65
N LEU S 159 17.70 -74.66 30.93
CA LEU S 159 16.70 -74.36 29.91
C LEU S 159 16.79 -75.33 28.73
N LYS S 160 18.01 -75.67 28.32
CA LYS S 160 18.20 -76.57 27.20
C LYS S 160 17.49 -77.90 27.42
N GLU S 161 17.59 -78.44 28.64
CA GLU S 161 16.96 -79.72 28.94
C GLU S 161 15.47 -79.56 29.24
N SER S 162 15.11 -78.59 30.07
CA SER S 162 13.75 -78.49 30.59
C SER S 162 12.81 -77.67 29.71
N TYR S 163 13.31 -77.05 28.64
CA TYR S 163 12.49 -76.10 27.90
C TYR S 163 11.42 -76.81 27.09
N ALA S 164 10.22 -76.22 27.09
CA ALA S 164 9.13 -76.64 26.23
C ALA S 164 8.59 -75.40 25.51
N GLU S 165 8.51 -75.47 24.19
CA GLU S 165 7.98 -74.35 23.43
C GLU S 165 6.55 -74.03 23.85
N ASN S 166 5.71 -75.05 23.94
CA ASN S 166 4.28 -74.89 24.15
C ASN S 166 3.88 -74.93 25.62
N ALA S 167 4.75 -74.48 26.51
CA ALA S 167 4.41 -74.41 27.92
C ALA S 167 3.49 -73.23 28.20
N SER S 168 2.64 -73.39 29.21
CA SER S 168 1.77 -72.31 29.63
C SER S 168 2.58 -71.25 30.38
N LEU S 169 1.93 -70.12 30.67
CA LEU S 169 2.60 -69.05 31.40
C LEU S 169 3.17 -69.57 32.71
N THR S 170 2.39 -70.36 33.45
CA THR S 170 2.83 -70.85 34.75
C THR S 170 4.01 -71.81 34.61
N ASP S 171 3.87 -72.81 33.74
CA ASP S 171 4.95 -73.78 33.53
C ASP S 171 6.22 -73.09 33.07
N ALA S 172 6.10 -72.23 32.05
CA ALA S 172 7.27 -71.50 31.56
C ALA S 172 7.90 -70.67 32.67
N LEU S 173 7.08 -70.04 33.51
CA LEU S 173 7.62 -69.23 34.59
C LEU S 173 8.42 -70.09 35.57
N ARG S 174 7.87 -71.21 36.00
CA ARG S 174 8.60 -72.04 36.95
C ARG S 174 9.85 -72.64 36.32
N ILE S 175 9.80 -72.95 35.02
CA ILE S 175 11.00 -73.44 34.33
C ILE S 175 12.09 -72.38 34.35
N ALA S 176 11.74 -71.14 33.99
CA ALA S 176 12.73 -70.07 33.94
C ALA S 176 13.26 -69.74 35.34
N VAL S 177 12.38 -69.75 36.34
CA VAL S 177 12.81 -69.45 37.71
C VAL S 177 13.74 -70.53 38.22
N ALA S 178 13.43 -71.80 37.92
CA ALA S 178 14.32 -72.88 38.32
C ALA S 178 15.67 -72.77 37.61
N ALA S 179 15.65 -72.42 36.32
CA ALA S 179 16.89 -72.22 35.60
C ALA S 179 17.72 -71.11 36.23
N LEU S 180 17.08 -70.02 36.63
CA LEU S 180 17.79 -68.95 37.34
C LEU S 180 18.39 -69.47 38.63
N ARG S 181 17.60 -70.23 39.41
CA ARG S 181 18.11 -70.78 40.66
C ARG S 181 19.33 -71.66 40.44
N ALA S 182 19.33 -72.45 39.36
CA ALA S 182 20.45 -73.34 39.06
C ALA S 182 21.75 -72.60 38.74
N GLY S 183 21.75 -71.27 38.79
CA GLY S 183 22.96 -70.51 38.50
C GLY S 183 23.40 -69.61 39.64
N SER S 184 23.16 -70.04 40.87
CA SER S 184 23.58 -69.28 42.05
C SER S 184 23.83 -70.21 43.24
N LEU S 195 13.56 -67.26 46.14
CA LEU S 195 13.48 -66.54 44.88
C LEU S 195 12.02 -66.26 44.52
N GLY S 196 11.37 -65.41 45.31
CA GLY S 196 9.95 -65.14 45.12
C GLY S 196 9.64 -63.77 44.56
N VAL S 197 8.46 -63.25 44.89
CA VAL S 197 8.03 -61.97 44.35
C VAL S 197 9.01 -60.87 44.72
N ALA S 198 9.40 -60.82 45.99
CA ALA S 198 10.21 -59.71 46.48
C ALA S 198 11.56 -59.59 45.77
N SER S 199 11.99 -60.64 45.05
CA SER S 199 13.28 -60.62 44.36
C SER S 199 13.16 -60.90 42.87
N LEU S 200 12.00 -60.64 42.26
CA LEU S 200 11.79 -60.92 40.85
C LEU S 200 11.10 -59.76 40.17
N GLU S 201 11.49 -59.51 38.92
CA GLU S 201 10.74 -58.66 37.99
C GLU S 201 10.31 -59.54 36.82
N VAL S 202 9.00 -59.57 36.57
CA VAL S 202 8.41 -60.49 35.61
C VAL S 202 7.50 -59.72 34.66
N ALA S 203 7.72 -59.89 33.36
CA ALA S 203 6.86 -59.26 32.36
C ALA S 203 6.66 -60.23 31.22
N VAL S 204 5.76 -59.87 30.30
CA VAL S 204 5.33 -60.79 29.26
C VAL S 204 4.97 -59.98 28.02
N LEU S 205 5.33 -60.52 26.86
CA LEU S 205 4.78 -60.10 25.58
C LEU S 205 3.67 -61.08 25.25
N ASP S 206 2.44 -60.68 25.57
CA ASP S 206 1.25 -61.52 25.43
C ASP S 206 0.72 -61.39 24.01
N ALA S 207 0.84 -62.46 23.23
CA ALA S 207 0.38 -62.43 21.85
C ALA S 207 -1.14 -62.34 21.71
N ASN S 208 -1.88 -62.44 22.81
CA ASN S 208 -3.33 -62.38 22.76
C ASN S 208 -3.88 -60.99 22.96
N ARG S 209 -3.06 -60.02 23.36
CA ARG S 209 -3.55 -58.65 23.52
C ARG S 209 -3.77 -58.02 22.15
N PRO S 210 -4.80 -57.17 22.02
CA PRO S 210 -5.10 -56.60 20.69
C PRO S 210 -4.02 -55.67 20.16
N ARG S 211 -3.46 -54.79 20.98
CA ARG S 211 -2.41 -53.92 20.44
C ARG S 211 -1.11 -54.00 21.25
N ARG S 212 -1.10 -53.41 22.45
CA ARG S 212 0.12 -53.36 23.25
C ARG S 212 0.29 -54.66 24.02
N ALA S 213 1.26 -55.47 23.59
CA ALA S 213 1.39 -56.82 24.13
C ALA S 213 2.10 -56.87 25.48
N PHE S 214 2.87 -55.83 25.83
CA PHE S 214 3.63 -55.88 27.07
C PHE S 214 2.71 -55.86 28.28
N ARG S 215 3.13 -56.55 29.34
CA ARG S 215 2.27 -56.75 30.50
C ARG S 215 3.14 -57.15 31.69
N ARG S 216 3.01 -56.42 32.80
CA ARG S 216 3.76 -56.77 34.00
C ARG S 216 2.93 -57.69 34.90
N ILE S 217 3.64 -58.59 35.60
CA ILE S 217 3.02 -59.55 36.51
C ILE S 217 3.65 -59.30 37.88
N THR S 218 2.91 -58.63 38.76
CA THR S 218 3.41 -58.20 40.05
C THR S 218 2.56 -58.77 41.18
N GLY S 219 3.15 -58.76 42.38
CA GLY S 219 2.41 -58.99 43.60
C GLY S 219 1.61 -60.27 43.61
N SER S 220 0.37 -60.18 44.12
CA SER S 220 -0.45 -61.35 44.33
C SER S 220 -0.63 -62.18 43.06
N ALA S 221 -0.61 -61.54 41.89
CA ALA S 221 -0.72 -62.29 40.64
C ALA S 221 0.50 -63.17 40.42
N LEU S 222 1.69 -62.58 40.50
CA LEU S 222 2.92 -63.37 40.37
C LEU S 222 2.98 -64.45 41.43
N GLN S 223 2.75 -64.09 42.70
CA GLN S 223 2.68 -65.07 43.77
C GLN S 223 1.76 -66.23 43.41
N ALA S 224 0.62 -65.92 42.79
CA ALA S 224 -0.28 -66.97 42.32
C ALA S 224 0.40 -67.82 41.25
N LEU S 225 1.25 -67.22 40.43
CA LEU S 225 1.92 -67.96 39.36
C LEU S 225 3.04 -68.87 39.84
N LEU S 226 3.59 -68.62 41.04
CA LEU S 226 4.80 -69.29 41.46
C LEU S 226 4.56 -70.56 42.26
N VAL S 227 3.49 -70.61 43.05
CA VAL S 227 3.26 -71.70 44.00
C VAL S 227 1.93 -72.36 43.72
N ASP S 228 1.90 -73.69 43.86
CA ASP S 228 0.68 -74.48 43.69
C ASP S 228 0.15 -74.41 42.26
N MET T 1 53.42 -44.99 14.83
CA MET T 1 52.98 -45.03 13.44
C MET T 1 52.96 -46.46 12.89
N GLU T 2 54.13 -46.95 12.46
CA GLU T 2 54.20 -48.29 11.90
C GLU T 2 53.64 -49.34 12.86
N GLN T 3 53.90 -49.16 14.16
CA GLN T 3 53.34 -50.06 15.16
C GLN T 3 51.81 -50.00 15.14
N ALA T 4 51.25 -48.79 15.26
CA ALA T 4 49.80 -48.64 15.26
C ALA T 4 49.18 -49.29 14.03
N MET T 5 49.77 -49.05 12.84
CA MET T 5 49.20 -49.60 11.63
C MET T 5 49.31 -51.12 11.60
N ARG T 6 50.40 -51.67 12.11
CA ARG T 6 50.50 -53.11 12.22
C ARG T 6 49.40 -53.68 13.12
N GLU T 7 49.21 -53.06 14.28
CA GLU T 7 48.18 -53.51 15.20
C GLU T 7 46.80 -53.48 14.54
N ARG T 8 46.43 -52.34 13.97
CA ARG T 8 45.14 -52.26 13.26
C ARG T 8 45.03 -53.35 12.22
N SER T 9 46.10 -53.56 11.44
CA SER T 9 46.08 -54.59 10.40
C SER T 9 45.79 -55.96 10.99
N GLU T 10 46.38 -56.27 12.15
CA GLU T 10 46.18 -57.61 12.71
C GLU T 10 44.81 -57.75 13.36
N LEU T 11 44.37 -56.75 14.12
CA LEU T 11 43.02 -56.79 14.68
C LEU T 11 42.00 -57.03 13.58
N ALA T 12 42.11 -56.30 12.47
CA ALA T 12 41.17 -56.49 11.37
C ALA T 12 41.32 -57.86 10.73
N ARG T 13 42.56 -58.25 10.42
CA ARG T 13 42.79 -59.51 9.71
C ARG T 13 42.28 -60.69 10.52
N LYS T 14 42.58 -60.72 11.81
CA LYS T 14 42.10 -61.80 12.68
C LYS T 14 40.57 -61.76 12.78
N GLY T 15 40.03 -60.56 13.02
CA GLY T 15 38.57 -60.43 13.01
C GLY T 15 37.94 -61.08 11.80
N ILE T 16 38.54 -60.87 10.62
CA ILE T 16 38.00 -61.46 9.40
C ILE T 16 38.27 -62.96 9.36
N ALA T 17 39.40 -63.40 9.91
CA ALA T 17 39.75 -64.81 9.86
C ALA T 17 38.82 -65.65 10.74
N ARG T 18 38.24 -65.05 11.77
CA ARG T 18 37.32 -65.78 12.64
C ARG T 18 35.91 -65.88 12.08
N ALA T 19 35.57 -65.09 11.07
CA ALA T 19 34.19 -65.03 10.59
C ALA T 19 33.90 -66.15 9.59
N LYS T 20 32.61 -66.44 9.43
CA LYS T 20 32.19 -67.41 8.44
C LYS T 20 32.43 -66.87 7.03
N SER T 21 32.48 -67.78 6.06
CA SER T 21 33.00 -67.47 4.74
C SER T 21 31.88 -67.23 3.73
N VAL T 22 32.23 -66.50 2.66
CA VAL T 22 31.31 -66.10 1.62
C VAL T 22 31.99 -66.21 0.27
N VAL T 23 31.21 -66.57 -0.74
CA VAL T 23 31.70 -66.78 -2.11
C VAL T 23 30.77 -66.06 -3.08
N ALA T 24 31.35 -65.48 -4.13
CA ALA T 24 30.59 -64.87 -5.23
C ALA T 24 31.19 -65.35 -6.54
N LEU T 25 30.33 -65.81 -7.45
CA LEU T 25 30.75 -66.51 -8.66
C LEU T 25 30.08 -65.93 -9.88
N ALA T 26 30.85 -65.74 -10.96
CA ALA T 26 30.26 -65.44 -12.26
C ALA T 26 29.69 -66.72 -12.85
N TYR T 27 28.43 -66.66 -13.31
CA TYR T 27 27.80 -67.82 -13.92
C TYR T 27 26.91 -67.37 -15.06
N ALA T 28 26.39 -68.37 -15.79
CA ALA T 28 25.74 -68.09 -17.07
C ALA T 28 24.58 -67.11 -16.92
N GLY T 29 23.85 -67.19 -15.82
CA GLY T 29 22.70 -66.33 -15.59
C GLY T 29 23.01 -65.00 -14.92
N GLY T 30 24.27 -64.73 -14.62
CA GLY T 30 24.64 -63.50 -13.94
C GLY T 30 25.71 -63.74 -12.89
N VAL T 31 25.39 -63.43 -11.63
CA VAL T 31 26.34 -63.64 -10.54
C VAL T 31 25.62 -64.33 -9.39
N LEU T 32 26.38 -65.10 -8.61
CA LEU T 32 25.86 -65.96 -7.56
C LEU T 32 26.55 -65.63 -6.25
N PHE T 33 25.76 -65.30 -5.23
CA PHE T 33 26.24 -65.09 -3.88
C PHE T 33 25.81 -66.27 -3.02
N VAL T 34 26.80 -66.91 -2.40
CA VAL T 34 26.57 -68.03 -1.48
C VAL T 34 27.34 -67.72 -0.20
N ALA T 35 26.61 -67.53 0.90
CA ALA T 35 27.21 -67.17 2.17
C ALA T 35 26.82 -68.19 3.23
N GLU T 36 27.79 -68.63 4.00
CA GLU T 36 27.51 -69.45 5.18
C GLU T 36 26.83 -68.58 6.23
N ASN T 37 25.57 -68.88 6.53
CA ASN T 37 24.81 -68.03 7.42
C ASN T 37 23.72 -68.83 8.13
N PRO T 38 23.89 -69.12 9.42
CA PRO T 38 22.86 -69.88 10.15
C PRO T 38 21.65 -69.07 10.54
N SER T 39 21.74 -67.75 10.49
CA SER T 39 20.66 -66.90 11.00
C SER T 39 19.42 -67.01 10.13
N ARG T 40 18.26 -66.79 10.75
CA ARG T 40 17.01 -66.73 10.02
C ARG T 40 16.73 -65.35 9.45
N SER T 41 17.23 -64.30 10.10
CA SER T 41 16.80 -62.93 9.81
C SER T 41 17.91 -61.96 9.44
N LEU T 42 19.16 -62.23 9.80
CA LEU T 42 20.25 -61.29 9.56
C LEU T 42 21.04 -61.72 8.33
N GLN T 43 21.29 -60.77 7.42
CA GLN T 43 21.73 -61.07 6.06
C GLN T 43 23.07 -60.43 5.74
N LYS T 44 23.95 -61.21 5.11
CA LYS T 44 25.26 -60.75 4.65
C LYS T 44 25.26 -60.33 3.20
N ILE T 45 24.25 -60.71 2.43
CA ILE T 45 24.17 -60.43 1.00
C ILE T 45 22.98 -59.52 0.75
N SER T 46 23.18 -58.49 -0.07
CA SER T 46 22.15 -57.49 -0.24
C SER T 46 22.14 -56.95 -1.66
N GLU T 47 20.98 -56.42 -2.05
CA GLU T 47 20.89 -55.58 -3.24
C GLU T 47 21.42 -54.20 -2.92
N LEU T 48 22.20 -53.65 -3.85
CA LEU T 48 22.60 -52.25 -3.79
C LEU T 48 21.84 -51.39 -4.79
N TYR T 49 21.88 -51.75 -6.07
CA TYR T 49 21.18 -50.98 -7.08
C TYR T 49 20.68 -51.95 -8.16
N ASP T 50 19.98 -51.39 -9.15
CA ASP T 50 19.33 -52.19 -10.20
C ASP T 50 20.13 -53.43 -10.57
N ARG T 51 21.37 -53.24 -11.02
CA ARG T 51 22.20 -54.34 -11.47
C ARG T 51 23.38 -54.61 -10.55
N VAL T 52 23.43 -53.99 -9.37
CA VAL T 52 24.61 -54.03 -8.52
C VAL T 52 24.26 -54.68 -7.19
N GLY T 53 25.07 -55.66 -6.78
CA GLY T 53 24.82 -56.41 -5.57
C GLY T 53 26.01 -56.37 -4.64
N PHE T 54 25.75 -56.78 -3.39
CA PHE T 54 26.66 -56.56 -2.27
C PHE T 54 26.75 -57.82 -1.41
N ALA T 55 27.96 -58.22 -1.07
CA ALA T 55 28.17 -59.29 -0.09
C ALA T 55 29.32 -58.89 0.82
N ALA T 56 29.30 -59.39 2.05
CA ALA T 56 30.31 -58.99 3.02
C ALA T 56 30.59 -60.10 4.01
N ALA T 57 31.81 -60.10 4.54
CA ALA T 57 32.21 -60.98 5.63
C ALA T 57 32.76 -60.12 6.76
N GLY T 58 32.63 -60.62 7.98
CA GLY T 58 33.16 -59.90 9.13
C GLY T 58 32.15 -59.60 10.23
N LYS T 59 32.32 -58.47 10.90
CA LYS T 59 31.46 -58.09 12.00
C LYS T 59 30.17 -57.44 11.48
N PHE T 60 29.03 -57.96 11.93
CA PHE T 60 27.77 -57.65 11.25
C PHE T 60 27.47 -56.16 11.27
N ASN T 61 27.54 -55.52 12.44
CA ASN T 61 27.13 -54.12 12.50
C ASN T 61 27.98 -53.24 11.59
N GLU T 62 29.24 -53.63 11.36
CA GLU T 62 30.13 -52.79 10.56
C GLU T 62 29.84 -52.94 9.06
N PHE T 63 29.74 -54.17 8.57
CA PHE T 63 29.43 -54.31 7.15
C PHE T 63 27.98 -53.97 6.85
N ASP T 64 27.10 -53.96 7.85
CA ASP T 64 25.75 -53.44 7.65
C ASP T 64 25.77 -51.92 7.59
N ASN T 65 26.63 -51.28 8.41
CA ASN T 65 26.87 -49.85 8.24
C ASN T 65 27.33 -49.54 6.82
N LEU T 66 28.32 -50.29 6.33
CA LEU T 66 28.82 -50.03 4.98
C LEU T 66 27.79 -50.37 3.91
N ARG T 67 26.96 -51.39 4.16
CA ARG T 67 25.85 -51.69 3.25
C ARG T 67 24.92 -50.49 3.12
N ARG T 68 24.42 -50.01 4.26
CA ARG T 68 23.52 -48.87 4.24
C ARG T 68 24.18 -47.65 3.60
N GLY T 69 25.46 -47.42 3.90
CA GLY T 69 26.16 -46.32 3.26
C GLY T 69 26.19 -46.47 1.75
N GLY T 70 26.43 -47.68 1.27
CA GLY T 70 26.43 -47.91 -0.17
C GLY T 70 25.08 -47.65 -0.79
N ILE T 71 24.01 -48.21 -0.21
CA ILE T 71 22.68 -47.97 -0.74
C ILE T 71 22.39 -46.47 -0.78
N GLN T 72 22.76 -45.75 0.30
CA GLN T 72 22.66 -44.30 0.31
C GLN T 72 23.33 -43.69 -0.91
N PHE T 73 24.64 -43.95 -1.07
CA PHE T 73 25.39 -43.43 -2.20
C PHE T 73 24.66 -43.68 -3.52
N ALA T 74 24.27 -44.94 -3.75
CA ALA T 74 23.71 -45.32 -5.05
C ALA T 74 22.40 -44.59 -5.32
N ASP T 75 21.49 -44.59 -4.33
CA ASP T 75 20.22 -43.90 -4.55
C ASP T 75 20.43 -42.42 -4.82
N THR T 76 21.34 -41.78 -4.07
CA THR T 76 21.59 -40.36 -4.28
C THR T 76 22.13 -40.10 -5.69
N ARG T 77 23.17 -40.83 -6.09
CA ARG T 77 23.72 -40.65 -7.43
C ARG T 77 22.67 -40.89 -8.50
N GLY T 78 21.90 -41.97 -8.37
CA GLY T 78 20.88 -42.27 -9.35
C GLY T 78 19.80 -41.22 -9.44
N TYR T 79 19.58 -40.48 -8.35
CA TYR T 79 18.60 -39.40 -8.41
C TYR T 79 19.20 -38.10 -8.96
N ALA T 80 20.44 -37.78 -8.57
CA ALA T 80 21.06 -36.54 -9.04
C ALA T 80 21.38 -36.59 -10.52
N TYR T 81 21.56 -37.79 -11.09
CA TYR T 81 21.88 -37.94 -12.50
C TYR T 81 20.81 -38.82 -13.13
N ASP T 82 21.10 -40.10 -13.36
CA ASP T 82 20.07 -41.06 -13.76
C ASP T 82 20.50 -42.44 -13.32
N ARG T 83 19.51 -43.33 -13.16
CA ARG T 83 19.77 -44.67 -12.65
C ARG T 83 20.89 -45.36 -13.42
N ARG T 84 20.94 -45.18 -14.74
CA ARG T 84 21.90 -45.90 -15.57
C ARG T 84 23.33 -45.41 -15.41
N ASP T 85 23.54 -44.28 -14.71
CA ASP T 85 24.89 -43.80 -14.44
C ASP T 85 25.53 -44.48 -13.24
N VAL T 86 24.73 -45.14 -12.39
CA VAL T 86 25.24 -45.87 -11.23
C VAL T 86 25.84 -47.18 -11.71
N THR T 87 27.09 -47.43 -11.33
CA THR T 87 27.82 -48.61 -11.79
C THR T 87 28.51 -49.28 -10.61
N GLY T 88 28.92 -50.54 -10.84
CA GLY T 88 29.64 -51.26 -9.81
C GLY T 88 31.03 -50.70 -9.56
N ARG T 89 31.71 -50.26 -10.62
CA ARG T 89 33.01 -49.62 -10.43
C ARG T 89 32.90 -48.43 -9.48
N GLN T 90 31.85 -47.61 -9.64
CA GLN T 90 31.65 -46.47 -8.76
C GLN T 90 31.56 -46.90 -7.30
N LEU T 91 30.66 -47.85 -7.00
CA LEU T 91 30.44 -48.26 -5.63
C LEU T 91 31.70 -48.89 -5.04
N ALA T 92 32.37 -49.76 -5.81
CA ALA T 92 33.63 -50.33 -5.33
C ALA T 92 34.64 -49.23 -5.02
N ASN T 93 34.65 -48.18 -5.84
CA ASN T 93 35.58 -47.07 -5.60
C ASN T 93 35.27 -46.38 -4.27
N VAL T 94 34.00 -46.00 -4.06
CA VAL T 94 33.66 -45.32 -2.81
C VAL T 94 33.89 -46.23 -1.62
N TYR T 95 33.68 -47.54 -1.78
CA TYR T 95 33.98 -48.46 -0.68
C TYR T 95 35.46 -48.47 -0.37
N ALA T 96 36.31 -48.47 -1.39
CA ALA T 96 37.75 -48.39 -1.16
C ALA T 96 38.10 -47.13 -0.38
N GLN T 97 37.63 -45.96 -0.84
CA GLN T 97 37.94 -44.73 -0.14
C GLN T 97 37.42 -44.75 1.29
N THR T 98 36.21 -45.27 1.49
CA THR T 98 35.56 -45.23 2.80
C THR T 98 36.27 -46.14 3.79
N LEU T 99 36.56 -47.37 3.39
CA LEU T 99 37.31 -48.27 4.27
C LEU T 99 38.72 -47.77 4.50
N GLY T 100 39.30 -47.03 3.55
CA GLY T 100 40.59 -46.41 3.81
C GLY T 100 40.51 -45.38 4.93
N THR T 101 39.52 -44.49 4.83
CA THR T 101 39.32 -43.51 5.89
C THR T 101 39.09 -44.19 7.24
N ILE T 102 38.17 -45.16 7.28
CA ILE T 102 37.89 -45.89 8.51
C ILE T 102 39.18 -46.49 9.07
N PHE T 103 39.92 -47.20 8.22
CA PHE T 103 41.09 -47.94 8.68
C PHE T 103 42.15 -47.00 9.26
N THR T 104 42.36 -45.84 8.65
CA THR T 104 43.41 -44.98 9.16
C THR T 104 42.97 -44.09 10.32
N GLU T 105 41.68 -43.73 10.41
CA GLU T 105 41.27 -42.66 11.30
C GLU T 105 40.26 -43.04 12.38
N GLN T 106 39.55 -44.15 12.24
CA GLN T 106 38.53 -44.46 13.23
C GLN T 106 39.14 -45.09 14.48
N ALA T 107 38.36 -45.09 15.57
CA ALA T 107 38.84 -45.62 16.83
C ALA T 107 39.35 -47.05 16.68
N LYS T 108 38.62 -47.87 15.91
CA LYS T 108 38.98 -49.25 15.68
C LYS T 108 38.70 -49.54 14.21
N PRO T 109 39.62 -50.18 13.49
CA PRO T 109 39.36 -50.51 12.09
C PRO T 109 38.18 -51.46 11.95
N TYR T 110 37.52 -51.41 10.79
CA TYR T 110 36.40 -52.29 10.52
C TYR T 110 36.90 -53.69 10.17
N GLU T 111 36.29 -54.70 10.76
CA GLU T 111 36.65 -56.10 10.50
C GLU T 111 35.74 -56.66 9.41
N VAL T 112 35.87 -56.10 8.21
CA VAL T 112 34.97 -56.45 7.12
C VAL T 112 35.76 -56.68 5.84
N GLU T 113 35.19 -57.50 4.97
CA GLU T 113 35.67 -57.70 3.61
C GLU T 113 34.45 -57.64 2.70
N LEU T 114 34.46 -56.71 1.75
CA LEU T 114 33.29 -56.42 0.93
C LEU T 114 33.50 -56.91 -0.50
N CYS T 115 32.38 -57.24 -1.16
CA CYS T 115 32.38 -57.65 -2.55
C CYS T 115 31.22 -56.95 -3.26
N VAL T 116 31.55 -56.22 -4.32
CA VAL T 116 30.57 -55.50 -5.12
C VAL T 116 30.51 -56.18 -6.49
N ALA T 117 29.29 -56.53 -6.92
CA ALA T 117 29.09 -57.27 -8.15
C ALA T 117 28.15 -56.53 -9.08
N GLU T 118 28.35 -56.73 -10.39
CA GLU T 118 27.47 -56.10 -11.38
C GLU T 118 27.27 -57.03 -12.57
N VAL T 119 26.00 -57.27 -12.91
CA VAL T 119 25.64 -57.97 -14.13
C VAL T 119 25.20 -56.97 -15.18
N ALA T 120 25.06 -57.43 -16.42
CA ALA T 120 24.69 -56.53 -17.50
C ALA T 120 23.25 -56.06 -17.36
N HIS T 121 22.93 -54.98 -18.08
CA HIS T 121 21.57 -54.50 -18.16
C HIS T 121 20.76 -55.40 -19.09
N TYR T 122 19.46 -55.49 -18.83
CA TYR T 122 18.61 -56.43 -19.54
C TYR T 122 18.72 -56.23 -21.04
N GLY T 123 19.10 -57.29 -21.75
CA GLY T 123 19.23 -57.25 -23.19
C GLY T 123 20.62 -56.97 -23.72
N GLU T 124 21.60 -56.73 -22.85
CA GLU T 124 22.94 -56.42 -23.27
C GLU T 124 23.87 -57.60 -23.02
N THR T 125 25.00 -57.58 -23.72
CA THR T 125 26.02 -58.62 -23.63
C THR T 125 27.22 -58.02 -22.89
N LYS T 126 27.28 -58.26 -21.59
CA LYS T 126 28.36 -57.72 -20.76
C LYS T 126 28.75 -58.77 -19.73
N ARG T 127 30.04 -59.11 -19.70
CA ARG T 127 30.53 -60.08 -18.72
C ARG T 127 30.32 -59.53 -17.31
N PRO T 128 29.98 -60.38 -16.35
CA PRO T 128 29.83 -59.89 -14.98
C PRO T 128 31.12 -59.28 -14.45
N GLU T 129 30.99 -58.39 -13.47
CA GLU T 129 32.12 -57.74 -12.84
C GLU T 129 32.08 -58.00 -11.34
N LEU T 130 33.23 -58.38 -10.78
CA LEU T 130 33.37 -58.68 -9.36
C LEU T 130 34.51 -57.85 -8.78
N TYR T 131 34.24 -57.19 -7.66
CA TYR T 131 35.20 -56.33 -6.99
C TYR T 131 35.30 -56.75 -5.52
N ARG T 132 36.53 -56.75 -5.00
CA ARG T 132 36.81 -57.14 -3.63
C ARG T 132 37.52 -56.00 -2.93
N ILE T 133 36.90 -55.46 -1.89
CA ILE T 133 37.49 -54.40 -1.07
C ILE T 133 37.84 -54.98 0.28
N THR T 134 39.09 -54.82 0.70
CA THR T 134 39.53 -55.36 1.97
C THR T 134 39.42 -54.30 3.07
N TYR T 135 39.84 -54.66 4.29
CA TYR T 135 39.61 -53.81 5.45
C TYR T 135 40.37 -52.50 5.40
N ASP T 136 41.38 -52.38 4.53
CA ASP T 136 42.24 -51.20 4.51
C ASP T 136 42.03 -50.35 3.26
N GLY T 137 41.00 -50.61 2.47
CA GLY T 137 40.79 -49.89 1.23
C GLY T 137 41.45 -50.50 0.02
N SER T 138 42.18 -51.60 0.17
CA SER T 138 42.72 -52.30 -0.98
C SER T 138 41.59 -52.83 -1.84
N ILE T 139 41.65 -52.54 -3.13
CA ILE T 139 40.58 -52.89 -4.07
C ILE T 139 41.14 -53.82 -5.12
N ALA T 140 40.35 -54.84 -5.47
CA ALA T 140 40.77 -55.94 -6.32
C ALA T 140 39.73 -56.17 -7.40
N ASP T 141 40.19 -56.26 -8.64
CA ASP T 141 39.34 -56.51 -9.80
C ASP T 141 39.45 -58.01 -10.12
N GLU T 142 38.34 -58.74 -9.95
CA GLU T 142 38.35 -60.18 -10.10
C GLU T 142 37.47 -60.62 -11.27
N PRO T 143 37.95 -61.52 -12.14
CA PRO T 143 37.18 -61.87 -13.33
C PRO T 143 36.26 -63.08 -13.18
N HIS T 144 36.55 -63.99 -12.25
CA HIS T 144 35.77 -65.22 -12.15
C HIS T 144 35.05 -65.37 -10.83
N PHE T 145 35.73 -65.22 -9.69
CA PHE T 145 35.08 -65.41 -8.40
C PHE T 145 35.80 -64.60 -7.33
N VAL T 146 35.12 -64.48 -6.18
CA VAL T 146 35.64 -63.78 -5.01
C VAL T 146 35.32 -64.61 -3.78
N VAL T 147 36.29 -64.69 -2.87
CA VAL T 147 36.15 -65.41 -1.61
C VAL T 147 36.49 -64.46 -0.48
N MET T 148 35.73 -64.53 0.62
CA MET T 148 35.93 -63.60 1.72
C MET T 148 35.61 -64.29 3.04
N GLY T 149 36.38 -63.96 4.07
CA GLY T 149 36.09 -64.44 5.41
C GLY T 149 36.57 -65.84 5.71
N GLY T 150 36.81 -66.12 6.99
CA GLY T 150 37.33 -67.42 7.39
C GLY T 150 38.69 -67.70 6.77
N THR T 151 38.97 -68.98 6.57
CA THR T 151 40.20 -69.41 5.90
C THR T 151 39.91 -69.55 4.42
N THR T 152 40.46 -68.63 3.63
CA THR T 152 40.07 -68.49 2.24
C THR T 152 40.92 -69.29 1.27
N GLU T 153 42.13 -69.69 1.67
CA GLU T 153 43.00 -70.44 0.75
C GLU T 153 42.38 -71.74 0.27
N PRO T 154 41.88 -72.61 1.15
CA PRO T 154 41.24 -73.85 0.65
C PRO T 154 40.06 -73.59 -0.28
N ILE T 155 39.24 -72.57 0.03
CA ILE T 155 38.05 -72.32 -0.77
C ILE T 155 38.42 -71.80 -2.15
N ALA T 156 39.35 -70.84 -2.21
CA ALA T 156 39.79 -70.31 -3.50
C ALA T 156 40.55 -71.35 -4.30
N ASN T 157 41.25 -72.27 -3.64
CA ASN T 157 41.90 -73.36 -4.36
C ASN T 157 40.88 -74.31 -4.96
N ALA T 158 39.95 -74.79 -4.14
CA ALA T 158 38.91 -75.68 -4.65
C ALA T 158 38.11 -75.01 -5.77
N LEU T 159 37.89 -73.71 -5.67
CA LEU T 159 37.17 -72.99 -6.72
C LEU T 159 38.00 -72.92 -8.00
N LYS T 160 39.28 -72.55 -7.87
CA LYS T 160 40.18 -72.62 -9.03
C LYS T 160 40.13 -74.00 -9.67
N GLU T 161 39.94 -75.04 -8.85
CA GLU T 161 39.86 -76.39 -9.37
C GLU T 161 38.59 -76.60 -10.18
N SER T 162 37.43 -76.27 -9.60
CA SER T 162 36.15 -76.68 -10.15
C SER T 162 35.44 -75.61 -10.98
N TYR T 163 35.93 -74.37 -10.99
CA TYR T 163 35.20 -73.31 -11.68
C TYR T 163 35.40 -73.39 -13.18
N ALA T 164 34.29 -73.29 -13.92
CA ALA T 164 34.30 -73.14 -15.36
C ALA T 164 33.28 -72.07 -15.74
N GLU T 165 33.66 -71.20 -16.67
CA GLU T 165 32.77 -70.12 -17.10
C GLU T 165 31.46 -70.67 -17.63
N ASN T 166 30.41 -69.86 -17.50
CA ASN T 166 29.11 -70.14 -18.08
C ASN T 166 28.43 -71.35 -17.49
N ALA T 167 28.88 -71.81 -16.32
CA ALA T 167 28.21 -72.90 -15.63
C ALA T 167 26.73 -72.56 -15.45
N SER T 168 25.88 -73.56 -15.22
CA SER T 168 24.48 -73.31 -14.98
C SER T 168 24.28 -72.86 -13.53
N LEU T 169 23.04 -72.51 -13.18
CA LEU T 169 22.77 -72.08 -11.82
C LEU T 169 22.98 -73.21 -10.83
N THR T 170 22.45 -74.40 -11.14
CA THR T 170 22.59 -75.52 -10.22
C THR T 170 24.06 -75.92 -10.07
N ASP T 171 24.75 -76.12 -11.19
CA ASP T 171 26.16 -76.49 -11.12
C ASP T 171 26.98 -75.44 -10.38
N ALA T 172 26.76 -74.16 -10.70
CA ALA T 172 27.47 -73.09 -10.01
C ALA T 172 27.21 -73.15 -8.50
N LEU T 173 25.95 -73.35 -8.12
CA LEU T 173 25.62 -73.45 -6.70
C LEU T 173 26.38 -74.58 -6.04
N ARG T 174 26.34 -75.78 -6.63
CA ARG T 174 26.99 -76.93 -6.00
C ARG T 174 28.51 -76.79 -5.98
N ILE T 175 29.08 -76.11 -6.97
CA ILE T 175 30.51 -75.80 -6.93
C ILE T 175 30.83 -74.87 -5.77
N ALA T 176 29.96 -73.86 -5.56
CA ALA T 176 30.18 -72.90 -4.49
C ALA T 176 30.07 -73.58 -3.12
N VAL T 177 28.99 -74.34 -2.90
CA VAL T 177 28.84 -75.06 -1.64
C VAL T 177 30.01 -76.04 -1.45
N ALA T 178 30.41 -76.70 -2.52
CA ALA T 178 31.52 -77.65 -2.41
C ALA T 178 32.81 -76.95 -1.99
N ALA T 179 33.05 -75.75 -2.51
CA ALA T 179 34.28 -75.04 -2.16
C ALA T 179 34.19 -74.47 -0.74
N LEU T 180 33.00 -74.02 -0.32
CA LEU T 180 32.83 -73.60 1.07
C LEU T 180 33.10 -74.74 2.02
N ARG T 181 32.44 -75.88 1.79
CA ARG T 181 32.64 -77.08 2.61
C ARG T 181 34.13 -77.38 2.79
N ALA T 182 34.97 -76.99 1.84
CA ALA T 182 36.41 -77.24 1.93
C ALA T 182 37.08 -76.35 2.98
N GLY T 183 36.29 -75.81 3.91
CA GLY T 183 36.81 -74.97 4.96
C GLY T 183 35.92 -74.90 6.19
N THR T 194 27.74 -80.81 3.99
CA THR T 194 26.53 -80.96 4.80
C THR T 194 25.92 -79.59 5.13
N LEU T 195 26.15 -78.63 4.24
CA LEU T 195 25.58 -77.29 4.37
C LEU T 195 24.25 -77.24 3.64
N GLY T 196 23.18 -76.96 4.37
CA GLY T 196 21.85 -76.99 3.78
C GLY T 196 21.10 -75.68 3.84
N VAL T 197 19.79 -75.74 3.60
CA VAL T 197 18.96 -74.53 3.61
C VAL T 197 19.08 -73.81 4.94
N ALA T 198 19.13 -74.56 6.05
CA ALA T 198 19.13 -73.95 7.37
C ALA T 198 20.44 -73.27 7.71
N SER T 199 21.47 -73.38 6.88
CA SER T 199 22.76 -72.79 7.17
C SER T 199 23.33 -72.00 5.99
N LEU T 200 22.48 -71.61 5.05
CA LEU T 200 22.93 -70.91 3.84
C LEU T 200 22.09 -69.67 3.58
N GLU T 201 22.74 -68.65 3.05
CA GLU T 201 22.09 -67.47 2.49
C GLU T 201 22.56 -67.35 1.04
N VAL T 202 21.65 -67.54 0.11
CA VAL T 202 21.96 -67.56 -1.32
C VAL T 202 21.13 -66.49 -2.02
N ALA T 203 21.77 -65.77 -2.95
CA ALA T 203 21.05 -64.81 -3.78
C ALA T 203 21.79 -64.68 -5.10
N VAL T 204 21.12 -64.11 -6.09
CA VAL T 204 21.71 -63.97 -7.42
C VAL T 204 21.46 -62.58 -7.97
N LEU T 205 22.42 -62.11 -8.76
CA LEU T 205 22.19 -61.03 -9.71
C LEU T 205 21.82 -61.69 -11.03
N ASP T 206 20.52 -61.71 -11.33
CA ASP T 206 19.98 -62.42 -12.49
C ASP T 206 19.86 -61.43 -13.64
N ALA T 207 20.82 -61.48 -14.57
CA ALA T 207 20.84 -60.57 -15.71
C ALA T 207 19.65 -60.74 -16.64
N ASN T 208 18.79 -61.73 -16.39
CA ASN T 208 17.62 -61.92 -17.23
C ASN T 208 16.42 -61.10 -16.75
N ARG T 209 16.46 -60.56 -15.54
CA ARG T 209 15.36 -59.74 -15.07
C ARG T 209 15.42 -58.36 -15.72
N PRO T 210 14.26 -57.73 -15.93
CA PRO T 210 14.23 -56.46 -16.68
C PRO T 210 14.91 -55.29 -15.99
N ARG T 211 14.64 -55.07 -14.70
CA ARG T 211 15.18 -53.89 -14.00
C ARG T 211 16.00 -54.30 -12.78
N ARG T 212 15.37 -54.80 -11.71
CA ARG T 212 16.08 -55.14 -10.49
C ARG T 212 16.54 -56.59 -10.57
N ALA T 213 17.85 -56.81 -10.65
CA ALA T 213 18.41 -58.13 -10.89
C ALA T 213 18.57 -58.95 -9.62
N PHE T 214 18.47 -58.36 -8.44
CA PHE T 214 18.76 -59.07 -7.20
C PHE T 214 17.58 -59.94 -6.80
N ARG T 215 17.85 -61.23 -6.54
CA ARG T 215 16.81 -62.16 -6.12
C ARG T 215 17.35 -63.07 -5.03
N ARG T 216 16.55 -63.33 -4.01
CA ARG T 216 16.88 -64.30 -3.00
C ARG T 216 16.27 -65.66 -3.37
N ILE T 217 16.96 -66.73 -2.93
CA ILE T 217 16.52 -68.09 -3.16
C ILE T 217 16.36 -68.75 -1.79
N THR T 218 15.12 -68.99 -1.39
CA THR T 218 14.81 -69.40 -0.03
C THR T 218 14.04 -70.72 -0.03
N GLY T 219 14.22 -71.48 1.07
CA GLY T 219 13.32 -72.57 1.40
C GLY T 219 13.23 -73.62 0.31
N SER T 220 12.00 -73.97 -0.05
CA SER T 220 11.77 -75.02 -1.03
C SER T 220 12.55 -74.76 -2.32
N ALA T 221 12.62 -73.50 -2.74
CA ALA T 221 13.38 -73.18 -3.95
C ALA T 221 14.84 -73.59 -3.82
N LEU T 222 15.50 -73.16 -2.75
CA LEU T 222 16.90 -73.50 -2.55
C LEU T 222 17.08 -75.00 -2.42
N GLN T 223 16.23 -75.65 -1.62
CA GLN T 223 16.30 -77.11 -1.49
C GLN T 223 16.28 -77.78 -2.85
N ALA T 224 15.27 -77.45 -3.66
CA ALA T 224 15.19 -77.99 -5.01
C ALA T 224 16.49 -77.75 -5.78
N LEU T 225 17.00 -76.52 -5.75
CA LEU T 225 18.18 -76.21 -6.54
C LEU T 225 19.44 -76.90 -6.04
N LEU T 226 19.45 -77.36 -4.78
CA LEU T 226 20.66 -77.99 -4.23
C LEU T 226 20.92 -79.37 -4.83
N VAL T 227 19.90 -80.01 -5.38
CA VAL T 227 20.06 -81.34 -5.97
C VAL T 227 19.14 -81.51 -7.17
N MET U 1 59.49 -36.05 17.84
CA MET U 1 59.37 -35.30 16.60
C MET U 1 60.15 -35.96 15.47
N GLU U 2 61.48 -36.01 15.59
CA GLU U 2 62.31 -36.52 14.51
C GLU U 2 62.03 -38.00 14.25
N GLN U 3 61.81 -38.79 15.32
CA GLN U 3 61.46 -40.19 15.12
C GLN U 3 60.07 -40.34 14.50
N ALA U 4 59.17 -39.39 14.77
CA ALA U 4 57.84 -39.45 14.18
C ALA U 4 57.90 -39.23 12.67
N MET U 5 58.51 -38.13 12.24
CA MET U 5 58.64 -37.88 10.81
C MET U 5 59.46 -38.98 10.12
N ARG U 6 60.54 -39.43 10.77
CA ARG U 6 61.31 -40.53 10.23
C ARG U 6 60.43 -41.76 10.00
N GLU U 7 59.65 -42.15 11.00
CA GLU U 7 58.77 -43.30 10.88
C GLU U 7 57.78 -43.11 9.74
N ARG U 8 57.13 -41.94 9.68
CA ARG U 8 56.17 -41.66 8.62
C ARG U 8 56.82 -41.83 7.25
N SER U 9 57.96 -41.16 7.04
CA SER U 9 58.68 -41.32 5.78
C SER U 9 58.93 -42.80 5.48
N GLU U 10 59.27 -43.59 6.49
CA GLU U 10 59.56 -45.00 6.24
C GLU U 10 58.32 -45.77 5.82
N LEU U 11 57.20 -45.55 6.50
CA LEU U 11 55.95 -46.21 6.10
C LEU U 11 55.58 -45.85 4.67
N ALA U 12 55.67 -44.56 4.32
CA ALA U 12 55.34 -44.13 2.97
C ALA U 12 56.24 -44.81 1.95
N ARG U 13 57.56 -44.75 2.17
CA ARG U 13 58.49 -45.33 1.21
C ARG U 13 58.29 -46.83 1.06
N LYS U 14 58.12 -47.55 2.18
CA LYS U 14 57.84 -48.98 2.10
C LYS U 14 56.56 -49.25 1.32
N GLY U 15 55.53 -48.43 1.54
CA GLY U 15 54.30 -48.59 0.77
C GLY U 15 54.53 -48.42 -0.72
N ILE U 16 55.31 -47.41 -1.11
CA ILE U 16 55.53 -47.15 -2.53
C ILE U 16 56.38 -48.25 -3.16
N ALA U 17 57.42 -48.71 -2.44
CA ALA U 17 58.32 -49.72 -2.98
C ALA U 17 57.61 -51.04 -3.22
N ARG U 18 56.51 -51.31 -2.52
CA ARG U 18 55.75 -52.54 -2.73
C ARG U 18 54.81 -52.46 -3.93
N ALA U 19 54.56 -51.27 -4.46
CA ALA U 19 53.59 -51.07 -5.52
C ALA U 19 54.23 -51.24 -6.90
N LYS U 20 53.39 -51.44 -7.90
CA LYS U 20 53.85 -51.58 -9.27
C LYS U 20 54.36 -50.24 -9.80
N SER U 21 55.10 -50.30 -10.91
CA SER U 21 55.87 -49.18 -11.41
C SER U 21 55.14 -48.44 -12.53
N VAL U 22 55.52 -47.17 -12.70
CA VAL U 22 54.92 -46.24 -13.64
C VAL U 22 56.02 -45.36 -14.22
N VAL U 23 55.86 -45.01 -15.49
CA VAL U 23 56.85 -44.22 -16.22
C VAL U 23 56.13 -43.21 -17.11
N ALA U 24 56.68 -42.00 -17.17
CA ALA U 24 56.24 -40.98 -18.12
C ALA U 24 57.45 -40.43 -18.86
N LEU U 25 57.31 -40.27 -20.18
CA LEU U 25 58.42 -39.80 -21.00
C LEU U 25 57.95 -38.73 -21.97
N ALA U 26 58.80 -37.73 -22.20
CA ALA U 26 58.56 -36.78 -23.27
C ALA U 26 58.97 -37.40 -24.60
N TYR U 27 58.19 -37.11 -25.65
CA TYR U 27 58.53 -37.60 -26.97
C TYR U 27 57.99 -36.62 -28.01
N ALA U 28 58.34 -36.88 -29.27
CA ALA U 28 58.06 -35.92 -30.35
C ALA U 28 56.61 -35.46 -30.36
N GLY U 29 55.67 -36.34 -30.02
CA GLY U 29 54.27 -36.02 -30.09
C GLY U 29 53.62 -35.55 -28.81
N GLY U 30 54.37 -35.45 -27.72
CA GLY U 30 53.81 -35.05 -26.44
C GLY U 30 54.38 -35.82 -25.28
N VAL U 31 53.51 -36.45 -24.47
CA VAL U 31 53.96 -37.18 -23.29
C VAL U 31 53.33 -38.57 -23.28
N LEU U 32 54.12 -39.56 -22.91
CA LEU U 32 53.71 -40.96 -22.87
C LEU U 32 53.67 -41.46 -21.44
N PHE U 33 52.56 -42.11 -21.08
CA PHE U 33 52.35 -42.73 -19.78
C PHE U 33 52.21 -44.23 -19.96
N VAL U 34 53.10 -44.98 -19.30
CA VAL U 34 53.09 -46.45 -19.33
C VAL U 34 53.17 -46.95 -17.89
N ALA U 35 52.23 -47.81 -17.51
CA ALA U 35 52.18 -48.30 -16.13
C ALA U 35 51.82 -49.77 -16.09
N GLU U 36 52.41 -50.50 -15.14
CA GLU U 36 52.02 -51.87 -14.86
C GLU U 36 50.62 -51.88 -14.24
N ASN U 37 49.63 -52.28 -15.02
CA ASN U 37 48.29 -52.36 -14.43
C ASN U 37 47.58 -53.61 -14.90
N PRO U 38 47.39 -54.61 -14.03
CA PRO U 38 46.66 -55.82 -14.43
C PRO U 38 45.16 -55.63 -14.47
N SER U 39 44.63 -54.57 -13.88
CA SER U 39 43.19 -54.39 -13.80
C SER U 39 42.59 -54.10 -15.17
N ARG U 40 41.26 -54.20 -15.24
CA ARG U 40 40.51 -53.87 -16.44
C ARG U 40 39.75 -52.56 -16.33
N SER U 41 39.56 -52.02 -15.12
CA SER U 41 38.80 -50.80 -14.93
C SER U 41 39.40 -49.82 -13.93
N LEU U 42 40.42 -50.20 -13.16
CA LEU U 42 41.00 -49.32 -12.16
C LEU U 42 42.22 -48.62 -12.75
N GLN U 43 42.13 -47.30 -12.86
CA GLN U 43 43.11 -46.51 -13.61
C GLN U 43 44.15 -45.89 -12.68
N LYS U 44 45.41 -45.89 -13.14
CA LYS U 44 46.47 -45.16 -12.48
C LYS U 44 46.86 -43.88 -13.23
N ILE U 45 46.52 -43.80 -14.51
CA ILE U 45 46.85 -42.66 -15.36
C ILE U 45 45.54 -41.98 -15.72
N SER U 46 45.54 -40.65 -15.71
CA SER U 46 44.27 -39.95 -15.84
C SER U 46 44.47 -38.56 -16.42
N GLU U 47 43.47 -38.12 -17.17
CA GLU U 47 43.37 -36.73 -17.60
C GLU U 47 43.14 -35.83 -16.39
N LEU U 48 43.77 -34.66 -16.39
CA LEU U 48 43.43 -33.60 -15.45
C LEU U 48 42.73 -32.45 -16.16
N TYR U 49 43.39 -31.80 -17.11
CA TYR U 49 42.80 -30.70 -17.85
C TYR U 49 43.23 -30.81 -19.31
N ASP U 50 42.77 -29.85 -20.12
CA ASP U 50 42.99 -29.86 -21.56
C ASP U 50 44.34 -30.42 -21.95
N ARG U 51 45.42 -29.78 -21.48
CA ARG U 51 46.77 -30.20 -21.83
C ARG U 51 47.54 -30.74 -20.64
N VAL U 52 46.85 -31.24 -19.61
CA VAL U 52 47.50 -31.65 -18.37
C VAL U 52 47.04 -33.06 -18.02
N GLY U 53 48.01 -33.98 -17.89
CA GLY U 53 47.76 -35.35 -17.51
C GLY U 53 48.40 -35.70 -16.16
N PHE U 54 47.95 -36.85 -15.64
CA PHE U 54 48.25 -37.29 -14.27
C PHE U 54 48.56 -38.77 -14.28
N ALA U 55 49.60 -39.16 -13.54
CA ALA U 55 49.91 -40.56 -13.32
C ALA U 55 50.39 -40.77 -11.90
N ALA U 56 50.05 -41.91 -11.32
CA ALA U 56 50.33 -42.13 -9.90
C ALA U 56 50.84 -43.55 -9.67
N ALA U 57 51.52 -43.72 -8.54
CA ALA U 57 51.95 -45.02 -8.06
C ALA U 57 51.68 -45.10 -6.57
N GLY U 58 51.40 -46.30 -6.08
CA GLY U 58 51.18 -46.53 -4.66
C GLY U 58 49.78 -47.07 -4.39
N LYS U 59 49.15 -46.51 -3.35
CA LYS U 59 47.87 -47.03 -2.86
C LYS U 59 46.73 -46.39 -3.65
N PHE U 60 45.87 -47.24 -4.23
CA PHE U 60 44.90 -46.76 -5.20
C PHE U 60 43.97 -45.71 -4.61
N ASN U 61 43.38 -45.99 -3.44
CA ASN U 61 42.39 -45.06 -2.91
C ASN U 61 43.00 -43.70 -2.63
N GLU U 62 44.26 -43.67 -2.20
CA GLU U 62 44.89 -42.41 -1.86
C GLU U 62 45.21 -41.57 -3.10
N PHE U 63 45.89 -42.17 -4.09
CA PHE U 63 46.16 -41.38 -5.29
C PHE U 63 44.91 -41.15 -6.13
N ASP U 64 43.83 -41.89 -5.88
CA ASP U 64 42.57 -41.57 -6.53
C ASP U 64 41.91 -40.37 -5.88
N ASN U 65 41.95 -40.30 -4.54
CA ASN U 65 41.56 -39.08 -3.86
C ASN U 65 42.33 -37.88 -4.41
N LEU U 66 43.65 -38.03 -4.55
CA LEU U 66 44.43 -36.91 -5.07
C LEU U 66 44.07 -36.60 -6.53
N ARG U 67 43.82 -37.63 -7.32
CA ARG U 67 43.38 -37.42 -8.70
C ARG U 67 42.12 -36.57 -8.74
N ARG U 68 41.11 -36.95 -7.96
CA ARG U 68 39.86 -36.21 -7.95
C ARG U 68 40.05 -34.79 -7.43
N GLY U 69 40.88 -34.62 -6.40
CA GLY U 69 41.16 -33.28 -5.92
C GLY U 69 41.81 -32.40 -6.97
N GLY U 70 42.72 -32.98 -7.77
CA GLY U 70 43.35 -32.22 -8.83
C GLY U 70 42.37 -31.84 -9.93
N ILE U 71 41.48 -32.75 -10.28
CA ILE U 71 40.44 -32.41 -11.27
C ILE U 71 39.54 -31.30 -10.73
N GLN U 72 39.13 -31.42 -9.47
CA GLN U 72 38.30 -30.37 -8.86
C GLN U 72 39.02 -29.02 -8.90
N PHE U 73 40.30 -29.01 -8.54
CA PHE U 73 41.07 -27.75 -8.57
C PHE U 73 41.15 -27.18 -9.98
N ALA U 74 41.45 -28.03 -10.97
CA ALA U 74 41.60 -27.53 -12.33
C ALA U 74 40.29 -26.97 -12.86
N ASP U 75 39.20 -27.71 -12.71
CA ASP U 75 37.92 -27.22 -13.23
C ASP U 75 37.49 -25.94 -12.50
N THR U 76 37.68 -25.88 -11.18
CA THR U 76 37.35 -24.66 -10.45
C THR U 76 38.18 -23.48 -10.95
N ARG U 77 39.48 -23.69 -11.17
CA ARG U 77 40.35 -22.60 -11.60
C ARG U 77 39.99 -22.12 -13.01
N GLY U 78 39.73 -23.07 -13.92
CA GLY U 78 39.37 -22.69 -15.28
C GLY U 78 38.00 -22.04 -15.37
N TYR U 79 37.08 -22.40 -14.48
CA TYR U 79 35.78 -21.74 -14.47
C TYR U 79 35.87 -20.34 -13.89
N ALA U 80 36.59 -20.19 -12.77
CA ALA U 80 36.69 -18.88 -12.13
C ALA U 80 37.47 -17.90 -12.98
N TYR U 81 38.43 -18.36 -13.78
CA TYR U 81 39.21 -17.48 -14.63
C TYR U 81 38.98 -17.84 -16.10
N ASP U 82 39.96 -18.48 -16.74
CA ASP U 82 39.75 -19.07 -18.06
C ASP U 82 40.56 -20.35 -18.16
N ARG U 83 40.11 -21.22 -19.08
CA ARG U 83 40.77 -22.51 -19.24
C ARG U 83 42.27 -22.36 -19.40
N ARG U 84 42.70 -21.42 -20.25
CA ARG U 84 44.12 -21.29 -20.56
C ARG U 84 44.94 -20.76 -19.40
N ASP U 85 44.32 -20.40 -18.27
CA ASP U 85 45.06 -20.06 -17.07
C ASP U 85 45.44 -21.29 -16.25
N VAL U 86 44.85 -22.44 -16.54
CA VAL U 86 45.16 -23.70 -15.87
C VAL U 86 46.44 -24.28 -16.47
N THR U 87 47.46 -24.45 -15.65
CA THR U 87 48.74 -24.96 -16.12
C THR U 87 49.18 -26.17 -15.29
N GLY U 88 50.10 -26.94 -15.87
CA GLY U 88 50.64 -28.09 -15.15
C GLY U 88 51.43 -27.67 -13.93
N ARG U 89 52.17 -26.56 -14.04
CA ARG U 89 52.92 -26.06 -12.89
C ARG U 89 51.99 -25.82 -11.70
N GLN U 90 50.85 -25.17 -11.94
CA GLN U 90 49.89 -24.92 -10.87
C GLN U 90 49.48 -26.22 -10.19
N LEU U 91 48.99 -27.18 -10.96
CA LEU U 91 48.58 -28.46 -10.39
C LEU U 91 49.69 -29.10 -9.57
N ALA U 92 50.92 -29.08 -10.10
CA ALA U 92 52.04 -29.62 -9.34
C ALA U 92 52.22 -28.88 -8.02
N ASN U 93 52.12 -27.55 -8.05
CA ASN U 93 52.24 -26.77 -6.84
C ASN U 93 51.21 -27.21 -5.80
N VAL U 94 49.97 -27.33 -6.19
CA VAL U 94 48.92 -27.74 -5.29
C VAL U 94 49.14 -29.13 -4.78
N TYR U 95 49.64 -30.00 -5.60
CA TYR U 95 49.92 -31.36 -5.13
C TYR U 95 51.03 -31.34 -4.09
N ALA U 96 52.05 -30.51 -4.28
CA ALA U 96 53.10 -30.38 -3.28
C ALA U 96 52.55 -29.87 -1.95
N GLN U 97 51.75 -28.81 -2.00
CA GLN U 97 51.15 -28.27 -0.77
C GLN U 97 50.29 -29.32 -0.07
N THR U 98 49.44 -30.00 -0.84
CA THR U 98 48.50 -30.95 -0.27
C THR U 98 49.23 -32.14 0.34
N LEU U 99 50.16 -32.74 -0.39
CA LEU U 99 50.90 -33.88 0.14
C LEU U 99 51.77 -33.48 1.33
N GLY U 100 52.29 -32.25 1.33
CA GLY U 100 52.98 -31.78 2.52
C GLY U 100 52.07 -31.79 3.74
N THR U 101 50.90 -31.18 3.62
CA THR U 101 49.95 -31.18 4.72
C THR U 101 49.61 -32.61 5.15
N ILE U 102 49.20 -33.45 4.20
CA ILE U 102 48.85 -34.83 4.54
C ILE U 102 49.98 -35.50 5.29
N PHE U 103 51.21 -35.31 4.81
CA PHE U 103 52.35 -36.00 5.41
C PHE U 103 52.60 -35.55 6.83
N THR U 104 52.39 -34.27 7.14
CA THR U 104 52.71 -33.79 8.48
C THR U 104 51.53 -33.83 9.45
N GLU U 105 50.29 -33.98 8.96
CA GLU U 105 49.14 -33.76 9.83
C GLU U 105 48.16 -34.93 9.86
N GLN U 106 48.07 -35.69 8.78
CA GLN U 106 47.03 -36.71 8.71
C GLN U 106 47.42 -37.94 9.53
N ALA U 107 46.38 -38.70 9.91
CA ALA U 107 46.58 -39.88 10.75
C ALA U 107 47.68 -40.79 10.19
N LYS U 108 47.62 -41.07 8.88
CA LYS U 108 48.64 -41.86 8.22
C LYS U 108 49.07 -41.14 6.96
N PRO U 109 50.37 -41.05 6.68
CA PRO U 109 50.81 -40.44 5.42
C PRO U 109 50.34 -41.24 4.22
N TYR U 110 50.16 -40.54 3.10
CA TYR U 110 49.75 -41.18 1.87
C TYR U 110 50.93 -41.91 1.24
N GLU U 111 50.73 -43.19 0.94
CA GLU U 111 51.74 -43.99 0.23
C GLU U 111 51.52 -43.84 -1.28
N VAL U 112 51.81 -42.64 -1.78
CA VAL U 112 51.62 -42.34 -3.19
C VAL U 112 52.81 -41.56 -3.72
N GLU U 113 52.96 -41.60 -5.04
CA GLU U 113 53.91 -40.78 -5.77
C GLU U 113 53.20 -40.30 -7.03
N LEU U 114 53.31 -39.02 -7.33
CA LEU U 114 52.51 -38.40 -8.39
C LEU U 114 53.39 -37.82 -9.48
N CYS U 115 52.84 -37.80 -10.70
CA CYS U 115 53.46 -37.18 -11.86
C CYS U 115 52.40 -36.35 -12.57
N VAL U 116 52.69 -35.05 -12.73
CA VAL U 116 51.82 -34.12 -13.45
C VAL U 116 52.58 -33.69 -14.69
N ALA U 117 51.98 -33.88 -15.86
CA ALA U 117 52.65 -33.58 -17.12
C ALA U 117 51.81 -32.62 -17.96
N GLU U 118 52.50 -31.77 -18.72
CA GLU U 118 51.82 -30.80 -19.56
C GLU U 118 52.49 -30.75 -20.93
N VAL U 119 51.67 -30.72 -21.99
CA VAL U 119 52.16 -30.55 -23.35
C VAL U 119 51.56 -29.27 -23.91
N ALA U 120 52.11 -28.83 -25.04
CA ALA U 120 51.77 -27.53 -25.59
C ALA U 120 50.30 -27.48 -26.03
N HIS U 121 49.76 -26.27 -26.09
CA HIS U 121 48.46 -26.05 -26.68
C HIS U 121 48.55 -26.19 -28.20
N TYR U 122 47.44 -26.60 -28.81
CA TYR U 122 47.45 -26.92 -30.23
C TYR U 122 48.05 -25.78 -31.04
N GLY U 123 49.04 -26.10 -31.87
CA GLY U 123 49.68 -25.13 -32.73
C GLY U 123 50.82 -24.36 -32.11
N GLU U 124 50.96 -24.37 -30.79
CA GLU U 124 52.05 -23.70 -30.11
C GLU U 124 53.18 -24.68 -29.86
N THR U 125 54.42 -24.16 -29.87
CA THR U 125 55.61 -24.96 -29.68
C THR U 125 56.16 -24.67 -28.29
N LYS U 126 56.01 -25.65 -27.39
CA LYS U 126 56.52 -25.59 -26.03
C LYS U 126 56.89 -27.01 -25.64
N ARG U 127 58.07 -27.18 -25.05
CA ARG U 127 58.51 -28.53 -24.71
C ARG U 127 57.63 -29.07 -23.58
N PRO U 128 57.33 -30.38 -23.60
CA PRO U 128 56.57 -30.97 -22.49
C PRO U 128 57.25 -30.68 -21.17
N GLU U 129 56.44 -30.60 -20.12
CA GLU U 129 56.93 -30.46 -18.75
C GLU U 129 56.53 -31.69 -17.96
N LEU U 130 57.50 -32.35 -17.34
CA LEU U 130 57.20 -33.43 -16.41
C LEU U 130 57.41 -32.93 -14.99
N TYR U 131 56.53 -33.35 -14.09
CA TYR U 131 56.60 -32.96 -12.68
C TYR U 131 56.39 -34.19 -11.83
N ARG U 132 57.17 -34.28 -10.77
CA ARG U 132 57.15 -35.40 -9.84
C ARG U 132 56.94 -34.85 -8.43
N ILE U 133 55.97 -35.42 -7.72
CA ILE U 133 55.66 -35.00 -6.35
C ILE U 133 55.68 -36.24 -5.47
N THR U 134 56.54 -36.20 -4.44
CA THR U 134 56.76 -37.33 -3.55
C THR U 134 55.83 -37.29 -2.34
N TYR U 135 55.84 -38.37 -1.56
CA TYR U 135 54.89 -38.52 -0.47
C TYR U 135 54.95 -37.39 0.54
N ASP U 136 56.07 -36.67 0.64
CA ASP U 136 56.22 -35.63 1.64
C ASP U 136 55.97 -34.23 1.08
N GLY U 137 55.47 -34.13 -0.15
CA GLY U 137 55.25 -32.85 -0.77
C GLY U 137 56.43 -32.30 -1.54
N SER U 138 57.56 -33.01 -1.55
CA SER U 138 58.69 -32.59 -2.37
C SER U 138 58.30 -32.66 -3.84
N ILE U 139 58.78 -31.69 -4.61
CA ILE U 139 58.41 -31.55 -6.01
C ILE U 139 59.67 -31.30 -6.83
N ALA U 140 59.72 -31.87 -8.02
CA ALA U 140 60.84 -31.68 -8.92
C ALA U 140 60.35 -31.75 -10.35
N ASP U 141 60.85 -30.85 -11.19
CA ASP U 141 60.51 -30.88 -12.61
C ASP U 141 61.58 -31.64 -13.39
N GLU U 142 61.13 -32.48 -14.31
CA GLU U 142 61.96 -33.29 -15.17
C GLU U 142 61.67 -32.98 -16.64
N PRO U 143 62.72 -32.94 -17.47
CA PRO U 143 62.53 -32.62 -18.89
C PRO U 143 62.38 -33.84 -19.77
N HIS U 144 62.85 -35.00 -19.29
CA HIS U 144 62.93 -36.20 -20.14
C HIS U 144 62.00 -37.31 -19.65
N PHE U 145 62.15 -37.79 -18.42
CA PHE U 145 61.28 -38.86 -17.96
C PHE U 145 61.13 -38.84 -16.44
N VAL U 146 60.13 -39.58 -15.97
CA VAL U 146 59.84 -39.72 -14.55
C VAL U 146 59.49 -41.19 -14.29
N VAL U 147 60.06 -41.75 -13.23
CA VAL U 147 59.82 -43.14 -12.82
C VAL U 147 59.29 -43.12 -11.39
N MET U 148 58.22 -43.88 -11.15
CA MET U 148 57.59 -43.90 -9.83
C MET U 148 57.13 -45.30 -9.48
N GLY U 149 57.38 -45.69 -8.24
CA GLY U 149 56.77 -46.93 -7.75
C GLY U 149 57.62 -48.16 -8.02
N GLY U 150 57.58 -49.09 -7.06
CA GLY U 150 58.38 -50.29 -7.15
C GLY U 150 59.85 -50.02 -6.89
N THR U 151 60.69 -50.90 -7.42
CA THR U 151 62.13 -50.72 -7.39
C THR U 151 62.51 -49.90 -8.61
N THR U 152 62.81 -48.61 -8.40
CA THR U 152 62.91 -47.68 -9.52
C THR U 152 64.30 -47.65 -10.14
N GLU U 153 65.37 -47.69 -9.34
CA GLU U 153 66.71 -47.46 -9.87
C GLU U 153 67.06 -48.34 -11.07
N PRO U 154 66.66 -49.62 -11.14
CA PRO U 154 66.85 -50.36 -12.40
C PRO U 154 66.16 -49.69 -13.58
N ILE U 155 64.96 -49.15 -13.35
CA ILE U 155 64.19 -48.54 -14.43
C ILE U 155 64.80 -47.22 -14.85
N ALA U 156 65.11 -46.35 -13.88
CA ALA U 156 65.80 -45.10 -14.19
C ALA U 156 67.11 -45.38 -14.92
N ASN U 157 67.80 -46.46 -14.56
CA ASN U 157 69.02 -46.83 -15.27
C ASN U 157 68.71 -47.17 -16.72
N ALA U 158 67.77 -48.09 -16.95
CA ALA U 158 67.42 -48.46 -18.31
C ALA U 158 67.06 -47.24 -19.15
N LEU U 159 66.33 -46.29 -18.55
CA LEU U 159 65.95 -45.09 -19.30
C LEU U 159 67.15 -44.20 -19.57
N LYS U 160 68.04 -44.04 -18.58
CA LYS U 160 69.26 -43.27 -18.82
C LYS U 160 70.04 -43.84 -19.99
N GLU U 161 70.10 -45.17 -20.09
CA GLU U 161 70.83 -45.80 -21.19
C GLU U 161 70.09 -45.65 -22.51
N SER U 162 68.76 -45.71 -22.49
CA SER U 162 67.98 -45.92 -23.70
C SER U 162 67.31 -44.68 -24.24
N TYR U 163 67.03 -43.68 -23.42
CA TYR U 163 66.17 -42.57 -23.81
C TYR U 163 66.88 -41.60 -24.74
N ALA U 164 66.17 -41.18 -25.80
CA ALA U 164 66.63 -40.15 -26.72
C ALA U 164 65.53 -39.12 -26.91
N GLU U 165 65.91 -37.84 -26.93
CA GLU U 165 64.93 -36.77 -27.06
C GLU U 165 64.19 -36.88 -28.38
N ASN U 166 62.89 -36.55 -28.34
CA ASN U 166 62.04 -36.46 -29.54
C ASN U 166 61.87 -37.81 -30.23
N ALA U 167 61.96 -38.90 -29.48
CA ALA U 167 61.68 -40.21 -30.01
C ALA U 167 60.29 -40.26 -30.64
N SER U 168 60.01 -41.30 -31.42
CA SER U 168 58.67 -41.50 -31.94
C SER U 168 57.82 -42.22 -30.89
N LEU U 169 56.50 -42.20 -31.11
CA LEU U 169 55.61 -42.88 -30.17
C LEU U 169 55.93 -44.37 -30.08
N THR U 170 56.19 -45.01 -31.22
CA THR U 170 56.54 -46.43 -31.20
C THR U 170 57.83 -46.68 -30.45
N ASP U 171 58.89 -45.94 -30.81
CA ASP U 171 60.16 -46.10 -30.12
C ASP U 171 60.02 -45.80 -28.62
N ALA U 172 59.30 -44.73 -28.28
CA ALA U 172 59.12 -44.37 -26.87
C ALA U 172 58.42 -45.48 -26.10
N LEU U 173 57.31 -45.99 -26.64
CA LEU U 173 56.64 -47.12 -26.01
C LEU U 173 57.60 -48.29 -25.84
N ARG U 174 58.38 -48.59 -26.87
CA ARG U 174 59.34 -49.68 -26.82
C ARG U 174 60.29 -49.53 -25.63
N ILE U 175 61.04 -48.42 -25.61
CA ILE U 175 62.03 -48.23 -24.56
C ILE U 175 61.38 -48.17 -23.19
N ALA U 176 60.14 -47.69 -23.12
CA ALA U 176 59.43 -47.64 -21.85
C ALA U 176 59.13 -49.04 -21.33
N VAL U 177 58.50 -49.88 -22.16
CA VAL U 177 58.21 -51.25 -21.73
C VAL U 177 59.50 -51.98 -21.38
N ALA U 178 60.58 -51.71 -22.11
CA ALA U 178 61.86 -52.32 -21.80
C ALA U 178 62.35 -51.89 -20.42
N ALA U 179 62.34 -50.58 -20.15
CA ALA U 179 62.82 -50.09 -18.86
C ALA U 179 61.96 -50.59 -17.71
N LEU U 180 60.66 -50.77 -17.95
CA LEU U 180 59.79 -51.35 -16.92
C LEU U 180 60.14 -52.81 -16.66
N ARG U 181 60.40 -53.58 -17.72
CA ARG U 181 60.73 -54.99 -17.53
C ARG U 181 61.97 -55.16 -16.65
N ALA U 182 62.96 -54.28 -16.82
CA ALA U 182 64.19 -54.36 -16.03
C ALA U 182 63.95 -53.73 -14.65
N GLY U 183 63.14 -54.41 -13.85
CA GLY U 183 62.82 -53.93 -12.51
C GLY U 183 61.83 -54.81 -11.78
N LEU U 195 55.89 -57.39 -21.88
CA LEU U 195 54.54 -57.33 -21.34
C LEU U 195 53.51 -57.05 -22.44
N GLY U 196 52.47 -57.88 -22.48
CA GLY U 196 51.39 -57.69 -23.42
C GLY U 196 50.42 -56.61 -22.96
N VAL U 197 49.35 -56.45 -23.75
CA VAL U 197 48.36 -55.44 -23.42
C VAL U 197 47.64 -55.78 -22.12
N ALA U 198 47.50 -57.08 -21.81
CA ALA U 198 46.68 -57.49 -20.68
C ALA U 198 47.20 -56.99 -19.34
N SER U 199 48.46 -56.55 -19.27
CA SER U 199 49.03 -56.08 -18.01
C SER U 199 49.62 -54.68 -18.12
N LEU U 200 49.15 -53.86 -19.06
CA LEU U 200 49.64 -52.51 -19.24
C LEU U 200 48.49 -51.52 -19.27
N GLU U 201 48.72 -50.35 -18.69
CA GLU U 201 47.87 -49.18 -18.88
C GLU U 201 48.69 -48.10 -19.55
N VAL U 202 48.19 -47.59 -20.68
CA VAL U 202 48.96 -46.70 -21.53
C VAL U 202 48.08 -45.53 -21.95
N ALA U 203 48.70 -44.35 -22.05
CA ALA U 203 47.98 -43.17 -22.54
C ALA U 203 48.99 -42.12 -22.94
N VAL U 204 48.52 -41.14 -23.72
CA VAL U 204 49.36 -40.04 -24.18
C VAL U 204 48.66 -38.72 -23.94
N LEU U 205 49.46 -37.70 -23.66
CA LEU U 205 49.09 -36.31 -23.89
C LEU U 205 49.60 -35.98 -25.29
N ASP U 206 48.68 -35.96 -26.26
CA ASP U 206 49.00 -35.75 -27.66
C ASP U 206 48.92 -34.25 -27.97
N ALA U 207 50.07 -33.61 -28.10
CA ALA U 207 50.10 -32.18 -28.40
C ALA U 207 49.48 -31.83 -29.74
N ASN U 208 49.10 -32.82 -30.55
CA ASN U 208 48.47 -32.56 -31.83
C ASN U 208 46.96 -32.52 -31.76
N ARG U 209 46.36 -32.83 -30.64
CA ARG U 209 44.93 -32.77 -30.56
C ARG U 209 44.39 -31.36 -30.38
N PRO U 210 43.29 -31.02 -31.03
CA PRO U 210 42.82 -29.61 -30.98
C PRO U 210 42.64 -29.05 -29.58
N ARG U 211 41.97 -29.77 -28.68
CA ARG U 211 41.77 -29.27 -27.33
C ARG U 211 42.21 -30.28 -26.27
N ARG U 212 41.47 -31.37 -26.14
CA ARG U 212 41.73 -32.36 -25.09
C ARG U 212 42.83 -33.30 -25.53
N ALA U 213 44.00 -33.19 -24.91
CA ALA U 213 45.17 -33.93 -25.35
C ALA U 213 45.19 -35.38 -24.86
N PHE U 214 44.56 -35.67 -23.73
CA PHE U 214 44.62 -37.01 -23.15
C PHE U 214 43.99 -38.03 -24.08
N ARG U 215 44.57 -39.22 -24.13
CA ARG U 215 44.06 -40.28 -24.98
C ARG U 215 44.61 -41.63 -24.51
N ARG U 216 43.74 -42.61 -24.35
CA ARG U 216 44.19 -43.96 -24.03
C ARG U 216 44.49 -44.74 -25.30
N ILE U 217 45.41 -45.69 -25.19
CA ILE U 217 45.76 -46.59 -26.27
C ILE U 217 45.58 -48.01 -25.74
N THR U 218 44.59 -48.73 -26.27
CA THR U 218 44.19 -49.99 -25.70
C THR U 218 43.89 -51.01 -26.78
N GLY U 219 44.04 -52.28 -26.42
CA GLY U 219 43.55 -53.36 -27.27
C GLY U 219 44.31 -53.48 -28.57
N SER U 220 43.56 -53.50 -29.67
CA SER U 220 44.16 -53.74 -30.99
C SER U 220 45.17 -52.65 -31.34
N ALA U 221 44.87 -51.39 -31.02
CA ALA U 221 45.81 -50.32 -31.30
C ALA U 221 47.11 -50.50 -30.49
N LEU U 222 46.97 -50.86 -29.21
CA LEU U 222 48.14 -51.01 -28.35
C LEU U 222 49.00 -52.18 -28.78
N GLN U 223 48.38 -53.32 -29.09
CA GLN U 223 49.13 -54.46 -29.61
C GLN U 223 49.77 -54.12 -30.94
N ALA U 224 49.06 -53.35 -31.78
CA ALA U 224 49.60 -52.94 -33.07
C ALA U 224 50.85 -52.09 -32.90
N LEU U 225 50.90 -51.26 -31.85
CA LEU U 225 52.07 -50.45 -31.60
C LEU U 225 53.24 -51.30 -31.09
N LEU U 226 53.17 -52.61 -31.30
CA LEU U 226 54.19 -53.55 -30.83
C LEU U 226 54.58 -54.50 -31.96
N VAL U 227 55.01 -53.91 -33.08
CA VAL U 227 55.50 -54.69 -34.22
C VAL U 227 56.92 -54.23 -34.59
N THR V 1 28.31 10.94 -17.57
CA THR V 1 29.62 10.38 -17.91
C THR V 1 29.62 9.77 -19.29
N THR V 2 30.75 9.88 -20.00
CA THR V 2 30.95 9.15 -21.25
C THR V 2 32.38 8.64 -21.29
N ILE V 3 32.53 7.33 -21.41
CA ILE V 3 33.80 6.69 -21.71
C ILE V 3 33.69 6.13 -23.13
N VAL V 4 34.75 6.31 -23.91
CA VAL V 4 34.82 5.74 -25.25
C VAL V 4 36.09 4.91 -25.35
N ALA V 5 36.05 3.92 -26.25
CA ALA V 5 37.20 3.08 -26.53
C ALA V 5 37.09 2.60 -27.97
N LEU V 6 38.19 2.69 -28.71
CA LEU V 6 38.19 2.25 -30.09
C LEU V 6 39.52 1.60 -30.43
N LYS V 7 39.47 0.70 -31.41
CA LYS V 7 40.66 -0.01 -31.88
C LYS V 7 41.27 0.74 -33.06
N TYR V 8 42.60 0.81 -33.07
CA TYR V 8 43.34 1.32 -34.20
C TYR V 8 44.44 0.33 -34.56
N PRO V 9 45.06 0.47 -35.72
CA PRO V 9 46.05 -0.52 -36.15
C PRO V 9 47.14 -0.71 -35.09
N GLY V 10 47.18 -1.91 -34.52
CA GLY V 10 48.20 -2.25 -33.55
C GLY V 10 47.96 -1.73 -32.16
N GLY V 11 46.75 -1.31 -31.83
CA GLY V 11 46.50 -0.86 -30.47
C GLY V 11 45.07 -0.47 -30.24
N VAL V 12 44.85 0.14 -29.07
CA VAL V 12 43.52 0.55 -28.65
C VAL V 12 43.65 1.84 -27.84
N VAL V 13 42.61 2.68 -27.89
CA VAL V 13 42.57 3.93 -27.16
C VAL V 13 41.29 3.99 -26.36
N MET V 14 41.39 4.49 -25.12
CA MET V 14 40.25 4.74 -24.27
C MET V 14 40.33 6.15 -23.73
N ALA V 15 39.19 6.83 -23.65
CA ALA V 15 39.17 8.20 -23.17
C ALA V 15 37.88 8.46 -22.42
N GLY V 16 37.94 9.40 -21.47
CA GLY V 16 36.79 9.71 -20.65
C GLY V 16 36.73 11.19 -20.31
N ASP V 17 35.51 11.65 -20.04
CA ASP V 17 35.26 13.02 -19.64
C ASP V 17 35.61 13.21 -18.16
N ARG V 18 35.42 14.43 -17.65
CA ARG V 18 35.93 14.80 -16.34
C ARG V 18 34.86 15.29 -15.38
N ARG V 19 33.58 15.12 -15.70
CA ARG V 19 32.51 15.75 -14.93
C ARG V 19 31.96 14.82 -13.85
N SER V 20 31.60 15.41 -12.71
CA SER V 20 30.88 14.73 -11.64
C SER V 20 29.70 15.60 -11.21
N THR V 21 28.53 14.98 -11.07
CA THR V 21 27.31 15.72 -10.74
C THR V 21 26.59 15.08 -9.56
N GLN V 22 25.73 15.89 -8.92
CA GLN V 22 24.74 15.42 -7.96
C GLN V 22 23.41 15.99 -8.44
N GLY V 23 22.65 15.19 -9.17
CA GLY V 23 21.47 15.68 -9.85
C GLY V 23 21.85 16.65 -10.95
N ASN V 24 21.50 17.93 -10.78
CA ASN V 24 21.88 18.96 -11.74
C ASN V 24 23.15 19.68 -11.35
N MET V 25 23.58 19.58 -10.09
CA MET V 25 24.74 20.33 -9.61
C MET V 25 26.03 19.66 -10.05
N ILE V 26 26.94 20.46 -10.60
CA ILE V 26 28.29 19.99 -10.91
C ILE V 26 29.08 19.88 -9.62
N SER V 27 29.54 18.67 -9.30
CA SER V 27 30.33 18.43 -8.11
C SER V 27 31.77 18.05 -8.42
N GLY V 28 32.16 18.05 -9.70
CA GLY V 28 33.52 17.76 -10.08
C GLY V 28 33.84 18.17 -11.50
N ARG V 29 35.00 18.78 -11.70
CA ARG V 29 35.43 19.22 -13.03
C ARG V 29 36.70 18.56 -13.53
N ASP V 30 37.39 17.76 -12.70
CA ASP V 30 38.67 17.18 -13.08
C ASP V 30 38.73 15.70 -12.72
N VAL V 31 37.59 15.01 -12.75
CA VAL V 31 37.53 13.62 -12.33
C VAL V 31 38.19 12.74 -13.37
N ARG V 32 39.00 11.79 -12.90
CA ARG V 32 39.65 10.81 -13.76
C ARG V 32 38.86 9.51 -13.71
N LYS V 33 38.33 9.09 -14.85
CA LYS V 33 37.47 7.92 -14.92
C LYS V 33 38.08 6.77 -15.70
N VAL V 34 39.29 6.95 -16.25
CA VAL V 34 39.96 5.93 -17.04
C VAL V 34 41.23 5.53 -16.30
N TYR V 35 41.28 4.29 -15.82
CA TYR V 35 42.37 3.80 -15.00
C TYR V 35 43.15 2.73 -15.77
N ILE V 36 44.49 2.81 -15.68
CA ILE V 36 45.35 1.76 -16.19
C ILE V 36 45.34 0.63 -15.18
N THR V 37 44.62 -0.45 -15.51
CA THR V 37 44.48 -1.56 -14.56
C THR V 37 45.63 -2.55 -14.63
N ASP V 38 46.30 -2.67 -15.77
CA ASP V 38 47.61 -3.32 -15.79
C ASP V 38 48.36 -2.89 -17.05
N ASP V 39 49.60 -3.36 -17.18
CA ASP V 39 50.45 -2.93 -18.28
C ASP V 39 49.75 -2.99 -19.62
N TYR V 40 48.74 -3.87 -19.76
CA TYR V 40 48.09 -4.07 -21.04
C TYR V 40 46.57 -3.92 -20.96
N THR V 41 46.05 -3.29 -19.91
CA THR V 41 44.61 -3.03 -19.86
C THR V 41 44.31 -1.73 -19.14
N ALA V 42 43.34 -1.00 -19.70
CA ALA V 42 42.73 0.17 -19.07
C ALA V 42 41.24 -0.06 -18.94
N THR V 43 40.68 0.39 -17.82
CA THR V 43 39.25 0.31 -17.54
C THR V 43 38.68 1.71 -17.34
N GLY V 44 37.50 1.94 -17.88
CA GLY V 44 36.79 3.20 -17.65
C GLY V 44 35.38 2.94 -17.20
N ILE V 45 34.92 3.60 -16.15
CA ILE V 45 33.68 3.23 -15.48
C ILE V 45 32.73 4.40 -15.45
N ALA V 46 31.45 4.10 -15.59
CA ALA V 46 30.37 5.08 -15.47
C ALA V 46 29.44 4.69 -14.33
N GLY V 47 28.84 5.69 -13.70
CA GLY V 47 27.90 5.44 -12.62
C GLY V 47 28.29 6.15 -11.34
N THR V 48 27.98 5.50 -10.21
CA THR V 48 28.21 6.11 -8.90
C THR V 48 29.71 6.19 -8.61
N ALA V 49 30.18 7.40 -8.29
CA ALA V 49 31.61 7.65 -8.19
C ALA V 49 32.29 6.67 -7.24
N ALA V 50 31.77 6.53 -6.02
CA ALA V 50 32.40 5.67 -5.03
C ALA V 50 32.52 4.24 -5.54
N VAL V 51 31.47 3.74 -6.20
CA VAL V 51 31.52 2.38 -6.73
C VAL V 51 32.50 2.30 -7.88
N ALA V 52 32.53 3.31 -8.76
CA ALA V 52 33.45 3.28 -9.90
C ALA V 52 34.89 3.20 -9.43
N VAL V 53 35.26 4.06 -8.49
CA VAL V 53 36.62 4.07 -7.97
C VAL V 53 36.93 2.77 -7.24
N GLU V 54 35.99 2.28 -6.43
CA GLU V 54 36.24 1.01 -5.73
C GLU V 54 36.47 -0.12 -6.74
N PHE V 55 35.62 -0.21 -7.77
CA PHE V 55 35.83 -1.20 -8.82
C PHE V 55 37.23 -1.11 -9.40
N ALA V 56 37.60 0.06 -9.93
CA ALA V 56 38.90 0.18 -10.58
C ALA V 56 40.02 -0.28 -9.67
N ARG V 57 40.05 0.26 -8.44
CA ARG V 57 41.13 -0.06 -7.51
C ARG V 57 41.19 -1.56 -7.22
N LEU V 58 40.04 -2.14 -6.85
CA LEU V 58 39.99 -3.54 -6.49
C LEU V 58 40.39 -4.43 -7.66
N TYR V 59 39.97 -4.06 -8.88
CA TYR V 59 40.29 -4.86 -10.06
C TYR V 59 41.78 -4.86 -10.33
N ALA V 60 42.41 -3.68 -10.30
CA ALA V 60 43.87 -3.65 -10.44
C ALA V 60 44.52 -4.56 -9.40
N VAL V 61 44.09 -4.46 -8.15
CA VAL V 61 44.69 -5.28 -7.09
C VAL V 61 44.51 -6.76 -7.40
N GLU V 62 43.37 -7.13 -7.98
CA GLU V 62 43.13 -8.55 -8.25
C GLU V 62 44.04 -9.06 -9.37
N LEU V 63 44.13 -8.32 -10.47
CA LEU V 63 44.98 -8.74 -11.58
C LEU V 63 46.43 -8.89 -11.13
N GLU V 64 46.96 -7.87 -10.42
CA GLU V 64 48.34 -7.98 -9.98
C GLU V 64 48.52 -9.06 -8.91
N HIS V 65 47.50 -9.24 -8.06
CA HIS V 65 47.54 -10.31 -7.06
C HIS V 65 47.73 -11.66 -7.73
N TYR V 66 46.93 -11.95 -8.77
CA TYR V 66 47.11 -13.19 -9.50
C TYR V 66 48.51 -13.25 -10.11
N GLU V 67 48.92 -12.19 -10.82
CA GLU V 67 50.22 -12.20 -11.48
C GLU V 67 51.34 -12.56 -10.51
N LYS V 68 51.29 -12.02 -9.29
CA LYS V 68 52.35 -12.31 -8.32
C LYS V 68 52.21 -13.71 -7.74
N LEU V 69 50.99 -14.17 -7.51
CA LEU V 69 50.82 -15.51 -6.93
C LEU V 69 51.27 -16.59 -7.91
N GLU V 70 50.83 -16.51 -9.16
CA GLU V 70 51.03 -17.61 -10.11
C GLU V 70 52.23 -17.41 -11.02
N GLY V 71 53.00 -16.34 -10.84
CA GLY V 71 54.16 -16.07 -11.67
C GLY V 71 53.85 -15.55 -13.05
N VAL V 72 52.58 -15.55 -13.46
CA VAL V 72 52.19 -15.18 -14.83
C VAL V 72 50.87 -14.42 -14.78
N PRO V 73 50.71 -13.44 -15.66
CA PRO V 73 49.45 -12.69 -15.68
C PRO V 73 48.30 -13.49 -16.27
N LEU V 74 47.10 -13.17 -15.82
CA LEU V 74 45.90 -13.81 -16.36
C LEU V 74 45.84 -13.61 -17.88
N THR V 75 45.27 -14.60 -18.55
CA THR V 75 44.90 -14.41 -19.95
C THR V 75 43.81 -13.34 -20.04
N PHE V 76 43.64 -12.79 -21.23
CA PHE V 76 42.65 -11.72 -21.38
C PHE V 76 41.26 -12.21 -21.00
N ALA V 77 40.89 -13.42 -21.45
CA ALA V 77 39.61 -13.99 -21.05
C ALA V 77 39.46 -14.00 -19.53
N GLY V 78 40.51 -14.37 -18.82
CA GLY V 78 40.46 -14.34 -17.37
C GLY V 78 40.11 -12.97 -16.84
N LYS V 79 40.78 -11.94 -17.37
CA LYS V 79 40.52 -10.58 -16.93
C LYS V 79 39.06 -10.18 -17.18
N ILE V 80 38.55 -10.49 -18.37
CA ILE V 80 37.13 -10.26 -18.65
C ILE V 80 36.28 -10.91 -17.57
N ASN V 81 36.53 -12.20 -17.30
CA ASN V 81 35.64 -12.94 -16.40
C ASN V 81 35.68 -12.38 -14.99
N ARG V 82 36.86 -11.95 -14.52
CA ARG V 82 36.93 -11.36 -13.18
C ARG V 82 36.16 -10.05 -13.13
N LEU V 83 36.32 -9.19 -14.14
CA LEU V 83 35.56 -7.94 -14.14
C LEU V 83 34.06 -8.23 -14.15
N ALA V 84 33.62 -9.16 -14.99
CA ALA V 84 32.20 -9.51 -15.06
C ALA V 84 31.70 -10.02 -13.71
N ILE V 85 32.48 -10.86 -13.04
CA ILE V 85 32.07 -11.39 -11.74
C ILE V 85 31.96 -10.26 -10.72
N MET V 86 32.90 -9.33 -10.74
CA MET V 86 32.83 -8.18 -9.84
C MET V 86 31.55 -7.38 -10.09
N VAL V 87 31.24 -7.11 -11.36
CA VAL V 87 30.02 -6.36 -11.68
C VAL V 87 28.78 -7.10 -11.18
N ARG V 88 28.67 -8.39 -11.51
CA ARG V 88 27.53 -9.18 -11.07
C ARG V 88 27.37 -9.12 -9.55
N GLY V 89 28.49 -9.23 -8.82
CA GLY V 89 28.43 -9.19 -7.37
C GLY V 89 27.84 -7.91 -6.81
N ASN V 90 27.77 -6.85 -7.60
CA ASN V 90 27.25 -5.57 -7.15
C ASN V 90 25.80 -5.34 -7.59
N LEU V 91 25.14 -6.36 -8.15
CA LEU V 91 23.84 -6.12 -8.79
C LEU V 91 22.76 -5.70 -7.79
N ALA V 92 22.80 -6.20 -6.56
CA ALA V 92 21.80 -5.78 -5.58
C ALA V 92 21.95 -4.30 -5.22
N ALA V 93 23.19 -3.88 -4.92
CA ALA V 93 23.43 -2.47 -4.63
C ALA V 93 23.12 -1.60 -5.83
N ALA V 94 23.46 -2.07 -7.04
CA ALA V 94 23.06 -1.37 -8.25
C ALA V 94 21.55 -1.22 -8.32
N MET V 95 20.82 -2.27 -7.95
CA MET V 95 19.37 -2.18 -7.87
C MET V 95 18.95 -1.10 -6.90
N GLN V 96 19.68 -0.91 -5.81
CA GLN V 96 19.35 0.13 -4.83
C GLN V 96 20.08 1.44 -5.07
N GLY V 97 20.59 1.68 -6.28
CA GLY V 97 21.14 2.97 -6.64
C GLY V 97 22.65 3.10 -6.64
N LEU V 98 23.39 2.06 -6.27
CA LEU V 98 24.85 2.10 -6.33
C LEU V 98 25.36 1.45 -7.61
N LEU V 99 24.87 1.96 -8.74
CA LEU V 99 25.07 1.33 -10.04
C LEU V 99 26.33 1.85 -10.70
N ALA V 100 27.14 0.93 -11.24
CA ALA V 100 28.40 1.28 -11.91
C ALA V 100 28.70 0.23 -12.96
N LEU V 101 28.89 0.67 -14.22
CA LEU V 101 29.20 -0.17 -15.37
C LEU V 101 30.59 0.15 -15.89
N PRO V 102 31.47 -0.83 -16.02
CA PRO V 102 32.78 -0.59 -16.62
C PRO V 102 32.80 -0.81 -18.14
N LEU V 103 33.91 -0.43 -18.73
CA LEU V 103 34.22 -0.64 -20.14
C LEU V 103 35.70 -0.95 -20.21
N LEU V 104 36.05 -2.09 -20.78
CA LEU V 104 37.41 -2.60 -20.75
C LEU V 104 38.06 -2.43 -22.12
N ALA V 105 39.30 -1.95 -22.13
CA ALA V 105 40.11 -1.92 -23.34
C ALA V 105 41.46 -2.53 -23.02
N GLY V 106 41.96 -3.37 -23.93
CA GLY V 106 43.20 -4.08 -23.66
C GLY V 106 43.97 -4.41 -24.92
N TYR V 107 45.17 -4.92 -24.71
CA TYR V 107 46.02 -5.42 -25.80
C TYR V 107 46.45 -6.83 -25.43
N ASP V 108 46.04 -7.81 -26.25
CA ASP V 108 46.27 -9.22 -25.94
C ASP V 108 47.60 -9.63 -26.55
N ILE V 109 48.64 -9.68 -25.71
CA ILE V 109 49.97 -10.07 -26.16
C ILE V 109 49.95 -11.48 -26.74
N HIS V 110 48.99 -12.31 -26.33
CA HIS V 110 48.89 -13.68 -26.81
C HIS V 110 48.13 -13.80 -28.12
N ALA V 111 47.61 -12.70 -28.66
CA ALA V 111 46.92 -12.75 -29.95
C ALA V 111 47.92 -12.99 -31.07
N SER V 112 47.44 -13.64 -32.12
CA SER V 112 48.32 -13.98 -33.25
C SER V 112 48.67 -12.73 -34.05
N ASP V 113 47.66 -12.02 -34.55
CA ASP V 113 47.88 -10.86 -35.40
C ASP V 113 48.02 -9.61 -34.52
N PRO V 114 49.22 -9.04 -34.38
CA PRO V 114 49.36 -7.84 -33.54
C PRO V 114 48.58 -6.65 -34.07
N GLN V 115 48.19 -6.67 -35.35
CA GLN V 115 47.41 -5.57 -35.91
C GLN V 115 46.03 -5.49 -35.27
N SER V 116 45.45 -6.63 -34.91
CA SER V 116 44.12 -6.70 -34.32
C SER V 116 44.15 -7.09 -32.86
N ALA V 117 45.32 -7.11 -32.23
CA ALA V 117 45.47 -7.52 -30.84
C ALA V 117 44.68 -6.63 -29.89
N GLY V 118 44.21 -5.47 -30.32
CA GLY V 118 43.36 -4.66 -29.48
C GLY V 118 42.07 -5.37 -29.13
N ARG V 119 41.57 -5.08 -27.94
CA ARG V 119 40.35 -5.68 -27.43
C ARG V 119 39.51 -4.59 -26.77
N ILE V 120 38.18 -4.69 -26.95
CA ILE V 120 37.23 -3.78 -26.34
C ILE V 120 36.04 -4.62 -25.87
N VAL V 121 35.81 -4.65 -24.57
CA VAL V 121 34.74 -5.46 -23.98
C VAL V 121 33.79 -4.53 -23.23
N SER V 122 32.50 -4.65 -23.53
CA SER V 122 31.46 -3.91 -22.84
C SER V 122 30.71 -4.83 -21.88
N PHE V 123 30.11 -4.24 -20.85
CA PHE V 123 29.42 -4.99 -19.80
C PHE V 123 28.05 -4.36 -19.54
N ASP V 124 27.22 -5.12 -18.83
CA ASP V 124 25.92 -4.63 -18.36
C ASP V 124 25.80 -4.91 -16.87
N ALA V 125 24.70 -4.45 -16.27
CA ALA V 125 24.56 -4.46 -14.82
C ALA V 125 24.45 -5.86 -14.23
N ALA V 126 24.11 -6.86 -15.03
CA ALA V 126 23.93 -8.22 -14.53
C ALA V 126 25.20 -9.06 -14.66
N GLY V 127 26.30 -8.48 -15.12
CA GLY V 127 27.52 -9.21 -15.33
C GLY V 127 27.77 -9.61 -16.77
N GLY V 128 26.85 -9.29 -17.67
CA GLY V 128 27.06 -9.65 -19.07
C GLY V 128 28.26 -8.93 -19.65
N TRP V 129 29.06 -9.66 -20.41
CA TRP V 129 30.18 -9.10 -21.14
C TRP V 129 30.03 -9.44 -22.61
N ASN V 130 30.59 -8.59 -23.47
CA ASN V 130 30.56 -8.82 -24.90
C ASN V 130 31.80 -8.18 -25.51
N ILE V 131 32.57 -8.98 -26.24
CA ILE V 131 33.74 -8.49 -26.96
C ILE V 131 33.25 -7.84 -28.25
N GLU V 132 33.63 -6.59 -28.47
CA GLU V 132 33.09 -5.77 -29.55
C GLU V 132 33.92 -5.99 -30.81
N GLU V 133 33.29 -6.59 -31.83
CA GLU V 133 34.00 -6.91 -33.08
C GLU V 133 34.08 -5.73 -34.05
N GLU V 134 33.35 -4.65 -33.82
CA GLU V 134 33.24 -3.58 -34.80
C GLU V 134 34.15 -2.39 -34.52
N GLY V 135 34.98 -2.44 -33.48
CA GLY V 135 36.10 -1.54 -33.34
C GLY V 135 35.92 -0.38 -32.38
N TYR V 136 34.70 -0.04 -31.99
CA TYR V 136 34.49 1.07 -31.06
C TYR V 136 33.30 0.77 -30.16
N GLN V 137 33.29 1.41 -28.99
CA GLN V 137 32.25 1.21 -28.00
C GLN V 137 32.34 2.36 -26.99
N ALA V 138 31.24 2.57 -26.27
CA ALA V 138 31.18 3.62 -25.26
C ALA V 138 30.22 3.21 -24.15
N VAL V 139 30.34 3.89 -23.01
CA VAL V 139 29.49 3.62 -21.85
C VAL V 139 29.22 4.93 -21.14
N GLY V 140 28.05 5.02 -20.50
CA GLY V 140 27.65 6.18 -19.75
C GLY V 140 26.41 6.83 -20.32
N SER V 141 26.05 7.99 -19.76
CA SER V 141 24.85 8.69 -20.20
C SER V 141 25.02 9.35 -21.57
N GLY V 142 26.25 9.62 -21.98
CA GLY V 142 26.48 10.11 -23.32
C GLY V 142 26.83 9.05 -24.33
N SER V 143 26.79 7.78 -23.93
CA SER V 143 27.36 6.71 -24.75
C SER V 143 26.71 6.61 -26.12
N LEU V 144 25.41 6.91 -26.23
CA LEU V 144 24.75 6.77 -27.52
C LEU V 144 25.18 7.86 -28.49
N PHE V 145 25.37 9.09 -27.99
CA PHE V 145 25.88 10.15 -28.85
C PHE V 145 27.30 9.84 -29.29
N ALA V 146 28.11 9.26 -28.40
CA ALA V 146 29.49 8.93 -28.74
C ALA V 146 29.54 7.81 -29.78
N LYS V 147 28.73 6.78 -29.61
CA LYS V 147 28.73 5.67 -30.57
C LYS V 147 28.20 6.12 -31.91
N SER V 148 27.12 6.92 -31.92
CA SER V 148 26.60 7.40 -33.20
C SER V 148 27.60 8.32 -33.89
N SER V 149 28.39 9.07 -33.12
CA SER V 149 29.44 9.89 -33.72
C SER V 149 30.52 9.01 -34.34
N MET V 150 31.07 8.08 -33.56
CA MET V 150 32.11 7.22 -34.08
C MET V 150 31.63 6.38 -35.26
N LYS V 151 30.33 6.08 -35.31
CA LYS V 151 29.81 5.37 -36.46
C LYS V 151 30.16 6.09 -37.76
N LYS V 152 30.13 7.43 -37.72
CA LYS V 152 30.45 8.23 -38.89
C LYS V 152 31.94 8.52 -39.01
N LEU V 153 32.67 8.61 -37.89
CA LEU V 153 34.06 9.05 -37.95
C LEU V 153 35.08 7.92 -37.96
N TYR V 154 34.68 6.68 -37.67
CA TYR V 154 35.66 5.63 -37.39
C TYR V 154 36.50 5.28 -38.61
N SER V 155 35.96 5.46 -39.82
CA SER V 155 36.70 5.12 -41.03
C SER V 155 37.92 5.99 -41.23
N GLN V 156 38.09 7.06 -40.45
CA GLN V 156 39.26 7.93 -40.56
C GLN V 156 40.40 7.49 -39.65
N VAL V 157 40.22 6.42 -38.90
CA VAL V 157 41.23 5.94 -37.97
C VAL V 157 42.19 5.03 -38.74
N THR V 158 43.45 5.45 -38.86
CA THR V 158 44.49 4.61 -39.43
C THR V 158 45.71 4.48 -38.54
N ASP V 159 45.77 5.19 -37.43
CA ASP V 159 46.90 5.12 -36.51
C ASP V 159 46.44 5.62 -35.15
N GLY V 160 47.37 5.65 -34.20
CA GLY V 160 47.03 6.09 -32.86
C GLY V 160 46.58 7.54 -32.81
N ASP V 161 47.13 8.39 -33.68
CA ASP V 161 46.78 9.81 -33.62
C ASP V 161 45.37 10.04 -34.16
N SER V 162 45.02 9.42 -35.28
CA SER V 162 43.66 9.57 -35.80
C SER V 162 42.65 8.90 -34.87
N GLY V 163 42.98 7.73 -34.33
CA GLY V 163 42.10 7.10 -33.37
C GLY V 163 41.86 7.97 -32.15
N LEU V 164 42.94 8.54 -31.59
CA LEU V 164 42.80 9.46 -30.47
C LEU V 164 41.89 10.62 -30.83
N ARG V 165 42.14 11.25 -31.99
CA ARG V 165 41.32 12.37 -32.41
C ARG V 165 39.84 11.98 -32.45
N VAL V 166 39.52 10.85 -33.09
CA VAL V 166 38.13 10.44 -33.19
C VAL V 166 37.54 10.17 -31.81
N ALA V 167 38.33 9.65 -30.88
CA ALA V 167 37.83 9.45 -29.53
C ALA V 167 37.48 10.78 -28.88
N VAL V 168 38.37 11.76 -29.00
CA VAL V 168 38.11 13.08 -28.40
C VAL V 168 36.88 13.71 -29.02
N GLU V 169 36.72 13.59 -30.34
CA GLU V 169 35.55 14.17 -30.99
C GLU V 169 34.28 13.45 -30.55
N ALA V 170 34.35 12.13 -30.42
CA ALA V 170 33.22 11.38 -29.90
C ALA V 170 32.79 11.93 -28.54
N LEU V 171 33.76 12.08 -27.63
CA LEU V 171 33.42 12.67 -26.33
C LEU V 171 32.89 14.08 -26.47
N TYR V 172 33.40 14.83 -27.44
CA TYR V 172 32.92 16.20 -27.65
C TYR V 172 31.44 16.21 -28.01
N ASP V 173 31.03 15.33 -28.93
CA ASP V 173 29.62 15.24 -29.27
C ASP V 173 28.79 14.76 -28.08
N ALA V 174 29.31 13.78 -27.33
CA ALA V 174 28.62 13.34 -26.12
C ALA V 174 28.35 14.51 -25.18
N ALA V 175 29.39 15.27 -24.84
CA ALA V 175 29.20 16.43 -23.98
C ALA V 175 28.23 17.44 -24.60
N ASP V 176 28.25 17.57 -25.93
CA ASP V 176 27.39 18.54 -26.60
C ASP V 176 25.91 18.16 -26.47
N ASP V 177 25.60 16.87 -26.40
CA ASP V 177 24.21 16.45 -26.28
C ASP V 177 23.83 15.90 -24.92
N ASP V 178 24.78 15.66 -24.02
CA ASP V 178 24.50 15.10 -22.70
C ASP V 178 25.07 16.02 -21.63
N SER V 179 24.19 16.54 -20.77
CA SER V 179 24.61 17.50 -19.75
C SER V 179 25.47 16.87 -18.66
N ALA V 180 25.33 15.56 -18.42
CA ALA V 180 26.13 14.88 -17.42
C ALA V 180 27.49 14.42 -17.96
N THR V 181 27.86 14.86 -19.16
CA THR V 181 29.18 14.64 -19.71
C THR V 181 29.83 16.01 -19.92
N GLY V 182 31.08 16.15 -19.46
CA GLY V 182 31.74 17.43 -19.51
C GLY V 182 32.57 17.65 -20.77
N GLY V 183 32.25 18.72 -21.49
CA GLY V 183 33.07 19.12 -22.62
C GLY V 183 34.42 19.64 -22.18
N PRO V 184 35.30 19.90 -23.12
CA PRO V 184 36.60 20.50 -22.77
C PRO V 184 36.40 21.87 -22.16
N ASP V 185 37.23 22.18 -21.16
CA ASP V 185 37.14 23.45 -20.44
C ASP V 185 38.39 24.26 -20.76
N LEU V 186 38.30 25.15 -21.75
CA LEU V 186 39.45 25.95 -22.16
C LEU V 186 39.78 27.07 -21.19
N VAL V 187 38.83 27.49 -20.35
CA VAL V 187 39.12 28.52 -19.37
C VAL V 187 40.03 28.00 -18.28
N ARG V 188 39.88 26.71 -17.92
CA ARG V 188 40.70 26.10 -16.88
C ARG V 188 41.77 25.18 -17.44
N GLY V 189 41.75 24.90 -18.73
CA GLY V 189 42.70 23.96 -19.30
C GLY V 189 42.51 22.56 -18.73
N ILE V 190 41.27 22.10 -18.68
CA ILE V 190 40.94 20.74 -18.29
C ILE V 190 40.29 20.07 -19.50
N PHE V 191 40.81 18.90 -19.86
CA PHE V 191 40.36 18.17 -21.03
C PHE V 191 40.19 16.70 -20.67
N PRO V 192 39.45 15.95 -21.47
CA PRO V 192 39.26 14.53 -21.18
C PRO V 192 40.60 13.83 -21.04
N THR V 193 40.59 12.70 -20.33
CA THR V 193 41.80 11.90 -20.17
C THR V 193 41.77 10.76 -21.18
N ALA V 194 42.97 10.30 -21.55
CA ALA V 194 43.09 9.23 -22.52
C ALA V 194 44.24 8.31 -22.13
N VAL V 195 44.00 7.01 -22.24
CA VAL V 195 45.00 5.97 -22.11
C VAL V 195 45.10 5.26 -23.44
N ILE V 196 46.33 5.00 -23.88
CA ILE V 196 46.57 4.30 -25.14
C ILE V 196 47.40 3.07 -24.86
N ILE V 197 47.05 1.95 -25.51
CA ILE V 197 47.73 0.68 -25.27
C ILE V 197 48.17 0.10 -26.62
N ASP V 198 49.46 -0.22 -26.72
CA ASP V 198 49.96 -1.01 -27.84
C ASP V 198 50.90 -2.08 -27.26
N ALA V 199 51.76 -2.64 -28.10
CA ALA V 199 52.61 -3.74 -27.67
C ALA V 199 53.55 -3.31 -26.56
N ASP V 200 53.94 -2.04 -26.53
CA ASP V 200 54.81 -1.52 -25.48
C ASP V 200 54.06 -1.17 -24.21
N GLY V 201 52.81 -1.62 -24.09
CA GLY V 201 52.03 -1.41 -22.88
C GLY V 201 51.05 -0.27 -23.01
N ALA V 202 50.51 0.09 -21.85
CA ALA V 202 49.50 1.12 -21.71
C ALA V 202 50.12 2.35 -21.06
N VAL V 203 49.87 3.52 -21.64
CA VAL V 203 50.44 4.77 -21.17
C VAL V 203 49.36 5.85 -21.15
N ASP V 204 49.50 6.77 -20.20
CA ASP V 204 48.67 7.97 -20.18
C ASP V 204 49.04 8.88 -21.33
N VAL V 205 48.02 9.44 -21.98
CA VAL V 205 48.25 10.40 -23.04
C VAL V 205 48.47 11.77 -22.41
N PRO V 206 49.53 12.50 -22.79
CA PRO V 206 49.78 13.81 -22.18
C PRO V 206 48.63 14.76 -22.46
N GLU V 207 48.36 15.64 -21.49
CA GLU V 207 47.26 16.58 -21.63
C GLU V 207 47.44 17.46 -22.86
N SER V 208 48.68 17.83 -23.17
CA SER V 208 48.93 18.76 -24.27
C SER V 208 48.32 18.25 -25.59
N ARG V 209 48.59 16.99 -25.93
CA ARG V 209 48.11 16.44 -27.19
C ARG V 209 46.58 16.48 -27.25
N ILE V 210 45.92 16.02 -26.18
CA ILE V 210 44.46 16.07 -26.14
C ILE V 210 43.98 17.50 -26.28
N ALA V 211 44.73 18.46 -25.72
CA ALA V 211 44.31 19.86 -25.80
C ALA V 211 44.35 20.37 -27.24
N GLU V 212 45.39 20.06 -27.97
CA GLU V 212 45.47 20.48 -29.33
C GLU V 212 44.42 19.86 -30.19
N LEU V 213 44.20 18.59 -29.99
CA LEU V 213 43.10 17.95 -30.72
C LEU V 213 41.76 18.61 -30.41
N ALA V 214 41.50 18.90 -29.14
CA ALA V 214 40.25 19.54 -28.75
C ALA V 214 40.09 20.89 -29.43
N ARG V 215 41.14 21.72 -29.39
CA ARG V 215 41.05 23.03 -30.02
C ARG V 215 40.84 22.91 -31.53
N ALA V 216 41.48 21.94 -32.16
CA ALA V 216 41.26 21.73 -33.59
C ALA V 216 39.81 21.38 -33.87
N ILE V 217 39.19 20.55 -33.03
CA ILE V 217 37.79 20.21 -33.24
C ILE V 217 36.91 21.44 -33.03
N ILE V 218 37.18 22.21 -31.98
CA ILE V 218 36.37 23.40 -31.69
C ILE V 218 36.43 24.39 -32.84
N GLU V 219 37.63 24.68 -33.33
CA GLU V 219 37.75 25.60 -34.45
C GLU V 219 37.10 25.03 -35.70
N SER V 220 37.35 23.75 -35.99
CA SER V 220 36.71 23.11 -37.13
C SER V 220 35.20 23.22 -37.08
N ARG V 221 34.61 23.40 -35.90
CA ARG V 221 33.17 23.62 -35.82
C ARG V 221 32.78 25.08 -35.63
N SER V 222 33.75 25.99 -35.45
CA SER V 222 33.46 27.41 -35.40
C SER V 222 33.28 28.03 -36.78
N GLY V 223 33.85 27.41 -37.81
CA GLY V 223 33.89 28.00 -39.13
C GLY V 223 35.23 28.66 -39.40
N THR W 1 24.50 23.57 9.44
CA THR W 1 25.96 23.57 9.57
C THR W 1 26.63 24.05 8.29
N THR W 2 27.84 24.62 8.45
CA THR W 2 28.72 24.88 7.31
C THR W 2 30.16 24.72 7.76
N ILE W 3 30.88 23.81 7.12
CA ILE W 3 32.33 23.66 7.29
C ILE W 3 32.98 24.09 5.99
N VAL W 4 33.99 24.96 6.08
CA VAL W 4 34.77 25.35 4.91
C VAL W 4 36.23 24.97 5.13
N ALA W 5 36.93 24.80 4.01
CA ALA W 5 38.37 24.57 4.02
C ALA W 5 38.95 25.15 2.74
N LEU W 6 40.17 25.66 2.82
CA LEU W 6 40.81 26.18 1.63
C LEU W 6 42.32 26.16 1.78
N LYS W 7 43.01 26.14 0.64
CA LYS W 7 44.45 26.06 0.56
C LYS W 7 45.05 27.44 0.36
N TYR W 8 46.17 27.69 1.01
CA TYR W 8 46.97 28.88 0.78
C TYR W 8 48.41 28.45 0.59
N PRO W 9 49.24 29.30 -0.02
CA PRO W 9 50.65 28.93 -0.21
C PRO W 9 51.30 28.54 1.10
N GLY W 10 51.57 27.25 1.27
CA GLY W 10 52.24 26.74 2.45
C GLY W 10 51.37 25.98 3.42
N GLY W 11 50.05 25.95 3.22
CA GLY W 11 49.21 25.23 4.15
C GLY W 11 47.75 25.23 3.76
N VAL W 12 46.93 24.86 4.75
CA VAL W 12 45.48 24.76 4.58
C VAL W 12 44.81 25.27 5.85
N VAL W 13 43.59 25.78 5.70
CA VAL W 13 42.80 26.22 6.84
C VAL W 13 41.40 25.61 6.73
N MET W 14 40.80 25.32 7.90
CA MET W 14 39.43 24.83 7.98
C MET W 14 38.70 25.56 9.09
N ALA W 15 37.43 25.88 8.87
CA ALA W 15 36.66 26.62 9.87
C ALA W 15 35.21 26.14 9.86
N GLY W 16 34.59 26.18 11.03
CA GLY W 16 33.23 25.71 11.18
C GLY W 16 32.42 26.61 12.07
N ASP W 17 31.10 26.56 11.86
CA ASP W 17 30.15 27.31 12.67
C ASP W 17 29.84 26.57 13.96
N ARG W 18 28.97 27.16 14.78
CA ARG W 18 28.77 26.70 16.14
C ARG W 18 27.34 26.30 16.47
N ARG W 19 26.44 26.30 15.50
CA ARG W 19 25.02 26.12 15.78
C ARG W 19 24.61 24.65 15.82
N SER W 20 23.66 24.36 16.69
CA SER W 20 23.03 23.06 16.79
C SER W 20 21.52 23.26 16.83
N THR W 21 20.80 22.47 16.04
CA THR W 21 19.35 22.66 15.89
C THR W 21 18.61 21.34 16.07
N GLN W 22 17.33 21.46 16.40
CA GLN W 22 16.40 20.33 16.42
C GLN W 22 15.14 20.81 15.69
N GLY W 23 15.13 20.62 14.38
CA GLY W 23 14.13 21.24 13.54
C GLY W 23 14.41 22.72 13.40
N ASN W 24 13.48 23.56 13.85
CA ASN W 24 13.70 25.00 13.87
C ASN W 24 14.34 25.48 15.16
N MET W 25 14.19 24.72 16.25
CA MET W 25 14.66 25.18 17.55
C MET W 25 16.18 25.10 17.62
N ILE W 26 16.80 26.18 18.09
CA ILE W 26 18.23 26.20 18.32
C ILE W 26 18.53 25.43 19.59
N SER W 27 19.31 24.35 19.47
CA SER W 27 19.64 23.49 20.60
C SER W 27 21.08 23.61 21.06
N GLY W 28 21.91 24.35 20.34
CA GLY W 28 23.29 24.54 20.72
C GLY W 28 23.90 25.79 20.13
N ARG W 29 24.78 26.46 20.89
CA ARG W 29 25.37 27.70 20.46
C ARG W 29 26.89 27.69 20.43
N ASP W 30 27.55 26.71 21.03
CA ASP W 30 29.02 26.70 21.10
C ASP W 30 29.58 25.37 20.62
N VAL W 31 28.86 24.69 19.72
CA VAL W 31 29.27 23.35 19.30
C VAL W 31 30.56 23.43 18.50
N ARG W 32 31.51 22.56 18.86
CA ARG W 32 32.75 22.41 18.11
C ARG W 32 32.56 21.34 17.05
N LYS W 33 32.67 21.73 15.78
CA LYS W 33 32.47 20.82 14.66
C LYS W 33 33.75 20.48 13.91
N VAL W 34 34.88 21.12 14.25
CA VAL W 34 36.15 20.95 13.55
C VAL W 34 37.16 20.42 14.56
N TYR W 35 37.71 19.24 14.27
CA TYR W 35 38.59 18.55 15.20
C TYR W 35 39.95 18.28 14.57
N ILE W 36 41.01 18.47 15.37
CA ILE W 36 42.36 18.08 14.97
C ILE W 36 42.44 16.56 15.14
N THR W 37 42.34 15.84 14.02
CA THR W 37 42.31 14.38 14.10
C THR W 37 43.70 13.74 14.08
N ASP W 38 44.73 14.49 13.73
CA ASP W 38 46.11 14.10 14.02
C ASP W 38 47.02 15.28 13.67
N ASP W 39 48.31 15.12 13.97
CA ASP W 39 49.25 16.24 13.91
C ASP W 39 49.15 17.03 12.61
N TYR W 40 48.61 16.46 11.54
CA TYR W 40 48.60 17.13 10.25
C TYR W 40 47.25 17.04 9.54
N THR W 41 46.17 16.81 10.27
CA THR W 41 44.86 16.74 9.64
C THR W 41 43.80 17.32 10.55
N ALA W 42 42.71 17.76 9.93
CA ALA W 42 41.57 18.32 10.62
C ALA W 42 40.31 17.87 9.89
N THR W 43 39.42 17.20 10.60
CA THR W 43 38.14 16.77 10.06
C THR W 43 37.03 17.64 10.63
N GLY W 44 36.21 18.19 9.74
CA GLY W 44 34.98 18.86 10.14
C GLY W 44 33.81 18.06 9.60
N ILE W 45 32.70 18.04 10.31
CA ILE W 45 31.59 17.18 9.94
C ILE W 45 30.28 17.96 10.02
N ALA W 46 29.40 17.71 9.06
CA ALA W 46 28.03 18.20 9.09
C ALA W 46 27.08 17.01 9.15
N GLY W 47 25.94 17.20 9.80
CA GLY W 47 24.96 16.14 9.91
C GLY W 47 24.42 15.93 11.31
N THR W 48 24.15 14.68 11.67
CA THR W 48 23.65 14.37 13.00
C THR W 48 24.77 14.51 14.03
N ALA W 49 24.52 15.27 15.09
CA ALA W 49 25.57 15.59 16.05
C ALA W 49 26.19 14.33 16.64
N ALA W 50 25.36 13.36 17.02
CA ALA W 50 25.88 12.10 17.56
C ALA W 50 26.85 11.45 16.57
N VAL W 51 26.40 11.26 15.33
CA VAL W 51 27.23 10.62 14.32
C VAL W 51 28.48 11.45 14.04
N ALA W 52 28.35 12.77 14.01
CA ALA W 52 29.51 13.61 13.73
C ALA W 52 30.58 13.46 14.80
N VAL W 53 30.19 13.60 16.06
CA VAL W 53 31.16 13.50 17.15
C VAL W 53 31.79 12.11 17.17
N GLU W 54 30.99 11.06 16.98
CA GLU W 54 31.58 9.72 16.95
C GLU W 54 32.54 9.58 15.79
N PHE W 55 32.23 10.18 14.64
CA PHE W 55 33.12 10.11 13.49
C PHE W 55 34.47 10.72 13.82
N ALA W 56 34.47 11.96 14.32
CA ALA W 56 35.74 12.60 14.63
C ALA W 56 36.54 11.77 15.65
N ARG W 57 35.88 11.34 16.73
CA ARG W 57 36.58 10.61 17.79
C ARG W 57 37.18 9.31 17.27
N LEU W 58 36.35 8.48 16.62
CA LEU W 58 36.81 7.18 16.15
C LEU W 58 37.88 7.33 15.07
N TYR W 59 37.73 8.32 14.20
CA TYR W 59 38.72 8.54 13.15
C TYR W 59 40.07 8.89 13.75
N ALA W 60 40.11 9.90 14.62
CA ALA W 60 41.36 10.23 15.30
C ALA W 60 41.96 9.00 15.97
N VAL W 61 41.15 8.27 16.73
CA VAL W 61 41.66 7.09 17.42
C VAL W 61 42.28 6.12 16.42
N GLU W 62 41.62 5.88 15.28
CA GLU W 62 42.15 4.92 14.32
C GLU W 62 43.50 5.38 13.79
N LEU W 63 43.62 6.66 13.42
CA LEU W 63 44.89 7.15 12.89
C LEU W 63 46.02 6.95 13.88
N GLU W 64 45.80 7.34 15.14
CA GLU W 64 46.87 7.14 16.13
C GLU W 64 47.12 5.66 16.39
N HIS W 65 46.10 4.82 16.24
CA HIS W 65 46.25 3.39 16.43
C HIS W 65 47.20 2.81 15.40
N TYR W 66 47.02 3.18 14.13
CA TYR W 66 47.98 2.78 13.11
C TYR W 66 49.37 3.30 13.44
N GLU W 67 49.46 4.58 13.81
CA GLU W 67 50.76 5.19 14.08
C GLU W 67 51.52 4.44 15.17
N LYS W 68 50.85 4.12 16.28
CA LYS W 68 51.53 3.44 17.38
C LYS W 68 51.79 1.97 17.08
N LEU W 69 50.90 1.32 16.32
CA LEU W 69 51.15 -0.08 15.99
C LEU W 69 52.36 -0.24 15.07
N GLU W 70 52.47 0.61 14.05
CA GLU W 70 53.48 0.41 13.01
C GLU W 70 54.66 1.36 13.09
N GLY W 71 54.73 2.21 14.12
CA GLY W 71 55.87 3.10 14.29
C GLY W 71 55.90 4.29 13.36
N VAL W 72 55.02 4.35 12.36
CA VAL W 72 54.95 5.47 11.44
C VAL W 72 53.50 5.79 11.15
N PRO W 73 53.20 7.06 10.89
CA PRO W 73 51.82 7.43 10.54
C PRO W 73 51.44 7.02 9.13
N LEU W 74 50.13 7.01 8.88
CA LEU W 74 49.61 6.63 7.58
C LEU W 74 49.96 7.68 6.53
N THR W 75 50.06 7.22 5.27
CA THR W 75 50.12 8.16 4.16
C THR W 75 48.80 8.89 4.06
N PHE W 76 48.84 10.08 3.45
CA PHE W 76 47.61 10.86 3.35
C PHE W 76 46.55 10.09 2.57
N ALA W 77 46.94 9.43 1.48
CA ALA W 77 46.00 8.60 0.75
C ALA W 77 45.41 7.52 1.66
N GLY W 78 46.23 6.94 2.54
CA GLY W 78 45.72 6.00 3.51
C GLY W 78 44.66 6.62 4.42
N LYS W 79 44.93 7.82 4.92
CA LYS W 79 43.95 8.51 5.74
C LYS W 79 42.65 8.70 4.99
N ILE W 80 42.72 9.24 3.76
CA ILE W 80 41.53 9.40 2.94
C ILE W 80 40.76 8.08 2.87
N ASN W 81 41.47 6.99 2.62
CA ASN W 81 40.80 5.71 2.46
C ASN W 81 40.08 5.29 3.74
N ARG W 82 40.75 5.43 4.89
CA ARG W 82 40.09 5.06 6.14
C ARG W 82 38.83 5.88 6.37
N LEU W 83 38.89 7.20 6.14
CA LEU W 83 37.71 8.02 6.36
C LEU W 83 36.59 7.66 5.38
N ALA W 84 36.94 7.46 4.11
CA ALA W 84 35.93 7.05 3.13
C ALA W 84 35.25 5.76 3.56
N ILE W 85 36.04 4.78 4.03
CA ILE W 85 35.46 3.52 4.46
C ILE W 85 34.53 3.72 5.64
N MET W 86 34.94 4.55 6.61
CA MET W 86 34.08 4.84 7.75
C MET W 86 32.76 5.46 7.30
N VAL W 87 32.81 6.40 6.37
CA VAL W 87 31.59 7.01 5.88
C VAL W 87 30.71 5.98 5.18
N ARG W 88 31.32 5.10 4.39
CA ARG W 88 30.52 4.11 3.66
C ARG W 88 29.85 3.14 4.61
N GLY W 89 30.54 2.73 5.68
CA GLY W 89 29.94 1.81 6.64
C GLY W 89 28.66 2.33 7.26
N ASN W 90 28.53 3.65 7.37
CA ASN W 90 27.39 4.29 8.01
C ASN W 90 26.22 4.55 7.05
N LEU W 91 26.29 4.01 5.82
CA LEU W 91 25.33 4.42 4.79
C LEU W 91 23.90 4.02 5.16
N ALA W 92 23.71 2.80 5.67
CA ALA W 92 22.35 2.35 6.00
C ALA W 92 21.73 3.25 7.08
N ALA W 93 22.43 3.42 8.20
CA ALA W 93 22.00 4.39 9.19
C ALA W 93 21.72 5.74 8.55
N ALA W 94 22.60 6.18 7.64
CA ALA W 94 22.42 7.48 6.99
C ALA W 94 21.07 7.55 6.29
N MET W 95 20.74 6.55 5.48
CA MET W 95 19.43 6.50 4.85
C MET W 95 18.32 6.43 5.88
N GLN W 96 18.60 5.96 7.10
CA GLN W 96 17.59 5.96 8.14
C GLN W 96 17.50 7.30 8.89
N GLY W 97 18.33 8.27 8.56
CA GLY W 97 18.27 9.59 9.18
C GLY W 97 19.52 9.99 9.94
N LEU W 98 20.46 9.08 10.20
CA LEU W 98 21.68 9.41 10.93
C LEU W 98 22.81 9.72 9.94
N LEU W 99 22.58 10.73 9.11
CA LEU W 99 23.53 11.10 8.08
C LEU W 99 24.61 12.02 8.65
N ALA W 100 25.83 11.84 8.15
CA ALA W 100 26.96 12.67 8.56
C ALA W 100 28.02 12.66 7.45
N LEU W 101 28.31 13.83 6.90
CA LEU W 101 29.31 13.98 5.87
C LEU W 101 30.52 14.74 6.41
N PRO W 102 31.72 14.19 6.28
CA PRO W 102 32.92 14.91 6.69
C PRO W 102 33.57 15.65 5.52
N LEU W 103 34.40 16.62 5.90
CA LEU W 103 35.30 17.35 5.02
C LEU W 103 36.66 17.34 5.70
N LEU W 104 37.71 17.06 4.93
CA LEU W 104 39.02 16.75 5.47
C LEU W 104 40.05 17.73 4.93
N ALA W 105 40.79 18.36 5.83
CA ALA W 105 41.90 19.22 5.45
C ALA W 105 43.19 18.63 6.01
N GLY W 106 44.28 18.79 5.27
CA GLY W 106 45.54 18.20 5.71
C GLY W 106 46.75 18.83 5.06
N TYR W 107 47.90 18.57 5.65
CA TYR W 107 49.19 18.97 5.10
C TYR W 107 50.06 17.72 4.96
N ASP W 108 50.35 17.32 3.73
CA ASP W 108 51.07 16.07 3.47
C ASP W 108 52.56 16.32 3.59
N ILE W 109 53.19 15.75 4.62
CA ILE W 109 54.63 15.92 4.80
C ILE W 109 55.42 15.23 3.70
N HIS W 110 54.82 14.27 2.98
CA HIS W 110 55.53 13.50 1.97
C HIS W 110 55.27 14.02 0.56
N ALA W 111 54.78 15.24 0.42
CA ALA W 111 54.54 15.79 -0.90
C ALA W 111 55.83 16.40 -1.47
N SER W 112 55.88 16.51 -2.79
CA SER W 112 57.07 17.03 -3.45
C SER W 112 57.28 18.51 -3.12
N ASP W 113 56.27 19.33 -3.38
CA ASP W 113 56.40 20.77 -3.21
C ASP W 113 55.75 21.18 -1.89
N PRO W 114 56.52 21.56 -0.87
CA PRO W 114 55.89 21.95 0.41
C PRO W 114 54.94 23.11 0.28
N GLN W 115 55.18 24.07 -0.62
CA GLN W 115 54.27 25.19 -0.78
C GLN W 115 52.88 24.75 -1.25
N SER W 116 52.78 23.58 -1.88
CA SER W 116 51.49 23.05 -2.33
C SER W 116 51.12 21.75 -1.61
N ALA W 117 51.75 21.48 -0.46
CA ALA W 117 51.47 20.26 0.29
C ALA W 117 50.08 20.23 0.89
N GLY W 118 49.33 21.33 0.81
CA GLY W 118 47.99 21.34 1.36
C GLY W 118 47.02 20.49 0.56
N ARG W 119 46.05 19.91 1.28
CA ARG W 119 45.11 18.97 0.71
C ARG W 119 43.72 19.22 1.28
N ILE W 120 42.72 19.18 0.40
CA ILE W 120 41.31 19.28 0.77
C ILE W 120 40.57 18.12 0.12
N VAL W 121 39.84 17.35 0.91
CA VAL W 121 39.13 16.17 0.44
C VAL W 121 37.67 16.27 0.88
N SER W 122 36.76 16.09 -0.08
CA SER W 122 35.33 16.07 0.21
C SER W 122 34.79 14.66 -0.01
N PHE W 123 33.67 14.37 0.66
CA PHE W 123 33.10 13.02 0.68
C PHE W 123 31.60 13.09 0.45
N ASP W 124 31.03 11.99 -0.02
CA ASP W 124 29.58 11.85 -0.14
C ASP W 124 29.10 10.67 0.70
N ALA W 125 27.78 10.50 0.75
CA ALA W 125 27.18 9.56 1.68
C ALA W 125 27.56 8.12 1.37
N ALA W 126 27.86 7.81 0.10
CA ALA W 126 28.25 6.46 -0.28
C ALA W 126 29.73 6.17 0.00
N GLY W 127 30.46 7.14 0.54
CA GLY W 127 31.88 6.97 0.78
C GLY W 127 32.78 7.42 -0.35
N GLY W 128 32.22 7.98 -1.41
CA GLY W 128 33.07 8.52 -2.47
C GLY W 128 33.88 9.71 -1.97
N TRP W 129 35.11 9.80 -2.46
CA TRP W 129 36.02 10.85 -2.01
C TRP W 129 36.63 11.55 -3.21
N ASN W 130 36.85 12.85 -3.07
CA ASN W 130 37.48 13.65 -4.13
C ASN W 130 38.46 14.62 -3.51
N ILE W 131 39.70 14.58 -4.01
CA ILE W 131 40.71 15.57 -3.64
C ILE W 131 40.43 16.83 -4.45
N GLU W 132 40.25 17.95 -3.76
CA GLU W 132 39.85 19.19 -4.41
C GLU W 132 41.07 19.89 -5.00
N GLU W 133 41.01 20.17 -6.30
CA GLU W 133 42.13 20.77 -7.01
C GLU W 133 41.88 22.23 -7.36
N GLU W 134 40.85 22.85 -6.81
CA GLU W 134 40.55 24.25 -7.08
C GLU W 134 40.69 25.14 -5.85
N GLY W 135 41.15 24.58 -4.72
CA GLY W 135 41.65 25.38 -3.62
C GLY W 135 40.75 25.51 -2.42
N TYR W 136 39.45 25.25 -2.56
CA TYR W 136 38.51 25.43 -1.46
C TYR W 136 37.34 24.48 -1.62
N GLN W 137 36.64 24.23 -0.51
CA GLN W 137 35.51 23.32 -0.49
C GLN W 137 34.73 23.55 0.79
N ALA W 138 33.51 23.02 0.82
CA ALA W 138 32.63 23.21 1.98
C ALA W 138 31.60 22.10 2.03
N VAL W 139 31.15 21.79 3.24
CA VAL W 139 30.15 20.75 3.48
C VAL W 139 29.09 21.31 4.42
N GLY W 140 27.83 20.92 4.20
CA GLY W 140 26.76 21.28 5.08
C GLY W 140 25.66 22.05 4.38
N SER W 141 24.63 22.39 5.16
CA SER W 141 23.42 23.04 4.66
C SER W 141 23.65 24.45 4.13
N GLY W 142 24.81 25.04 4.41
CA GLY W 142 25.12 26.35 3.86
C GLY W 142 26.34 26.27 2.98
N SER W 143 26.72 25.04 2.60
CA SER W 143 27.97 24.85 1.88
C SER W 143 27.94 25.51 0.51
N LEU W 144 26.77 25.63 -0.11
CA LEU W 144 26.71 26.22 -1.45
C LEU W 144 26.91 27.73 -1.40
N PHE W 145 26.24 28.41 -0.46
CA PHE W 145 26.51 29.83 -0.29
C PHE W 145 27.99 30.06 0.03
N ALA W 146 28.56 29.22 0.90
CA ALA W 146 29.96 29.37 1.26
C ALA W 146 30.86 29.21 0.05
N LYS W 147 30.62 28.18 -0.77
CA LYS W 147 31.48 27.95 -1.92
C LYS W 147 31.34 29.06 -2.96
N SER W 148 30.11 29.51 -3.22
CA SER W 148 29.91 30.62 -4.15
C SER W 148 30.59 31.89 -3.64
N SER W 149 30.60 32.08 -2.32
CA SER W 149 31.31 33.22 -1.73
C SER W 149 32.82 33.09 -1.93
N MET W 150 33.36 31.91 -1.64
CA MET W 150 34.80 31.70 -1.79
C MET W 150 35.24 31.77 -3.24
N LYS W 151 34.33 31.51 -4.18
CA LYS W 151 34.67 31.66 -5.58
C LYS W 151 35.05 33.10 -5.89
N LYS W 152 34.33 34.06 -5.30
CA LYS W 152 34.62 35.47 -5.52
C LYS W 152 35.74 35.98 -4.63
N LEU W 153 35.93 35.40 -3.45
CA LEU W 153 36.94 35.91 -2.53
C LEU W 153 38.31 35.25 -2.69
N TYR W 154 38.39 34.13 -3.41
CA TYR W 154 39.56 33.26 -3.26
C TYR W 154 40.82 33.88 -3.85
N SER W 155 40.69 34.75 -4.85
CA SER W 155 41.86 35.41 -5.41
C SER W 155 42.52 36.38 -4.43
N GLN W 156 41.95 36.55 -3.24
CA GLN W 156 42.55 37.40 -2.22
C GLN W 156 43.40 36.60 -1.23
N VAL W 157 43.53 35.29 -1.44
CA VAL W 157 44.29 34.43 -0.53
C VAL W 157 45.72 34.34 -1.05
N THR W 158 46.66 34.88 -0.27
CA THR W 158 48.08 34.79 -0.57
C THR W 158 48.89 34.20 0.56
N ASP W 159 48.28 33.97 1.73
CA ASP W 159 48.97 33.45 2.90
C ASP W 159 47.92 32.93 3.88
N GLY W 160 48.36 32.59 5.09
CA GLY W 160 47.44 32.03 6.06
C GLY W 160 46.44 33.04 6.60
N ASP W 161 46.87 34.30 6.79
CA ASP W 161 45.97 35.32 7.30
C ASP W 161 44.80 35.57 6.35
N SER W 162 45.10 35.84 5.08
CA SER W 162 44.04 36.05 4.10
C SER W 162 43.15 34.81 3.99
N GLY W 163 43.74 33.61 4.08
CA GLY W 163 42.94 32.40 4.02
C GLY W 163 41.97 32.30 5.17
N LEU W 164 42.44 32.58 6.40
CA LEU W 164 41.55 32.59 7.55
C LEU W 164 40.42 33.59 7.37
N ARG W 165 40.76 34.81 6.94
CA ARG W 165 39.72 35.83 6.77
C ARG W 165 38.67 35.37 5.75
N VAL W 166 39.12 34.86 4.60
CA VAL W 166 38.18 34.42 3.59
C VAL W 166 37.31 33.29 4.12
N ALA W 167 37.89 32.40 4.93
CA ALA W 167 37.09 31.32 5.51
C ALA W 167 36.01 31.86 6.43
N VAL W 168 36.35 32.82 7.29
CA VAL W 168 35.38 33.36 8.22
C VAL W 168 34.31 34.15 7.48
N GLU W 169 34.67 34.84 6.40
CA GLU W 169 33.68 35.58 5.61
C GLU W 169 32.77 34.62 4.85
N ALA W 170 33.29 33.46 4.45
CA ALA W 170 32.45 32.46 3.80
C ALA W 170 31.45 31.87 4.78
N LEU W 171 31.89 31.54 6.00
CA LEU W 171 30.95 31.13 7.03
C LEU W 171 29.93 32.24 7.33
N TYR W 172 30.37 33.50 7.23
CA TYR W 172 29.45 34.61 7.45
C TYR W 172 28.36 34.61 6.39
N ASP W 173 28.74 34.50 5.12
CA ASP W 173 27.71 34.43 4.07
C ASP W 173 26.80 33.23 4.27
N ALA W 174 27.38 32.09 4.66
CA ALA W 174 26.60 30.88 4.89
C ALA W 174 25.52 31.12 5.94
N ALA W 175 25.92 31.63 7.12
CA ALA W 175 24.93 31.92 8.15
C ALA W 175 23.97 33.01 7.71
N ASP W 176 24.44 33.94 6.88
CA ASP W 176 23.59 35.01 6.37
C ASP W 176 22.42 34.44 5.57
N ASP W 177 22.66 33.37 4.83
CA ASP W 177 21.60 32.78 3.99
C ASP W 177 21.07 31.45 4.49
N ASP W 178 21.58 30.92 5.60
CA ASP W 178 21.18 29.59 6.08
C ASP W 178 20.87 29.67 7.57
N SER W 179 19.60 29.54 7.91
CA SER W 179 19.18 29.58 9.31
C SER W 179 19.76 28.43 10.12
N ALA W 180 20.28 27.40 9.45
CA ALA W 180 20.87 26.25 10.14
C ALA W 180 22.35 26.44 10.43
N THR W 181 23.00 27.43 9.84
CA THR W 181 24.36 27.80 10.18
C THR W 181 24.33 29.05 11.04
N GLY W 182 25.15 29.07 12.09
CA GLY W 182 25.16 30.15 13.05
C GLY W 182 26.27 31.15 12.74
N GLY W 183 25.87 32.43 12.63
CA GLY W 183 26.82 33.49 12.46
C GLY W 183 27.43 33.93 13.79
N PRO W 184 28.36 34.88 13.70
CA PRO W 184 29.01 35.37 14.93
C PRO W 184 27.99 35.90 15.91
N ASP W 185 28.25 35.67 17.20
CA ASP W 185 27.37 36.09 18.29
C ASP W 185 28.10 37.13 19.13
N LEU W 186 27.88 38.41 18.83
CA LEU W 186 28.59 39.49 19.52
C LEU W 186 28.09 39.70 20.94
N VAL W 187 26.88 39.25 21.26
CA VAL W 187 26.37 39.41 22.63
C VAL W 187 27.03 38.40 23.57
N ARG W 188 27.13 37.14 23.14
CA ARG W 188 27.73 36.11 23.96
C ARG W 188 29.22 35.92 23.68
N GLY W 189 29.76 36.54 22.64
CA GLY W 189 31.17 36.37 22.32
C GLY W 189 31.53 34.99 21.83
N ILE W 190 30.65 34.37 21.04
CA ILE W 190 30.89 33.06 20.45
C ILE W 190 31.10 33.26 18.96
N PHE W 191 32.18 32.70 18.44
CA PHE W 191 32.55 32.80 17.04
C PHE W 191 32.87 31.42 16.48
N PRO W 192 32.92 31.28 15.17
CA PRO W 192 33.29 30.00 14.57
C PRO W 192 34.68 29.56 15.05
N THR W 193 34.93 28.25 14.94
CA THR W 193 36.25 27.74 15.26
C THR W 193 37.01 27.51 13.97
N ALA W 194 38.33 27.41 14.11
CA ALA W 194 39.17 27.20 12.94
C ALA W 194 40.46 26.50 13.36
N VAL W 195 40.96 25.68 12.45
CA VAL W 195 42.24 25.01 12.56
C VAL W 195 43.08 25.41 11.36
N ILE W 196 44.36 25.67 11.59
CA ILE W 196 45.29 25.99 10.52
C ILE W 196 46.42 24.96 10.55
N ILE W 197 46.83 24.50 9.37
CA ILE W 197 47.82 23.45 9.24
C ILE W 197 48.89 23.89 8.24
N ASP W 198 50.15 23.85 8.67
CA ASP W 198 51.27 24.02 7.77
C ASP W 198 52.30 22.94 8.13
N ALA W 199 53.54 23.13 7.70
CA ALA W 199 54.57 22.12 7.97
C ALA W 199 54.92 22.01 9.45
N ASP W 200 54.52 22.97 10.27
CA ASP W 200 54.68 22.85 11.71
C ASP W 200 53.50 22.16 12.38
N GLY W 201 52.51 21.73 11.61
CA GLY W 201 51.40 20.95 12.11
C GLY W 201 50.08 21.72 12.11
N ALA W 202 49.16 21.23 12.92
CA ALA W 202 47.81 21.75 13.01
C ALA W 202 47.61 22.40 14.38
N VAL W 203 47.16 23.65 14.37
CA VAL W 203 46.88 24.39 15.60
C VAL W 203 45.47 24.95 15.53
N ASP W 204 44.84 25.02 16.70
CA ASP W 204 43.57 25.72 16.83
C ASP W 204 43.79 27.21 16.75
N VAL W 205 42.99 27.89 15.94
CA VAL W 205 43.04 29.35 15.94
C VAL W 205 42.44 29.87 17.25
N PRO W 206 43.13 30.74 17.97
CA PRO W 206 42.56 31.28 19.21
C PRO W 206 41.28 32.06 18.94
N GLU W 207 40.36 32.00 19.90
CA GLU W 207 39.06 32.65 19.73
C GLU W 207 39.21 34.13 19.38
N SER W 208 40.11 34.84 20.08
CA SER W 208 40.25 36.28 19.88
C SER W 208 40.52 36.64 18.43
N ARG W 209 41.30 35.81 17.72
CA ARG W 209 41.63 36.08 16.33
C ARG W 209 40.38 36.00 15.45
N ILE W 210 39.60 34.93 15.60
CA ILE W 210 38.35 34.80 14.87
C ILE W 210 37.40 35.93 15.20
N ALA W 211 37.40 36.37 16.47
CA ALA W 211 36.56 37.49 16.87
C ALA W 211 36.96 38.76 16.14
N GLU W 212 38.26 39.03 16.04
CA GLU W 212 38.73 40.20 15.32
C GLU W 212 38.29 40.16 13.86
N LEU W 213 38.51 39.03 13.20
CA LEU W 213 38.10 38.94 11.79
C LEU W 213 36.59 39.13 11.65
N ALA W 214 35.82 38.52 12.54
CA ALA W 214 34.37 38.67 12.48
C ALA W 214 33.95 40.13 12.62
N ARG W 215 34.48 40.82 13.64
CA ARG W 215 34.15 42.23 13.82
C ARG W 215 34.50 43.03 12.57
N ALA W 216 35.67 42.80 11.98
CA ALA W 216 36.05 43.52 10.78
C ALA W 216 35.05 43.27 9.65
N ILE W 217 34.68 42.01 9.44
CA ILE W 217 33.73 41.70 8.37
C ILE W 217 32.41 42.41 8.61
N ILE W 218 31.91 42.39 9.85
CA ILE W 218 30.62 43.00 10.14
C ILE W 218 30.67 44.51 9.93
N GLU W 219 31.77 45.14 10.37
CA GLU W 219 31.94 46.57 10.09
C GLU W 219 31.92 46.84 8.60
N SER W 220 32.62 46.02 7.82
CA SER W 220 32.61 46.17 6.37
C SER W 220 31.19 46.12 5.83
N ARG W 221 30.43 45.08 6.19
CA ARG W 221 29.06 44.96 5.68
C ARG W 221 28.19 46.12 6.12
N SER W 222 28.50 46.74 7.26
CA SER W 222 27.68 47.85 7.75
C SER W 222 27.92 49.15 6.98
N GLY W 223 29.15 49.38 6.52
CA GLY W 223 29.47 50.61 5.81
C GLY W 223 29.62 50.43 4.31
N THR X 1 6.52 14.98 31.84
CA THR X 1 7.62 15.13 32.77
C THR X 1 8.39 16.43 32.53
N THR X 2 9.07 16.91 33.57
CA THR X 2 10.09 17.93 33.43
C THR X 2 11.18 17.69 34.47
N ILE X 3 12.42 17.69 34.01
CA ILE X 3 13.60 17.67 34.86
C ILE X 3 14.37 18.95 34.59
N VAL X 4 14.86 19.57 35.66
CA VAL X 4 15.65 20.79 35.55
C VAL X 4 16.98 20.58 36.25
N ALA X 5 18.02 21.24 35.72
CA ALA X 5 19.32 21.23 36.36
C ALA X 5 19.95 22.61 36.16
N LEU X 6 20.57 23.12 37.22
CA LEU X 6 21.22 24.43 37.12
C LEU X 6 22.45 24.44 38.01
N LYS X 7 23.41 25.29 37.63
CA LYS X 7 24.65 25.44 38.38
C LYS X 7 24.54 26.60 39.34
N TYR X 8 25.12 26.44 40.53
CA TYR X 8 25.27 27.52 41.48
C TYR X 8 26.70 27.52 41.99
N PRO X 9 27.16 28.63 42.55
CA PRO X 9 28.57 28.71 42.97
C PRO X 9 28.98 27.56 43.88
N GLY X 10 29.77 26.63 43.35
CA GLY X 10 30.29 25.52 44.12
C GLY X 10 29.55 24.21 43.97
N GLY X 11 28.51 24.16 43.16
CA GLY X 11 27.76 22.93 43.02
C GLY X 11 26.68 23.05 41.98
N VAL X 12 25.80 22.04 41.98
CA VAL X 12 24.76 21.91 40.98
C VAL X 12 23.51 21.36 41.66
N VAL X 13 22.36 21.61 41.04
CA VAL X 13 21.08 21.17 41.61
C VAL X 13 20.21 20.64 40.49
N MET X 14 19.48 19.55 40.78
CA MET X 14 18.56 18.93 39.84
C MET X 14 17.24 18.62 40.52
N ALA X 15 16.13 18.90 39.84
CA ALA X 15 14.80 18.67 40.39
C ALA X 15 13.90 18.05 39.34
N GLY X 16 12.89 17.32 39.80
CA GLY X 16 11.96 16.67 38.90
C GLY X 16 10.56 16.62 39.49
N ASP X 17 9.58 16.57 38.59
CA ASP X 17 8.18 16.50 38.98
C ASP X 17 7.80 15.05 39.29
N ARG X 18 6.55 14.85 39.73
CA ARG X 18 6.13 13.57 40.31
C ARG X 18 5.06 12.88 39.49
N ARG X 19 4.77 13.33 38.28
CA ARG X 19 3.58 12.91 37.53
C ARG X 19 3.90 11.77 36.57
N SER X 20 2.89 10.91 36.36
CA SER X 20 2.97 9.81 35.42
C SER X 20 1.63 9.68 34.72
N THR X 21 1.64 9.59 33.39
CA THR X 21 0.42 9.62 32.59
C THR X 21 0.40 8.47 31.60
N GLN X 22 -0.81 8.04 31.24
CA GLN X 22 -1.08 7.10 30.15
C GLN X 22 -2.03 7.82 29.21
N GLY X 23 -1.49 8.57 28.26
CA GLY X 23 -2.30 9.45 27.46
C GLY X 23 -2.77 10.62 28.30
N ASN X 24 -4.07 10.84 28.36
CA ASN X 24 -4.61 11.91 29.19
C ASN X 24 -4.76 11.51 30.65
N MET X 25 -4.73 10.22 30.96
CA MET X 25 -5.02 9.74 32.30
C MET X 25 -3.80 9.83 33.20
N ILE X 26 -4.03 10.21 34.46
CA ILE X 26 -2.97 10.31 35.46
C ILE X 26 -2.76 8.93 36.07
N SER X 27 -1.58 8.37 35.87
CA SER X 27 -1.26 7.04 36.37
C SER X 27 -0.33 7.05 37.57
N GLY X 28 0.23 8.21 37.94
CA GLY X 28 1.12 8.28 39.09
C GLY X 28 1.26 9.70 39.59
N ARG X 29 1.36 9.83 40.92
CA ARG X 29 1.45 11.13 41.57
C ARG X 29 2.70 11.32 42.40
N ASP X 30 3.53 10.28 42.58
CA ASP X 30 4.68 10.38 43.46
C ASP X 30 5.91 9.69 42.88
N VAL X 31 6.01 9.64 41.54
CA VAL X 31 7.12 8.96 40.92
C VAL X 31 8.38 9.79 41.09
N ARG X 32 9.50 9.11 41.37
CA ARG X 32 10.77 9.77 41.61
C ARG X 32 11.64 9.60 40.37
N LYS X 33 11.89 10.70 39.68
CA LYS X 33 12.58 10.68 38.40
C LYS X 33 14.04 11.13 38.49
N VAL X 34 14.46 11.70 39.61
CA VAL X 34 15.83 12.13 39.80
C VAL X 34 16.52 11.10 40.70
N TYR X 35 17.61 10.53 40.21
CA TYR X 35 18.33 9.47 40.90
C TYR X 35 19.75 9.91 41.21
N ILE X 36 20.22 9.59 42.41
CA ILE X 36 21.62 9.76 42.76
C ILE X 36 22.38 8.58 42.16
N THR X 37 23.00 8.79 41.00
CA THR X 37 23.66 7.68 40.34
C THR X 37 25.07 7.42 40.86
N ASP X 38 25.71 8.40 41.51
CA ASP X 38 26.90 8.08 42.29
C ASP X 38 27.23 9.28 43.19
N ASP X 39 28.31 9.13 43.96
CA ASP X 39 28.63 10.11 44.99
C ASP X 39 28.63 11.54 44.48
N TYR X 40 28.90 11.73 43.19
CA TYR X 40 28.98 13.08 42.63
C TYR X 40 28.14 13.22 41.36
N THR X 41 27.12 12.38 41.19
CA THR X 41 26.33 12.38 39.97
C THR X 41 24.88 12.05 40.26
N ALA X 42 23.98 12.82 39.63
CA ALA X 42 22.55 12.61 39.63
C ALA X 42 22.02 12.64 38.20
N THR X 43 21.11 11.70 37.90
CA THR X 43 20.55 11.54 36.57
C THR X 43 19.02 11.69 36.64
N GLY X 44 18.45 12.40 35.67
CA GLY X 44 17.02 12.59 35.63
C GLY X 44 16.44 12.33 34.27
N ILE X 45 15.56 11.33 34.15
CA ILE X 45 15.11 10.83 32.86
C ILE X 45 13.66 11.20 32.63
N ALA X 46 13.32 11.47 31.37
CA ALA X 46 11.95 11.70 30.95
C ALA X 46 11.60 10.74 29.82
N GLY X 47 10.34 10.34 29.75
CA GLY X 47 9.92 9.45 28.69
C GLY X 47 9.17 8.23 29.16
N THR X 48 9.34 7.11 28.47
CA THR X 48 8.70 5.88 28.88
C THR X 48 9.23 5.43 30.23
N ALA X 49 8.31 5.12 31.15
CA ALA X 49 8.70 4.90 32.54
C ALA X 49 9.63 3.71 32.68
N ALA X 50 9.27 2.58 32.05
CA ALA X 50 10.11 1.39 32.13
C ALA X 50 11.54 1.70 31.69
N VAL X 51 11.68 2.36 30.54
CA VAL X 51 12.99 2.64 30.00
C VAL X 51 13.75 3.59 30.92
N ALA X 52 13.06 4.58 31.49
CA ALA X 52 13.74 5.53 32.37
C ALA X 52 14.27 4.85 33.61
N VAL X 53 13.41 4.10 34.31
CA VAL X 53 13.83 3.40 35.52
C VAL X 53 15.00 2.47 35.20
N GLU X 54 14.86 1.67 34.13
CA GLU X 54 15.96 0.79 33.75
C GLU X 54 17.23 1.57 33.52
N PHE X 55 17.14 2.71 32.82
CA PHE X 55 18.31 3.55 32.58
C PHE X 55 18.99 3.93 33.89
N ALA X 56 18.24 4.49 34.84
CA ALA X 56 18.85 4.93 36.08
C ALA X 56 19.52 3.77 36.81
N ARG X 57 18.81 2.64 36.95
CA ARG X 57 19.34 1.51 37.70
C ARG X 57 20.61 0.97 37.04
N LEU X 58 20.52 0.59 35.76
CA LEU X 58 21.65 0.03 35.05
C LEU X 58 22.84 1.00 35.06
N TYR X 59 22.58 2.27 34.78
CA TYR X 59 23.65 3.26 34.76
C TYR X 59 24.41 3.29 36.07
N ALA X 60 23.69 3.49 37.19
CA ALA X 60 24.34 3.51 38.49
C ALA X 60 25.18 2.25 38.69
N VAL X 61 24.60 1.09 38.38
CA VAL X 61 25.34 -0.16 38.53
C VAL X 61 26.62 -0.12 37.70
N GLU X 62 26.57 0.41 36.49
CA GLU X 62 27.74 0.38 35.61
C GLU X 62 28.86 1.24 36.17
N LEU X 63 28.53 2.46 36.59
CA LEU X 63 29.55 3.32 37.20
C LEU X 63 30.21 2.62 38.39
N GLU X 64 29.40 2.15 39.35
CA GLU X 64 30.00 1.51 40.52
C GLU X 64 30.78 0.25 40.13
N HIS X 65 30.34 -0.43 39.07
CA HIS X 65 31.05 -1.60 38.56
C HIS X 65 32.46 -1.25 38.15
N TYR X 66 32.61 -0.25 37.27
CA TYR X 66 33.95 0.21 36.92
C TYR X 66 34.75 0.57 38.16
N GLU X 67 34.11 1.28 39.10
CA GLU X 67 34.83 1.73 40.30
C GLU X 67 35.40 0.55 41.07
N LYS X 68 34.64 -0.54 41.21
CA LYS X 68 35.13 -1.68 41.98
C LYS X 68 36.14 -2.50 41.19
N LEU X 69 35.94 -2.65 39.88
CA LEU X 69 36.89 -3.43 39.09
C LEU X 69 38.26 -2.77 39.05
N GLU X 70 38.31 -1.45 38.89
CA GLU X 70 39.57 -0.76 38.69
C GLU X 70 40.02 0.05 39.90
N GLY X 71 39.25 0.05 40.99
CA GLY X 71 39.65 0.76 42.19
C GLY X 71 39.60 2.27 42.10
N VAL X 72 39.06 2.82 41.02
CA VAL X 72 39.00 4.27 40.82
C VAL X 72 37.74 4.59 40.02
N PRO X 73 37.04 5.67 40.33
CA PRO X 73 35.85 6.03 39.55
C PRO X 73 36.23 6.61 38.20
N LEU X 74 35.35 6.37 37.23
CA LEU X 74 35.53 6.94 35.90
C LEU X 74 35.67 8.46 35.98
N THR X 75 36.44 9.01 35.04
CA THR X 75 36.40 10.45 34.82
C THR X 75 34.98 10.85 34.41
N PHE X 76 34.65 12.12 34.63
CA PHE X 76 33.32 12.58 34.26
C PHE X 76 33.07 12.37 32.77
N ALA X 77 34.08 12.65 31.93
CA ALA X 77 33.96 12.38 30.51
C ALA X 77 33.50 10.95 30.27
N GLY X 78 34.16 9.98 30.92
CA GLY X 78 33.77 8.60 30.75
C GLY X 78 32.33 8.35 31.16
N LYS X 79 31.86 9.03 32.20
CA LYS X 79 30.46 8.92 32.60
C LYS X 79 29.55 9.39 31.48
N ILE X 80 29.82 10.59 30.95
CA ILE X 80 29.03 11.09 29.82
C ILE X 80 28.99 10.05 28.70
N ASN X 81 30.17 9.54 28.33
CA ASN X 81 30.23 8.60 27.21
C ASN X 81 29.38 7.36 27.49
N ARG X 82 29.47 6.80 28.71
CA ARG X 82 28.70 5.61 29.01
C ARG X 82 27.21 5.88 28.89
N LEU X 83 26.76 7.01 29.45
CA LEU X 83 25.33 7.34 29.38
C LEU X 83 24.88 7.47 27.92
N ALA X 84 25.65 8.21 27.12
CA ALA X 84 25.28 8.39 25.71
C ALA X 84 25.24 7.05 24.98
N ILE X 85 26.22 6.19 25.23
CA ILE X 85 26.23 4.87 24.58
C ILE X 85 24.97 4.11 24.95
N MET X 86 24.55 4.20 26.21
CA MET X 86 23.32 3.53 26.62
C MET X 86 22.10 4.09 25.86
N VAL X 87 21.99 5.41 25.77
CA VAL X 87 20.87 6.00 25.05
C VAL X 87 20.87 5.56 23.60
N ARG X 88 22.04 5.55 22.97
CA ARG X 88 22.14 5.12 21.58
C ARG X 88 21.76 3.65 21.42
N GLY X 89 22.02 2.83 22.44
CA GLY X 89 21.62 1.44 22.37
C GLY X 89 20.13 1.25 22.22
N ASN X 90 19.34 2.17 22.79
CA ASN X 90 17.89 2.07 22.83
C ASN X 90 17.21 2.76 21.64
N LEU X 91 17.95 3.16 20.61
CA LEU X 91 17.37 4.01 19.57
C LEU X 91 16.24 3.32 18.84
N ALA X 92 16.38 2.02 18.53
CA ALA X 92 15.35 1.32 17.79
C ALA X 92 14.05 1.22 18.61
N ALA X 93 14.15 0.75 19.85
CA ALA X 93 12.99 0.75 20.74
C ALA X 93 12.42 2.16 20.88
N ALA X 94 13.28 3.18 20.87
CA ALA X 94 12.80 4.55 20.96
C ALA X 94 11.98 4.92 19.73
N MET X 95 12.36 4.40 18.56
CA MET X 95 11.53 4.57 17.38
C MET X 95 10.22 3.82 17.50
N GLN X 96 10.21 2.72 18.25
CA GLN X 96 8.98 1.95 18.45
C GLN X 96 8.11 2.47 19.58
N GLY X 97 8.46 3.61 20.17
CA GLY X 97 7.65 4.24 21.20
C GLY X 97 8.27 4.25 22.58
N LEU X 98 9.30 3.41 22.83
CA LEU X 98 9.92 3.32 24.15
C LEU X 98 11.10 4.30 24.23
N LEU X 99 10.76 5.59 24.23
CA LEU X 99 11.74 6.66 24.21
C LEU X 99 12.02 7.19 25.62
N ALA X 100 13.28 7.38 25.95
CA ALA X 100 13.66 7.96 27.24
C ALA X 100 14.91 8.81 27.06
N LEU X 101 14.79 10.10 27.38
CA LEU X 101 15.89 11.05 27.31
C LEU X 101 16.38 11.36 28.72
N PRO X 102 17.66 11.16 29.02
CA PRO X 102 18.19 11.57 30.32
C PRO X 102 18.79 12.96 30.29
N LEU X 103 18.92 13.52 31.49
CA LEU X 103 19.65 14.76 31.73
C LEU X 103 20.61 14.47 32.88
N LEU X 104 21.88 14.80 32.68
CA LEU X 104 22.92 14.47 33.64
C LEU X 104 23.37 15.73 34.38
N ALA X 105 23.62 15.59 35.68
CA ALA X 105 24.17 16.67 36.47
C ALA X 105 25.17 16.07 37.44
N GLY X 106 26.33 16.74 37.58
CA GLY X 106 27.33 16.18 38.46
C GLY X 106 28.29 17.24 38.94
N TYR X 107 29.20 16.80 39.82
CA TYR X 107 30.28 17.63 40.32
C TYR X 107 31.59 16.90 40.06
N ASP X 108 32.47 17.52 39.27
CA ASP X 108 33.70 16.90 38.79
C ASP X 108 34.83 17.20 39.78
N ILE X 109 35.24 16.17 40.53
CA ILE X 109 36.24 16.33 41.56
C ILE X 109 37.63 16.53 40.96
N HIS X 110 37.73 16.43 39.64
CA HIS X 110 39.00 16.63 38.95
C HIS X 110 39.03 17.91 38.12
N ALA X 111 37.96 18.70 38.13
CA ALA X 111 37.98 19.96 37.41
C ALA X 111 38.96 20.93 38.05
N SER X 112 39.40 21.91 37.26
CA SER X 112 40.41 22.85 37.73
C SER X 112 39.86 23.75 38.83
N ASP X 113 38.81 24.52 38.53
CA ASP X 113 38.28 25.51 39.45
C ASP X 113 37.14 24.89 40.26
N PRO X 114 37.34 24.60 41.55
CA PRO X 114 36.25 23.99 42.35
C PRO X 114 34.96 24.78 42.38
N GLN X 115 35.00 26.10 42.14
CA GLN X 115 33.76 26.86 42.14
C GLN X 115 32.95 26.59 40.87
N SER X 116 33.60 26.20 39.79
CA SER X 116 32.93 25.89 38.53
C SER X 116 33.15 24.42 38.14
N ALA X 117 33.17 23.54 39.14
CA ALA X 117 33.25 22.10 38.89
C ALA X 117 31.89 21.47 38.65
N GLY X 118 30.81 22.26 38.73
CA GLY X 118 29.50 21.74 38.42
C GLY X 118 29.33 21.50 36.93
N ARG X 119 28.50 20.51 36.60
CA ARG X 119 28.37 20.01 35.24
C ARG X 119 26.91 19.66 34.94
N ILE X 120 26.48 20.00 33.73
CA ILE X 120 25.13 19.70 33.26
C ILE X 120 25.24 19.23 31.81
N VAL X 121 24.73 18.04 31.50
CA VAL X 121 24.89 17.43 30.19
C VAL X 121 23.53 16.98 29.66
N SER X 122 23.21 17.39 28.43
CA SER X 122 22.00 16.97 27.74
C SER X 122 22.30 15.84 26.76
N PHE X 123 21.26 15.08 26.44
CA PHE X 123 21.36 13.97 25.50
C PHE X 123 20.17 14.01 24.56
N ASP X 124 20.31 13.35 23.41
CA ASP X 124 19.20 13.17 22.48
C ASP X 124 19.07 11.70 22.13
N ALA X 125 18.00 11.36 21.42
CA ALA X 125 17.67 9.97 21.17
C ALA X 125 18.75 9.24 20.38
N ALA X 126 19.64 9.96 19.72
CA ALA X 126 20.73 9.33 18.97
C ALA X 126 21.95 9.06 19.83
N GLY X 127 21.91 9.41 21.11
CA GLY X 127 23.08 9.29 21.95
C GLY X 127 24.04 10.46 21.86
N GLY X 128 23.68 11.51 21.12
CA GLY X 128 24.48 12.71 21.13
C GLY X 128 24.38 13.43 22.46
N TRP X 129 25.52 13.89 22.96
CA TRP X 129 25.60 14.57 24.24
C TRP X 129 26.13 15.98 24.04
N ASN X 130 25.72 16.88 24.92
CA ASN X 130 26.25 18.24 24.90
C ASN X 130 26.36 18.77 26.31
N ILE X 131 27.57 19.21 26.67
CA ILE X 131 27.81 19.82 27.98
C ILE X 131 27.32 21.26 27.93
N GLU X 132 26.42 21.60 28.85
CA GLU X 132 25.79 22.92 28.84
C GLU X 132 26.71 23.93 29.52
N GLU X 133 27.14 24.94 28.76
CA GLU X 133 28.00 26.00 29.28
C GLU X 133 27.23 27.29 29.55
N GLU X 134 25.94 27.21 29.85
CA GLU X 134 25.17 28.41 30.17
C GLU X 134 24.40 28.30 31.49
N GLY X 135 24.65 27.27 32.29
CA GLY X 135 24.24 27.25 33.68
C GLY X 135 23.03 26.38 33.99
N TYR X 136 22.10 26.22 33.05
CA TYR X 136 20.89 25.46 33.33
C TYR X 136 20.46 24.71 32.08
N GLN X 137 19.49 23.82 32.26
CA GLN X 137 19.00 22.97 31.19
C GLN X 137 17.78 22.21 31.72
N ALA X 138 16.94 21.75 30.79
CA ALA X 138 15.73 21.02 31.14
C ALA X 138 15.47 19.93 30.11
N VAL X 139 14.61 18.98 30.49
CA VAL X 139 14.24 17.90 29.60
C VAL X 139 12.85 17.41 29.98
N GLY X 140 12.07 17.02 28.98
CA GLY X 140 10.71 16.59 29.16
C GLY X 140 9.73 17.49 28.42
N SER X 141 8.45 17.13 28.53
CA SER X 141 7.41 17.85 27.79
C SER X 141 7.24 19.29 28.26
N GLY X 142 7.73 19.63 29.45
CA GLY X 142 7.75 21.00 29.91
C GLY X 142 9.11 21.66 29.86
N SER X 143 10.08 21.05 29.16
CA SER X 143 11.46 21.54 29.25
C SER X 143 11.61 22.93 28.67
N LEU X 144 10.82 23.29 27.66
CA LEU X 144 10.94 24.62 27.09
C LEU X 144 10.41 25.69 28.03
N PHE X 145 9.27 25.42 28.69
CA PHE X 145 8.77 26.37 29.66
C PHE X 145 9.74 26.55 30.81
N ALA X 146 10.35 25.45 31.27
CA ALA X 146 11.31 25.55 32.36
C ALA X 146 12.58 26.29 31.93
N LYS X 147 13.01 26.08 30.68
CA LYS X 147 14.21 26.77 30.20
C LYS X 147 13.96 28.25 30.00
N SER X 148 12.77 28.62 29.49
CA SER X 148 12.47 30.05 29.32
C SER X 148 12.25 30.73 30.66
N SER X 149 11.68 30.03 31.64
CA SER X 149 11.57 30.59 32.98
C SER X 149 12.96 30.79 33.60
N MET X 150 13.78 29.74 33.61
CA MET X 150 15.12 29.87 34.15
C MET X 150 15.92 30.95 33.43
N LYS X 151 15.69 31.14 32.13
CA LYS X 151 16.37 32.20 31.41
C LYS X 151 16.18 33.55 32.10
N LYS X 152 15.01 33.77 32.69
CA LYS X 152 14.70 35.03 33.36
C LYS X 152 15.07 35.02 34.84
N LEU X 153 15.00 33.86 35.49
CA LEU X 153 15.24 33.81 36.93
C LEU X 153 16.69 33.56 37.32
N TYR X 154 17.53 33.13 36.39
CA TYR X 154 18.85 32.63 36.76
C TYR X 154 19.71 33.69 37.43
N SER X 155 19.44 34.97 37.16
CA SER X 155 20.23 36.03 37.77
C SER X 155 20.02 36.14 39.28
N GLN X 156 19.00 35.48 39.83
CA GLN X 156 18.78 35.45 41.27
C GLN X 156 19.57 34.35 41.97
N VAL X 157 20.31 33.54 41.22
CA VAL X 157 21.03 32.41 41.79
C VAL X 157 22.39 32.87 42.25
N THR X 158 22.63 32.79 43.56
CA THR X 158 23.89 33.19 44.16
C THR X 158 24.45 32.17 45.15
N ASP X 159 23.67 31.17 45.53
CA ASP X 159 24.12 30.14 46.46
C ASP X 159 23.21 28.93 46.30
N GLY X 160 23.38 27.93 47.17
CA GLY X 160 22.57 26.73 47.06
C GLY X 160 21.09 27.01 47.16
N ASP X 161 20.68 27.76 48.19
CA ASP X 161 19.25 27.92 48.46
C ASP X 161 18.56 28.66 47.32
N SER X 162 19.18 29.72 46.80
CA SER X 162 18.54 30.46 45.70
C SER X 162 18.44 29.59 44.45
N GLY X 163 19.47 28.76 44.20
CA GLY X 163 19.40 27.85 43.07
C GLY X 163 18.29 26.83 43.21
N LEU X 164 18.15 26.25 44.40
CA LEU X 164 17.04 25.34 44.64
C LEU X 164 15.70 26.04 44.41
N ARG X 165 15.55 27.27 44.90
CA ARG X 165 14.30 27.97 44.74
C ARG X 165 13.99 28.21 43.26
N VAL X 166 14.99 28.59 42.47
CA VAL X 166 14.74 28.82 41.05
C VAL X 166 14.40 27.51 40.34
N ALA X 167 15.03 26.40 40.75
CA ALA X 167 14.66 25.11 40.18
C ALA X 167 13.19 24.79 40.46
N VAL X 168 12.77 24.94 41.71
CA VAL X 168 11.38 24.63 42.04
C VAL X 168 10.43 25.57 41.31
N GLU X 169 10.82 26.84 41.12
CA GLU X 169 9.94 27.74 40.38
C GLU X 169 9.82 27.31 38.92
N ALA X 170 10.94 26.94 38.30
CA ALA X 170 10.90 26.49 36.92
C ALA X 170 10.03 25.24 36.76
N LEU X 171 10.09 24.33 37.72
CA LEU X 171 9.17 23.20 37.69
C LEU X 171 7.73 23.68 37.84
N TYR X 172 7.51 24.70 38.67
CA TYR X 172 6.17 25.26 38.82
C TYR X 172 5.63 25.79 37.50
N ASP X 173 6.46 26.50 36.73
CA ASP X 173 6.00 27.04 35.46
C ASP X 173 5.79 25.93 34.42
N ALA X 174 6.74 25.00 34.34
CA ALA X 174 6.57 23.84 33.48
C ALA X 174 5.20 23.19 33.72
N ALA X 175 4.89 22.91 34.98
CA ALA X 175 3.58 22.32 35.29
C ALA X 175 2.44 23.27 34.97
N ASP X 176 2.68 24.58 35.09
CA ASP X 176 1.66 25.57 34.80
C ASP X 176 1.23 25.51 33.34
N ASP X 177 2.15 25.19 32.43
CA ASP X 177 1.81 25.19 31.01
C ASP X 177 1.77 23.81 30.37
N ASP X 178 2.21 22.76 31.07
CA ASP X 178 2.32 21.42 30.49
C ASP X 178 1.54 20.44 31.37
N SER X 179 0.42 19.93 30.86
CA SER X 179 -0.43 19.04 31.64
C SER X 179 0.22 17.70 31.95
N ALA X 180 1.32 17.36 31.27
CA ALA X 180 2.04 16.13 31.58
C ALA X 180 3.05 16.30 32.71
N THR X 181 3.17 17.51 33.26
CA THR X 181 4.09 17.82 34.34
C THR X 181 3.28 18.21 35.56
N GLY X 182 3.48 17.50 36.67
CA GLY X 182 2.70 17.76 37.86
C GLY X 182 3.28 18.89 38.69
N GLY X 183 2.43 19.82 39.10
CA GLY X 183 2.83 20.82 40.05
C GLY X 183 2.73 20.31 41.47
N PRO X 184 3.01 21.21 42.42
CA PRO X 184 2.85 20.84 43.83
C PRO X 184 1.39 20.53 44.15
N ASP X 185 1.19 19.44 44.89
CA ASP X 185 -0.12 19.01 45.36
C ASP X 185 -0.21 19.29 46.86
N LEU X 186 -0.97 20.32 47.23
CA LEU X 186 -1.06 20.69 48.64
C LEU X 186 -2.01 19.79 49.41
N VAL X 187 -3.04 19.26 48.75
CA VAL X 187 -3.94 18.33 49.42
C VAL X 187 -3.18 17.11 49.90
N ARG X 188 -2.42 16.48 49.00
CA ARG X 188 -1.69 15.26 49.33
C ARG X 188 -0.30 15.52 49.90
N GLY X 189 0.24 16.73 49.73
CA GLY X 189 1.57 17.01 50.22
C GLY X 189 2.68 16.33 49.44
N ILE X 190 2.55 16.28 48.12
CA ILE X 190 3.58 15.72 47.24
C ILE X 190 4.21 16.87 46.48
N PHE X 191 5.53 17.01 46.58
CA PHE X 191 6.27 18.09 45.97
C PHE X 191 7.38 17.52 45.11
N PRO X 192 7.87 18.31 44.14
CA PRO X 192 9.02 17.85 43.33
C PRO X 192 10.14 17.28 44.18
N THR X 193 11.03 16.50 43.57
CA THR X 193 12.19 15.99 44.27
C THR X 193 13.43 16.71 43.79
N ALA X 194 14.47 16.69 44.62
CA ALA X 194 15.66 17.47 44.34
C ALA X 194 16.90 16.76 44.87
N VAL X 195 17.99 16.88 44.12
CA VAL X 195 19.32 16.47 44.54
C VAL X 195 20.24 17.67 44.38
N ILE X 196 21.12 17.88 45.35
CA ILE X 196 22.12 18.93 45.26
C ILE X 196 23.48 18.28 45.40
N ILE X 197 24.47 18.79 44.67
CA ILE X 197 25.81 18.19 44.63
C ILE X 197 26.85 19.28 44.78
N ASP X 198 27.74 19.11 45.75
CA ASP X 198 28.88 20.02 45.92
C ASP X 198 30.10 19.19 46.26
N ALA X 199 31.11 19.85 46.86
CA ALA X 199 32.38 19.16 47.14
C ALA X 199 32.18 17.95 48.06
N ASP X 200 31.18 17.99 48.93
CA ASP X 200 30.91 16.89 49.84
C ASP X 200 30.07 15.79 49.22
N GLY X 201 29.65 15.94 47.98
CA GLY X 201 28.91 14.90 47.29
C GLY X 201 27.50 15.27 46.89
N ALA X 202 26.71 14.26 46.55
CA ALA X 202 25.33 14.42 46.10
C ALA X 202 24.40 13.97 47.23
N VAL X 203 23.50 14.86 47.63
CA VAL X 203 22.59 14.59 48.74
C VAL X 203 21.17 14.90 48.30
N ASP X 204 20.23 14.13 48.84
CA ASP X 204 18.81 14.35 48.62
C ASP X 204 18.34 15.58 49.40
N VAL X 205 17.72 16.52 48.69
CA VAL X 205 17.13 17.68 49.37
C VAL X 205 15.94 17.22 50.20
N PRO X 206 15.81 17.64 51.44
CA PRO X 206 14.65 17.24 52.25
C PRO X 206 13.35 17.79 51.67
N GLU X 207 12.30 16.96 51.76
CA GLU X 207 10.97 17.36 51.28
C GLU X 207 10.56 18.71 51.87
N SER X 208 10.74 18.88 53.18
CA SER X 208 10.23 20.06 53.89
C SER X 208 10.69 21.36 53.22
N ARG X 209 11.98 21.46 52.92
CA ARG X 209 12.49 22.71 52.33
C ARG X 209 11.86 22.98 50.97
N ILE X 210 11.75 21.94 50.14
CA ILE X 210 11.08 22.07 48.85
C ILE X 210 9.64 22.54 49.05
N ALA X 211 8.97 22.03 50.09
CA ALA X 211 7.59 22.43 50.34
C ALA X 211 7.51 23.90 50.74
N GLU X 212 8.41 24.36 51.62
CA GLU X 212 8.43 25.77 51.97
C GLU X 212 8.62 26.64 50.73
N LEU X 213 9.57 26.26 49.86
CA LEU X 213 9.80 27.05 48.66
C LEU X 213 8.56 27.07 47.76
N ALA X 214 7.94 25.90 47.58
CA ALA X 214 6.74 25.84 46.75
C ALA X 214 5.63 26.74 47.31
N ARG X 215 5.31 26.59 48.58
CA ARG X 215 4.26 27.43 49.17
C ARG X 215 4.59 28.91 49.04
N ALA X 216 5.87 29.27 49.20
CA ALA X 216 6.25 30.67 49.01
C ALA X 216 5.95 31.13 47.59
N ILE X 217 6.34 30.33 46.60
CA ILE X 217 6.07 30.69 45.20
C ILE X 217 4.57 30.86 44.99
N ILE X 218 3.78 29.87 45.43
CA ILE X 218 2.33 29.91 45.26
C ILE X 218 1.76 31.19 45.84
N GLU X 219 2.07 31.48 47.11
CA GLU X 219 1.55 32.68 47.75
C GLU X 219 2.04 33.94 47.05
N SER X 220 3.22 33.89 46.42
CA SER X 220 3.72 35.05 45.69
C SER X 220 2.94 35.31 44.42
N ARG X 221 2.41 34.27 43.77
CA ARG X 221 1.66 34.46 42.55
C ARG X 221 0.16 34.72 42.78
N SER X 222 -0.27 34.81 44.02
CA SER X 222 -1.68 35.06 44.31
C SER X 222 -1.97 36.55 44.40
N THR Y 1 -12.13 -8.27 32.06
CA THR Y 1 -11.54 -8.65 33.34
C THR Y 1 -11.48 -7.45 34.28
N THR Y 2 -11.56 -7.72 35.59
CA THR Y 2 -11.14 -6.76 36.60
C THR Y 2 -10.46 -7.51 37.74
N ILE Y 3 -9.23 -7.11 38.04
CA ILE Y 3 -8.55 -7.50 39.27
C ILE Y 3 -8.44 -6.26 40.14
N VAL Y 4 -8.75 -6.40 41.42
CA VAL Y 4 -8.58 -5.31 42.38
C VAL Y 4 -7.67 -5.80 43.50
N ALA Y 5 -6.88 -4.87 44.04
CA ALA Y 5 -6.05 -5.16 45.21
C ALA Y 5 -6.03 -3.93 46.10
N LEU Y 6 -5.89 -4.16 47.40
CA LEU Y 6 -5.89 -3.04 48.32
C LEU Y 6 -5.21 -3.44 49.62
N LYS Y 7 -4.69 -2.42 50.32
CA LYS Y 7 -4.06 -2.60 51.62
C LYS Y 7 -5.05 -2.36 52.74
N TYR Y 8 -4.84 -3.07 53.84
CA TYR Y 8 -5.57 -2.82 55.07
C TYR Y 8 -4.60 -2.97 56.23
N PRO Y 9 -4.96 -2.46 57.40
CA PRO Y 9 -4.01 -2.49 58.53
C PRO Y 9 -3.51 -3.90 58.83
N GLY Y 10 -2.27 -4.18 58.42
CA GLY Y 10 -1.66 -5.47 58.68
C GLY Y 10 -1.72 -6.47 57.55
N GLY Y 11 -2.23 -6.10 56.39
CA GLY Y 11 -2.33 -7.08 55.33
C GLY Y 11 -2.77 -6.47 54.02
N VAL Y 12 -3.02 -7.36 53.06
CA VAL Y 12 -3.43 -6.97 51.72
C VAL Y 12 -4.50 -7.96 51.26
N VAL Y 13 -5.36 -7.51 50.36
CA VAL Y 13 -6.40 -8.37 49.79
C VAL Y 13 -6.44 -8.14 48.28
N MET Y 14 -6.65 -9.23 47.53
CA MET Y 14 -6.77 -9.15 46.08
C MET Y 14 -7.92 -10.03 45.63
N ALA Y 15 -8.73 -9.54 44.70
CA ALA Y 15 -9.87 -10.31 44.21
C ALA Y 15 -10.04 -10.07 42.71
N GLY Y 16 -10.57 -11.08 42.03
CA GLY Y 16 -10.77 -11.00 40.59
C GLY Y 16 -12.06 -11.69 40.18
N ASP Y 17 -12.58 -11.25 39.04
CA ASP Y 17 -13.85 -11.75 38.54
C ASP Y 17 -13.63 -13.11 37.90
N ARG Y 18 -14.69 -13.66 37.28
CA ARG Y 18 -14.69 -15.04 36.81
C ARG Y 18 -15.04 -15.15 35.33
N ARG Y 19 -15.00 -14.06 34.57
CA ARG Y 19 -15.50 -14.06 33.22
C ARG Y 19 -14.41 -14.32 32.19
N SER Y 20 -14.80 -14.97 31.11
CA SER Y 20 -13.93 -15.24 29.97
C SER Y 20 -14.74 -15.03 28.69
N THR Y 21 -14.26 -14.16 27.81
CA THR Y 21 -15.00 -13.75 26.63
C THR Y 21 -14.21 -14.03 25.36
N GLN Y 22 -14.94 -14.18 24.25
CA GLN Y 22 -14.39 -14.19 22.89
C GLN Y 22 -15.15 -13.14 22.09
N GLY Y 23 -14.71 -11.89 22.21
CA GLY Y 23 -15.46 -10.79 21.65
C GLY Y 23 -16.66 -10.47 22.51
N ASN Y 24 -17.86 -10.65 21.96
CA ASN Y 24 -19.07 -10.51 22.76
C ASN Y 24 -19.47 -11.80 23.45
N MET Y 25 -19.06 -12.95 22.91
CA MET Y 25 -19.49 -14.23 23.45
C MET Y 25 -18.82 -14.52 24.79
N ILE Y 26 -19.56 -15.14 25.69
CA ILE Y 26 -19.04 -15.54 26.99
C ILE Y 26 -18.54 -16.97 26.87
N SER Y 27 -17.25 -17.17 27.08
CA SER Y 27 -16.63 -18.48 26.92
C SER Y 27 -16.30 -19.14 28.25
N GLY Y 28 -16.31 -18.40 29.35
CA GLY Y 28 -16.04 -18.97 30.65
C GLY Y 28 -16.73 -18.19 31.75
N ARG Y 29 -17.19 -18.94 32.77
CA ARG Y 29 -17.92 -18.36 33.89
C ARG Y 29 -17.25 -18.60 35.24
N ASP Y 30 -16.19 -19.39 35.30
CA ASP Y 30 -15.58 -19.76 36.57
C ASP Y 30 -14.07 -19.59 36.57
N VAL Y 31 -13.55 -18.75 35.67
CA VAL Y 31 -12.11 -18.57 35.57
C VAL Y 31 -11.54 -18.10 36.90
N ARG Y 32 -10.41 -18.69 37.28
CA ARG Y 32 -9.63 -18.22 38.42
C ARG Y 32 -8.49 -17.37 37.88
N LYS Y 33 -8.55 -16.06 38.16
CA LYS Y 33 -7.60 -15.09 37.66
C LYS Y 33 -6.63 -14.59 38.72
N VAL Y 34 -6.78 -15.03 39.97
CA VAL Y 34 -5.96 -14.57 41.08
C VAL Y 34 -5.27 -15.79 41.69
N TYR Y 35 -3.94 -15.81 41.63
CA TYR Y 35 -3.16 -16.97 42.02
C TYR Y 35 -2.27 -16.63 43.21
N ILE Y 36 -2.22 -17.55 44.18
CA ILE Y 36 -1.23 -17.49 45.25
C ILE Y 36 0.11 -17.88 44.66
N THR Y 37 0.95 -16.89 44.37
CA THR Y 37 2.22 -17.18 43.72
C THR Y 37 3.33 -17.47 44.70
N ASP Y 38 3.18 -17.10 45.97
CA ASP Y 38 4.01 -17.72 47.01
C ASP Y 38 3.38 -17.43 48.36
N ASP Y 39 4.01 -17.96 49.42
CA ASP Y 39 3.43 -17.88 50.76
C ASP Y 39 2.97 -16.48 51.12
N TYR Y 40 3.55 -15.44 50.52
CA TYR Y 40 3.20 -14.08 50.89
C TYR Y 40 2.83 -13.20 49.70
N THR Y 41 2.53 -13.78 48.54
CA THR Y 41 2.21 -12.94 47.40
C THR Y 41 1.19 -13.60 46.48
N ALA Y 42 0.26 -12.78 46.00
CA ALA Y 42 -0.73 -13.15 45.00
C ALA Y 42 -0.56 -12.27 43.76
N THR Y 43 -0.83 -12.88 42.60
CA THR Y 43 -0.74 -12.22 41.31
C THR Y 43 -2.05 -12.43 40.57
N GLY Y 44 -2.66 -11.35 40.12
CA GLY Y 44 -3.85 -11.41 39.28
C GLY Y 44 -3.55 -10.78 37.94
N ILE Y 45 -3.96 -11.46 36.87
CA ILE Y 45 -3.59 -11.04 35.52
C ILE Y 45 -4.85 -10.82 34.69
N ALA Y 46 -4.80 -9.81 33.82
CA ALA Y 46 -5.85 -9.54 32.85
C ALA Y 46 -5.25 -9.56 31.44
N GLY Y 47 -6.00 -10.10 30.49
CA GLY Y 47 -5.52 -10.15 29.11
C GLY Y 47 -5.87 -11.43 28.40
N THR Y 48 -5.01 -11.86 27.48
CA THR Y 48 -5.24 -13.11 26.78
C THR Y 48 -5.10 -14.27 27.76
N ALA Y 49 -6.18 -15.03 27.93
CA ALA Y 49 -6.22 -16.09 28.93
C ALA Y 49 -4.94 -16.94 28.94
N ALA Y 50 -4.55 -17.45 27.76
CA ALA Y 50 -3.39 -18.33 27.70
C ALA Y 50 -2.15 -17.66 28.27
N VAL Y 51 -1.92 -16.39 27.91
CA VAL Y 51 -0.72 -15.70 28.39
C VAL Y 51 -0.82 -15.41 29.88
N ALA Y 52 -2.02 -15.16 30.40
CA ALA Y 52 -2.17 -14.90 31.83
C ALA Y 52 -1.89 -16.16 32.64
N VAL Y 53 -2.50 -17.28 32.26
CA VAL Y 53 -2.23 -18.55 32.94
C VAL Y 53 -0.74 -18.86 32.89
N GLU Y 54 -0.14 -18.82 31.70
CA GLU Y 54 1.28 -19.11 31.59
C GLU Y 54 2.10 -18.20 32.50
N PHE Y 55 1.77 -16.91 32.51
CA PHE Y 55 2.48 -15.97 33.39
C PHE Y 55 2.43 -16.42 34.84
N ALA Y 56 1.23 -16.66 35.37
CA ALA Y 56 1.13 -17.04 36.77
C ALA Y 56 1.92 -18.31 37.06
N ARG Y 57 1.80 -19.31 36.20
CA ARG Y 57 2.44 -20.60 36.44
C ARG Y 57 3.96 -20.48 36.43
N LEU Y 58 4.51 -19.85 35.37
CA LEU Y 58 5.94 -19.67 35.26
C LEU Y 58 6.50 -18.79 36.37
N TYR Y 59 5.73 -17.78 36.79
CA TYR Y 59 6.18 -16.87 37.83
C TYR Y 59 6.30 -17.57 39.18
N ALA Y 60 5.24 -18.30 39.57
CA ALA Y 60 5.32 -19.08 40.80
C ALA Y 60 6.50 -20.04 40.75
N VAL Y 61 6.63 -20.77 39.63
CA VAL Y 61 7.77 -21.69 39.49
C VAL Y 61 9.09 -20.95 39.67
N GLU Y 62 9.19 -19.73 39.13
CA GLU Y 62 10.46 -19.01 39.21
C GLU Y 62 10.81 -18.65 40.64
N LEU Y 63 9.86 -18.07 41.38
CA LEU Y 63 10.13 -17.70 42.76
C LEU Y 63 10.54 -18.91 43.59
N GLU Y 64 9.80 -20.01 43.45
CA GLU Y 64 10.18 -21.20 44.22
C GLU Y 64 11.53 -21.76 43.77
N HIS Y 65 11.83 -21.63 42.48
CA HIS Y 65 13.12 -22.06 41.95
C HIS Y 65 14.26 -21.33 42.66
N TYR Y 66 14.21 -19.99 42.67
CA TYR Y 66 15.22 -19.23 43.39
C TYR Y 66 15.28 -19.66 44.86
N GLU Y 67 14.12 -19.77 45.50
CA GLU Y 67 14.10 -20.11 46.92
C GLU Y 67 14.84 -21.42 47.20
N LYS Y 68 14.59 -22.45 46.38
CA LYS Y 68 15.23 -23.73 46.63
C LYS Y 68 16.72 -23.70 46.27
N LEU Y 69 17.07 -23.03 45.17
CA LEU Y 69 18.48 -22.98 44.79
C LEU Y 69 19.32 -22.25 45.83
N GLU Y 70 18.77 -21.19 46.44
CA GLU Y 70 19.54 -20.31 47.30
C GLU Y 70 19.23 -20.45 48.79
N GLY Y 71 18.22 -21.25 49.16
CA GLY Y 71 17.87 -21.45 50.54
C GLY Y 71 17.09 -20.32 51.19
N VAL Y 72 16.86 -19.22 50.48
CA VAL Y 72 16.13 -18.07 51.02
C VAL Y 72 15.28 -17.45 49.91
N PRO Y 73 14.10 -16.97 50.27
CA PRO Y 73 13.23 -16.36 49.26
C PRO Y 73 13.73 -14.98 48.86
N LEU Y 74 13.48 -14.64 47.59
CA LEU Y 74 13.84 -13.33 47.06
C LEU Y 74 13.21 -12.22 47.90
N THR Y 75 13.94 -11.12 48.02
CA THR Y 75 13.34 -9.91 48.55
C THR Y 75 12.15 -9.49 47.69
N PHE Y 76 11.21 -8.76 48.30
CA PHE Y 76 10.02 -8.35 47.56
C PHE Y 76 10.42 -7.57 46.31
N ALA Y 77 11.37 -6.64 46.43
CA ALA Y 77 11.90 -5.94 45.28
C ALA Y 77 12.30 -6.92 44.18
N GLY Y 78 13.07 -7.95 44.54
CA GLY Y 78 13.42 -8.97 43.56
C GLY Y 78 12.23 -9.55 42.85
N LYS Y 79 11.18 -9.88 43.61
CA LYS Y 79 9.96 -10.42 43.01
C LYS Y 79 9.37 -9.43 42.00
N ILE Y 80 9.27 -8.16 42.38
CA ILE Y 80 8.80 -7.13 41.45
C ILE Y 80 9.61 -7.17 40.16
N ASN Y 81 10.92 -6.99 40.29
CA ASN Y 81 11.79 -6.94 39.12
C ASN Y 81 11.58 -8.15 38.23
N ARG Y 82 11.49 -9.31 38.79
CA ARG Y 82 11.25 -10.51 38.03
C ARG Y 82 9.95 -10.57 37.29
N LEU Y 83 8.87 -10.12 37.89
CA LEU Y 83 7.60 -10.04 37.18
C LEU Y 83 7.67 -9.01 36.05
N ALA Y 84 8.27 -7.85 36.33
CA ALA Y 84 8.42 -6.83 35.30
C ALA Y 84 9.23 -7.34 34.11
N ILE Y 85 10.34 -8.03 34.37
CA ILE Y 85 11.14 -8.59 33.29
C ILE Y 85 10.31 -9.56 32.46
N MET Y 86 9.55 -10.42 33.13
CA MET Y 86 8.71 -11.38 32.40
C MET Y 86 7.68 -10.67 31.52
N VAL Y 87 7.14 -9.55 32.00
CA VAL Y 87 6.17 -8.81 31.18
C VAL Y 87 6.87 -8.14 30.00
N ARG Y 88 8.03 -7.53 30.25
CA ARG Y 88 8.79 -6.93 29.17
C ARG Y 88 9.09 -7.94 28.08
N GLY Y 89 9.42 -9.17 28.46
CA GLY Y 89 9.73 -10.19 27.47
C GLY Y 89 8.59 -10.48 26.52
N ASN Y 90 7.34 -10.29 26.98
CA ASN Y 90 6.17 -10.60 26.17
C ASN Y 90 5.71 -9.41 25.34
N LEU Y 91 6.43 -8.30 25.34
CA LEU Y 91 5.95 -7.09 24.67
C LEU Y 91 5.72 -7.33 23.17
N ALA Y 92 6.65 -8.01 22.50
CA ALA Y 92 6.50 -8.25 21.07
C ALA Y 92 5.21 -9.00 20.79
N ALA Y 93 4.95 -10.08 21.53
CA ALA Y 93 3.69 -10.81 21.37
C ALA Y 93 2.49 -9.93 21.71
N ALA Y 94 2.61 -9.12 22.76
CA ALA Y 94 1.52 -8.23 23.14
C ALA Y 94 1.13 -7.30 22.00
N MET Y 95 2.12 -6.83 21.24
CA MET Y 95 1.83 -5.99 20.09
C MET Y 95 0.98 -6.71 19.05
N GLN Y 96 1.01 -8.04 19.02
CA GLN Y 96 0.23 -8.83 18.07
C GLN Y 96 -1.03 -9.43 18.69
N GLY Y 97 -1.32 -9.16 19.96
CA GLY Y 97 -2.58 -9.56 20.55
C GLY Y 97 -2.48 -10.55 21.70
N LEU Y 98 -1.30 -11.05 22.01
CA LEU Y 98 -1.12 -11.95 23.16
C LEU Y 98 -0.68 -11.15 24.39
N LEU Y 99 -1.55 -10.23 24.80
CA LEU Y 99 -1.25 -9.23 25.81
C LEU Y 99 -1.74 -9.69 27.18
N ALA Y 100 -0.92 -9.51 28.20
CA ALA Y 100 -1.32 -9.81 29.58
C ALA Y 100 -0.63 -8.84 30.52
N LEU Y 101 -1.42 -8.17 31.35
CA LEU Y 101 -0.95 -7.25 32.38
C LEU Y 101 -1.20 -7.86 33.75
N PRO Y 102 -0.17 -8.01 34.58
CA PRO Y 102 -0.39 -8.50 35.94
C PRO Y 102 -0.54 -7.36 36.95
N LEU Y 103 -0.95 -7.76 38.15
CA LEU Y 103 -1.08 -6.91 39.34
C LEU Y 103 -0.61 -7.76 40.51
N LEU Y 104 0.23 -7.17 41.35
CA LEU Y 104 0.93 -7.92 42.39
C LEU Y 104 0.57 -7.39 43.75
N ALA Y 105 0.09 -8.26 44.64
CA ALA Y 105 -0.20 -7.88 46.02
C ALA Y 105 0.60 -8.80 46.93
N GLY Y 106 1.26 -8.23 47.93
CA GLY Y 106 2.08 -9.08 48.78
C GLY Y 106 2.34 -8.49 50.15
N TYR Y 107 2.72 -9.37 51.08
CA TYR Y 107 3.16 -8.98 52.40
C TYR Y 107 4.67 -9.15 52.47
N ASP Y 108 5.38 -8.11 52.92
CA ASP Y 108 6.85 -8.12 52.98
C ASP Y 108 7.27 -8.40 54.41
N ILE Y 109 7.75 -9.64 54.65
CA ILE Y 109 8.16 -10.05 55.99
C ILE Y 109 9.38 -9.28 56.50
N HIS Y 110 10.08 -8.57 55.62
CA HIS Y 110 11.25 -7.81 56.02
C HIS Y 110 10.98 -6.31 56.14
N ALA Y 111 9.73 -5.89 55.99
CA ALA Y 111 9.41 -4.48 56.19
C ALA Y 111 9.59 -4.10 57.65
N SER Y 112 9.84 -2.81 57.88
CA SER Y 112 10.03 -2.33 59.25
C SER Y 112 8.73 -2.39 60.05
N ASP Y 113 7.68 -1.75 59.53
CA ASP Y 113 6.42 -1.65 60.26
C ASP Y 113 5.50 -2.78 59.84
N PRO Y 114 5.18 -3.73 60.74
CA PRO Y 114 4.35 -4.88 60.33
C PRO Y 114 2.93 -4.51 59.91
N GLN Y 115 2.41 -3.35 60.36
CA GLN Y 115 1.06 -2.98 60.00
C GLN Y 115 0.97 -2.32 58.63
N SER Y 116 2.08 -1.80 58.11
CA SER Y 116 2.15 -1.28 56.75
C SER Y 116 3.09 -2.11 55.88
N ALA Y 117 3.17 -3.41 56.15
CA ALA Y 117 3.97 -4.33 55.34
C ALA Y 117 3.23 -4.81 54.10
N GLY Y 118 1.99 -4.37 53.90
CA GLY Y 118 1.32 -4.67 52.65
C GLY Y 118 1.90 -3.89 51.49
N ARG Y 119 1.83 -4.48 50.31
CA ARG Y 119 2.42 -3.96 49.10
C ARG Y 119 1.47 -4.18 47.92
N ILE Y 120 1.28 -3.13 47.13
CA ILE Y 120 0.51 -3.18 45.89
C ILE Y 120 1.41 -2.68 44.77
N VAL Y 121 1.54 -3.47 43.70
CA VAL Y 121 2.43 -3.16 42.60
C VAL Y 121 1.68 -3.33 41.29
N SER Y 122 1.72 -2.30 40.44
CA SER Y 122 1.09 -2.36 39.12
C SER Y 122 2.13 -2.28 38.01
N PHE Y 123 1.74 -2.75 36.83
CA PHE Y 123 2.64 -2.92 35.71
C PHE Y 123 2.00 -2.40 34.43
N ASP Y 124 2.82 -2.17 33.41
CA ASP Y 124 2.33 -1.87 32.08
C ASP Y 124 2.99 -2.82 31.08
N ALA Y 125 2.47 -2.78 29.84
CA ALA Y 125 2.92 -3.74 28.83
C ALA Y 125 4.42 -3.66 28.59
N ALA Y 126 5.02 -2.49 28.77
CA ALA Y 126 6.45 -2.34 28.55
C ALA Y 126 7.29 -2.81 29.73
N GLY Y 127 6.68 -3.37 30.77
CA GLY Y 127 7.41 -3.85 31.91
C GLY Y 127 7.66 -2.83 33.00
N GLY Y 128 7.19 -1.60 32.83
CA GLY Y 128 7.24 -0.65 33.93
C GLY Y 128 6.47 -1.15 35.14
N TRP Y 129 6.94 -0.78 36.32
CA TRP Y 129 6.30 -1.15 37.57
C TRP Y 129 6.21 0.06 38.48
N ASN Y 130 5.16 0.11 39.28
CA ASN Y 130 4.99 1.16 40.27
C ASN Y 130 4.43 0.57 41.55
N ILE Y 131 5.13 0.83 42.65
CA ILE Y 131 4.65 0.46 43.98
C ILE Y 131 3.62 1.51 44.41
N GLU Y 132 2.38 1.07 44.59
CA GLU Y 132 1.27 1.98 44.83
C GLU Y 132 1.25 2.39 46.30
N GLU Y 133 1.30 3.70 46.55
CA GLU Y 133 1.35 4.23 47.91
C GLU Y 133 0.02 4.83 48.36
N GLU Y 134 -1.07 4.59 47.62
CA GLU Y 134 -2.40 5.04 48.02
C GLU Y 134 -3.31 3.89 48.43
N GLY Y 135 -2.79 2.66 48.50
CA GLY Y 135 -3.47 1.58 49.18
C GLY Y 135 -4.41 0.74 48.34
N TYR Y 136 -4.74 1.16 47.13
CA TYR Y 136 -5.60 0.35 46.28
C TYR Y 136 -5.21 0.53 44.82
N GLN Y 137 -5.56 -0.45 44.00
CA GLN Y 137 -5.21 -0.46 42.59
C GLN Y 137 -6.06 -1.53 41.91
N ALA Y 138 -6.07 -1.50 40.58
CA ALA Y 138 -6.84 -2.45 39.81
C ALA Y 138 -6.30 -2.50 38.38
N VAL Y 139 -6.65 -3.58 37.68
CA VAL Y 139 -6.20 -3.80 36.31
C VAL Y 139 -7.31 -4.51 35.56
N GLY Y 140 -7.32 -4.33 34.24
CA GLY Y 140 -8.32 -4.94 33.39
C GLY Y 140 -9.28 -3.90 32.82
N SER Y 141 -10.22 -4.40 32.01
CA SER Y 141 -11.17 -3.52 31.34
C SER Y 141 -12.09 -2.81 32.31
N GLY Y 142 -12.31 -3.35 33.51
CA GLY Y 142 -13.11 -2.70 34.51
C GLY Y 142 -12.35 -1.90 35.54
N SER Y 143 -11.04 -1.70 35.34
CA SER Y 143 -10.20 -1.19 36.42
C SER Y 143 -10.48 0.28 36.74
N LEU Y 144 -10.93 1.07 35.77
CA LEU Y 144 -11.22 2.47 36.08
C LEU Y 144 -12.49 2.57 36.92
N PHE Y 145 -13.51 1.78 36.60
CA PHE Y 145 -14.71 1.73 37.42
C PHE Y 145 -14.37 1.29 38.84
N ALA Y 146 -13.59 0.20 38.96
CA ALA Y 146 -13.27 -0.33 40.28
C ALA Y 146 -12.40 0.63 41.07
N LYS Y 147 -11.50 1.33 40.40
CA LYS Y 147 -10.64 2.29 41.11
C LYS Y 147 -11.44 3.49 41.58
N SER Y 148 -12.30 4.05 40.73
CA SER Y 148 -13.12 5.17 41.15
C SER Y 148 -14.11 4.77 42.23
N SER Y 149 -14.52 3.50 42.25
CA SER Y 149 -15.33 3.01 43.37
C SER Y 149 -14.52 2.98 44.67
N MET Y 150 -13.36 2.32 44.63
CA MET Y 150 -12.54 2.24 45.84
C MET Y 150 -12.08 3.61 46.30
N LYS Y 151 -11.97 4.58 45.39
CA LYS Y 151 -11.60 5.93 45.79
C LYS Y 151 -12.61 6.52 46.76
N LYS Y 152 -13.87 6.10 46.65
CA LYS Y 152 -14.91 6.56 47.57
C LYS Y 152 -15.09 5.62 48.75
N LEU Y 153 -14.87 4.31 48.59
CA LEU Y 153 -15.10 3.36 49.67
C LEU Y 153 -13.91 3.14 50.58
N TYR Y 154 -12.71 3.58 50.19
CA TYR Y 154 -11.50 3.14 50.88
C TYR Y 154 -11.41 3.64 52.31
N SER Y 155 -12.08 4.73 52.65
CA SER Y 155 -12.07 5.19 54.04
C SER Y 155 -12.74 4.19 54.97
N GLN Y 156 -13.54 3.27 54.44
CA GLN Y 156 -14.19 2.25 55.26
C GLN Y 156 -13.27 1.09 55.61
N VAL Y 157 -12.08 1.01 55.00
CA VAL Y 157 -11.19 -0.12 55.22
C VAL Y 157 -10.44 0.09 56.53
N THR Y 158 -10.77 -0.72 57.53
CA THR Y 158 -10.09 -0.68 58.82
C THR Y 158 -9.54 -2.02 59.26
N ASP Y 159 -9.96 -3.13 58.65
CA ASP Y 159 -9.42 -4.45 58.95
C ASP Y 159 -9.65 -5.34 57.72
N GLY Y 160 -9.39 -6.64 57.88
CA GLY Y 160 -9.52 -7.55 56.76
C GLY Y 160 -10.95 -7.70 56.28
N ASP Y 161 -11.92 -7.73 57.21
CA ASP Y 161 -13.32 -7.81 56.83
C ASP Y 161 -13.71 -6.63 55.95
N SER Y 162 -13.45 -5.40 56.44
CA SER Y 162 -13.82 -4.22 55.67
C SER Y 162 -13.13 -4.21 54.31
N GLY Y 163 -11.82 -4.47 54.28
CA GLY Y 163 -11.10 -4.48 53.03
C GLY Y 163 -11.68 -5.48 52.03
N LEU Y 164 -12.01 -6.68 52.50
CA LEU Y 164 -12.62 -7.66 51.62
C LEU Y 164 -13.97 -7.16 51.09
N ARG Y 165 -14.77 -6.55 51.97
CA ARG Y 165 -16.03 -5.96 51.53
C ARG Y 165 -15.80 -4.94 50.41
N VAL Y 166 -14.92 -3.96 50.66
CA VAL Y 166 -14.65 -2.94 49.66
C VAL Y 166 -14.20 -3.57 48.35
N ALA Y 167 -13.35 -4.58 48.42
CA ALA Y 167 -12.84 -5.21 47.20
C ALA Y 167 -13.95 -5.86 46.40
N VAL Y 168 -14.79 -6.65 47.09
CA VAL Y 168 -15.91 -7.30 46.39
C VAL Y 168 -16.85 -6.28 45.79
N GLU Y 169 -17.09 -5.17 46.50
CA GLU Y 169 -17.97 -4.14 45.96
C GLU Y 169 -17.35 -3.48 44.73
N ALA Y 170 -16.04 -3.25 44.76
CA ALA Y 170 -15.36 -2.69 43.60
C ALA Y 170 -15.50 -3.60 42.39
N LEU Y 171 -15.31 -4.91 42.57
CA LEU Y 171 -15.57 -5.83 41.48
C LEU Y 171 -17.02 -5.76 41.02
N TYR Y 172 -17.94 -5.51 41.96
CA TYR Y 172 -19.35 -5.41 41.61
C TYR Y 172 -19.62 -4.20 40.73
N ASP Y 173 -19.07 -3.04 41.08
CA ASP Y 173 -19.22 -1.86 40.24
C ASP Y 173 -18.57 -2.05 38.88
N ALA Y 174 -17.38 -2.66 38.85
CA ALA Y 174 -16.75 -3.00 37.58
C ALA Y 174 -17.70 -3.82 36.72
N ALA Y 175 -18.16 -4.96 37.24
CA ALA Y 175 -19.11 -5.79 36.49
C ALA Y 175 -20.35 -5.00 36.09
N ASP Y 176 -20.71 -3.99 36.88
CA ASP Y 176 -21.92 -3.23 36.61
C ASP Y 176 -21.77 -2.32 35.40
N ASP Y 177 -20.56 -1.79 35.17
CA ASP Y 177 -20.35 -0.89 34.05
C ASP Y 177 -19.58 -1.49 32.88
N ASP Y 178 -18.94 -2.65 33.06
CA ASP Y 178 -18.11 -3.25 32.03
C ASP Y 178 -18.59 -4.67 31.76
N SER Y 179 -18.96 -4.94 30.50
CA SER Y 179 -19.54 -6.23 30.15
C SER Y 179 -18.52 -7.35 30.09
N ALA Y 180 -17.23 -7.03 29.97
CA ALA Y 180 -16.18 -8.04 30.00
C ALA Y 180 -15.77 -8.43 31.42
N THR Y 181 -16.48 -7.92 32.43
CA THR Y 181 -16.28 -8.30 33.82
C THR Y 181 -17.59 -8.88 34.35
N GLY Y 182 -17.54 -10.11 34.84
CA GLY Y 182 -18.74 -10.80 35.26
C GLY Y 182 -19.05 -10.56 36.73
N GLY Y 183 -20.29 -10.16 37.00
CA GLY Y 183 -20.72 -9.98 38.36
C GLY Y 183 -21.11 -11.29 39.03
N PRO Y 184 -21.50 -11.19 40.29
CA PRO Y 184 -21.96 -12.39 41.01
C PRO Y 184 -23.10 -13.05 40.25
N ASP Y 185 -23.04 -14.38 40.17
CA ASP Y 185 -24.04 -15.20 39.48
C ASP Y 185 -24.79 -15.99 40.56
N LEU Y 186 -25.89 -15.41 41.05
CA LEU Y 186 -26.63 -16.07 42.13
C LEU Y 186 -27.31 -17.36 41.67
N VAL Y 187 -27.63 -17.48 40.37
CA VAL Y 187 -28.26 -18.69 39.88
C VAL Y 187 -27.31 -19.87 39.98
N ARG Y 188 -26.06 -19.69 39.56
CA ARG Y 188 -25.09 -20.78 39.51
C ARG Y 188 -24.21 -20.87 40.75
N GLY Y 189 -24.26 -19.90 41.65
CA GLY Y 189 -23.42 -19.93 42.84
C GLY Y 189 -21.96 -19.69 42.57
N ILE Y 190 -21.64 -18.83 41.62
CA ILE Y 190 -20.27 -18.51 41.25
C ILE Y 190 -19.99 -17.06 41.64
N PHE Y 191 -18.91 -16.85 42.37
CA PHE Y 191 -18.58 -15.53 42.89
C PHE Y 191 -17.10 -15.24 42.65
N PRO Y 192 -16.72 -13.97 42.60
CA PRO Y 192 -15.31 -13.63 42.39
C PRO Y 192 -14.41 -14.41 43.33
N THR Y 193 -13.17 -14.62 42.90
CA THR Y 193 -12.20 -15.22 43.79
C THR Y 193 -11.46 -14.13 44.54
N ALA Y 194 -10.88 -14.51 45.67
CA ALA Y 194 -10.13 -13.56 46.48
C ALA Y 194 -9.08 -14.29 47.30
N VAL Y 195 -7.98 -13.61 47.54
CA VAL Y 195 -6.90 -14.05 48.41
C VAL Y 195 -6.66 -12.93 49.41
N ILE Y 196 -6.32 -13.33 50.64
CA ILE Y 196 -5.93 -12.39 51.68
C ILE Y 196 -4.56 -12.78 52.19
N ILE Y 197 -3.69 -11.79 52.40
CA ILE Y 197 -2.31 -12.02 52.82
C ILE Y 197 -2.02 -11.19 54.06
N ASP Y 198 -1.43 -11.82 55.06
CA ASP Y 198 -0.94 -11.08 56.23
C ASP Y 198 0.31 -11.80 56.74
N ALA Y 199 0.71 -11.48 57.98
CA ALA Y 199 1.94 -12.02 58.55
C ALA Y 199 1.96 -13.54 58.53
N ASP Y 200 0.79 -14.18 58.65
CA ASP Y 200 0.68 -15.63 58.68
C ASP Y 200 0.61 -16.27 57.29
N GLY Y 201 0.84 -15.50 56.24
CA GLY Y 201 0.84 -16.02 54.89
C GLY Y 201 -0.36 -15.57 54.09
N ALA Y 202 -0.52 -16.22 52.94
CA ALA Y 202 -1.58 -15.92 51.98
C ALA Y 202 -2.54 -17.09 51.93
N VAL Y 203 -3.84 -16.81 52.08
CA VAL Y 203 -4.86 -17.85 52.09
C VAL Y 203 -5.97 -17.47 51.12
N ASP Y 204 -6.51 -18.50 50.46
CA ASP Y 204 -7.70 -18.32 49.63
C ASP Y 204 -8.90 -18.02 50.51
N VAL Y 205 -9.78 -17.15 50.01
CA VAL Y 205 -11.02 -16.82 50.69
C VAL Y 205 -12.07 -17.85 50.27
N PRO Y 206 -12.70 -18.55 51.21
CA PRO Y 206 -13.75 -19.50 50.82
C PRO Y 206 -14.82 -18.81 49.98
N GLU Y 207 -15.38 -19.55 49.02
CA GLU Y 207 -16.39 -18.97 48.16
C GLU Y 207 -17.59 -18.48 48.95
N SER Y 208 -17.93 -19.15 50.05
CA SER Y 208 -19.16 -18.83 50.78
C SER Y 208 -19.09 -17.45 51.43
N ARG Y 209 -17.89 -17.01 51.84
CA ARG Y 209 -17.76 -15.68 52.41
C ARG Y 209 -17.98 -14.61 51.36
N ILE Y 210 -17.37 -14.79 50.18
CA ILE Y 210 -17.64 -13.87 49.07
C ILE Y 210 -19.13 -13.89 48.74
N ALA Y 211 -19.77 -15.05 48.87
CA ALA Y 211 -21.22 -15.13 48.68
C ALA Y 211 -21.95 -14.21 49.65
N GLU Y 212 -21.63 -14.31 50.94
CA GLU Y 212 -22.25 -13.44 51.93
C GLU Y 212 -22.08 -11.97 51.56
N LEU Y 213 -20.85 -11.58 51.19
CA LEU Y 213 -20.61 -10.17 50.86
C LEU Y 213 -21.39 -9.75 49.61
N ALA Y 214 -21.46 -10.62 48.60
CA ALA Y 214 -22.18 -10.30 47.39
C ALA Y 214 -23.66 -10.09 47.68
N ARG Y 215 -24.26 -10.98 48.47
CA ARG Y 215 -25.67 -10.81 48.82
C ARG Y 215 -25.88 -9.53 49.60
N ALA Y 216 -24.95 -9.19 50.50
CA ALA Y 216 -25.06 -7.91 51.21
C ALA Y 216 -25.06 -6.74 50.24
N ILE Y 217 -24.12 -6.72 49.29
CA ILE Y 217 -24.04 -5.62 48.32
C ILE Y 217 -25.34 -5.53 47.52
N ILE Y 218 -25.81 -6.66 47.00
CA ILE Y 218 -27.03 -6.67 46.19
C ILE Y 218 -28.20 -6.11 47.00
N GLU Y 219 -28.49 -6.71 48.16
CA GLU Y 219 -29.62 -6.25 48.96
C GLU Y 219 -29.47 -4.77 49.30
N SER Y 220 -28.25 -4.31 49.53
CA SER Y 220 -28.04 -2.88 49.78
C SER Y 220 -28.49 -2.05 48.59
N ARG Y 221 -28.06 -2.43 47.37
CA ARG Y 221 -28.47 -1.69 46.18
C ARG Y 221 -29.94 -1.83 45.88
N SER Y 222 -30.63 -2.83 46.45
CA SER Y 222 -32.03 -3.08 46.12
C SER Y 222 -32.97 -2.19 46.92
N GLY Y 223 -32.87 -2.22 48.25
CA GLY Y 223 -33.76 -1.45 49.10
C GLY Y 223 -34.47 -2.30 50.14
N THR Z 1 -17.42 -28.72 10.75
CA THR Z 1 -17.15 -29.71 11.78
C THR Z 1 -17.86 -29.37 13.09
N THR Z 2 -18.27 -30.41 13.81
CA THR Z 2 -18.73 -30.23 15.18
C THR Z 2 -18.29 -31.43 16.01
N ILE Z 3 -17.63 -31.16 17.13
CA ILE Z 3 -17.28 -32.17 18.12
C ILE Z 3 -17.98 -31.79 19.41
N VAL Z 4 -18.63 -32.76 20.03
CA VAL Z 4 -19.28 -32.53 21.33
C VAL Z 4 -18.68 -33.51 22.33
N ALA Z 5 -18.71 -33.10 23.60
CA ALA Z 5 -18.29 -33.95 24.70
C ALA Z 5 -19.15 -33.58 25.91
N LEU Z 6 -19.56 -34.60 26.67
CA LEU Z 6 -20.38 -34.37 27.84
C LEU Z 6 -20.09 -35.44 28.88
N LYS Z 7 -20.26 -35.06 30.15
CA LYS Z 7 -20.08 -35.98 31.27
C LYS Z 7 -21.41 -36.62 31.64
N TYR Z 8 -21.32 -37.86 32.12
CA TYR Z 8 -22.46 -38.56 32.68
C TYR Z 8 -21.97 -39.29 33.92
N PRO Z 9 -22.88 -39.70 34.81
CA PRO Z 9 -22.45 -40.35 36.05
C PRO Z 9 -21.58 -41.57 35.81
N GLY Z 10 -20.28 -41.42 36.02
CA GLY Z 10 -19.34 -42.51 35.86
C GLY Z 10 -18.50 -42.49 34.61
N GLY Z 11 -18.61 -41.45 33.79
CA GLY Z 11 -17.79 -41.39 32.60
C GLY Z 11 -18.08 -40.17 31.76
N VAL Z 12 -17.62 -40.23 30.51
CA VAL Z 12 -17.68 -39.13 29.57
C VAL Z 12 -17.90 -39.70 28.18
N VAL Z 13 -18.45 -38.86 27.30
CA VAL Z 13 -18.73 -39.25 25.92
C VAL Z 13 -18.33 -38.12 24.99
N MET Z 14 -17.76 -38.48 23.83
CA MET Z 14 -17.39 -37.52 22.81
C MET Z 14 -17.85 -38.04 21.46
N ALA Z 15 -18.24 -37.13 20.57
CA ALA Z 15 -18.75 -37.54 19.27
C ALA Z 15 -18.50 -36.44 18.25
N GLY Z 16 -18.35 -36.84 16.99
CA GLY Z 16 -18.08 -35.89 15.93
C GLY Z 16 -18.69 -36.32 14.62
N ASP Z 17 -18.86 -35.33 13.73
CA ASP Z 17 -19.46 -35.55 12.43
C ASP Z 17 -18.43 -36.12 11.45
N ARG Z 18 -18.85 -36.28 10.19
CA ARG Z 18 -18.07 -37.03 9.21
C ARG Z 18 -17.80 -36.23 7.94
N ARG Z 19 -18.03 -34.92 7.95
CA ARG Z 19 -18.00 -34.11 6.73
C ARG Z 19 -16.64 -33.42 6.56
N SER Z 20 -16.21 -33.35 5.30
CA SER Z 20 -14.99 -32.67 4.90
C SER Z 20 -15.31 -31.80 3.69
N THR Z 21 -14.87 -30.54 3.72
CA THR Z 21 -15.22 -29.55 2.71
C THR Z 21 -13.99 -28.81 2.19
N GLN Z 22 -14.06 -28.41 0.93
CA GLN Z 22 -13.20 -27.39 0.33
C GLN Z 22 -14.12 -26.24 -0.09
N GLY Z 23 -14.21 -25.21 0.75
CA GLY Z 23 -15.17 -24.16 0.50
C GLY Z 23 -16.60 -24.68 0.51
N ASN Z 24 -17.28 -24.57 -0.62
CA ASN Z 24 -18.64 -25.09 -0.72
C ASN Z 24 -18.69 -26.55 -1.15
N MET Z 25 -17.64 -27.06 -1.79
CA MET Z 25 -17.67 -28.43 -2.30
C MET Z 25 -17.41 -29.43 -1.18
N ILE Z 26 -18.17 -30.51 -1.19
CA ILE Z 26 -18.02 -31.59 -0.23
C ILE Z 26 -16.94 -32.54 -0.72
N SER Z 27 -15.94 -32.78 0.13
CA SER Z 27 -14.80 -33.62 -0.23
C SER Z 27 -14.64 -34.84 0.66
N GLY Z 28 -15.43 -34.97 1.72
CA GLY Z 28 -15.39 -36.15 2.56
C GLY Z 28 -16.71 -36.45 3.24
N ARG Z 29 -17.12 -37.72 3.24
CA ARG Z 29 -18.35 -38.14 3.91
C ARG Z 29 -18.13 -39.10 5.05
N ASP Z 30 -16.93 -39.65 5.22
CA ASP Z 30 -16.68 -40.70 6.19
C ASP Z 30 -15.44 -40.42 7.04
N VAL Z 31 -15.04 -39.15 7.15
CA VAL Z 31 -13.81 -38.83 7.87
C VAL Z 31 -14.05 -38.97 9.36
N ARG Z 32 -13.02 -39.42 10.08
CA ARG Z 32 -13.08 -39.68 11.51
C ARG Z 32 -12.31 -38.59 12.24
N LYS Z 33 -13.01 -37.82 13.07
CA LYS Z 33 -12.43 -36.67 13.76
C LYS Z 33 -12.26 -36.90 15.26
N VAL Z 34 -12.73 -38.03 15.77
CA VAL Z 34 -12.62 -38.36 17.19
C VAL Z 34 -11.67 -39.54 17.31
N TYR Z 35 -10.59 -39.36 18.07
CA TYR Z 35 -9.54 -40.36 18.21
C TYR Z 35 -9.33 -40.71 19.67
N ILE Z 36 -9.28 -41.99 19.97
CA ILE Z 36 -8.82 -42.47 21.28
C ILE Z 36 -7.32 -42.24 21.31
N THR Z 37 -6.86 -41.30 22.14
CA THR Z 37 -5.45 -40.97 22.16
C THR Z 37 -4.67 -41.73 23.24
N ASP Z 38 -5.35 -42.29 24.22
CA ASP Z 38 -4.76 -43.30 25.10
C ASP Z 38 -5.92 -44.04 25.79
N ASP Z 39 -5.59 -44.90 26.75
CA ASP Z 39 -6.61 -45.77 27.33
C ASP Z 39 -7.76 -44.99 27.99
N TYR Z 40 -7.56 -43.71 28.32
CA TYR Z 40 -8.55 -42.99 29.12
C TYR Z 40 -8.86 -41.59 28.59
N THR Z 41 -8.47 -41.27 27.37
CA THR Z 41 -8.78 -39.97 26.79
C THR Z 41 -9.12 -40.12 25.32
N ALA Z 42 -9.92 -39.19 24.83
CA ALA Z 42 -10.22 -39.02 23.43
C ALA Z 42 -10.09 -37.53 23.10
N THR Z 43 -9.57 -37.24 21.91
CA THR Z 43 -9.49 -35.88 21.42
C THR Z 43 -10.20 -35.80 20.08
N GLY Z 44 -11.04 -34.78 19.92
CA GLY Z 44 -11.65 -34.49 18.63
C GLY Z 44 -11.16 -33.13 18.19
N ILE Z 45 -10.97 -32.96 16.88
CA ILE Z 45 -10.30 -31.76 16.40
C ILE Z 45 -11.06 -31.18 15.21
N ALA Z 46 -11.19 -29.85 15.20
CA ALA Z 46 -11.83 -29.12 14.13
C ALA Z 46 -10.81 -28.22 13.43
N GLY Z 47 -10.97 -28.03 12.13
CA GLY Z 47 -10.06 -27.17 11.40
C GLY Z 47 -9.43 -27.84 10.20
N THR Z 48 -8.21 -27.44 9.85
CA THR Z 48 -7.56 -27.99 8.67
C THR Z 48 -7.30 -29.48 8.87
N ALA Z 49 -7.82 -30.30 7.95
CA ALA Z 49 -7.76 -31.75 8.11
C ALA Z 49 -6.34 -32.23 8.36
N ALA Z 50 -5.41 -31.87 7.48
CA ALA Z 50 -4.02 -32.30 7.64
C ALA Z 50 -3.52 -31.99 9.05
N VAL Z 51 -3.83 -30.80 9.55
CA VAL Z 51 -3.33 -30.42 10.86
C VAL Z 51 -4.03 -31.21 11.95
N ALA Z 52 -5.35 -31.39 11.84
CA ALA Z 52 -6.07 -32.11 12.89
C ALA Z 52 -5.59 -33.55 13.00
N VAL Z 53 -5.41 -34.22 11.86
CA VAL Z 53 -4.91 -35.59 11.88
C VAL Z 53 -3.49 -35.64 12.43
N GLU Z 54 -2.62 -34.73 11.96
CA GLU Z 54 -1.27 -34.67 12.51
C GLU Z 54 -1.30 -34.49 14.03
N PHE Z 55 -2.26 -33.70 14.53
CA PHE Z 55 -2.38 -33.46 15.97
C PHE Z 55 -2.77 -34.75 16.70
N ALA Z 56 -3.87 -35.37 16.31
CA ALA Z 56 -4.28 -36.60 16.97
C ALA Z 56 -3.13 -37.61 17.00
N ARG Z 57 -2.48 -37.80 15.85
CA ARG Z 57 -1.43 -38.80 15.75
C ARG Z 57 -0.25 -38.45 16.66
N LEU Z 58 0.36 -37.29 16.45
CA LEU Z 58 1.52 -36.92 17.24
C LEU Z 58 1.20 -36.88 18.73
N TYR Z 59 -0.02 -36.47 19.07
CA TYR Z 59 -0.42 -36.40 20.47
C TYR Z 59 -0.43 -37.78 21.12
N ALA Z 60 -1.17 -38.72 20.52
CA ALA Z 60 -1.17 -40.09 21.04
C ALA Z 60 0.25 -40.61 21.18
N VAL Z 61 1.07 -40.42 20.14
CA VAL Z 61 2.45 -40.89 20.21
C VAL Z 61 3.17 -40.27 21.40
N GLU Z 62 2.92 -38.98 21.68
CA GLU Z 62 3.62 -38.32 22.78
C GLU Z 62 3.21 -38.92 24.12
N LEU Z 63 1.90 -39.07 24.35
CA LEU Z 63 1.43 -39.67 25.61
C LEU Z 63 2.05 -41.04 25.82
N GLU Z 64 1.96 -41.91 24.83
CA GLU Z 64 2.51 -43.26 25.00
C GLU Z 64 4.03 -43.20 25.19
N HIS Z 65 4.71 -42.33 24.45
CA HIS Z 65 6.14 -42.14 24.61
C HIS Z 65 6.48 -41.89 26.07
N TYR Z 66 5.87 -40.86 26.67
CA TYR Z 66 6.14 -40.60 28.09
C TYR Z 66 5.85 -41.84 28.92
N GLU Z 67 4.72 -42.51 28.68
CA GLU Z 67 4.38 -43.69 29.47
C GLU Z 67 5.51 -44.73 29.44
N LYS Z 68 6.01 -45.05 28.25
CA LYS Z 68 7.03 -46.08 28.13
C LYS Z 68 8.37 -45.61 28.70
N LEU Z 69 8.68 -44.32 28.60
CA LEU Z 69 9.94 -43.83 29.14
C LEU Z 69 9.95 -43.86 30.66
N GLU Z 70 8.88 -43.37 31.29
CA GLU Z 70 8.87 -43.19 32.73
C GLU Z 70 8.18 -44.32 33.48
N GLY Z 71 7.51 -45.24 32.79
CA GLY Z 71 6.87 -46.37 33.43
C GLY Z 71 5.50 -46.09 34.00
N VAL Z 72 4.99 -44.86 33.87
CA VAL Z 72 3.69 -44.49 34.40
C VAL Z 72 3.12 -43.42 33.48
N PRO Z 73 1.80 -43.38 33.26
CA PRO Z 73 1.25 -42.36 32.36
C PRO Z 73 1.19 -41.00 33.03
N LEU Z 74 1.22 -39.97 32.19
CA LEU Z 74 1.11 -38.60 32.69
C LEU Z 74 -0.18 -38.43 33.49
N THR Z 75 -0.13 -37.53 34.48
CA THR Z 75 -1.36 -37.10 35.11
C THR Z 75 -2.24 -36.41 34.08
N PHE Z 76 -3.55 -36.35 34.36
CA PHE Z 76 -4.44 -35.71 33.41
C PHE Z 76 -4.03 -34.27 33.14
N ALA Z 77 -3.57 -33.57 34.18
CA ALA Z 77 -3.10 -32.20 34.00
C ALA Z 77 -1.94 -32.15 33.00
N GLY Z 78 -0.98 -33.07 33.15
CA GLY Z 78 0.13 -33.09 32.20
C GLY Z 78 -0.34 -33.28 30.78
N LYS Z 79 -1.32 -34.16 30.56
CA LYS Z 79 -1.89 -34.33 29.24
C LYS Z 79 -2.47 -33.03 28.73
N ILE Z 80 -3.25 -32.33 29.55
CA ILE Z 80 -3.77 -31.02 29.16
C ILE Z 80 -2.62 -30.14 28.71
N ASN Z 81 -1.58 -30.05 29.53
CA ASN Z 81 -0.49 -29.12 29.25
C ASN Z 81 0.20 -29.45 27.93
N ARG Z 82 0.34 -30.75 27.61
CA ARG Z 82 1.02 -31.10 26.37
C ARG Z 82 0.15 -30.80 25.15
N LEU Z 83 -1.17 -31.08 25.24
CA LEU Z 83 -2.04 -30.71 24.13
C LEU Z 83 -2.03 -29.21 23.91
N ALA Z 84 -2.04 -28.43 25.01
CA ALA Z 84 -2.05 -26.97 24.89
C ALA Z 84 -0.74 -26.44 24.32
N ILE Z 85 0.39 -26.98 24.77
CA ILE Z 85 1.67 -26.55 24.19
C ILE Z 85 1.70 -26.87 22.69
N MET Z 86 1.20 -28.05 22.32
CA MET Z 86 1.15 -28.38 20.91
C MET Z 86 0.30 -27.38 20.12
N VAL Z 87 -0.86 -26.99 20.67
CA VAL Z 87 -1.69 -26.03 19.96
C VAL Z 87 -0.98 -24.69 19.85
N ARG Z 88 -0.37 -24.22 20.95
CA ARG Z 88 0.32 -22.95 20.92
C ARG Z 88 1.41 -22.94 19.84
N GLY Z 89 2.22 -24.00 19.78
CA GLY Z 89 3.28 -24.04 18.80
C GLY Z 89 2.81 -23.80 17.38
N ASN Z 90 1.58 -24.21 17.07
CA ASN Z 90 1.03 -24.12 15.73
C ASN Z 90 0.39 -22.78 15.43
N LEU Z 91 0.44 -21.82 16.37
CA LEU Z 91 -0.32 -20.59 16.20
C LEU Z 91 0.09 -19.82 14.94
N ALA Z 92 1.40 -19.75 14.65
CA ALA Z 92 1.84 -19.05 13.45
C ALA Z 92 1.19 -19.64 12.19
N ALA Z 93 1.35 -20.95 11.99
CA ALA Z 93 0.68 -21.61 10.87
C ALA Z 93 -0.82 -21.37 10.89
N ALA Z 94 -1.42 -21.42 12.08
CA ALA Z 94 -2.87 -21.20 12.19
C ALA Z 94 -3.26 -19.85 11.61
N MET Z 95 -2.58 -18.78 12.04
CA MET Z 95 -2.81 -17.47 11.44
C MET Z 95 -2.51 -17.47 9.95
N GLN Z 96 -1.68 -18.39 9.47
CA GLN Z 96 -1.50 -18.52 8.02
C GLN Z 96 -2.57 -19.40 7.35
N GLY Z 97 -3.61 -19.80 8.08
CA GLY Z 97 -4.67 -20.61 7.50
C GLY Z 97 -4.58 -22.09 7.75
N LEU Z 98 -3.69 -22.54 8.63
CA LEU Z 98 -3.60 -23.96 8.97
C LEU Z 98 -4.08 -24.17 10.39
N LEU Z 99 -5.35 -23.86 10.64
CA LEU Z 99 -5.91 -23.87 11.99
C LEU Z 99 -6.28 -25.28 12.44
N ALA Z 100 -6.21 -25.51 13.75
CA ALA Z 100 -6.64 -26.77 14.33
C ALA Z 100 -6.94 -26.54 15.80
N LEU Z 101 -8.20 -26.74 16.19
CA LEU Z 101 -8.63 -26.61 17.58
C LEU Z 101 -9.04 -27.96 18.11
N PRO Z 102 -8.42 -28.44 19.19
CA PRO Z 102 -8.83 -29.71 19.79
C PRO Z 102 -9.88 -29.54 20.87
N LEU Z 103 -10.47 -30.67 21.26
CA LEU Z 103 -11.37 -30.81 22.38
C LEU Z 103 -11.01 -32.11 23.07
N LEU Z 104 -10.81 -32.06 24.38
CA LEU Z 104 -10.25 -33.18 25.12
C LEU Z 104 -11.29 -33.72 26.09
N ALA Z 105 -11.51 -35.04 26.06
CA ALA Z 105 -12.39 -35.70 27.01
C ALA Z 105 -11.64 -36.86 27.64
N GLY Z 106 -11.75 -37.02 28.96
CA GLY Z 106 -11.00 -38.07 29.62
C GLY Z 106 -11.70 -38.57 30.87
N TYR Z 107 -11.16 -39.67 31.40
CA TYR Z 107 -11.52 -40.20 32.70
C TYR Z 107 -10.25 -40.22 33.54
N ASP Z 108 -10.24 -39.47 34.63
CA ASP Z 108 -9.05 -39.33 35.48
C ASP Z 108 -9.05 -40.44 36.51
N ILE Z 109 -8.15 -41.41 36.33
CA ILE Z 109 -8.06 -42.55 37.24
C ILE Z 109 -7.48 -42.18 38.59
N HIS Z 110 -7.02 -40.95 38.77
CA HIS Z 110 -6.48 -40.49 40.05
C HIS Z 110 -7.41 -39.49 40.73
N ALA Z 111 -8.62 -39.31 40.22
CA ALA Z 111 -9.57 -38.42 40.87
C ALA Z 111 -10.15 -39.05 42.13
N SER Z 112 -10.61 -38.19 43.03
CA SER Z 112 -11.21 -38.64 44.29
C SER Z 112 -12.51 -39.40 44.04
N ASP Z 113 -13.54 -38.69 43.60
CA ASP Z 113 -14.86 -39.29 43.35
C ASP Z 113 -14.91 -39.92 41.97
N PRO Z 114 -14.97 -41.25 41.88
CA PRO Z 114 -14.92 -41.90 40.56
C PRO Z 114 -16.14 -41.65 39.67
N GLN Z 115 -17.30 -41.32 40.22
CA GLN Z 115 -18.46 -41.09 39.38
C GLN Z 115 -18.49 -39.70 38.78
N SER Z 116 -17.67 -38.78 39.28
CA SER Z 116 -17.49 -37.46 38.69
C SER Z 116 -16.08 -37.28 38.13
N ALA Z 117 -15.36 -38.37 37.91
CA ALA Z 117 -13.98 -38.31 37.45
C ALA Z 117 -13.86 -37.91 35.98
N GLY Z 118 -14.97 -37.85 35.25
CA GLY Z 118 -14.92 -37.40 33.87
C GLY Z 118 -14.40 -35.99 33.77
N ARG Z 119 -13.75 -35.70 32.64
CA ARG Z 119 -13.09 -34.43 32.41
C ARG Z 119 -13.32 -33.99 30.97
N ILE Z 120 -13.57 -32.70 30.79
CA ILE Z 120 -13.72 -32.10 29.46
C ILE Z 120 -12.95 -30.78 29.46
N VAL Z 121 -12.00 -30.65 28.53
CA VAL Z 121 -11.13 -29.49 28.42
C VAL Z 121 -11.27 -28.92 27.02
N SER Z 122 -11.50 -27.61 26.94
CA SER Z 122 -11.57 -26.91 25.66
C SER Z 122 -10.34 -26.04 25.45
N PHE Z 123 -10.09 -25.70 24.19
CA PHE Z 123 -8.85 -25.02 23.81
C PHE Z 123 -9.14 -23.94 22.79
N ASP Z 124 -8.31 -22.91 22.80
CA ASP Z 124 -8.28 -21.89 21.75
C ASP Z 124 -6.98 -21.94 20.97
N ALA Z 125 -6.91 -21.14 19.91
CA ALA Z 125 -5.77 -21.19 18.99
C ALA Z 125 -4.47 -20.68 19.62
N ALA Z 126 -4.53 -20.05 20.78
CA ALA Z 126 -3.33 -19.53 21.43
C ALA Z 126 -2.72 -20.52 22.42
N GLY Z 127 -3.27 -21.73 22.51
CA GLY Z 127 -2.85 -22.66 23.54
C GLY Z 127 -3.63 -22.55 24.83
N GLY Z 128 -4.63 -21.67 24.89
CA GLY Z 128 -5.47 -21.61 26.07
C GLY Z 128 -6.18 -22.93 26.31
N TRP Z 129 -6.41 -23.24 27.58
CA TRP Z 129 -7.14 -24.44 27.96
C TRP Z 129 -8.05 -24.11 29.13
N ASN Z 130 -9.20 -24.77 29.17
CA ASN Z 130 -10.17 -24.56 30.24
C ASN Z 130 -10.85 -25.88 30.56
N ILE Z 131 -10.77 -26.28 31.82
CA ILE Z 131 -11.46 -27.48 32.29
C ILE Z 131 -12.94 -27.13 32.48
N GLU Z 132 -13.80 -27.80 31.73
CA GLU Z 132 -15.22 -27.48 31.73
C GLU Z 132 -15.88 -27.97 33.01
N GLU Z 133 -16.63 -27.08 33.66
CA GLU Z 133 -17.29 -27.41 34.92
C GLU Z 133 -18.80 -27.58 34.80
N GLU Z 134 -19.37 -27.42 33.60
CA GLU Z 134 -20.82 -27.48 33.46
C GLU Z 134 -21.30 -28.68 32.65
N GLY Z 135 -20.43 -29.66 32.39
CA GLY Z 135 -20.87 -30.97 31.96
C GLY Z 135 -20.77 -31.25 30.47
N TYR Z 136 -20.83 -30.22 29.63
CA TYR Z 136 -20.78 -30.41 28.19
C TYR Z 136 -19.94 -29.31 27.55
N GLN Z 137 -19.66 -29.49 26.26
CA GLN Z 137 -18.86 -28.53 25.50
C GLN Z 137 -18.74 -29.05 24.08
N ALA Z 138 -18.39 -28.15 23.17
CA ALA Z 138 -18.26 -28.51 21.76
C ALA Z 138 -17.28 -27.56 21.08
N VAL Z 139 -16.78 -27.97 19.92
CA VAL Z 139 -15.88 -27.17 19.11
C VAL Z 139 -16.25 -27.36 17.64
N GLY Z 140 -15.95 -26.34 16.84
CA GLY Z 140 -16.19 -26.39 15.40
C GLY Z 140 -17.23 -25.39 14.96
N SER Z 141 -17.41 -25.34 13.64
CA SER Z 141 -18.33 -24.36 13.05
C SER Z 141 -19.77 -24.55 13.51
N GLY Z 142 -20.12 -25.72 13.99
CA GLY Z 142 -21.44 -25.95 14.56
C GLY Z 142 -21.47 -25.97 16.06
N SER Z 143 -20.35 -25.68 16.73
CA SER Z 143 -20.27 -25.83 18.17
C SER Z 143 -21.33 -25.01 18.90
N LEU Z 144 -21.70 -23.85 18.36
CA LEU Z 144 -22.68 -23.01 19.05
C LEU Z 144 -24.06 -23.65 19.06
N PHE Z 145 -24.50 -24.14 17.90
CA PHE Z 145 -25.78 -24.84 17.85
C PHE Z 145 -25.78 -26.07 18.76
N ALA Z 146 -24.68 -26.82 18.76
CA ALA Z 146 -24.56 -27.98 19.63
C ALA Z 146 -24.69 -27.58 21.10
N LYS Z 147 -23.89 -26.59 21.52
CA LYS Z 147 -23.91 -26.18 22.92
C LYS Z 147 -25.30 -25.70 23.34
N SER Z 148 -25.99 -24.95 22.48
CA SER Z 148 -27.31 -24.48 22.84
C SER Z 148 -28.32 -25.63 22.89
N SER Z 149 -28.14 -26.66 22.08
CA SER Z 149 -28.99 -27.84 22.21
C SER Z 149 -28.75 -28.55 23.54
N MET Z 150 -27.48 -28.82 23.86
CA MET Z 150 -27.16 -29.52 25.09
C MET Z 150 -27.60 -28.73 26.32
N LYS Z 151 -27.55 -27.39 26.24
CA LYS Z 151 -28.06 -26.61 27.36
C LYS Z 151 -29.48 -27.02 27.73
N LYS Z 152 -30.28 -27.37 26.73
CA LYS Z 152 -31.66 -27.79 26.96
C LYS Z 152 -31.79 -29.28 27.23
N LEU Z 153 -30.88 -30.10 26.67
CA LEU Z 153 -31.01 -31.54 26.78
C LEU Z 153 -30.23 -32.17 27.92
N TYR Z 154 -29.43 -31.40 28.66
CA TYR Z 154 -28.45 -32.00 29.55
C TYR Z 154 -29.10 -32.58 30.81
N SER Z 155 -30.21 -31.98 31.26
CA SER Z 155 -30.91 -32.52 32.43
C SER Z 155 -31.36 -33.96 32.22
N GLN Z 156 -31.43 -34.42 30.97
CA GLN Z 156 -31.85 -35.78 30.66
C GLN Z 156 -30.71 -36.79 30.74
N VAL Z 157 -29.52 -36.37 31.18
CA VAL Z 157 -28.34 -37.22 31.16
C VAL Z 157 -28.24 -37.90 32.53
N THR Z 158 -28.63 -39.18 32.57
CA THR Z 158 -28.59 -39.96 33.80
C THR Z 158 -27.68 -41.18 33.73
N ASP Z 159 -27.27 -41.60 32.53
CA ASP Z 159 -26.35 -42.73 32.38
C ASP Z 159 -25.60 -42.56 31.06
N GLY Z 160 -24.89 -43.61 30.65
CA GLY Z 160 -24.17 -43.55 29.40
C GLY Z 160 -25.08 -43.51 28.18
N ASP Z 161 -26.21 -44.22 28.24
CA ASP Z 161 -27.11 -44.28 27.10
C ASP Z 161 -27.73 -42.92 26.82
N SER Z 162 -28.24 -42.25 27.86
CA SER Z 162 -28.82 -40.93 27.66
C SER Z 162 -27.75 -39.91 27.27
N GLY Z 163 -26.54 -40.04 27.80
CA GLY Z 163 -25.47 -39.15 27.37
C GLY Z 163 -25.15 -39.31 25.90
N LEU Z 164 -25.03 -40.56 25.46
CA LEU Z 164 -24.80 -40.82 24.03
C LEU Z 164 -25.93 -40.24 23.19
N ARG Z 165 -27.18 -40.51 23.58
CA ARG Z 165 -28.31 -40.01 22.82
C ARG Z 165 -28.28 -38.49 22.71
N VAL Z 166 -27.99 -37.80 23.81
CA VAL Z 166 -27.94 -36.34 23.77
C VAL Z 166 -26.80 -35.87 22.88
N ALA Z 167 -25.62 -36.49 22.99
CA ALA Z 167 -24.51 -36.11 22.12
C ALA Z 167 -24.89 -36.23 20.65
N VAL Z 168 -25.50 -37.35 20.28
CA VAL Z 168 -25.92 -37.55 18.90
C VAL Z 168 -26.93 -36.48 18.49
N GLU Z 169 -27.83 -36.11 19.41
CA GLU Z 169 -28.82 -35.10 19.06
C GLU Z 169 -28.19 -33.72 18.88
N ALA Z 170 -27.21 -33.37 19.73
CA ALA Z 170 -26.51 -32.11 19.59
C ALA Z 170 -25.79 -32.04 18.24
N LEU Z 171 -25.10 -33.11 17.87
CA LEU Z 171 -24.52 -33.16 16.53
C LEU Z 171 -25.59 -33.01 15.46
N TYR Z 172 -26.76 -33.61 15.67
CA TYR Z 172 -27.84 -33.52 14.69
C TYR Z 172 -28.28 -32.07 14.51
N ASP Z 173 -28.50 -31.34 15.60
CA ASP Z 173 -28.88 -29.94 15.51
C ASP Z 173 -27.81 -29.12 14.82
N ALA Z 174 -26.55 -29.36 15.20
CA ALA Z 174 -25.42 -28.72 14.53
C ALA Z 174 -25.53 -28.86 13.02
N ALA Z 175 -25.57 -30.10 12.53
CA ALA Z 175 -25.69 -30.31 11.09
C ALA Z 175 -26.95 -29.62 10.54
N ASP Z 176 -28.01 -29.56 11.35
CA ASP Z 176 -29.25 -28.93 10.93
C ASP Z 176 -29.08 -27.44 10.63
N ASP Z 177 -28.17 -26.76 11.35
CA ASP Z 177 -28.00 -25.32 11.15
C ASP Z 177 -26.64 -24.91 10.60
N ASP Z 178 -25.68 -25.81 10.49
CA ASP Z 178 -24.35 -25.49 9.97
C ASP Z 178 -24.06 -26.37 8.77
N SER Z 179 -23.95 -25.78 7.59
CA SER Z 179 -23.75 -26.57 6.38
C SER Z 179 -22.38 -27.23 6.33
N ALA Z 180 -21.47 -26.88 7.24
CA ALA Z 180 -20.16 -27.49 7.30
C ALA Z 180 -20.09 -28.63 8.32
N THR Z 181 -21.22 -29.00 8.92
CA THR Z 181 -21.31 -30.16 9.79
C THR Z 181 -22.26 -31.17 9.16
N GLY Z 182 -21.80 -32.40 9.01
CA GLY Z 182 -22.58 -33.41 8.30
C GLY Z 182 -23.63 -34.05 9.20
N GLY Z 183 -24.84 -34.17 8.67
CA GLY Z 183 -25.88 -34.88 9.36
C GLY Z 183 -25.82 -36.37 9.08
N PRO Z 184 -26.71 -37.12 9.72
CA PRO Z 184 -26.81 -38.56 9.43
C PRO Z 184 -27.18 -38.80 7.98
N ASP Z 185 -26.43 -39.69 7.33
CA ASP Z 185 -26.67 -40.06 5.94
C ASP Z 185 -27.31 -41.45 5.95
N LEU Z 186 -28.59 -41.52 5.66
CA LEU Z 186 -29.28 -42.80 5.65
C LEU Z 186 -29.19 -43.50 4.31
N VAL Z 187 -29.05 -42.75 3.22
CA VAL Z 187 -28.83 -43.38 1.92
C VAL Z 187 -27.54 -44.19 1.94
N ARG Z 188 -26.47 -43.62 2.49
CA ARG Z 188 -25.17 -44.28 2.55
C ARG Z 188 -24.93 -45.04 3.84
N GLY Z 189 -25.76 -44.83 4.87
CA GLY Z 189 -25.54 -45.49 6.14
C GLY Z 189 -24.29 -45.03 6.86
N ILE Z 190 -24.03 -43.72 6.89
CA ILE Z 190 -22.88 -43.14 7.57
C ILE Z 190 -23.40 -42.23 8.67
N PHE Z 191 -22.86 -42.39 9.87
CA PHE Z 191 -23.33 -41.66 11.04
C PHE Z 191 -22.14 -41.11 11.82
N PRO Z 192 -22.37 -40.17 12.71
CA PRO Z 192 -21.26 -39.61 13.50
C PRO Z 192 -20.50 -40.71 14.22
N THR Z 193 -19.24 -40.45 14.51
CA THR Z 193 -18.48 -41.37 15.34
C THR Z 193 -18.55 -40.92 16.80
N ALA Z 194 -18.46 -41.90 17.69
CA ALA Z 194 -18.56 -41.63 19.11
C ALA Z 194 -17.60 -42.53 19.87
N VAL Z 195 -17.06 -41.98 20.95
CA VAL Z 195 -16.22 -42.72 21.89
C VAL Z 195 -16.79 -42.48 23.28
N ILE Z 196 -16.75 -43.51 24.12
CA ILE Z 196 -17.24 -43.40 25.49
C ILE Z 196 -16.16 -43.94 26.42
N ILE Z 197 -15.87 -43.20 27.48
CA ILE Z 197 -14.79 -43.51 28.40
C ILE Z 197 -15.35 -43.58 29.82
N ASP Z 198 -15.03 -44.66 30.52
CA ASP Z 198 -15.38 -44.77 31.93
C ASP Z 198 -14.22 -45.45 32.66
N ALA Z 199 -14.51 -46.01 33.83
CA ALA Z 199 -13.45 -46.65 34.62
C ALA Z 199 -12.80 -47.81 33.88
N ASP Z 200 -13.50 -48.42 32.93
CA ASP Z 200 -12.98 -49.51 32.12
C ASP Z 200 -12.21 -49.05 30.89
N GLY Z 201 -11.98 -47.74 30.76
CA GLY Z 201 -11.21 -47.21 29.65
C GLY Z 201 -12.07 -46.56 28.59
N ALA Z 202 -11.44 -46.32 27.44
CA ALA Z 202 -12.06 -45.66 26.31
C ALA Z 202 -12.38 -46.68 25.24
N VAL Z 203 -13.64 -46.78 24.86
CA VAL Z 203 -14.09 -47.73 23.86
C VAL Z 203 -14.84 -46.99 22.75
N ASP Z 204 -14.66 -47.45 21.52
CA ASP Z 204 -15.41 -46.95 20.38
C ASP Z 204 -16.87 -47.38 20.48
N VAL Z 205 -17.75 -46.49 20.02
CA VAL Z 205 -19.17 -46.84 19.94
C VAL Z 205 -19.41 -47.49 18.59
N PRO Z 206 -19.95 -48.69 18.54
CA PRO Z 206 -20.26 -49.31 17.24
C PRO Z 206 -21.31 -48.50 16.50
N GLU Z 207 -21.08 -48.31 15.20
CA GLU Z 207 -21.93 -47.39 14.45
C GLU Z 207 -23.40 -47.76 14.59
N SER Z 208 -23.74 -49.05 14.45
CA SER Z 208 -25.13 -49.47 14.46
C SER Z 208 -25.92 -48.81 15.58
N ARG Z 209 -25.33 -48.74 16.77
CA ARG Z 209 -25.99 -48.09 17.91
C ARG Z 209 -26.30 -46.63 17.60
N ILE Z 210 -25.29 -45.89 17.13
CA ILE Z 210 -25.49 -44.48 16.80
C ILE Z 210 -26.54 -44.32 15.70
N ALA Z 211 -26.56 -45.25 14.75
CA ALA Z 211 -27.60 -45.24 13.73
C ALA Z 211 -28.98 -45.34 14.36
N GLU Z 212 -29.16 -46.30 15.26
CA GLU Z 212 -30.45 -46.44 15.94
C GLU Z 212 -30.84 -45.12 16.61
N LEU Z 213 -29.92 -44.53 17.39
CA LEU Z 213 -30.22 -43.26 18.03
C LEU Z 213 -30.61 -42.20 17.01
N ALA Z 214 -29.92 -42.18 15.86
CA ALA Z 214 -30.18 -41.16 14.85
C ALA Z 214 -31.57 -41.32 14.26
N ARG Z 215 -32.00 -42.56 14.02
CA ARG Z 215 -33.34 -42.77 13.51
C ARG Z 215 -34.39 -42.40 14.56
N ALA Z 216 -34.10 -42.69 15.83
CA ALA Z 216 -34.99 -42.21 16.89
C ALA Z 216 -35.15 -40.70 16.81
N ILE Z 217 -34.05 -39.97 16.59
CA ILE Z 217 -34.13 -38.51 16.53
C ILE Z 217 -34.91 -38.08 15.29
N ILE Z 218 -34.63 -38.69 14.14
CA ILE Z 218 -35.27 -38.27 12.90
C ILE Z 218 -36.78 -38.50 12.98
N GLU Z 219 -37.20 -39.66 13.49
CA GLU Z 219 -38.63 -39.89 13.67
C GLU Z 219 -39.21 -38.92 14.70
N SER Z 220 -38.48 -38.66 15.78
CA SER Z 220 -39.00 -37.75 16.80
C SER Z 220 -39.20 -36.34 16.25
N ARG Z 221 -38.43 -35.94 15.24
CA ARG Z 221 -38.55 -34.61 14.65
C ARG Z 221 -39.61 -34.54 13.55
N SER Z 222 -40.37 -35.60 13.34
CA SER Z 222 -41.37 -35.63 12.27
C SER Z 222 -42.79 -35.73 12.82
N THR AA 1 -5.26 -30.98 -16.85
CA THR AA 1 -4.91 -32.31 -16.38
C THR AA 1 -6.09 -33.01 -15.70
N THR AA 2 -6.26 -34.30 -16.00
CA THR AA 2 -7.19 -35.14 -15.26
C THR AA 2 -6.57 -36.52 -15.05
N ILE AA 3 -6.49 -36.93 -13.79
CA ILE AA 3 -6.13 -38.29 -13.41
C ILE AA 3 -7.36 -38.94 -12.80
N VAL AA 4 -7.59 -40.20 -13.15
CA VAL AA 4 -8.68 -40.99 -12.58
C VAL AA 4 -8.12 -42.26 -11.99
N ALA AA 5 -8.75 -42.73 -10.92
CA ALA AA 5 -8.43 -44.02 -10.32
C ALA AA 5 -9.72 -44.62 -9.82
N LEU AA 6 -9.84 -45.94 -9.92
CA LEU AA 6 -11.04 -46.61 -9.43
C LEU AA 6 -10.71 -48.07 -9.10
N LYS AA 7 -11.46 -48.62 -8.14
CA LYS AA 7 -11.30 -49.99 -7.70
C LYS AA 7 -12.25 -50.90 -8.45
N TYR AA 8 -11.78 -52.09 -8.78
CA TYR AA 8 -12.61 -53.14 -9.36
C TYR AA 8 -12.35 -54.44 -8.62
N PRO AA 9 -13.21 -55.45 -8.80
CA PRO AA 9 -13.01 -56.72 -8.10
C PRO AA 9 -11.61 -57.28 -8.29
N GLY AA 10 -10.81 -57.24 -7.23
CA GLY AA 10 -9.48 -57.82 -7.26
C GLY AA 10 -8.37 -56.88 -7.67
N GLY AA 11 -8.65 -55.59 -7.86
CA GLY AA 11 -7.58 -54.70 -8.24
C GLY AA 11 -8.02 -53.26 -8.30
N VAL AA 12 -7.12 -52.43 -8.85
CA VAL AA 12 -7.32 -51.00 -8.99
C VAL AA 12 -6.78 -50.59 -10.36
N VAL AA 13 -7.25 -49.44 -10.86
CA VAL AA 13 -6.83 -48.93 -12.16
C VAL AA 13 -6.67 -47.42 -12.07
N MET AA 14 -5.64 -46.91 -12.74
CA MET AA 14 -5.36 -45.49 -12.82
C MET AA 14 -5.11 -45.08 -14.26
N ALA AA 15 -5.65 -43.94 -14.65
CA ALA AA 15 -5.52 -43.43 -16.01
C ALA AA 15 -5.27 -41.93 -15.96
N GLY AA 16 -4.69 -41.40 -17.03
CA GLY AA 16 -4.38 -39.99 -17.09
C GLY AA 16 -4.22 -39.52 -18.51
N ASP AA 17 -4.56 -38.25 -18.74
CA ASP AA 17 -4.48 -37.66 -20.06
C ASP AA 17 -3.04 -37.28 -20.39
N ARG AA 18 -2.84 -36.72 -21.59
CA ARG AA 18 -1.51 -36.51 -22.15
C ARG AA 18 -1.19 -35.04 -22.43
N ARG AA 19 -1.96 -34.12 -21.89
CA ARG AA 19 -1.87 -32.72 -22.30
C ARG AA 19 -1.00 -31.90 -21.37
N SER AA 20 -0.38 -30.86 -21.94
CA SER AA 20 0.40 -29.89 -21.19
C SER AA 20 0.14 -28.51 -21.79
N THR AA 21 -0.20 -27.54 -20.93
CA THR AA 21 -0.57 -26.21 -21.37
C THR AA 21 0.30 -25.15 -20.71
N GLN AA 22 0.62 -24.12 -21.48
CA GLN AA 22 1.26 -22.90 -21.00
C GLN AA 22 0.21 -21.79 -21.16
N GLY AA 23 -0.66 -21.65 -20.18
CA GLY AA 23 -1.83 -20.82 -20.35
C GLY AA 23 -2.79 -21.45 -21.34
N ASN AA 24 -3.16 -20.72 -22.39
CA ASN AA 24 -4.00 -21.29 -23.43
C ASN AA 24 -3.22 -22.10 -24.44
N MET AA 25 -1.89 -21.93 -24.49
CA MET AA 25 -1.08 -22.59 -25.49
C MET AA 25 -0.83 -24.04 -25.11
N ILE AA 26 -0.90 -24.92 -26.11
CA ILE AA 26 -0.60 -26.33 -25.92
C ILE AA 26 0.91 -26.51 -26.08
N SER AA 27 1.56 -26.98 -25.02
CA SER AA 27 3.00 -27.22 -25.04
C SER AA 27 3.35 -28.69 -24.99
N GLY AA 28 2.37 -29.58 -24.87
CA GLY AA 28 2.62 -31.00 -24.83
C GLY AA 28 1.44 -31.85 -25.25
N ARG AA 29 1.71 -32.95 -25.95
CA ARG AA 29 0.65 -33.85 -26.41
C ARG AA 29 0.86 -35.30 -26.00
N ASP AA 30 2.05 -35.67 -25.52
CA ASP AA 30 2.34 -37.06 -25.19
C ASP AA 30 2.86 -37.18 -23.76
N VAL AA 31 2.46 -36.26 -22.89
CA VAL AA 31 2.97 -36.23 -21.52
C VAL AA 31 2.45 -37.45 -20.78
N ARG AA 32 3.36 -38.20 -20.16
CA ARG AA 32 3.01 -39.33 -19.32
C ARG AA 32 2.88 -38.85 -17.87
N LYS AA 33 1.67 -38.97 -17.31
CA LYS AA 33 1.36 -38.39 -16.02
C LYS AA 33 1.12 -39.41 -14.91
N VAL AA 34 0.96 -40.69 -15.25
CA VAL AA 34 0.74 -41.75 -14.27
C VAL AA 34 1.96 -42.66 -14.27
N TYR AA 35 2.64 -42.75 -13.14
CA TYR AA 35 3.88 -43.51 -13.01
C TYR AA 35 3.69 -44.71 -12.08
N ILE AA 36 4.31 -45.83 -12.44
CA ILE AA 36 4.39 -47.00 -11.58
C ILE AA 36 5.47 -46.71 -10.55
N THR AA 37 5.06 -46.33 -9.34
CA THR AA 37 6.02 -45.93 -8.32
C THR AA 37 6.54 -47.12 -7.51
N ASP AA 38 5.87 -48.26 -7.54
CA ASP AA 38 6.50 -49.50 -7.08
C ASP AA 38 5.64 -50.66 -7.54
N ASP AA 39 6.14 -51.88 -7.31
CA ASP AA 39 5.47 -53.08 -7.81
C ASP AA 39 3.97 -53.07 -7.55
N TYR AA 40 3.54 -52.40 -6.48
CA TYR AA 40 2.14 -52.44 -6.07
C TYR AA 40 1.53 -51.05 -5.90
N THR AA 41 2.10 -50.02 -6.52
CA THR AA 41 1.53 -48.69 -6.40
C THR AA 41 1.85 -47.86 -7.64
N ALA AA 42 0.83 -47.13 -8.10
CA ALA AA 42 0.95 -46.14 -9.15
C ALA AA 42 0.55 -44.77 -8.60
N THR AA 43 1.27 -43.75 -9.05
CA THR AA 43 1.01 -42.37 -8.65
C THR AA 43 0.75 -41.52 -9.88
N GLY AA 44 -0.30 -40.72 -9.85
CA GLY AA 44 -0.58 -39.79 -10.93
C GLY AA 44 -0.74 -38.39 -10.37
N ILE AA 45 -0.12 -37.42 -11.05
CA ILE AA 45 0.02 -36.10 -10.47
C ILE AA 45 -0.49 -35.04 -11.45
N ALA AA 46 -1.24 -34.08 -10.92
CA ALA AA 46 -1.69 -32.92 -11.67
C ALA AA 46 -0.99 -31.67 -11.12
N GLY AA 47 -0.80 -30.68 -11.98
CA GLY AA 47 -0.20 -29.42 -11.55
C GLY AA 47 0.99 -28.97 -12.36
N THR AA 48 1.94 -28.31 -11.71
CA THR AA 48 3.16 -27.86 -12.38
C THR AA 48 3.99 -29.08 -12.80
N ALA AA 49 4.29 -29.17 -14.09
CA ALA AA 49 4.94 -30.36 -14.63
C ALA AA 49 6.23 -30.68 -13.88
N ALA AA 50 7.07 -29.68 -13.66
CA ALA AA 50 8.36 -29.92 -13.00
C ALA AA 50 8.15 -30.56 -11.63
N VAL AA 51 7.24 -29.98 -10.84
CA VAL AA 51 7.01 -30.50 -9.49
C VAL AA 51 6.40 -31.89 -9.55
N ALA AA 52 5.46 -32.12 -10.47
CA ALA AA 52 4.83 -33.43 -10.57
C ALA AA 52 5.87 -34.51 -10.91
N VAL AA 53 6.69 -34.26 -11.93
CA VAL AA 53 7.69 -35.25 -12.33
C VAL AA 53 8.66 -35.50 -11.19
N GLU AA 54 9.15 -34.43 -10.54
CA GLU AA 54 10.07 -34.64 -9.43
C GLU AA 54 9.41 -35.43 -8.31
N PHE AA 55 8.13 -35.19 -8.05
CA PHE AA 55 7.38 -35.96 -7.06
C PHE AA 55 7.44 -37.45 -7.40
N ALA AA 56 7.00 -37.80 -8.61
CA ALA AA 56 6.98 -39.21 -8.98
C ALA AA 56 8.36 -39.84 -8.81
N ARG AA 57 9.38 -39.20 -9.37
CA ARG AA 57 10.73 -39.77 -9.33
C ARG AA 57 11.20 -39.96 -7.88
N LEU AA 58 11.12 -38.89 -7.08
CA LEU AA 58 11.65 -38.92 -5.72
C LEU AA 58 10.87 -39.89 -4.85
N TYR AA 59 9.56 -39.98 -5.05
CA TYR AA 59 8.73 -40.91 -4.27
C TYR AA 59 9.10 -42.36 -4.58
N ALA AA 60 9.21 -42.70 -5.87
CA ALA AA 60 9.65 -44.04 -6.23
C ALA AA 60 11.00 -44.35 -5.60
N VAL AA 61 11.94 -43.41 -5.70
CA VAL AA 61 13.26 -43.63 -5.13
C VAL AA 61 13.16 -43.85 -3.62
N GLU AA 62 12.27 -43.12 -2.95
CA GLU AA 62 12.20 -43.22 -1.49
C GLU AA 62 11.64 -44.57 -1.05
N LEU AA 63 10.54 -45.00 -1.69
CA LEU AA 63 10.00 -46.33 -1.38
C LEU AA 63 11.05 -47.41 -1.59
N GLU AA 64 11.77 -47.36 -2.71
CA GLU AA 64 12.78 -48.39 -2.93
C GLU AA 64 13.94 -48.25 -1.95
N HIS AA 65 14.28 -47.03 -1.57
CA HIS AA 65 15.30 -46.79 -0.55
C HIS AA 65 14.95 -47.52 0.73
N TYR AA 66 13.70 -47.40 1.17
CA TYR AA 66 13.30 -48.13 2.37
C TYR AA 66 13.38 -49.64 2.15
N GLU AA 67 12.86 -50.12 1.03
CA GLU AA 67 12.85 -51.56 0.79
C GLU AA 67 14.26 -52.14 0.85
N LYS AA 68 15.24 -51.46 0.25
CA LYS AA 68 16.60 -51.98 0.24
C LYS AA 68 17.27 -51.80 1.60
N LEU AA 69 17.01 -50.69 2.29
CA LEU AA 69 17.65 -50.47 3.58
C LEU AA 69 17.17 -51.49 4.61
N GLU AA 70 15.91 -51.90 4.55
CA GLU AA 70 15.31 -52.73 5.59
C GLU AA 70 14.99 -54.14 5.15
N GLY AA 71 15.17 -54.48 3.88
CA GLY AA 71 14.83 -55.80 3.39
C GLY AA 71 13.35 -56.07 3.23
N VAL AA 72 12.49 -55.12 3.59
CA VAL AA 72 11.04 -55.29 3.45
C VAL AA 72 10.42 -53.98 3.01
N PRO AA 73 9.32 -54.06 2.27
CA PRO AA 73 8.65 -52.83 1.81
C PRO AA 73 7.78 -52.20 2.89
N LEU AA 74 7.65 -50.88 2.80
CA LEU AA 74 6.78 -50.13 3.70
C LEU AA 74 5.35 -50.67 3.67
N THR AA 75 4.70 -50.65 4.83
CA THR AA 75 3.26 -50.84 4.84
C THR AA 75 2.60 -49.79 3.95
N PHE AA 76 1.40 -50.11 3.44
CA PHE AA 76 0.71 -49.14 2.60
C PHE AA 76 0.47 -47.84 3.34
N ALA AA 77 0.07 -47.93 4.62
CA ALA AA 77 -0.04 -46.75 5.46
C ALA AA 77 1.24 -45.91 5.39
N GLY AA 78 2.39 -46.53 5.65
CA GLY AA 78 3.64 -45.80 5.60
C GLY AA 78 3.88 -45.14 4.25
N LYS AA 79 3.55 -45.83 3.16
CA LYS AA 79 3.69 -45.22 1.84
C LYS AA 79 2.85 -43.95 1.75
N ILE AA 80 1.59 -44.04 2.18
CA ILE AA 80 0.72 -42.87 2.21
C ILE AA 80 1.38 -41.73 2.99
N ASN AA 81 1.88 -42.04 4.18
CA ASN AA 81 2.43 -41.00 5.04
C ASN AA 81 3.66 -40.35 4.41
N ARG AA 82 4.53 -41.14 3.79
CA ARG AA 82 5.70 -40.55 3.15
C ARG AA 82 5.29 -39.61 2.02
N LEU AA 83 4.31 -40.03 1.20
CA LEU AA 83 3.84 -39.14 0.15
C LEU AA 83 3.25 -37.86 0.72
N ALA AA 84 2.39 -37.99 1.74
CA ALA AA 84 1.77 -36.80 2.34
C ALA AA 84 2.83 -35.85 2.89
N ILE AA 85 3.86 -36.39 3.55
CA ILE AA 85 4.94 -35.56 4.04
C ILE AA 85 5.60 -34.83 2.89
N MET AA 86 5.77 -35.51 1.76
CA MET AA 86 6.40 -34.88 0.60
C MET AA 86 5.56 -33.73 0.07
N VAL AA 87 4.24 -33.94 -0.05
CA VAL AA 87 3.38 -32.85 -0.51
C VAL AA 87 3.43 -31.69 0.46
N ARG AA 88 3.25 -31.98 1.75
CA ARG AA 88 3.32 -30.94 2.79
C ARG AA 88 4.60 -30.13 2.66
N GLY AA 89 5.73 -30.79 2.41
CA GLY AA 89 6.99 -30.08 2.29
C GLY AA 89 6.98 -29.01 1.21
N ASN AA 90 6.14 -29.19 0.18
CA ASN AA 90 6.09 -28.29 -0.95
C ASN AA 90 5.07 -27.18 -0.80
N LEU AA 91 4.48 -27.02 0.39
CA LEU AA 91 3.37 -26.08 0.55
C LEU AA 91 3.78 -24.65 0.21
N ALA AA 92 4.97 -24.23 0.67
CA ALA AA 92 5.40 -22.86 0.41
C ALA AA 92 5.53 -22.60 -1.09
N ALA AA 93 6.23 -23.48 -1.80
CA ALA AA 93 6.37 -23.32 -3.24
C ALA AA 93 5.01 -23.40 -3.95
N ALA AA 94 4.10 -24.21 -3.41
CA ALA AA 94 2.77 -24.30 -4.01
C ALA AA 94 2.02 -22.98 -3.88
N MET AA 95 2.08 -22.35 -2.71
CA MET AA 95 1.53 -21.02 -2.57
C MET AA 95 2.24 -20.03 -3.47
N GLN AA 96 3.49 -20.29 -3.81
CA GLN AA 96 4.21 -19.44 -4.76
C GLN AA 96 3.91 -19.77 -6.21
N GLY AA 97 3.14 -20.83 -6.48
CA GLY AA 97 2.73 -21.15 -7.84
C GLY AA 97 3.23 -22.48 -8.37
N LEU AA 98 4.02 -23.22 -7.60
CA LEU AA 98 4.53 -24.52 -8.05
C LEU AA 98 3.74 -25.66 -7.38
N LEU AA 99 2.43 -25.65 -7.64
CA LEU AA 99 1.50 -26.58 -7.02
C LEU AA 99 1.42 -27.88 -7.81
N ALA AA 100 1.42 -29.00 -7.09
CA ALA AA 100 1.25 -30.32 -7.71
C ALA AA 100 0.57 -31.24 -6.72
N LEU AA 101 -0.58 -31.78 -7.11
CA LEU AA 101 -1.39 -32.67 -6.27
C LEU AA 101 -1.32 -34.09 -6.82
N PRO AA 102 -0.97 -35.07 -5.98
CA PRO AA 102 -0.98 -36.47 -6.40
C PRO AA 102 -2.26 -37.20 -6.05
N LEU AA 103 -2.48 -38.28 -6.79
CA LEU AA 103 -3.51 -39.27 -6.53
C LEU AA 103 -2.80 -40.62 -6.52
N LEU AA 104 -3.09 -41.43 -5.50
CA LEU AA 104 -2.36 -42.66 -5.27
C LEU AA 104 -3.28 -43.86 -5.42
N ALA AA 105 -2.87 -44.82 -6.24
CA ALA AA 105 -3.57 -46.09 -6.36
C ALA AA 105 -2.62 -47.21 -5.98
N GLY AA 106 -3.13 -48.19 -5.22
CA GLY AA 106 -2.27 -49.26 -4.76
C GLY AA 106 -3.04 -50.55 -4.56
N TYR AA 107 -2.26 -51.61 -4.32
CA TYR AA 107 -2.81 -52.91 -3.95
C TYR AA 107 -2.10 -53.34 -2.68
N ASP AA 108 -2.84 -53.45 -1.58
CA ASP AA 108 -2.24 -53.80 -0.30
C ASP AA 108 -2.12 -55.32 -0.20
N ILE AA 109 -0.89 -55.81 -0.28
CA ILE AA 109 -0.62 -57.24 -0.19
C ILE AA 109 -0.87 -57.77 1.22
N HIS AA 110 -0.90 -56.90 2.23
CA HIS AA 110 -1.18 -57.30 3.60
C HIS AA 110 -2.64 -57.07 3.99
N ALA AA 111 -3.53 -56.94 3.01
CA ALA AA 111 -4.95 -56.74 3.27
C ALA AA 111 -5.65 -58.08 3.41
N SER AA 112 -6.63 -58.13 4.31
CA SER AA 112 -7.30 -59.39 4.61
C SER AA 112 -8.04 -59.94 3.39
N ASP AA 113 -8.90 -59.13 2.79
CA ASP AA 113 -9.73 -59.57 1.69
C ASP AA 113 -9.07 -59.20 0.36
N PRO AA 114 -8.51 -60.17 -0.38
CA PRO AA 114 -7.75 -59.81 -1.59
C PRO AA 114 -8.60 -59.26 -2.72
N GLN AA 115 -9.92 -59.50 -2.73
CA GLN AA 115 -10.76 -58.95 -3.79
C GLN AA 115 -11.05 -57.47 -3.58
N SER AA 116 -10.84 -56.95 -2.37
CA SER AA 116 -11.03 -55.53 -2.07
C SER AA 116 -9.75 -54.89 -1.57
N ALA AA 117 -8.59 -55.50 -1.86
CA ALA AA 117 -7.31 -54.95 -1.44
C ALA AA 117 -6.95 -53.66 -2.15
N GLY AA 118 -7.70 -53.30 -3.21
CA GLY AA 118 -7.47 -52.04 -3.90
C GLY AA 118 -7.49 -50.86 -2.96
N ARG AA 119 -6.68 -49.85 -3.28
CA ARG AA 119 -6.56 -48.66 -2.45
C ARG AA 119 -6.49 -47.43 -3.34
N ILE AA 120 -7.25 -46.40 -2.96
CA ILE AA 120 -7.25 -45.12 -3.67
C ILE AA 120 -7.19 -44.02 -2.62
N VAL AA 121 -6.18 -43.17 -2.72
CA VAL AA 121 -5.90 -42.14 -1.72
C VAL AA 121 -5.78 -40.81 -2.42
N SER AA 122 -6.52 -39.81 -1.93
CA SER AA 122 -6.44 -38.45 -2.44
C SER AA 122 -5.71 -37.56 -1.44
N PHE AA 123 -5.17 -36.46 -1.95
CA PHE AA 123 -4.32 -35.57 -1.18
C PHE AA 123 -4.71 -34.13 -1.45
N ASP AA 124 -4.34 -33.25 -0.52
CA ASP AA 124 -4.48 -31.81 -0.71
C ASP AA 124 -3.14 -31.12 -0.53
N ALA AA 125 -3.10 -29.83 -0.88
CA ALA AA 125 -1.85 -29.09 -0.88
C ALA AA 125 -1.20 -29.02 0.49
N ALA AA 126 -1.93 -29.33 1.57
CA ALA AA 126 -1.42 -29.24 2.92
C ALA AA 126 -0.79 -30.53 3.41
N GLY AA 127 -0.77 -31.57 2.60
CA GLY AA 127 -0.36 -32.88 3.05
C GLY AA 127 -1.47 -33.71 3.65
N GLY AA 128 -2.72 -33.28 3.50
CA GLY AA 128 -3.84 -34.05 3.99
C GLY AA 128 -4.13 -35.22 3.06
N TRP AA 129 -4.33 -36.39 3.65
CA TRP AA 129 -4.59 -37.60 2.88
C TRP AA 129 -5.93 -38.18 3.30
N ASN AA 130 -6.66 -38.73 2.33
CA ASN AA 130 -7.93 -39.38 2.58
C ASN AA 130 -8.01 -40.64 1.74
N ILE AA 131 -8.08 -41.79 2.41
CA ILE AA 131 -8.30 -43.06 1.71
C ILE AA 131 -9.75 -43.07 1.21
N GLU AA 132 -9.90 -43.11 -0.11
CA GLU AA 132 -11.24 -43.10 -0.69
C GLU AA 132 -11.93 -44.43 -0.42
N GLU AA 133 -13.17 -44.36 0.05
CA GLU AA 133 -13.95 -45.56 0.35
C GLU AA 133 -15.11 -45.77 -0.61
N GLU AA 134 -15.24 -44.95 -1.65
CA GLU AA 134 -16.35 -45.05 -2.59
C GLU AA 134 -15.92 -45.57 -3.96
N GLY AA 135 -14.68 -46.03 -4.11
CA GLY AA 135 -14.27 -46.79 -5.26
C GLY AA 135 -13.60 -46.01 -6.38
N TYR AA 136 -13.88 -44.72 -6.50
CA TYR AA 136 -13.30 -43.93 -7.58
C TYR AA 136 -12.95 -42.55 -7.07
N GLN AA 137 -12.00 -41.93 -7.77
CA GLN AA 137 -11.47 -40.62 -7.40
C GLN AA 137 -10.76 -40.05 -8.63
N ALA AA 138 -10.64 -38.72 -8.65
CA ALA AA 138 -9.93 -38.06 -9.73
C ALA AA 138 -9.29 -36.78 -9.19
N VAL AA 139 -8.31 -36.27 -9.94
CA VAL AA 139 -7.59 -35.08 -9.54
C VAL AA 139 -7.24 -34.30 -10.80
N GLY AA 140 -7.15 -32.98 -10.66
CA GLY AA 140 -6.79 -32.10 -11.76
C GLY AA 140 -7.91 -31.15 -12.11
N SER AA 141 -7.70 -30.41 -13.21
CA SER AA 141 -8.66 -29.39 -13.62
C SER AA 141 -9.98 -30.00 -14.08
N GLY AA 142 -9.95 -31.21 -14.61
CA GLY AA 142 -11.17 -31.83 -15.08
C GLY AA 142 -11.73 -32.89 -14.14
N SER AA 143 -11.30 -32.84 -12.87
CA SER AA 143 -11.65 -33.92 -11.95
C SER AA 143 -13.12 -33.87 -11.55
N LEU AA 144 -13.72 -32.69 -11.47
CA LEU AA 144 -15.14 -32.61 -11.18
C LEU AA 144 -15.95 -33.35 -12.24
N PHE AA 145 -15.66 -33.06 -13.51
CA PHE AA 145 -16.38 -33.73 -14.60
C PHE AA 145 -16.16 -35.24 -14.57
N ALA AA 146 -14.89 -35.66 -14.53
CA ALA AA 146 -14.59 -37.09 -14.52
C ALA AA 146 -15.28 -37.78 -13.36
N LYS AA 147 -15.28 -37.18 -12.20
CA LYS AA 147 -15.97 -37.74 -11.06
C LYS AA 147 -17.46 -37.81 -11.22
N SER AA 148 -18.10 -36.79 -11.76
CA SER AA 148 -19.54 -36.85 -12.03
C SER AA 148 -19.86 -37.93 -13.05
N SER AA 149 -18.94 -38.19 -13.99
CA SER AA 149 -19.14 -39.27 -14.95
C SER AA 149 -19.02 -40.64 -14.28
N MET AA 150 -17.91 -40.87 -13.58
CA MET AA 150 -17.73 -42.15 -12.89
C MET AA 150 -18.85 -42.41 -11.89
N LYS AA 151 -19.44 -41.35 -11.33
CA LYS AA 151 -20.55 -41.55 -10.40
C LYS AA 151 -21.71 -42.25 -11.09
N LYS AA 152 -21.92 -41.97 -12.37
CA LYS AA 152 -22.97 -42.61 -13.14
C LYS AA 152 -22.53 -43.93 -13.77
N LEU AA 153 -21.25 -44.10 -14.05
CA LEU AA 153 -20.77 -45.28 -14.76
C LEU AA 153 -20.21 -46.38 -13.86
N TYR AA 154 -20.03 -46.13 -12.56
CA TYR AA 154 -19.25 -47.06 -11.76
C TYR AA 154 -19.95 -48.41 -11.61
N SER AA 155 -21.28 -48.41 -11.54
CA SER AA 155 -22.01 -49.66 -11.42
C SER AA 155 -21.65 -50.66 -12.51
N GLN AA 156 -21.10 -50.19 -13.63
CA GLN AA 156 -20.72 -51.08 -14.72
C GLN AA 156 -19.38 -51.77 -14.49
N VAL AA 157 -18.67 -51.45 -13.42
CA VAL AA 157 -17.36 -52.03 -13.16
C VAL AA 157 -17.55 -53.39 -12.50
N THR AA 158 -17.32 -54.46 -13.26
CA THR AA 158 -17.38 -55.82 -12.74
C THR AA 158 -16.07 -56.56 -12.80
N ASP AA 159 -15.07 -56.02 -13.49
CA ASP AA 159 -13.78 -56.68 -13.65
C ASP AA 159 -12.75 -55.66 -14.12
N GLY AA 160 -11.55 -56.14 -14.42
CA GLY AA 160 -10.50 -55.25 -14.88
C GLY AA 160 -10.89 -54.48 -16.12
N ASP AA 161 -11.37 -55.18 -17.16
CA ASP AA 161 -11.59 -54.54 -18.45
C ASP AA 161 -12.66 -53.45 -18.36
N SER AA 162 -13.77 -53.74 -17.69
CA SER AA 162 -14.82 -52.73 -17.56
C SER AA 162 -14.35 -51.54 -16.73
N GLY AA 163 -13.54 -51.79 -15.70
CA GLY AA 163 -12.94 -50.70 -14.96
C GLY AA 163 -12.07 -49.82 -15.85
N LEU AA 164 -11.23 -50.45 -16.67
CA LEU AA 164 -10.42 -49.68 -17.62
C LEU AA 164 -11.30 -48.85 -18.54
N ARG AA 165 -12.36 -49.45 -19.09
CA ARG AA 165 -13.21 -48.71 -20.01
C ARG AA 165 -13.88 -47.52 -19.34
N VAL AA 166 -14.34 -47.70 -18.10
CA VAL AA 166 -14.97 -46.57 -17.42
C VAL AA 166 -13.95 -45.50 -17.08
N ALA AA 167 -12.72 -45.89 -16.75
CA ALA AA 167 -11.68 -44.89 -16.53
C ALA AA 167 -11.43 -44.07 -17.80
N VAL AA 168 -11.31 -44.76 -18.95
CA VAL AA 168 -11.07 -44.06 -20.20
C VAL AA 168 -12.24 -43.14 -20.53
N GLU AA 169 -13.47 -43.63 -20.34
CA GLU AA 169 -14.64 -42.81 -20.63
C GLU AA 169 -14.69 -41.57 -19.73
N ALA AA 170 -14.42 -41.75 -18.44
CA ALA AA 170 -14.36 -40.61 -17.52
C ALA AA 170 -13.37 -39.58 -18.03
N LEU AA 171 -12.16 -40.03 -18.39
CA LEU AA 171 -11.20 -39.10 -18.99
C LEU AA 171 -11.79 -38.42 -20.22
N TYR AA 172 -12.56 -39.16 -21.02
CA TYR AA 172 -13.12 -38.60 -22.24
C TYR AA 172 -14.07 -37.46 -21.92
N ASP AA 173 -14.98 -37.66 -20.97
CA ASP AA 173 -15.84 -36.58 -20.54
C ASP AA 173 -15.03 -35.40 -20.00
N ALA AA 174 -14.01 -35.67 -19.19
CA ALA AA 174 -13.18 -34.62 -18.63
C ALA AA 174 -12.61 -33.74 -19.73
N ALA AA 175 -11.98 -34.35 -20.74
CA ALA AA 175 -11.48 -33.56 -21.87
C ALA AA 175 -12.62 -32.88 -22.60
N ASP AA 176 -13.81 -33.50 -22.61
CA ASP AA 176 -14.94 -32.91 -23.33
C ASP AA 176 -15.35 -31.58 -22.73
N ASP AA 177 -15.24 -31.41 -21.41
CA ASP AA 177 -15.67 -30.16 -20.78
C ASP AA 177 -14.52 -29.34 -20.20
N ASP AA 178 -13.27 -29.79 -20.31
CA ASP AA 178 -12.13 -29.07 -19.76
C ASP AA 178 -11.04 -28.98 -20.82
N SER AA 179 -10.70 -27.76 -21.23
CA SER AA 179 -9.74 -27.55 -22.31
C SER AA 179 -8.30 -27.82 -21.89
N ALA AA 180 -8.01 -27.89 -20.60
CA ALA AA 180 -6.67 -28.25 -20.13
C ALA AA 180 -6.52 -29.76 -19.96
N THR AA 181 -7.47 -30.53 -20.47
CA THR AA 181 -7.41 -31.98 -20.49
C THR AA 181 -7.54 -32.45 -21.93
N GLY AA 182 -6.63 -33.30 -22.37
CA GLY AA 182 -6.61 -33.76 -23.74
C GLY AA 182 -7.43 -35.03 -23.92
N GLY AA 183 -8.33 -35.00 -24.91
CA GLY AA 183 -9.01 -36.20 -25.32
C GLY AA 183 -8.19 -37.01 -26.29
N PRO AA 184 -8.75 -38.14 -26.73
CA PRO AA 184 -8.04 -38.99 -27.69
C PRO AA 184 -7.76 -38.24 -28.98
N ASP AA 185 -6.52 -38.37 -29.47
CA ASP AA 185 -6.06 -37.73 -30.71
C ASP AA 185 -5.95 -38.81 -31.78
N LEU AA 186 -6.98 -38.93 -32.61
CA LEU AA 186 -7.02 -40.02 -33.57
C LEU AA 186 -6.10 -39.78 -34.77
N VAL AA 187 -5.81 -38.52 -35.11
CA VAL AA 187 -4.90 -38.25 -36.21
C VAL AA 187 -3.47 -38.62 -35.83
N ARG AA 188 -3.05 -38.25 -34.62
CA ARG AA 188 -1.72 -38.58 -34.13
C ARG AA 188 -1.64 -39.94 -33.47
N GLY AA 189 -2.78 -40.54 -33.11
CA GLY AA 189 -2.76 -41.81 -32.43
C GLY AA 189 -2.21 -41.76 -31.02
N ILE AA 190 -2.56 -40.73 -30.26
CA ILE AA 190 -2.15 -40.59 -28.86
C ILE AA 190 -3.39 -40.70 -28.00
N PHE AA 191 -3.28 -41.43 -26.90
CA PHE AA 191 -4.41 -41.73 -26.03
C PHE AA 191 -3.97 -41.63 -24.57
N PRO AA 192 -4.93 -41.56 -23.65
CA PRO AA 192 -4.57 -41.61 -22.23
C PRO AA 192 -3.64 -42.76 -21.91
N THR AA 193 -2.86 -42.65 -20.84
CA THR AA 193 -2.09 -43.77 -20.35
C THR AA 193 -2.76 -44.35 -19.11
N ALA AA 194 -2.60 -45.66 -18.92
CA ALA AA 194 -3.22 -46.33 -17.79
C ALA AA 194 -2.28 -47.36 -17.22
N VAL AA 195 -2.32 -47.48 -15.90
CA VAL AA 195 -1.68 -48.57 -15.16
C VAL AA 195 -2.79 -49.33 -14.47
N ILE AA 196 -2.62 -50.64 -14.36
CA ILE AA 196 -3.57 -51.50 -13.66
C ILE AA 196 -2.79 -52.32 -12.65
N ILE AA 197 -3.36 -52.50 -11.46
CA ILE AA 197 -2.66 -53.17 -10.37
C ILE AA 197 -3.56 -54.25 -9.79
N ASP AA 198 -3.04 -55.47 -9.69
CA ASP AA 198 -3.74 -56.53 -8.97
C ASP AA 198 -2.70 -57.31 -8.17
N ALA AA 199 -3.07 -58.51 -7.72
CA ALA AA 199 -2.17 -59.28 -6.88
C ALA AA 199 -0.85 -59.59 -7.59
N ASP AA 200 -0.89 -59.75 -8.91
CA ASP AA 200 0.31 -60.05 -9.67
C ASP AA 200 1.19 -58.84 -9.89
N GLY AA 201 0.76 -57.66 -9.47
CA GLY AA 201 1.58 -56.46 -9.54
C GLY AA 201 0.93 -55.38 -10.35
N ALA AA 202 1.71 -54.34 -10.61
CA ALA AA 202 1.29 -53.18 -11.37
C ALA AA 202 1.91 -53.23 -12.75
N VAL AA 203 1.07 -53.17 -13.78
CA VAL AA 203 1.52 -53.27 -15.16
C VAL AA 203 0.92 -52.14 -15.96
N ASP AA 204 1.72 -51.60 -16.89
CA ASP AA 204 1.21 -50.64 -17.85
C ASP AA 204 0.16 -51.28 -18.75
N VAL AA 205 -0.88 -50.54 -19.05
CA VAL AA 205 -1.88 -51.00 -20.01
C VAL AA 205 -1.38 -50.69 -21.42
N PRO AA 206 -1.29 -51.68 -22.30
CA PRO AA 206 -0.82 -51.42 -23.67
C PRO AA 206 -1.68 -50.37 -24.36
N GLU AA 207 -1.06 -49.66 -25.30
CA GLU AA 207 -1.76 -48.58 -26.00
C GLU AA 207 -2.90 -49.13 -26.85
N SER AA 208 -2.74 -50.31 -27.43
CA SER AA 208 -3.76 -50.85 -28.32
C SER AA 208 -5.11 -50.94 -27.61
N ARG AA 209 -5.11 -51.49 -26.39
CA ARG AA 209 -6.37 -51.70 -25.67
C ARG AA 209 -7.06 -50.36 -25.37
N ILE AA 210 -6.29 -49.37 -24.91
CA ILE AA 210 -6.87 -48.06 -24.63
C ILE AA 210 -7.40 -47.43 -25.91
N ALA AA 211 -6.66 -47.58 -27.02
CA ALA AA 211 -7.10 -47.01 -28.28
C ALA AA 211 -8.42 -47.62 -28.73
N GLU AA 212 -8.57 -48.93 -28.55
CA GLU AA 212 -9.84 -49.57 -28.92
C GLU AA 212 -10.98 -49.09 -28.04
N LEU AA 213 -10.78 -49.07 -26.72
CA LEU AA 213 -11.80 -48.52 -25.83
C LEU AA 213 -12.19 -47.10 -26.26
N ALA AA 214 -11.19 -46.29 -26.62
CA ALA AA 214 -11.44 -44.93 -27.07
C ALA AA 214 -12.34 -44.93 -28.30
N ARG AA 215 -11.88 -45.53 -29.40
CA ARG AA 215 -12.66 -45.54 -30.63
C ARG AA 215 -14.07 -46.04 -30.38
N ALA AA 216 -14.22 -47.05 -29.51
CA ALA AA 216 -15.56 -47.55 -29.20
C ALA AA 216 -16.41 -46.48 -28.55
N ILE AA 217 -15.84 -45.72 -27.61
CA ILE AA 217 -16.60 -44.62 -26.99
C ILE AA 217 -16.98 -43.59 -28.04
N ILE AA 218 -16.02 -43.21 -28.90
CA ILE AA 218 -16.28 -42.20 -29.91
C ILE AA 218 -17.41 -42.64 -30.84
N GLU AA 219 -17.38 -43.90 -31.28
CA GLU AA 219 -18.45 -44.39 -32.14
C GLU AA 219 -19.78 -44.43 -31.39
N SER AA 220 -19.74 -44.81 -30.10
CA SER AA 220 -20.96 -44.82 -29.30
C SER AA 220 -21.60 -43.43 -29.28
N ARG AA 221 -20.79 -42.38 -29.13
CA ARG AA 221 -21.36 -41.05 -28.97
C ARG AA 221 -21.65 -40.37 -30.30
N SER AA 222 -21.01 -40.78 -31.39
CA SER AA 222 -21.29 -40.17 -32.69
C SER AA 222 -22.53 -40.75 -33.35
N GLY AA 223 -22.86 -42.01 -33.05
CA GLY AA 223 -24.00 -42.67 -33.65
C GLY AA 223 -23.67 -44.04 -34.20
N THR BA 1 15.26 -13.19 -29.34
CA THR BA 1 16.01 -14.40 -29.63
C THR BA 1 15.12 -15.48 -30.21
N THR BA 2 15.68 -16.29 -31.10
CA THR BA 2 15.05 -17.53 -31.52
C THR BA 2 16.12 -18.61 -31.67
N ILE BA 3 15.87 -19.75 -31.04
CA ILE BA 3 16.69 -20.95 -31.18
C ILE BA 3 15.81 -22.04 -31.76
N VAL BA 4 16.30 -22.72 -32.79
CA VAL BA 4 15.58 -23.83 -33.41
C VAL BA 4 16.39 -25.10 -33.27
N ALA BA 5 15.69 -26.22 -33.29
CA ALA BA 5 16.31 -27.54 -33.30
C ALA BA 5 15.33 -28.51 -33.96
N LEU BA 6 15.87 -29.45 -34.72
CA LEU BA 6 15.04 -30.42 -35.40
C LEU BA 6 15.86 -31.68 -35.66
N LYS BA 7 15.21 -32.83 -35.53
CA LYS BA 7 15.82 -34.11 -35.86
C LYS BA 7 15.73 -34.36 -37.36
N TYR BA 8 16.76 -34.97 -37.92
CA TYR BA 8 16.75 -35.48 -39.28
C TYR BA 8 17.27 -36.90 -39.26
N PRO BA 9 17.09 -37.65 -40.36
CA PRO BA 9 17.57 -39.04 -40.40
C PRO BA 9 19.03 -39.18 -39.99
N GLY BA 10 19.27 -39.73 -38.81
CA GLY BA 10 20.62 -39.97 -38.33
C GLY BA 10 21.29 -38.83 -37.61
N GLY BA 11 20.56 -37.76 -37.30
CA GLY BA 11 21.20 -36.64 -36.62
C GLY BA 11 20.20 -35.61 -36.17
N VAL BA 12 20.74 -34.49 -35.69
CA VAL BA 12 19.96 -33.35 -35.23
C VAL BA 12 20.69 -32.08 -35.66
N VAL BA 13 19.93 -31.00 -35.81
CA VAL BA 13 20.51 -29.69 -36.12
C VAL BA 13 19.87 -28.64 -35.22
N MET BA 14 20.67 -27.66 -34.81
CA MET BA 14 20.18 -26.53 -34.02
C MET BA 14 20.80 -25.26 -34.56
N ALA BA 15 19.97 -24.21 -34.68
CA ALA BA 15 20.45 -22.92 -35.16
C ALA BA 15 19.95 -21.82 -34.25
N GLY BA 16 20.60 -20.67 -34.33
CA GLY BA 16 20.23 -19.54 -33.49
C GLY BA 16 20.57 -18.22 -34.15
N ASP BA 17 19.70 -17.23 -33.91
CA ASP BA 17 19.91 -15.89 -34.43
C ASP BA 17 21.07 -15.20 -33.71
N ARG BA 18 21.37 -13.97 -34.13
CA ARG BA 18 22.59 -13.29 -33.70
C ARG BA 18 22.32 -11.96 -33.01
N ARG BA 19 21.09 -11.72 -32.57
CA ARG BA 19 20.70 -10.39 -32.11
C ARG BA 19 20.68 -10.29 -30.59
N SER BA 20 21.10 -9.14 -30.09
CA SER BA 20 21.03 -8.80 -28.67
C SER BA 20 20.40 -7.42 -28.51
N THR BA 21 19.45 -7.29 -27.59
CA THR BA 21 18.73 -6.04 -27.39
C THR BA 21 18.75 -5.61 -25.92
N GLN BA 22 18.54 -4.30 -25.71
CA GLN BA 22 18.27 -3.70 -24.42
C GLN BA 22 17.01 -2.87 -24.60
N GLY BA 23 15.85 -3.47 -24.35
CA GLY BA 23 14.61 -2.80 -24.71
C GLY BA 23 14.41 -2.86 -26.21
N ASN BA 24 14.16 -1.70 -26.81
CA ASN BA 24 14.09 -1.61 -28.27
C ASN BA 24 15.46 -1.38 -28.91
N MET BA 25 16.47 -1.01 -28.13
CA MET BA 25 17.77 -0.68 -28.69
C MET BA 25 18.54 -1.95 -29.03
N ILE BA 26 19.12 -1.96 -30.22
CA ILE BA 26 19.92 -3.09 -30.68
C ILE BA 26 21.31 -2.96 -30.09
N SER BA 27 21.68 -3.89 -29.22
CA SER BA 27 22.96 -3.85 -28.52
C SER BA 27 23.96 -4.88 -29.01
N GLY BA 28 23.56 -5.79 -29.90
CA GLY BA 28 24.50 -6.77 -30.43
C GLY BA 28 24.01 -7.38 -31.72
N ARG BA 29 24.96 -7.65 -32.63
CA ARG BA 29 24.65 -8.21 -33.94
C ARG BA 29 25.37 -9.51 -34.25
N ASP BA 30 26.35 -9.92 -33.44
CA ASP BA 30 27.14 -11.11 -33.73
C ASP BA 30 27.18 -12.05 -32.53
N VAL BA 31 26.12 -12.05 -31.73
CA VAL BA 31 26.10 -12.88 -30.54
C VAL BA 31 25.93 -14.35 -30.93
N ARG BA 32 26.57 -15.22 -30.17
CA ARG BA 32 26.54 -16.66 -30.38
C ARG BA 32 25.75 -17.28 -29.23
N LYS BA 33 24.58 -17.82 -29.55
CA LYS BA 33 23.66 -18.35 -28.54
C LYS BA 33 23.55 -19.86 -28.57
N VAL BA 34 24.30 -20.54 -29.44
CA VAL BA 34 24.27 -21.99 -29.58
C VAL BA 34 25.66 -22.52 -29.32
N TYR BA 35 25.80 -23.31 -28.25
CA TYR BA 35 27.10 -23.77 -27.80
C TYR BA 35 27.20 -25.28 -27.92
N ILE BA 36 28.37 -25.76 -28.35
CA ILE BA 36 28.69 -27.18 -28.30
C ILE BA 36 29.07 -27.48 -26.86
N THR BA 37 28.13 -28.01 -26.10
CA THR BA 37 28.37 -28.26 -24.68
C THR BA 37 29.02 -29.62 -24.41
N ASP BA 38 29.01 -30.54 -25.38
CA ASP BA 38 29.92 -31.67 -25.32
C ASP BA 38 29.92 -32.35 -26.69
N ASP BA 39 30.77 -33.37 -26.84
CA ASP BA 39 30.98 -33.99 -28.14
C ASP BA 39 29.67 -34.35 -28.84
N TYR BA 40 28.61 -34.63 -28.08
CA TYR BA 40 27.35 -35.03 -28.68
C TYR BA 40 26.17 -34.19 -28.19
N THR BA 41 26.43 -32.98 -27.70
CA THR BA 41 25.35 -32.14 -27.20
C THR BA 41 25.62 -30.67 -27.50
N ALA BA 42 24.58 -30.01 -28.00
CA ALA BA 42 24.54 -28.57 -28.18
C ALA BA 42 23.40 -27.99 -27.34
N THR BA 43 23.61 -26.75 -26.89
CA THR BA 43 22.65 -26.02 -26.06
C THR BA 43 22.47 -24.62 -26.62
N GLY BA 44 21.22 -24.22 -26.86
CA GLY BA 44 20.95 -22.85 -27.25
C GLY BA 44 20.02 -22.17 -26.26
N ILE BA 45 20.37 -20.99 -25.77
CA ILE BA 45 19.63 -20.36 -24.67
C ILE BA 45 19.07 -19.02 -25.12
N ALA BA 46 17.85 -18.72 -24.65
CA ALA BA 46 17.23 -17.42 -24.83
C ALA BA 46 17.02 -16.77 -23.47
N GLY BA 47 17.04 -15.44 -23.44
CA GLY BA 47 16.84 -14.72 -22.19
C GLY BA 47 17.92 -13.71 -21.88
N THR BA 48 18.26 -13.57 -20.61
CA THR BA 48 19.29 -12.61 -20.22
C THR BA 48 20.66 -13.12 -20.63
N ALA BA 49 21.40 -12.28 -21.37
CA ALA BA 49 22.69 -12.70 -21.90
C ALA BA 49 23.59 -13.27 -20.83
N ALA BA 50 23.79 -12.54 -19.74
CA ALA BA 50 24.67 -13.00 -18.67
C ALA BA 50 24.29 -14.40 -18.19
N VAL BA 51 23.00 -14.60 -17.92
CA VAL BA 51 22.55 -15.89 -17.40
C VAL BA 51 22.76 -17.00 -18.44
N ALA BA 52 22.44 -16.72 -19.70
CA ALA BA 52 22.57 -17.74 -20.74
C ALA BA 52 24.02 -18.15 -20.92
N VAL BA 53 24.93 -17.18 -21.03
CA VAL BA 53 26.35 -17.49 -21.17
C VAL BA 53 26.83 -18.31 -19.96
N GLU BA 54 26.47 -17.86 -18.76
CA GLU BA 54 26.88 -18.61 -17.57
C GLU BA 54 26.33 -20.04 -17.62
N PHE BA 55 25.12 -20.22 -18.16
CA PHE BA 55 24.54 -21.55 -18.28
C PHE BA 55 25.37 -22.42 -19.20
N ALA BA 56 25.69 -21.91 -20.39
CA ALA BA 56 26.47 -22.70 -21.34
C ALA BA 56 27.81 -23.09 -20.76
N ARG BA 57 28.54 -22.12 -20.21
CA ARG BA 57 29.86 -22.38 -19.66
C ARG BA 57 29.79 -23.39 -18.51
N LEU BA 58 28.94 -23.10 -17.52
CA LEU BA 58 28.83 -23.95 -16.35
C LEU BA 58 28.43 -25.37 -16.73
N TYR BA 59 27.36 -25.51 -17.52
CA TYR BA 59 26.89 -26.81 -17.96
C TYR BA 59 28.00 -27.60 -18.64
N ALA BA 60 28.68 -26.96 -19.61
CA ALA BA 60 29.76 -27.64 -20.31
C ALA BA 60 30.84 -28.12 -19.34
N VAL BA 61 31.18 -27.29 -18.36
CA VAL BA 61 32.21 -27.70 -17.40
C VAL BA 61 31.70 -28.86 -16.53
N GLU BA 62 30.43 -28.85 -16.16
CA GLU BA 62 29.91 -29.88 -15.28
C GLU BA 62 29.92 -31.26 -15.94
N LEU BA 63 29.48 -31.32 -17.22
CA LEU BA 63 29.49 -32.61 -17.90
C LEU BA 63 30.89 -33.19 -17.99
N GLU BA 64 31.88 -32.37 -18.36
CA GLU BA 64 33.25 -32.86 -18.47
C GLU BA 64 33.84 -33.18 -17.10
N HIS BA 65 33.44 -32.44 -16.08
CA HIS BA 65 33.82 -32.78 -14.71
C HIS BA 65 33.38 -34.19 -14.36
N TYR BA 66 32.12 -34.53 -14.66
CA TYR BA 66 31.69 -35.90 -14.42
C TYR BA 66 32.51 -36.89 -15.24
N GLU BA 67 32.74 -36.57 -16.52
CA GLU BA 67 33.44 -37.49 -17.39
C GLU BA 67 34.83 -37.81 -16.86
N LYS BA 68 35.59 -36.78 -16.50
CA LYS BA 68 36.94 -37.00 -15.99
C LYS BA 68 36.93 -37.66 -14.63
N LEU BA 69 35.93 -37.36 -13.79
CA LEU BA 69 35.88 -37.96 -12.47
C LEU BA 69 35.58 -39.45 -12.53
N GLU BA 70 34.65 -39.85 -13.39
CA GLU BA 70 34.17 -41.24 -13.40
C GLU BA 70 34.67 -42.05 -14.57
N GLY BA 71 35.45 -41.46 -15.48
CA GLY BA 71 35.98 -42.19 -16.61
C GLY BA 71 35.01 -42.50 -17.72
N VAL BA 72 33.76 -42.07 -17.60
CA VAL BA 72 32.73 -42.31 -18.62
C VAL BA 72 31.80 -41.10 -18.63
N PRO BA 73 31.21 -40.74 -19.76
CA PRO BA 73 30.28 -39.61 -19.79
C PRO BA 73 28.90 -40.01 -19.29
N LEU BA 74 28.18 -38.99 -18.80
CA LEU BA 74 26.83 -39.20 -18.30
C LEU BA 74 25.93 -39.73 -19.40
N THR BA 75 24.95 -40.54 -19.01
CA THR BA 75 23.87 -40.86 -19.91
C THR BA 75 23.20 -39.56 -20.36
N PHE BA 76 22.44 -39.64 -21.47
CA PHE BA 76 21.74 -38.45 -21.93
C PHE BA 76 20.70 -38.01 -20.92
N ALA BA 77 20.01 -38.96 -20.30
CA ALA BA 77 19.06 -38.62 -19.24
C ALA BA 77 19.75 -37.82 -18.14
N GLY BA 78 20.94 -38.25 -17.74
CA GLY BA 78 21.67 -37.51 -16.73
C GLY BA 78 21.98 -36.08 -17.16
N LYS BA 79 22.36 -35.91 -18.43
CA LYS BA 79 22.62 -34.57 -18.93
C LYS BA 79 21.36 -33.70 -18.81
N ILE BA 80 20.22 -34.24 -19.25
CA ILE BA 80 18.95 -33.52 -19.11
C ILE BA 80 18.73 -33.13 -17.66
N ASN BA 81 18.97 -34.07 -16.75
CA ASN BA 81 18.68 -33.81 -15.34
C ASN BA 81 19.55 -32.70 -14.78
N ARG BA 82 20.85 -32.74 -15.03
CA ARG BA 82 21.72 -31.69 -14.54
C ARG BA 82 21.31 -30.33 -15.08
N LEU BA 83 21.05 -30.25 -16.39
CA LEU BA 83 20.64 -28.97 -16.96
C LEU BA 83 19.38 -28.45 -16.27
N ALA BA 84 18.36 -29.30 -16.17
CA ALA BA 84 17.12 -28.89 -15.53
C ALA BA 84 17.35 -28.42 -14.10
N ILE BA 85 18.26 -29.08 -13.38
CA ILE BA 85 18.53 -28.70 -12.00
C ILE BA 85 19.15 -27.31 -11.95
N MET BA 86 20.09 -27.01 -12.86
CA MET BA 86 20.62 -25.66 -12.96
C MET BA 86 19.51 -24.63 -13.21
N VAL BA 87 18.64 -24.92 -14.19
CA VAL BA 87 17.55 -24.00 -14.51
C VAL BA 87 16.68 -23.75 -13.29
N ARG BA 88 16.25 -24.82 -12.62
CA ARG BA 88 15.44 -24.65 -11.40
C ARG BA 88 16.19 -23.82 -10.37
N GLY BA 89 17.49 -24.06 -10.22
CA GLY BA 89 18.28 -23.27 -9.30
C GLY BA 89 18.29 -21.80 -9.60
N ASN BA 90 18.03 -21.42 -10.85
CA ASN BA 90 17.97 -19.99 -11.17
C ASN BA 90 16.55 -19.42 -11.13
N LEU BA 91 15.57 -20.10 -10.53
CA LEU BA 91 14.20 -19.63 -10.62
C LEU BA 91 13.98 -18.34 -9.83
N ALA BA 92 14.53 -18.25 -8.62
CA ALA BA 92 14.37 -17.04 -7.83
C ALA BA 92 14.91 -15.83 -8.56
N ALA BA 93 16.10 -15.95 -9.15
CA ALA BA 93 16.66 -14.86 -9.94
C ALA BA 93 15.81 -14.58 -11.16
N ALA BA 94 15.29 -15.64 -11.80
CA ALA BA 94 14.51 -15.47 -13.02
C ALA BA 94 13.24 -14.66 -12.75
N MET BA 95 12.61 -14.88 -11.60
CA MET BA 95 11.42 -14.10 -11.26
C MET BA 95 11.73 -12.63 -11.03
N GLN BA 96 12.99 -12.28 -10.75
CA GLN BA 96 13.38 -10.89 -10.61
C GLN BA 96 13.97 -10.31 -11.89
N GLY BA 97 13.87 -11.03 -13.02
CA GLY BA 97 14.25 -10.51 -14.32
C GLY BA 97 15.40 -11.23 -14.99
N LEU BA 98 16.20 -11.99 -14.25
CA LEU BA 98 17.34 -12.68 -14.86
C LEU BA 98 16.90 -14.03 -15.42
N LEU BA 99 15.89 -14.02 -16.28
CA LEU BA 99 15.34 -15.26 -16.83
C LEU BA 99 16.16 -15.75 -18.00
N ALA BA 100 16.27 -17.08 -18.12
CA ALA BA 100 16.99 -17.68 -19.23
C ALA BA 100 16.54 -19.13 -19.39
N LEU BA 101 16.01 -19.47 -20.57
CA LEU BA 101 15.54 -20.81 -20.90
C LEU BA 101 16.47 -21.47 -21.90
N PRO BA 102 16.92 -22.69 -21.65
CA PRO BA 102 17.74 -23.41 -22.61
C PRO BA 102 16.90 -24.31 -23.51
N LEU BA 103 17.54 -24.77 -24.59
CA LEU BA 103 17.03 -25.79 -25.48
C LEU BA 103 18.17 -26.74 -25.77
N LEU BA 104 17.92 -28.04 -25.63
CA LEU BA 104 18.96 -29.06 -25.69
C LEU BA 104 18.79 -29.90 -26.93
N ALA BA 105 19.88 -30.07 -27.68
CA ALA BA 105 19.91 -30.99 -28.81
C ALA BA 105 21.06 -31.96 -28.58
N GLY BA 106 20.78 -33.26 -28.77
CA GLY BA 106 21.78 -34.28 -28.52
C GLY BA 106 21.71 -35.40 -29.54
N TYR BA 107 22.68 -36.30 -29.43
CA TYR BA 107 22.70 -37.56 -30.17
C TYR BA 107 23.11 -38.64 -29.18
N ASP BA 108 22.16 -39.49 -28.81
CA ASP BA 108 22.40 -40.49 -27.77
C ASP BA 108 23.16 -41.66 -28.38
N ILE BA 109 24.46 -41.76 -28.05
CA ILE BA 109 25.27 -42.85 -28.56
C ILE BA 109 24.82 -44.21 -28.03
N HIS BA 110 24.08 -44.23 -26.93
CA HIS BA 110 23.63 -45.48 -26.34
C HIS BA 110 22.24 -45.89 -26.81
N ALA BA 111 21.68 -45.18 -27.79
CA ALA BA 111 20.38 -45.55 -28.32
C ALA BA 111 20.48 -46.80 -29.18
N SER BA 112 19.37 -47.52 -29.30
CA SER BA 112 19.34 -48.71 -30.14
C SER BA 112 19.44 -48.33 -31.61
N ASP BA 113 18.45 -47.60 -32.13
CA ASP BA 113 18.43 -47.19 -33.51
C ASP BA 113 19.32 -45.97 -33.73
N PRO BA 114 20.44 -46.10 -34.43
CA PRO BA 114 21.32 -44.93 -34.65
C PRO BA 114 20.70 -43.86 -35.53
N GLN BA 115 19.63 -44.17 -36.28
CA GLN BA 115 19.05 -43.17 -37.17
C GLN BA 115 18.09 -42.23 -36.46
N SER BA 116 17.46 -42.69 -35.38
CA SER BA 116 16.60 -41.85 -34.56
C SER BA 116 17.23 -41.52 -33.21
N ALA BA 117 18.56 -41.55 -33.15
CA ALA BA 117 19.28 -41.29 -31.91
C ALA BA 117 19.30 -39.81 -31.54
N GLY BA 118 18.90 -38.93 -32.45
CA GLY BA 118 18.83 -37.52 -32.11
C GLY BA 118 17.80 -37.24 -31.04
N ARG BA 119 18.09 -36.24 -30.21
CA ARG BA 119 17.26 -35.87 -29.08
C ARG BA 119 17.06 -34.36 -29.09
N ILE BA 120 15.83 -33.94 -28.78
CA ILE BA 120 15.52 -32.53 -28.58
C ILE BA 120 14.73 -32.41 -27.29
N VAL BA 121 15.25 -31.65 -26.34
CA VAL BA 121 14.63 -31.48 -25.02
C VAL BA 121 14.40 -29.99 -24.81
N SER BA 122 13.15 -29.62 -24.53
CA SER BA 122 12.82 -28.27 -24.14
C SER BA 122 12.64 -28.18 -22.63
N PHE BA 123 12.83 -26.98 -22.10
CA PHE BA 123 12.76 -26.72 -20.67
C PHE BA 123 11.86 -25.52 -20.41
N ASP BA 124 11.48 -25.35 -19.15
CA ASP BA 124 10.73 -24.19 -18.70
C ASP BA 124 11.42 -23.58 -17.49
N ALA BA 125 10.90 -22.43 -17.03
CA ALA BA 125 11.57 -21.68 -15.98
C ALA BA 125 11.64 -22.43 -14.65
N ALA BA 126 10.77 -23.42 -14.43
CA ALA BA 126 10.74 -24.17 -13.19
C ALA BA 126 11.58 -25.43 -13.23
N GLY BA 127 12.32 -25.65 -14.31
CA GLY BA 127 13.11 -26.85 -14.45
C GLY BA 127 12.41 -28.02 -15.11
N GLY BA 128 11.13 -27.86 -15.47
CA GLY BA 128 10.45 -28.87 -16.23
C GLY BA 128 11.24 -29.17 -17.50
N TRP BA 129 11.31 -30.44 -17.88
CA TRP BA 129 11.96 -30.84 -19.12
C TRP BA 129 11.04 -31.79 -19.87
N ASN BA 130 11.09 -31.69 -21.21
CA ASN BA 130 10.25 -32.54 -22.05
C ASN BA 130 11.03 -32.94 -23.30
N ILE BA 131 11.10 -34.24 -23.54
CA ILE BA 131 11.78 -34.80 -24.70
C ILE BA 131 10.82 -34.72 -25.88
N GLU BA 132 11.15 -33.87 -26.85
CA GLU BA 132 10.26 -33.66 -27.99
C GLU BA 132 10.19 -34.91 -28.85
N GLU BA 133 8.96 -35.30 -29.22
CA GLU BA 133 8.74 -36.49 -30.02
C GLU BA 133 8.23 -36.19 -31.42
N GLU BA 134 7.97 -34.92 -31.76
CA GLU BA 134 7.39 -34.57 -33.04
C GLU BA 134 8.39 -33.94 -34.00
N GLY BA 135 9.69 -34.00 -33.70
CA GLY BA 135 10.74 -33.73 -34.66
C GLY BA 135 11.44 -32.39 -34.49
N TYR BA 136 10.72 -31.37 -34.04
CA TYR BA 136 11.28 -30.02 -34.02
C TYR BA 136 10.80 -29.27 -32.80
N GLN BA 137 11.53 -28.20 -32.47
CA GLN BA 137 11.20 -27.35 -31.34
C GLN BA 137 12.00 -26.07 -31.45
N ALA BA 138 11.52 -25.02 -30.79
CA ALA BA 138 12.21 -23.75 -30.74
C ALA BA 138 11.93 -23.08 -29.41
N VAL BA 139 12.77 -22.10 -29.07
CA VAL BA 139 12.59 -21.32 -27.85
C VAL BA 139 13.02 -19.89 -28.14
N GLY BA 140 12.36 -18.94 -27.47
CA GLY BA 140 12.68 -17.54 -27.61
C GLY BA 140 11.48 -16.73 -28.06
N SER BA 141 11.69 -15.40 -28.04
CA SER BA 141 10.63 -14.47 -28.41
C SER BA 141 10.03 -14.75 -29.78
N GLY BA 142 10.77 -15.44 -30.65
CA GLY BA 142 10.27 -15.77 -31.97
C GLY BA 142 10.00 -17.25 -32.13
N SER BA 143 9.88 -17.96 -31.01
CA SER BA 143 9.76 -19.42 -31.05
C SER BA 143 8.45 -19.88 -31.69
N LEU BA 144 7.36 -19.12 -31.53
CA LEU BA 144 6.08 -19.57 -32.06
C LEU BA 144 6.05 -19.45 -33.59
N PHE BA 145 6.52 -18.32 -34.13
CA PHE BA 145 6.60 -18.20 -35.59
C PHE BA 145 7.49 -19.28 -36.18
N ALA BA 146 8.63 -19.55 -35.53
CA ALA BA 146 9.55 -20.57 -36.04
C ALA BA 146 8.93 -21.96 -36.00
N LYS BA 147 8.24 -22.29 -34.90
CA LYS BA 147 7.61 -23.60 -34.81
C LYS BA 147 6.48 -23.74 -35.83
N SER BA 148 5.69 -22.69 -36.02
CA SER BA 148 4.61 -22.76 -37.01
C SER BA 148 5.16 -22.86 -38.42
N SER BA 149 6.34 -22.28 -38.67
CA SER BA 149 7.00 -22.47 -39.96
C SER BA 149 7.47 -23.91 -40.13
N MET BA 150 8.22 -24.42 -39.15
CA MET BA 150 8.69 -25.79 -39.22
C MET BA 150 7.53 -26.77 -39.34
N LYS BA 151 6.36 -26.43 -38.81
CA LYS BA 151 5.20 -27.30 -38.97
C LYS BA 151 4.91 -27.56 -40.45
N LYS BA 152 5.08 -26.54 -41.28
CA LYS BA 152 4.82 -26.67 -42.71
C LYS BA 152 6.03 -27.17 -43.48
N LEU BA 153 7.24 -26.86 -43.03
CA LEU BA 153 8.43 -27.22 -43.79
C LEU BA 153 9.05 -28.56 -43.41
N TYR BA 154 8.61 -29.18 -42.30
CA TYR BA 154 9.34 -30.34 -41.80
C TYR BA 154 9.23 -31.54 -42.73
N SER BA 155 8.18 -31.61 -43.55
CA SER BA 155 8.09 -32.71 -44.49
C SER BA 155 9.24 -32.71 -45.50
N GLN BA 156 9.93 -31.58 -45.66
CA GLN BA 156 11.03 -31.49 -46.60
C GLN BA 156 12.34 -32.05 -46.06
N VAL BA 157 12.46 -32.19 -44.74
CA VAL BA 157 13.72 -32.65 -44.15
C VAL BA 157 13.89 -34.14 -44.44
N THR BA 158 14.96 -34.47 -45.16
CA THR BA 158 15.31 -35.85 -45.46
C THR BA 158 16.77 -36.19 -45.19
N ASP BA 159 17.61 -35.20 -44.92
CA ASP BA 159 19.01 -35.43 -44.57
C ASP BA 159 19.53 -34.17 -43.88
N GLY BA 160 20.83 -34.19 -43.58
CA GLY BA 160 21.42 -33.07 -42.86
C GLY BA 160 21.25 -31.74 -43.58
N ASP BA 161 21.40 -31.74 -44.90
CA ASP BA 161 21.38 -30.47 -45.64
C ASP BA 161 19.96 -29.88 -45.70
N SER BA 162 18.97 -30.71 -46.03
CA SER BA 162 17.60 -30.21 -46.05
C SER BA 162 17.15 -29.83 -44.64
N GLY BA 163 17.61 -30.53 -43.62
CA GLY BA 163 17.34 -30.12 -42.25
C GLY BA 163 17.91 -28.75 -41.95
N LEU BA 164 19.18 -28.55 -42.28
CA LEU BA 164 19.80 -27.24 -42.05
C LEU BA 164 19.03 -26.14 -42.76
N ARG BA 165 18.63 -26.38 -44.02
CA ARG BA 165 17.84 -25.37 -44.72
C ARG BA 165 16.53 -25.09 -43.98
N VAL BA 166 15.82 -26.14 -43.56
CA VAL BA 166 14.56 -25.91 -42.85
C VAL BA 166 14.79 -25.09 -41.59
N ALA BA 167 15.91 -25.35 -40.89
CA ALA BA 167 16.22 -24.60 -39.68
C ALA BA 167 16.47 -23.13 -40.00
N VAL BA 168 17.26 -22.86 -41.04
CA VAL BA 168 17.56 -21.48 -41.40
C VAL BA 168 16.30 -20.74 -41.85
N GLU BA 169 15.39 -21.45 -42.54
CA GLU BA 169 14.16 -20.80 -43.00
C GLU BA 169 13.24 -20.52 -41.82
N ALA BA 170 13.20 -21.43 -40.84
CA ALA BA 170 12.45 -21.16 -39.62
C ALA BA 170 12.98 -19.92 -38.92
N LEU BA 171 14.31 -19.86 -38.71
CA LEU BA 171 14.88 -18.67 -38.10
C LEU BA 171 14.56 -17.41 -38.91
N TYR BA 172 14.51 -17.53 -40.24
CA TYR BA 172 14.19 -16.37 -41.07
C TYR BA 172 12.76 -15.90 -40.82
N ASP BA 173 11.80 -16.83 -40.76
CA ASP BA 173 10.42 -16.43 -40.47
C ASP BA 173 10.30 -15.83 -39.08
N ALA BA 174 10.96 -16.42 -38.09
CA ALA BA 174 11.00 -15.86 -36.75
C ALA BA 174 11.48 -14.40 -36.78
N ALA BA 175 12.59 -14.14 -37.47
CA ALA BA 175 13.04 -12.76 -37.58
C ALA BA 175 12.04 -11.90 -38.34
N ASP BA 176 11.27 -12.51 -39.24
CA ASP BA 176 10.30 -11.76 -40.03
C ASP BA 176 9.18 -11.22 -39.15
N ASP BA 177 8.73 -12.01 -38.17
CA ASP BA 177 7.60 -11.59 -37.33
C ASP BA 177 8.00 -11.13 -35.92
N ASP BA 178 9.29 -11.11 -35.59
CA ASP BA 178 9.74 -10.81 -34.23
C ASP BA 178 10.92 -9.84 -34.29
N SER BA 179 10.76 -8.66 -33.69
CA SER BA 179 11.82 -7.65 -33.74
C SER BA 179 12.98 -7.95 -32.81
N ALA BA 180 12.80 -8.82 -31.82
CA ALA BA 180 13.89 -9.24 -30.94
C ALA BA 180 14.68 -10.41 -31.51
N THR BA 181 14.31 -10.90 -32.70
CA THR BA 181 15.08 -11.91 -33.40
C THR BA 181 15.73 -11.26 -34.62
N GLY BA 182 17.03 -11.52 -34.81
CA GLY BA 182 17.77 -10.93 -35.90
C GLY BA 182 17.72 -11.79 -37.16
N GLY BA 183 17.48 -11.13 -38.29
CA GLY BA 183 17.51 -11.80 -39.56
C GLY BA 183 18.90 -11.76 -40.18
N PRO BA 184 19.07 -12.41 -41.32
CA PRO BA 184 20.38 -12.36 -42.01
C PRO BA 184 20.73 -10.93 -42.40
N ASP BA 185 21.98 -10.56 -42.13
CA ASP BA 185 22.50 -9.22 -42.38
C ASP BA 185 23.43 -9.29 -43.58
N LEU BA 186 22.92 -8.94 -44.76
CA LEU BA 186 23.70 -9.09 -45.98
C LEU BA 186 24.79 -8.03 -46.09
N VAL BA 187 24.55 -6.83 -45.58
CA VAL BA 187 25.58 -5.79 -45.63
C VAL BA 187 26.78 -6.17 -44.78
N ARG BA 188 26.53 -6.55 -43.52
CA ARG BA 188 27.61 -6.87 -42.60
C ARG BA 188 28.10 -8.31 -42.74
N GLY BA 189 27.31 -9.18 -43.35
CA GLY BA 189 27.72 -10.56 -43.54
C GLY BA 189 27.52 -11.47 -42.35
N ILE BA 190 26.58 -11.14 -41.48
CA ILE BA 190 26.29 -11.93 -40.29
C ILE BA 190 25.04 -12.76 -40.54
N PHE BA 191 25.09 -14.03 -40.18
CA PHE BA 191 24.00 -14.97 -40.36
C PHE BA 191 23.83 -15.78 -39.08
N PRO BA 192 22.73 -16.52 -38.96
CA PRO BA 192 22.56 -17.37 -37.78
C PRO BA 192 23.69 -18.38 -37.69
N THR BA 193 23.91 -18.89 -36.47
CA THR BA 193 24.87 -19.96 -36.27
C THR BA 193 24.12 -21.28 -36.20
N ALA BA 194 24.84 -22.36 -36.48
CA ALA BA 194 24.22 -23.67 -36.50
C ALA BA 194 25.23 -24.73 -36.10
N VAL BA 195 24.74 -25.71 -35.33
CA VAL BA 195 25.49 -26.90 -34.96
C VAL BA 195 24.73 -28.11 -35.50
N ILE BA 196 25.48 -29.07 -36.03
CA ILE BA 196 24.92 -30.32 -36.55
C ILE BA 196 25.57 -31.46 -35.78
N ILE BA 197 24.76 -32.34 -35.21
CA ILE BA 197 25.26 -33.46 -34.43
C ILE BA 197 24.80 -34.75 -35.08
N ASP BA 198 25.75 -35.66 -35.31
CA ASP BA 198 25.42 -36.99 -35.83
C ASP BA 198 26.30 -38.00 -35.09
N ALA BA 199 26.36 -39.22 -35.61
CA ALA BA 199 27.12 -40.28 -34.96
C ALA BA 199 28.60 -39.93 -34.83
N ASP BA 200 29.10 -39.06 -35.71
CA ASP BA 200 30.50 -38.64 -35.68
C ASP BA 200 30.74 -37.45 -34.77
N GLY BA 201 29.75 -37.06 -33.98
CA GLY BA 201 29.91 -35.97 -33.04
C GLY BA 201 29.17 -34.71 -33.46
N ALA BA 202 29.44 -33.64 -32.71
CA ALA BA 202 28.80 -32.34 -32.92
C ALA BA 202 29.79 -31.40 -33.58
N VAL BA 203 29.35 -30.72 -34.64
CA VAL BA 203 30.22 -29.89 -35.45
C VAL BA 203 29.57 -28.53 -35.66
N ASP BA 204 30.41 -27.48 -35.68
CA ASP BA 204 29.96 -26.16 -36.08
C ASP BA 204 29.73 -26.13 -37.58
N VAL BA 205 28.55 -25.70 -37.99
CA VAL BA 205 28.25 -25.59 -39.42
C VAL BA 205 28.96 -24.36 -39.98
N PRO BA 206 29.72 -24.49 -41.06
CA PRO BA 206 30.47 -23.34 -41.57
C PRO BA 206 29.54 -22.24 -42.06
N GLU BA 207 29.97 -20.99 -41.83
CA GLU BA 207 29.14 -19.84 -42.17
C GLU BA 207 28.76 -19.81 -43.65
N SER BA 208 29.70 -20.13 -44.53
CA SER BA 208 29.45 -20.04 -45.97
C SER BA 208 28.18 -20.78 -46.37
N ARG BA 209 27.95 -21.94 -45.76
CA ARG BA 209 26.77 -22.73 -46.10
C ARG BA 209 25.49 -22.04 -45.61
N ILE BA 210 25.54 -21.46 -44.41
CA ILE BA 210 24.41 -20.70 -43.88
C ILE BA 210 24.10 -19.52 -44.78
N ALA BA 211 25.15 -18.88 -45.32
CA ALA BA 211 24.93 -17.74 -46.20
C ALA BA 211 24.32 -18.17 -47.52
N GLU BA 212 24.81 -19.27 -48.09
CA GLU BA 212 24.18 -19.82 -49.29
C GLU BA 212 22.69 -20.06 -49.07
N LEU BA 213 22.36 -20.77 -47.98
CA LEU BA 213 20.96 -21.10 -47.71
C LEU BA 213 20.13 -19.84 -47.51
N ALA BA 214 20.60 -18.92 -46.67
CA ALA BA 214 19.89 -17.67 -46.45
C ALA BA 214 19.60 -16.96 -47.76
N ARG BA 215 20.64 -16.79 -48.60
CA ARG BA 215 20.45 -16.11 -49.87
C ARG BA 215 19.43 -16.84 -50.74
N ALA BA 216 19.44 -18.17 -50.72
CA ALA BA 216 18.43 -18.92 -51.46
C ALA BA 216 17.03 -18.58 -50.98
N ILE BA 217 16.82 -18.57 -49.66
CA ILE BA 217 15.50 -18.25 -49.12
C ILE BA 217 15.08 -16.84 -49.53
N ILE BA 218 16.01 -15.88 -49.37
CA ILE BA 218 15.71 -14.49 -49.74
C ILE BA 218 15.27 -14.41 -51.19
N GLU BA 219 16.08 -14.94 -52.11
CA GLU BA 219 15.72 -14.87 -53.52
C GLU BA 219 14.41 -15.59 -53.81
N SER BA 220 14.12 -16.66 -53.05
CA SER BA 220 12.84 -17.34 -53.22
C SER BA 220 11.68 -16.42 -52.86
N ARG BA 221 11.79 -15.71 -51.73
CA ARG BA 221 10.70 -14.84 -51.30
C ARG BA 221 10.58 -13.61 -52.18
N SER BA 222 11.72 -13.03 -52.58
CA SER BA 222 11.74 -11.79 -53.33
C SER BA 222 11.12 -11.90 -54.72
N GLY BA 223 10.77 -13.10 -55.17
CA GLY BA 223 10.17 -13.28 -56.47
C GLY BA 223 11.17 -13.24 -57.62
C1 DMF CA . -49.25 22.98 1.50
C2 DMF CA . -47.74 22.94 -0.55
C DMF CA . -49.91 21.84 -0.53
O DMF CA . -49.59 21.21 -1.55
N DMF CA . -49.00 22.56 0.11
H11 DMF CA . -50.23 22.60 1.81
H12 DMF CA . -49.23 24.07 1.56
H13 DMF CA . -48.47 22.57 2.15
H21 DMF CA . -47.73 22.55 -1.56
H22 DMF CA . -46.89 22.53 0.01
H23 DMF CA . -47.66 24.03 -0.58
HC DMF CA . -50.94 21.82 -0.15
C1 DMF DA . -39.19 39.15 3.80
C2 DMF DA . -36.78 39.96 3.65
C DMF DA . -37.65 38.18 2.20
O DMF DA . -36.55 38.13 1.64
N DMF DA . -37.86 39.06 3.18
H11 DMF DA . -39.85 38.43 3.33
H12 DMF DA . -39.59 40.15 3.67
H13 DMF DA . -39.11 38.93 4.87
H21 DMF DA . -35.87 39.76 3.07
H22 DMF DA . -36.58 39.77 4.71
H23 DMF DA . -37.08 41.00 3.51
HC DMF DA . -38.47 37.52 1.90
C1 DMF EA . -25.58 47.49 -9.21
C2 DMF EA . -23.63 48.95 -9.97
C DMF EA . -23.77 46.60 -10.55
O DMF EA . -22.55 46.58 -10.78
N DMF EA . -24.30 47.64 -9.93
H11 DMF EA . -25.93 46.46 -9.29
H12 DMF EA . -26.32 48.16 -9.64
H13 DMF EA . -25.44 47.74 -8.15
H21 DMF EA . -22.71 48.87 -10.56
H22 DMF EA . -23.38 49.27 -8.96
H23 DMF EA . -24.29 49.68 -10.44
HC DMF EA . -24.41 45.77 -10.86
C1 DMF FA . -27.13 24.71 -38.22
C2 DMF FA . -26.60 26.40 -40.03
C DMF FA . -26.83 24.01 -40.52
O DMF FA . -26.78 24.28 -41.72
N DMF FA . -26.85 25.00 -39.63
H11 DMF FA . -27.30 23.64 -38.09
H12 DMF FA . -28.03 25.24 -37.90
H13 DMF FA . -26.29 25.02 -37.60
H21 DMF FA . -26.41 26.44 -41.10
H22 DMF FA . -25.74 26.79 -39.48
H23 DMF FA . -27.48 27.01 -39.79
HC DMF FA . -26.85 22.98 -40.15
C1 DMF GA . -42.21 -1.51 -22.63
C2 DMF GA . -40.64 0.45 -23.05
C DMF GA . -42.55 -0.02 -24.50
O DMF GA . -42.20 0.94 -25.20
N DMF GA . -41.82 -0.34 -23.45
H11 DMF GA . -43.10 -1.96 -23.05
H12 DMF GA . -42.41 -1.19 -21.60
H13 DMF GA . -41.40 -2.23 -22.62
H21 DMF GA . -40.52 1.27 -23.75
H22 DMF GA . -40.79 0.85 -22.04
H23 DMF GA . -39.76 -0.18 -23.07
HC DMF GA . -43.44 -0.59 -24.73
C1 DMF HA . -40.34 11.93 -32.81
C2 DMF HA . -40.21 12.47 -35.29
C DMF HA . -41.21 10.38 -34.45
O DMF HA . -41.25 9.97 -35.61
N DMF HA . -40.61 11.55 -34.20
H11 DMF HA . -40.70 11.15 -32.13
H12 DMF HA . -40.86 12.87 -32.58
H13 DMF HA . -39.27 12.07 -32.66
H21 DMF HA . -40.49 12.02 -36.25
H22 DMF HA . -39.14 12.62 -35.25
H23 DMF HA . -40.73 13.41 -35.16
HC DMF HA . -41.64 9.82 -33.62
C1 DMF IA . -50.07 10.47 -14.80
C2 DMF IA . -51.80 9.03 -15.97
C DMF IA . -50.09 10.27 -17.22
O DMF IA . -50.75 10.13 -18.25
N DMF IA . -50.63 9.94 -16.05
H11 DMF IA . -49.23 11.11 -15.04
H12 DMF IA . -49.74 9.65 -14.17
H13 DMF IA . -50.83 11.05 -14.28
H21 DMF IA . -52.09 8.72 -16.97
H22 DMF IA . -51.53 8.15 -15.38
H23 DMF IA . -52.63 9.55 -15.48
HC DMF IA . -49.08 10.66 -17.24
C1 DMF JA . -46.84 6.85 0.29
C2 DMF JA . -45.97 7.81 -1.91
C DMF JA . -48.32 7.26 -1.57
O DMF JA . -48.49 7.19 -2.78
N DMF JA . -47.08 7.30 -1.08
H11 DMF JA . -47.77 6.52 0.76
H12 DMF JA . -46.41 7.67 0.88
H13 DMF JA . -46.13 6.02 0.28
H21 DMF JA . -46.35 8.10 -2.89
H22 DMF JA . -45.23 7.02 -2.04
H23 DMF JA . -45.52 8.66 -1.42
HC DMF JA . -49.17 7.28 -0.88
C25 M6Y KA . -20.52 4.75 16.92
C26 M6Y KA . -20.29 5.95 16.25
C27 M6Y KA . -19.43 6.15 15.00
O28 M6Y KA . -20.96 6.91 16.92
N29 M6Y KA . -21.61 6.33 17.97
C24 M6Y KA . -21.35 5.03 18.00
C22 M6Y KA . -21.88 4.03 19.02
O23 M6Y KA . -21.31 3.00 19.20
C13 M6Y KA . -26.54 7.92 22.68
C15 M6Y KA . -27.46 5.79 22.62
C17 M6Y KA . -28.52 4.21 24.07
C20 M6Y KA . -28.59 5.82 21.82
C04 M6Y KA . -24.27 2.23 19.98
C06 M6Y KA . -23.59 3.38 20.73
C07 M6Y KA . -24.63 4.05 21.62
C08 M6Y KA . -24.16 4.98 22.73
C11 M6Y KA . -24.64 7.08 23.96
C12 M6Y KA . -25.93 7.96 24.10
C14 M6Y KA . -26.28 6.67 22.26
C16 M6Y KA . -27.42 4.99 23.75
C18 M6Y KA . -29.64 4.23 23.27
C19 M6Y KA . -29.68 5.03 22.14
N10 M6Y KA . -24.93 6.18 23.02
N21 M6Y KA . -23.08 4.34 19.77
O05 M6Y KA . -24.88 2.44 18.99
O09 M6Y KA . -23.18 4.73 23.35
N03 M6Y KA . -24.16 0.88 20.52
C02 M6Y KA . -24.80 -0.24 19.85
C30 M6Y KA . -26.03 -0.63 20.68
O31 M6Y KA . -25.97 -0.66 21.86
C01 M6Y KA . -23.81 -1.39 19.78
C33 M6Y KA . -28.43 -1.33 20.88
C34 M6Y KA . -29.70 -0.67 20.34
C35 M6Y KA . -30.54 -1.38 19.49
C36 M6Y KA . -31.69 -0.78 19.00
C37 M6Y KA . -32.01 0.52 19.37
C39 M6Y KA . -31.17 1.23 20.21
C40 M6Y KA . -30.02 0.63 20.70
F38 M6Y KA . -33.14 1.11 18.88
F41 M6Y KA . -29.20 1.32 21.53
N32 M6Y KA . -27.29 -0.96 20.05
C1 CIT LA . -26.04 -4.34 19.00
O1 CIT LA . -27.19 -3.92 18.75
O2 CIT LA . -25.81 -4.86 20.12
C2 CIT LA . -24.95 -4.23 17.96
C3 CIT LA . -24.43 -5.60 17.55
O7 CIT LA . -23.51 -5.43 16.43
C4 CIT LA . -23.71 -6.35 18.67
C5 CIT LA . -22.68 -5.48 19.36
O3 CIT LA . -21.65 -5.09 18.77
O4 CIT LA . -22.85 -5.14 20.56
C6 CIT LA . -25.60 -6.44 17.05
O5 CIT LA . -25.94 -6.40 15.84
O6 CIT LA . -26.25 -7.15 17.85
H21 CIT LA . -25.34 -3.71 17.08
H22 CIT LA . -24.12 -3.63 18.36
HO7 CIT LA . -23.87 -5.88 15.63
H41 CIT LA . -23.22 -7.23 18.26
H42 CIT LA . -24.45 -6.69 19.40
C25 M6Y MA . -7.66 21.26 15.91
C26 M6Y MA . -7.41 21.64 14.59
C27 M6Y MA . -7.85 20.89 13.33
O28 M6Y MA . -6.70 22.79 14.65
N29 M6Y MA . -6.51 23.13 15.95
C24 M6Y MA . -7.07 22.21 16.72
C22 M6Y MA . -7.10 22.22 18.24
O23 M6Y MA . -6.58 21.34 18.86
C13 M6Y MA . -8.32 28.94 19.75
C15 M6Y MA . -9.41 27.73 21.44
C17 M6Y MA . -11.59 27.88 22.42
C20 M6Y MA . -8.84 27.67 22.70
C04 M6Y MA . -8.80 22.28 20.85
C06 M6Y MA . -7.72 23.26 20.38
C07 M6Y MA . -8.02 24.66 20.91
C08 M6Y MA . -6.84 25.64 20.95
C11 M6Y MA . -6.15 27.99 20.59
C12 M6Y MA . -6.80 29.21 19.84
C14 M6Y MA . -8.52 27.68 20.22
C16 M6Y MA . -10.78 27.84 21.30
C18 M6Y MA . -11.02 27.82 23.69
C19 M6Y MA . -9.65 27.72 23.83
N10 M6Y MA . -7.08 27.03 20.61
N21 M6Y MA . -7.73 23.30 18.95
O05 M6Y MA . -9.84 22.22 20.32
O09 M6Y MA . -5.75 25.28 21.22
N03 M6Y MA . -8.48 21.41 21.99
C02 M6Y MA . -9.48 20.48 22.49
C30 M6Y MA . -10.07 21.11 23.75
O31 M6Y MA . -9.34 21.48 24.61
C01 M6Y MA . -8.82 19.16 22.84
C33 M6Y MA . -12.04 21.91 25.09
C34 M6Y MA . -13.33 22.67 24.77
C35 M6Y MA . -14.55 22.01 24.78
C36 M6Y MA . -15.71 22.71 24.48
C37 M6Y MA . -15.65 24.07 24.18
C39 M6Y MA . -14.43 24.73 24.18
C40 M6Y MA . -13.27 24.02 24.47
F38 M6Y MA . -16.79 24.75 23.88
F41 M6Y MA . -12.08 24.68 24.46
N32 M6Y MA . -11.50 21.29 23.89
C1 CIT NA . -9.07 15.70 24.88
O1 CIT NA . -8.86 15.12 23.78
O2 CIT NA . -8.23 16.52 25.30
C2 CIT NA . -10.32 15.40 25.67
C3 CIT NA . -11.54 15.37 24.75
O7 CIT NA . -11.36 14.31 23.77
C4 CIT NA . -11.78 16.68 24.00
C5 CIT NA . -11.76 17.87 24.93
O3 CIT NA . -12.80 18.55 25.10
O4 CIT NA . -10.72 18.21 25.54
C6 CIT NA . -12.78 15.05 25.57
O5 CIT NA . -13.71 14.37 25.10
O6 CIT NA . -12.87 15.49 26.74
H21 CIT NA . -10.21 14.44 26.16
H22 CIT NA . -10.45 16.16 26.43
HO7 CIT NA . -12.09 13.65 23.88
H41 CIT NA . -12.75 16.63 23.50
H42 CIT NA . -11.02 16.80 23.24
C1 DMF OA . -38.12 11.90 21.57
C2 DMF OA . -36.17 12.91 20.26
C DMF OA . -38.28 12.28 19.17
O DMF OA . -37.72 12.37 18.07
N DMF OA . -37.54 12.35 20.29
H11 DMF OA . -39.13 11.53 21.40
H12 DMF OA . -38.14 12.73 22.27
H13 DMF OA . -37.51 11.09 21.97
H21 DMF OA . -35.92 13.21 19.25
H22 DMF OA . -35.47 12.15 20.60
H23 DMF OA . -36.12 13.78 20.92
HC DMF OA . -39.35 12.14 19.25
C25 M6Y PA . 5.02 26.76 -0.27
C26 M6Y PA . 4.54 26.32 -1.50
C27 M6Y PA . 3.43 25.31 -1.74
O28 M6Y PA . 5.26 26.95 -2.44
N29 M6Y PA . 6.17 27.77 -1.84
C24 M6Y PA . 6.03 27.67 -0.52
C22 M6Y PA . 6.85 28.43 0.52
O23 M6Y PA . 7.44 27.84 1.36
C13 M6Y PA . 7.57 34.73 -2.51
C15 M6Y PA . 7.43 35.15 -0.21
C17 M6Y PA . 6.19 36.62 1.21
C20 M6Y PA . 8.62 35.57 0.37
C04 M6Y PA . 6.92 30.56 2.79
C06 M6Y PA . 7.68 30.57 1.46
C07 M6Y PA . 7.89 32.01 1.00
C08 M6Y PA . 9.00 32.25 -0.01
C11 M6Y PA . 9.69 33.52 -2.02
C12 M6Y PA . 8.90 34.28 -3.16
C14 M6Y PA . 7.48 34.11 -1.31
C16 M6Y PA . 6.22 35.67 0.20
C18 M6Y PA . 7.38 37.05 1.79
C19 M6Y PA . 8.59 36.52 1.37
N10 M6Y PA . 8.80 33.22 -1.08
N21 M6Y PA . 6.91 29.87 0.47
O05 M6Y PA . 5.74 30.72 2.82
O09 M6Y PA . 10.01 31.65 0.07
N03 M6Y PA . 7.64 30.38 4.04
C02 M6Y PA . 6.94 30.40 5.31
C30 M6Y PA . 7.27 31.75 5.97
O31 M6Y PA . 8.38 32.15 5.94
C01 M6Y PA . 7.40 29.25 6.18
C33 M6Y PA . 6.54 33.80 7.23
C34 M6Y PA . 5.43 34.81 6.90
C35 M6Y PA . 4.35 34.96 7.74
C36 M6Y PA . 3.35 35.88 7.42
C37 M6Y PA . 3.45 36.64 6.26
C39 M6Y PA . 4.54 36.49 5.42
C40 M6Y PA . 5.53 35.57 5.75
F38 M6Y PA . 2.48 37.54 5.96
F41 M6Y PA . 6.61 35.42 4.92
N32 M6Y PA . 6.22 32.52 6.60
C1 CIT QA . 8.25 27.84 9.75
O1 CIT QA . 8.24 26.59 9.57
O2 CIT QA . 8.79 28.57 8.88
C2 CIT QA . 7.64 28.47 10.99
C3 CIT QA . 6.11 28.47 10.88
O7 CIT QA . 5.65 27.09 10.87
C4 CIT QA . 5.60 29.18 9.63
C5 CIT QA . 6.10 30.61 9.58
O3 CIT QA . 5.29 31.56 9.68
O4 CIT QA . 7.32 30.86 9.45
C6 CIT QA . 5.50 29.17 12.09
O5 CIT QA . 4.45 28.74 12.63
O6 CIT QA . 6.03 30.22 12.54
H21 CIT QA . 7.94 27.89 11.87
H22 CIT QA . 8.00 29.48 11.10
HO7 CIT QA . 5.07 26.94 11.64
H41 CIT QA . 5.94 28.63 8.74
H42 CIT QA . 4.51 29.17 9.63
C1 DMF RA . -16.99 36.62 18.93
C2 DMF RA . -18.20 34.93 17.46
C DMF RA . -19.21 35.85 19.48
O DMF RA . -19.97 34.87 19.55
N DMF RA . -18.17 35.80 18.64
H11 DMF RA . -17.15 37.19 19.85
H12 DMF RA . -16.81 37.31 18.10
H13 DMF RA . -16.11 35.98 19.07
H21 DMF RA . -19.16 34.41 17.41
H22 DMF RA . -17.39 34.20 17.52
H23 DMF RA . -18.08 35.53 16.56
HC DMF RA . -19.37 36.75 20.06
C1 DMF SA . -22.93 44.25 5.04
C2 DMF SA . -21.03 42.78 4.12
C DMF SA . -23.36 42.00 4.27
O DMF SA . -23.04 41.02 3.59
N DMF SA . -22.46 42.97 4.47
H11 DMF SA . -24.00 44.21 5.21
H12 DMF SA . -22.71 45.06 4.34
H13 DMF SA . -22.41 44.44 5.98
H21 DMF SA . -20.90 41.77 3.71
H22 DMF SA . -20.43 42.89 5.02
H23 DMF SA . -20.74 43.51 3.38
HC DMF SA . -24.34 42.09 4.71
C25 M6Y TA . 7.30 17.12 -19.35
C26 M6Y TA . 6.12 16.46 -19.68
C27 M6Y TA . 5.00 16.07 -18.71
O28 M6Y TA . 6.16 16.22 -20.99
N29 M6Y TA . 7.32 16.73 -21.51
C24 M6Y TA . 8.01 17.28 -20.52
C22 M6Y TA . 9.38 17.96 -20.67
O23 M6Y TA . 10.33 17.52 -20.10
C13 M6Y TA . 9.26 20.97 -27.09
C15 M6Y TA . 10.37 22.57 -25.76
C17 M6Y TA . 12.32 23.95 -25.86
C20 M6Y TA . 9.59 23.68 -25.49
C04 M6Y TA . 11.01 20.72 -20.47
C06 M6Y TA . 10.80 19.76 -21.64
C07 M6Y TA . 10.88 20.52 -22.96
C08 M6Y TA . 11.37 19.75 -24.19
C11 M6Y TA . 11.19 19.45 -26.64
C12 M6Y TA . 10.25 20.00 -27.78
C14 M6Y TA . 9.74 21.19 -25.85
C16 M6Y TA . 11.74 22.71 -25.94
C18 M6Y TA . 11.54 25.07 -25.60
C19 M6Y TA . 10.18 24.94 -25.42
N10 M6Y TA . 10.84 20.05 -25.51
N21 M6Y TA . 9.50 19.13 -21.51
O05 M6Y TA . 10.13 21.41 -20.09
O09 M6Y TA . 12.18 18.89 -24.06
N03 M6Y TA . 12.32 20.77 -19.82
C02 M6Y TA . 12.55 21.68 -18.72
C30 M6Y TA . 13.34 22.86 -19.29
O31 M6Y TA . 14.32 22.66 -19.93
C01 M6Y TA . 13.37 20.99 -17.64
C33 M6Y TA . 13.65 25.32 -19.63
C34 M6Y TA . 12.68 26.40 -20.13
C35 M6Y TA . 12.26 27.41 -19.28
C36 M6Y TA . 11.39 28.38 -19.72
C37 M6Y TA . 10.94 28.35 -21.04
C39 M6Y TA . 11.35 27.34 -21.90
C40 M6Y TA . 12.22 26.36 -21.44
F38 M6Y TA . 10.08 29.30 -21.48
F41 M6Y TA . 12.64 25.38 -22.28
N32 M6Y TA . 12.89 24.21 -19.07
C1 CIT UA . 14.01 24.41 -15.68
O1 CIT UA . 13.27 25.38 -15.97
O2 CIT UA . 15.17 24.37 -16.16
C2 CIT UA . 13.50 23.31 -14.77
C3 CIT UA . 14.26 23.24 -13.43
O7 CIT UA . 13.45 22.43 -12.53
C4 CIT UA . 15.66 22.62 -13.46
C5 CIT UA . 15.85 21.55 -14.53
O3 CIT UA . 16.05 21.90 -15.72
O4 CIT UA . 15.84 20.34 -14.23
C6 CIT UA . 14.36 24.64 -12.83
O5 CIT UA . 13.54 25.00 -11.94
O6 CIT UA . 15.24 25.43 -13.23
H21 CIT UA . 12.44 23.48 -14.57
H22 CIT UA . 13.59 22.36 -15.28
HO7 CIT UA . 13.17 22.98 -11.77
H41 CIT UA . 15.87 22.17 -12.49
H42 CIT UA . 16.39 23.42 -13.61
C25 M6Y VA . -2.68 -0.05 -27.39
C26 M6Y VA . -3.84 -0.41 -26.74
C27 M6Y VA . -4.51 0.32 -25.56
O28 M6Y VA . -4.30 -1.52 -27.34
N29 M6Y VA . -3.44 -1.86 -28.35
C24 M6Y VA . -2.45 -0.99 -28.39
C22 M6Y VA . -1.29 -1.02 -29.38
O23 M6Y VA . -0.18 -1.09 -28.98
C13 M6Y VA . -4.47 -1.94 -35.79
C15 M6Y VA . -2.57 -0.64 -36.21
C17 M6Y VA . -0.82 -0.54 -37.83
C20 M6Y VA . -2.90 0.68 -36.48
C04 M6Y VA . 0.42 0.27 -31.58
C06 M6Y VA . -0.43 -0.99 -31.72
C07 M6Y VA . -0.94 -1.11 -33.16
C08 M6Y VA . -1.39 -2.50 -33.63
C11 M6Y VA . -2.97 -3.78 -35.02
C12 M6Y VA . -4.36 -3.48 -35.69
C14 M6Y VA . -3.37 -1.42 -35.20
C16 M6Y VA . -1.53 -1.26 -36.89
C18 M6Y VA . -1.13 0.79 -38.10
C19 M6Y VA . -2.18 1.39 -37.43
N10 M6Y VA . -2.50 -2.63 -34.56
N21 M6Y VA . -1.54 -0.96 -30.81
O05 M6Y VA . -0.08 1.32 -31.35
O09 M6Y VA . -0.84 -3.45 -33.22
N03 M6Y VA . 1.87 0.15 -31.76
C02 M6Y VA . 2.76 1.30 -31.64
C30 M6Y VA . 3.34 1.57 -33.02
O31 M6Y VA . 3.85 0.69 -33.63
C01 M6Y VA . 3.89 0.97 -30.69
C33 M6Y VA . 3.81 3.17 -34.92
C34 M6Y VA . 2.93 4.21 -35.62
C35 M6Y VA . 3.29 5.55 -35.63
C36 M6Y VA . 2.47 6.47 -36.26
C37 M6Y VA . 1.29 6.05 -36.86
C39 M6Y VA . 0.93 4.71 -36.86
C40 M6Y VA . 1.76 3.79 -36.22
F38 M6Y VA . 0.49 6.96 -37.48
F41 M6Y VA . 1.43 2.48 -36.19
N32 M6Y VA . 3.26 2.90 -33.60
C1 CIT WA . 6.32 3.99 -31.69
O1 CIT WA . 5.68 4.83 -32.38
O2 CIT WA . 7.05 3.15 -32.27
C2 CIT WA . 6.19 4.00 -30.18
C3 CIT WA . 7.57 4.21 -29.55
O7 CIT WA . 7.40 4.43 -28.12
C4 CIT WA . 8.55 3.05 -29.75
C5 CIT WA . 7.87 1.70 -29.64
O3 CIT WA . 7.33 1.17 -30.64
O4 CIT WA . 7.83 1.08 -28.55
C6 CIT WA . 8.15 5.49 -30.14
O5 CIT WA . 8.79 5.44 -31.21
O6 CIT WA . 7.96 6.59 -29.57
H21 CIT WA . 5.52 4.79 -29.87
H22 CIT WA . 5.77 3.05 -29.84
HO7 CIT WA . 7.69 5.33 -27.89
H41 CIT WA . 9.35 3.11 -29.01
H42 CIT WA . 9.00 3.13 -30.73
C25 M6Y XA . -16.77 -12.34 -17.94
C26 M6Y XA . -17.54 -11.65 -17.02
C27 M6Y XA . -17.13 -10.38 -16.27
O28 M6Y XA . -18.72 -12.29 -16.94
N29 M6Y XA . -18.69 -13.37 -17.78
C24 M6Y XA . -17.52 -13.41 -18.38
C22 M6Y XA . -17.09 -14.46 -19.39
O23 M6Y XA . -15.95 -14.79 -19.49
C13 M6Y XA . -23.36 -16.67 -21.86
C15 M6Y XA . -21.88 -16.90 -23.68
C17 M6Y XA . -21.95 -16.19 -25.97
C20 M6Y XA . -21.51 -18.18 -24.09
C04 M6Y XA . -16.81 -15.41 -22.30
C06 M6Y XA . -17.70 -16.04 -21.23
C07 M6Y XA . -18.95 -16.57 -21.89
C08 M6Y XA . -19.76 -17.61 -21.13
C11 M6Y XA . -22.05 -18.47 -20.69
C12 M6Y XA . -23.51 -17.90 -20.93
C14 M6Y XA . -22.06 -16.59 -22.20
C16 M6Y XA . -22.09 -15.91 -24.61
C18 M6Y XA . -21.57 -17.45 -26.38
C19 M6Y XA . -21.35 -18.45 -25.44
N10 M6Y XA . -21.21 -17.63 -21.28
N21 M6Y XA . -18.09 -15.06 -20.26
O05 M6Y XA . -17.05 -14.32 -22.72
O09 M6Y XA . -19.23 -18.40 -20.43
N03 M6Y XA . -15.68 -16.17 -22.83
C02 M6Y XA . -14.83 -15.63 -23.88
C30 M6Y XA . -15.16 -16.39 -25.17
O31 M6Y XA . -15.27 -17.57 -25.16
C01 M6Y XA . -13.37 -15.88 -23.53
C33 M6Y XA . -15.68 -16.38 -27.64
C34 M6Y XA . -16.68 -15.55 -28.45
C35 M6Y XA . -16.25 -14.68 -29.43
C36 M6Y XA . -17.18 -13.94 -30.15
C37 M6Y XA . -18.53 -14.06 -29.88
C39 M6Y XA . -18.96 -14.94 -28.88
C40 M6Y XA . -18.03 -15.68 -28.17
F38 M6Y XA . -19.45 -13.34 -30.58
F41 M6Y XA . -18.45 -16.53 -27.20
N32 M6Y XA . -15.35 -15.65 -26.41
C1 CIT YA . -11.62 -15.34 -26.64
O1 CIT YA . -12.26 -14.89 -27.62
O2 CIT YA . -11.65 -16.57 -26.44
C2 CIT YA . -10.83 -14.42 -25.73
C3 CIT YA . -9.32 -14.46 -26.03
O7 CIT YA . -8.84 -13.09 -26.01
C4 CIT YA . -8.48 -15.21 -25.00
C5 CIT YA . -9.20 -16.42 -24.43
O3 CIT YA . -9.60 -17.33 -25.19
O4 CIT YA . -9.38 -16.53 -23.19
C6 CIT YA . -9.06 -14.98 -27.43
O5 CIT YA . -9.11 -16.20 -27.69
O6 CIT YA . -8.81 -14.18 -28.37
H21 CIT YA . -11.19 -13.39 -25.85
H22 CIT YA . -11.01 -14.70 -24.69
HO7 CIT YA . -8.48 -12.86 -26.89
H41 CIT YA . -8.22 -14.54 -24.18
H42 CIT YA . -7.55 -15.54 -25.47
C25 M6Y ZA . -25.26 -9.85 1.77
C26 M6Y ZA . -25.16 -8.66 2.47
C27 M6Y ZA . -24.38 -7.42 2.04
O28 M6Y ZA . -25.88 -8.81 3.61
N29 M6Y ZA . -26.41 -10.05 3.62
C24 M6Y ZA . -26.06 -10.70 2.52
C22 M6Y ZA . -26.43 -12.13 2.14
O23 M6Y ZA . -25.74 -12.74 1.40
C13 M6Y ZA . -33.14 -12.45 4.32
C15 M6Y ZA . -33.01 -14.13 2.65
C17 M6Y ZA . -34.35 -14.55 0.69
C20 M6Y ZA . -33.04 -15.48 2.96
C04 M6Y ZA . -27.73 -14.48 0.92
C06 M6Y ZA . -28.01 -14.11 2.38
C07 M6Y ZA . -29.50 -14.27 2.64
C08 M6Y ZA . -29.92 -14.40 4.10
C11 M6Y ZA . -31.72 -13.91 5.74
C12 M6Y ZA . -32.72 -12.70 5.80
C14 M6Y ZA . -32.27 -13.14 3.54
C16 M6Y ZA . -33.66 -13.67 1.52
C18 M6Y ZA . -34.37 -15.90 1.00
C19 M6Y ZA . -33.72 -16.36 2.14
N10 M6Y ZA . -31.21 -13.88 4.51
N21 M6Y ZA . -27.62 -12.75 2.71
O05 M6Y ZA . -28.02 -13.75 0.04
O09 M6Y ZA . -29.20 -14.93 4.88
N03 M6Y ZA . -27.13 -15.79 0.65
C02 M6Y ZA . -26.87 -16.21 -0.71
C30 M6Y ZA . -27.92 -17.25 -1.04
O31 M6Y ZA . -28.15 -18.13 -0.26
C01 M6Y ZA . -25.48 -16.83 -0.80
C33 M6Y ZA . -29.68 -18.21 -2.54
C34 M6Y ZA . -30.87 -17.57 -3.25
C35 M6Y ZA . -30.93 -17.57 -4.65
C36 M6Y ZA . -32.01 -16.99 -5.29
C37 M6Y ZA . -33.03 -16.40 -4.55
C39 M6Y ZA . -32.96 -16.39 -3.16
C40 M6Y ZA . -31.88 -16.97 -2.51
F38 M6Y ZA . -34.08 -15.82 -5.18
F41 M6Y ZA . -31.81 -16.97 -1.15
N32 M6Y ZA . -28.67 -17.20 -2.28
C1 CIT AB . -25.97 -18.89 -4.07
O1 CIT AB . -26.89 -18.91 -4.93
O2 CIT AB . -26.07 -19.60 -3.04
C2 CIT AB . -24.75 -18.02 -4.28
C3 CIT AB . -23.63 -18.86 -4.89
O7 CIT AB . -22.49 -18.01 -5.17
C4 CIT AB . -23.20 -20.00 -3.96
C5 CIT AB . -22.69 -19.46 -2.64
O3 CIT AB . -22.91 -20.07 -1.57
O4 CIT AB . -22.04 -18.38 -2.59
C6 CIT AB . -24.13 -19.43 -6.22
O5 CIT AB . -24.79 -20.48 -6.23
O6 CIT AB . -23.89 -18.81 -7.28
H21 CIT AB . -24.99 -17.20 -4.96
H22 CIT AB . -24.42 -17.60 -3.33
HO7 CIT AB . -22.32 -18.00 -6.13
H41 CIT AB . -22.42 -20.58 -4.44
H42 CIT AB . -24.05 -20.67 -3.77
C1 DMF BB . 50.65 -14.24 6.89
C2 DMF BB . 52.91 -14.78 5.89
C DMF BB . 51.04 -16.36 5.77
O DMF BB . 51.82 -17.29 5.52
N DMF BB . 51.51 -15.18 6.16
H11 DMF BB . 49.66 -14.69 7.01
H12 DMF BB . 50.57 -13.32 6.32
H13 DMF BB . 51.08 -14.04 7.88
H21 DMF BB . 53.41 -15.58 5.35
H22 DMF BB . 53.42 -14.59 6.83
H23 DMF BB . 52.91 -13.87 5.28
HC DMF BB . 49.96 -16.49 5.67
C1 DMF CB . 45.48 -7.52 26.37
C2 DMF CB . 47.96 -7.07 26.62
C DMF CB . 47.11 -8.46 24.81
O DMF CB . 48.26 -8.86 24.62
N DMF CB . 46.86 -7.71 25.89
H11 DMF CB . 44.79 -8.05 25.71
H12 DMF CB . 45.23 -6.45 26.34
H13 DMF CB . 45.38 -7.89 27.38
H21 DMF CB . 48.90 -7.31 26.15
H22 DMF CB . 47.97 -7.42 27.66
H23 DMF CB . 47.81 -5.99 26.61
HC DMF CB . 46.29 -8.70 24.14
C1 DMF DB . 32.81 -16.49 39.39
C2 DMF DB . 35.10 -15.86 40.29
C DMF DB . 34.62 -15.81 37.90
O DMF DB . 35.82 -15.74 37.67
N DMF DB . 34.19 -16.04 39.14
H11 DMF DB . 32.28 -16.58 38.45
H12 DMF DB . 32.31 -15.77 40.03
H13 DMF DB . 32.83 -17.46 39.89
H21 DMF DB . 36.07 -15.52 39.94
H22 DMF DB . 35.21 -16.80 40.83
H23 DMF DB . 34.68 -15.11 40.97
HC DMF DB . 33.88 -15.70 37.11
C1 DMF EB . 20.90 -33.54 35.54
C2 DMF EB . 21.27 -33.76 38.05
C DMF EB . 22.24 -31.95 36.75
O DMF EB . 23.09 -31.77 37.63
N DMF EB . 21.50 -33.04 36.78
H11 DMF EB . 21.16 -32.89 34.71
H12 DMF EB . 19.81 -33.57 35.65
H13 DMF EB . 21.26 -34.55 35.33
H21 DMF EB . 21.78 -33.24 38.86
H22 DMF EB . 21.65 -34.78 37.97
H23 DMF EB . 20.20 -33.79 38.26
HC DMF EB . 22.08 -31.22 35.96
C1 DMF FB . 3.23 -21.76 44.53
C2 DMF FB . 4.80 -23.11 43.03
C DMF FB . 2.42 -23.59 43.15
O DMF FB . 2.59 -24.78 42.95
N DMF FB . 3.45 -22.85 43.55
H11 DMF FB . 2.19 -21.72 44.80
H12 DMF FB . 3.54 -20.81 44.08
H13 DMF FB . 3.83 -21.95 45.42
H21 DMF FB . 4.77 -23.94 42.32
H22 DMF FB . 5.47 -23.37 43.85
H23 DMF FB . 5.17 -22.22 42.52
HC DMF FB . 1.45 -23.11 43.01
C1 DMF GB . 20.35 -45.06 22.17
C2 DMF GB . 19.98 -44.96 19.64
C DMF GB . 19.53 -46.97 20.94
O DMF GB . 19.32 -47.55 19.88
N DMF GB . 19.93 -45.71 20.92
H11 DMF GB . 20.25 -45.76 23.00
H12 DMF GB . 19.71 -44.19 22.36
H13 DMF GB . 21.39 -44.73 22.10
H21 DMF GB . 19.63 -45.61 18.84
H22 DMF GB . 21.00 -44.63 19.45
H23 DMF GB . 19.32 -44.09 19.72
HC DMF GB . 19.38 -47.46 21.90
C1 DMF HB . 21.64 -40.83 27.09
C2 DMF HB . 24.18 -41.05 26.93
C DMF HB . 23.13 -39.56 28.54
O DMF HB . 24.24 -39.10 28.81
N DMF HB . 22.99 -40.45 27.56
H11 DMF HB . 20.89 -40.29 27.66
H12 DMF HB . 21.51 -41.90 27.23
H13 DMF HB . 21.55 -40.58 26.03
H21 DMF HB . 25.09 -40.66 27.39
H22 DMF HB . 24.19 -40.82 25.87
H23 DMF HB . 24.16 -42.14 27.06
HC DMF HB . 22.24 -39.25 29.09
C1 DMF IB . 29.53 -45.60 4.39
C2 DMF IB . 29.83 -43.83 2.55
C DMF IB . 29.47 -46.18 2.04
O DMF IB . 30.03 -46.04 0.95
N DMF IB . 29.61 -45.23 2.97
H11 DMF IB . 29.37 -46.68 4.48
H12 DMF IB . 28.72 -45.07 4.86
H13 DMF IB . 30.47 -45.35 4.88
H21 DMF IB . 29.84 -43.77 1.47
H22 DMF IB . 30.78 -43.49 2.96
H23 DMF IB . 29.03 -43.22 2.94
HC DMF IB . 28.85 -47.05 2.26
C1 DMF JB . 43.21 -33.56 -3.15
C2 DMF JB . 43.08 -31.06 -2.65
C DMF JB . 44.12 -31.91 -4.68
O DMF JB . 44.77 -30.87 -4.78
N DMF JB . 43.50 -32.16 -3.53
H11 DMF JB . 43.58 -34.22 -3.91
H12 DMF JB . 42.14 -33.69 -3.03
H13 DMF JB . 43.71 -33.77 -2.20
H21 DMF JB . 43.38 -30.11 -3.09
H22 DMF JB . 43.57 -31.16 -1.68
H23 DMF JB . 42.00 -31.08 -2.51
HC DMF JB . 44.04 -32.62 -5.50
C25 M6Y KB . 25.13 9.04 -3.94
C26 M6Y KB . 24.95 8.72 -2.60
C27 M6Y KB . 24.05 7.61 -2.06
O28 M6Y KB . 25.72 9.56 -1.90
N29 M6Y KB . 26.37 10.39 -2.76
C24 M6Y KB . 26.02 10.09 -3.99
C22 M6Y KB . 26.51 10.78 -5.27
O23 M6Y KB . 25.77 11.04 -6.14
C13 M6Y KB . 32.87 12.83 -3.32
C15 M6Y KB . 33.07 12.35 -5.61
C17 M6Y KB . 34.73 11.09 -6.82
C20 M6Y KB . 33.14 13.36 -6.57
C04 M6Y KB . 28.24 10.81 -7.80
C06 M6Y KB . 28.30 11.78 -6.64
C07 M6Y KB . 29.73 12.30 -6.48
C08 M6Y KB . 29.89 13.52 -5.56
C11 M6Y KB . 31.21 14.60 -3.79
C12 M6Y KB . 32.60 14.34 -3.11
C14 M6Y KB . 32.15 12.46 -4.41
C16 M6Y KB . 33.87 11.22 -5.74
C18 M6Y KB . 34.79 12.09 -7.77
C19 M6Y KB . 34.00 13.22 -7.65
N10 M6Y KB . 31.00 13.59 -4.63
N21 M6Y KB . 27.92 11.14 -5.41
O05 M6Y KB . 28.58 9.68 -7.68
O09 M6Y KB . 29.10 14.40 -5.62
N03 M6Y KB . 27.72 11.29 -9.08
C02 M6Y KB . 27.65 10.42 -10.24
C30 M6Y KB . 28.81 10.83 -11.16
O31 M6Y KB . 28.91 11.96 -11.51
C01 M6Y KB . 26.31 10.65 -10.94
C33 M6Y KB . 30.91 10.25 -12.46
C34 M6Y KB . 32.14 9.38 -12.16
C35 M6Y KB . 32.32 8.19 -12.84
C36 M6Y KB . 33.44 7.40 -12.57
C37 M6Y KB . 34.36 7.80 -11.62
C39 M6Y KB . 34.16 8.98 -10.93
C40 M6Y KB . 33.06 9.77 -11.19
F38 M6Y KB . 35.44 7.01 -11.35
F41 M6Y KB . 32.88 10.94 -10.51
N32 M6Y KB . 29.80 9.86 -11.59
C1 CIT LB . 24.08 10.65 -14.51
O1 CIT LB . 22.85 10.44 -14.40
O2 CIT LB . 24.62 11.50 -13.75
C2 CIT LB . 24.91 9.91 -15.54
C3 CIT LB . 25.27 8.49 -15.08
O7 CIT LB . 24.07 7.78 -14.67
C4 CIT LB . 26.25 8.48 -13.92
C5 CIT LB . 27.56 9.11 -14.36
O3 CIT LB . 27.68 10.35 -14.51
O4 CIT LB . 28.55 8.37 -14.58
C6 CIT LB . 25.89 7.73 -16.24
O5 CIT LB . 25.57 6.54 -16.48
O6 CIT LB . 26.73 8.29 -16.98
H21 CIT LB . 24.36 9.86 -16.48
H22 CIT LB . 25.83 10.47 -15.73
HO7 CIT LB . 23.95 6.99 -15.24
H41 CIT LB . 26.43 7.45 -13.60
H42 CIT LB . 25.85 9.04 -13.09
C25 M6Y MB . 18.15 12.89 15.92
C26 M6Y MB . 17.72 11.72 16.54
C27 M6Y MB . 17.34 10.42 15.84
O28 M6Y MB . 17.70 11.96 17.86
N29 M6Y MB . 18.11 13.24 18.08
C24 M6Y MB . 18.39 13.81 16.93
C22 M6Y MB . 18.87 15.24 16.72
O23 M6Y MB . 18.34 15.95 15.92
C13 M6Y MB . 22.51 16.42 22.43
C15 M6Y MB . 23.76 17.66 20.84
C17 M6Y MB . 24.78 19.79 20.44
C20 M6Y MB . 24.99 17.05 20.68
C04 M6Y MB . 21.15 17.14 15.91
C06 M6Y MB . 20.39 17.12 17.23
C07 M6Y MB . 21.32 17.61 18.35
C08 M6Y MB . 20.64 18.12 19.63
C11 M6Y MB . 20.73 18.12 22.11
C12 M6Y MB . 21.60 17.41 23.20
C14 M6Y MB . 22.51 16.84 21.15
C16 M6Y MB . 23.65 19.03 20.72
C18 M6Y MB . 26.01 19.17 20.28
C19 M6Y MB . 26.12 17.80 20.41
N10 M6Y MB . 21.21 17.76 20.93
N21 M6Y MB . 19.98 15.76 17.49
O05 M6Y MB . 21.86 16.24 15.61
O09 M6Y MB . 19.68 18.79 19.56
N03 M6Y MB . 21.00 18.30 15.03
C02 M6Y MB . 21.75 18.36 13.78
C30 M6Y MB . 22.81 19.41 14.05
O31 M6Y MB . 22.54 20.39 14.66
C01 M6Y MB . 20.85 18.81 12.64
C33 M6Y MB . 25.18 20.21 13.85
C34 M6Y MB . 26.45 19.51 14.33
C35 M6Y MB . 27.46 19.19 13.42
C36 M6Y MB . 28.61 18.56 13.88
C37 M6Y MB . 28.77 18.25 15.22
C39 M6Y MB . 27.76 18.57 16.12
C40 M6Y MB . 26.61 19.21 15.67
F38 M6Y MB . 29.90 17.63 15.65
F41 M6Y MB . 25.63 19.52 16.56
N32 M6Y MB . 24.18 19.20 13.58
C1 CIT NB . 20.19 20.86 9.17
O1 CIT NB . 19.13 20.41 8.67
O2 CIT NB . 20.20 21.17 10.38
C2 CIT NB . 21.42 21.07 8.32
C3 CIT NB . 22.23 19.77 8.12
O7 CIT NB . 21.37 18.80 7.49
C4 CIT NB . 22.78 19.17 9.41
C5 CIT NB . 23.59 20.17 10.21
O3 CIT NB . 23.08 21.21 10.68
O4 CIT NB . 24.82 19.94 10.40
C6 CIT NB . 23.41 20.02 7.19
O5 CIT NB . 23.78 19.12 6.40
O6 CIT NB . 24.01 21.12 7.21
H21 CIT NB . 21.13 21.45 7.34
H22 CIT NB . 22.06 21.82 8.78
HO7 CIT NB . 21.77 18.53 6.62
H41 CIT NB . 23.41 18.31 9.16
H42 CIT NB . 21.95 18.81 10.02
C25 M6Y OB . 4.00 2.36 27.25
C26 M6Y OB . 3.87 1.05 26.79
C27 M6Y OB . 4.49 0.46 25.53
O28 M6Y OB . 3.10 0.40 27.68
N29 M6Y OB . 2.74 1.26 28.68
C24 M6Y OB . 3.27 2.44 28.43
C22 M6Y OB . 3.12 3.68 29.30
O23 M6Y OB . 2.67 4.68 28.87
C13 M6Y OB . 3.56 0.99 35.93
C15 M6Y OB . 4.48 3.15 35.95
C17 M6Y OB . 6.42 4.08 37.02
C20 M6Y OB . 3.73 4.23 36.37
C04 M6Y OB . 4.41 5.79 31.09
C06 M6Y OB . 3.36 4.77 31.50
C07 M6Y OB . 3.52 4.37 32.97
C08 M6Y OB . 2.29 3.71 33.58
C11 M6Y OB . 1.43 2.01 35.15
C12 M6Y OB . 2.03 0.73 35.82
C14 M6Y OB . 3.82 2.06 35.13
C16 M6Y OB . 5.83 3.07 36.27
C18 M6Y OB . 5.66 5.16 37.44
C19 M6Y OB . 4.31 5.24 37.12
N10 M6Y OB . 2.42 2.64 34.56
N21 M6Y OB . 3.51 3.59 30.69
O05 M6Y OB . 5.54 5.47 30.91
O09 M6Y OB . 1.22 4.05 33.24
N03 M6Y OB . 3.99 7.17 30.91
C02 M6Y OB . 4.98 8.17 30.54
C30 M6Y OB . 5.35 8.87 31.84
O31 M6Y OB . 4.49 9.31 32.52
C01 M6Y OB . 4.35 9.16 29.56
C33 M6Y OB . 7.03 9.65 33.51
C34 M6Y OB . 8.29 9.07 34.14
C35 M6Y OB . 9.53 9.66 33.91
C36 M6Y OB . 10.68 9.13 34.49
C37 M6Y OB . 10.58 8.02 35.30
C39 M6Y OB . 9.34 7.43 35.54
C40 M6Y OB . 8.20 7.96 34.96
F38 M6Y OB . 11.70 7.49 35.88
F41 M6Y OB . 7.00 7.37 35.18
N32 M6Y OB . 6.73 8.98 32.26
C1 CIT PB . 4.48 12.78 27.92
O1 CIT PB . 4.07 12.34 26.83
O2 CIT PB . 3.83 12.51 28.96
C2 CIT PB . 5.72 13.64 28.00
C3 CIT PB . 6.99 12.85 27.77
O7 CIT PB . 7.06 12.43 26.38
C4 CIT PB . 7.09 11.61 28.66
C5 CIT PB . 6.92 11.95 30.12
O3 CIT PB . 5.81 12.27 30.60
O4 CIT PB . 7.91 11.89 30.88
C6 CIT PB . 8.19 13.74 28.03
O5 CIT PB . 9.16 13.77 27.23
O6 CIT PB . 8.23 14.46 29.05
H21 CIT PB . 5.64 14.43 27.25
H22 CIT PB . 5.76 14.12 28.98
HO7 CIT PB . 7.86 12.83 25.96
H41 CIT PB . 8.07 11.13 28.50
H42 CIT PB . 6.33 10.89 28.36
C25 M6Y QB . -6.79 -15.52 21.30
C26 M6Y QB . -6.23 -16.16 20.22
C27 M6Y QB . -4.95 -15.72 19.49
O28 M6Y QB . -7.01 -17.21 19.93
N29 M6Y QB . -8.05 -17.24 20.80
C24 M6Y QB . -7.93 -16.23 21.64
C22 M6Y QB . -8.88 -15.89 22.79
O23 M6Y QB . -9.44 -14.86 22.79
C13 M6Y QB . -9.75 -21.87 26.32
C15 M6Y QB . -9.86 -20.22 27.99
C17 M6Y QB . -8.79 -20.04 30.14
C20 M6Y QB . -11.07 -19.84 28.57
C04 M6Y QB . -9.40 -15.22 25.70
C06 M6Y QB . -10.01 -16.38 24.92
C07 M6Y QB . -10.28 -17.53 25.88
C08 M6Y QB . -11.33 -18.55 25.45
C11 M6Y QB . -11.89 -20.97 25.43
C12 M6Y QB . -11.16 -22.29 25.87
C14 M6Y QB . -9.79 -20.54 26.52
C16 M6Y QB . -8.72 -20.31 28.78
C18 M6Y QB . -10.00 -19.66 30.71
C19 M6Y QB . -11.14 -19.57 29.92
N10 M6Y QB . -11.10 -19.96 25.75
N21 M6Y QB . -9.10 -16.82 23.89
O05 M6Y QB . -8.25 -15.19 25.95
O09 M6Y QB . -12.31 -18.20 24.87
N03 M6Y QB . -10.30 -14.15 26.14
C02 M6Y QB . -9.80 -13.03 26.91
C30 M6Y QB . -10.35 -13.22 28.32
O31 M6Y QB . -11.51 -13.41 28.47
C01 M6Y QB . -10.29 -11.71 26.34
C33 M6Y QB . -9.94 -13.40 30.80
C34 M6Y QB . -8.87 -14.10 31.62
C35 M6Y QB . -7.92 -13.36 32.31
C36 M6Y QB . -6.94 -14.00 33.05
C37 M6Y QB . -6.91 -15.39 33.09
C39 M6Y QB . -7.85 -16.13 32.39
C40 M6Y QB . -8.83 -15.49 31.65
F38 M6Y QB . -5.94 -16.02 33.82
F41 M6Y QB . -9.77 -16.19 30.97
N32 M6Y QB . -9.44 -13.21 29.46
C1 CIT RB . -9.61 -9.61 29.80
O1 CIT RB . -10.84 -9.84 29.81
O2 CIT RB . -8.90 -10.07 30.73
C2 CIT RB . -8.96 -8.82 28.67
C3 CIT RB . -9.38 -7.35 28.73
O7 CIT RB . -8.83 -6.67 27.57
C4 CIT RB . -10.89 -7.17 28.73
C5 CIT RB . -11.46 -7.82 27.49
O3 CIT RB . -12.09 -8.90 27.56
O4 CIT RB . -11.32 -7.28 26.38
C6 CIT RB . -8.77 -6.70 29.97
O5 CIT RB . -9.42 -6.64 31.04
O6 CIT RB . -7.60 -6.24 29.94
H21 CIT RB . -7.88 -8.91 28.75
H22 CIT RB . -9.26 -9.25 27.71
HO7 CIT RB . -8.22 -5.95 27.86
H41 CIT RB . -11.13 -6.11 28.74
H42 CIT RB . -11.32 -7.64 29.62
C25 M6Y SB . -6.10 -26.45 2.65
C26 M6Y SB . -4.90 -26.30 1.98
C27 M6Y SB . -3.78 -25.32 2.31
O28 M6Y SB . -4.90 -27.20 0.97
N29 M6Y SB . -6.07 -27.89 1.00
C24 M6Y SB . -6.81 -27.46 2.01
C22 M6Y SB . -8.19 -27.98 2.39
O23 M6Y SB . -9.12 -27.26 2.45
C13 M6Y SB . -7.35 -34.84 1.38
C15 M6Y SB . -8.76 -34.66 3.24
C17 M6Y SB . -10.81 -35.41 4.23
C20 M6Y SB . -8.05 -35.22 4.29
C04 M6Y SB . -9.94 -29.43 4.47
C06 M6Y SB . -9.67 -29.86 3.03
C07 M6Y SB . -9.72 -31.38 2.94
C08 M6Y SB . -9.85 -31.98 1.54
C11 M6Y SB . -9.07 -33.75 -0.02
C12 M6Y SB . -8.21 -35.06 0.10
C14 M6Y SB . -8.01 -33.93 2.13
C16 M6Y SB . -10.14 -34.75 3.21
C18 M6Y SB . -10.10 -35.98 5.27
C19 M6Y SB . -8.72 -35.89 5.30
N10 M6Y SB . -9.06 -33.15 1.17
N21 M6Y SB . -8.36 -29.39 2.66
O05 M6Y SB . -9.06 -29.41 5.27
O09 M6Y SB . -10.58 -31.48 0.75
N03 M6Y SB . -11.30 -29.02 4.84
C02 M6Y SB . -11.59 -28.62 6.20
C30 M6Y SB . -12.43 -29.73 6.79
O31 M6Y SB . -13.44 -30.05 6.27
C01 M6Y SB . -12.39 -27.32 6.19
C33 M6Y SB . -12.79 -31.49 8.53
C34 M6Y SB . -11.88 -32.39 9.36
C35 M6Y SB . -11.75 -32.18 10.72
C36 M6Y SB . -10.92 -32.99 11.47
C37 M6Y SB . -10.23 -34.01 10.85
C39 M6Y SB . -10.35 -34.23 9.48
C40 M6Y SB . -11.18 -33.41 8.74
F38 M6Y SB . -9.41 -34.80 11.59
F41 M6Y SB . -11.31 -33.59 7.40
N32 M6Y SB . -11.97 -30.42 7.98
C1 CIT TB . -14.05 -27.51 9.61
O1 CIT TB . -15.02 -27.69 8.82
O2 CIT TB . -13.68 -28.45 10.35
C2 CIT TB . -13.32 -26.19 9.64
C3 CIT TB . -14.17 -25.06 10.24
O7 CIT TB . -13.43 -23.83 10.10
C4 CIT TB . -15.52 -24.90 9.55
C5 CIT TB . -15.35 -24.60 8.07
O3 CIT TB . -15.45 -25.51 7.22
O4 CIT TB . -15.12 -23.43 7.69
C6 CIT TB . -14.44 -25.32 11.72
O5 CIT TB . -15.42 -26.04 12.06
O6 CIT TB . -13.70 -24.85 12.61
H21 CIT TB . -12.40 -26.30 10.22
H22 CIT TB . -13.03 -25.91 8.62
HO7 CIT TB . -13.28 -23.43 10.99
H41 CIT TB . -16.08 -24.09 10.02
H42 CIT TB . -16.10 -25.82 9.66
C25 M6Y UB . 5.76 -22.63 -14.44
C26 M6Y UB . 6.91 -21.97 -14.05
C27 M6Y UB . 7.19 -21.33 -12.69
O28 M6Y UB . 7.75 -21.99 -15.10
N29 M6Y UB . 7.15 -22.65 -16.13
C24 M6Y UB . 5.95 -23.05 -15.75
C22 M6Y UB . 4.94 -23.83 -16.60
O23 M6Y UB . 3.89 -23.36 -16.86
C13 M6Y UB . 8.97 -28.29 -20.36
C15 M6Y UB . 7.08 -29.57 -19.82
C17 M6Y UB . 5.66 -31.15 -20.95
C20 M6Y UB . 7.25 -30.47 -18.78
C04 M6Y UB . 3.36 -26.54 -16.99
C06 M6Y UB . 4.34 -25.85 -17.92
C07 M6Y UB . 5.06 -26.92 -18.74
C08 M6Y UB . 5.62 -26.52 -20.10
C11 M6Y UB . 7.46 -26.85 -21.73
C12 M6Y UB . 8.96 -27.30 -21.56
C14 M6Y UB . 7.75 -28.21 -19.77
C16 M6Y UB . 6.28 -29.91 -20.90
C18 M6Y UB . 5.84 -32.04 -19.91
C19 M6Y UB . 6.63 -31.71 -18.83
N10 M6Y UB . 6.86 -27.11 -20.57
N21 M6Y UB . 5.30 -25.14 -17.12
O05 M6Y UB . 3.75 -27.05 -15.98
O09 M6Y UB . 5.04 -25.72 -20.76
N03 M6Y UB . 1.94 -26.59 -17.33
C02 M6Y UB . 1.03 -27.28 -16.43
C30 M6Y UB . 0.69 -28.60 -17.13
O31 M6Y UB . 0.37 -28.61 -18.27
C01 M6Y UB . -0.23 -26.46 -16.21
C33 M6Y UB . 0.46 -31.10 -17.05
C34 M6Y UB . 1.33 -32.18 -16.39
C35 M6Y UB . 0.87 -32.84 -15.26
C36 M6Y UB . 1.65 -33.81 -14.66
C37 M6Y UB . 2.91 -34.10 -15.18
C39 M6Y UB . 3.38 -33.44 -16.31
C40 M6Y UB . 2.59 -32.47 -16.91
F38 M6Y UB . 3.68 -35.07 -14.59
F41 M6Y UB . 3.04 -31.81 -18.02
N32 M6Y UB . 0.78 -29.84 -16.40
C1 CIT VB . -2.40 -29.15 -14.74
O1 CIT VB . -2.68 -29.08 -15.95
O2 CIT VB . -1.92 -30.22 -14.30
C2 CIT VB . -2.60 -27.96 -13.81
C3 CIT VB . -4.09 -27.73 -13.53
O7 CIT VB . -4.27 -26.53 -12.75
C4 CIT VB . -4.86 -27.59 -14.84
C5 CIT VB . -4.21 -26.56 -15.72
O3 CIT VB . -3.75 -26.89 -16.85
O4 CIT VB . -4.12 -25.36 -15.34
C6 CIT VB . -4.67 -28.92 -12.77
O5 CIT VB . -4.98 -29.97 -13.39
O6 CIT VB . -4.81 -28.87 -11.53
H21 CIT VB . -2.17 -27.08 -14.26
H22 CIT VB . -2.09 -28.15 -12.88
HO7 CIT VB . -4.72 -26.76 -11.91
H41 CIT VB . -5.88 -27.29 -14.63
H42 CIT VB . -4.90 -28.55 -15.35
C25 M6Y WB . 19.80 -6.91 -17.60
C26 M6Y WB . 20.39 -6.50 -16.46
C27 M6Y WB . 19.95 -6.63 -15.05
O28 M6Y WB . 21.48 -5.93 -16.85
N29 M6Y WB . 21.61 -5.96 -18.14
C24 M6Y WB . 20.61 -6.54 -18.63
C22 M6Y WB . 20.38 -6.73 -20.07
O23 M6Y WB . 19.40 -6.43 -20.52
C13 M6Y WB . 26.99 -7.09 -22.51
C15 M6Y WB . 25.90 -8.67 -23.80
C17 M6Y WB . 26.22 -10.93 -24.32
C20 M6Y WB . 25.63 -8.40 -25.08
C04 M6Y WB . 20.39 -8.63 -22.50
C06 M6Y WB . 21.22 -7.42 -22.26
C07 M6Y WB . 22.63 -7.62 -22.75
C08 M6Y WB . 23.43 -6.44 -23.18
C11 M6Y WB . 25.56 -5.44 -23.55
C12 M6Y WB . 26.87 -5.61 -22.78
C14 M6Y WB . 25.82 -7.62 -22.75
C16 M6Y WB . 26.18 -9.93 -23.42
C18 M6Y WB . 25.94 -10.64 -25.63
C19 M6Y WB . 25.63 -9.38 -25.99
N10 M6Y WB . 24.84 -6.43 -23.19
N21 M6Y WB . 21.38 -7.24 -20.89
O05 M6Y WB . 20.41 -9.52 -21.83
O09 M6Y WB . 22.92 -5.50 -23.53
N03 M6Y WB . 19.52 -8.68 -23.61
C02 M6Y WB . 18.76 -9.84 -23.85
C30 M6Y WB . 19.38 -10.52 -25.03
O31 M6Y WB . 19.65 -9.91 -25.93
C01 M6Y WB . 17.35 -9.44 -24.11
C33 M6Y WB . 20.22 -12.44 -26.28
C34 M6Y WB . 21.14 -13.56 -25.96
C35 M6Y WB . 20.70 -14.83 -25.86
C36 M6Y WB . 21.65 -15.75 -25.54
C37 M6Y WB . 22.93 -15.38 -25.31
C39 M6Y WB . 23.34 -14.15 -25.41
C40 M6Y WB . 22.42 -13.25 -25.77
F38 M6Y WB . 23.85 -16.23 -25.00
F41 M6Y WB . 22.77 -12.00 -25.85
N32 M6Y WB . 19.66 -11.90 -25.08
C1 CIT XB . 13.47 -9.94 -25.38
O1 CIT XB . 12.80 -9.23 -24.60
O2 CIT XB . 14.49 -9.42 -25.91
C2 CIT XB . 13.07 -11.36 -25.70
C3 CIT XB . 13.64 -12.40 -24.73
O7 CIT XB . 13.08 -12.13 -23.41
C4 CIT XB . 15.17 -12.44 -24.58
C5 CIT XB . 15.92 -12.55 -25.90
O3 CIT XB . 15.70 -11.77 -26.85
O4 CIT XB . 16.78 -13.45 -26.02
C6 CIT XB . 13.12 -13.77 -25.14
O5 CIT XB . 12.02 -14.19 -24.71
O6 CIT XB . 13.77 -14.48 -25.93
H21 CIT XB . 13.41 -11.60 -26.71
H22 CIT XB . 11.98 -11.43 -25.69
HO7 CIT XB . 12.53 -12.89 -23.13
H41 CIT XB . 15.43 -13.30 -23.95
H42 CIT XB . 15.50 -11.55 -24.05
#